data_9IMV
#
_entry.id   9IMV
#
_cell.length_a   1.00
_cell.length_b   1.00
_cell.length_c   1.00
_cell.angle_alpha   90.00
_cell.angle_beta   90.00
_cell.angle_gamma   90.00
#
_symmetry.space_group_name_H-M   'P 1'
#
loop_
_entity.id
_entity.type
_entity.pdbx_description
1 polymer 'Portal protein pb7'
2 polymer 'Head completion protein'
#
loop_
_entity_poly.entity_id
_entity_poly.type
_entity_poly.pdbx_seq_one_letter_code
_entity_poly.pdbx_strand_id
1 'polypeptide(L)'
;MGFKSWITEKLNPGQRIIRDMEPVSHRTNRKPFTTGQAYSKIEILNRTANMVIDSAAECSYTVGDKYNIVTYANGVKTKT
LDTLLNVRPNPFMDISTFRRLVVTDLLFEGCAYIYWDGTSLYHVPAALMQVEADANKFIKKFIFNNQINYRVDEIIFIKD
NSYVCGTNSQISGQSRVATVIDSLEKRSKMLNFKEKFLDNGTVIGLILETDEILNKKLRERKQEELQLDYNPSTGQSSVL
ILDGGMKAKPYSQISSFKDLDFKEDIEGFNKSICLAFGVPQVLLDGGNNANIRPNIELFYYMTIIPMLNKLTSSLTFFFG
YKITPNTKEVAALTPDKEAEAKHLTSLVNNGIITGNEARSELNLEPLDDEQMNKIRIPANVAGSATGVSGQEGGRPKGST
EGD
;
A,B,C,D,E,F,G,H,I,J,K,L
2 'polypeptide(L)'
;MQIITAEDYRLYGGLKRPELESGVEVMITAANALITSLLGMDDADAVDQLITTKPTRKKYFLSSPSATSVTKMTINDKEI
DPEQYKLYSDGVILLKFNPPEGYMDVEYTQGGFNPMPEDLKLAACMLVDHWHKQDYRQARTIGGETVTFNNTKSGIPEHI
RTIIEVYRRV
;
M,N,O,P,Q,R,S,T,U,V,W,X
#
# COMPACT_ATOMS: atom_id res chain seq x y z
N LEU A 11 -33.53 31.76 -55.45
CA LEU A 11 -32.66 30.68 -55.87
C LEU A 11 -31.20 31.13 -55.76
N ASN A 12 -30.35 30.23 -55.27
CA ASN A 12 -28.94 30.53 -55.00
C ASN A 12 -28.12 30.62 -56.28
N PRO A 13 -27.39 31.72 -56.52
CA PRO A 13 -26.49 31.77 -57.67
C PRO A 13 -25.27 30.88 -57.55
N GLY A 14 -25.19 30.04 -56.54
CA GLY A 14 -23.99 29.24 -56.33
C GLY A 14 -24.24 27.75 -56.22
N GLN A 15 -25.47 27.33 -56.54
CA GLN A 15 -25.80 25.91 -56.40
C GLN A 15 -25.10 25.06 -57.45
N ARG A 16 -24.81 25.63 -58.62
CA ARG A 16 -24.12 24.86 -59.66
C ARG A 16 -22.72 24.46 -59.22
N ILE A 17 -22.03 25.35 -58.50
CA ILE A 17 -20.72 25.00 -57.96
C ILE A 17 -20.87 23.91 -56.89
N ILE A 18 -21.94 23.97 -56.11
CA ILE A 18 -22.18 22.94 -55.11
C ILE A 18 -22.36 21.58 -55.78
N ARG A 19 -23.14 21.53 -56.86
CA ARG A 19 -23.30 20.29 -57.59
C ARG A 19 -21.98 19.84 -58.19
N ASP A 20 -21.20 20.77 -58.73
CA ASP A 20 -19.90 20.40 -59.30
C ASP A 20 -18.96 19.86 -58.22
N MET A 21 -19.17 20.25 -56.96
CA MET A 21 -18.29 19.78 -55.90
C MET A 21 -18.72 18.41 -55.37
N GLU A 22 -20.03 18.17 -55.28
CA GLU A 22 -20.56 16.88 -54.85
C GLU A 22 -21.80 16.56 -55.67
N PRO A 23 -21.62 16.04 -56.88
CA PRO A 23 -22.79 15.83 -57.75
C PRO A 23 -23.71 14.73 -57.27
N VAL A 24 -23.16 13.66 -56.71
CA VAL A 24 -23.95 12.51 -56.31
C VAL A 24 -23.51 12.08 -54.91
N SER A 25 -24.51 11.84 -54.06
CA SER A 25 -24.24 11.41 -52.70
C SER A 25 -23.57 10.04 -52.69
N HIS A 26 -22.82 9.78 -51.63
CA HIS A 26 -22.04 8.56 -51.50
C HIS A 26 -22.28 7.92 -50.14
N ARG A 27 -22.22 6.60 -50.10
CA ARG A 27 -22.49 5.86 -48.87
C ARG A 27 -21.38 6.14 -47.85
N THR A 28 -21.78 6.20 -46.58
CA THR A 28 -20.84 6.48 -45.50
C THR A 28 -20.51 5.25 -44.65
N ASN A 29 -21.38 4.24 -44.62
CA ASN A 29 -21.09 2.98 -43.95
C ASN A 29 -20.15 2.18 -44.85
N ARG A 30 -18.86 2.49 -44.73
CA ARG A 30 -17.88 1.98 -45.68
C ARG A 30 -17.83 0.46 -45.67
N LYS A 31 -17.82 -0.14 -44.48
CA LYS A 31 -17.78 -1.60 -44.35
C LYS A 31 -19.05 -2.10 -43.68
N PRO A 32 -20.03 -2.56 -44.45
CA PRO A 32 -21.32 -2.97 -43.86
C PRO A 32 -21.30 -4.34 -43.23
N PHE A 33 -20.57 -5.28 -43.84
CA PHE A 33 -20.63 -6.66 -43.37
C PHE A 33 -20.04 -6.80 -41.98
N THR A 34 -18.91 -6.15 -41.72
CA THR A 34 -18.33 -6.19 -40.38
C THR A 34 -19.27 -5.55 -39.37
N THR A 35 -19.95 -4.47 -39.76
CA THR A 35 -20.96 -3.87 -38.89
C THR A 35 -22.06 -4.85 -38.54
N GLY A 36 -22.59 -5.56 -39.55
CA GLY A 36 -23.64 -6.52 -39.29
C GLY A 36 -23.19 -7.66 -38.40
N GLN A 37 -21.98 -8.18 -38.66
CA GLN A 37 -21.47 -9.28 -37.85
C GLN A 37 -21.24 -8.84 -36.41
N ALA A 38 -20.69 -7.63 -36.21
CA ALA A 38 -20.50 -7.13 -34.85
C ALA A 38 -21.83 -6.91 -34.15
N TYR A 39 -22.82 -6.35 -34.85
CA TYR A 39 -24.14 -6.17 -34.25
C TYR A 39 -24.76 -7.51 -33.88
N SER A 40 -24.51 -8.54 -34.66
CA SER A 40 -25.14 -9.84 -34.39
C SER A 40 -24.33 -10.66 -33.39
N LYS A 41 -23.10 -10.25 -33.08
CA LYS A 41 -22.20 -11.11 -32.33
C LYS A 41 -21.52 -10.41 -31.15
N ILE A 42 -21.72 -9.10 -30.99
CA ILE A 42 -21.07 -8.35 -29.91
C ILE A 42 -22.15 -7.76 -29.01
N GLU A 43 -21.99 -7.95 -27.69
CA GLU A 43 -23.05 -7.63 -26.75
C GLU A 43 -23.25 -6.12 -26.62
N ILE A 44 -22.17 -5.36 -26.46
CA ILE A 44 -22.30 -3.93 -26.18
C ILE A 44 -22.93 -3.21 -27.36
N LEU A 45 -22.43 -3.47 -28.57
CA LEU A 45 -23.00 -2.84 -29.75
C LEU A 45 -24.46 -3.25 -29.93
N ASN A 46 -24.77 -4.52 -29.76
CA ASN A 46 -26.13 -5.00 -29.94
C ASN A 46 -27.09 -4.31 -28.98
N ARG A 47 -26.74 -4.30 -27.69
CA ARG A 47 -27.64 -3.71 -26.71
C ARG A 47 -27.76 -2.20 -26.88
N THR A 48 -26.66 -1.51 -27.15
CA THR A 48 -26.75 -0.06 -27.33
C THR A 48 -27.58 0.29 -28.55
N ALA A 49 -27.39 -0.42 -29.66
CA ALA A 49 -28.18 -0.16 -30.85
C ALA A 49 -29.66 -0.44 -30.59
N ASN A 50 -29.97 -1.55 -29.93
CA ASN A 50 -31.37 -1.83 -29.60
C ASN A 50 -31.93 -0.76 -28.68
N MET A 51 -31.15 -0.31 -27.70
CA MET A 51 -31.60 0.74 -26.81
C MET A 51 -31.99 1.99 -27.59
N VAL A 52 -31.08 2.47 -28.43
CA VAL A 52 -31.34 3.72 -29.16
C VAL A 52 -32.53 3.55 -30.10
N ILE A 53 -32.57 2.45 -30.85
CA ILE A 53 -33.61 2.29 -31.86
C ILE A 53 -34.97 2.12 -31.20
N ASP A 54 -35.07 1.23 -30.20
CA ASP A 54 -36.36 1.01 -29.54
C ASP A 54 -36.81 2.25 -28.79
N SER A 55 -35.88 2.96 -28.14
CA SER A 55 -36.22 4.20 -27.47
C SER A 55 -36.69 5.28 -28.45
N ALA A 56 -36.18 5.29 -29.67
CA ALA A 56 -36.68 6.18 -30.71
C ALA A 56 -37.90 5.62 -31.41
N ALA A 57 -38.49 4.55 -30.88
CA ALA A 57 -39.68 3.95 -31.45
C ALA A 57 -40.91 4.09 -30.57
N GLU A 58 -40.75 4.55 -29.33
CA GLU A 58 -41.88 4.75 -28.44
C GLU A 58 -42.44 6.16 -28.47
N CYS A 59 -41.66 7.13 -28.93
CA CYS A 59 -42.07 8.53 -28.86
C CYS A 59 -43.17 8.78 -29.90
N SER A 60 -44.35 9.17 -29.42
CA SER A 60 -45.43 9.49 -30.34
C SER A 60 -45.20 10.86 -30.97
N TYR A 61 -45.93 11.13 -32.04
CA TYR A 61 -45.80 12.37 -32.79
C TYR A 61 -47.11 13.14 -32.71
N THR A 62 -47.04 14.39 -32.30
CA THR A 62 -48.20 15.27 -32.22
C THR A 62 -48.09 16.34 -33.30
N VAL A 63 -49.07 16.38 -34.20
CA VAL A 63 -49.08 17.35 -35.29
C VAL A 63 -49.72 18.63 -34.80
N GLY A 64 -49.10 19.77 -35.11
CA GLY A 64 -49.58 21.05 -34.64
C GLY A 64 -50.47 21.76 -35.62
N ASP A 65 -50.16 23.02 -35.90
CA ASP A 65 -50.98 23.83 -36.78
C ASP A 65 -50.57 23.62 -38.23
N LYS A 66 -51.21 24.36 -39.13
CA LYS A 66 -50.91 24.33 -40.55
C LYS A 66 -50.17 25.61 -40.94
N TYR A 67 -49.01 25.45 -41.55
CA TYR A 67 -48.24 26.57 -42.06
C TYR A 67 -48.72 26.92 -43.46
N ASN A 68 -49.08 28.18 -43.67
CA ASN A 68 -49.60 28.64 -44.97
C ASN A 68 -48.44 28.76 -45.96
N ILE A 69 -47.89 27.61 -46.32
CA ILE A 69 -46.74 27.52 -47.21
C ILE A 69 -46.99 26.43 -48.24
N VAL A 70 -46.24 26.51 -49.34
CA VAL A 70 -46.34 25.54 -50.41
C VAL A 70 -45.34 24.42 -50.11
N THR A 71 -45.86 23.25 -49.77
CA THR A 71 -45.03 22.11 -49.44
C THR A 71 -45.14 21.03 -50.51
N TYR A 72 -44.32 20.00 -50.37
CA TYR A 72 -44.29 18.92 -51.35
C TYR A 72 -45.56 18.09 -51.28
N ALA A 73 -46.17 17.99 -50.10
CA ALA A 73 -47.43 17.28 -49.91
C ALA A 73 -48.53 18.31 -49.67
N ASN A 74 -49.55 18.29 -50.51
CA ASN A 74 -50.66 19.22 -50.41
C ASN A 74 -51.97 18.46 -50.40
N GLY A 75 -52.95 19.00 -49.70
CA GLY A 75 -54.25 18.38 -49.58
C GLY A 75 -54.37 17.32 -48.50
N VAL A 76 -53.32 17.09 -47.72
CA VAL A 76 -53.36 16.12 -46.64
C VAL A 76 -53.99 16.78 -45.42
N LYS A 77 -54.82 16.02 -44.71
CA LYS A 77 -55.56 16.55 -43.58
C LYS A 77 -54.85 16.17 -42.27
N THR A 78 -55.12 16.95 -41.23
CA THR A 78 -54.41 16.78 -39.96
C THR A 78 -54.66 15.39 -39.37
N LYS A 79 -55.92 14.96 -39.32
CA LYS A 79 -56.22 13.67 -38.70
C LYS A 79 -55.66 12.52 -39.52
N THR A 80 -55.71 12.60 -40.85
CA THR A 80 -55.13 11.55 -41.66
C THR A 80 -53.63 11.45 -41.45
N LEU A 81 -52.94 12.59 -41.41
CA LEU A 81 -51.51 12.59 -41.14
C LEU A 81 -51.21 12.00 -39.77
N ASP A 82 -52.01 12.37 -38.76
CA ASP A 82 -51.80 11.84 -37.43
C ASP A 82 -51.98 10.32 -37.40
N THR A 83 -53.01 9.82 -38.06
CA THR A 83 -53.27 8.38 -38.01
C THR A 83 -52.22 7.59 -38.78
N LEU A 84 -51.74 8.12 -39.91
CA LEU A 84 -50.70 7.40 -40.63
C LEU A 84 -49.37 7.49 -39.92
N LEU A 85 -49.16 8.54 -39.12
CA LEU A 85 -47.87 8.72 -38.46
C LEU A 85 -47.82 8.08 -37.08
N ASN A 86 -48.97 7.75 -36.48
CA ASN A 86 -48.98 7.18 -35.14
C ASN A 86 -49.69 5.83 -35.03
N VAL A 87 -50.39 5.38 -36.07
CA VAL A 87 -51.17 4.15 -36.01
C VAL A 87 -50.72 3.16 -37.09
N ARG A 88 -50.79 3.56 -38.35
CA ARG A 88 -50.50 2.64 -39.44
C ARG A 88 -50.01 3.39 -40.67
N PRO A 89 -48.70 3.48 -40.87
CA PRO A 89 -48.20 4.17 -42.08
C PRO A 89 -48.62 3.46 -43.36
N ASN A 90 -48.34 2.23 -43.45
CA ASN A 90 -48.68 1.47 -44.63
C ASN A 90 -49.93 0.64 -44.38
N PRO A 91 -50.72 0.39 -45.42
CA PRO A 91 -51.78 -0.62 -45.30
C PRO A 91 -51.23 -2.02 -45.12
N PHE A 92 -49.90 -2.20 -45.18
CA PHE A 92 -49.30 -3.51 -45.16
C PHE A 92 -48.21 -3.65 -44.10
N MET A 93 -47.77 -2.56 -43.48
CA MET A 93 -46.63 -2.59 -42.58
C MET A 93 -46.97 -1.83 -41.31
N ASP A 94 -46.37 -2.26 -40.21
CA ASP A 94 -46.71 -1.79 -38.88
C ASP A 94 -46.15 -0.39 -38.62
N ILE A 95 -46.64 0.23 -37.54
CA ILE A 95 -46.09 1.51 -37.12
C ILE A 95 -44.73 1.34 -36.45
N SER A 96 -44.62 0.37 -35.53
CA SER A 96 -43.36 0.18 -34.83
C SER A 96 -42.30 -0.40 -35.76
N THR A 97 -42.68 -1.34 -36.63
CA THR A 97 -41.71 -1.88 -37.57
C THR A 97 -41.16 -0.78 -38.47
N PHE A 98 -42.04 0.07 -38.99
CA PHE A 98 -41.60 1.17 -39.84
C PHE A 98 -40.71 2.14 -39.07
N ARG A 99 -41.04 2.38 -37.80
CA ARG A 99 -40.26 3.33 -37.01
C ARG A 99 -38.87 2.80 -36.69
N ARG A 100 -38.76 1.52 -36.32
CA ARG A 100 -37.43 0.95 -36.15
C ARG A 100 -36.67 0.94 -37.48
N LEU A 101 -37.35 0.65 -38.59
CA LEU A 101 -36.66 0.69 -39.88
C LEU A 101 -36.05 2.06 -40.14
N VAL A 102 -36.83 3.12 -39.95
CA VAL A 102 -36.31 4.45 -40.24
C VAL A 102 -35.21 4.83 -39.25
N VAL A 103 -35.36 4.46 -37.97
CA VAL A 103 -34.35 4.83 -36.99
C VAL A 103 -33.06 4.06 -37.22
N THR A 104 -33.16 2.77 -37.56
CA THR A 104 -31.95 2.00 -37.80
C THR A 104 -31.27 2.41 -39.10
N ASP A 105 -32.04 2.90 -40.07
CA ASP A 105 -31.41 3.53 -41.24
C ASP A 105 -30.70 4.81 -40.84
N LEU A 106 -31.30 5.59 -39.95
CA LEU A 106 -30.68 6.85 -39.53
C LEU A 106 -29.41 6.61 -38.74
N LEU A 107 -29.34 5.50 -37.99
CA LEU A 107 -28.13 5.18 -37.24
C LEU A 107 -27.08 4.50 -38.10
N PHE A 108 -27.39 3.30 -38.62
CA PHE A 108 -26.37 2.50 -39.28
C PHE A 108 -25.91 3.12 -40.59
N GLU A 109 -26.76 3.93 -41.22
CA GLU A 109 -26.36 4.75 -42.35
C GLU A 109 -26.52 6.22 -41.98
N GLY A 110 -25.83 7.08 -42.71
CA GLY A 110 -25.89 8.50 -42.42
C GLY A 110 -27.28 9.08 -42.63
N CYS A 111 -28.05 8.48 -43.51
CA CYS A 111 -29.36 9.00 -43.91
C CYS A 111 -30.44 7.96 -43.67
N ALA A 112 -31.68 8.43 -43.69
CA ALA A 112 -32.86 7.58 -43.55
C ALA A 112 -33.96 8.13 -44.44
N TYR A 113 -34.60 7.26 -45.21
CA TYR A 113 -35.49 7.68 -46.28
C TYR A 113 -36.88 7.10 -46.06
N ILE A 114 -37.89 7.90 -46.37
CA ILE A 114 -39.29 7.48 -46.28
C ILE A 114 -39.98 7.92 -47.57
N TYR A 115 -40.57 6.97 -48.28
CA TYR A 115 -41.35 7.29 -49.47
C TYR A 115 -42.77 7.70 -49.08
N TRP A 116 -43.42 8.43 -49.97
CA TRP A 116 -44.75 8.96 -49.75
C TRP A 116 -45.60 8.73 -50.99
N ASP A 117 -46.58 7.84 -50.89
CA ASP A 117 -47.62 7.70 -51.90
C ASP A 117 -48.62 8.84 -51.75
N GLY A 118 -49.74 8.75 -52.46
CA GLY A 118 -50.80 9.73 -52.25
C GLY A 118 -51.42 9.62 -50.88
N THR A 119 -51.32 8.46 -50.25
CA THR A 119 -51.98 8.20 -48.97
C THR A 119 -51.09 7.66 -47.87
N SER A 120 -50.01 6.93 -48.19
CA SER A 120 -49.29 6.17 -47.19
C SER A 120 -47.79 6.39 -47.29
N LEU A 121 -47.10 6.21 -46.18
CA LEU A 121 -45.65 6.33 -46.11
C LEU A 121 -45.01 4.95 -46.16
N TYR A 122 -44.37 4.64 -47.28
CA TYR A 122 -43.62 3.41 -47.49
C TYR A 122 -42.16 3.66 -47.17
N HIS A 123 -41.58 2.81 -46.34
CA HIS A 123 -40.17 2.94 -46.02
C HIS A 123 -39.31 2.39 -47.15
N VAL A 124 -38.22 3.09 -47.44
CA VAL A 124 -37.24 2.62 -48.42
C VAL A 124 -35.87 2.61 -47.75
N PRO A 125 -35.16 1.48 -47.76
CA PRO A 125 -33.86 1.41 -47.08
C PRO A 125 -32.86 2.39 -47.68
N ALA A 126 -32.08 3.00 -46.81
CA ALA A 126 -31.05 3.95 -47.24
C ALA A 126 -29.73 3.26 -47.57
N ALA A 127 -29.63 1.94 -47.34
CA ALA A 127 -28.41 1.24 -47.66
C ALA A 127 -28.17 1.15 -49.16
N LEU A 128 -29.24 1.15 -49.95
CA LEU A 128 -29.16 1.05 -51.39
C LEU A 128 -29.43 2.37 -52.10
N MET A 129 -30.23 3.25 -51.50
CA MET A 129 -30.77 4.42 -52.18
C MET A 129 -29.75 5.55 -52.15
N GLN A 130 -29.64 6.26 -53.28
CA GLN A 130 -28.57 7.23 -53.49
C GLN A 130 -29.19 8.52 -54.00
N VAL A 131 -28.60 9.65 -53.62
CA VAL A 131 -29.16 10.96 -53.95
C VAL A 131 -28.32 11.63 -55.02
N GLU A 132 -28.98 12.27 -55.97
CA GLU A 132 -28.34 13.09 -56.99
C GLU A 132 -28.67 14.55 -56.74
N ALA A 133 -27.64 15.40 -56.70
CA ALA A 133 -27.86 16.82 -56.51
C ALA A 133 -28.37 17.45 -57.80
N ASP A 134 -28.81 18.69 -57.70
CA ASP A 134 -29.26 19.45 -58.85
C ASP A 134 -28.35 20.65 -59.07
N ALA A 135 -28.20 21.03 -60.34
CA ALA A 135 -27.41 22.22 -60.66
C ALA A 135 -28.11 23.48 -60.18
N ASN A 136 -29.44 23.48 -60.16
CA ASN A 136 -30.19 24.71 -59.94
C ASN A 136 -30.73 24.82 -58.51
N LYS A 137 -31.62 23.92 -58.10
CA LYS A 137 -32.32 24.20 -56.85
C LYS A 137 -31.76 23.51 -55.61
N PHE A 138 -32.01 22.21 -55.45
CA PHE A 138 -31.37 21.45 -54.38
C PHE A 138 -30.97 20.04 -54.81
N ILE A 139 -31.85 19.37 -55.54
CA ILE A 139 -31.74 17.94 -55.83
C ILE A 139 -32.50 17.65 -57.11
N LYS A 140 -31.87 16.97 -58.06
CA LYS A 140 -32.59 16.50 -59.23
C LYS A 140 -33.54 15.37 -58.86
N LYS A 141 -33.00 14.24 -58.41
CA LYS A 141 -33.82 13.09 -58.09
C LYS A 141 -33.04 12.14 -57.21
N PHE A 142 -33.77 11.37 -56.43
CA PHE A 142 -33.24 10.28 -55.62
C PHE A 142 -33.25 9.02 -56.46
N ILE A 143 -32.09 8.37 -56.58
CA ILE A 143 -31.96 7.14 -57.36
C ILE A 143 -31.85 5.98 -56.38
N PHE A 144 -32.86 5.11 -56.39
CA PHE A 144 -32.91 3.95 -55.49
C PHE A 144 -32.30 2.76 -56.21
N ASN A 145 -31.16 2.30 -55.72
CA ASN A 145 -30.38 1.25 -56.36
C ASN A 145 -30.05 1.69 -57.78
N ASN A 146 -30.97 1.40 -58.70
CA ASN A 146 -31.00 2.00 -60.03
C ASN A 146 -32.41 1.82 -60.60
N GLN A 147 -32.70 2.55 -61.68
CA GLN A 147 -33.91 2.46 -62.48
C GLN A 147 -35.15 3.02 -61.80
N ILE A 148 -35.10 3.25 -60.48
CA ILE A 148 -36.24 3.84 -59.79
C ILE A 148 -36.42 5.31 -60.18
N ASN A 149 -35.46 6.14 -59.79
CA ASN A 149 -35.46 7.58 -60.05
C ASN A 149 -36.79 8.21 -59.58
N TYR A 150 -37.00 8.17 -58.26
CA TYR A 150 -38.30 8.51 -57.69
C TYR A 150 -38.80 9.89 -58.11
N ARG A 151 -38.13 10.94 -57.60
CA ARG A 151 -38.31 12.34 -57.99
C ARG A 151 -37.72 13.26 -56.91
N VAL A 152 -38.54 13.59 -55.89
CA VAL A 152 -38.17 14.46 -54.78
C VAL A 152 -39.44 14.81 -54.02
N ASP A 153 -40.55 14.94 -54.74
CA ASP A 153 -41.83 15.21 -54.12
C ASP A 153 -42.39 14.01 -53.37
N GLU A 154 -41.79 12.83 -53.54
CA GLU A 154 -42.29 11.60 -52.95
C GLU A 154 -41.30 10.96 -51.99
N ILE A 155 -40.19 11.63 -51.68
CA ILE A 155 -39.17 11.09 -50.80
C ILE A 155 -38.99 12.04 -49.63
N ILE A 156 -39.07 11.50 -48.42
CA ILE A 156 -38.82 12.26 -47.21
C ILE A 156 -37.37 12.05 -46.81
N PHE A 157 -36.60 13.13 -46.79
CA PHE A 157 -35.16 13.06 -46.66
C PHE A 157 -34.76 13.42 -45.24
N ILE A 158 -34.05 12.50 -44.58
CA ILE A 158 -33.58 12.68 -43.21
C ILE A 158 -32.07 12.51 -43.22
N LYS A 159 -31.34 13.56 -42.86
CA LYS A 159 -29.89 13.57 -42.94
C LYS A 159 -29.29 13.77 -41.55
N ASP A 160 -28.36 12.90 -41.19
CA ASP A 160 -27.56 13.07 -39.99
C ASP A 160 -26.29 13.80 -40.40
N ASN A 161 -25.93 14.84 -39.64
CA ASN A 161 -24.89 15.77 -40.06
C ASN A 161 -23.57 15.05 -40.30
N SER A 162 -22.85 15.49 -41.33
CA SER A 162 -21.66 14.80 -41.77
C SER A 162 -20.59 15.79 -42.18
N TYR A 163 -19.33 15.37 -42.05
CA TYR A 163 -18.17 16.05 -42.61
C TYR A 163 -17.34 14.98 -43.28
N VAL A 164 -17.64 14.69 -44.54
CA VAL A 164 -16.96 13.65 -45.30
C VAL A 164 -16.15 14.30 -46.41
N CYS A 165 -15.02 13.70 -46.74
CA CYS A 165 -14.09 14.24 -47.72
C CYS A 165 -13.64 15.63 -47.24
N GLY A 166 -13.33 16.53 -48.17
CA GLY A 166 -12.83 17.84 -47.79
C GLY A 166 -13.86 18.72 -47.12
N THR A 167 -15.08 18.75 -47.64
CA THR A 167 -16.08 19.72 -47.23
C THR A 167 -17.35 19.03 -46.76
N ASN A 168 -18.08 19.70 -45.87
CA ASN A 168 -19.36 19.18 -45.40
C ASN A 168 -20.36 19.13 -46.56
N SER A 169 -21.23 18.14 -46.52
CA SER A 169 -22.16 17.88 -47.61
C SER A 169 -23.57 18.26 -47.18
N GLN A 170 -24.25 19.03 -48.04
CA GLN A 170 -25.68 19.25 -47.88
C GLN A 170 -26.48 17.99 -48.16
N ILE A 171 -25.81 16.91 -48.57
CA ILE A 171 -26.43 15.64 -48.92
C ILE A 171 -25.72 14.56 -48.11
N SER A 172 -26.10 13.31 -48.35
CA SER A 172 -25.48 12.14 -47.71
C SER A 172 -25.71 12.16 -46.21
N GLY A 173 -24.64 11.98 -45.44
CA GLY A 173 -24.74 11.88 -44.00
C GLY A 173 -23.67 10.99 -43.43
N GLN A 174 -23.44 11.05 -42.11
CA GLN A 174 -22.39 10.27 -41.47
C GLN A 174 -23.03 9.21 -40.58
N SER A 175 -22.61 7.96 -40.77
CA SER A 175 -23.13 6.86 -39.97
C SER A 175 -22.44 6.83 -38.62
N ARG A 176 -23.23 6.91 -37.55
CA ARG A 176 -22.66 6.85 -36.20
C ARG A 176 -22.08 5.47 -35.92
N VAL A 177 -22.74 4.42 -36.39
CA VAL A 177 -22.29 3.07 -36.08
C VAL A 177 -20.96 2.78 -36.76
N ALA A 178 -20.79 3.28 -37.99
CA ALA A 178 -19.56 3.02 -38.74
C ALA A 178 -18.33 3.57 -38.04
N THR A 179 -18.52 4.50 -37.12
CA THR A 179 -17.39 5.06 -36.38
C THR A 179 -16.89 4.12 -35.30
N VAL A 180 -17.72 3.17 -34.85
CA VAL A 180 -17.39 2.31 -33.73
C VAL A 180 -16.69 1.03 -34.17
N ILE A 181 -16.53 0.81 -35.47
CA ILE A 181 -16.06 -0.47 -35.97
C ILE A 181 -14.60 -0.71 -35.56
N ASP A 182 -13.77 0.33 -35.61
CA ASP A 182 -12.37 0.15 -35.23
C ASP A 182 -12.24 -0.23 -33.76
N SER A 183 -13.00 0.43 -32.89
CA SER A 183 -12.98 0.08 -31.47
C SER A 183 -13.50 -1.32 -31.26
N LEU A 184 -14.54 -1.72 -31.99
CA LEU A 184 -15.07 -3.06 -31.85
C LEU A 184 -14.06 -4.11 -32.26
N GLU A 185 -13.34 -3.87 -33.37
CA GLU A 185 -12.31 -4.80 -33.80
C GLU A 185 -11.19 -4.90 -32.77
N LYS A 186 -10.75 -3.75 -32.25
CA LYS A 186 -9.70 -3.76 -31.24
C LYS A 186 -10.13 -4.54 -30.02
N ARG A 187 -11.36 -4.30 -29.53
CA ARG A 187 -11.83 -4.98 -28.33
C ARG A 187 -12.00 -6.47 -28.57
N SER A 188 -12.51 -6.86 -29.74
CA SER A 188 -12.67 -8.27 -30.03
C SER A 188 -11.33 -8.98 -30.08
N LYS A 189 -10.32 -8.37 -30.72
CA LYS A 189 -9.01 -8.99 -30.76
C LYS A 189 -8.40 -9.08 -29.37
N MET A 190 -8.54 -8.01 -28.57
CA MET A 190 -7.98 -8.01 -27.22
C MET A 190 -8.66 -9.05 -26.34
N LEU A 191 -9.95 -9.29 -26.54
CA LEU A 191 -10.66 -10.30 -25.76
C LEU A 191 -10.29 -11.71 -26.20
N ASN A 192 -10.17 -11.92 -27.51
CA ASN A 192 -9.77 -13.25 -28.01
C ASN A 192 -8.35 -13.59 -27.59
N PHE A 193 -7.51 -12.57 -27.39
CA PHE A 193 -6.14 -12.84 -26.94
C PHE A 193 -6.14 -13.55 -25.59
N LYS A 194 -7.06 -13.18 -24.70
CA LYS A 194 -7.07 -13.82 -23.38
C LYS A 194 -7.46 -15.28 -23.46
N GLU A 195 -8.50 -15.61 -24.23
CA GLU A 195 -8.89 -17.02 -24.33
C GLU A 195 -7.81 -17.83 -25.02
N LYS A 196 -7.16 -17.25 -26.04
CA LYS A 196 -6.09 -17.99 -26.72
C LYS A 196 -4.89 -18.18 -25.80
N PHE A 197 -4.57 -17.17 -24.99
CA PHE A 197 -3.47 -17.30 -24.04
C PHE A 197 -3.77 -18.36 -23.00
N LEU A 198 -5.02 -18.41 -22.50
CA LEU A 198 -5.38 -19.44 -21.55
C LEU A 198 -5.32 -20.83 -22.17
N ASP A 199 -5.80 -20.97 -23.40
CA ASP A 199 -5.80 -22.28 -24.04
C ASP A 199 -4.41 -22.73 -24.43
N ASN A 200 -3.50 -21.78 -24.70
CA ASN A 200 -2.18 -22.15 -25.22
C ASN A 200 -1.10 -22.11 -24.15
N GLY A 201 -1.24 -21.27 -23.14
CA GLY A 201 -0.21 -21.14 -22.13
C GLY A 201 0.03 -22.44 -21.37
N THR A 202 1.27 -22.64 -20.98
CA THR A 202 1.70 -23.87 -20.32
C THR A 202 1.71 -23.68 -18.81
N VAL A 203 1.21 -24.67 -18.10
CA VAL A 203 1.21 -24.69 -16.65
C VAL A 203 1.91 -25.96 -16.19
N ILE A 204 2.97 -25.79 -15.39
CA ILE A 204 3.78 -26.90 -14.91
C ILE A 204 3.96 -26.75 -13.40
N GLY A 205 4.31 -27.86 -12.77
CA GLY A 205 4.51 -27.85 -11.33
C GLY A 205 5.92 -28.20 -10.91
N LEU A 206 6.59 -29.07 -11.68
CA LEU A 206 7.94 -29.49 -11.35
C LEU A 206 8.77 -29.59 -12.63
N ILE A 207 10.07 -29.40 -12.47
CA ILE A 207 11.02 -29.74 -13.52
C ILE A 207 12.18 -30.50 -12.89
N LEU A 208 12.16 -31.83 -13.00
CA LEU A 208 13.24 -32.67 -12.52
C LEU A 208 14.14 -33.01 -13.68
N GLU A 209 15.44 -32.79 -13.50
CA GLU A 209 16.43 -33.03 -14.54
C GLU A 209 17.39 -34.12 -14.13
N THR A 210 17.89 -34.84 -15.13
CA THR A 210 18.87 -35.89 -14.92
C THR A 210 19.87 -35.84 -16.06
N ASP A 211 21.14 -36.04 -15.74
CA ASP A 211 22.20 -36.04 -16.73
C ASP A 211 22.41 -37.41 -17.35
N GLU A 212 21.45 -38.32 -17.18
CA GLU A 212 21.51 -39.63 -17.81
C GLU A 212 20.13 -39.95 -18.39
N ILE A 213 20.12 -40.80 -19.41
CA ILE A 213 18.90 -41.19 -20.10
C ILE A 213 18.28 -42.36 -19.36
N LEU A 214 16.98 -42.26 -19.05
CA LEU A 214 16.36 -43.13 -18.05
C LEU A 214 15.05 -43.75 -18.59
N ASN A 215 15.12 -44.37 -19.77
CA ASN A 215 14.06 -45.28 -20.21
C ASN A 215 12.71 -44.60 -20.40
N LYS A 216 12.59 -43.79 -21.45
CA LYS A 216 11.43 -42.96 -21.75
C LYS A 216 10.09 -43.53 -21.31
N LYS A 217 9.85 -44.82 -21.58
CA LYS A 217 8.58 -45.42 -21.14
C LYS A 217 8.44 -45.38 -19.63
N LEU A 218 9.45 -45.88 -18.92
CA LEU A 218 9.39 -45.91 -17.46
C LEU A 218 9.49 -44.50 -16.88
N ARG A 219 10.22 -43.61 -17.56
CA ARG A 219 10.26 -42.21 -17.15
C ARG A 219 8.87 -41.60 -17.21
N GLU A 220 8.13 -41.87 -18.30
CA GLU A 220 6.78 -41.35 -18.42
C GLU A 220 5.84 -41.95 -17.39
N ARG A 221 6.00 -43.24 -17.10
CA ARG A 221 5.17 -43.86 -16.07
C ARG A 221 5.41 -43.21 -14.72
N LYS A 222 6.68 -43.01 -14.35
CA LYS A 222 6.97 -42.34 -13.09
C LYS A 222 6.49 -40.89 -13.11
N GLN A 223 6.56 -40.23 -14.27
CA GLN A 223 6.03 -38.88 -14.39
C GLN A 223 4.54 -38.83 -14.08
N GLU A 224 3.76 -39.76 -14.64
CA GLU A 224 2.34 -39.80 -14.37
C GLU A 224 2.05 -40.13 -12.92
N GLU A 225 2.78 -41.12 -12.37
CA GLU A 225 2.58 -41.49 -10.97
C GLU A 225 2.89 -40.33 -10.03
N LEU A 226 3.96 -39.60 -10.31
CA LEU A 226 4.38 -38.51 -9.43
C LEU A 226 3.48 -37.30 -9.61
N GLN A 227 2.89 -37.14 -10.80
CA GLN A 227 1.85 -36.13 -10.98
C GLN A 227 0.63 -36.45 -10.14
N LEU A 228 0.21 -37.71 -10.13
CA LEU A 228 -1.03 -38.06 -9.44
C LEU A 228 -0.84 -38.08 -7.92
N ASP A 229 0.34 -38.48 -7.45
CA ASP A 229 0.52 -38.66 -6.02
C ASP A 229 0.56 -37.34 -5.26
N TYR A 230 1.15 -36.30 -5.84
CA TYR A 230 1.35 -35.04 -5.12
C TYR A 230 0.34 -34.02 -5.33
N ASN A 231 -0.81 -34.40 -5.78
CA ASN A 231 -1.92 -33.48 -5.93
C ASN A 231 -2.93 -33.75 -4.81
N PRO A 232 -3.20 -32.79 -3.93
CA PRO A 232 -4.03 -33.10 -2.75
C PRO A 232 -5.42 -33.63 -3.08
N SER A 233 -6.00 -33.21 -4.21
CA SER A 233 -7.32 -33.71 -4.57
C SER A 233 -7.30 -35.21 -4.87
N THR A 234 -6.28 -35.67 -5.58
CA THR A 234 -6.19 -37.05 -6.02
C THR A 234 -4.99 -37.81 -5.46
N GLY A 235 -4.28 -37.24 -4.49
CA GLY A 235 -3.12 -37.90 -3.93
C GLY A 235 -3.01 -37.63 -2.44
N GLN A 236 -2.19 -38.45 -1.78
CA GLN A 236 -2.01 -38.38 -0.34
C GLN A 236 -0.52 -38.49 -0.01
N SER A 237 0.28 -37.66 -0.66
CA SER A 237 1.70 -37.57 -0.35
C SER A 237 2.19 -36.17 -0.68
N SER A 238 3.20 -35.71 0.05
CA SER A 238 3.72 -34.36 -0.14
C SER A 238 5.23 -34.25 -0.17
N VAL A 239 5.98 -35.30 0.10
CA VAL A 239 7.44 -35.24 0.13
C VAL A 239 7.98 -35.97 -1.09
N LEU A 240 9.06 -35.44 -1.64
CA LEU A 240 9.73 -36.04 -2.80
C LEU A 240 11.17 -36.34 -2.44
N ILE A 241 11.57 -37.60 -2.62
CA ILE A 241 12.95 -38.03 -2.41
C ILE A 241 13.49 -38.43 -3.77
N LEU A 242 14.51 -37.71 -4.23
CA LEU A 242 15.14 -37.99 -5.53
C LEU A 242 16.43 -38.75 -5.29
N ASP A 243 16.59 -39.87 -6.02
CA ASP A 243 17.77 -40.70 -5.90
C ASP A 243 18.54 -40.72 -7.22
N GLY A 244 19.80 -41.11 -7.14
CA GLY A 244 20.62 -41.25 -8.32
C GLY A 244 21.19 -39.97 -8.88
N GLY A 245 20.97 -38.84 -8.23
CA GLY A 245 21.46 -37.57 -8.72
C GLY A 245 20.45 -36.74 -9.47
N MET A 246 19.21 -37.19 -9.59
CA MET A 246 18.17 -36.39 -10.20
C MET A 246 17.94 -35.13 -9.38
N LYS A 247 17.92 -33.98 -10.05
CA LYS A 247 17.83 -32.69 -9.40
C LYS A 247 16.57 -31.96 -9.85
N ALA A 248 16.14 -31.00 -9.04
CA ALA A 248 14.93 -30.23 -9.30
C ALA A 248 15.34 -28.80 -9.60
N LYS A 249 15.05 -28.34 -10.82
CA LYS A 249 15.41 -26.98 -11.21
C LYS A 249 14.41 -25.99 -10.63
N PRO A 250 14.86 -24.98 -9.88
CA PRO A 250 13.93 -24.00 -9.34
C PRO A 250 13.44 -23.03 -10.42
N TYR A 251 12.54 -23.52 -11.26
CA TYR A 251 12.04 -22.76 -12.40
C TYR A 251 11.09 -21.66 -11.92
N SER A 252 10.78 -20.76 -12.84
CA SER A 252 9.76 -19.73 -12.60
C SER A 252 8.86 -19.63 -13.81
N GLN A 253 7.76 -18.88 -13.71
CA GLN A 253 6.80 -18.78 -14.80
C GLN A 253 7.17 -17.60 -15.68
N ILE A 254 7.23 -17.85 -16.99
CA ILE A 254 7.75 -16.85 -17.93
C ILE A 254 6.75 -15.70 -18.08
N SER A 255 5.56 -16.01 -18.58
CA SER A 255 4.54 -15.00 -18.86
C SER A 255 3.30 -15.33 -18.04
N SER A 256 3.20 -14.76 -16.85
CA SER A 256 2.06 -15.01 -15.98
C SER A 256 0.82 -14.31 -16.51
N PHE A 257 -0.34 -14.84 -16.13
CA PHE A 257 -1.60 -14.23 -16.53
C PHE A 257 -1.83 -12.88 -15.86
N LYS A 258 -1.17 -12.62 -14.73
CA LYS A 258 -1.37 -11.35 -14.04
C LYS A 258 -0.83 -10.18 -14.86
N ASP A 259 0.12 -10.44 -15.77
CA ASP A 259 0.64 -9.37 -16.61
C ASP A 259 -0.44 -8.78 -17.51
N LEU A 260 -1.28 -9.64 -18.09
CA LEU A 260 -2.29 -9.21 -19.05
C LEU A 260 -3.46 -8.60 -18.27
N ASP A 261 -3.30 -7.32 -17.92
CA ASP A 261 -4.35 -6.57 -17.22
C ASP A 261 -5.15 -5.80 -18.28
N PHE A 262 -5.96 -6.54 -19.03
CA PHE A 262 -6.76 -5.96 -20.10
C PHE A 262 -8.04 -5.32 -19.62
N LYS A 263 -8.39 -5.49 -18.33
CA LYS A 263 -9.72 -5.08 -17.88
C LYS A 263 -9.95 -3.58 -18.06
N GLU A 264 -8.95 -2.77 -17.73
CA GLU A 264 -9.13 -1.33 -17.84
C GLU A 264 -9.27 -0.90 -19.31
N ASP A 265 -8.47 -1.48 -20.20
CA ASP A 265 -8.59 -1.16 -21.62
C ASP A 265 -9.96 -1.59 -22.16
N ILE A 266 -10.42 -2.77 -21.77
CA ILE A 266 -11.72 -3.24 -22.25
C ILE A 266 -12.84 -2.38 -21.69
N GLU A 267 -12.73 -1.94 -20.44
CA GLU A 267 -13.72 -1.01 -19.89
C GLU A 267 -13.71 0.31 -20.64
N GLY A 268 -12.53 0.80 -20.99
CA GLY A 268 -12.46 2.00 -21.80
C GLY A 268 -13.13 1.83 -23.15
N PHE A 269 -12.89 0.68 -23.80
CA PHE A 269 -13.52 0.42 -25.08
C PHE A 269 -15.03 0.35 -24.95
N ASN A 270 -15.53 -0.33 -23.91
CA ASN A 270 -16.98 -0.41 -23.71
C ASN A 270 -17.59 0.95 -23.47
N LYS A 271 -16.94 1.75 -22.60
CA LYS A 271 -17.45 3.10 -22.32
C LYS A 271 -17.44 3.96 -23.56
N SER A 272 -16.42 3.81 -24.40
CA SER A 272 -16.33 4.63 -25.60
C SER A 272 -17.35 4.18 -26.65
N ILE A 273 -17.62 2.88 -26.72
CA ILE A 273 -18.68 2.40 -27.63
C ILE A 273 -20.03 2.92 -27.19
N CYS A 274 -20.33 2.82 -25.89
CA CYS A 274 -21.58 3.38 -25.38
C CYS A 274 -21.59 4.89 -25.50
N LEU A 275 -20.43 5.52 -25.66
CA LEU A 275 -20.36 6.98 -25.78
C LEU A 275 -20.84 7.45 -27.14
N ALA A 276 -20.49 6.73 -28.20
CA ALA A 276 -20.82 7.18 -29.55
C ALA A 276 -22.33 7.20 -29.77
N PHE A 277 -23.04 6.19 -29.26
CA PHE A 277 -24.49 6.16 -29.41
C PHE A 277 -25.15 7.20 -28.53
N GLY A 278 -24.51 7.59 -27.43
CA GLY A 278 -25.03 8.59 -26.53
C GLY A 278 -25.61 8.03 -25.25
N VAL A 279 -25.82 6.73 -25.15
CA VAL A 279 -26.41 6.13 -23.96
C VAL A 279 -25.48 6.32 -22.77
N PRO A 280 -25.97 6.86 -21.66
CA PRO A 280 -25.11 6.97 -20.47
C PRO A 280 -24.78 5.59 -19.91
N GLN A 281 -23.61 5.50 -19.29
CA GLN A 281 -23.18 4.22 -18.74
C GLN A 281 -24.01 3.79 -17.54
N VAL A 282 -24.76 4.71 -16.94
CA VAL A 282 -25.56 4.36 -15.77
C VAL A 282 -26.83 3.62 -16.20
N LEU A 283 -27.32 3.88 -17.42
CA LEU A 283 -28.49 3.17 -17.91
C LEU A 283 -28.26 1.68 -17.99
N LEU A 284 -27.09 1.27 -18.48
CA LEU A 284 -26.79 -0.16 -18.60
C LEU A 284 -26.57 -0.78 -17.23
N ASP A 285 -25.93 -0.05 -16.33
CA ASP A 285 -25.66 -0.52 -14.97
C ASP A 285 -26.83 -0.19 -14.06
N GLY A 286 -26.63 -0.32 -12.75
CA GLY A 286 -27.64 0.02 -11.76
C GLY A 286 -27.32 1.35 -11.11
N GLY A 287 -28.37 2.14 -10.85
CA GLY A 287 -28.20 3.45 -10.27
C GLY A 287 -29.13 3.67 -9.09
N ASN A 288 -28.80 4.71 -8.33
CA ASN A 288 -29.58 5.06 -7.13
C ASN A 288 -30.81 5.88 -7.53
N ASN A 289 -31.46 6.46 -6.52
CA ASN A 289 -32.52 7.42 -6.80
C ASN A 289 -32.01 8.60 -7.62
N ALA A 290 -30.77 9.01 -7.37
CA ALA A 290 -30.20 10.17 -8.05
C ALA A 290 -29.60 9.83 -9.40
N ASN A 291 -29.58 8.55 -9.78
CA ASN A 291 -28.94 8.12 -11.01
C ASN A 291 -29.93 7.71 -12.10
N ILE A 292 -31.04 7.09 -11.73
CA ILE A 292 -31.89 6.45 -12.73
C ILE A 292 -32.67 7.49 -13.53
N ARG A 293 -33.55 8.24 -12.87
CA ARG A 293 -34.42 9.16 -13.59
C ARG A 293 -33.65 10.28 -14.30
N PRO A 294 -32.69 10.95 -13.66
CA PRO A 294 -31.92 11.96 -14.41
C PRO A 294 -31.17 11.40 -15.60
N ASN A 295 -30.63 10.18 -15.49
CA ASN A 295 -29.90 9.62 -16.62
C ASN A 295 -30.84 9.19 -17.74
N ILE A 296 -32.02 8.69 -17.39
CA ILE A 296 -33.02 8.38 -18.42
C ILE A 296 -33.45 9.66 -19.14
N GLU A 297 -33.67 10.74 -18.39
CA GLU A 297 -34.03 12.01 -19.01
C GLU A 297 -32.92 12.50 -19.92
N LEU A 298 -31.67 12.44 -19.43
CA LEU A 298 -30.55 12.87 -20.25
C LEU A 298 -30.44 12.03 -21.52
N PHE A 299 -30.60 10.71 -21.39
CA PHE A 299 -30.53 9.83 -22.54
C PHE A 299 -31.58 10.24 -23.57
N TYR A 300 -32.86 10.11 -23.21
CA TYR A 300 -33.89 10.42 -24.22
C TYR A 300 -33.69 11.81 -24.78
N TYR A 301 -33.63 12.83 -23.93
CA TYR A 301 -33.52 14.19 -24.47
C TYR A 301 -32.30 14.33 -25.35
N MET A 302 -31.10 14.30 -24.77
CA MET A 302 -29.91 14.73 -25.49
C MET A 302 -29.58 13.83 -26.66
N THR A 303 -29.92 12.54 -26.58
CA THR A 303 -29.58 11.66 -27.70
C THR A 303 -30.77 11.48 -28.64
N ILE A 304 -31.88 10.96 -28.12
CA ILE A 304 -32.99 10.60 -28.99
C ILE A 304 -33.65 11.83 -29.58
N ILE A 305 -33.91 12.86 -28.75
CA ILE A 305 -34.70 13.99 -29.22
C ILE A 305 -34.06 14.68 -30.43
N PRO A 306 -32.74 14.83 -30.52
CA PRO A 306 -32.18 15.24 -31.83
C PRO A 306 -32.48 14.28 -32.97
N MET A 307 -32.43 12.97 -32.71
CA MET A 307 -32.68 12.00 -33.78
C MET A 307 -34.11 12.13 -34.31
N LEU A 308 -35.10 12.12 -33.42
CA LEU A 308 -36.47 12.28 -33.85
C LEU A 308 -36.76 13.72 -34.28
N ASN A 309 -35.98 14.68 -33.83
CA ASN A 309 -36.17 16.05 -34.27
C ASN A 309 -35.76 16.22 -35.73
N LYS A 310 -34.72 15.51 -36.17
CA LYS A 310 -34.40 15.50 -37.58
C LYS A 310 -35.56 14.95 -38.40
N LEU A 311 -36.14 13.84 -37.95
CA LEU A 311 -37.26 13.24 -38.66
C LEU A 311 -38.46 14.16 -38.68
N THR A 312 -38.78 14.81 -37.55
CA THR A 312 -39.94 15.69 -37.50
C THR A 312 -39.72 16.97 -38.28
N SER A 313 -38.49 17.46 -38.34
CA SER A 313 -38.20 18.61 -39.18
C SER A 313 -38.37 18.25 -40.65
N SER A 314 -37.90 17.07 -41.05
CA SER A 314 -38.13 16.63 -42.43
C SER A 314 -39.62 16.49 -42.70
N LEU A 315 -40.37 15.97 -41.72
CA LEU A 315 -41.82 15.83 -41.91
C LEU A 315 -42.51 17.18 -42.02
N THR A 316 -42.10 18.17 -41.22
CA THR A 316 -42.74 19.47 -41.29
C THR A 316 -42.32 20.23 -42.55
N PHE A 317 -41.16 19.90 -43.10
CA PHE A 317 -40.83 20.37 -44.44
C PHE A 317 -41.73 19.73 -45.49
N PHE A 318 -41.97 18.42 -45.36
CA PHE A 318 -42.68 17.69 -46.41
C PHE A 318 -44.16 18.02 -46.40
N PHE A 319 -44.78 18.07 -45.23
CA PHE A 319 -46.22 18.22 -45.11
C PHE A 319 -46.65 19.64 -44.76
N GLY A 320 -45.78 20.42 -44.13
CA GLY A 320 -46.15 21.76 -43.72
C GLY A 320 -46.83 21.86 -42.37
N TYR A 321 -47.09 20.74 -41.72
CA TYR A 321 -47.70 20.71 -40.41
C TYR A 321 -46.61 20.67 -39.35
N LYS A 322 -46.81 21.42 -38.26
CA LYS A 322 -45.81 21.43 -37.20
C LYS A 322 -45.84 20.10 -36.48
N ILE A 323 -44.90 19.23 -36.79
CA ILE A 323 -44.79 17.92 -36.16
C ILE A 323 -43.58 17.94 -35.24
N THR A 324 -43.79 17.55 -34.00
CA THR A 324 -42.76 17.55 -32.98
C THR A 324 -42.74 16.20 -32.27
N PRO A 325 -41.57 15.71 -31.88
CA PRO A 325 -41.55 14.48 -31.10
C PRO A 325 -41.88 14.77 -29.65
N ASN A 326 -43.12 14.44 -29.28
CA ASN A 326 -43.67 14.78 -27.97
C ASN A 326 -44.05 13.47 -27.30
N THR A 327 -43.26 13.05 -26.31
CA THR A 327 -43.42 11.70 -25.81
C THR A 327 -44.64 11.57 -24.92
N LYS A 328 -44.57 12.16 -23.71
CA LYS A 328 -45.70 12.33 -22.82
C LYS A 328 -46.36 11.00 -22.46
N GLU A 329 -45.88 9.91 -23.07
CA GLU A 329 -46.46 8.58 -22.88
C GLU A 329 -45.41 7.48 -22.75
N VAL A 330 -44.14 7.74 -23.02
CA VAL A 330 -43.12 6.71 -22.92
C VAL A 330 -43.02 6.26 -21.47
N ALA A 331 -42.80 4.96 -21.28
CA ALA A 331 -42.81 4.41 -19.93
C ALA A 331 -41.64 4.91 -19.09
N ALA A 332 -40.54 5.31 -19.73
CA ALA A 332 -39.35 5.71 -19.00
C ALA A 332 -39.44 7.13 -18.44
N LEU A 333 -40.39 7.93 -18.90
CA LEU A 333 -40.61 9.28 -18.38
C LEU A 333 -42.03 9.51 -17.88
N THR A 334 -42.63 8.52 -17.26
CA THR A 334 -43.83 8.79 -16.48
C THR A 334 -43.43 9.71 -15.33
N PRO A 335 -43.88 10.95 -15.30
CA PRO A 335 -43.37 11.90 -14.30
C PRO A 335 -43.75 11.47 -12.89
N ASP A 336 -42.93 11.89 -11.93
CA ASP A 336 -43.17 11.58 -10.53
C ASP A 336 -44.58 12.01 -10.16
N LYS A 337 -45.39 11.05 -9.73
CA LYS A 337 -46.82 11.31 -9.53
C LYS A 337 -47.04 12.37 -8.47
N GLU A 338 -46.28 12.32 -7.38
CA GLU A 338 -46.41 13.32 -6.33
C GLU A 338 -46.11 14.72 -6.84
N ALA A 339 -44.95 14.90 -7.49
CA ALA A 339 -44.57 16.22 -8.00
C ALA A 339 -45.52 16.68 -9.09
N GLU A 340 -45.90 15.77 -10.00
CA GLU A 340 -46.84 16.12 -11.05
C GLU A 340 -48.16 16.63 -10.48
N ALA A 341 -48.73 15.88 -9.55
CA ALA A 341 -49.99 16.29 -8.94
C ALA A 341 -49.83 17.61 -8.21
N LYS A 342 -48.71 17.79 -7.49
CA LYS A 342 -48.51 19.03 -6.75
C LYS A 342 -48.48 20.23 -7.68
N HIS A 343 -47.70 20.15 -8.75
CA HIS A 343 -47.57 21.34 -9.61
C HIS A 343 -48.84 21.58 -10.41
N LEU A 344 -49.50 20.52 -10.88
CA LEU A 344 -50.76 20.71 -11.58
C LEU A 344 -51.83 21.29 -10.68
N THR A 345 -51.93 20.80 -9.43
CA THR A 345 -52.91 21.35 -8.51
C THR A 345 -52.61 22.81 -8.19
N SER A 346 -51.33 23.15 -8.01
CA SER A 346 -50.98 24.54 -7.76
C SER A 346 -51.37 25.42 -8.95
N LEU A 347 -51.08 24.98 -10.17
CA LEU A 347 -51.43 25.76 -11.34
C LEU A 347 -52.94 25.92 -11.48
N VAL A 348 -53.70 24.86 -11.21
CA VAL A 348 -55.15 24.95 -11.33
C VAL A 348 -55.73 25.87 -10.25
N ASN A 349 -55.27 25.72 -9.01
CA ASN A 349 -55.79 26.53 -7.92
C ASN A 349 -55.47 28.00 -8.12
N ASN A 350 -54.27 28.32 -8.60
CA ASN A 350 -53.88 29.70 -8.79
C ASN A 350 -54.37 30.28 -10.12
N GLY A 351 -55.17 29.52 -10.85
CA GLY A 351 -55.88 30.07 -12.00
C GLY A 351 -55.06 30.27 -13.25
N ILE A 352 -53.82 29.79 -13.29
CA ILE A 352 -53.02 29.94 -14.50
C ILE A 352 -53.53 29.02 -15.60
N ILE A 353 -53.81 27.76 -15.28
CA ILE A 353 -54.13 26.75 -16.29
C ILE A 353 -55.48 26.14 -15.98
N THR A 354 -56.32 25.99 -17.00
CA THR A 354 -57.63 25.39 -16.87
C THR A 354 -57.52 23.94 -16.39
N GLY A 355 -58.62 23.43 -15.84
CA GLY A 355 -58.64 22.05 -15.39
C GLY A 355 -58.52 21.06 -16.53
N ASN A 356 -59.15 21.35 -17.66
CA ASN A 356 -59.10 20.43 -18.79
C ASN A 356 -57.70 20.32 -19.36
N GLU A 357 -56.91 21.39 -19.30
CA GLU A 357 -55.51 21.28 -19.73
C GLU A 357 -54.73 20.37 -18.79
N ALA A 358 -55.00 20.44 -17.49
CA ALA A 358 -54.38 19.51 -16.55
C ALA A 358 -54.78 18.07 -16.86
N ARG A 359 -56.05 17.85 -17.19
CA ARG A 359 -56.49 16.52 -17.58
C ARG A 359 -55.78 16.04 -18.82
N SER A 360 -55.61 16.93 -19.81
CA SER A 360 -54.89 16.57 -21.02
C SER A 360 -53.44 16.21 -20.71
N GLU A 361 -52.82 16.95 -19.77
CA GLU A 361 -51.45 16.62 -19.39
C GLU A 361 -51.39 15.26 -18.68
N LEU A 362 -52.40 14.94 -17.88
CA LEU A 362 -52.47 13.65 -17.21
C LEU A 362 -52.81 12.50 -18.15
N ASN A 363 -52.92 12.77 -19.45
CA ASN A 363 -53.24 11.79 -20.49
C ASN A 363 -54.65 11.23 -20.36
N LEU A 364 -55.53 11.92 -19.64
CA LEU A 364 -56.94 11.55 -19.59
C LEU A 364 -57.70 12.32 -20.68
N GLU A 365 -59.02 12.22 -20.65
CA GLU A 365 -59.84 12.89 -21.65
C GLU A 365 -60.61 14.04 -21.03
N PRO A 366 -60.64 15.20 -21.68
CA PRO A 366 -61.34 16.35 -21.11
C PRO A 366 -62.84 16.09 -21.01
N LEU A 367 -63.48 16.74 -20.04
CA LEU A 367 -64.91 16.60 -19.81
C LEU A 367 -65.65 17.76 -20.46
N ASP A 368 -66.81 17.46 -21.04
CA ASP A 368 -67.68 18.48 -21.61
C ASP A 368 -68.50 19.11 -20.49
N ASP A 369 -67.78 19.67 -19.52
CA ASP A 369 -68.36 20.33 -18.37
C ASP A 369 -68.22 21.84 -18.50
N GLU A 370 -69.05 22.57 -17.76
CA GLU A 370 -69.06 24.03 -17.81
C GLU A 370 -68.03 24.64 -16.87
N GLN A 371 -68.06 24.26 -15.59
CA GLN A 371 -67.15 24.80 -14.59
C GLN A 371 -65.75 24.21 -14.73
N MET A 372 -65.58 23.19 -15.55
CA MET A 372 -64.29 22.56 -15.76
C MET A 372 -63.54 23.15 -16.95
N ASN A 373 -64.22 23.88 -17.83
CA ASN A 373 -63.61 24.45 -19.03
C ASN A 373 -63.19 25.89 -18.86
N LYS A 374 -63.39 26.48 -17.68
CA LYS A 374 -63.00 27.87 -17.44
C LYS A 374 -62.10 27.96 -16.22
N ILE A 375 -61.21 28.94 -16.25
CA ILE A 375 -60.27 29.18 -15.15
C ILE A 375 -61.03 29.55 -13.88
N ARG A 376 -60.54 29.06 -12.74
CA ARG A 376 -61.28 29.22 -11.50
C ARG A 376 -61.18 30.63 -10.93
N ILE A 377 -60.02 31.27 -11.04
CA ILE A 377 -59.79 32.60 -10.46
C ILE A 377 -60.17 32.61 -8.98
N PRO A 378 -59.30 32.13 -8.10
CA PRO A 378 -59.65 32.07 -6.68
C PRO A 378 -60.08 33.41 -6.11
N ALA A 379 -59.44 34.50 -6.53
CA ALA A 379 -59.80 35.87 -6.13
C ALA A 379 -59.78 35.94 -4.61
N ASN A 380 -60.92 36.00 -3.94
CA ASN A 380 -60.98 35.98 -2.48
C ASN A 380 -60.32 34.72 -1.91
N LEU B 11 -16.48 56.63 -41.96
CA LEU B 11 -15.40 55.96 -42.67
C LEU B 11 -14.11 55.97 -41.84
N ASN B 12 -13.54 54.79 -41.65
CA ASN B 12 -12.34 54.65 -40.83
C ASN B 12 -11.12 55.06 -41.65
N PRO B 13 -10.37 56.08 -41.24
CA PRO B 13 -9.18 56.46 -42.01
C PRO B 13 -8.02 55.49 -41.86
N GLY B 14 -8.12 54.52 -40.97
CA GLY B 14 -7.09 53.50 -40.84
C GLY B 14 -7.50 52.19 -41.49
N GLN B 15 -8.60 52.21 -42.25
CA GLN B 15 -9.11 50.97 -42.82
C GLN B 15 -8.20 50.43 -43.92
N ARG B 16 -7.56 51.31 -44.69
CA ARG B 16 -6.71 50.84 -45.79
C ARG B 16 -5.50 50.07 -45.26
N ILE B 17 -4.96 50.47 -44.10
CA ILE B 17 -3.87 49.71 -43.51
C ILE B 17 -4.35 48.34 -43.06
N ILE B 18 -5.56 48.27 -42.51
CA ILE B 18 -6.12 46.97 -42.12
C ILE B 18 -6.27 46.09 -43.36
N ARG B 19 -6.73 46.66 -44.47
CA ARG B 19 -6.82 45.91 -45.71
C ARG B 19 -5.46 45.41 -46.16
N ASP B 20 -4.45 46.30 -46.14
CA ASP B 20 -3.12 45.91 -46.59
C ASP B 20 -2.51 44.84 -45.70
N MET B 21 -2.88 44.82 -44.42
CA MET B 21 -2.34 43.81 -43.51
C MET B 21 -3.01 42.46 -43.70
N GLU B 22 -4.22 42.45 -44.26
CA GLU B 22 -4.94 41.21 -44.53
C GLU B 22 -6.02 41.45 -45.58
N PRO B 23 -5.68 41.37 -46.86
CA PRO B 23 -6.66 41.73 -47.90
C PRO B 23 -7.69 40.63 -48.14
N VAL B 24 -7.30 39.38 -47.98
CA VAL B 24 -8.16 38.24 -48.28
C VAL B 24 -8.19 37.31 -47.08
N SER B 25 -9.40 36.83 -46.77
CA SER B 25 -9.58 35.89 -45.67
C SER B 25 -8.80 34.61 -45.93
N HIS B 26 -8.37 33.98 -44.83
CA HIS B 26 -7.53 32.79 -44.88
C HIS B 26 -8.32 31.61 -44.35
N ARG B 27 -8.32 30.51 -45.10
CA ARG B 27 -8.95 29.29 -44.62
C ARG B 27 -8.14 28.75 -43.44
N THR B 28 -8.83 28.45 -42.34
CA THR B 28 -8.15 28.12 -41.09
C THR B 28 -8.13 26.64 -40.77
N ASN B 29 -9.07 25.85 -41.29
CA ASN B 29 -9.03 24.40 -41.13
C ASN B 29 -7.95 23.89 -42.09
N ARG B 30 -6.71 23.94 -41.61
CA ARG B 30 -5.56 23.81 -42.50
C ARG B 30 -5.56 22.47 -43.22
N LYS B 31 -5.84 21.38 -42.50
CA LYS B 31 -5.93 20.06 -43.11
C LYS B 31 -7.37 19.53 -43.04
N PRO B 32 -8.11 19.54 -44.14
CA PRO B 32 -9.52 19.12 -44.09
C PRO B 32 -9.70 17.61 -44.11
N PHE B 33 -8.85 16.91 -44.86
CA PHE B 33 -9.05 15.48 -45.03
C PHE B 33 -8.83 14.71 -43.73
N THR B 34 -7.81 15.09 -42.96
CA THR B 34 -7.59 14.44 -41.68
C THR B 34 -8.76 14.68 -40.74
N THR B 35 -9.32 15.88 -40.74
CA THR B 35 -10.50 16.15 -39.94
C THR B 35 -11.67 15.29 -40.38
N GLY B 36 -11.88 15.15 -41.69
CA GLY B 36 -12.95 14.30 -42.17
C GLY B 36 -12.79 12.85 -41.77
N GLN B 37 -11.58 12.32 -41.92
CA GLN B 37 -11.32 10.94 -41.51
C GLN B 37 -11.51 10.75 -40.02
N ALA B 38 -11.06 11.72 -39.22
CA ALA B 38 -11.24 11.60 -37.78
C ALA B 38 -12.71 11.64 -37.40
N TYR B 39 -13.48 12.56 -37.98
CA TYR B 39 -14.90 12.64 -37.69
C TYR B 39 -15.62 11.36 -38.12
N SER B 40 -15.14 10.74 -39.20
CA SER B 40 -15.80 9.53 -39.69
C SER B 40 -15.45 8.31 -38.85
N LYS B 41 -14.20 8.22 -38.38
CA LYS B 41 -13.71 6.98 -37.79
C LYS B 41 -13.13 7.15 -36.39
N ILE B 42 -13.42 8.25 -35.71
CA ILE B 42 -13.04 8.43 -34.31
C ILE B 42 -14.30 8.76 -33.53
N GLU B 43 -14.64 7.89 -32.57
CA GLU B 43 -15.96 7.92 -31.97
C GLU B 43 -16.12 9.03 -30.94
N ILE B 44 -15.06 9.39 -30.23
CA ILE B 44 -15.17 10.52 -29.30
C ILE B 44 -15.43 11.82 -30.05
N LEU B 45 -14.68 12.06 -31.14
CA LEU B 45 -14.90 13.26 -31.94
C LEU B 45 -16.26 13.22 -32.62
N ASN B 46 -16.64 12.07 -33.15
CA ASN B 46 -17.94 11.94 -33.79
C ASN B 46 -19.06 12.31 -32.82
N ARG B 47 -19.04 11.70 -31.63
CA ARG B 47 -20.10 11.96 -30.67
C ARG B 47 -20.08 13.41 -30.20
N THR B 48 -18.91 13.97 -29.94
CA THR B 48 -18.84 15.32 -29.41
C THR B 48 -19.33 16.34 -30.44
N ALA B 49 -18.84 16.22 -31.68
CA ALA B 49 -19.27 17.14 -32.72
C ALA B 49 -20.75 16.99 -33.01
N ASN B 50 -21.25 15.75 -33.08
CA ASN B 50 -22.68 15.55 -33.31
C ASN B 50 -23.50 16.15 -32.18
N MET B 51 -23.04 15.99 -30.95
CA MET B 51 -23.74 16.56 -29.80
C MET B 51 -23.83 18.07 -29.91
N VAL B 52 -22.69 18.72 -30.18
CA VAL B 52 -22.69 20.18 -30.23
C VAL B 52 -23.56 20.68 -31.37
N ILE B 53 -23.43 20.08 -32.56
CA ILE B 53 -24.18 20.55 -33.71
C ILE B 53 -25.67 20.32 -33.53
N ASP B 54 -26.06 19.12 -33.08
CA ASP B 54 -27.48 18.83 -32.87
C ASP B 54 -28.07 19.71 -31.78
N SER B 55 -27.30 19.98 -30.73
CA SER B 55 -27.74 20.90 -29.69
C SER B 55 -27.93 22.32 -30.20
N ALA B 56 -27.09 22.77 -31.13
CA ALA B 56 -27.23 24.11 -31.69
C ALA B 56 -28.28 24.16 -32.79
N ALA B 57 -28.93 23.04 -33.09
CA ALA B 57 -30.00 22.99 -34.07
C ALA B 57 -31.39 22.90 -33.44
N GLU B 58 -31.46 22.79 -32.11
CA GLU B 58 -32.75 22.68 -31.43
C GLU B 58 -33.27 24.02 -30.91
N CYS B 59 -32.39 25.01 -30.74
CA CYS B 59 -32.80 26.27 -30.15
C CYS B 59 -33.53 27.12 -31.17
N SER B 60 -34.79 27.46 -30.86
CA SER B 60 -35.56 28.31 -31.74
C SER B 60 -35.15 29.76 -31.58
N TYR B 61 -35.52 30.58 -32.56
CA TYR B 61 -35.19 32.00 -32.58
C TYR B 61 -36.47 32.82 -32.48
N THR B 62 -36.49 33.73 -31.51
CA THR B 62 -37.61 34.64 -31.31
C THR B 62 -37.19 36.03 -31.71
N VAL B 63 -37.90 36.60 -32.68
CA VAL B 63 -37.58 37.92 -33.21
C VAL B 63 -38.24 38.98 -32.35
N GLY B 64 -37.53 40.07 -32.10
CA GLY B 64 -38.04 41.12 -31.22
C GLY B 64 -38.57 42.33 -31.97
N ASP B 65 -38.24 43.52 -31.48
CA ASP B 65 -38.72 44.75 -32.07
C ASP B 65 -37.86 45.14 -33.26
N LYS B 66 -38.26 46.20 -33.94
CA LYS B 66 -37.55 46.73 -35.09
C LYS B 66 -36.64 47.87 -34.65
N TYR B 67 -35.34 47.71 -34.87
CA TYR B 67 -34.39 48.77 -34.61
C TYR B 67 -34.43 49.77 -35.76
N ASN B 68 -34.71 51.03 -35.43
CA ASN B 68 -34.96 52.06 -36.44
C ASN B 68 -33.64 52.49 -37.10
N ILE B 69 -32.97 51.52 -37.70
CA ILE B 69 -31.70 51.71 -38.38
C ILE B 69 -31.81 51.11 -39.78
N VAL B 70 -30.91 51.55 -40.65
CA VAL B 70 -30.84 51.04 -42.02
C VAL B 70 -29.95 49.80 -42.03
N THR B 71 -30.47 48.72 -42.59
CA THR B 71 -29.76 47.44 -42.64
C THR B 71 -29.60 46.99 -44.08
N TYR B 72 -28.81 45.93 -44.26
CA TYR B 72 -28.56 45.42 -45.60
C TYR B 72 -29.83 44.87 -46.23
N ALA B 73 -30.66 44.20 -45.44
CA ALA B 73 -31.95 43.69 -45.89
C ALA B 73 -33.06 44.52 -45.26
N ASN B 74 -33.84 45.18 -46.10
CA ASN B 74 -34.94 46.02 -45.65
C ASN B 74 -36.21 45.66 -46.41
N GLY B 75 -37.35 45.95 -45.78
CA GLY B 75 -38.63 45.61 -46.33
C GLY B 75 -39.14 44.23 -45.96
N VAL B 76 -38.40 43.47 -45.17
CA VAL B 76 -38.84 42.16 -44.73
C VAL B 76 -39.72 42.32 -43.49
N LYS B 77 -40.89 41.68 -43.52
CA LYS B 77 -41.81 41.79 -42.40
C LYS B 77 -41.45 40.78 -41.32
N THR B 78 -41.93 41.05 -40.11
CA THR B 78 -41.55 40.22 -38.96
C THR B 78 -41.99 38.78 -39.14
N LYS B 79 -43.23 38.56 -39.57
CA LYS B 79 -43.73 37.19 -39.68
C LYS B 79 -43.01 36.39 -40.75
N THR B 80 -42.71 37.02 -41.89
CA THR B 80 -41.98 36.30 -42.94
C THR B 80 -40.59 35.89 -42.46
N LEU B 81 -39.89 36.80 -41.79
CA LEU B 81 -38.58 36.46 -41.26
C LEU B 81 -38.68 35.34 -40.23
N ASP B 82 -39.67 35.42 -39.34
CA ASP B 82 -39.83 34.39 -38.32
C ASP B 82 -40.10 33.04 -38.96
N THR B 83 -40.97 32.99 -39.97
CA THR B 83 -41.31 31.70 -40.58
C THR B 83 -40.12 31.15 -41.37
N LEU B 84 -39.34 32.01 -42.03
CA LEU B 84 -38.20 31.49 -42.78
C LEU B 84 -37.07 31.07 -41.85
N LEU B 85 -37.03 31.66 -40.65
CA LEU B 85 -35.96 31.35 -39.71
C LEU B 85 -36.29 30.20 -38.77
N ASN B 86 -37.57 29.87 -38.60
CA ASN B 86 -37.95 28.79 -37.70
C ASN B 86 -38.72 27.65 -38.35
N VAL B 87 -39.16 27.79 -39.60
CA VAL B 87 -39.97 26.78 -40.26
C VAL B 87 -39.30 26.25 -41.52
N ARG B 88 -39.02 27.11 -42.49
CA ARG B 88 -38.47 26.66 -43.76
C ARG B 88 -37.64 27.75 -44.38
N PRO B 89 -36.31 27.70 -44.28
CA PRO B 89 -35.48 28.75 -44.87
C PRO B 89 -35.59 28.77 -46.39
N ASN B 90 -35.43 27.66 -46.97
CA ASN B 90 -35.48 27.59 -48.41
C ASN B 90 -36.77 26.92 -48.88
N PRO B 91 -37.25 27.26 -50.06
CA PRO B 91 -38.38 26.50 -50.62
C PRO B 91 -37.99 25.08 -50.94
N PHE B 92 -36.70 24.75 -50.77
CA PHE B 92 -36.17 23.46 -51.16
C PHE B 92 -35.46 22.72 -50.04
N MET B 93 -35.30 23.32 -48.86
CA MET B 93 -34.43 22.75 -47.84
C MET B 93 -35.11 22.88 -46.47
N ASP B 94 -34.77 21.95 -45.59
CA ASP B 94 -35.37 21.85 -44.27
C ASP B 94 -34.89 22.98 -43.36
N ILE B 95 -35.47 23.01 -42.15
CA ILE B 95 -34.99 23.93 -41.11
C ILE B 95 -33.86 23.31 -40.31
N SER B 96 -34.01 22.06 -39.87
CA SER B 96 -32.96 21.42 -39.08
C SER B 96 -31.73 21.16 -39.95
N THR B 97 -31.93 20.76 -41.21
CA THR B 97 -30.79 20.55 -42.09
C THR B 97 -30.01 21.84 -42.30
N PHE B 98 -30.71 22.95 -42.54
CA PHE B 98 -30.03 24.22 -42.76
C PHE B 98 -29.30 24.67 -41.52
N ARG B 99 -29.96 24.55 -40.36
CA ARG B 99 -29.32 24.96 -39.11
C ARG B 99 -28.10 24.11 -38.82
N ARG B 100 -28.18 22.80 -39.08
CA ARG B 100 -27.05 21.92 -38.87
C ARG B 100 -25.90 22.25 -39.81
N LEU B 101 -26.21 22.56 -41.07
CA LEU B 101 -25.16 23.00 -42.00
C LEU B 101 -24.48 24.26 -41.51
N VAL B 102 -25.26 25.24 -41.04
CA VAL B 102 -24.65 26.48 -40.56
C VAL B 102 -23.78 26.22 -39.35
N VAL B 103 -24.26 25.40 -38.41
CA VAL B 103 -23.50 25.16 -37.19
C VAL B 103 -22.23 24.35 -37.48
N THR B 104 -22.32 23.37 -38.38
CA THR B 104 -21.13 22.59 -38.69
C THR B 104 -20.12 23.41 -39.50
N ASP B 105 -20.60 24.37 -40.30
CA ASP B 105 -19.67 25.30 -40.93
C ASP B 105 -19.00 26.19 -39.91
N LEU B 106 -19.75 26.65 -38.91
CA LEU B 106 -19.17 27.46 -37.85
C LEU B 106 -18.14 26.68 -37.04
N LEU B 107 -18.37 25.38 -36.85
CA LEU B 107 -17.48 24.57 -36.02
C LEU B 107 -16.26 24.11 -36.80
N PHE B 108 -16.46 23.31 -37.85
CA PHE B 108 -15.32 22.67 -38.51
C PHE B 108 -14.51 23.68 -39.33
N GLU B 109 -15.16 24.66 -39.94
CA GLU B 109 -14.49 25.80 -40.51
C GLU B 109 -14.57 26.97 -39.54
N GLY B 110 -13.68 27.95 -39.71
CA GLY B 110 -13.64 29.08 -38.80
C GLY B 110 -14.92 29.90 -38.84
N CYS B 111 -15.47 30.09 -40.03
CA CYS B 111 -16.61 30.96 -40.24
C CYS B 111 -17.77 30.18 -40.83
N ALA B 112 -18.92 30.83 -40.94
CA ALA B 112 -20.10 30.26 -41.55
C ALA B 112 -20.81 31.34 -42.36
N TYR B 113 -21.30 30.96 -43.53
CA TYR B 113 -21.90 31.90 -44.47
C TYR B 113 -23.33 31.48 -44.79
N ILE B 114 -24.23 32.46 -44.84
CA ILE B 114 -25.64 32.23 -45.16
C ILE B 114 -26.04 33.24 -46.22
N TYR B 115 -26.51 32.75 -47.37
CA TYR B 115 -26.95 33.63 -48.43
C TYR B 115 -28.34 34.16 -48.13
N TRP B 116 -28.68 35.30 -48.74
CA TRP B 116 -29.98 35.92 -48.60
C TRP B 116 -30.49 36.29 -49.99
N ASP B 117 -31.48 35.56 -50.47
CA ASP B 117 -32.15 35.88 -51.72
C ASP B 117 -33.16 36.99 -51.45
N GLY B 118 -34.02 37.28 -52.42
CA GLY B 118 -35.05 38.28 -52.21
C GLY B 118 -36.01 37.91 -51.11
N THR B 119 -36.48 36.66 -51.10
CA THR B 119 -37.44 36.19 -50.11
C THR B 119 -37.06 34.88 -49.45
N SER B 120 -35.96 34.25 -49.84
CA SER B 120 -35.55 32.98 -49.28
C SER B 120 -34.12 33.11 -48.76
N LEU B 121 -33.83 32.36 -47.71
CA LEU B 121 -32.57 32.46 -46.99
C LEU B 121 -31.76 31.18 -47.19
N TYR B 122 -30.86 31.20 -48.17
CA TYR B 122 -30.09 30.02 -48.58
C TYR B 122 -28.81 29.87 -47.78
N HIS B 123 -28.28 28.65 -47.77
CA HIS B 123 -26.99 28.37 -47.15
C HIS B 123 -25.91 28.15 -48.19
N VAL B 124 -24.72 28.65 -47.90
CA VAL B 124 -23.54 28.40 -48.72
C VAL B 124 -22.41 27.93 -47.81
N PRO B 125 -21.70 26.86 -48.18
CA PRO B 125 -20.61 26.36 -47.35
C PRO B 125 -19.49 27.38 -47.23
N ALA B 126 -18.88 27.44 -46.05
CA ALA B 126 -17.76 28.34 -45.80
C ALA B 126 -16.43 27.68 -46.08
N ALA B 127 -16.42 26.42 -46.51
CA ALA B 127 -15.16 25.74 -46.80
C ALA B 127 -14.57 26.20 -48.12
N LEU B 128 -15.34 26.90 -48.94
CA LEU B 128 -14.90 27.30 -50.26
C LEU B 128 -14.78 28.81 -50.44
N MET B 129 -15.35 29.60 -49.55
CA MET B 129 -15.42 31.05 -49.76
C MET B 129 -14.27 31.78 -49.10
N GLN B 130 -13.77 32.80 -49.78
CA GLN B 130 -12.82 33.75 -49.24
C GLN B 130 -13.47 35.13 -49.23
N VAL B 131 -13.13 35.94 -48.25
CA VAL B 131 -13.67 37.28 -48.11
C VAL B 131 -12.58 38.30 -48.42
N GLU B 132 -12.88 39.25 -49.28
CA GLU B 132 -11.94 40.29 -49.66
C GLU B 132 -12.34 41.59 -48.97
N ALA B 133 -11.45 42.10 -48.12
CA ALA B 133 -11.73 43.34 -47.42
C ALA B 133 -11.76 44.51 -48.39
N ASP B 134 -12.56 45.51 -48.07
CA ASP B 134 -12.65 46.72 -48.87
C ASP B 134 -11.61 47.72 -48.41
N ALA B 135 -11.11 48.51 -49.37
CA ALA B 135 -10.15 49.56 -49.03
C ALA B 135 -10.78 50.65 -48.18
N ASN B 136 -12.10 50.74 -48.14
CA ASN B 136 -12.77 51.85 -47.47
C ASN B 136 -13.60 51.41 -46.27
N LYS B 137 -14.60 50.54 -46.44
CA LYS B 137 -15.58 50.40 -45.38
C LYS B 137 -15.36 49.21 -44.42
N PHE B 138 -15.73 47.99 -44.83
CA PHE B 138 -15.35 46.79 -44.09
C PHE B 138 -14.86 45.71 -45.04
N ILE B 139 -15.68 45.41 -46.04
CA ILE B 139 -15.53 44.23 -46.89
C ILE B 139 -16.00 44.59 -48.29
N LYS B 140 -15.14 44.33 -49.29
CA LYS B 140 -15.52 44.61 -50.67
C LYS B 140 -16.56 43.63 -51.18
N LYS B 141 -16.22 42.35 -51.21
CA LYS B 141 -17.11 41.35 -51.79
C LYS B 141 -16.69 39.96 -51.34
N PHE B 142 -17.67 39.06 -51.31
CA PHE B 142 -17.47 37.66 -50.94
C PHE B 142 -17.26 36.84 -52.21
N ILE B 143 -16.25 35.97 -52.19
CA ILE B 143 -15.87 35.19 -53.36
C ILE B 143 -16.13 33.73 -53.06
N PHE B 144 -17.23 33.18 -53.58
CA PHE B 144 -17.55 31.76 -53.43
C PHE B 144 -16.76 30.98 -54.47
N ASN B 145 -15.77 30.22 -54.01
CA ASN B 145 -14.81 29.58 -54.91
C ASN B 145 -14.18 30.66 -55.77
N ASN B 146 -14.76 30.88 -56.94
CA ASN B 146 -14.45 32.03 -57.77
C ASN B 146 -15.72 32.40 -58.53
N GLN B 147 -15.59 33.30 -59.51
CA GLN B 147 -16.70 33.63 -60.40
C GLN B 147 -17.85 34.31 -59.69
N ILE B 148 -18.44 33.64 -58.70
CA ILE B 148 -19.73 34.02 -58.10
C ILE B 148 -19.77 35.49 -57.69
N ASN B 149 -18.90 35.88 -56.76
CA ASN B 149 -18.76 37.27 -56.32
C ASN B 149 -20.11 37.80 -55.80
N TYR B 150 -20.57 37.21 -54.70
CA TYR B 150 -21.93 37.41 -54.22
C TYR B 150 -22.26 38.90 -54.07
N ARG B 151 -21.62 39.57 -53.12
CA ARG B 151 -21.57 41.03 -52.90
C ARG B 151 -21.25 41.32 -51.44
N VAL B 152 -22.29 41.51 -50.62
CA VAL B 152 -22.17 41.82 -49.19
C VAL B 152 -23.55 42.10 -48.64
N ASP B 153 -24.40 42.72 -49.46
CA ASP B 153 -25.78 42.99 -49.08
C ASP B 153 -26.66 41.76 -49.17
N GLU B 154 -26.13 40.67 -49.72
CA GLU B 154 -26.92 39.47 -50.00
C GLU B 154 -26.46 38.25 -49.22
N ILE B 155 -25.47 38.41 -48.34
CA ILE B 155 -24.93 37.27 -47.60
C ILE B 155 -24.85 37.64 -46.12
N ILE B 156 -24.90 36.62 -45.27
CA ILE B 156 -24.81 36.82 -43.83
C ILE B 156 -23.50 36.24 -43.34
N PHE B 157 -22.71 37.07 -42.66
CA PHE B 157 -21.34 36.72 -42.27
C PHE B 157 -21.35 36.33 -40.80
N ILE B 158 -20.85 35.14 -40.49
CA ILE B 158 -20.73 34.66 -39.13
C ILE B 158 -19.25 34.35 -38.88
N LYS B 159 -18.66 35.02 -37.90
CA LYS B 159 -17.23 34.90 -37.65
C LYS B 159 -16.99 34.41 -36.23
N ASP B 160 -16.14 33.39 -36.11
CA ASP B 160 -15.68 32.90 -34.83
C ASP B 160 -14.34 33.55 -34.51
N ASN B 161 -14.19 34.05 -33.29
CA ASN B 161 -13.03 34.86 -32.93
C ASN B 161 -11.74 34.11 -33.23
N SER B 162 -10.81 34.77 -33.91
CA SER B 162 -9.61 34.12 -34.40
C SER B 162 -8.39 34.98 -34.11
N TYR B 163 -7.26 34.30 -33.94
CA TYR B 163 -5.94 34.94 -33.88
C TYR B 163 -5.03 34.11 -34.78
N VAL B 164 -5.00 34.46 -36.06
CA VAL B 164 -4.19 33.75 -37.05
C VAL B 164 -3.08 34.68 -37.52
N CYS B 165 -1.94 34.10 -37.84
CA CYS B 165 -0.74 34.87 -38.24
C CYS B 165 -0.37 35.79 -37.07
N GLY B 166 0.25 36.92 -37.37
CA GLY B 166 0.70 37.81 -36.30
C GLY B 166 -0.44 38.51 -35.58
N THR B 167 -1.44 38.98 -36.32
CA THR B 167 -2.45 39.88 -35.77
C THR B 167 -3.84 39.27 -35.91
N ASN B 168 -4.72 39.65 -34.99
CA ASN B 168 -6.11 39.21 -35.06
C ASN B 168 -6.78 39.81 -36.28
N SER B 169 -7.88 39.23 -36.67
CA SER B 169 -8.45 39.68 -37.90
C SER B 169 -9.85 39.97 -37.87
N GLN B 170 -10.20 41.05 -38.50
CA GLN B 170 -11.57 41.40 -38.58
C GLN B 170 -12.33 40.40 -39.44
N ILE B 171 -11.64 39.57 -40.23
CA ILE B 171 -12.29 38.65 -41.15
C ILE B 171 -11.92 37.23 -40.71
N SER B 172 -12.33 36.25 -41.51
CA SER B 172 -11.94 34.85 -41.35
C SER B 172 -12.57 34.23 -40.12
N GLY B 173 -11.76 33.60 -39.29
CA GLY B 173 -12.26 32.82 -38.17
C GLY B 173 -11.36 31.63 -37.89
N GLN B 174 -11.46 31.04 -36.71
CA GLN B 174 -10.60 29.94 -36.32
C GLN B 174 -11.46 28.72 -35.98
N SER B 175 -11.10 27.58 -36.57
CA SER B 175 -11.87 26.36 -36.38
C SER B 175 -11.53 25.74 -35.03
N ARG B 176 -12.58 25.46 -34.23
CA ARG B 176 -12.35 24.72 -32.99
C ARG B 176 -11.85 23.32 -33.28
N VAL B 177 -12.36 22.68 -34.33
CA VAL B 177 -11.97 21.31 -34.63
C VAL B 177 -10.52 21.22 -35.05
N ALA B 178 -10.02 22.23 -35.77
CA ALA B 178 -8.66 22.17 -36.30
C ALA B 178 -7.62 22.08 -35.21
N THR B 179 -7.93 22.51 -33.99
CA THR B 179 -7.00 22.40 -32.89
C THR B 179 -7.00 21.03 -32.23
N VAL B 180 -7.97 20.18 -32.57
CA VAL B 180 -8.09 18.85 -31.98
C VAL B 180 -7.36 17.80 -32.79
N ILE B 181 -6.84 18.16 -33.98
CA ILE B 181 -6.32 17.18 -34.91
C ILE B 181 -5.05 16.52 -34.36
N ASP B 182 -4.15 17.30 -33.78
CA ASP B 182 -2.92 16.71 -33.24
C ASP B 182 -3.21 15.78 -32.08
N SER B 183 -4.14 16.17 -31.19
CA SER B 183 -4.53 15.29 -30.10
C SER B 183 -5.16 14.02 -30.63
N LEU B 184 -5.97 14.14 -31.67
CA LEU B 184 -6.58 12.97 -32.29
C LEU B 184 -5.55 12.03 -32.88
N GLU B 185 -4.55 12.57 -33.58
CA GLU B 185 -3.50 11.74 -34.15
C GLU B 185 -2.69 11.05 -33.06
N LYS B 186 -2.34 11.80 -32.01
CA LYS B 186 -1.61 11.20 -30.89
C LYS B 186 -2.40 10.07 -30.25
N ARG B 187 -3.70 10.29 -30.02
CA ARG B 187 -4.51 9.27 -29.36
C ARG B 187 -4.66 8.04 -30.25
N SER B 188 -4.87 8.25 -31.56
CA SER B 188 -5.01 7.12 -32.46
C SER B 188 -3.74 6.30 -32.53
N LYS B 189 -2.58 6.96 -32.62
CA LYS B 189 -1.32 6.22 -32.66
C LYS B 189 -1.08 5.48 -31.35
N MET B 190 -1.36 6.13 -30.22
CA MET B 190 -1.16 5.49 -28.92
C MET B 190 -2.10 4.31 -28.73
N LEU B 191 -3.30 4.38 -29.29
CA LEU B 191 -4.23 3.25 -29.19
C LEU B 191 -3.82 2.12 -30.12
N ASN B 192 -3.39 2.44 -31.35
CA ASN B 192 -2.90 1.41 -32.24
C ASN B 192 -1.64 0.73 -31.71
N PHE B 193 -0.87 1.42 -30.87
CA PHE B 193 0.32 0.79 -30.31
C PHE B 193 -0.02 -0.44 -29.49
N LYS B 194 -1.07 -0.37 -28.66
CA LYS B 194 -1.45 -1.51 -27.86
C LYS B 194 -1.91 -2.68 -28.73
N GLU B 195 -2.73 -2.39 -29.74
CA GLU B 195 -3.20 -3.46 -30.63
C GLU B 195 -2.04 -4.13 -31.34
N LYS B 196 -1.10 -3.33 -31.87
CA LYS B 196 0.04 -3.93 -32.56
C LYS B 196 0.97 -4.65 -31.60
N PHE B 197 1.10 -4.17 -30.36
CA PHE B 197 1.94 -4.84 -29.38
C PHE B 197 1.36 -6.19 -28.99
N LEU B 198 0.03 -6.27 -28.88
CA LEU B 198 -0.61 -7.56 -28.60
C LEU B 198 -0.49 -8.49 -29.80
N ASP B 199 -0.67 -7.96 -31.01
CA ASP B 199 -0.59 -8.81 -32.20
C ASP B 199 0.83 -9.23 -32.52
N ASN B 200 1.83 -8.53 -31.97
CA ASN B 200 3.21 -8.78 -32.36
C ASN B 200 4.05 -9.43 -31.26
N GLY B 201 3.88 -9.01 -30.02
CA GLY B 201 4.72 -9.53 -28.94
C GLY B 201 4.53 -11.02 -28.75
N THR B 202 5.64 -11.68 -28.40
CA THR B 202 5.65 -13.13 -28.23
C THR B 202 5.36 -13.50 -26.79
N VAL B 203 4.55 -14.54 -26.62
CA VAL B 203 4.20 -15.04 -25.30
C VAL B 203 4.56 -16.53 -25.24
N ILE B 204 5.48 -16.86 -24.34
CA ILE B 204 5.95 -18.23 -24.18
C ILE B 204 5.78 -18.64 -22.72
N GLY B 205 5.79 -19.94 -22.49
CA GLY B 205 5.60 -20.46 -21.15
C GLY B 205 6.75 -21.30 -20.64
N LEU B 206 7.61 -21.76 -21.55
CA LEU B 206 8.67 -22.69 -21.19
C LEU B 206 9.80 -22.59 -22.20
N ILE B 207 11.03 -22.66 -21.69
CA ILE B 207 12.23 -22.75 -22.53
C ILE B 207 13.05 -23.94 -22.05
N LEU B 208 13.36 -24.84 -22.97
CA LEU B 208 14.24 -25.97 -22.70
C LEU B 208 15.47 -25.85 -23.57
N GLU B 209 16.62 -26.25 -23.04
CA GLU B 209 17.89 -26.13 -23.75
C GLU B 209 18.62 -27.45 -23.78
N THR B 210 19.30 -27.71 -24.89
CA THR B 210 20.12 -28.89 -25.05
C THR B 210 21.37 -28.49 -25.81
N ASP B 211 22.51 -29.06 -25.40
CA ASP B 211 23.79 -28.74 -26.03
C ASP B 211 24.09 -29.63 -27.22
N GLU B 212 23.17 -30.53 -27.59
CA GLU B 212 23.36 -31.40 -28.74
C GLU B 212 22.15 -31.29 -29.66
N ILE B 213 22.39 -31.47 -30.95
CA ILE B 213 21.31 -31.43 -31.94
C ILE B 213 20.47 -32.68 -31.81
N LEU B 214 19.15 -32.50 -31.79
CA LEU B 214 18.23 -33.59 -31.40
C LEU B 214 17.07 -33.71 -32.40
N ASN B 215 17.39 -33.79 -33.70
CA ASN B 215 16.45 -34.27 -34.71
C ASN B 215 15.21 -33.38 -34.82
N LYS B 216 15.44 -32.21 -35.43
CA LYS B 216 14.44 -31.15 -35.58
C LYS B 216 13.01 -31.65 -35.75
N LYS B 217 12.79 -32.68 -36.57
CA LYS B 217 11.45 -33.24 -36.70
C LYS B 217 10.93 -33.74 -35.35
N LEU B 218 11.71 -34.60 -34.69
CA LEU B 218 11.29 -35.16 -33.42
C LEU B 218 11.30 -34.09 -32.31
N ARG B 219 12.22 -33.14 -32.41
CA ARG B 219 12.22 -32.03 -31.47
C ARG B 219 10.93 -31.22 -31.55
N GLU B 220 10.48 -30.91 -32.77
CA GLU B 220 9.22 -30.21 -32.94
C GLU B 220 8.04 -31.06 -32.45
N ARG B 221 8.06 -32.36 -32.76
CA ARG B 221 6.97 -33.21 -32.30
C ARG B 221 6.86 -33.19 -30.79
N LYS B 222 7.99 -33.33 -30.10
CA LYS B 222 7.96 -33.23 -28.63
C LYS B 222 7.57 -31.83 -28.18
N GLN B 223 7.83 -30.81 -28.99
CA GLN B 223 7.46 -29.44 -28.65
C GLN B 223 5.96 -29.23 -28.71
N GLU B 224 5.21 -29.84 -29.64
CA GLU B 224 3.74 -29.80 -29.55
C GLU B 224 3.23 -30.77 -28.49
N GLU B 225 3.94 -31.88 -28.26
CA GLU B 225 3.52 -32.80 -27.21
C GLU B 225 3.53 -32.12 -25.85
N LEU B 226 4.60 -31.38 -25.54
CA LEU B 226 4.66 -30.64 -24.28
C LEU B 226 3.63 -29.52 -24.24
N GLN B 227 3.42 -28.84 -25.36
CA GLN B 227 2.44 -27.76 -25.38
C GLN B 227 1.04 -28.28 -25.07
N LEU B 228 0.67 -29.42 -25.66
CA LEU B 228 -0.68 -29.93 -25.46
C LEU B 228 -0.85 -30.61 -24.11
N ASP B 229 0.15 -31.38 -23.67
CA ASP B 229 -0.01 -32.18 -22.47
C ASP B 229 0.00 -31.36 -21.19
N TYR B 230 0.73 -30.24 -21.16
CA TYR B 230 0.94 -29.49 -19.93
C TYR B 230 0.05 -28.26 -19.85
N ASN B 231 -1.11 -28.29 -20.47
CA ASN B 231 -2.09 -27.21 -20.37
C ASN B 231 -3.33 -27.77 -19.70
N PRO B 232 -3.78 -27.20 -18.57
CA PRO B 232 -4.87 -27.82 -17.81
C PRO B 232 -6.15 -28.01 -18.61
N SER B 233 -6.43 -27.11 -19.57
CA SER B 233 -7.64 -27.27 -20.36
C SER B 233 -7.59 -28.52 -21.23
N THR B 234 -6.42 -28.84 -21.80
CA THR B 234 -6.29 -29.95 -22.73
C THR B 234 -5.24 -30.97 -22.30
N GLY B 235 -4.87 -31.02 -21.03
CA GLY B 235 -3.84 -31.94 -20.58
C GLY B 235 -4.12 -32.49 -19.21
N GLN B 236 -3.46 -33.61 -18.92
CA GLN B 236 -3.57 -34.29 -17.63
C GLN B 236 -2.15 -34.63 -17.15
N SER B 237 -1.26 -33.66 -17.23
CA SER B 237 0.11 -33.83 -16.77
C SER B 237 0.63 -32.50 -16.27
N SER B 238 1.52 -32.56 -15.28
CA SER B 238 2.05 -31.34 -14.67
C SER B 238 3.53 -31.40 -14.33
N VAL B 239 4.26 -32.46 -14.67
CA VAL B 239 5.65 -32.61 -14.27
C VAL B 239 6.50 -32.95 -15.48
N LEU B 240 7.70 -32.40 -15.54
CA LEU B 240 8.68 -32.72 -16.55
C LEU B 240 9.85 -33.47 -15.94
N ILE B 241 10.23 -34.58 -16.57
CA ILE B 241 11.43 -35.33 -16.22
C ILE B 241 12.37 -35.19 -17.40
N LEU B 242 13.26 -34.20 -17.34
CA LEU B 242 14.19 -33.93 -18.43
C LEU B 242 15.36 -34.91 -18.33
N ASP B 243 15.69 -35.56 -19.42
CA ASP B 243 16.75 -36.54 -19.45
C ASP B 243 17.83 -36.13 -20.45
N GLY B 244 18.99 -36.77 -20.31
CA GLY B 244 20.08 -36.54 -21.24
C GLY B 244 20.82 -35.23 -21.06
N GLY B 245 20.58 -34.51 -19.98
CA GLY B 245 21.21 -33.23 -19.76
C GLY B 245 20.44 -32.04 -20.27
N MET B 246 19.23 -32.26 -20.80
CA MET B 246 18.40 -31.13 -21.22
C MET B 246 18.05 -30.26 -20.04
N LYS B 247 18.26 -28.95 -20.19
CA LYS B 247 18.10 -28.00 -19.11
C LYS B 247 16.93 -27.07 -19.41
N ALA B 248 16.44 -26.43 -18.35
CA ALA B 248 15.33 -25.49 -18.45
C ALA B 248 15.82 -24.13 -17.96
N LYS B 249 15.93 -23.18 -18.89
CA LYS B 249 16.43 -21.86 -18.54
C LYS B 249 15.34 -21.07 -17.80
N PRO B 250 15.64 -20.52 -16.62
CA PRO B 250 14.64 -19.72 -15.92
C PRO B 250 14.50 -18.34 -16.55
N TYR B 251 13.82 -18.28 -17.69
CA TYR B 251 13.67 -17.05 -18.45
C TYR B 251 12.68 -16.12 -17.75
N SER B 252 12.62 -14.88 -18.25
CA SER B 252 11.64 -13.92 -17.80
C SER B 252 11.05 -13.20 -19.00
N GLN B 253 10.02 -12.38 -18.79
CA GLN B 253 9.36 -11.67 -19.88
C GLN B 253 10.02 -10.31 -20.04
N ILE B 254 10.41 -9.97 -21.27
CA ILE B 254 11.22 -8.78 -21.50
C ILE B 254 10.38 -7.52 -21.34
N SER B 255 9.36 -7.37 -22.19
CA SER B 255 8.50 -6.19 -22.19
C SER B 255 7.07 -6.64 -21.90
N SER B 256 6.71 -6.66 -20.61
CA SER B 256 5.38 -7.10 -20.22
C SER B 256 4.34 -6.03 -20.57
N PHE B 257 3.10 -6.48 -20.69
CA PHE B 257 2.00 -5.58 -21.01
C PHE B 257 1.70 -4.61 -19.88
N LYS B 258 2.09 -4.93 -18.65
CA LYS B 258 1.83 -4.03 -17.53
C LYS B 258 2.58 -2.72 -17.66
N ASP B 259 3.69 -2.71 -18.40
CA ASP B 259 4.45 -1.48 -18.57
C ASP B 259 3.64 -0.44 -19.33
N LEU B 260 2.94 -0.86 -20.38
CA LEU B 260 2.18 0.08 -21.19
C LEU B 260 0.88 0.47 -20.49
N ASP B 261 0.98 1.44 -19.57
CA ASP B 261 -0.17 1.97 -18.85
C ASP B 261 -0.64 3.21 -19.58
N PHE B 262 -1.31 3.01 -20.71
CA PHE B 262 -1.79 4.10 -21.54
C PHE B 262 -3.14 4.65 -21.08
N LYS B 263 -3.78 4.02 -20.10
CA LYS B 263 -5.14 4.41 -19.74
C LYS B 263 -5.19 5.87 -19.30
N GLU B 264 -4.24 6.30 -18.47
CA GLU B 264 -4.30 7.65 -17.96
C GLU B 264 -4.06 8.66 -19.08
N ASP B 265 -3.12 8.37 -19.97
CA ASP B 265 -2.88 9.24 -21.12
C ASP B 265 -4.08 9.27 -22.06
N ILE B 266 -4.73 8.12 -22.27
CA ILE B 266 -5.88 8.08 -23.17
C ILE B 266 -7.05 8.84 -22.57
N GLU B 267 -7.24 8.74 -21.25
CA GLU B 267 -8.25 9.55 -20.59
C GLU B 267 -7.91 11.03 -20.69
N GLY B 268 -6.62 11.38 -20.58
CA GLY B 268 -6.22 12.74 -20.79
C GLY B 268 -6.55 13.24 -22.19
N PHE B 269 -6.37 12.38 -23.19
CA PHE B 269 -6.69 12.78 -24.56
C PHE B 269 -8.19 12.86 -24.80
N ASN B 270 -8.96 12.01 -24.12
CA ASN B 270 -10.41 12.11 -24.22
C ASN B 270 -10.91 13.42 -23.62
N LYS B 271 -10.40 13.79 -22.45
CA LYS B 271 -10.74 15.09 -21.87
C LYS B 271 -10.20 16.21 -22.75
N SER B 272 -9.06 15.99 -23.40
CA SER B 272 -8.53 16.90 -24.40
C SER B 272 -9.55 17.19 -25.48
N ILE B 273 -10.11 16.14 -26.09
CA ILE B 273 -11.01 16.32 -27.21
C ILE B 273 -12.33 16.92 -26.75
N CYS B 274 -12.87 16.43 -25.63
CA CYS B 274 -14.12 16.97 -25.12
C CYS B 274 -13.99 18.41 -24.65
N LEU B 275 -12.77 18.83 -24.27
CA LEU B 275 -12.60 20.17 -23.72
C LEU B 275 -12.73 21.24 -24.79
N ALA B 276 -12.17 21.00 -25.98
CA ALA B 276 -12.14 22.04 -27.01
C ALA B 276 -13.54 22.39 -27.49
N PHE B 277 -14.40 21.38 -27.64
CA PHE B 277 -15.76 21.65 -28.10
C PHE B 277 -16.60 22.32 -27.03
N GLY B 278 -16.36 22.00 -25.77
CA GLY B 278 -17.06 22.62 -24.66
C GLY B 278 -17.95 21.69 -23.87
N VAL B 279 -18.21 20.47 -24.33
CA VAL B 279 -19.10 19.56 -23.63
C VAL B 279 -18.48 19.18 -22.28
N PRO B 280 -19.24 19.22 -21.20
CA PRO B 280 -18.72 18.70 -19.93
C PRO B 280 -18.54 17.19 -20.02
N GLN B 281 -17.54 16.68 -19.29
CA GLN B 281 -17.27 15.26 -19.32
C GLN B 281 -18.39 14.44 -18.68
N VAL B 282 -19.21 15.07 -17.83
CA VAL B 282 -20.29 14.34 -17.18
C VAL B 282 -21.37 13.94 -18.17
N LEU B 283 -21.66 14.79 -19.16
CA LEU B 283 -22.75 14.50 -20.09
C LEU B 283 -22.47 13.23 -20.89
N LEU B 284 -21.24 13.07 -21.36
CA LEU B 284 -20.90 11.86 -22.11
C LEU B 284 -20.96 10.63 -21.21
N ASP B 285 -20.51 10.76 -19.97
CA ASP B 285 -20.58 9.69 -18.99
C ASP B 285 -21.96 9.69 -18.32
N GLY B 286 -22.09 8.96 -17.22
CA GLY B 286 -23.29 8.98 -16.40
C GLY B 286 -23.09 9.84 -15.16
N GLY B 287 -24.00 10.79 -14.97
CA GLY B 287 -23.92 11.71 -13.85
C GLY B 287 -25.10 11.56 -12.93
N ASN B 288 -24.88 11.94 -11.67
CA ASN B 288 -25.90 11.85 -10.65
C ASN B 288 -26.96 12.93 -10.87
N ASN B 289 -27.97 12.93 -10.00
CA ASN B 289 -29.01 13.96 -10.07
C ASN B 289 -28.43 15.34 -9.81
N ALA B 290 -27.39 15.42 -8.99
CA ALA B 290 -26.75 16.70 -8.70
C ALA B 290 -25.91 17.20 -9.86
N ASN B 291 -25.67 16.38 -10.89
CA ASN B 291 -24.83 16.77 -12.01
C ASN B 291 -25.60 17.00 -13.29
N ILE B 292 -26.65 16.22 -13.56
CA ILE B 292 -27.22 16.18 -14.91
C ILE B 292 -27.81 17.53 -15.30
N ARG B 293 -28.68 18.08 -14.46
CA ARG B 293 -29.32 19.34 -14.82
C ARG B 293 -28.32 20.49 -14.87
N PRO B 294 -27.46 20.68 -13.85
CA PRO B 294 -26.45 21.74 -13.96
C PRO B 294 -25.51 21.56 -15.13
N ASN B 295 -25.15 20.33 -15.47
CA ASN B 295 -24.22 20.14 -16.58
C ASN B 295 -24.90 20.39 -17.91
N ILE B 296 -26.16 20.00 -18.06
CA ILE B 296 -26.91 20.37 -19.26
C ILE B 296 -27.01 21.88 -19.38
N GLU B 297 -27.32 22.57 -18.27
CA GLU B 297 -27.41 24.02 -18.32
C GLU B 297 -26.08 24.65 -18.68
N LEU B 298 -24.99 24.19 -18.07
CA LEU B 298 -23.68 24.74 -18.36
C LEU B 298 -23.29 24.50 -19.81
N PHE B 299 -23.48 23.28 -20.29
CA PHE B 299 -23.21 22.99 -21.70
C PHE B 299 -23.99 23.93 -22.60
N TYR B 300 -25.32 23.82 -22.57
CA TYR B 300 -26.13 24.65 -23.47
C TYR B 300 -25.71 26.10 -23.39
N TYR B 301 -25.83 26.71 -22.21
CA TYR B 301 -25.52 28.14 -22.12
C TYR B 301 -24.10 28.43 -22.58
N MET B 302 -23.09 27.99 -21.83
CA MET B 302 -21.75 28.51 -22.03
C MET B 302 -21.16 28.10 -23.38
N THR B 303 -21.48 26.89 -23.86
CA THR B 303 -20.92 26.50 -25.15
C THR B 303 -21.82 26.93 -26.30
N ILE B 304 -23.07 26.47 -26.33
CA ILE B 304 -23.91 26.67 -27.49
C ILE B 304 -24.31 28.15 -27.63
N ILE B 305 -24.76 28.77 -26.55
CA ILE B 305 -25.49 30.02 -26.69
C ILE B 305 -24.59 31.17 -27.14
N PRO B 306 -23.30 31.22 -26.79
CA PRO B 306 -22.40 32.09 -27.56
C PRO B 306 -22.33 31.73 -29.04
N MET B 307 -22.31 30.42 -29.35
CA MET B 307 -22.20 30.01 -30.74
C MET B 307 -23.43 30.42 -31.55
N LEU B 308 -24.62 30.26 -30.97
CA LEU B 308 -25.82 30.78 -31.61
C LEU B 308 -25.96 32.28 -31.46
N ASN B 309 -25.29 32.88 -30.48
CA ASN B 309 -25.33 34.33 -30.33
C ASN B 309 -24.57 35.01 -31.44
N LYS B 310 -23.49 34.38 -31.92
CA LYS B 310 -22.82 34.89 -33.11
C LYS B 310 -23.79 34.95 -34.29
N LEU B 311 -24.51 33.85 -34.52
CA LEU B 311 -25.49 33.81 -35.61
C LEU B 311 -26.60 34.84 -35.42
N THR B 312 -27.13 34.97 -34.20
CA THR B 312 -28.24 35.89 -33.99
C THR B 312 -27.79 37.35 -34.06
N SER B 313 -26.57 37.63 -33.63
CA SER B 313 -26.04 38.98 -33.80
C SER B 313 -25.84 39.30 -35.26
N SER B 314 -25.33 38.36 -36.04
CA SER B 314 -25.21 38.60 -37.48
C SER B 314 -26.57 38.81 -38.12
N LEU B 315 -27.58 38.04 -37.66
CA LEU B 315 -28.92 38.20 -38.20
C LEU B 315 -29.53 39.55 -37.83
N THR B 316 -29.32 40.00 -36.60
CA THR B 316 -29.88 41.29 -36.20
C THR B 316 -29.11 42.45 -36.83
N PHE B 317 -27.86 42.21 -37.25
CA PHE B 317 -27.18 43.17 -38.11
C PHE B 317 -27.78 43.19 -39.50
N PHE B 318 -28.04 42.01 -40.07
CA PHE B 318 -28.46 41.93 -41.46
C PHE B 318 -29.88 42.43 -41.65
N PHE B 319 -30.80 42.03 -40.77
CA PHE B 319 -32.21 42.34 -40.93
C PHE B 319 -32.69 43.47 -40.05
N GLY B 320 -32.00 43.77 -38.95
CA GLY B 320 -32.42 44.83 -38.06
C GLY B 320 -33.42 44.45 -37.01
N TYR B 321 -33.91 43.22 -37.00
CA TYR B 321 -34.82 42.73 -35.98
C TYR B 321 -34.02 42.09 -34.87
N LYS B 322 -34.33 42.45 -33.63
CA LYS B 322 -33.64 41.85 -32.49
C LYS B 322 -33.92 40.35 -32.46
N ILE B 323 -32.91 39.55 -32.77
CA ILE B 323 -33.03 38.10 -32.80
C ILE B 323 -32.11 37.54 -31.73
N THR B 324 -32.65 36.70 -30.86
CA THR B 324 -31.88 36.10 -29.78
C THR B 324 -32.16 34.61 -29.71
N PRO B 325 -31.17 33.82 -29.29
CA PRO B 325 -31.42 32.39 -29.07
C PRO B 325 -32.25 32.21 -27.81
N ASN B 326 -33.54 31.95 -28.00
CA ASN B 326 -34.47 31.77 -26.88
C ASN B 326 -34.99 30.34 -26.99
N THR B 327 -34.49 29.46 -26.12
CA THR B 327 -34.78 28.05 -26.31
C THR B 327 -36.18 27.72 -25.83
N LYS B 328 -36.38 27.71 -24.51
CA LYS B 328 -37.71 27.65 -23.89
C LYS B 328 -38.49 26.42 -24.30
N GLU B 329 -37.93 25.64 -25.22
CA GLU B 329 -38.61 24.48 -25.80
C GLU B 329 -37.71 23.28 -25.96
N VAL B 330 -36.39 23.44 -25.85
CA VAL B 330 -35.49 22.30 -26.03
C VAL B 330 -35.75 21.27 -24.95
N ALA B 331 -35.67 19.99 -25.34
CA ALA B 331 -36.00 18.93 -24.40
C ALA B 331 -34.99 18.84 -23.26
N ALA B 332 -33.79 19.41 -23.44
CA ALA B 332 -32.75 19.28 -22.43
C ALA B 332 -32.88 20.30 -21.30
N LEU B 333 -33.47 21.47 -21.56
CA LEU B 333 -33.65 22.48 -20.54
C LEU B 333 -35.14 22.71 -20.20
N THR B 334 -35.92 21.65 -20.17
CA THR B 334 -37.28 21.78 -19.67
C THR B 334 -37.21 22.07 -18.18
N PRO B 335 -37.78 23.18 -17.71
CA PRO B 335 -37.62 23.54 -16.30
C PRO B 335 -38.31 22.52 -15.39
N ASP B 336 -37.76 22.40 -14.18
CA ASP B 336 -38.36 21.54 -13.19
C ASP B 336 -39.81 21.96 -12.95
N LYS B 337 -40.74 21.04 -13.19
CA LYS B 337 -42.16 21.40 -13.22
C LYS B 337 -42.62 21.95 -11.88
N GLU B 338 -42.19 21.32 -10.78
CA GLU B 338 -42.64 21.76 -9.46
C GLU B 338 -42.13 23.15 -9.13
N ALA B 339 -40.82 23.38 -9.28
CA ALA B 339 -40.26 24.69 -8.97
C ALA B 339 -40.77 25.75 -9.94
N GLU B 340 -40.89 25.41 -11.22
CA GLU B 340 -41.39 26.38 -12.19
C GLU B 340 -42.81 26.80 -11.85
N ALA B 341 -43.68 25.83 -11.53
CA ALA B 341 -45.03 26.17 -11.11
C ALA B 341 -45.01 27.00 -9.83
N LYS B 342 -44.13 26.65 -8.89
CA LYS B 342 -44.05 27.41 -7.65
C LYS B 342 -43.78 28.88 -7.93
N HIS B 343 -42.75 29.18 -8.73
CA HIS B 343 -42.40 30.59 -8.90
C HIS B 343 -43.43 31.31 -9.76
N LEU B 344 -43.98 30.63 -10.78
CA LEU B 344 -44.99 31.28 -11.61
C LEU B 344 -46.23 31.64 -10.81
N THR B 345 -46.72 30.70 -9.98
CA THR B 345 -47.89 31.02 -9.16
C THR B 345 -47.56 32.08 -8.12
N SER B 346 -46.34 32.07 -7.57
CA SER B 346 -45.99 33.11 -6.61
C SER B 346 -46.04 34.49 -7.26
N LEU B 347 -45.47 34.61 -8.47
CA LEU B 347 -45.53 35.88 -9.19
C LEU B 347 -46.96 36.27 -9.52
N VAL B 348 -47.79 35.31 -9.95
CA VAL B 348 -49.16 35.63 -10.31
C VAL B 348 -49.94 36.10 -9.10
N ASN B 349 -49.82 35.39 -7.97
CA ASN B 349 -50.53 35.76 -6.77
C ASN B 349 -50.09 37.12 -6.24
N ASN B 350 -48.78 37.37 -6.25
CA ASN B 350 -48.25 38.62 -5.72
C ASN B 350 -48.34 39.77 -6.69
N GLY B 351 -48.86 39.55 -7.90
CA GLY B 351 -49.19 40.63 -8.79
C GLY B 351 -48.04 41.22 -9.57
N ILE B 352 -46.89 40.56 -9.62
CA ILE B 352 -45.78 41.09 -10.42
C ILE B 352 -46.08 40.93 -11.91
N ILE B 353 -46.56 39.77 -12.33
CA ILE B 353 -46.80 39.49 -13.74
C ILE B 353 -48.23 39.03 -13.92
N THR B 354 -48.78 39.27 -15.11
CA THR B 354 -50.12 38.80 -15.43
C THR B 354 -50.12 37.28 -15.60
N GLY B 355 -51.32 36.70 -15.56
CA GLY B 355 -51.44 35.27 -15.81
C GLY B 355 -51.09 34.89 -17.23
N ASN B 356 -51.35 35.80 -18.18
CA ASN B 356 -51.04 35.51 -19.58
C ASN B 356 -49.53 35.34 -19.78
N GLU B 357 -48.72 36.13 -19.08
CA GLU B 357 -47.29 35.96 -19.18
C GLU B 357 -46.85 34.64 -18.57
N ALA B 358 -47.52 34.21 -17.50
CA ALA B 358 -47.24 32.89 -16.94
C ALA B 358 -47.56 31.78 -17.94
N ARG B 359 -48.69 31.92 -18.64
CA ARG B 359 -49.02 30.94 -19.67
C ARG B 359 -47.98 30.94 -20.79
N SER B 360 -47.52 32.13 -21.18
CA SER B 360 -46.50 32.22 -22.21
C SER B 360 -45.20 31.54 -21.77
N GLU B 361 -44.82 31.72 -20.51
CA GLU B 361 -43.65 31.04 -19.99
C GLU B 361 -43.87 29.54 -19.81
N LEU B 362 -45.13 29.11 -19.76
CA LEU B 362 -45.47 27.69 -19.70
C LEU B 362 -45.66 27.07 -21.08
N ASN B 363 -45.40 27.82 -22.14
CA ASN B 363 -45.53 27.37 -23.54
C ASN B 363 -46.98 27.05 -23.92
N LEU B 364 -47.95 27.57 -23.17
CA LEU B 364 -49.35 27.42 -23.52
C LEU B 364 -49.77 28.57 -24.44
N GLU B 365 -51.07 28.69 -24.68
CA GLU B 365 -51.58 29.79 -25.48
C GLU B 365 -52.48 30.70 -24.64
N PRO B 366 -52.26 32.01 -24.70
CA PRO B 366 -53.04 32.93 -23.87
C PRO B 366 -54.52 32.86 -24.18
N LEU B 367 -55.35 33.07 -23.15
CA LEU B 367 -56.79 33.09 -23.28
C LEU B 367 -57.27 34.52 -23.48
N ASP B 368 -58.24 34.70 -24.38
CA ASP B 368 -58.86 36.00 -24.62
C ASP B 368 -59.89 36.29 -23.53
N ASP B 369 -59.38 36.36 -22.30
CA ASP B 369 -60.20 36.66 -21.13
C ASP B 369 -59.80 38.02 -20.57
N GLU B 370 -60.73 38.65 -19.85
CA GLU B 370 -60.49 39.95 -19.25
C GLU B 370 -59.81 39.86 -17.90
N GLN B 371 -60.26 38.96 -17.03
CA GLN B 371 -59.66 38.84 -15.70
C GLN B 371 -58.27 38.23 -15.75
N MET B 372 -57.91 37.58 -16.85
CA MET B 372 -56.57 37.06 -17.06
C MET B 372 -55.61 38.13 -17.59
N ASN B 373 -56.12 39.16 -18.27
CA ASN B 373 -55.28 40.16 -18.92
C ASN B 373 -54.93 41.33 -18.01
N LYS B 374 -55.42 41.36 -16.77
CA LYS B 374 -55.05 42.39 -15.84
C LYS B 374 -54.47 41.76 -14.59
N ILE B 375 -53.52 42.47 -13.97
CA ILE B 375 -52.83 41.96 -12.79
C ILE B 375 -53.81 41.84 -11.63
N ARG B 376 -53.63 40.79 -10.82
CA ARG B 376 -54.61 40.46 -9.79
C ARG B 376 -54.72 41.55 -8.73
N ILE B 377 -53.59 42.17 -8.35
CA ILE B 377 -53.56 43.17 -7.29
C ILE B 377 -54.18 42.59 -6.03
N PRO B 378 -53.50 41.68 -5.33
CA PRO B 378 -54.12 41.02 -4.17
C PRO B 378 -54.64 41.98 -3.11
N ALA B 379 -53.91 43.08 -2.86
CA ALA B 379 -54.30 44.10 -1.88
C ALA B 379 -54.48 43.42 -0.53
N ASN B 380 -55.70 43.27 -0.02
CA ASN B 380 -55.94 42.59 1.24
C ASN B 380 -55.46 41.13 1.19
N LEU C 11 -48.85 1.88 -52.89
CA LEU C 11 -47.94 0.87 -53.40
C LEU C 11 -46.55 1.47 -53.63
N ASN C 12 -45.52 0.75 -53.20
CA ASN C 12 -44.16 1.25 -53.30
C ASN C 12 -43.53 0.78 -54.60
N PRO C 13 -43.12 1.69 -55.49
CA PRO C 13 -42.48 1.26 -56.75
C PRO C 13 -41.23 0.43 -56.55
N GLY C 14 -40.45 0.71 -55.50
CA GLY C 14 -39.18 0.03 -55.32
C GLY C 14 -39.25 -1.23 -54.48
N GLN C 15 -40.46 -1.75 -54.27
CA GLN C 15 -40.60 -2.95 -53.46
C GLN C 15 -40.04 -4.18 -54.16
N ARG C 16 -40.10 -4.23 -55.49
CA ARG C 16 -39.54 -5.37 -56.21
C ARG C 16 -38.04 -5.45 -56.01
N ILE C 17 -37.35 -4.31 -55.96
CA ILE C 17 -35.92 -4.32 -55.69
C ILE C 17 -35.66 -4.79 -54.26
N ILE C 18 -36.54 -4.44 -53.33
CA ILE C 18 -36.40 -4.92 -51.96
C ILE C 18 -36.52 -6.43 -51.91
N ARG C 19 -37.50 -6.98 -52.62
CA ARG C 19 -37.65 -8.44 -52.64
C ARG C 19 -36.46 -9.11 -53.31
N ASP C 20 -35.94 -8.50 -54.37
CA ASP C 20 -34.78 -9.06 -55.05
C ASP C 20 -33.56 -9.07 -54.12
N MET C 21 -33.39 -8.02 -53.32
CA MET C 21 -32.23 -7.95 -52.45
C MET C 21 -32.40 -8.81 -51.19
N GLU C 22 -33.61 -9.29 -50.94
CA GLU C 22 -33.86 -10.18 -49.81
C GLU C 22 -35.13 -10.97 -50.07
N PRO C 23 -35.02 -12.11 -50.76
CA PRO C 23 -36.24 -12.82 -51.16
C PRO C 23 -36.96 -13.48 -50.00
N VAL C 24 -36.23 -14.15 -49.09
CA VAL C 24 -36.84 -14.86 -47.98
C VAL C 24 -36.09 -14.52 -46.70
N SER C 25 -36.78 -14.70 -45.58
CA SER C 25 -36.15 -14.52 -44.28
C SER C 25 -35.16 -15.64 -44.01
N HIS C 26 -34.22 -15.36 -43.12
CA HIS C 26 -33.20 -16.32 -42.71
C HIS C 26 -33.07 -16.30 -41.20
N ARG C 27 -33.02 -17.47 -40.59
CA ARG C 27 -32.95 -17.55 -39.13
C ARG C 27 -31.63 -16.96 -38.64
N THR C 28 -31.71 -16.17 -37.57
CA THR C 28 -30.56 -15.47 -37.04
C THR C 28 -29.90 -16.16 -35.86
N ASN C 29 -30.61 -17.05 -35.17
CA ASN C 29 -30.00 -17.87 -34.11
C ASN C 29 -29.15 -18.92 -34.81
N ARG C 30 -27.92 -18.53 -35.15
CA ARG C 30 -27.10 -19.34 -36.03
C ARG C 30 -26.80 -20.70 -35.44
N LYS C 31 -26.48 -20.75 -34.14
CA LYS C 31 -26.23 -22.01 -33.45
C LYS C 31 -27.26 -22.23 -32.36
N PRO C 32 -28.29 -23.06 -32.60
CA PRO C 32 -29.34 -23.26 -31.59
C PRO C 32 -28.90 -24.17 -30.46
N PHE C 33 -28.14 -25.21 -30.77
CA PHE C 33 -27.80 -26.21 -29.75
C PHE C 33 -26.91 -25.61 -28.67
N THR C 34 -25.95 -24.79 -29.06
CA THR C 34 -25.08 -24.16 -28.06
C THR C 34 -25.89 -23.23 -27.15
N THR C 35 -26.84 -22.50 -27.72
CA THR C 35 -27.72 -21.68 -26.91
C THR C 35 -28.54 -22.53 -25.94
N GLY C 36 -29.05 -23.67 -26.41
CA GLY C 36 -29.81 -24.54 -25.52
C GLY C 36 -28.96 -25.07 -24.38
N GLN C 37 -27.74 -25.50 -24.69
CA GLN C 37 -26.85 -25.99 -23.63
C GLN C 37 -26.50 -24.88 -22.65
N ALA C 38 -26.24 -23.68 -23.14
CA ALA C 38 -25.94 -22.56 -22.25
C ALA C 38 -27.11 -22.24 -21.34
N TYR C 39 -28.33 -22.23 -21.91
CA TYR C 39 -29.51 -21.94 -21.11
C TYR C 39 -29.75 -23.03 -20.06
N SER C 40 -29.46 -24.28 -20.42
CA SER C 40 -29.78 -25.39 -19.52
C SER C 40 -28.65 -25.67 -18.54
N LYS C 41 -27.49 -25.03 -18.72
CA LYS C 41 -26.31 -25.40 -17.95
C LYS C 41 -25.56 -24.19 -17.38
N ILE C 42 -25.96 -22.98 -17.74
CA ILE C 42 -25.31 -21.76 -17.25
C ILE C 42 -26.34 -20.94 -16.49
N GLU C 43 -26.03 -20.60 -15.23
CA GLU C 43 -27.02 -19.97 -14.36
C GLU C 43 -27.24 -18.51 -14.67
N ILE C 44 -26.21 -17.78 -15.11
CA ILE C 44 -26.39 -16.36 -15.41
C ILE C 44 -27.36 -16.19 -16.57
N LEU C 45 -27.12 -16.92 -17.67
CA LEU C 45 -28.02 -16.86 -18.81
C LEU C 45 -29.41 -17.34 -18.44
N ASN C 46 -29.49 -18.43 -17.68
CA ASN C 46 -30.78 -18.98 -17.27
C ASN C 46 -31.59 -17.94 -16.50
N ARG C 47 -30.96 -17.32 -15.51
CA ARG C 47 -31.66 -16.35 -14.67
C ARG C 47 -32.04 -15.10 -15.45
N THR C 48 -31.13 -14.57 -16.28
CA THR C 48 -31.45 -13.37 -17.03
C THR C 48 -32.58 -13.60 -18.01
N ALA C 49 -32.51 -14.71 -18.77
CA ALA C 49 -33.59 -15.02 -19.70
C ALA C 49 -34.89 -15.25 -18.96
N ASN C 50 -34.84 -15.93 -17.80
CA ASN C 50 -36.05 -16.19 -17.04
C ASN C 50 -36.67 -14.89 -16.55
N MET C 51 -35.86 -13.96 -16.05
CA MET C 51 -36.40 -12.68 -15.61
C MET C 51 -37.04 -11.94 -16.76
N VAL C 52 -36.36 -11.87 -17.91
CA VAL C 52 -36.91 -11.12 -19.04
C VAL C 52 -38.24 -11.73 -19.47
N ILE C 53 -38.28 -13.05 -19.63
CA ILE C 53 -39.49 -13.70 -20.12
C ILE C 53 -40.63 -13.57 -19.11
N ASP C 54 -40.36 -13.87 -17.83
CA ASP C 54 -41.42 -13.82 -16.84
C ASP C 54 -41.94 -12.40 -16.64
N SER C 55 -41.03 -11.43 -16.50
CA SER C 55 -41.45 -10.04 -16.38
C SER C 55 -42.16 -9.54 -17.64
N ALA C 56 -41.90 -10.16 -18.78
CA ALA C 56 -42.63 -9.85 -20.01
C ALA C 56 -43.90 -10.68 -20.15
N ALA C 57 -44.22 -11.51 -19.15
CA ALA C 57 -45.44 -12.29 -19.15
C ALA C 57 -46.43 -11.84 -18.09
N GLU C 58 -46.06 -10.90 -17.22
CA GLU C 58 -46.95 -10.41 -16.17
C GLU C 58 -47.71 -9.16 -16.60
N CYS C 59 -47.24 -8.45 -17.60
CA CYS C 59 -47.87 -7.19 -18.00
C CYS C 59 -49.18 -7.49 -18.72
N SER C 60 -50.28 -6.99 -18.15
CA SER C 60 -51.58 -7.18 -18.77
C SER C 60 -51.74 -6.27 -19.97
N TYR C 61 -52.75 -6.56 -20.79
CA TYR C 61 -53.00 -5.81 -22.01
C TYR C 61 -54.36 -5.13 -21.93
N THR C 62 -54.38 -3.83 -22.21
CA THR C 62 -55.62 -3.05 -22.22
C THR C 62 -55.91 -2.61 -23.64
N VAL C 63 -57.09 -2.97 -24.13
CA VAL C 63 -57.51 -2.60 -25.48
C VAL C 63 -58.21 -1.24 -25.43
N GLY C 64 -57.79 -0.34 -26.32
CA GLY C 64 -58.33 1.00 -26.32
C GLY C 64 -59.51 1.17 -27.25
N ASP C 65 -59.47 2.21 -28.06
CA ASP C 65 -60.55 2.50 -28.98
C ASP C 65 -60.36 1.73 -30.29
N LYS C 66 -61.33 1.88 -31.20
CA LYS C 66 -61.29 1.24 -32.50
C LYS C 66 -60.80 2.22 -33.54
N TYR C 67 -59.77 1.84 -34.27
CA TYR C 67 -59.24 2.67 -35.36
C TYR C 67 -60.02 2.36 -36.63
N ASN C 68 -60.65 3.38 -37.21
CA ASN C 68 -61.52 3.18 -38.37
C ASN C 68 -60.65 2.97 -39.62
N ILE C 69 -59.95 1.85 -39.63
CA ILE C 69 -59.09 1.46 -40.73
C ILE C 69 -59.35 -0.01 -41.08
N VAL C 70 -58.98 -0.36 -42.30
CA VAL C 70 -59.19 -1.72 -42.81
C VAL C 70 -57.99 -2.56 -42.40
N THR C 71 -58.15 -3.37 -41.37
CA THR C 71 -57.09 -4.22 -40.87
C THR C 71 -57.32 -5.67 -41.30
N TYR C 72 -56.31 -6.51 -41.02
CA TYR C 72 -56.38 -7.90 -41.46
C TYR C 72 -57.51 -8.65 -40.77
N ALA C 73 -57.72 -8.39 -39.48
CA ALA C 73 -58.80 -9.00 -38.72
C ALA C 73 -59.92 -8.00 -38.56
N ASN C 74 -61.12 -8.37 -39.00
CA ASN C 74 -62.29 -7.51 -38.93
C ASN C 74 -63.46 -8.29 -38.34
N GLY C 75 -64.35 -7.56 -37.67
CA GLY C 75 -65.50 -8.15 -37.03
C GLY C 75 -65.26 -8.71 -35.65
N VAL C 76 -64.08 -8.50 -35.07
CA VAL C 76 -63.77 -8.99 -33.73
C VAL C 76 -64.23 -7.96 -32.71
N LYS C 77 -64.98 -8.42 -31.71
CA LYS C 77 -65.50 -7.52 -30.69
C LYS C 77 -64.40 -7.18 -29.69
N THR C 78 -64.57 -6.02 -29.02
CA THR C 78 -63.59 -5.58 -28.04
C THR C 78 -63.45 -6.57 -26.91
N LYS C 79 -64.57 -7.05 -26.36
CA LYS C 79 -64.52 -7.97 -25.24
C LYS C 79 -63.92 -9.31 -25.63
N THR C 80 -64.23 -9.81 -26.83
CA THR C 80 -63.64 -11.06 -27.28
C THR C 80 -62.12 -10.92 -27.42
N LEU C 81 -61.66 -9.81 -27.97
CA LEU C 81 -60.22 -9.58 -28.06
C LEU C 81 -59.59 -9.49 -26.68
N ASP C 82 -60.26 -8.81 -25.75
CA ASP C 82 -59.72 -8.71 -24.40
C ASP C 82 -59.60 -10.06 -23.73
N THR C 83 -60.63 -10.92 -23.89
CA THR C 83 -60.56 -12.26 -23.33
C THR C 83 -59.44 -13.07 -23.98
N LEU C 84 -59.34 -13.00 -25.32
CA LEU C 84 -58.30 -13.74 -26.02
C LEU C 84 -56.91 -13.29 -25.57
N LEU C 85 -56.75 -12.02 -25.24
CA LEU C 85 -55.43 -11.46 -24.99
C LEU C 85 -55.06 -11.45 -23.52
N ASN C 86 -56.01 -11.61 -22.60
CA ASN C 86 -55.70 -11.56 -21.17
C ASN C 86 -56.15 -12.78 -20.38
N VAL C 87 -57.02 -13.62 -20.90
CA VAL C 87 -57.57 -14.72 -20.11
C VAL C 87 -57.21 -16.06 -20.71
N ARG C 88 -57.65 -16.32 -21.94
CA ARG C 88 -57.49 -17.63 -22.55
C ARG C 88 -57.28 -17.48 -24.05
N PRO C 89 -56.03 -17.38 -24.51
CA PRO C 89 -55.79 -17.27 -25.96
C PRO C 89 -56.29 -18.48 -26.72
N ASN C 90 -56.20 -19.58 -26.10
CA ASN C 90 -56.57 -20.73 -26.89
C ASN C 90 -57.65 -21.53 -26.16
N PRO C 91 -58.48 -22.27 -26.89
CA PRO C 91 -59.36 -23.24 -26.22
C PRO C 91 -58.59 -24.37 -25.56
N PHE C 92 -57.27 -24.46 -25.76
CA PHE C 92 -56.50 -25.59 -25.28
C PHE C 92 -55.21 -25.22 -24.56
N MET C 93 -54.87 -23.93 -24.45
CA MET C 93 -53.60 -23.55 -23.83
C MET C 93 -53.78 -22.25 -23.05
N ASP C 94 -52.90 -22.06 -22.06
CA ASP C 94 -53.00 -21.03 -21.05
C ASP C 94 -52.69 -19.64 -21.62
N ILE C 95 -52.86 -18.63 -20.77
CA ILE C 95 -52.42 -17.27 -21.07
C ILE C 95 -50.94 -17.10 -20.78
N SER C 96 -50.48 -17.51 -19.60
CA SER C 96 -49.09 -17.29 -19.24
C SER C 96 -48.16 -18.16 -20.08
N THR C 97 -48.55 -19.40 -20.33
CA THR C 97 -47.72 -20.25 -21.19
C THR C 97 -47.61 -19.66 -22.59
N PHE C 98 -48.72 -19.18 -23.15
CA PHE C 98 -48.68 -18.61 -24.49
C PHE C 98 -47.82 -17.36 -24.53
N ARG C 99 -47.99 -16.47 -23.54
CA ARG C 99 -47.21 -15.24 -23.52
C ARG C 99 -45.72 -15.53 -23.34
N ARG C 100 -45.40 -16.52 -22.49
CA ARG C 100 -44.01 -16.89 -22.28
C ARG C 100 -43.41 -17.48 -23.54
N LEU C 101 -44.17 -18.32 -24.27
CA LEU C 101 -43.69 -18.83 -25.54
C LEU C 101 -43.42 -17.72 -26.52
N VAL C 102 -44.32 -16.74 -26.63
CA VAL C 102 -44.11 -15.65 -27.57
C VAL C 102 -42.87 -14.85 -27.20
N VAL C 103 -42.71 -14.54 -25.91
CA VAL C 103 -41.57 -13.73 -25.50
C VAL C 103 -40.26 -14.49 -25.67
N THR C 104 -40.26 -15.79 -25.38
CA THR C 104 -39.02 -16.55 -25.54
C THR C 104 -38.69 -16.75 -27.02
N ASP C 105 -39.71 -16.77 -27.89
CA ASP C 105 -39.44 -16.75 -29.32
C ASP C 105 -38.85 -15.42 -29.74
N LEU C 106 -39.36 -14.32 -29.18
CA LEU C 106 -38.84 -13.00 -29.53
C LEU C 106 -37.42 -12.81 -29.04
N LEU C 107 -37.04 -13.46 -27.94
CA LEU C 107 -35.67 -13.37 -27.45
C LEU C 107 -34.74 -14.34 -28.16
N PHE C 108 -34.97 -15.64 -28.02
CA PHE C 108 -33.97 -16.61 -28.45
C PHE C 108 -33.87 -16.68 -29.96
N GLU C 109 -34.95 -16.44 -30.67
CA GLU C 109 -34.91 -16.18 -32.10
C GLU C 109 -35.14 -14.70 -32.37
N GLY C 110 -34.80 -14.28 -33.58
CA GLY C 110 -34.90 -12.86 -33.90
C GLY C 110 -36.33 -12.34 -33.85
N CYS C 111 -37.28 -13.17 -34.27
CA CYS C 111 -38.67 -12.76 -34.42
C CYS C 111 -39.58 -13.71 -33.66
N ALA C 112 -40.88 -13.38 -33.65
CA ALA C 112 -41.88 -14.21 -33.00
C ALA C 112 -43.16 -14.13 -33.81
N TYR C 113 -43.87 -15.25 -33.87
CA TYR C 113 -45.06 -15.39 -34.69
C TYR C 113 -46.22 -15.88 -33.86
N ILE C 114 -47.40 -15.30 -34.07
CA ILE C 114 -48.62 -15.70 -33.38
C ILE C 114 -49.70 -15.91 -34.43
N TYR C 115 -50.21 -17.12 -34.53
CA TYR C 115 -51.26 -17.42 -35.50
C TYR C 115 -52.60 -16.85 -35.03
N TRP C 116 -53.48 -16.60 -35.99
CA TRP C 116 -54.83 -16.11 -35.72
C TRP C 116 -55.82 -16.97 -36.48
N ASP C 117 -56.56 -17.81 -35.75
CA ASP C 117 -57.61 -18.63 -36.33
C ASP C 117 -58.86 -17.76 -36.51
N GLY C 118 -59.98 -18.39 -36.81
CA GLY C 118 -61.21 -17.63 -36.96
C GLY C 118 -61.61 -16.91 -35.69
N THR C 119 -61.55 -17.61 -34.55
CA THR C 119 -61.92 -17.04 -33.27
C THR C 119 -60.90 -17.28 -32.16
N SER C 120 -59.81 -17.99 -32.43
CA SER C 120 -58.82 -18.32 -31.41
C SER C 120 -57.45 -17.86 -31.89
N LEU C 121 -56.61 -17.47 -30.94
CA LEU C 121 -55.32 -16.85 -31.24
C LEU C 121 -54.21 -17.81 -30.84
N TYR C 122 -53.78 -18.63 -31.79
CA TYR C 122 -52.83 -19.72 -31.57
C TYR C 122 -51.40 -19.22 -31.65
N HIS C 123 -50.48 -19.98 -31.05
CA HIS C 123 -49.06 -19.67 -31.15
C HIS C 123 -48.35 -20.65 -32.08
N VAL C 124 -47.37 -20.14 -32.81
CA VAL C 124 -46.50 -20.98 -33.63
C VAL C 124 -45.04 -20.60 -33.35
N PRO C 125 -44.13 -21.57 -33.29
CA PRO C 125 -42.73 -21.25 -33.01
C PRO C 125 -42.08 -20.53 -34.17
N ALA C 126 -41.16 -19.62 -33.86
CA ALA C 126 -40.44 -18.86 -34.86
C ALA C 126 -39.13 -19.51 -35.28
N ALA C 127 -38.73 -20.59 -34.62
CA ALA C 127 -37.48 -21.26 -34.99
C ALA C 127 -37.61 -22.03 -36.30
N LEU C 128 -38.84 -22.34 -36.70
CA LEU C 128 -39.10 -23.11 -37.90
C LEU C 128 -39.75 -22.30 -39.01
N MET C 129 -40.38 -21.18 -38.68
CA MET C 129 -41.07 -20.37 -39.67
C MET C 129 -40.08 -19.57 -40.51
N GLN C 130 -40.40 -19.41 -41.78
CA GLN C 130 -39.64 -18.58 -42.70
C GLN C 130 -40.59 -17.62 -43.39
N VAL C 131 -40.18 -16.36 -43.53
CA VAL C 131 -41.01 -15.34 -44.12
C VAL C 131 -40.51 -15.05 -45.53
N GLU C 132 -41.42 -15.09 -46.50
CA GLU C 132 -41.10 -14.79 -47.89
C GLU C 132 -41.66 -13.42 -48.25
N ALA C 133 -40.81 -12.56 -48.80
CA ALA C 133 -41.25 -11.22 -49.17
C ALA C 133 -42.16 -11.28 -50.38
N ASP C 134 -42.86 -10.18 -50.62
CA ASP C 134 -43.77 -10.06 -51.75
C ASP C 134 -43.11 -9.28 -52.87
N ALA C 135 -43.43 -9.64 -54.10
CA ALA C 135 -42.95 -8.86 -55.25
C ALA C 135 -43.51 -7.45 -55.23
N ASN C 136 -44.77 -7.29 -54.80
CA ASN C 136 -45.46 -6.01 -54.93
C ASN C 136 -45.62 -5.29 -53.58
N LYS C 137 -46.26 -5.92 -52.59
CA LYS C 137 -46.71 -5.11 -51.47
C LYS C 137 -45.80 -5.11 -50.24
N PHE C 138 -45.85 -6.16 -49.42
CA PHE C 138 -44.88 -6.34 -48.34
C PHE C 138 -44.34 -7.76 -48.27
N ILE C 139 -45.26 -8.72 -48.19
CA ILE C 139 -44.94 -10.11 -47.81
C ILE C 139 -45.90 -11.03 -48.55
N LYS C 140 -45.34 -11.96 -49.32
CA LYS C 140 -46.17 -12.90 -50.06
C LYS C 140 -46.89 -13.86 -49.13
N LYS C 141 -46.08 -14.52 -48.32
CA LYS C 141 -46.63 -15.53 -47.47
C LYS C 141 -45.67 -16.00 -46.49
N PHE C 142 -46.11 -16.85 -45.60
CA PHE C 142 -45.26 -17.43 -44.56
C PHE C 142 -45.17 -18.94 -44.77
N ILE C 143 -43.95 -19.47 -44.71
CA ILE C 143 -43.75 -20.90 -44.93
C ILE C 143 -43.23 -21.58 -43.66
N PHE C 144 -44.13 -22.28 -42.96
CA PHE C 144 -43.80 -22.95 -41.71
C PHE C 144 -43.14 -24.29 -42.02
N ASN C 145 -41.80 -24.35 -41.90
CA ASN C 145 -41.02 -25.46 -42.43
C ASN C 145 -41.31 -25.57 -43.92
N ASN C 146 -42.38 -26.29 -44.26
CA ASN C 146 -43.02 -26.17 -45.57
C ASN C 146 -44.45 -26.67 -45.43
N GLN C 147 -45.15 -26.71 -46.58
CA GLN C 147 -46.43 -27.36 -46.87
C GLN C 147 -47.60 -26.79 -46.07
N ILE C 148 -47.33 -26.02 -45.01
CA ILE C 148 -48.39 -25.23 -44.38
C ILE C 148 -48.73 -24.05 -45.28
N ASN C 149 -47.77 -23.16 -45.48
CA ASN C 149 -47.89 -22.02 -46.38
C ASN C 149 -49.09 -21.14 -45.97
N TYR C 150 -48.96 -20.57 -44.77
CA TYR C 150 -50.10 -20.03 -44.03
C TYR C 150 -50.89 -18.98 -44.80
N ARG C 151 -50.28 -17.79 -44.98
CA ARG C 151 -50.80 -16.64 -45.72
C ARG C 151 -50.08 -15.36 -45.30
N VAL C 152 -50.75 -14.56 -44.46
CA VAL C 152 -50.29 -13.25 -44.02
C VAL C 152 -51.42 -12.61 -43.23
N ASP C 153 -52.66 -12.85 -43.66
CA ASP C 153 -53.83 -12.36 -42.96
C ASP C 153 -54.08 -13.11 -41.66
N GLU C 154 -53.36 -14.18 -41.39
CA GLU C 154 -53.64 -15.06 -40.26
C GLU C 154 -52.45 -15.21 -39.32
N ILE C 155 -51.38 -14.45 -39.51
CA ILE C 155 -50.23 -14.51 -38.62
C ILE C 155 -49.91 -13.11 -38.13
N ILE C 156 -49.73 -12.99 -36.82
CA ILE C 156 -49.32 -11.75 -36.18
C ILE C 156 -47.81 -11.72 -36.13
N PHE C 157 -47.21 -10.71 -36.76
CA PHE C 157 -45.77 -10.67 -36.99
C PHE C 157 -45.11 -9.75 -35.98
N ILE C 158 -44.17 -10.31 -35.22
CA ILE C 158 -43.42 -9.56 -34.21
C ILE C 158 -41.95 -9.64 -34.56
N LYS C 159 -41.36 -8.51 -34.93
CA LYS C 159 -40.00 -8.47 -35.44
C LYS C 159 -39.13 -7.62 -34.52
N ASP C 160 -38.00 -8.17 -34.10
CA ASP C 160 -36.98 -7.42 -33.39
C ASP C 160 -36.02 -6.82 -34.41
N ASN C 161 -35.64 -5.57 -34.20
CA ASN C 161 -34.88 -4.84 -35.22
C ASN C 161 -33.56 -5.54 -35.49
N SER C 162 -33.14 -5.55 -36.75
CA SER C 162 -31.97 -6.30 -37.15
C SER C 162 -31.18 -5.55 -38.20
N TYR C 163 -29.87 -5.79 -38.20
CA TYR C 163 -28.95 -5.36 -39.26
C TYR C 163 -28.08 -6.58 -39.55
N VAL C 164 -28.54 -7.43 -40.45
CA VAL C 164 -27.85 -8.67 -40.81
C VAL C 164 -27.35 -8.55 -42.24
N CYS C 165 -26.13 -9.03 -42.47
CA CYS C 165 -25.47 -8.92 -43.78
C CYS C 165 -25.28 -7.43 -44.08
N GLY C 166 -25.29 -7.06 -45.36
CA GLY C 166 -25.00 -5.69 -45.73
C GLY C 166 -26.06 -4.70 -45.29
N THR C 167 -27.33 -5.03 -45.47
CA THR C 167 -28.41 -4.07 -45.31
C THR C 167 -29.39 -4.53 -44.24
N ASN C 168 -30.02 -3.55 -43.57
CA ASN C 168 -31.07 -3.86 -42.63
C ASN C 168 -32.27 -4.48 -43.34
N SER C 169 -33.03 -5.27 -42.60
CA SER C 169 -34.12 -6.05 -43.17
C SER C 169 -35.44 -5.64 -42.53
N GLN C 170 -36.46 -5.42 -43.37
CA GLN C 170 -37.82 -5.31 -42.88
C GLN C 170 -38.37 -6.65 -42.45
N ILE C 171 -37.62 -7.73 -42.67
CA ILE C 171 -38.04 -9.09 -42.41
C ILE C 171 -37.00 -9.68 -41.44
N SER C 172 -37.20 -10.94 -41.04
CA SER C 172 -36.28 -11.65 -40.16
C SER C 172 -36.22 -10.99 -38.78
N GLY C 173 -35.01 -10.67 -38.32
CA GLY C 173 -34.84 -10.14 -36.99
C GLY C 173 -33.55 -10.61 -36.36
N GLN C 174 -33.10 -9.95 -35.30
CA GLN C 174 -31.84 -10.28 -34.65
C GLN C 174 -32.11 -10.83 -33.26
N SER C 175 -31.55 -12.00 -32.97
CA SER C 175 -31.74 -12.65 -31.68
C SER C 175 -30.77 -12.08 -30.65
N ARG C 176 -31.30 -11.55 -29.55
CA ARG C 176 -30.43 -11.02 -28.51
C ARG C 176 -29.63 -12.12 -27.83
N VAL C 177 -30.23 -13.31 -27.65
CA VAL C 177 -29.55 -14.38 -26.96
C VAL C 177 -28.37 -14.89 -27.78
N ALA C 178 -28.52 -14.94 -29.10
CA ALA C 178 -27.43 -15.40 -29.96
C ALA C 178 -26.21 -14.49 -29.88
N THR C 179 -26.39 -13.28 -29.35
CA THR C 179 -25.27 -12.35 -29.23
C THR C 179 -24.28 -12.80 -28.16
N VAL C 180 -24.78 -13.35 -27.05
CA VAL C 180 -23.93 -13.63 -25.90
C VAL C 180 -23.30 -15.02 -25.93
N ILE C 181 -23.39 -15.74 -27.05
CA ILE C 181 -22.88 -17.10 -27.08
C ILE C 181 -21.36 -17.12 -27.00
N ASP C 182 -20.69 -16.19 -27.69
CA ASP C 182 -19.24 -16.13 -27.61
C ASP C 182 -18.78 -15.81 -26.19
N SER C 183 -19.46 -14.88 -25.53
CA SER C 183 -19.12 -14.56 -24.15
C SER C 183 -19.36 -15.74 -23.23
N LEU C 184 -20.45 -16.48 -23.45
CA LEU C 184 -20.72 -17.65 -22.63
C LEU C 184 -19.65 -18.72 -22.81
N GLU C 185 -19.22 -18.94 -24.06
CA GLU C 185 -18.15 -19.91 -24.31
C GLU C 185 -16.85 -19.47 -23.65
N LYS C 186 -16.52 -18.17 -23.78
CA LYS C 186 -15.31 -17.65 -23.14
C LYS C 186 -15.36 -17.85 -21.63
N ARG C 187 -16.50 -17.52 -21.01
CA ARG C 187 -16.59 -17.63 -19.56
C ARG C 187 -16.54 -19.08 -19.11
N SER C 188 -17.19 -19.98 -19.85
CA SER C 188 -17.16 -21.39 -19.48
C SER C 188 -15.73 -21.94 -19.58
N LYS C 189 -15.01 -21.60 -20.64
CA LYS C 189 -13.63 -22.07 -20.75
C LYS C 189 -12.77 -21.49 -19.64
N MET C 190 -12.94 -20.20 -19.34
CA MET C 190 -12.14 -19.56 -18.31
C MET C 190 -12.42 -20.15 -16.93
N LEU C 191 -13.67 -20.50 -16.65
CA LEU C 191 -14.01 -21.09 -15.36
C LEU C 191 -13.56 -22.54 -15.28
N ASN C 192 -13.62 -23.29 -16.38
CA ASN C 192 -13.12 -24.66 -16.37
C ASN C 192 -11.61 -24.69 -16.23
N PHE C 193 -10.92 -23.63 -16.65
CA PHE C 193 -9.47 -23.60 -16.51
C PHE C 193 -9.06 -23.65 -15.05
N LYS C 194 -9.76 -22.92 -14.17
CA LYS C 194 -9.40 -22.96 -12.76
C LYS C 194 -9.62 -24.34 -12.16
N GLU C 195 -10.75 -24.98 -12.50
CA GLU C 195 -11.01 -26.33 -12.00
C GLU C 195 -9.94 -27.31 -12.46
N LYS C 196 -9.57 -27.24 -13.74
CA LYS C 196 -8.57 -28.17 -14.25
C LYS C 196 -7.19 -27.86 -13.67
N PHE C 197 -6.89 -26.59 -13.44
CA PHE C 197 -5.62 -26.22 -12.83
C PHE C 197 -5.52 -26.76 -11.41
N LEU C 198 -6.61 -26.66 -10.65
CA LEU C 198 -6.62 -27.23 -9.31
C LEU C 198 -6.51 -28.75 -9.34
N ASP C 199 -7.21 -29.40 -10.26
CA ASP C 199 -7.17 -30.86 -10.31
C ASP C 199 -5.86 -31.38 -10.88
N ASN C 200 -5.09 -30.54 -11.55
CA ASN C 200 -3.87 -30.99 -12.22
C ASN C 200 -2.59 -30.47 -11.58
N GLY C 201 -2.62 -29.30 -10.98
CA GLY C 201 -1.41 -28.73 -10.41
C GLY C 201 -0.86 -29.57 -9.27
N THR C 202 0.45 -29.49 -9.09
CA THR C 202 1.16 -30.28 -8.10
C THR C 202 1.44 -29.46 -6.87
N VAL C 203 1.43 -30.12 -5.71
CA VAL C 203 1.77 -29.51 -4.44
C VAL C 203 2.88 -30.31 -3.80
N ILE C 204 3.97 -29.65 -3.42
CA ILE C 204 5.14 -30.30 -2.84
C ILE C 204 5.43 -29.65 -1.50
N GLY C 205 5.81 -30.46 -0.53
CA GLY C 205 6.24 -29.95 0.76
C GLY C 205 7.75 -29.84 0.86
N LEU C 206 8.45 -30.90 0.45
CA LEU C 206 9.90 -30.90 0.41
C LEU C 206 10.39 -31.63 -0.83
N ILE C 207 11.57 -31.26 -1.30
CA ILE C 207 12.29 -32.03 -2.31
C ILE C 207 13.67 -32.32 -1.74
N LEU C 208 13.89 -33.56 -1.32
CA LEU C 208 15.17 -34.00 -0.80
C LEU C 208 15.92 -34.70 -1.92
N GLU C 209 17.19 -34.35 -2.08
CA GLU C 209 17.99 -34.84 -3.19
C GLU C 209 19.19 -35.61 -2.68
N THR C 210 19.49 -36.72 -3.35
CA THR C 210 20.67 -37.51 -3.08
C THR C 210 21.27 -37.94 -4.40
N ASP C 211 22.59 -37.81 -4.52
CA ASP C 211 23.30 -38.18 -5.73
C ASP C 211 23.57 -39.67 -5.84
N GLU C 212 23.01 -40.46 -4.91
CA GLU C 212 23.29 -41.88 -4.87
C GLU C 212 22.07 -42.65 -4.35
N ILE C 213 21.92 -43.87 -4.85
CA ILE C 213 20.63 -44.57 -4.88
C ILE C 213 20.38 -45.25 -3.55
N LEU C 214 19.13 -45.17 -3.08
CA LEU C 214 18.78 -45.58 -1.71
C LEU C 214 17.50 -46.44 -1.68
N ASN C 215 17.45 -47.49 -2.51
CA ASN C 215 16.50 -48.58 -2.31
C ASN C 215 15.04 -48.18 -2.42
N LYS C 216 14.57 -47.95 -3.64
CA LYS C 216 13.24 -47.42 -3.94
C LYS C 216 12.13 -47.84 -2.98
N LYS C 217 12.06 -49.13 -2.63
CA LYS C 217 11.05 -49.56 -1.66
C LYS C 217 11.20 -48.79 -0.35
N LEU C 218 12.41 -48.81 0.21
CA LEU C 218 12.62 -48.19 1.51
C LEU C 218 12.65 -46.68 1.41
N ARG C 219 13.12 -46.15 0.27
CA ARG C 219 13.02 -44.72 0.02
C ARG C 219 11.57 -44.27 0.06
N GLU C 220 10.68 -45.04 -0.57
CA GLU C 220 9.26 -44.69 -0.59
C GLU C 220 8.64 -44.82 0.78
N ARG C 221 9.02 -45.86 1.54
CA ARG C 221 8.48 -45.99 2.89
C ARG C 221 8.92 -44.82 3.76
N LYS C 222 10.20 -44.43 3.68
CA LYS C 222 10.66 -43.27 4.41
C LYS C 222 9.94 -42.02 3.97
N GLN C 223 9.68 -41.89 2.67
CA GLN C 223 8.90 -40.76 2.17
C GLN C 223 7.53 -40.70 2.83
N GLU C 224 6.81 -41.83 2.88
CA GLU C 224 5.48 -41.83 3.48
C GLU C 224 5.55 -41.49 4.97
N GLU C 225 6.47 -42.12 5.70
CA GLU C 225 6.53 -41.90 7.15
C GLU C 225 6.93 -40.46 7.45
N LEU C 226 7.83 -39.90 6.65
CA LEU C 226 8.32 -38.55 6.91
C LEU C 226 7.27 -37.51 6.51
N GLN C 227 6.41 -37.86 5.54
CA GLN C 227 5.30 -36.98 5.21
C GLN C 227 4.25 -36.99 6.31
N LEU C 228 3.87 -38.19 6.79
CA LEU C 228 2.82 -38.26 7.79
C LEU C 228 3.31 -37.75 9.15
N ASP C 229 4.61 -37.82 9.40
CA ASP C 229 5.12 -37.43 10.70
C ASP C 229 5.21 -35.93 10.87
N TYR C 230 5.35 -35.17 9.77
CA TYR C 230 5.62 -33.75 9.84
C TYR C 230 4.39 -32.90 9.51
N ASN C 231 3.20 -33.49 9.58
CA ASN C 231 1.97 -32.75 9.41
C ASN C 231 1.37 -32.49 10.77
N PRO C 232 1.19 -31.23 11.19
CA PRO C 232 0.73 -30.98 12.56
C PRO C 232 -0.60 -31.63 12.88
N SER C 233 -1.46 -31.84 11.90
CA SER C 233 -2.72 -32.53 12.16
C SER C 233 -2.48 -33.97 12.59
N THR C 234 -1.53 -34.66 11.96
CA THR C 234 -1.29 -36.07 12.22
C THR C 234 0.16 -36.36 12.60
N GLY C 235 0.88 -35.37 13.14
CA GLY C 235 2.29 -35.57 13.45
C GLY C 235 2.69 -34.86 14.73
N GLN C 236 3.77 -35.34 15.31
CA GLN C 236 4.34 -34.80 16.53
C GLN C 236 5.84 -34.62 16.35
N SER C 237 6.24 -34.06 15.21
CA SER C 237 7.65 -33.82 14.93
C SER C 237 7.77 -32.68 13.95
N SER C 238 8.85 -31.91 14.07
CA SER C 238 9.06 -30.75 13.23
C SER C 238 10.51 -30.53 12.80
N VAL C 239 11.40 -31.49 13.01
CA VAL C 239 12.83 -31.29 12.77
C VAL C 239 13.33 -32.39 11.86
N LEU C 240 14.25 -32.04 10.95
CA LEU C 240 14.93 -32.99 10.09
C LEU C 240 16.42 -33.03 10.41
N ILE C 241 16.94 -34.22 10.62
CA ILE C 241 18.38 -34.46 10.71
C ILE C 241 18.73 -35.35 9.54
N LEU C 242 19.10 -34.74 8.42
CA LEU C 242 19.45 -35.50 7.22
C LEU C 242 20.83 -36.09 7.38
N ASP C 243 20.95 -37.39 7.13
CA ASP C 243 22.20 -38.10 7.32
C ASP C 243 22.73 -38.62 5.97
N GLY C 244 24.01 -38.95 5.96
CA GLY C 244 24.62 -39.54 4.80
C GLY C 244 24.89 -38.61 3.65
N GLY C 245 24.72 -37.30 3.83
CA GLY C 245 24.91 -36.34 2.77
C GLY C 245 23.66 -36.00 1.98
N MET C 246 22.50 -36.47 2.41
CA MET C 246 21.25 -36.12 1.75
C MET C 246 21.01 -34.62 1.85
N LYS C 247 20.66 -34.00 0.72
CA LYS C 247 20.47 -32.56 0.65
C LYS C 247 18.99 -32.24 0.50
N ALA C 248 18.64 -31.00 0.82
CA ALA C 248 17.27 -30.51 0.68
C ALA C 248 17.29 -29.34 -0.28
N LYS C 249 16.76 -29.53 -1.48
CA LYS C 249 16.79 -28.49 -2.49
C LYS C 249 15.79 -27.39 -2.13
N PRO C 250 16.22 -26.13 -2.06
CA PRO C 250 15.29 -25.06 -1.74
C PRO C 250 14.45 -24.66 -2.94
N TYR C 251 13.43 -25.47 -3.23
CA TYR C 251 12.58 -25.28 -4.39
C TYR C 251 11.61 -24.12 -4.15
N SER C 252 10.86 -23.78 -5.19
CA SER C 252 9.79 -22.80 -5.11
C SER C 252 8.70 -23.21 -6.10
N GLN C 253 7.46 -22.83 -5.80
CA GLN C 253 6.32 -23.21 -6.62
C GLN C 253 6.41 -22.50 -7.96
N ILE C 254 6.25 -23.26 -9.04
CA ILE C 254 6.50 -22.71 -10.37
C ILE C 254 5.45 -21.68 -10.75
N SER C 255 4.19 -22.12 -10.85
CA SER C 255 3.09 -21.26 -11.26
C SER C 255 1.99 -21.37 -10.20
N SER C 256 1.97 -20.41 -9.28
CA SER C 256 1.04 -20.46 -8.16
C SER C 256 -0.37 -20.09 -8.60
N PHE C 257 -1.33 -20.40 -7.74
CA PHE C 257 -2.73 -20.09 -8.01
C PHE C 257 -3.00 -18.58 -7.97
N LYS C 258 -2.12 -17.81 -7.32
CA LYS C 258 -2.35 -16.37 -7.20
C LYS C 258 -2.28 -15.68 -8.55
N ASP C 259 -1.53 -16.24 -9.50
CA ASP C 259 -1.43 -15.62 -10.82
C ASP C 259 -2.77 -15.63 -11.54
N LEU C 260 -3.54 -16.72 -11.40
CA LEU C 260 -4.82 -16.86 -12.07
C LEU C 260 -5.85 -15.99 -11.36
N ASP C 261 -5.79 -14.69 -11.65
CA ASP C 261 -6.74 -13.71 -11.10
C ASP C 261 -7.85 -13.52 -12.13
N PHE C 262 -8.73 -14.52 -12.21
CA PHE C 262 -9.81 -14.52 -13.19
C PHE C 262 -11.05 -13.76 -12.75
N LYS C 263 -11.09 -13.30 -11.49
CA LYS C 263 -12.34 -12.75 -10.96
C LYS C 263 -12.81 -11.54 -11.74
N GLU C 264 -11.89 -10.64 -12.09
CA GLU C 264 -12.29 -9.44 -12.80
C GLU C 264 -12.81 -9.77 -14.19
N ASP C 265 -12.15 -10.70 -14.88
CA ASP C 265 -12.63 -11.13 -16.20
C ASP C 265 -13.99 -11.80 -16.11
N ILE C 266 -14.19 -12.63 -15.09
CA ILE C 266 -15.47 -13.31 -14.92
C ILE C 266 -16.57 -12.29 -14.64
N GLU C 267 -16.29 -11.29 -13.81
CA GLU C 267 -17.27 -10.24 -13.57
C GLU C 267 -17.57 -9.46 -14.84
N GLY C 268 -16.54 -9.21 -15.66
CA GLY C 268 -16.78 -8.55 -16.94
C GLY C 268 -17.68 -9.36 -17.85
N PHE C 269 -17.45 -10.67 -17.93
CA PHE C 269 -18.30 -11.52 -18.76
C PHE C 269 -19.72 -11.59 -18.22
N ASN C 270 -19.88 -11.65 -16.90
CA ASN C 270 -21.21 -11.65 -16.32
C ASN C 270 -21.94 -10.33 -16.61
N LYS C 271 -21.22 -9.21 -16.52
CA LYS C 271 -21.82 -7.92 -16.83
C LYS C 271 -22.21 -7.85 -18.30
N SER C 272 -21.39 -8.41 -19.18
CA SER C 272 -21.73 -8.43 -20.60
C SER C 272 -22.97 -9.29 -20.86
N ILE C 273 -23.08 -10.44 -20.18
CA ILE C 273 -24.25 -11.30 -20.38
C ILE C 273 -25.51 -10.61 -19.88
N CYS C 274 -25.44 -10.02 -18.68
CA CYS C 274 -26.62 -9.35 -18.14
C CYS C 274 -26.93 -8.06 -18.89
N LEU C 275 -25.95 -7.52 -19.60
CA LEU C 275 -26.14 -6.25 -20.30
C LEU C 275 -26.98 -6.43 -21.56
N ALA C 276 -26.75 -7.53 -22.30
CA ALA C 276 -27.47 -7.73 -23.56
C ALA C 276 -28.96 -7.92 -23.32
N PHE C 277 -29.33 -8.63 -22.25
CA PHE C 277 -30.75 -8.82 -21.96
C PHE C 277 -31.37 -7.53 -21.43
N GLY C 278 -30.58 -6.71 -20.74
CA GLY C 278 -31.06 -5.42 -20.30
C GLY C 278 -31.29 -5.34 -18.80
N VAL C 279 -31.27 -6.48 -18.14
CA VAL C 279 -31.52 -6.48 -16.68
C VAL C 279 -30.38 -5.75 -15.97
N PRO C 280 -30.67 -4.80 -15.10
CA PRO C 280 -29.60 -4.13 -14.35
C PRO C 280 -28.94 -5.09 -13.38
N GLN C 281 -27.66 -4.85 -13.12
CA GLN C 281 -26.92 -5.71 -12.20
C GLN C 281 -27.43 -5.62 -10.77
N VAL C 282 -28.13 -4.54 -10.42
CA VAL C 282 -28.63 -4.40 -9.05
C VAL C 282 -29.77 -5.36 -8.78
N LEU C 283 -30.58 -5.66 -9.81
CA LEU C 283 -31.70 -6.57 -9.63
C LEU C 283 -31.23 -7.95 -9.17
N LEU C 284 -30.13 -8.43 -9.76
CA LEU C 284 -29.57 -9.72 -9.33
C LEU C 284 -29.04 -9.63 -7.91
N ASP C 285 -28.38 -8.54 -7.56
CA ASP C 285 -27.78 -8.36 -6.25
C ASP C 285 -28.81 -7.76 -5.29
N GLY C 286 -28.36 -7.31 -4.13
CA GLY C 286 -29.19 -6.58 -3.18
C GLY C 286 -28.89 -5.10 -3.23
N GLY C 287 -29.95 -4.28 -3.12
CA GLY C 287 -29.81 -2.85 -3.20
C GLY C 287 -30.53 -2.16 -2.05
N ASN C 288 -30.18 -0.89 -1.85
CA ASN C 288 -30.78 -0.09 -0.79
C ASN C 288 -32.18 0.35 -1.18
N ASN C 289 -32.75 1.23 -0.34
CA ASN C 289 -34.01 1.88 -0.70
C ASN C 289 -33.87 2.65 -2.00
N ALA C 290 -32.69 3.22 -2.27
CA ALA C 290 -32.47 4.02 -3.46
C ALA C 290 -32.17 3.18 -4.69
N ASN C 291 -31.96 1.88 -4.53
CA ASN C 291 -31.55 1.03 -5.64
C ASN C 291 -32.66 0.13 -6.15
N ILE C 292 -33.41 -0.51 -5.26
CA ILE C 292 -34.30 -1.60 -5.68
C ILE C 292 -35.41 -1.08 -6.58
N ARG C 293 -36.10 -0.03 -6.15
CA ARG C 293 -37.29 0.38 -6.90
C ARG C 293 -36.93 1.15 -8.16
N PRO C 294 -36.00 2.13 -8.13
CA PRO C 294 -35.60 2.75 -9.40
C PRO C 294 -35.03 1.77 -10.40
N ASN C 295 -34.26 0.79 -9.94
CA ASN C 295 -33.69 -0.18 -10.87
C ASN C 295 -34.75 -1.12 -11.42
N ILE C 296 -35.73 -1.50 -10.59
CA ILE C 296 -36.82 -2.32 -11.09
C ILE C 296 -37.64 -1.55 -12.12
N GLU C 297 -37.89 -0.26 -11.86
CA GLU C 297 -38.59 0.56 -12.84
C GLU C 297 -37.79 0.69 -14.13
N LEU C 298 -36.48 0.91 -14.01
CA LEU C 298 -35.65 1.01 -15.21
C LEU C 298 -35.68 -0.29 -16.00
N PHE C 299 -35.53 -1.42 -15.33
CA PHE C 299 -35.60 -2.71 -15.98
C PHE C 299 -36.92 -2.85 -16.72
N TYR C 300 -38.03 -2.87 -15.97
CA TYR C 300 -39.33 -3.07 -16.58
C TYR C 300 -39.53 -2.13 -17.76
N TYR C 301 -39.51 -0.82 -17.52
CA TYR C 301 -39.78 0.12 -18.59
C TYR C 301 -38.81 -0.09 -19.75
N MET C 302 -37.53 0.24 -19.54
CA MET C 302 -36.62 0.37 -20.67
C MET C 302 -36.42 -0.94 -21.42
N THR C 303 -36.35 -2.07 -20.71
CA THR C 303 -36.14 -3.33 -21.41
C THR C 303 -37.46 -3.95 -21.86
N ILE C 304 -38.35 -4.23 -20.92
CA ILE C 304 -39.53 -5.04 -21.24
C ILE C 304 -40.49 -4.25 -22.12
N ILE C 305 -40.79 -3.00 -21.76
CA ILE C 305 -41.93 -2.34 -22.37
C ILE C 305 -41.70 -2.02 -23.85
N PRO C 306 -40.47 -1.79 -24.32
CA PRO C 306 -40.26 -1.88 -25.77
C PRO C 306 -40.51 -3.27 -26.34
N MET C 307 -40.11 -4.31 -25.60
CA MET C 307 -40.27 -5.67 -26.09
C MET C 307 -41.74 -6.04 -26.22
N LEU C 308 -42.56 -5.65 -25.24
CA LEU C 308 -44.00 -5.84 -25.36
C LEU C 308 -44.64 -4.77 -26.24
N ASN C 309 -43.97 -3.65 -26.46
CA ASN C 309 -44.51 -2.63 -27.36
C ASN C 309 -44.46 -3.09 -28.79
N LYS C 310 -43.43 -3.87 -29.15
CA LYS C 310 -43.42 -4.50 -30.46
C LYS C 310 -44.64 -5.41 -30.63
N LEU C 311 -44.91 -6.23 -29.63
CA LEU C 311 -46.06 -7.13 -29.68
C LEU C 311 -47.37 -6.36 -29.76
N THR C 312 -47.52 -5.31 -28.97
CA THR C 312 -48.78 -4.56 -28.96
C THR C 312 -48.96 -3.75 -30.23
N SER C 313 -47.86 -3.24 -30.81
CA SER C 313 -47.96 -2.58 -32.10
C SER C 313 -48.40 -3.56 -33.18
N SER C 314 -47.83 -4.77 -33.18
CA SER C 314 -48.27 -5.77 -34.14
C SER C 314 -49.74 -6.10 -33.93
N LEU C 315 -50.18 -6.17 -32.67
CA LEU C 315 -51.58 -6.45 -32.38
C LEU C 315 -52.49 -5.32 -32.86
N THR C 316 -52.09 -4.06 -32.65
CA THR C 316 -52.95 -2.96 -33.06
C THR C 316 -52.94 -2.78 -34.57
N PHE C 317 -51.91 -3.28 -35.24
CA PHE C 317 -51.97 -3.40 -36.69
C PHE C 317 -52.94 -4.50 -37.12
N PHE C 318 -52.85 -5.66 -36.47
CA PHE C 318 -53.62 -6.82 -36.92
C PHE C 318 -55.11 -6.64 -36.66
N PHE C 319 -55.48 -6.24 -35.45
CA PHE C 319 -56.88 -6.12 -35.06
C PHE C 319 -57.44 -4.72 -35.21
N GLY C 320 -56.58 -3.71 -35.29
CA GLY C 320 -57.04 -2.34 -35.41
C GLY C 320 -57.40 -1.66 -34.12
N TYR C 321 -57.32 -2.36 -32.99
CA TYR C 321 -57.68 -1.81 -31.70
C TYR C 321 -56.42 -1.38 -30.98
N LYS C 322 -56.44 -0.16 -30.43
CA LYS C 322 -55.26 0.35 -29.73
C LYS C 322 -54.94 -0.52 -28.53
N ILE C 323 -53.85 -1.27 -28.61
CA ILE C 323 -53.42 -2.16 -27.54
C ILE C 323 -52.07 -1.67 -27.04
N THR C 324 -51.95 -1.47 -25.73
CA THR C 324 -50.73 -1.00 -25.13
C THR C 324 -50.36 -1.88 -23.93
N PRO C 325 -49.07 -2.04 -23.65
CA PRO C 325 -48.70 -2.75 -22.43
C PRO C 325 -48.99 -1.87 -21.22
N ASN C 326 -50.06 -2.22 -20.52
CA ASN C 326 -50.52 -1.46 -19.36
C ASN C 326 -50.42 -2.37 -18.16
N THR C 327 -49.38 -2.18 -17.35
CA THR C 327 -49.14 -3.14 -16.29
C THR C 327 -50.08 -2.91 -15.12
N LYS C 328 -49.84 -1.85 -14.35
CA LYS C 328 -50.77 -1.32 -13.36
C LYS C 328 -51.10 -2.36 -12.29
N GLU C 329 -50.61 -3.60 -12.48
CA GLU C 329 -50.94 -4.73 -11.64
C GLU C 329 -49.76 -5.62 -11.31
N VAL C 330 -48.64 -5.49 -12.02
CA VAL C 330 -47.49 -6.34 -11.75
C VAL C 330 -46.97 -6.07 -10.36
N ALA C 331 -46.51 -7.14 -9.69
CA ALA C 331 -46.10 -7.00 -8.30
C ALA C 331 -44.84 -6.16 -8.16
N ALA C 332 -43.97 -6.17 -9.14
CA ALA C 332 -42.70 -5.45 -9.03
C ALA C 332 -42.85 -3.95 -9.21
N LEU C 333 -43.95 -3.48 -9.78
CA LEU C 333 -44.16 -2.06 -10.03
C LEU C 333 -45.37 -1.50 -9.28
N THR C 334 -45.70 -2.09 -8.14
CA THR C 334 -46.79 -1.55 -7.33
C THR C 334 -46.37 -0.18 -6.79
N PRO C 335 -47.17 0.86 -7.01
CA PRO C 335 -46.76 2.20 -6.59
C PRO C 335 -46.65 2.31 -5.09
N ASP C 336 -45.78 3.21 -4.64
CA ASP C 336 -45.64 3.48 -3.22
C ASP C 336 -46.99 3.94 -2.66
N LYS C 337 -47.46 3.25 -1.63
CA LYS C 337 -48.82 3.48 -1.15
C LYS C 337 -49.00 4.91 -0.65
N GLU C 338 -48.03 5.41 0.11
CA GLU C 338 -48.15 6.75 0.66
C GLU C 338 -48.15 7.82 -0.42
N ALA C 339 -47.16 7.77 -1.32
CA ALA C 339 -47.07 8.78 -2.37
C ALA C 339 -48.25 8.68 -3.33
N GLU C 340 -48.64 7.46 -3.70
CA GLU C 340 -49.79 7.30 -4.58
C GLU C 340 -51.05 7.86 -3.94
N ALA C 341 -51.26 7.54 -2.66
CA ALA C 341 -52.41 8.08 -1.94
C ALA C 341 -52.37 9.60 -1.93
N LYS C 342 -51.19 10.18 -1.67
CA LYS C 342 -51.10 11.63 -1.57
C LYS C 342 -51.45 12.29 -2.90
N HIS C 343 -50.91 11.79 -4.01
CA HIS C 343 -51.17 12.49 -5.26
C HIS C 343 -52.60 12.28 -5.71
N LEU C 344 -53.15 11.08 -5.52
CA LEU C 344 -54.55 10.84 -5.90
C LEU C 344 -55.48 11.70 -5.06
N THR C 345 -55.23 11.80 -3.76
CA THR C 345 -56.08 12.61 -2.90
C THR C 345 -56.00 14.09 -3.29
N SER C 346 -54.78 14.58 -3.58
CA SER C 346 -54.65 15.97 -3.99
C SER C 346 -55.39 16.23 -5.30
N LEU C 347 -55.26 15.32 -6.25
CA LEU C 347 -55.94 15.48 -7.53
C LEU C 347 -57.46 15.47 -7.35
N VAL C 348 -57.98 14.58 -6.50
CA VAL C 348 -59.42 14.53 -6.27
C VAL C 348 -59.90 15.81 -5.57
N ASN C 349 -59.16 16.25 -4.56
CA ASN C 349 -59.59 17.43 -3.80
C ASN C 349 -59.60 18.68 -4.68
N ASN C 350 -58.56 18.88 -5.49
CA ASN C 350 -58.47 20.07 -6.33
C ASN C 350 -59.30 19.97 -7.59
N GLY C 351 -60.07 18.89 -7.76
CA GLY C 351 -61.05 18.80 -8.81
C GLY C 351 -60.48 18.61 -10.21
N ILE C 352 -59.24 18.16 -10.34
CA ILE C 352 -58.71 17.86 -11.67
C ILE C 352 -59.34 16.59 -12.22
N ILE C 353 -59.47 15.56 -11.40
CA ILE C 353 -59.94 14.25 -11.84
C ILE C 353 -61.17 13.85 -11.03
N THR C 354 -62.03 13.04 -11.62
CA THR C 354 -63.12 12.44 -10.89
C THR C 354 -62.60 11.34 -9.97
N GLY C 355 -63.34 11.09 -8.89
CA GLY C 355 -62.89 10.09 -7.93
C GLY C 355 -63.01 8.67 -8.45
N ASN C 356 -63.94 8.43 -9.37
CA ASN C 356 -64.13 7.08 -9.88
C ASN C 356 -62.90 6.60 -10.66
N GLU C 357 -62.32 7.45 -11.50
CA GLU C 357 -61.14 7.01 -12.23
C GLU C 357 -59.93 6.95 -11.31
N ALA C 358 -59.96 7.68 -10.19
CA ALA C 358 -58.96 7.50 -9.15
C ALA C 358 -59.07 6.10 -8.54
N ARG C 359 -60.29 5.65 -8.28
CA ARG C 359 -60.50 4.27 -7.85
C ARG C 359 -60.00 3.29 -8.89
N SER C 360 -60.25 3.60 -10.17
CA SER C 360 -59.75 2.75 -11.25
C SER C 360 -58.23 2.68 -11.25
N GLU C 361 -57.56 3.82 -11.04
CA GLU C 361 -56.11 3.84 -10.91
C GLU C 361 -55.63 3.14 -9.65
N LEU C 362 -56.52 2.96 -8.67
CA LEU C 362 -56.23 2.14 -7.50
C LEU C 362 -56.56 0.67 -7.69
N ASN C 363 -57.01 0.28 -8.89
CA ASN C 363 -57.35 -1.08 -9.25
C ASN C 363 -58.58 -1.61 -8.52
N LEU C 364 -59.49 -0.73 -8.13
CA LEU C 364 -60.76 -1.16 -7.55
C LEU C 364 -61.87 -1.03 -8.60
N GLU C 365 -63.10 -1.33 -8.20
CA GLU C 365 -64.27 -1.24 -9.06
C GLU C 365 -65.01 0.07 -8.82
N PRO C 366 -65.18 0.91 -9.84
CA PRO C 366 -65.96 2.14 -9.67
C PRO C 366 -67.39 1.81 -9.22
N LEU C 367 -67.92 2.65 -8.34
CA LEU C 367 -69.24 2.44 -7.76
C LEU C 367 -70.22 3.46 -8.32
N ASP C 368 -71.46 3.02 -8.51
CA ASP C 368 -72.49 3.84 -9.14
C ASP C 368 -73.15 4.75 -8.10
N ASP C 369 -72.59 5.95 -7.99
CA ASP C 369 -73.14 7.00 -7.14
C ASP C 369 -73.25 8.31 -7.93
N GLU C 370 -74.15 9.18 -7.46
CA GLU C 370 -74.37 10.46 -8.12
C GLU C 370 -73.30 11.48 -7.77
N GLN C 371 -73.03 11.68 -6.48
CA GLN C 371 -72.01 12.61 -6.03
C GLN C 371 -70.60 12.12 -6.30
N MET C 372 -70.42 10.82 -6.53
CA MET C 372 -69.10 10.22 -6.68
C MET C 372 -68.60 10.26 -8.12
N ASN C 373 -69.49 10.45 -9.10
CA ASN C 373 -69.14 10.38 -10.52
C ASN C 373 -68.79 11.74 -11.12
N LYS C 374 -68.84 12.82 -10.35
CA LYS C 374 -68.61 14.15 -10.88
C LYS C 374 -67.53 14.86 -10.08
N ILE C 375 -66.84 15.77 -10.77
CA ILE C 375 -65.75 16.51 -10.15
C ILE C 375 -66.28 17.37 -9.01
N ARG C 376 -65.55 17.38 -7.88
CA ARG C 376 -66.08 18.00 -6.67
C ARG C 376 -66.16 19.51 -6.78
N ILE C 377 -65.27 20.14 -7.55
CA ILE C 377 -65.23 21.60 -7.69
C ILE C 377 -65.15 22.25 -6.32
N PRO C 378 -63.99 22.21 -5.66
CA PRO C 378 -63.93 22.76 -4.28
C PRO C 378 -64.39 24.20 -4.17
N ALA C 379 -64.07 25.04 -5.16
CA ALA C 379 -64.52 26.44 -5.22
C ALA C 379 -64.07 27.13 -3.93
N ASN C 380 -64.98 27.46 -3.02
CA ASN C 380 -64.62 28.10 -1.75
C ASN C 380 -63.65 27.23 -0.94
N LEU D 11 -58.59 -24.78 -34.98
CA LEU D 11 -57.47 -25.71 -34.87
C LEU D 11 -56.27 -25.21 -35.68
N ASN D 12 -55.08 -25.40 -35.13
CA ASN D 12 -53.87 -24.92 -35.78
C ASN D 12 -53.46 -25.87 -36.89
N PRO D 13 -53.38 -25.43 -38.15
CA PRO D 13 -52.93 -26.33 -39.22
C PRO D 13 -51.49 -26.79 -39.09
N GLY D 14 -50.67 -26.10 -38.31
CA GLY D 14 -49.29 -26.49 -38.15
C GLY D 14 -49.02 -27.28 -36.89
N GLN D 15 -50.08 -27.71 -36.20
CA GLN D 15 -49.90 -28.42 -34.94
C GLN D 15 -49.27 -29.79 -35.15
N ARG D 16 -49.58 -30.47 -36.25
CA ARG D 16 -49.01 -31.79 -36.46
C ARG D 16 -47.50 -31.71 -36.71
N ILE D 17 -47.02 -30.62 -37.31
CA ILE D 17 -45.58 -30.43 -37.40
C ILE D 17 -44.98 -30.20 -36.02
N ILE D 18 -45.72 -29.51 -35.14
CA ILE D 18 -45.24 -29.35 -33.77
C ILE D 18 -45.12 -30.71 -33.09
N ARG D 19 -46.11 -31.58 -33.30
CA ARG D 19 -46.02 -32.93 -32.75
C ARG D 19 -44.82 -33.68 -33.32
N ASP D 20 -44.60 -33.56 -34.63
CA ASP D 20 -43.48 -34.27 -35.25
C ASP D 20 -42.14 -33.77 -34.73
N MET D 21 -42.03 -32.47 -34.46
CA MET D 21 -40.75 -31.93 -33.99
C MET D 21 -40.51 -32.24 -32.51
N GLU D 22 -41.58 -32.52 -31.76
CA GLU D 22 -41.44 -32.87 -30.35
C GLU D 22 -42.67 -33.63 -29.89
N PRO D 23 -42.73 -34.94 -30.07
CA PRO D 23 -43.96 -35.68 -29.74
C PRO D 23 -44.11 -35.92 -28.24
N VAL D 24 -43.00 -36.10 -27.54
CA VAL D 24 -43.02 -36.45 -26.12
C VAL D 24 -42.14 -35.49 -25.35
N SER D 25 -42.63 -35.07 -24.19
CA SER D 25 -41.88 -34.19 -23.31
C SER D 25 -40.59 -34.85 -22.86
N HIS D 26 -39.57 -34.01 -22.67
CA HIS D 26 -38.23 -34.46 -22.30
C HIS D 26 -37.95 -34.05 -20.87
N ARG D 27 -37.48 -35.00 -20.06
CA ARG D 27 -37.07 -34.69 -18.70
C ARG D 27 -35.82 -33.80 -18.74
N THR D 28 -35.85 -32.72 -17.98
CA THR D 28 -34.80 -31.72 -18.02
C THR D 28 -33.82 -31.81 -16.86
N ASN D 29 -34.21 -32.38 -15.72
CA ASN D 29 -33.29 -32.62 -14.62
C ASN D 29 -32.42 -33.81 -15.01
N ARG D 30 -31.37 -33.50 -15.78
CA ARG D 30 -30.61 -34.56 -16.45
C ARG D 30 -29.98 -35.51 -15.44
N LYS D 31 -29.40 -34.97 -14.37
CA LYS D 31 -28.83 -35.82 -13.32
C LYS D 31 -29.57 -35.61 -12.01
N PRO D 32 -30.49 -36.51 -11.65
CA PRO D 32 -31.26 -36.31 -10.41
C PRO D 32 -30.48 -36.62 -9.15
N PHE D 33 -29.66 -37.67 -9.16
CA PHE D 33 -28.98 -38.08 -7.94
C PHE D 33 -27.96 -37.04 -7.47
N THR D 34 -27.23 -36.44 -8.41
CA THR D 34 -26.28 -35.40 -8.01
C THR D 34 -27.01 -34.21 -7.41
N THR D 35 -28.17 -33.84 -7.99
CA THR D 35 -28.98 -32.78 -7.41
C THR D 35 -29.44 -33.14 -6.00
N GLY D 36 -29.87 -34.38 -5.79
CA GLY D 36 -30.30 -34.78 -4.47
C GLY D 36 -29.19 -34.73 -3.45
N GLN D 37 -28.01 -35.24 -3.83
CA GLN D 37 -26.87 -35.19 -2.93
C GLN D 37 -26.46 -33.76 -2.61
N ALA D 38 -26.46 -32.89 -3.62
CA ALA D 38 -26.11 -31.50 -3.38
C ALA D 38 -27.11 -30.82 -2.45
N TYR D 39 -28.40 -31.03 -2.69
CA TYR D 39 -29.41 -30.43 -1.82
C TYR D 39 -29.32 -30.97 -0.40
N SER D 40 -28.94 -32.24 -0.26
CA SER D 40 -28.88 -32.83 1.08
C SER D 40 -27.63 -32.39 1.83
N LYS D 41 -26.50 -32.22 1.14
CA LYS D 41 -25.22 -32.07 1.81
C LYS D 41 -24.49 -30.77 1.45
N ILE D 42 -25.14 -29.84 0.74
CA ILE D 42 -24.57 -28.53 0.48
C ILE D 42 -25.53 -27.49 1.05
N GLU D 43 -25.06 -26.68 2.02
CA GLU D 43 -25.88 -25.70 2.77
C GLU D 43 -26.23 -24.44 2.18
N ILE D 44 -25.61 -24.10 1.11
CA ILE D 44 -26.05 -22.93 0.36
C ILE D 44 -27.25 -23.29 -0.53
N LEU D 45 -27.14 -24.40 -1.26
CA LEU D 45 -28.27 -24.84 -2.08
C LEU D 45 -29.46 -25.23 -1.20
N ASN D 46 -29.20 -25.93 -0.10
CA ASN D 46 -30.27 -26.33 0.80
C ASN D 46 -31.05 -25.11 1.26
N ARG D 47 -30.35 -24.11 1.80
CA ARG D 47 -31.02 -22.93 2.33
C ARG D 47 -31.72 -22.15 1.23
N THR D 48 -31.08 -21.99 0.07
CA THR D 48 -31.68 -21.19 -0.99
C THR D 48 -32.95 -21.84 -1.52
N ALA D 49 -32.88 -23.13 -1.85
CA ALA D 49 -34.07 -23.83 -2.34
C ALA D 49 -35.15 -23.88 -1.29
N ASN D 50 -34.79 -24.13 -0.03
CA ASN D 50 -35.79 -24.17 1.03
C ASN D 50 -36.47 -22.82 1.20
N MET D 51 -35.69 -21.74 1.12
CA MET D 51 -36.27 -20.41 1.25
C MET D 51 -37.23 -20.11 0.10
N VAL D 52 -36.83 -20.45 -1.13
CA VAL D 52 -37.71 -20.19 -2.27
C VAL D 52 -39.00 -20.98 -2.14
N ILE D 53 -38.88 -22.27 -1.79
CA ILE D 53 -40.07 -23.11 -1.70
C ILE D 53 -40.99 -22.65 -0.58
N ASP D 54 -40.43 -22.39 0.60
CA ASP D 54 -41.26 -21.96 1.72
C ASP D 54 -41.92 -20.62 1.44
N SER D 55 -41.18 -19.67 0.87
CA SER D 55 -41.77 -18.39 0.49
C SER D 55 -42.83 -18.52 -0.57
N ALA D 56 -42.75 -19.54 -1.43
CA ALA D 56 -43.80 -19.81 -2.41
C ALA D 56 -44.91 -20.65 -1.82
N ALA D 57 -44.82 -21.02 -0.55
CA ALA D 57 -45.86 -21.78 0.13
C ALA D 57 -46.69 -20.94 1.09
N GLU D 58 -46.29 -19.70 1.35
CA GLU D 58 -47.01 -18.84 2.29
C GLU D 58 -48.05 -17.96 1.61
N CYS D 59 -47.97 -17.79 0.30
CA CYS D 59 -48.86 -16.87 -0.39
C CYS D 59 -50.22 -17.52 -0.63
N SER D 60 -51.27 -16.91 -0.08
CA SER D 60 -52.61 -17.42 -0.27
C SER D 60 -53.12 -17.05 -1.66
N TYR D 61 -54.19 -17.73 -2.08
CA TYR D 61 -54.79 -17.52 -3.38
C TYR D 61 -56.21 -17.00 -3.20
N THR D 62 -56.52 -15.88 -3.85
CA THR D 62 -57.84 -15.27 -3.81
C THR D 62 -58.50 -15.44 -5.17
N VAL D 63 -59.64 -16.10 -5.20
CA VAL D 63 -60.37 -16.36 -6.43
C VAL D 63 -61.26 -15.15 -6.73
N GLY D 64 -61.34 -14.79 -8.00
CA GLY D 64 -62.09 -13.62 -8.40
C GLY D 64 -63.43 -13.94 -9.04
N ASP D 65 -63.71 -13.34 -10.19
CA ASP D 65 -64.97 -13.54 -10.88
C ASP D 65 -64.91 -14.78 -11.76
N LYS D 66 -66.06 -15.13 -12.33
CA LYS D 66 -66.18 -16.27 -13.23
C LYS D 66 -66.06 -15.79 -14.66
N TYR D 67 -65.12 -16.36 -15.40
CA TYR D 67 -64.97 -16.08 -16.82
C TYR D 67 -65.95 -16.94 -17.60
N ASN D 68 -66.82 -16.30 -18.37
CA ASN D 68 -67.92 -16.99 -19.04
C ASN D 68 -67.40 -17.76 -20.26
N ILE D 69 -66.48 -18.68 -19.98
CA ILE D 69 -65.86 -19.52 -20.99
C ILE D 69 -65.95 -20.97 -20.53
N VAL D 70 -65.82 -21.88 -21.48
CA VAL D 70 -65.84 -23.32 -21.20
C VAL D 70 -64.43 -23.75 -20.83
N THR D 71 -64.30 -24.42 -19.69
CA THR D 71 -63.01 -24.89 -19.20
C THR D 71 -63.04 -26.40 -18.97
N TYR D 72 -61.86 -26.95 -18.66
CA TYR D 72 -61.75 -28.38 -18.46
C TYR D 72 -62.54 -28.83 -17.24
N ALA D 73 -62.53 -28.04 -16.18
CA ALA D 73 -63.31 -28.32 -14.98
C ALA D 73 -64.46 -27.33 -14.88
N ASN D 74 -65.68 -27.84 -14.93
CA ASN D 74 -66.87 -27.01 -14.85
C ASN D 74 -67.82 -27.57 -13.81
N GLY D 75 -68.59 -26.68 -13.20
CA GLY D 75 -69.51 -27.04 -12.15
C GLY D 75 -68.96 -26.92 -10.75
N VAL D 76 -67.78 -26.33 -10.58
CA VAL D 76 -67.17 -26.14 -9.27
C VAL D 76 -67.56 -24.77 -8.73
N LYS D 77 -68.02 -24.75 -7.49
CA LYS D 77 -68.45 -23.49 -6.88
C LYS D 77 -67.25 -22.67 -6.43
N THR D 78 -67.43 -21.35 -6.42
CA THR D 78 -66.34 -20.46 -6.04
C THR D 78 -65.88 -20.70 -4.61
N LYS D 79 -66.84 -20.80 -3.69
CA LYS D 79 -66.49 -21.00 -2.28
C LYS D 79 -65.79 -22.34 -2.08
N THR D 80 -66.28 -23.40 -2.74
CA THR D 80 -65.65 -24.70 -2.60
C THR D 80 -64.23 -24.67 -3.10
N LEU D 81 -63.99 -24.06 -4.26
CA LEU D 81 -62.63 -24.00 -4.79
C LEU D 81 -61.74 -23.16 -3.88
N ASP D 82 -62.24 -22.05 -3.37
CA ASP D 82 -61.44 -21.21 -2.49
C ASP D 82 -61.04 -21.95 -1.23
N THR D 83 -62.01 -22.57 -0.54
CA THR D 83 -61.70 -23.27 0.70
C THR D 83 -60.82 -24.47 0.44
N LEU D 84 -60.96 -25.11 -0.72
CA LEU D 84 -60.16 -26.29 -1.01
C LEU D 84 -58.73 -25.91 -1.37
N LEU D 85 -58.54 -24.78 -2.04
CA LEU D 85 -57.22 -24.32 -2.44
C LEU D 85 -56.50 -23.55 -1.34
N ASN D 86 -57.21 -23.13 -0.29
CA ASN D 86 -56.56 -22.42 0.81
C ASN D 86 -56.64 -23.15 2.14
N VAL D 87 -57.31 -24.30 2.22
CA VAL D 87 -57.45 -25.02 3.48
C VAL D 87 -56.92 -26.45 3.37
N ARG D 88 -57.53 -27.23 2.50
CA ARG D 88 -57.19 -28.65 2.41
C ARG D 88 -57.42 -29.15 1.00
N PRO D 89 -56.37 -29.32 0.19
CA PRO D 89 -56.56 -29.78 -1.19
C PRO D 89 -57.15 -31.17 -1.25
N ASN D 90 -56.50 -32.10 -0.60
CA ASN D 90 -56.92 -33.49 -0.58
C ASN D 90 -57.64 -33.81 0.72
N PRO D 91 -58.56 -34.77 0.70
CA PRO D 91 -59.10 -35.30 1.96
C PRO D 91 -58.06 -36.00 2.81
N PHE D 92 -56.81 -36.09 2.35
CA PHE D 92 -55.79 -36.86 3.03
C PHE D 92 -54.48 -36.09 3.23
N MET D 93 -54.34 -34.90 2.66
CA MET D 93 -53.06 -34.21 2.59
C MET D 93 -53.23 -32.76 3.01
N ASP D 94 -52.15 -32.17 3.53
CA ASP D 94 -52.15 -30.81 4.04
C ASP D 94 -52.19 -29.79 2.89
N ILE D 95 -52.36 -28.52 3.27
CA ILE D 95 -52.24 -27.44 2.31
C ILE D 95 -50.77 -27.07 2.08
N SER D 96 -50.00 -26.93 3.16
CA SER D 96 -48.60 -26.54 3.01
C SER D 96 -47.80 -27.65 2.35
N THR D 97 -48.07 -28.90 2.69
CA THR D 97 -47.37 -30.01 2.06
C THR D 97 -47.64 -30.05 0.56
N PHE D 98 -48.89 -29.90 0.15
CA PHE D 98 -49.23 -29.93 -1.26
C PHE D 98 -48.59 -28.77 -2.01
N ARG D 99 -48.67 -27.57 -1.41
CA ARG D 99 -48.10 -26.39 -2.06
C ARG D 99 -46.58 -26.53 -2.18
N ARG D 100 -45.92 -27.05 -1.14
CA ARG D 100 -44.48 -27.24 -1.19
C ARG D 100 -44.09 -28.30 -2.21
N LEU D 101 -44.87 -29.38 -2.31
CA LEU D 101 -44.60 -30.37 -3.36
C LEU D 101 -44.72 -29.76 -4.74
N VAL D 102 -45.77 -28.95 -4.97
CA VAL D 102 -45.92 -28.31 -6.27
C VAL D 102 -44.74 -27.40 -6.59
N VAL D 103 -44.33 -26.59 -5.61
CA VAL D 103 -43.26 -25.63 -5.85
C VAL D 103 -41.91 -26.35 -6.05
N THR D 104 -41.67 -27.40 -5.28
CA THR D 104 -40.41 -28.13 -5.44
C THR D 104 -40.38 -28.91 -6.74
N ASP D 105 -41.54 -29.36 -7.24
CA ASP D 105 -41.58 -29.92 -8.58
C ASP D 105 -41.30 -28.86 -9.63
N LEU D 106 -41.84 -27.65 -9.43
CA LEU D 106 -41.59 -26.57 -10.38
C LEU D 106 -40.13 -26.18 -10.42
N LEU D 107 -39.43 -26.24 -9.29
CA LEU D 107 -38.01 -25.90 -9.27
C LEU D 107 -37.13 -27.05 -9.72
N PHE D 108 -37.13 -28.16 -8.97
CA PHE D 108 -36.13 -29.20 -9.20
C PHE D 108 -36.35 -29.91 -10.53
N GLU D 109 -37.59 -29.98 -11.01
CA GLU D 109 -37.87 -30.38 -12.38
C GLU D 109 -38.40 -29.17 -13.13
N GLY D 110 -38.41 -29.28 -14.46
CA GLY D 110 -38.85 -28.15 -15.27
C GLY D 110 -40.31 -27.81 -15.07
N CYS D 111 -41.15 -28.83 -14.87
CA CYS D 111 -42.58 -28.66 -14.81
C CYS D 111 -43.12 -29.17 -13.48
N ALA D 112 -44.40 -28.87 -13.22
CA ALA D 112 -45.10 -29.35 -12.04
C ALA D 112 -46.50 -29.78 -12.46
N TYR D 113 -46.99 -30.85 -11.85
CA TYR D 113 -48.27 -31.44 -12.24
C TYR D 113 -49.16 -31.57 -11.03
N ILE D 114 -50.43 -31.20 -11.20
CA ILE D 114 -51.44 -31.32 -10.14
C ILE D 114 -52.64 -32.06 -10.73
N TYR D 115 -52.93 -33.23 -10.20
CA TYR D 115 -54.09 -33.97 -10.67
C TYR D 115 -55.37 -33.40 -10.07
N TRP D 116 -56.43 -33.41 -10.87
CA TRP D 116 -57.74 -32.91 -10.45
C TRP D 116 -58.70 -34.09 -10.43
N ASP D 117 -59.13 -34.49 -9.24
CA ASP D 117 -60.12 -35.55 -9.10
C ASP D 117 -61.50 -34.96 -9.37
N GLY D 118 -62.55 -35.70 -9.04
CA GLY D 118 -63.89 -35.15 -9.18
C GLY D 118 -64.12 -33.95 -8.28
N THR D 119 -63.61 -34.00 -7.06
CA THR D 119 -63.87 -32.95 -6.08
C THR D 119 -62.63 -32.45 -5.33
N SER D 120 -61.43 -32.84 -5.72
CA SER D 120 -60.23 -32.42 -5.00
C SER D 120 -59.01 -32.50 -5.92
N LEU D 121 -58.01 -31.68 -5.63
CA LEU D 121 -56.76 -31.67 -6.37
C LEU D 121 -55.71 -32.50 -5.65
N TYR D 122 -55.35 -33.63 -6.25
CA TYR D 122 -54.24 -34.46 -5.79
C TYR D 122 -52.96 -34.03 -6.47
N HIS D 123 -51.84 -34.11 -5.75
CA HIS D 123 -50.55 -33.83 -6.36
C HIS D 123 -49.94 -35.09 -6.96
N VAL D 124 -49.37 -34.95 -8.14
CA VAL D 124 -48.61 -36.02 -8.78
C VAL D 124 -47.21 -35.50 -9.08
N PRO D 125 -46.15 -36.21 -8.69
CA PRO D 125 -44.80 -35.73 -8.96
C PRO D 125 -44.54 -35.62 -10.44
N ALA D 126 -43.85 -34.53 -10.82
CA ALA D 126 -43.47 -34.31 -12.21
C ALA D 126 -42.16 -34.99 -12.57
N ALA D 127 -41.52 -35.66 -11.61
CA ALA D 127 -40.27 -36.34 -11.89
C ALA D 127 -40.46 -37.60 -12.71
N LEU D 128 -41.70 -38.08 -12.82
CA LEU D 128 -41.98 -39.34 -13.49
C LEU D 128 -42.84 -39.19 -14.74
N MET D 129 -43.49 -38.05 -14.93
CA MET D 129 -44.47 -37.91 -16.00
C MET D 129 -43.86 -37.34 -17.27
N GLN D 130 -44.30 -37.88 -18.40
CA GLN D 130 -44.01 -37.35 -19.72
C GLN D 130 -45.32 -36.91 -20.35
N VAL D 131 -45.28 -35.83 -21.12
CA VAL D 131 -46.46 -35.33 -21.81
C VAL D 131 -46.34 -35.65 -23.29
N GLU D 132 -47.39 -36.23 -23.85
CA GLU D 132 -47.42 -36.57 -25.26
C GLU D 132 -48.29 -35.55 -26.00
N ALA D 133 -47.70 -34.85 -26.96
CA ALA D 133 -48.46 -33.88 -27.72
C ALA D 133 -49.47 -34.56 -28.63
N ASP D 134 -50.53 -33.83 -28.96
CA ASP D 134 -51.56 -34.33 -29.86
C ASP D 134 -51.29 -33.83 -31.27
N ALA D 135 -51.64 -34.67 -32.25
CA ALA D 135 -51.49 -34.29 -33.64
C ALA D 135 -52.38 -33.12 -34.02
N ASN D 136 -53.41 -32.83 -33.24
CA ASN D 136 -54.41 -31.84 -33.61
C ASN D 136 -54.43 -30.63 -32.67
N LYS D 137 -54.68 -30.82 -31.38
CA LYS D 137 -55.01 -29.65 -30.57
C LYS D 137 -53.87 -29.04 -29.76
N PHE D 138 -53.49 -29.65 -28.63
CA PHE D 138 -52.28 -29.27 -27.91
C PHE D 138 -51.54 -30.47 -27.37
N ILE D 139 -52.28 -31.39 -26.77
CA ILE D 139 -51.74 -32.47 -25.95
C ILE D 139 -52.70 -33.65 -26.02
N LYS D 140 -52.19 -34.82 -26.39
CA LYS D 140 -53.02 -36.01 -26.44
C LYS D 140 -53.34 -36.53 -25.04
N LYS D 141 -52.31 -36.95 -24.31
CA LYS D 141 -52.51 -37.48 -22.97
C LYS D 141 -51.21 -37.39 -22.19
N PHE D 142 -51.35 -37.38 -20.86
CA PHE D 142 -50.21 -37.32 -19.95
C PHE D 142 -49.80 -38.75 -19.59
N ILE D 143 -48.49 -38.97 -19.52
CA ILE D 143 -47.93 -40.30 -19.32
C ILE D 143 -47.31 -40.33 -17.93
N PHE D 144 -48.08 -40.77 -16.94
CA PHE D 144 -47.54 -40.92 -15.58
C PHE D 144 -46.82 -42.25 -15.48
N ASN D 145 -45.48 -42.20 -15.52
CA ASN D 145 -44.68 -43.41 -15.62
C ASN D 145 -45.14 -44.17 -16.85
N ASN D 146 -46.05 -45.11 -16.66
CA ASN D 146 -46.80 -45.73 -17.75
C ASN D 146 -48.19 -46.05 -17.21
N GLN D 147 -48.92 -46.89 -17.94
CA GLN D 147 -50.19 -47.45 -17.47
C GLN D 147 -51.30 -46.42 -17.32
N ILE D 148 -51.17 -45.49 -16.37
CA ILE D 148 -52.27 -44.61 -15.97
C ILE D 148 -52.91 -43.90 -17.15
N ASN D 149 -52.14 -43.09 -17.86
CA ASN D 149 -52.64 -42.33 -19.01
C ASN D 149 -53.80 -41.42 -18.58
N TYR D 150 -53.47 -40.44 -17.75
CA TYR D 150 -54.49 -39.66 -17.04
C TYR D 150 -55.57 -39.15 -17.98
N ARG D 151 -55.21 -38.20 -18.86
CA ARG D 151 -55.98 -37.66 -19.98
C ARG D 151 -55.50 -36.25 -20.30
N VAL D 152 -56.16 -35.24 -19.72
CA VAL D 152 -55.84 -33.83 -19.90
C VAL D 152 -56.91 -32.99 -19.22
N ASP D 153 -58.16 -33.47 -19.27
CA ASP D 153 -59.28 -32.73 -18.72
C ASP D 153 -59.31 -32.75 -17.20
N GLU D 154 -58.52 -33.61 -16.56
CA GLU D 154 -58.51 -33.71 -15.10
C GLU D 154 -57.11 -33.59 -14.51
N ILE D 155 -56.16 -33.00 -15.23
CA ILE D 155 -54.82 -32.75 -14.71
C ILE D 155 -54.39 -31.35 -15.10
N ILE D 156 -53.66 -30.69 -14.21
CA ILE D 156 -53.24 -29.31 -14.40
C ILE D 156 -51.76 -29.27 -14.73
N PHE D 157 -51.42 -28.56 -15.80
CA PHE D 157 -50.07 -28.50 -16.33
C PHE D 157 -49.46 -27.16 -15.92
N ILE D 158 -48.29 -27.22 -15.28
CA ILE D 158 -47.53 -26.03 -14.91
C ILE D 158 -46.18 -26.14 -15.59
N LYS D 159 -45.88 -25.19 -16.48
CA LYS D 159 -44.67 -25.25 -17.29
C LYS D 159 -43.81 -24.03 -17.00
N ASP D 160 -42.54 -24.27 -16.68
CA ASP D 160 -41.54 -23.23 -16.62
C ASP D 160 -40.89 -23.10 -17.98
N ASN D 161 -40.71 -21.85 -18.43
CA ASN D 161 -40.20 -21.60 -19.77
C ASN D 161 -38.89 -22.33 -20.02
N SER D 162 -38.77 -22.93 -21.21
CA SER D 162 -37.63 -23.77 -21.52
C SER D 162 -37.12 -23.51 -22.92
N TYR D 163 -35.83 -23.74 -23.11
CA TYR D 163 -35.20 -23.80 -24.43
C TYR D 163 -34.31 -25.04 -24.41
N VAL D 164 -34.89 -26.19 -24.77
CA VAL D 164 -34.17 -27.45 -24.80
C VAL D 164 -34.02 -27.89 -26.24
N CYS D 165 -32.91 -28.55 -26.54
CA CYS D 165 -32.58 -28.99 -27.91
C CYS D 165 -32.51 -27.74 -28.78
N GLY D 166 -32.80 -27.89 -30.08
CA GLY D 166 -32.71 -26.76 -30.99
C GLY D 166 -33.78 -25.71 -30.76
N THR D 167 -35.02 -26.14 -30.51
CA THR D 167 -36.16 -25.25 -30.54
C THR D 167 -36.87 -25.23 -29.20
N ASN D 168 -37.49 -24.10 -28.87
CA ASN D 168 -38.27 -24.00 -27.65
C ASN D 168 -39.50 -24.90 -27.75
N SER D 169 -40.06 -25.17 -26.60
CA SER D 169 -41.09 -26.14 -26.63
C SER D 169 -42.35 -25.81 -26.04
N GLN D 170 -43.38 -26.23 -26.73
CA GLN D 170 -44.72 -26.02 -26.22
C GLN D 170 -44.97 -26.81 -24.95
N ILE D 171 -44.09 -27.76 -24.63
CA ILE D 171 -44.26 -28.72 -23.55
C ILE D 171 -43.00 -28.67 -22.68
N SER D 172 -42.92 -29.59 -21.72
CA SER D 172 -41.72 -29.81 -20.90
C SER D 172 -41.47 -28.65 -19.95
N GLY D 173 -40.25 -28.13 -19.96
CA GLY D 173 -39.85 -27.13 -19.00
C GLY D 173 -38.39 -27.28 -18.62
N GLN D 174 -37.77 -26.22 -18.12
CA GLN D 174 -36.36 -26.23 -17.77
C GLN D 174 -36.20 -26.11 -16.26
N SER D 175 -35.45 -27.04 -15.67
CA SER D 175 -35.26 -27.08 -14.23
C SER D 175 -34.29 -26.01 -13.79
N ARG D 176 -34.70 -25.18 -12.83
CA ARG D 176 -33.81 -24.17 -12.29
C ARG D 176 -32.65 -24.80 -11.52
N VAL D 177 -32.93 -25.82 -10.72
CA VAL D 177 -31.90 -26.40 -9.86
C VAL D 177 -30.85 -27.11 -10.69
N ALA D 178 -31.25 -27.78 -11.77
CA ALA D 178 -30.31 -28.52 -12.60
C ALA D 178 -29.28 -27.60 -13.25
N THR D 179 -29.54 -26.29 -13.27
CA THR D 179 -28.61 -25.38 -13.92
C THR D 179 -27.34 -25.18 -13.11
N VAL D 180 -27.44 -25.21 -11.77
CA VAL D 180 -26.30 -24.87 -10.91
C VAL D 180 -25.50 -26.09 -10.47
N ILE D 181 -25.71 -27.25 -11.10
CA ILE D 181 -25.02 -28.46 -10.65
C ILE D 181 -23.53 -28.36 -10.94
N ASP D 182 -23.15 -27.81 -12.11
CA ASP D 182 -21.74 -27.65 -12.42
C ASP D 182 -21.07 -26.69 -11.44
N SER D 183 -21.74 -25.59 -11.11
CA SER D 183 -21.19 -24.66 -10.15
C SER D 183 -21.05 -25.29 -8.77
N LEU D 184 -22.03 -26.10 -8.37
CA LEU D 184 -21.95 -26.79 -7.08
C LEU D 184 -20.80 -27.79 -7.05
N GLU D 185 -20.61 -28.52 -8.14
CA GLU D 185 -19.49 -29.46 -8.20
C GLU D 185 -18.15 -28.73 -8.13
N LYS D 186 -18.03 -27.62 -8.88
CA LYS D 186 -16.81 -26.83 -8.80
C LYS D 186 -16.55 -26.32 -7.40
N ARG D 187 -17.60 -25.81 -6.74
CA ARG D 187 -17.45 -25.31 -5.38
C ARG D 187 -17.03 -26.42 -4.43
N SER D 188 -17.66 -27.59 -4.53
CA SER D 188 -17.32 -28.69 -3.63
C SER D 188 -15.88 -29.14 -3.82
N LYS D 189 -15.44 -29.27 -5.07
CA LYS D 189 -14.07 -29.70 -5.32
C LYS D 189 -13.08 -28.65 -4.83
N MET D 190 -13.36 -27.38 -5.10
CA MET D 190 -12.46 -26.31 -4.68
C MET D 190 -12.39 -26.19 -3.16
N LEU D 191 -13.49 -26.48 -2.46
CA LEU D 191 -13.48 -26.45 -1.01
C LEU D 191 -12.76 -27.67 -0.44
N ASN D 192 -12.96 -28.85 -1.02
CA ASN D 192 -12.23 -30.03 -0.58
C ASN D 192 -10.74 -29.91 -0.84
N PHE D 193 -10.33 -29.11 -1.83
CA PHE D 193 -8.91 -28.96 -2.09
C PHE D 193 -8.18 -28.34 -0.90
N LYS D 194 -8.79 -27.33 -0.25
CA LYS D 194 -8.13 -26.72 0.90
C LYS D 194 -8.01 -27.71 2.06
N GLU D 195 -9.07 -28.48 2.31
CA GLU D 195 -9.02 -29.47 3.39
C GLU D 195 -7.94 -30.51 3.13
N LYS D 196 -7.87 -31.02 1.89
CA LYS D 196 -6.85 -32.02 1.59
C LYS D 196 -5.45 -31.42 1.59
N PHE D 197 -5.32 -30.15 1.19
CA PHE D 197 -4.02 -29.49 1.24
C PHE D 197 -3.54 -29.33 2.67
N LEU D 198 -4.45 -28.99 3.58
CA LEU D 198 -4.07 -28.91 4.98
C LEU D 198 -3.74 -30.28 5.56
N ASP D 199 -4.51 -31.30 5.18
CA ASP D 199 -4.26 -32.64 5.72
C ASP D 199 -3.03 -33.29 5.11
N ASN D 200 -2.55 -32.77 3.98
CA ASN D 200 -1.44 -33.40 3.27
C ASN D 200 -0.15 -32.61 3.31
N GLY D 201 -0.23 -31.28 3.26
CA GLY D 201 0.97 -30.47 3.23
C GLY D 201 1.82 -30.66 4.47
N THR D 202 3.14 -30.54 4.27
CA THR D 202 4.11 -30.77 5.32
C THR D 202 4.56 -29.44 5.91
N VAL D 203 4.69 -29.41 7.23
CA VAL D 203 5.15 -28.24 7.96
C VAL D 203 6.36 -28.64 8.80
N ILE D 204 7.48 -27.97 8.58
CA ILE D 204 8.73 -28.25 9.28
C ILE D 204 9.30 -26.96 9.84
N GLY D 205 10.25 -27.11 10.75
CA GLY D 205 10.89 -25.96 11.36
C GLY D 205 12.38 -25.92 11.14
N LEU D 206 12.99 -27.08 10.90
CA LEU D 206 14.43 -27.17 10.71
C LEU D 206 14.77 -28.21 9.66
N ILE D 207 15.93 -28.04 9.04
CA ILE D 207 16.56 -29.07 8.23
C ILE D 207 18.03 -29.05 8.58
N LEU D 208 18.47 -30.00 9.41
CA LEU D 208 19.86 -30.14 9.78
C LEU D 208 20.49 -31.21 8.90
N GLU D 209 21.67 -30.94 8.39
CA GLU D 209 22.33 -31.80 7.41
C GLU D 209 23.67 -32.28 7.95
N THR D 210 23.95 -33.56 7.74
CA THR D 210 25.21 -34.16 8.11
C THR D 210 25.73 -34.97 6.92
N ASP D 211 27.04 -34.96 6.75
CA ASP D 211 27.66 -35.75 5.68
C ASP D 211 28.06 -37.13 6.13
N GLU D 212 27.80 -37.49 7.38
CA GLU D 212 28.12 -38.81 7.91
C GLU D 212 26.88 -39.42 8.56
N ILE D 213 26.82 -40.74 8.55
CA ILE D 213 25.70 -41.47 9.15
C ILE D 213 25.85 -41.42 10.67
N LEU D 214 24.76 -41.14 11.37
CA LEU D 214 24.81 -40.86 12.79
C LEU D 214 23.73 -41.63 13.57
N ASN D 215 23.64 -42.94 13.33
CA ASN D 215 22.96 -43.87 14.24
C ASN D 215 21.46 -43.54 14.36
N LYS D 216 20.74 -43.91 13.30
CA LYS D 216 19.31 -43.64 13.13
C LYS D 216 18.50 -43.63 14.43
N LYS D 217 18.74 -44.58 15.32
CA LYS D 217 18.05 -44.56 16.62
C LYS D 217 18.36 -43.28 17.38
N LEU D 218 19.66 -42.98 17.56
CA LEU D 218 20.04 -41.80 18.32
C LEU D 218 19.75 -40.52 17.55
N ARG D 219 19.85 -40.56 16.23
CA ARG D 219 19.46 -39.42 15.42
C ARG D 219 17.99 -39.08 15.62
N GLU D 220 17.13 -40.11 15.61
CA GLU D 220 15.71 -39.89 15.85
C GLU D 220 15.46 -39.39 17.26
N ARG D 221 16.16 -39.94 18.25
CA ARG D 221 15.96 -39.49 19.63
C ARG D 221 16.32 -38.02 19.77
N LYS D 222 17.45 -37.61 19.19
CA LYS D 222 17.80 -36.19 19.23
C LYS D 222 16.82 -35.36 18.42
N GLN D 223 16.23 -35.95 17.38
CA GLN D 223 15.19 -35.26 16.62
C GLN D 223 14.01 -34.89 17.51
N GLU D 224 13.46 -35.87 18.23
CA GLU D 224 12.33 -35.55 19.12
C GLU D 224 12.77 -34.64 20.25
N GLU D 225 13.97 -34.85 20.80
CA GLU D 225 14.45 -34.01 21.89
C GLU D 225 14.54 -32.55 21.46
N LEU D 226 15.08 -32.31 20.28
CA LEU D 226 15.27 -30.95 19.81
C LEU D 226 13.97 -30.34 19.34
N GLN D 227 13.03 -31.18 18.90
CA GLN D 227 11.69 -30.69 18.60
C GLN D 227 10.97 -30.21 19.86
N LEU D 228 10.99 -31.02 20.91
CA LEU D 228 10.23 -30.66 22.11
C LEU D 228 10.93 -29.57 22.91
N ASP D 229 12.26 -29.50 22.83
CA ASP D 229 13.00 -28.58 23.68
C ASP D 229 12.89 -27.14 23.21
N TYR D 230 12.74 -26.91 21.90
CA TYR D 230 12.81 -25.57 21.33
C TYR D 230 11.46 -25.04 20.91
N ASN D 231 10.39 -25.52 21.53
CA ASN D 231 9.06 -24.99 21.32
C ASN D 231 8.63 -24.24 22.58
N PRO D 232 8.32 -22.95 22.51
CA PRO D 232 8.09 -22.18 23.73
C PRO D 232 6.97 -22.73 24.61
N SER D 233 5.97 -23.39 24.03
CA SER D 233 4.91 -23.96 24.85
C SER D 233 5.42 -25.10 25.72
N THR D 234 6.30 -25.94 25.18
CA THR D 234 6.75 -27.13 25.89
C THR D 234 8.25 -27.15 26.14
N GLY D 235 8.97 -26.07 25.80
CA GLY D 235 10.40 -26.05 25.97
C GLY D 235 10.87 -24.71 26.50
N GLN D 236 12.08 -24.71 27.04
CA GLN D 236 12.67 -23.51 27.63
C GLN D 236 14.10 -23.33 27.14
N SER D 237 14.32 -23.46 25.84
CA SER D 237 15.63 -23.23 25.25
C SER D 237 15.45 -22.70 23.84
N SER D 238 16.44 -21.94 23.38
CA SER D 238 16.32 -21.25 22.10
C SER D 238 17.58 -21.21 21.25
N VAL D 239 18.64 -21.92 21.59
CA VAL D 239 19.91 -21.79 20.89
C VAL D 239 20.39 -23.16 20.42
N LEU D 240 20.99 -23.19 19.24
CA LEU D 240 21.66 -24.37 18.69
C LEU D 240 23.17 -24.17 18.68
N ILE D 241 23.89 -25.13 19.25
CA ILE D 241 25.33 -25.23 19.10
C ILE D 241 25.57 -26.52 18.32
N LEU D 242 25.58 -26.42 17.00
CA LEU D 242 25.77 -27.59 16.15
C LEU D 242 27.24 -27.96 16.14
N ASP D 243 27.55 -29.22 16.42
CA ASP D 243 28.92 -29.69 16.52
C ASP D 243 29.19 -30.76 15.47
N GLY D 244 30.47 -31.01 15.24
CA GLY D 244 30.88 -32.03 14.31
C GLY D 244 30.69 -31.69 12.85
N GLY D 245 30.43 -30.43 12.51
CA GLY D 245 30.20 -30.04 11.14
C GLY D 245 28.78 -30.19 10.68
N MET D 246 27.87 -30.66 11.53
CA MET D 246 26.46 -30.77 11.17
C MET D 246 25.89 -29.39 10.88
N LYS D 247 25.39 -29.20 9.67
CA LYS D 247 25.00 -27.90 9.15
C LYS D 247 23.49 -27.75 9.21
N ALA D 248 23.04 -26.51 9.00
CA ALA D 248 21.62 -26.18 8.98
C ALA D 248 21.31 -25.54 7.63
N LYS D 249 20.51 -26.23 6.82
CA LYS D 249 20.17 -25.73 5.50
C LYS D 249 19.07 -24.67 5.60
N PRO D 250 19.29 -23.47 5.07
CA PRO D 250 18.25 -22.44 5.13
C PRO D 250 17.16 -22.68 4.12
N TYR D 251 16.21 -23.54 4.47
CA TYR D 251 15.14 -23.96 3.57
C TYR D 251 14.07 -22.86 3.48
N SER D 252 13.11 -23.08 2.60
CA SER D 252 11.92 -22.23 2.50
C SER D 252 10.70 -23.11 2.28
N GLN D 253 9.50 -22.55 2.34
CA GLN D 253 8.28 -23.31 2.16
C GLN D 253 7.91 -23.31 0.69
N ILE D 254 7.65 -24.50 0.15
CA ILE D 254 7.49 -24.65 -1.30
C ILE D 254 6.17 -24.03 -1.76
N SER D 255 5.06 -24.59 -1.27
CA SER D 255 3.73 -24.14 -1.65
C SER D 255 2.99 -23.72 -0.38
N SER D 256 3.09 -22.43 -0.04
CA SER D 256 2.48 -21.94 1.18
C SER D 256 0.96 -21.83 1.01
N PHE D 257 0.26 -21.83 2.14
CA PHE D 257 -1.19 -21.72 2.13
C PHE D 257 -1.67 -20.36 1.63
N LYS D 258 -0.83 -19.33 1.69
CA LYS D 258 -1.25 -18.02 1.25
C LYS D 258 -1.50 -17.97 -0.24
N ASP D 259 -0.89 -18.89 -1.00
CA ASP D 259 -1.11 -18.93 -2.44
C ASP D 259 -2.56 -19.26 -2.77
N LEU D 260 -3.15 -20.22 -2.05
CA LEU D 260 -4.51 -20.64 -2.32
C LEU D 260 -5.51 -19.62 -1.79
N ASP D 261 -5.77 -18.57 -2.56
CA ASP D 261 -6.74 -17.54 -2.20
C ASP D 261 -8.06 -17.89 -2.89
N PHE D 262 -8.76 -18.88 -2.34
CA PHE D 262 -9.99 -19.37 -2.93
C PHE D 262 -11.22 -18.57 -2.51
N LYS D 263 -11.09 -17.64 -1.57
CA LYS D 263 -12.27 -17.00 -1.00
C LYS D 263 -13.03 -16.21 -2.06
N GLU D 264 -12.32 -15.53 -2.96
CA GLU D 264 -13.01 -14.77 -3.99
C GLU D 264 -13.76 -15.69 -4.94
N ASP D 265 -13.14 -16.80 -5.35
CA ASP D 265 -13.82 -17.75 -6.23
C ASP D 265 -15.01 -18.39 -5.52
N ILE D 266 -14.86 -18.74 -4.24
CA ILE D 266 -15.96 -19.35 -3.51
C ILE D 266 -17.11 -18.37 -3.34
N GLU D 267 -16.79 -17.10 -3.09
CA GLU D 267 -17.84 -16.08 -3.02
C GLU D 267 -18.53 -15.93 -4.37
N GLY D 268 -17.76 -15.98 -5.45
CA GLY D 268 -18.37 -15.94 -6.77
C GLY D 268 -19.32 -17.10 -7.00
N PHE D 269 -18.92 -18.30 -6.58
CA PHE D 269 -19.79 -19.46 -6.74
C PHE D 269 -21.04 -19.35 -5.88
N ASN D 270 -20.90 -18.83 -4.66
CA ASN D 270 -22.08 -18.63 -3.80
C ASN D 270 -23.04 -17.63 -4.42
N LYS D 271 -22.52 -16.52 -4.93
CA LYS D 271 -23.37 -15.54 -5.59
C LYS D 271 -24.02 -16.14 -6.85
N SER D 272 -23.28 -17.00 -7.56
CA SER D 272 -23.82 -17.66 -8.73
C SER D 272 -24.98 -18.58 -8.36
N ILE D 273 -24.83 -19.33 -7.27
CA ILE D 273 -25.90 -20.23 -6.84
C ILE D 273 -27.12 -19.45 -6.39
N CYS D 274 -26.92 -18.41 -5.58
CA CYS D 274 -28.04 -17.58 -5.15
C CYS D 274 -28.66 -16.81 -6.31
N LEU D 275 -27.92 -16.64 -7.41
CA LEU D 275 -28.42 -15.86 -8.53
C LEU D 275 -29.47 -16.63 -9.33
N ALA D 276 -29.27 -17.93 -9.51
CA ALA D 276 -30.19 -18.70 -10.34
C ALA D 276 -31.57 -18.79 -9.69
N PHE D 277 -31.62 -19.00 -8.38
CA PHE D 277 -32.90 -19.11 -7.71
C PHE D 277 -33.61 -17.77 -7.61
N GLY D 278 -32.85 -16.67 -7.53
CA GLY D 278 -33.40 -15.34 -7.50
C GLY D 278 -33.29 -14.63 -6.18
N VAL D 279 -32.88 -15.30 -5.11
CA VAL D 279 -32.78 -14.66 -3.80
C VAL D 279 -31.71 -13.59 -3.84
N PRO D 280 -31.98 -12.38 -3.33
CA PRO D 280 -30.92 -11.39 -3.19
C PRO D 280 -29.90 -11.85 -2.16
N GLN D 281 -28.65 -11.46 -2.37
CA GLN D 281 -27.59 -11.85 -1.44
C GLN D 281 -27.75 -11.19 -0.08
N VAL D 282 -28.51 -10.09 0.00
CA VAL D 282 -28.70 -9.41 1.28
C VAL D 282 -29.55 -10.25 2.23
N LEU D 283 -30.54 -10.96 1.71
CA LEU D 283 -31.43 -11.72 2.58
C LEU D 283 -30.68 -12.80 3.34
N LEU D 284 -29.79 -13.53 2.65
CA LEU D 284 -29.01 -14.56 3.34
C LEU D 284 -28.08 -13.94 4.36
N ASP D 285 -27.47 -12.80 4.03
CA ASP D 285 -26.61 -12.07 4.94
C ASP D 285 -27.46 -11.17 5.84
N GLY D 286 -26.81 -10.22 6.50
CA GLY D 286 -27.51 -9.21 7.29
C GLY D 286 -27.47 -7.88 6.57
N GLY D 287 -28.63 -7.22 6.50
CA GLY D 287 -28.78 -5.97 5.80
C GLY D 287 -29.29 -4.87 6.71
N ASN D 288 -29.04 -3.63 6.28
CA ASN D 288 -29.47 -2.47 7.03
C ASN D 288 -30.97 -2.28 6.91
N ASN D 289 -31.48 -1.21 7.55
CA ASN D 289 -32.88 -0.86 7.40
C ASN D 289 -33.21 -0.48 5.96
N ALA D 290 -32.24 0.05 5.23
CA ALA D 290 -32.46 0.46 3.86
C ALA D 290 -32.47 -0.71 2.88
N ASN D 291 -32.14 -1.92 3.33
CA ASN D 291 -32.08 -3.08 2.46
C ASN D 291 -33.12 -4.13 2.75
N ILE D 292 -33.47 -4.36 4.02
CA ILE D 292 -34.20 -5.56 4.39
C ILE D 292 -35.58 -5.60 3.73
N ARG D 293 -36.35 -4.53 3.87
CA ARG D 293 -37.71 -4.59 3.33
C ARG D 293 -37.73 -4.44 1.82
N PRO D 294 -36.92 -3.55 1.22
CA PRO D 294 -36.81 -3.57 -0.25
C PRO D 294 -36.35 -4.91 -0.79
N ASN D 295 -35.45 -5.60 -0.10
CA ASN D 295 -34.97 -6.89 -0.61
C ASN D 295 -36.03 -7.97 -0.45
N ILE D 296 -36.79 -7.95 0.65
CA ILE D 296 -37.93 -8.86 0.78
C ILE D 296 -38.93 -8.61 -0.34
N GLU D 297 -39.24 -7.34 -0.61
CA GLU D 297 -40.18 -7.01 -1.68
C GLU D 297 -39.66 -7.50 -3.04
N LEU D 298 -38.38 -7.22 -3.33
CA LEU D 298 -37.81 -7.65 -4.59
C LEU D 298 -37.84 -9.16 -4.73
N PHE D 299 -37.38 -9.87 -3.70
CA PHE D 299 -37.41 -11.33 -3.72
C PHE D 299 -38.83 -11.82 -3.97
N TYR D 300 -39.74 -11.58 -3.01
CA TYR D 300 -41.10 -12.09 -3.16
C TYR D 300 -41.67 -11.75 -4.52
N TYR D 301 -41.81 -10.46 -4.82
CA TYR D 301 -42.45 -10.09 -6.08
C TYR D 301 -41.72 -10.71 -7.27
N MET D 302 -40.50 -10.24 -7.56
CA MET D 302 -39.93 -10.49 -8.88
C MET D 302 -39.50 -11.94 -9.05
N THR D 303 -39.21 -12.66 -7.97
CA THR D 303 -38.86 -14.07 -8.11
C THR D 303 -40.07 -14.97 -7.90
N ILE D 304 -40.70 -14.90 -6.73
CA ILE D 304 -41.75 -15.85 -6.39
C ILE D 304 -43.00 -15.61 -7.24
N ILE D 305 -43.44 -14.35 -7.36
CA ILE D 305 -44.78 -14.11 -7.88
C ILE D 305 -44.90 -14.47 -9.35
N PRO D 306 -43.84 -14.39 -10.17
CA PRO D 306 -43.89 -15.13 -11.44
C PRO D 306 -44.07 -16.62 -11.28
N MET D 307 -43.38 -17.22 -10.29
CA MET D 307 -43.47 -18.66 -10.10
C MET D 307 -44.87 -19.08 -9.68
N LEU D 308 -45.49 -18.34 -8.76
CA LEU D 308 -46.88 -18.61 -8.40
C LEU D 308 -47.85 -18.11 -9.46
N ASN D 309 -47.43 -17.17 -10.31
CA ASN D 309 -48.28 -16.71 -11.39
C ASN D 309 -48.44 -17.78 -12.45
N LYS D 310 -47.39 -18.59 -12.67
CA LYS D 310 -47.54 -19.74 -13.53
C LYS D 310 -48.63 -20.67 -13.00
N LEU D 311 -48.57 -20.99 -11.70
CA LEU D 311 -49.58 -21.86 -11.09
C LEU D 311 -50.97 -21.26 -11.18
N THR D 312 -51.10 -19.97 -10.86
CA THR D 312 -52.43 -19.35 -10.85
C THR D 312 -52.99 -19.19 -12.26
N SER D 313 -52.14 -18.92 -13.24
CA SER D 313 -52.60 -18.87 -14.62
C SER D 313 -53.08 -20.24 -15.08
N SER D 314 -52.34 -21.30 -14.73
CA SER D 314 -52.81 -22.63 -15.09
C SER D 314 -54.11 -22.97 -14.38
N LEU D 315 -54.25 -22.53 -13.12
CA LEU D 315 -55.48 -22.75 -12.38
C LEU D 315 -56.66 -22.01 -13.01
N THR D 316 -56.46 -20.76 -13.43
CA THR D 316 -57.55 -20.02 -14.04
C THR D 316 -57.85 -20.49 -15.45
N PHE D 317 -56.88 -21.15 -16.10
CA PHE D 317 -57.20 -21.88 -17.32
C PHE D 317 -58.05 -23.12 -17.03
N PHE D 318 -57.69 -23.86 -15.98
CA PHE D 318 -58.36 -25.13 -15.72
C PHE D 318 -59.78 -24.93 -15.19
N PHE D 319 -59.95 -24.01 -14.25
CA PHE D 319 -61.23 -23.82 -13.60
C PHE D 319 -62.03 -22.64 -14.14
N GLY D 320 -61.38 -21.69 -14.80
CA GLY D 320 -62.09 -20.53 -15.31
C GLY D 320 -62.28 -19.40 -14.33
N TYR D 321 -61.88 -19.57 -13.08
CA TYR D 321 -62.00 -18.55 -12.05
C TYR D 321 -60.71 -17.76 -11.98
N LYS D 322 -60.81 -16.44 -11.98
CA LYS D 322 -59.61 -15.60 -11.92
C LYS D 322 -58.90 -15.81 -10.60
N ILE D 323 -57.77 -16.51 -10.64
CA ILE D 323 -56.99 -16.82 -9.45
C ILE D 323 -55.66 -16.09 -9.58
N THR D 324 -55.30 -15.34 -8.55
CA THR D 324 -54.06 -14.58 -8.54
C THR D 324 -53.34 -14.79 -7.22
N PRO D 325 -52.00 -14.74 -7.23
CA PRO D 325 -51.26 -14.79 -5.97
C PRO D 325 -51.41 -13.45 -5.26
N ASN D 326 -52.28 -13.43 -4.25
CA ASN D 326 -52.54 -12.23 -3.47
C ASN D 326 -52.09 -12.51 -2.05
N THR D 327 -50.94 -11.97 -1.67
CA THR D 327 -50.36 -12.39 -0.41
C THR D 327 -51.06 -11.74 0.76
N LYS D 328 -50.82 -10.44 0.95
CA LYS D 328 -51.59 -9.59 1.87
C LYS D 328 -51.57 -10.11 3.29
N GLU D 329 -50.95 -11.27 3.49
CA GLU D 329 -50.91 -11.95 4.78
C GLU D 329 -49.56 -12.56 5.09
N VAL D 330 -48.66 -12.68 4.11
CA VAL D 330 -47.36 -13.28 4.36
C VAL D 330 -46.61 -12.44 5.39
N ALA D 331 -45.93 -13.12 6.30
CA ALA D 331 -45.28 -12.41 7.41
C ALA D 331 -44.14 -11.54 6.93
N ALA D 332 -43.55 -11.85 5.78
CA ALA D 332 -42.41 -11.11 5.29
C ALA D 332 -42.79 -9.78 4.63
N LEU D 333 -44.01 -9.66 4.12
CA LEU D 333 -44.46 -8.44 3.44
C LEU D 333 -45.55 -7.72 4.21
N THR D 334 -45.52 -7.76 5.53
CA THR D 334 -46.47 -6.99 6.31
C THR D 334 -46.18 -5.51 6.09
N PRO D 335 -47.15 -4.71 5.64
CA PRO D 335 -46.87 -3.32 5.33
C PRO D 335 -46.50 -2.53 6.57
N ASP D 336 -45.69 -1.49 6.37
CA ASP D 336 -45.33 -0.60 7.45
C ASP D 336 -46.60 -0.01 8.06
N LYS D 337 -46.79 -0.23 9.38
CA LYS D 337 -48.04 0.11 10.01
C LYS D 337 -48.34 1.60 9.93
N GLU D 338 -47.32 2.42 10.17
CA GLU D 338 -47.53 3.88 10.16
C GLU D 338 -47.93 4.38 8.78
N ALA D 339 -47.16 4.03 7.75
CA ALA D 339 -47.48 4.49 6.40
C ALA D 339 -48.79 3.90 5.90
N GLU D 340 -49.04 2.63 6.20
CA GLU D 340 -50.29 2.01 5.77
C GLU D 340 -51.49 2.71 6.39
N ALA D 341 -51.43 2.96 7.71
CA ALA D 341 -52.53 3.67 8.36
C ALA D 341 -52.66 5.08 7.79
N LYS D 342 -51.54 5.73 7.52
CA LYS D 342 -51.60 7.09 6.98
C LYS D 342 -52.35 7.12 5.65
N HIS D 343 -51.99 6.22 4.71
CA HIS D 343 -52.62 6.32 3.41
C HIS D 343 -54.07 5.85 3.46
N LEU D 344 -54.36 4.81 4.26
CA LEU D 344 -55.73 4.37 4.39
C LEU D 344 -56.61 5.46 4.97
N THR D 345 -56.12 6.16 5.99
CA THR D 345 -56.88 7.25 6.57
C THR D 345 -57.06 8.40 5.58
N SER D 346 -56.03 8.69 4.78
CA SER D 346 -56.16 9.74 3.79
C SER D 346 -57.24 9.42 2.77
N LEU D 347 -57.25 8.18 2.26
CA LEU D 347 -58.31 7.78 1.33
C LEU D 347 -59.68 7.81 1.99
N VAL D 348 -59.79 7.35 3.23
CA VAL D 348 -61.09 7.34 3.90
C VAL D 348 -61.61 8.75 4.09
N ASN D 349 -60.73 9.66 4.54
CA ASN D 349 -61.13 11.05 4.75
C ASN D 349 -61.52 11.72 3.44
N ASN D 350 -60.75 11.49 2.38
CA ASN D 350 -60.98 12.19 1.11
C ASN D 350 -61.98 11.47 0.22
N GLY D 351 -62.56 10.38 0.68
CA GLY D 351 -63.70 9.78 -0.01
C GLY D 351 -63.37 8.94 -1.22
N ILE D 352 -62.11 8.57 -1.42
CA ILE D 352 -61.80 7.71 -2.56
C ILE D 352 -62.34 6.30 -2.35
N ILE D 353 -62.15 5.74 -1.16
CA ILE D 353 -62.61 4.39 -0.85
C ILE D 353 -63.45 4.41 0.41
N THR D 354 -64.34 3.42 0.54
CA THR D 354 -65.15 3.27 1.74
C THR D 354 -64.30 2.79 2.91
N GLY D 355 -64.83 2.96 4.12
CA GLY D 355 -64.14 2.45 5.29
C GLY D 355 -64.05 0.94 5.31
N ASN D 356 -65.05 0.26 4.76
CA ASN D 356 -65.03 -1.20 4.72
C ASN D 356 -63.88 -1.73 3.88
N GLU D 357 -63.57 -1.05 2.78
CA GLU D 357 -62.43 -1.47 1.97
C GLU D 357 -61.12 -1.25 2.72
N ALA D 358 -61.04 -0.19 3.52
CA ALA D 358 -59.88 0.00 4.37
C ALA D 358 -59.76 -1.13 5.39
N ARG D 359 -60.89 -1.56 5.94
CA ARG D 359 -60.87 -2.71 6.85
C ARG D 359 -60.37 -3.97 6.13
N SER D 360 -60.84 -4.18 4.90
CA SER D 360 -60.40 -5.33 4.12
C SER D 360 -58.90 -5.28 3.86
N GLU D 361 -58.37 -4.10 3.54
CA GLU D 361 -56.94 -3.96 3.33
C GLU D 361 -56.16 -4.05 4.64
N LEU D 362 -56.81 -3.88 5.78
CA LEU D 362 -56.20 -4.07 7.09
C LEU D 362 -56.34 -5.49 7.61
N ASN D 363 -56.91 -6.40 6.81
CA ASN D 363 -57.13 -7.80 7.18
C ASN D 363 -58.10 -7.94 8.33
N LEU D 364 -58.93 -6.93 8.55
CA LEU D 364 -59.99 -7.01 9.55
C LEU D 364 -61.24 -7.60 8.91
N GLU D 365 -62.35 -7.57 9.63
CA GLU D 365 -63.62 -8.03 9.07
C GLU D 365 -64.59 -6.88 8.96
N PRO D 366 -65.24 -6.70 7.80
CA PRO D 366 -66.15 -5.58 7.62
C PRO D 366 -67.31 -5.63 8.62
N LEU D 367 -67.74 -4.44 9.06
CA LEU D 367 -68.85 -4.31 9.99
C LEU D 367 -70.12 -4.02 9.23
N ASP D 368 -71.22 -4.66 9.65
CA ASP D 368 -72.53 -4.44 9.03
C ASP D 368 -73.14 -3.15 9.58
N ASP D 369 -72.49 -2.05 9.23
CA ASP D 369 -72.93 -0.71 9.61
C ASP D 369 -73.39 0.05 8.37
N GLU D 370 -74.27 1.02 8.59
CA GLU D 370 -74.81 1.83 7.50
C GLU D 370 -73.88 2.97 7.10
N GLN D 371 -73.43 3.76 8.06
CA GLN D 371 -72.58 4.91 7.78
C GLN D 371 -71.20 4.48 7.29
N MET D 372 -70.80 3.24 7.55
CA MET D 372 -69.49 2.75 7.15
C MET D 372 -69.50 2.12 5.76
N ASN D 373 -70.67 1.82 5.21
CA ASN D 373 -70.78 1.19 3.89
C ASN D 373 -70.93 2.21 2.77
N LYS D 374 -70.95 3.51 3.07
CA LYS D 374 -71.01 4.54 2.05
C LYS D 374 -69.84 5.51 2.23
N ILE D 375 -69.42 6.10 1.11
CA ILE D 375 -68.27 7.00 1.12
C ILE D 375 -68.63 8.27 1.88
N ARG D 376 -67.64 8.81 2.61
CA ARG D 376 -67.89 9.93 3.51
C ARG D 376 -68.32 11.18 2.75
N ILE D 377 -67.70 11.46 1.59
CA ILE D 377 -67.95 12.69 0.84
C ILE D 377 -67.72 13.89 1.74
N PRO D 378 -66.47 14.23 2.05
CA PRO D 378 -66.22 15.33 3.01
C PRO D 378 -66.87 16.65 2.63
N ALA D 379 -66.90 16.97 1.34
CA ALA D 379 -67.52 18.20 0.83
C ALA D 379 -66.88 19.39 1.54
N ASN D 380 -67.58 20.08 2.44
CA ASN D 380 -67.00 21.19 3.20
C ASN D 380 -65.80 20.74 4.02
N LEU E 11 -2.71 70.56 -14.84
CA LEU E 11 -1.45 70.07 -15.40
C LEU E 11 -0.56 69.49 -14.33
N ASN E 12 0.13 68.39 -14.66
CA ASN E 12 1.06 67.78 -13.74
C ASN E 12 2.48 68.27 -14.03
N PRO E 13 3.13 68.97 -13.08
CA PRO E 13 4.51 69.39 -13.32
C PRO E 13 5.45 68.28 -13.74
N GLY E 14 5.29 67.07 -13.22
CA GLY E 14 6.23 66.01 -13.48
C GLY E 14 5.92 65.15 -14.68
N GLN E 15 4.90 65.53 -15.46
CA GLN E 15 4.54 64.74 -16.62
C GLN E 15 5.62 64.78 -17.69
N ARG E 16 6.39 65.87 -17.76
CA ARG E 16 7.49 65.93 -18.72
C ARG E 16 8.53 64.85 -18.41
N ILE E 17 8.83 64.64 -17.13
CA ILE E 17 9.76 63.58 -16.75
C ILE E 17 9.17 62.21 -17.09
N ILE E 18 7.84 62.06 -16.95
CA ILE E 18 7.20 60.81 -17.32
C ILE E 18 7.37 60.55 -18.81
N ARG E 19 7.15 61.57 -19.64
CA ARG E 19 7.31 61.39 -21.08
C ARG E 19 8.77 61.08 -21.42
N ASP E 20 9.71 61.74 -20.76
CA ASP E 20 11.12 61.43 -21.00
C ASP E 20 11.45 60.01 -20.59
N MET E 21 10.83 59.50 -19.53
CA MET E 21 11.14 58.15 -19.06
C MET E 21 10.41 57.09 -19.89
N GLU E 22 9.40 57.49 -20.65
CA GLU E 22 8.67 56.56 -21.52
C GLU E 22 8.04 57.35 -22.65
N PRO E 23 8.77 57.58 -23.74
CA PRO E 23 8.24 58.46 -24.79
C PRO E 23 7.08 57.85 -25.56
N VAL E 24 7.16 56.58 -25.93
CA VAL E 24 6.13 55.93 -26.73
C VAL E 24 5.81 54.56 -26.11
N SER E 25 4.63 54.06 -26.45
CA SER E 25 4.28 52.70 -26.06
C SER E 25 5.10 51.70 -26.86
N HIS E 26 5.16 50.47 -26.35
CA HIS E 26 5.92 49.41 -26.98
C HIS E 26 5.10 48.13 -26.96
N ARG E 27 5.23 47.34 -28.03
CA ARG E 27 4.43 46.13 -28.19
C ARG E 27 4.80 45.12 -27.12
N THR E 28 3.79 44.58 -26.43
CA THR E 28 4.03 43.70 -25.30
C THR E 28 3.89 42.22 -25.63
N ASN E 29 3.11 41.86 -26.64
CA ASN E 29 3.04 40.47 -27.11
C ASN E 29 4.32 40.23 -27.90
N ARG E 30 5.37 39.86 -27.18
CA ARG E 30 6.71 39.86 -27.75
C ARG E 30 6.82 38.91 -28.94
N LYS E 31 6.24 37.72 -28.83
CA LYS E 31 6.25 36.78 -29.95
C LYS E 31 4.82 36.53 -30.43
N PRO E 32 4.40 37.16 -31.53
CA PRO E 32 3.02 37.00 -31.99
C PRO E 32 2.76 35.68 -32.69
N PHE E 33 3.73 35.22 -33.48
CA PHE E 33 3.51 34.02 -34.29
C PHE E 33 3.37 32.78 -33.42
N THR E 34 4.17 32.67 -32.35
CA THR E 34 4.03 31.53 -31.47
C THR E 34 2.66 31.51 -30.79
N THR E 35 2.17 32.68 -30.37
CA THR E 35 0.83 32.75 -29.81
C THR E 35 -0.22 32.35 -30.84
N GLY E 36 -0.05 32.78 -32.09
CA GLY E 36 -1.00 32.40 -33.12
C GLY E 36 -1.02 30.91 -33.36
N GLN E 37 0.16 30.30 -33.44
CA GLN E 37 0.23 28.85 -33.62
C GLN E 37 -0.37 28.11 -32.43
N ALA E 38 -0.11 28.59 -31.22
CA ALA E 38 -0.69 27.95 -30.03
C ALA E 38 -2.21 28.05 -30.05
N TYR E 39 -2.74 29.22 -30.40
CA TYR E 39 -4.20 29.36 -30.44
C TYR E 39 -4.81 28.51 -31.54
N SER E 40 -4.09 28.36 -32.67
CA SER E 40 -4.66 27.68 -33.82
C SER E 40 -4.40 26.19 -33.78
N LYS E 41 -3.57 25.72 -32.84
CA LYS E 41 -3.13 24.32 -32.85
C LYS E 41 -3.15 23.69 -31.47
N ILE E 42 -3.24 24.47 -30.40
CA ILE E 42 -3.28 23.95 -29.04
C ILE E 42 -4.67 24.20 -28.48
N GLU E 43 -5.28 23.16 -27.95
CA GLU E 43 -6.70 23.16 -27.59
C GLU E 43 -7.01 23.97 -26.34
N ILE E 44 -6.17 23.88 -25.30
CA ILE E 44 -6.51 24.48 -24.01
C ILE E 44 -6.52 26.00 -24.14
N LEU E 45 -5.51 26.55 -24.80
CA LEU E 45 -5.49 27.98 -25.07
C LEU E 45 -6.70 28.39 -25.90
N ASN E 46 -7.02 27.59 -26.92
CA ASN E 46 -8.19 27.88 -27.76
C ASN E 46 -9.45 27.99 -26.92
N ARG E 47 -9.71 26.97 -26.10
CA ARG E 47 -10.96 26.95 -25.34
C ARG E 47 -10.99 28.04 -24.28
N THR E 48 -9.89 28.25 -23.55
CA THR E 48 -9.90 29.28 -22.51
C THR E 48 -10.08 30.67 -23.12
N ALA E 49 -9.35 30.96 -24.20
CA ALA E 49 -9.52 32.25 -24.86
C ALA E 49 -10.92 32.41 -25.41
N ASN E 50 -11.48 31.35 -26.01
CA ASN E 50 -12.83 31.43 -26.53
C ASN E 50 -13.84 31.69 -25.43
N MET E 51 -13.68 31.02 -24.28
CA MET E 51 -14.57 31.27 -23.15
C MET E 51 -14.49 32.72 -22.71
N VAL E 52 -13.28 33.23 -22.52
CA VAL E 52 -13.14 34.60 -22.01
C VAL E 52 -13.73 35.60 -23.00
N ILE E 53 -13.42 35.45 -24.29
CA ILE E 53 -13.87 36.40 -25.29
C ILE E 53 -15.37 36.34 -25.46
N ASP E 54 -15.93 35.14 -25.62
CA ASP E 54 -17.36 35.00 -25.83
C ASP E 54 -18.15 35.45 -24.60
N SER E 55 -17.69 35.08 -23.40
CA SER E 55 -18.34 35.54 -22.18
C SER E 55 -18.23 37.04 -22.01
N ALA E 56 -17.18 37.67 -22.54
CA ALA E 56 -17.07 39.12 -22.53
C ALA E 56 -17.77 39.76 -23.71
N ALA E 57 -18.40 38.96 -24.57
CA ALA E 57 -19.18 39.46 -25.69
C ALA E 57 -20.68 39.34 -25.47
N GLU E 58 -21.11 38.73 -24.37
CA GLU E 58 -22.54 38.57 -24.09
C GLU E 58 -23.07 39.60 -23.12
N CYS E 59 -22.21 40.25 -22.35
CA CYS E 59 -22.66 41.20 -21.34
C CYS E 59 -23.12 42.49 -22.01
N SER E 60 -24.40 42.83 -21.83
CA SER E 60 -24.93 44.05 -22.41
C SER E 60 -24.44 45.26 -21.62
N TYR E 61 -24.57 46.43 -22.23
CA TYR E 61 -24.11 47.68 -21.65
C TYR E 61 -25.30 48.58 -21.38
N THR E 62 -25.37 49.14 -20.17
CA THR E 62 -26.43 50.05 -19.78
C THR E 62 -25.84 51.42 -19.52
N VAL E 63 -26.34 52.43 -20.22
CA VAL E 63 -25.89 53.80 -20.05
C VAL E 63 -26.72 54.46 -18.95
N GLY E 64 -26.04 55.12 -18.02
CA GLY E 64 -26.71 55.72 -16.89
C GLY E 64 -27.06 57.17 -17.10
N ASP E 65 -26.69 58.01 -16.14
CA ASP E 65 -26.99 59.44 -16.22
C ASP E 65 -25.87 60.18 -16.94
N LYS E 66 -26.04 61.48 -17.09
CA LYS E 66 -25.04 62.35 -17.71
C LYS E 66 -24.24 63.05 -16.62
N TYR E 67 -22.92 62.98 -16.75
CA TYR E 67 -22.02 63.71 -15.85
C TYR E 67 -21.78 65.10 -16.44
N ASN E 68 -22.06 66.13 -15.65
CA ASN E 68 -21.96 67.52 -16.11
C ASN E 68 -20.49 67.95 -16.22
N ILE E 69 -19.77 67.27 -17.12
CA ILE E 69 -18.35 67.47 -17.32
C ILE E 69 -18.04 67.51 -18.81
N VAL E 70 -16.86 68.02 -19.13
CA VAL E 70 -16.43 68.19 -20.51
C VAL E 70 -15.61 66.95 -20.89
N THR E 71 -16.17 66.13 -21.76
CA THR E 71 -15.55 64.89 -22.20
C THR E 71 -15.19 64.98 -23.68
N TYR E 72 -14.63 63.89 -24.21
CA TYR E 72 -14.14 63.89 -25.58
C TYR E 72 -15.28 64.03 -26.58
N ALA E 73 -16.37 63.31 -26.35
CA ALA E 73 -17.55 63.34 -27.21
C ALA E 73 -18.62 64.18 -26.54
N ASN E 74 -19.07 65.23 -27.23
CA ASN E 74 -20.10 66.11 -26.72
C ASN E 74 -21.23 66.20 -27.73
N GLY E 75 -22.44 66.30 -27.22
CA GLY E 75 -23.63 66.34 -28.05
C GLY E 75 -24.19 65.00 -28.46
N VAL E 76 -23.63 63.89 -27.94
CA VAL E 76 -24.12 62.57 -28.26
C VAL E 76 -25.31 62.24 -27.35
N LYS E 77 -26.41 61.80 -27.97
CA LYS E 77 -27.61 61.51 -27.22
C LYS E 77 -27.51 60.16 -26.53
N THR E 78 -28.31 59.99 -25.47
CA THR E 78 -28.30 58.74 -24.72
C THR E 78 -28.71 57.56 -25.59
N LYS E 79 -29.78 57.73 -26.37
CA LYS E 79 -30.29 56.63 -27.18
C LYS E 79 -29.31 56.28 -28.30
N THR E 80 -28.68 57.30 -28.91
CA THR E 80 -27.70 57.01 -29.96
C THR E 80 -26.52 56.23 -29.40
N LEU E 81 -26.03 56.61 -28.22
CA LEU E 81 -24.95 55.87 -27.59
C LEU E 81 -25.38 54.44 -27.26
N ASP E 82 -26.61 54.28 -26.77
CA ASP E 82 -27.10 52.95 -26.46
C ASP E 82 -27.16 52.08 -27.71
N THR E 83 -27.65 52.63 -28.82
CA THR E 83 -27.69 51.87 -30.06
C THR E 83 -26.29 51.52 -30.54
N LEU E 84 -25.37 52.50 -30.51
CA LEU E 84 -24.00 52.23 -30.93
C LEU E 84 -23.35 51.15 -30.08
N LEU E 85 -23.70 51.08 -28.80
CA LEU E 85 -23.00 50.21 -27.89
C LEU E 85 -23.67 48.87 -27.68
N ASN E 86 -24.93 48.71 -28.08
CA ASN E 86 -25.64 47.45 -27.88
C ASN E 86 -26.25 46.84 -29.13
N VAL E 87 -26.37 47.59 -30.23
CA VAL E 87 -27.06 47.07 -31.40
C VAL E 87 -26.14 47.04 -32.62
N ARG E 88 -25.64 48.20 -33.03
CA ARG E 88 -24.85 48.27 -34.25
C ARG E 88 -23.77 49.34 -34.12
N PRO E 89 -22.57 48.97 -33.66
CA PRO E 89 -21.50 49.98 -33.55
C PRO E 89 -21.13 50.61 -34.87
N ASN E 90 -21.25 49.86 -35.94
CA ASN E 90 -20.72 50.29 -37.20
C ASN E 90 -21.83 50.37 -38.23
N PRO E 91 -21.72 51.25 -39.23
CA PRO E 91 -22.60 51.14 -40.40
C PRO E 91 -22.33 49.90 -41.22
N PHE E 92 -21.27 49.15 -40.91
CA PHE E 92 -20.83 48.04 -41.74
C PHE E 92 -20.46 46.78 -40.97
N MET E 93 -20.58 46.78 -39.64
CA MET E 93 -20.03 45.69 -38.84
C MET E 93 -20.95 45.42 -37.65
N ASP E 94 -20.88 44.18 -37.16
CA ASP E 94 -21.82 43.64 -36.18
C ASP E 94 -21.54 44.18 -34.78
N ILE E 95 -22.43 43.85 -33.85
CA ILE E 95 -22.20 44.09 -32.43
C ILE E 95 -21.28 43.02 -31.83
N SER E 96 -21.61 41.74 -32.05
CA SER E 96 -20.83 40.68 -31.43
C SER E 96 -19.43 40.59 -32.03
N THR E 97 -19.32 40.76 -33.36
CA THR E 97 -18.01 40.71 -33.98
C THR E 97 -17.12 41.83 -33.47
N PHE E 98 -17.66 43.05 -33.39
CA PHE E 98 -16.87 44.18 -32.91
C PHE E 98 -16.46 43.98 -31.45
N ARG E 99 -17.41 43.54 -30.61
CA ARG E 99 -17.11 43.36 -29.20
C ARG E 99 -16.08 42.25 -29.00
N ARG E 100 -16.18 41.18 -29.79
CA ARG E 100 -15.21 40.10 -29.71
C ARG E 100 -13.84 40.55 -30.16
N LEU E 101 -13.77 41.36 -31.22
CA LEU E 101 -12.49 41.93 -31.64
C LEU E 101 -11.88 42.77 -30.53
N VAL E 102 -12.67 43.60 -29.87
CA VAL E 102 -12.14 44.45 -28.80
C VAL E 102 -11.64 43.59 -27.65
N VAL E 103 -12.40 42.57 -27.27
CA VAL E 103 -12.01 41.75 -26.13
C VAL E 103 -10.78 40.92 -26.46
N THR E 104 -10.67 40.40 -27.69
CA THR E 104 -9.49 39.64 -28.05
C THR E 104 -8.27 40.53 -28.20
N ASP E 105 -8.46 41.80 -28.56
CA ASP E 105 -7.35 42.74 -28.51
C ASP E 105 -6.92 42.99 -27.07
N LEU E 106 -7.88 43.13 -26.16
CA LEU E 106 -7.54 43.33 -24.75
C LEU E 106 -6.85 42.11 -24.16
N LEU E 107 -7.17 40.92 -24.66
CA LEU E 107 -6.58 39.69 -24.14
C LEU E 107 -5.22 39.41 -24.76
N PHE E 108 -5.17 39.16 -26.06
CA PHE E 108 -3.93 38.72 -26.70
C PHE E 108 -2.92 39.86 -26.79
N GLU E 109 -3.39 41.10 -26.81
CA GLU E 109 -2.50 42.25 -26.72
C GLU E 109 -2.66 42.90 -25.36
N GLY E 110 -1.71 43.75 -25.01
CA GLY E 110 -1.77 44.42 -23.73
C GLY E 110 -2.97 45.34 -23.61
N CYS E 111 -3.28 46.05 -24.68
CA CYS E 111 -4.32 47.06 -24.69
C CYS E 111 -5.25 46.84 -25.87
N ALA E 112 -6.35 47.60 -25.89
CA ALA E 112 -7.32 47.54 -26.97
C ALA E 112 -7.72 48.96 -27.33
N TYR E 113 -7.94 49.19 -28.63
CA TYR E 113 -8.27 50.51 -29.14
C TYR E 113 -9.56 50.45 -29.91
N ILE E 114 -10.40 51.47 -29.74
CA ILE E 114 -11.66 51.60 -30.46
C ILE E 114 -11.75 53.02 -30.99
N TYR E 115 -11.87 53.17 -32.30
CA TYR E 115 -11.99 54.48 -32.90
C TYR E 115 -13.40 55.04 -32.69
N TRP E 116 -13.51 56.36 -32.78
CA TRP E 116 -14.78 57.07 -32.66
C TRP E 116 -14.87 58.08 -33.81
N ASP E 117 -15.72 57.79 -34.77
CA ASP E 117 -15.98 58.71 -35.88
C ASP E 117 -16.94 59.79 -35.40
N GLY E 118 -17.46 60.58 -36.34
CA GLY E 118 -18.42 61.61 -35.96
C GLY E 118 -19.68 61.04 -35.34
N THR E 119 -20.23 59.98 -35.94
CA THR E 119 -21.45 59.36 -35.44
C THR E 119 -21.37 57.85 -35.33
N SER E 120 -20.25 57.22 -35.72
CA SER E 120 -20.12 55.78 -35.72
C SER E 120 -18.89 55.40 -34.92
N LEU E 121 -18.95 54.23 -34.29
CA LEU E 121 -17.94 53.78 -33.35
C LEU E 121 -17.17 52.62 -33.97
N TYR E 122 -16.06 52.94 -34.63
CA TYR E 122 -15.28 51.99 -35.41
C TYR E 122 -14.27 51.26 -34.51
N HIS E 123 -13.84 50.08 -34.96
CA HIS E 123 -12.78 49.35 -34.28
C HIS E 123 -11.50 49.41 -35.09
N VAL E 124 -10.37 49.43 -34.39
CA VAL E 124 -9.05 49.39 -35.01
C VAL E 124 -8.24 48.30 -34.33
N PRO E 125 -7.33 47.62 -35.03
CA PRO E 125 -6.51 46.59 -34.38
C PRO E 125 -5.50 47.22 -33.43
N ALA E 126 -5.34 46.60 -32.28
CA ALA E 126 -4.40 47.07 -31.26
C ALA E 126 -3.01 46.47 -31.43
N ALA E 127 -2.84 45.52 -32.33
CA ALA E 127 -1.52 44.92 -32.53
C ALA E 127 -0.60 45.83 -33.34
N LEU E 128 -1.15 46.84 -33.99
CA LEU E 128 -0.40 47.73 -34.85
C LEU E 128 -0.25 49.14 -34.32
N MET E 129 -1.19 49.59 -33.48
CA MET E 129 -1.21 50.99 -33.06
C MET E 129 -0.30 51.22 -31.87
N GLN E 130 0.44 52.33 -31.92
CA GLN E 130 1.37 52.73 -30.87
C GLN E 130 0.88 54.02 -30.24
N VAL E 131 1.08 54.16 -28.94
CA VAL E 131 0.65 55.34 -28.20
C VAL E 131 1.88 56.17 -27.87
N GLU E 132 1.81 57.46 -28.16
CA GLU E 132 2.90 58.39 -27.86
C GLU E 132 2.46 59.30 -26.71
N ALA E 133 3.32 59.44 -25.70
CA ALA E 133 2.99 60.27 -24.57
C ALA E 133 3.02 61.74 -24.96
N ASP E 134 2.42 62.56 -24.12
CA ASP E 134 2.37 64.00 -24.34
C ASP E 134 3.50 64.68 -23.57
N ALA E 135 3.97 65.80 -24.13
CA ALA E 135 4.92 66.61 -23.39
C ALA E 135 4.30 67.19 -22.13
N ASN E 136 3.05 67.63 -22.22
CA ASN E 136 2.44 68.36 -21.11
C ASN E 136 1.52 67.50 -20.26
N LYS E 137 0.41 67.00 -20.82
CA LYS E 137 -0.60 66.48 -19.90
C LYS E 137 -0.69 64.96 -19.77
N PHE E 138 -1.19 64.25 -20.78
CA PHE E 138 -1.18 62.79 -20.73
C PHE E 138 -0.63 62.13 -21.98
N ILE E 139 -1.24 62.43 -23.13
CA ILE E 139 -1.02 61.69 -24.36
C ILE E 139 -1.15 62.66 -25.53
N LYS E 140 -0.11 62.72 -26.36
CA LYS E 140 -0.08 63.69 -27.45
C LYS E 140 -0.88 63.20 -28.65
N LYS E 141 -0.60 61.94 -29.01
CA LYS E 141 -1.24 61.41 -30.17
C LYS E 141 -1.07 59.97 -30.32
N PHE E 142 -1.88 59.38 -31.16
CA PHE E 142 -1.84 57.95 -31.43
C PHE E 142 -1.32 57.72 -32.85
N ILE E 143 -0.40 56.78 -33.01
CA ILE E 143 0.16 56.47 -34.32
C ILE E 143 -0.21 55.06 -34.76
N PHE E 144 -1.29 54.92 -35.52
CA PHE E 144 -1.72 53.60 -35.99
C PHE E 144 -0.81 53.14 -37.11
N ASN E 145 -0.04 52.08 -36.86
CA ASN E 145 1.02 51.64 -37.76
C ASN E 145 1.96 52.81 -37.97
N ASN E 146 1.72 53.54 -39.06
CA ASN E 146 2.23 54.90 -39.24
C ASN E 146 1.22 55.66 -40.09
N GLN E 147 1.53 56.93 -40.36
CA GLN E 147 0.94 57.84 -41.34
C GLN E 147 -0.54 58.14 -41.08
N ILE E 148 -1.20 57.36 -40.23
CA ILE E 148 -2.56 57.69 -39.80
C ILE E 148 -2.52 58.88 -38.87
N ASN E 149 -1.89 58.71 -37.71
CA ASN E 149 -1.71 59.75 -36.71
C ASN E 149 -3.07 60.32 -36.27
N TYR E 150 -3.85 59.46 -35.61
CA TYR E 150 -5.27 59.69 -35.38
C TYR E 150 -5.54 60.99 -34.64
N ARG E 151 -5.19 61.02 -33.34
CA ARG E 151 -5.30 62.16 -32.42
C ARG E 151 -5.31 61.67 -30.97
N VAL E 152 -6.49 61.64 -30.37
CA VAL E 152 -6.72 61.29 -28.97
C VAL E 152 -8.18 61.56 -28.65
N ASP E 153 -8.73 62.61 -29.25
CA ASP E 153 -10.14 62.93 -29.09
C ASP E 153 -11.05 61.96 -29.82
N GLU E 154 -10.50 61.09 -30.66
CA GLU E 154 -11.29 60.20 -31.50
C GLU E 154 -11.02 58.72 -31.22
N ILE E 155 -10.26 58.41 -30.19
CA ILE E 155 -9.95 57.02 -29.85
C ILE E 155 -10.12 56.86 -28.34
N ILE E 156 -10.85 55.82 -27.94
CA ILE E 156 -10.93 55.45 -26.53
C ILE E 156 -9.78 54.50 -26.23
N PHE E 157 -9.20 54.62 -25.05
CA PHE E 157 -8.04 53.84 -24.66
C PHE E 157 -8.44 52.82 -23.61
N ILE E 158 -8.22 51.55 -23.92
CA ILE E 158 -8.52 50.46 -22.99
C ILE E 158 -7.19 49.77 -22.67
N LYS E 159 -6.72 49.98 -21.45
CA LYS E 159 -5.39 49.53 -21.04
C LYS E 159 -5.51 48.49 -19.94
N ASP E 160 -4.88 47.35 -20.14
CA ASP E 160 -4.69 46.38 -19.08
C ASP E 160 -3.43 46.74 -18.31
N ASN E 161 -3.51 46.64 -16.99
CA ASN E 161 -2.40 47.07 -16.13
C ASN E 161 -1.12 46.33 -16.49
N SER E 162 0.00 47.04 -16.40
CA SER E 162 1.28 46.48 -16.81
C SER E 162 2.38 46.95 -15.87
N TYR E 163 3.36 46.07 -15.65
CA TYR E 163 4.63 46.42 -15.02
C TYR E 163 5.69 45.84 -15.95
N VAL E 164 6.08 46.62 -16.95
CA VAL E 164 7.06 46.21 -17.94
C VAL E 164 8.30 47.08 -17.77
N CYS E 165 9.47 46.49 -18.01
CA CYS E 165 10.75 47.16 -17.78
C CYS E 165 10.83 47.48 -16.27
N GLY E 166 11.52 48.57 -15.93
CA GLY E 166 11.70 48.89 -14.53
C GLY E 166 10.46 49.44 -13.85
N THR E 167 9.68 50.26 -14.55
CA THR E 167 8.60 51.01 -13.94
C THR E 167 7.28 50.70 -14.62
N ASN E 168 6.20 50.77 -13.85
CA ASN E 168 4.86 50.61 -14.40
C ASN E 168 4.55 51.78 -15.33
N SER E 169 3.69 51.52 -16.29
CA SER E 169 3.40 52.48 -17.36
C SER E 169 1.94 52.88 -17.33
N GLN E 170 1.69 54.18 -17.43
CA GLN E 170 0.35 54.68 -17.71
C GLN E 170 -0.07 54.41 -19.15
N ILE E 171 0.85 53.91 -19.97
CA ILE E 171 0.66 53.67 -21.38
C ILE E 171 0.91 52.18 -21.62
N SER E 172 0.75 51.72 -22.86
CA SER E 172 1.01 50.33 -23.24
C SER E 172 0.04 49.39 -22.54
N GLY E 173 0.58 48.40 -21.83
CA GLY E 173 -0.24 47.38 -21.21
C GLY E 173 0.37 46.02 -21.39
N GLN E 174 0.00 45.06 -20.54
CA GLN E 174 0.57 43.72 -20.59
C GLN E 174 -0.45 42.71 -21.09
N SER E 175 -0.06 41.94 -22.09
CA SER E 175 -0.91 40.87 -22.61
C SER E 175 -0.91 39.68 -21.67
N ARG E 176 -2.10 39.21 -21.33
CA ARG E 176 -2.19 38.04 -20.46
C ARG E 176 -1.72 36.78 -21.17
N VAL E 177 -1.99 36.67 -22.47
CA VAL E 177 -1.66 35.45 -23.20
C VAL E 177 -0.15 35.28 -23.29
N ALA E 178 0.59 36.39 -23.43
CA ALA E 178 2.04 36.29 -23.56
C ALA E 178 2.69 35.66 -22.34
N THR E 179 2.02 35.67 -21.19
CA THR E 179 2.54 34.99 -20.01
C THR E 179 2.40 33.48 -20.11
N VAL E 180 1.61 32.98 -21.06
CA VAL E 180 1.29 31.56 -21.13
C VAL E 180 2.15 30.82 -22.15
N ILE E 181 2.98 31.54 -22.92
CA ILE E 181 3.63 30.92 -24.06
C ILE E 181 4.71 29.93 -23.61
N ASP E 182 5.46 30.26 -22.56
CA ASP E 182 6.46 29.32 -22.07
C ASP E 182 5.81 28.03 -21.56
N SER E 183 4.70 28.15 -20.84
CA SER E 183 3.99 26.96 -20.40
C SER E 183 3.47 26.16 -21.58
N LEU E 184 2.97 26.85 -22.61
CA LEU E 184 2.48 26.16 -23.80
C LEU E 184 3.60 25.39 -24.48
N GLU E 185 4.77 26.02 -24.65
CA GLU E 185 5.90 25.33 -25.26
C GLU E 185 6.35 24.14 -24.44
N LYS E 186 6.43 24.30 -23.11
CA LYS E 186 6.81 23.20 -22.25
C LYS E 186 5.83 22.04 -22.38
N ARG E 187 4.52 22.33 -22.35
CA ARG E 187 3.54 21.26 -22.42
C ARG E 187 3.56 20.58 -23.78
N SER E 188 3.74 21.35 -24.85
CA SER E 188 3.79 20.74 -26.17
C SER E 188 4.99 19.82 -26.32
N LYS E 189 6.16 20.25 -25.85
CA LYS E 189 7.34 19.38 -25.93
C LYS E 189 7.18 18.15 -25.05
N MET E 190 6.61 18.34 -23.84
CA MET E 190 6.42 17.21 -22.95
C MET E 190 5.45 16.19 -23.53
N LEU E 191 4.40 16.65 -24.20
CA LEU E 191 3.45 15.73 -24.82
C LEU E 191 4.03 15.07 -26.07
N ASN E 192 4.84 15.81 -26.84
CA ASN E 192 5.48 15.22 -28.01
C ASN E 192 6.51 14.18 -27.62
N PHE E 193 7.10 14.31 -26.43
CA PHE E 193 8.09 13.33 -25.99
C PHE E 193 7.48 11.94 -25.86
N LYS E 194 6.26 11.84 -25.33
CA LYS E 194 5.63 10.53 -25.20
C LYS E 194 5.36 9.92 -26.56
N GLU E 195 4.85 10.72 -27.52
CA GLU E 195 4.61 10.22 -28.86
C GLU E 195 5.90 9.73 -29.51
N LYS E 196 6.97 10.50 -29.40
CA LYS E 196 8.22 10.10 -30.02
C LYS E 196 8.83 8.89 -29.32
N PHE E 197 8.66 8.79 -28.00
CA PHE E 197 9.14 7.63 -27.27
C PHE E 197 8.41 6.37 -27.71
N LEU E 198 7.09 6.46 -27.90
CA LEU E 198 6.34 5.32 -28.40
C LEU E 198 6.76 4.96 -29.83
N ASP E 199 6.95 5.97 -30.69
CA ASP E 199 7.29 5.69 -32.07
C ASP E 199 8.74 5.23 -32.23
N ASN E 200 9.58 5.44 -31.22
CA ASN E 200 10.99 5.10 -31.34
C ASN E 200 11.40 3.93 -30.46
N GLY E 201 10.78 3.77 -29.30
CA GLY E 201 11.20 2.71 -28.39
C GLY E 201 10.95 1.33 -28.98
N THR E 202 11.71 0.36 -28.47
CA THR E 202 11.68 -1.00 -28.98
C THR E 202 11.05 -1.93 -27.94
N VAL E 203 10.36 -2.95 -28.44
CA VAL E 203 9.85 -4.03 -27.61
C VAL E 203 10.46 -5.33 -28.09
N ILE E 204 10.83 -6.20 -27.18
CA ILE E 204 11.45 -7.48 -27.50
C ILE E 204 10.69 -8.59 -26.77
N GLY E 205 10.53 -9.73 -27.43
CA GLY E 205 9.94 -10.87 -26.79
C GLY E 205 10.99 -11.83 -26.28
N LEU E 206 11.99 -12.13 -27.12
CA LEU E 206 13.09 -12.99 -26.74
C LEU E 206 14.37 -12.45 -27.32
N ILE E 207 15.48 -12.71 -26.63
CA ILE E 207 16.82 -12.47 -27.16
C ILE E 207 17.59 -13.76 -27.07
N LEU E 208 17.78 -14.42 -28.21
CA LEU E 208 18.52 -15.67 -28.30
C LEU E 208 19.85 -15.41 -28.97
N GLU E 209 20.93 -15.80 -28.31
CA GLU E 209 22.25 -15.64 -28.89
C GLU E 209 22.93 -16.99 -29.00
N THR E 210 23.75 -17.13 -30.05
CA THR E 210 24.51 -18.34 -30.29
C THR E 210 25.95 -17.95 -30.56
N ASP E 211 26.88 -18.69 -29.98
CA ASP E 211 28.30 -18.41 -30.15
C ASP E 211 28.82 -18.82 -31.52
N GLU E 212 27.93 -19.15 -32.45
CA GLU E 212 28.32 -19.58 -33.78
C GLU E 212 27.39 -18.95 -34.81
N ILE E 213 27.90 -18.84 -36.03
CA ILE E 213 27.20 -18.16 -37.12
C ILE E 213 26.30 -19.16 -37.83
N LEU E 214 25.04 -18.79 -38.04
CA LEU E 214 24.02 -19.75 -38.46
C LEU E 214 23.19 -19.22 -39.63
N ASN E 215 23.86 -18.77 -40.69
CA ASN E 215 23.23 -18.59 -41.99
C ASN E 215 22.10 -17.58 -42.01
N LYS E 216 22.44 -16.29 -41.95
CA LYS E 216 21.51 -15.16 -41.84
C LYS E 216 20.16 -15.37 -42.54
N LYS E 217 20.16 -15.92 -43.76
CA LYS E 217 18.88 -16.16 -44.43
C LYS E 217 18.00 -17.11 -43.62
N LEU E 218 18.54 -18.29 -43.29
CA LEU E 218 17.76 -19.26 -42.52
C LEU E 218 17.55 -18.79 -41.09
N ARG E 219 18.51 -18.07 -40.52
CA ARG E 219 18.33 -17.51 -39.18
C ARG E 219 17.14 -16.56 -39.16
N GLU E 220 17.02 -15.70 -40.17
CA GLU E 220 15.92 -14.75 -40.22
C GLU E 220 14.60 -15.46 -40.50
N ARG E 221 14.62 -16.50 -41.34
CA ARG E 221 13.39 -17.26 -41.55
C ARG E 221 12.93 -17.92 -40.26
N LYS E 222 13.85 -18.53 -39.52
CA LYS E 222 13.50 -19.12 -38.23
C LYS E 222 13.04 -18.06 -37.24
N GLN E 223 13.64 -16.87 -37.29
CA GLN E 223 13.19 -15.78 -36.43
C GLN E 223 11.74 -15.42 -36.71
N GLU E 224 11.38 -15.27 -37.98
CA GLU E 224 10.00 -14.94 -38.33
C GLU E 224 9.05 -16.06 -37.93
N GLU E 225 9.44 -17.31 -38.19
CA GLU E 225 8.60 -18.45 -37.84
C GLU E 225 8.38 -18.52 -36.34
N LEU E 226 9.43 -18.32 -35.57
CA LEU E 226 9.34 -18.43 -34.12
C LEU E 226 8.57 -17.25 -33.54
N GLN E 227 8.62 -16.09 -34.18
CA GLN E 227 7.81 -14.96 -33.73
C GLN E 227 6.34 -15.22 -33.98
N LEU E 228 5.98 -15.67 -35.18
CA LEU E 228 4.57 -15.85 -35.51
C LEU E 228 3.99 -17.06 -34.79
N ASP E 229 4.81 -18.06 -34.49
CA ASP E 229 4.30 -19.30 -33.93
C ASP E 229 3.96 -19.17 -32.45
N TYR E 230 4.65 -18.31 -31.72
CA TYR E 230 4.50 -18.21 -30.27
C TYR E 230 3.66 -17.02 -29.83
N ASN E 231 2.80 -16.52 -30.71
CA ASN E 231 1.86 -15.48 -30.37
C ASN E 231 0.48 -16.09 -30.24
N PRO E 232 -0.16 -16.03 -29.07
CA PRO E 232 -1.45 -16.74 -28.91
C PRO E 232 -2.52 -16.32 -29.89
N SER E 233 -2.47 -15.08 -30.38
CA SER E 233 -3.44 -14.66 -31.38
C SER E 233 -3.29 -15.45 -32.68
N THR E 234 -2.04 -15.68 -33.10
CA THR E 234 -1.75 -16.34 -34.38
C THR E 234 -0.88 -17.57 -34.23
N GLY E 235 -0.87 -18.20 -33.06
CA GLY E 235 0.02 -19.34 -32.84
C GLY E 235 -0.63 -20.39 -31.97
N GLN E 236 -0.09 -21.60 -32.08
CA GLN E 236 -0.54 -22.77 -31.32
C GLN E 236 0.67 -23.51 -30.76
N SER E 237 1.60 -22.76 -30.17
CA SER E 237 2.77 -23.36 -29.55
C SER E 237 3.27 -22.44 -28.44
N SER E 238 3.80 -23.06 -27.39
CA SER E 238 4.29 -22.29 -26.25
C SER E 238 5.57 -22.84 -25.63
N VAL E 239 6.24 -23.80 -26.25
CA VAL E 239 7.43 -24.43 -25.68
C VAL E 239 8.57 -24.29 -26.67
N LEU E 240 9.77 -23.99 -26.15
CA LEU E 240 10.98 -23.90 -26.94
C LEU E 240 11.98 -24.96 -26.53
N ILE E 241 12.49 -25.68 -27.52
CA ILE E 241 13.56 -26.65 -27.31
C ILE E 241 14.75 -26.15 -28.13
N LEU E 242 15.63 -25.39 -27.50
CA LEU E 242 16.78 -24.84 -28.21
C LEU E 242 17.86 -25.91 -28.33
N ASP E 243 18.28 -26.17 -29.56
CA ASP E 243 19.26 -27.21 -29.85
C ASP E 243 20.59 -26.60 -30.24
N GLY E 244 21.63 -27.42 -30.18
CA GLY E 244 22.94 -27.02 -30.62
C GLY E 244 23.69 -26.09 -29.68
N GLY E 245 23.18 -25.86 -28.48
CA GLY E 245 23.81 -24.95 -27.54
C GLY E 245 23.32 -23.52 -27.60
N MET E 246 22.25 -23.25 -28.34
CA MET E 246 21.69 -21.91 -28.37
C MET E 246 21.14 -21.52 -27.01
N LYS E 247 21.46 -20.31 -26.57
CA LYS E 247 21.08 -19.83 -25.25
C LYS E 247 20.03 -18.74 -25.39
N ALA E 248 19.30 -18.51 -24.29
CA ALA E 248 18.29 -17.46 -24.23
C ALA E 248 18.70 -16.47 -23.14
N LYS E 249 19.09 -15.28 -23.54
CA LYS E 249 19.55 -14.28 -22.59
C LYS E 249 18.38 -13.73 -21.79
N PRO E 250 18.43 -13.78 -20.45
CA PRO E 250 17.31 -13.25 -19.66
C PRO E 250 17.36 -11.73 -19.58
N TYR E 251 17.00 -11.08 -20.69
CA TYR E 251 17.07 -9.63 -20.78
C TYR E 251 15.96 -8.99 -19.95
N SER E 252 15.99 -7.66 -19.89
CA SER E 252 14.95 -6.86 -19.25
C SER E 252 14.84 -5.54 -19.98
N GLN E 253 13.65 -4.92 -19.91
CA GLN E 253 13.38 -3.68 -20.63
C GLN E 253 14.20 -2.55 -20.00
N ILE E 254 14.89 -1.79 -20.84
CA ILE E 254 15.81 -0.78 -20.33
C ILE E 254 15.05 0.42 -19.79
N SER E 255 14.30 1.10 -20.64
CA SER E 255 13.56 2.30 -20.26
C SER E 255 12.08 2.04 -20.45
N SER E 256 11.41 1.60 -19.39
CA SER E 256 10.00 1.26 -19.48
C SER E 256 9.15 2.52 -19.59
N PHE E 257 7.94 2.34 -20.11
CA PHE E 257 7.01 3.45 -20.24
C PHE E 257 6.49 3.94 -18.90
N LYS E 258 6.56 3.11 -17.85
CA LYS E 258 6.06 3.53 -16.54
C LYS E 258 6.89 4.64 -15.95
N ASP E 259 8.15 4.77 -16.36
CA ASP E 259 8.99 5.86 -15.87
C ASP E 259 8.44 7.22 -16.30
N LEU E 260 7.96 7.32 -17.54
CA LEU E 260 7.44 8.57 -18.07
C LEU E 260 6.05 8.82 -17.50
N ASP E 261 6.03 9.26 -16.24
CA ASP E 261 4.79 9.62 -15.56
C ASP E 261 4.56 11.11 -15.74
N PHE E 262 4.21 11.49 -16.96
CA PHE E 262 4.02 12.89 -17.32
C PHE E 262 2.66 13.44 -16.94
N LYS E 263 1.72 12.59 -16.54
CA LYS E 263 0.34 13.05 -16.40
C LYS E 263 0.20 14.14 -15.34
N GLU E 264 0.90 13.99 -14.23
CA GLU E 264 0.81 15.02 -13.19
C GLU E 264 1.38 16.34 -13.66
N ASP E 265 2.50 16.30 -14.39
CA ASP E 265 3.07 17.52 -14.95
C ASP E 265 2.14 18.14 -15.98
N ILE E 266 1.51 17.32 -16.82
CA ILE E 266 0.61 17.85 -17.84
C ILE E 266 -0.61 18.49 -17.18
N GLU E 267 -1.13 17.86 -16.12
CA GLU E 267 -2.24 18.44 -15.38
C GLU E 267 -1.83 19.76 -14.75
N GLY E 268 -0.61 19.83 -14.21
CA GLY E 268 -0.13 21.09 -13.67
C GLY E 268 -0.04 22.18 -14.72
N PHE E 269 0.46 21.83 -15.91
CA PHE E 269 0.56 22.83 -16.98
C PHE E 269 -0.82 23.27 -17.46
N ASN E 270 -1.78 22.34 -17.51
CA ASN E 270 -3.14 22.71 -17.89
C ASN E 270 -3.76 23.65 -16.87
N LYS E 271 -3.60 23.34 -15.58
CA LYS E 271 -4.15 24.19 -14.54
C LYS E 271 -3.49 25.57 -14.55
N SER E 272 -2.19 25.62 -14.79
CA SER E 272 -1.51 26.91 -14.89
C SER E 272 -2.00 27.70 -16.10
N ILE E 273 -2.22 27.03 -17.23
CA ILE E 273 -2.70 27.72 -18.42
C ILE E 273 -4.09 28.29 -18.17
N CYS E 274 -4.97 27.50 -17.57
CA CYS E 274 -6.31 28.00 -17.26
C CYS E 274 -6.27 29.05 -16.16
N LEU E 275 -5.20 29.06 -15.36
CA LEU E 275 -5.09 30.00 -14.26
C LEU E 275 -4.90 31.42 -14.76
N ALA E 276 -4.08 31.61 -15.81
CA ALA E 276 -3.79 32.96 -16.27
C ALA E 276 -5.02 33.65 -16.83
N PHE E 277 -5.85 32.91 -17.58
CA PHE E 277 -7.04 33.52 -18.15
C PHE E 277 -8.10 33.80 -17.09
N GLY E 278 -8.13 32.99 -16.03
CA GLY E 278 -9.05 33.23 -14.94
C GLY E 278 -10.17 32.23 -14.83
N VAL E 279 -10.35 31.41 -15.85
CA VAL E 279 -11.44 30.44 -15.87
C VAL E 279 -11.22 29.43 -14.75
N PRO E 280 -12.22 29.16 -13.90
CA PRO E 280 -12.08 28.09 -12.92
C PRO E 280 -12.06 26.74 -13.63
N GLN E 281 -11.31 25.80 -13.05
CA GLN E 281 -11.15 24.49 -13.67
C GLN E 281 -12.45 23.70 -13.70
N VAL E 282 -13.40 24.02 -12.81
CA VAL E 282 -14.67 23.29 -12.78
C VAL E 282 -15.50 23.62 -14.03
N LEU E 283 -15.34 24.82 -14.56
CA LEU E 283 -16.09 25.21 -15.76
C LEU E 283 -15.79 24.29 -16.93
N LEU E 284 -14.51 23.96 -17.12
CA LEU E 284 -14.16 23.05 -18.20
C LEU E 284 -14.66 21.64 -17.96
N ASP E 285 -14.60 21.19 -16.71
CA ASP E 285 -15.04 19.86 -16.33
C ASP E 285 -16.53 19.89 -15.98
N GLY E 286 -17.02 18.83 -15.36
CA GLY E 286 -18.39 18.76 -14.87
C GLY E 286 -18.43 18.99 -13.36
N GLY E 287 -19.49 19.67 -12.91
CA GLY E 287 -19.63 20.00 -11.51
C GLY E 287 -21.00 19.61 -10.98
N ASN E 288 -21.09 19.58 -9.66
CA ASN E 288 -22.33 19.23 -8.97
C ASN E 288 -23.29 20.42 -8.98
N ASN E 289 -24.38 20.28 -8.20
CA ASN E 289 -25.22 21.43 -7.91
C ASN E 289 -24.43 22.54 -7.23
N ALA E 290 -23.44 22.16 -6.41
CA ALA E 290 -22.69 23.12 -5.62
C ALA E 290 -21.50 23.71 -6.37
N ASN E 291 -21.30 23.34 -7.63
CA ASN E 291 -20.14 23.82 -8.39
C ASN E 291 -20.52 24.71 -9.56
N ILE E 292 -21.53 24.34 -10.35
CA ILE E 292 -21.69 24.94 -11.67
C ILE E 292 -22.03 26.42 -11.57
N ARG E 293 -23.05 26.76 -10.77
CA ARG E 293 -23.46 28.16 -10.75
C ARG E 293 -22.51 29.02 -9.92
N PRO E 294 -22.05 28.59 -8.74
CA PRO E 294 -21.02 29.38 -8.05
C PRO E 294 -19.76 29.60 -8.88
N ASN E 295 -19.31 28.58 -9.61
CA ASN E 295 -18.09 28.74 -10.39
C ASN E 295 -18.33 29.62 -11.61
N ILE E 296 -19.51 29.51 -12.24
CA ILE E 296 -19.83 30.41 -13.34
C ILE E 296 -19.92 31.84 -12.84
N GLU E 297 -20.48 32.04 -11.64
CA GLU E 297 -20.52 33.38 -11.05
C GLU E 297 -19.13 33.91 -10.78
N LEU E 298 -18.24 33.08 -10.23
CA LEU E 298 -16.86 33.54 -10.06
C LEU E 298 -16.24 33.90 -11.40
N PHE E 299 -16.39 33.04 -12.40
CA PHE E 299 -15.80 33.33 -13.70
C PHE E 299 -16.26 34.68 -14.20
N TYR E 300 -17.57 34.80 -14.50
CA TYR E 300 -18.11 36.07 -14.96
C TYR E 300 -17.64 37.23 -14.11
N TYR E 301 -18.04 37.26 -12.83
CA TYR E 301 -17.74 38.43 -12.02
C TYR E 301 -16.24 38.69 -11.99
N MET E 302 -15.48 37.83 -11.31
CA MET E 302 -14.10 38.15 -10.98
C MET E 302 -13.23 38.30 -12.22
N THR E 303 -13.40 37.45 -13.23
CA THR E 303 -12.53 37.56 -14.40
C THR E 303 -13.08 38.57 -15.40
N ILE E 304 -14.29 38.33 -15.90
CA ILE E 304 -14.78 39.11 -17.02
C ILE E 304 -15.10 40.54 -16.59
N ILE E 305 -15.80 40.72 -15.47
CA ILE E 305 -16.41 42.02 -15.23
C ILE E 305 -15.36 43.09 -14.93
N PRO E 306 -14.19 42.78 -14.37
CA PRO E 306 -13.09 43.76 -14.46
C PRO E 306 -12.62 44.02 -15.88
N MET E 307 -12.58 42.98 -16.72
CA MET E 307 -12.13 43.17 -18.10
C MET E 307 -13.07 44.09 -18.86
N LEU E 308 -14.38 43.90 -18.69
CA LEU E 308 -15.33 44.83 -19.29
C LEU E 308 -15.44 46.13 -18.50
N ASN E 309 -15.01 46.12 -17.24
CA ASN E 309 -15.03 47.36 -16.46
C ASN E 309 -13.98 48.33 -16.95
N LYS E 310 -12.84 47.81 -17.42
CA LYS E 310 -11.86 48.67 -18.08
C LYS E 310 -12.49 49.36 -19.29
N LEU E 311 -13.19 48.59 -20.12
CA LEU E 311 -13.83 49.16 -21.31
C LEU E 311 -14.90 50.18 -20.93
N THR E 312 -15.72 49.86 -19.92
CA THR E 312 -16.79 50.78 -19.54
C THR E 312 -16.24 52.03 -18.87
N SER E 313 -15.12 51.92 -18.15
CA SER E 313 -14.49 53.11 -17.60
C SER E 313 -13.94 54.00 -18.72
N SER E 314 -13.33 53.40 -19.73
CA SER E 314 -12.89 54.19 -20.87
C SER E 314 -14.07 54.85 -21.55
N LEU E 315 -15.19 54.15 -21.67
CA LEU E 315 -16.39 54.72 -22.28
C LEU E 315 -16.96 55.86 -21.45
N THR E 316 -17.03 55.71 -20.12
CA THR E 316 -17.58 56.78 -19.30
C THR E 316 -16.65 57.99 -19.29
N PHE E 317 -15.34 57.77 -19.47
CA PHE E 317 -14.45 58.89 -19.75
C PHE E 317 -14.80 59.54 -21.08
N PHE E 318 -14.94 58.75 -22.15
CA PHE E 318 -15.04 59.32 -23.48
C PHE E 318 -16.36 60.06 -23.68
N PHE E 319 -17.47 59.43 -23.33
CA PHE E 319 -18.79 59.99 -23.60
C PHE E 319 -19.38 60.74 -22.41
N GLY E 320 -18.84 60.54 -21.21
CA GLY E 320 -19.37 61.20 -20.04
C GLY E 320 -20.58 60.53 -19.44
N TYR E 321 -21.04 59.42 -20.00
CA TYR E 321 -22.24 58.73 -19.54
C TYR E 321 -21.82 57.54 -18.68
N LYS E 322 -22.48 57.39 -17.54
CA LYS E 322 -22.16 56.27 -16.66
C LYS E 322 -22.51 54.96 -17.35
N ILE E 323 -21.50 54.22 -17.77
CA ILE E 323 -21.68 52.96 -18.48
C ILE E 323 -21.09 51.86 -17.62
N THR E 324 -21.89 50.84 -17.35
CA THR E 324 -21.45 49.72 -16.53
C THR E 324 -21.79 48.40 -17.22
N PRO E 325 -20.99 47.37 -17.02
CA PRO E 325 -21.35 46.05 -17.53
C PRO E 325 -22.53 45.50 -16.75
N ASN E 326 -23.69 45.50 -17.39
CA ASN E 326 -24.92 45.05 -16.76
C ASN E 326 -25.40 43.83 -17.54
N THR E 327 -25.18 42.64 -16.97
CA THR E 327 -25.47 41.46 -17.76
C THR E 327 -26.98 41.19 -17.77
N LYS E 328 -27.51 40.70 -16.64
CA LYS E 328 -28.94 40.61 -16.38
C LYS E 328 -29.67 39.78 -17.43
N GLU E 329 -28.94 39.38 -18.48
CA GLU E 329 -29.52 38.68 -19.62
C GLU E 329 -28.66 37.54 -20.13
N VAL E 330 -27.39 37.44 -19.70
CA VAL E 330 -26.54 36.35 -20.17
C VAL E 330 -27.12 35.03 -19.69
N ALA E 331 -27.08 34.03 -20.57
CA ALA E 331 -27.76 32.77 -20.27
C ALA E 331 -27.12 32.03 -19.10
N ALA E 332 -25.83 32.24 -18.87
CA ALA E 332 -25.13 31.49 -17.84
C ALA E 332 -25.32 32.07 -16.44
N LEU E 333 -25.86 33.28 -16.32
CA LEU E 333 -26.09 33.91 -15.04
C LEU E 333 -27.56 34.19 -14.79
N THR E 334 -28.45 33.43 -15.42
CA THR E 334 -29.87 33.58 -15.15
C THR E 334 -30.15 33.19 -13.70
N PRO E 335 -30.78 34.06 -12.92
CA PRO E 335 -30.98 33.76 -11.50
C PRO E 335 -31.91 32.57 -11.33
N ASP E 336 -31.73 31.87 -10.20
CA ASP E 336 -32.60 30.76 -9.86
C ASP E 336 -34.04 31.26 -9.81
N LYS E 337 -34.91 30.64 -10.61
CA LYS E 337 -36.26 31.19 -10.81
C LYS E 337 -37.04 31.22 -9.51
N GLU E 338 -36.98 30.14 -8.72
CA GLU E 338 -37.77 30.07 -7.50
C GLU E 338 -37.26 31.08 -6.46
N ALA E 339 -35.95 31.12 -6.22
CA ALA E 339 -35.41 32.06 -5.25
C ALA E 339 -35.61 33.51 -5.70
N GLU E 340 -35.43 33.78 -6.99
CA GLU E 340 -35.64 35.12 -7.49
C GLU E 340 -37.08 35.55 -7.31
N ALA E 341 -38.02 34.68 -7.65
CA ALA E 341 -39.43 34.99 -7.44
C ALA E 341 -39.72 35.22 -5.97
N LYS E 342 -39.13 34.39 -5.09
CA LYS E 342 -39.38 34.56 -3.67
C LYS E 342 -38.93 35.92 -3.17
N HIS E 343 -37.71 36.34 -3.51
CA HIS E 343 -37.24 37.60 -2.94
C HIS E 343 -37.96 38.78 -3.57
N LEU E 344 -38.25 38.71 -4.87
CA LEU E 344 -39.00 39.79 -5.51
C LEU E 344 -40.40 39.92 -4.93
N THR E 345 -41.08 38.79 -4.71
CA THR E 345 -42.41 38.85 -4.12
C THR E 345 -42.36 39.40 -2.71
N SER E 346 -41.34 39.00 -1.92
CA SER E 346 -41.24 39.53 -0.57
C SER E 346 -41.01 41.04 -0.59
N LEU E 347 -40.13 41.52 -1.49
CA LEU E 347 -39.88 42.95 -1.59
C LEU E 347 -41.13 43.71 -2.01
N VAL E 348 -41.87 43.17 -2.98
CA VAL E 348 -43.08 43.85 -3.44
C VAL E 348 -44.14 43.88 -2.35
N ASN E 349 -44.35 42.75 -1.67
CA ASN E 349 -45.36 42.69 -0.63
C ASN E 349 -45.04 43.63 0.53
N ASN E 350 -43.78 43.65 0.96
CA ASN E 350 -43.38 44.43 2.12
C ASN E 350 -43.08 45.89 1.78
N GLY E 351 -43.38 46.32 0.56
CA GLY E 351 -43.40 47.72 0.23
C GLY E 351 -42.06 48.40 0.04
N ILE E 352 -40.96 47.63 -0.07
CA ILE E 352 -39.68 48.28 -0.31
C ILE E 352 -39.59 48.81 -1.74
N ILE E 353 -39.96 48.00 -2.72
CA ILE E 353 -39.86 48.38 -4.12
C ILE E 353 -41.22 48.24 -4.79
N THR E 354 -41.42 48.96 -5.90
CA THR E 354 -42.66 48.91 -6.65
C THR E 354 -42.72 47.64 -7.50
N GLY E 355 -43.92 47.33 -7.97
CA GLY E 355 -44.08 46.16 -8.83
C GLY E 355 -43.41 46.33 -10.18
N ASN E 356 -43.46 47.54 -10.75
CA ASN E 356 -42.87 47.78 -12.06
C ASN E 356 -41.37 47.57 -12.04
N GLU E 357 -40.68 47.98 -10.97
CA GLU E 357 -39.24 47.79 -10.92
C GLU E 357 -38.90 46.32 -10.69
N ALA E 358 -39.78 45.58 -10.01
CA ALA E 358 -39.61 44.14 -9.94
C ALA E 358 -39.75 43.51 -11.32
N ARG E 359 -40.71 43.97 -12.12
CA ARG E 359 -40.83 43.50 -13.49
C ARG E 359 -39.57 43.82 -14.29
N SER E 360 -39.02 45.02 -14.09
CA SER E 360 -37.78 45.39 -14.77
C SER E 360 -36.65 44.45 -14.37
N GLU E 361 -36.55 44.11 -13.09
CA GLU E 361 -35.57 43.13 -12.64
C GLU E 361 -35.88 41.72 -13.15
N LEU E 362 -37.10 41.48 -13.61
CA LEU E 362 -37.48 40.23 -14.27
C LEU E 362 -37.25 40.26 -15.78
N ASN E 363 -36.68 41.34 -16.31
CA ASN E 363 -36.43 41.54 -17.74
C ASN E 363 -37.71 41.61 -18.55
N LEU E 364 -38.80 42.08 -17.96
CA LEU E 364 -40.05 42.26 -18.68
C LEU E 364 -40.26 43.74 -18.98
N GLU E 365 -41.39 44.06 -19.62
CA GLU E 365 -41.73 45.44 -19.93
C GLU E 365 -42.70 45.99 -18.90
N PRO E 366 -42.33 47.06 -18.19
CA PRO E 366 -43.27 47.68 -17.24
C PRO E 366 -44.55 48.11 -17.94
N LEU E 367 -45.66 47.93 -17.26
CA LEU E 367 -46.97 48.24 -17.81
C LEU E 367 -47.55 49.47 -17.12
N ASP E 368 -48.26 50.30 -17.90
CA ASP E 368 -48.77 51.58 -17.40
C ASP E 368 -50.09 51.36 -16.66
N ASP E 369 -49.96 51.18 -15.35
CA ASP E 369 -51.11 51.08 -14.46
C ASP E 369 -50.96 52.07 -13.31
N GLU E 370 -52.11 52.51 -12.80
CA GLU E 370 -52.14 53.45 -11.69
C GLU E 370 -51.73 52.79 -10.38
N GLN E 371 -52.29 51.62 -10.08
CA GLN E 371 -51.98 50.92 -8.84
C GLN E 371 -50.62 50.23 -8.87
N MET E 372 -50.07 49.99 -10.05
CA MET E 372 -48.81 49.26 -10.16
C MET E 372 -47.59 50.18 -10.06
N ASN E 373 -47.75 51.47 -10.33
CA ASN E 373 -46.66 52.43 -10.26
C ASN E 373 -46.36 52.89 -8.85
N LYS E 374 -47.15 52.48 -7.86
CA LYS E 374 -46.98 52.94 -6.49
C LYS E 374 -46.71 51.75 -5.57
N ILE E 375 -45.95 52.01 -4.50
CA ILE E 375 -45.68 51.00 -3.50
C ILE E 375 -46.97 50.63 -2.77
N ARG E 376 -47.16 49.34 -2.52
CA ARG E 376 -48.45 48.86 -2.02
C ARG E 376 -48.73 49.33 -0.61
N ILE E 377 -47.68 49.56 0.20
CA ILE E 377 -47.83 49.98 1.59
C ILE E 377 -48.75 49.02 2.33
N PRO E 378 -48.28 47.82 2.68
CA PRO E 378 -49.17 46.84 3.30
C PRO E 378 -49.88 47.34 4.55
N ALA E 379 -49.19 48.13 5.38
CA ALA E 379 -49.77 48.73 6.59
C ALA E 379 -50.35 47.62 7.46
N ASN E 380 -51.67 47.49 7.56
CA ASN E 380 -52.28 46.43 8.35
C ASN E 380 -51.87 45.05 7.86
N LEU F 11 4.69 69.84 18.77
CA LEU F 11 5.62 69.18 17.84
C LEU F 11 6.51 68.20 18.57
N ASN F 12 6.88 67.12 17.89
CA ASN F 12 7.71 66.09 18.50
C ASN F 12 9.14 66.61 18.66
N PRO F 13 9.68 66.66 19.87
CA PRO F 13 11.06 67.12 20.04
C PRO F 13 12.11 66.08 19.67
N GLY F 14 11.70 64.88 19.27
CA GLY F 14 12.64 63.85 18.87
C GLY F 14 12.67 63.62 17.38
N GLN F 15 12.05 64.52 16.61
CA GLN F 15 12.00 64.33 15.17
C GLN F 15 13.36 64.56 14.52
N ARG F 16 14.23 65.34 15.14
CA ARG F 16 15.55 65.55 14.57
C ARG F 16 16.35 64.25 14.52
N ILE F 17 16.24 63.43 15.56
CA ILE F 17 16.89 62.12 15.52
C ILE F 17 16.22 61.21 14.50
N ILE F 18 14.91 61.34 14.34
CA ILE F 18 14.22 60.56 13.31
C ILE F 18 14.78 60.88 11.94
N ARG F 19 14.95 62.17 11.63
CA ARG F 19 15.55 62.55 10.36
C ARG F 19 16.99 62.09 10.25
N ASP F 20 17.76 62.21 11.34
CA ASP F 20 19.16 61.80 11.29
C ASP F 20 19.31 60.29 11.09
N MET F 21 18.32 59.51 11.53
CA MET F 21 18.44 58.06 11.39
C MET F 21 17.93 57.58 10.04
N GLU F 22 17.15 58.40 9.34
CA GLU F 22 16.65 58.05 8.01
C GLU F 22 16.23 59.32 7.31
N PRO F 23 17.18 60.03 6.71
CA PRO F 23 16.87 61.36 6.16
C PRO F 23 15.97 61.32 4.93
N VAL F 24 16.18 60.33 4.06
CA VAL F 24 15.43 60.23 2.82
C VAL F 24 14.89 58.81 2.69
N SER F 25 13.80 58.69 1.94
CA SER F 25 13.27 57.38 1.61
C SER F 25 14.18 56.68 0.62
N HIS F 26 14.10 55.35 0.59
CA HIS F 26 14.90 54.53 -0.29
C HIS F 26 14.03 53.50 -0.98
N ARG F 27 14.29 53.27 -2.26
CA ARG F 27 13.48 52.37 -3.05
C ARG F 27 13.59 50.96 -2.50
N THR F 28 12.44 50.28 -2.39
CA THR F 28 12.38 48.96 -1.80
C THR F 28 12.26 47.83 -2.81
N ASN F 29 11.79 48.10 -4.01
CA ASN F 29 11.81 47.12 -5.10
C ASN F 29 13.25 47.04 -5.60
N ARG F 30 14.06 46.27 -4.87
CA ARG F 30 15.51 46.31 -5.06
C ARG F 30 15.89 45.89 -6.47
N LYS F 31 15.26 44.84 -6.99
CA LYS F 31 15.52 44.41 -8.36
C LYS F 31 14.26 44.56 -9.20
N PRO F 32 14.12 45.64 -9.96
CA PRO F 32 12.87 45.90 -10.68
C PRO F 32 12.74 45.13 -11.98
N PHE F 33 13.85 44.95 -12.70
CA PHE F 33 13.77 44.33 -14.02
C PHE F 33 13.35 42.88 -13.92
N THR F 34 13.89 42.14 -12.94
CA THR F 34 13.47 40.76 -12.77
C THR F 34 12.01 40.67 -12.40
N THR F 35 11.53 41.61 -11.57
CA THR F 35 10.11 41.66 -11.25
C THR F 35 9.26 41.87 -12.49
N GLY F 36 9.65 42.82 -13.34
CA GLY F 36 8.89 43.07 -14.55
C GLY F 36 8.90 41.89 -15.49
N GLN F 37 10.06 41.25 -15.66
CA GLN F 37 10.15 40.10 -16.54
C GLN F 37 9.32 38.93 -16.01
N ALA F 38 9.33 38.73 -14.69
CA ALA F 38 8.50 37.67 -14.11
C ALA F 38 7.02 37.97 -14.29
N TYR F 39 6.61 39.22 -14.07
CA TYR F 39 5.21 39.58 -14.27
C TYR F 39 4.80 39.41 -15.72
N SER F 40 5.70 39.68 -16.66
CA SER F 40 5.33 39.63 -18.07
C SER F 40 5.52 38.25 -18.66
N LYS F 41 6.19 37.34 -17.94
CA LYS F 41 6.57 36.05 -18.49
C LYS F 41 6.12 34.88 -17.62
N ILE F 42 5.79 35.04 -16.33
CA ILE F 42 5.28 33.93 -15.47
C ILE F 42 3.85 34.02 -14.94
N GLU F 43 2.87 33.19 -15.36
CA GLU F 43 1.36 33.11 -15.02
C GLU F 43 1.08 33.32 -13.56
N ILE F 44 1.51 32.57 -12.56
CA ILE F 44 0.98 32.72 -11.23
C ILE F 44 1.26 34.08 -10.69
N LEU F 45 2.29 34.81 -11.10
CA LEU F 45 2.45 36.18 -10.65
C LEU F 45 1.53 37.11 -11.41
N ASN F 46 1.43 36.92 -12.73
CA ASN F 46 0.56 37.76 -13.55
C ASN F 46 -0.87 37.71 -13.05
N ARG F 47 -1.41 36.50 -12.87
CA ARG F 47 -2.80 36.39 -12.47
C ARG F 47 -3.03 36.90 -11.05
N THR F 48 -2.13 36.59 -10.12
CA THR F 48 -2.35 37.04 -8.75
C THR F 48 -2.28 38.57 -8.65
N ALA F 49 -1.27 39.18 -9.27
CA ALA F 49 -1.17 40.64 -9.26
C ALA F 49 -2.36 41.27 -9.97
N ASN F 50 -2.79 40.69 -11.09
CA ASN F 50 -3.95 41.23 -11.79
C ASN F 50 -5.20 41.13 -10.94
N MET F 51 -5.38 40.02 -10.24
CA MET F 51 -6.51 39.87 -9.34
C MET F 51 -6.51 40.97 -8.29
N VAL F 52 -5.38 41.15 -7.61
CA VAL F 52 -5.33 42.14 -6.53
C VAL F 52 -5.60 43.53 -7.08
N ILE F 53 -4.97 43.89 -8.19
CA ILE F 53 -5.10 45.25 -8.72
C ILE F 53 -6.52 45.50 -9.20
N ASP F 54 -7.08 44.58 -10.00
CA ASP F 54 -8.41 44.78 -10.54
C ASP F 54 -9.46 44.78 -9.44
N SER F 55 -9.31 43.89 -8.46
CA SER F 55 -10.20 43.89 -7.30
C SER F 55 -10.07 45.15 -6.47
N ALA F 56 -8.92 45.81 -6.48
CA ALA F 56 -8.75 47.08 -5.80
C ALA F 56 -9.11 48.27 -6.68
N ALA F 57 -9.56 48.02 -7.91
CA ALA F 57 -9.99 49.08 -8.81
C ALA F 57 -11.50 49.09 -9.02
N GLU F 58 -12.23 48.14 -8.44
CA GLU F 58 -13.68 48.09 -8.59
C GLU F 58 -14.42 48.75 -7.44
N CYS F 59 -13.79 48.86 -6.28
CA CYS F 59 -14.46 49.38 -5.10
C CYS F 59 -14.65 50.89 -5.22
N SER F 60 -15.90 51.33 -5.19
CA SER F 60 -16.18 52.75 -5.23
C SER F 60 -15.91 53.38 -3.87
N TYR F 61 -15.76 54.70 -3.88
CA TYR F 61 -15.42 55.46 -2.68
C TYR F 61 -16.58 56.38 -2.33
N THR F 62 -17.03 56.30 -1.08
CA THR F 62 -18.13 57.11 -0.58
C THR F 62 -17.58 58.10 0.44
N VAL F 63 -17.75 59.39 0.16
CA VAL F 63 -17.28 60.45 1.06
C VAL F 63 -18.33 60.70 2.12
N GLY F 64 -17.88 60.88 3.36
CA GLY F 64 -18.79 61.08 4.47
C GLY F 64 -18.95 62.54 4.86
N ASP F 65 -18.89 62.80 6.16
CA ASP F 65 -19.05 64.16 6.66
C ASP F 65 -17.72 64.90 6.62
N LYS F 66 -17.79 66.20 6.93
CA LYS F 66 -16.61 67.05 6.99
C LYS F 66 -16.10 67.12 8.42
N TYR F 67 -14.81 66.85 8.60
CA TYR F 67 -14.16 67.00 9.89
C TYR F 67 -13.70 68.44 10.04
N ASN F 68 -14.08 69.08 11.15
CA ASN F 68 -13.74 70.49 11.39
C ASN F 68 -12.26 70.62 11.76
N ILE F 69 -11.41 70.27 10.80
CA ILE F 69 -9.96 70.23 10.97
C ILE F 69 -9.31 70.99 9.83
N VAL F 70 -8.06 71.41 10.07
CA VAL F 70 -7.27 72.12 9.08
C VAL F 70 -6.43 71.09 8.33
N THR F 71 -6.81 70.81 7.09
CA THR F 71 -6.12 69.82 6.27
C THR F 71 -5.32 70.52 5.17
N TYR F 72 -4.53 69.71 4.46
CA TYR F 72 -3.68 70.26 3.41
C TYR F 72 -4.50 70.84 2.27
N ALA F 73 -5.58 70.17 1.88
CA ALA F 73 -6.48 70.64 0.84
C ALA F 73 -7.76 71.14 1.50
N ASN F 74 -8.08 72.41 1.27
CA ASN F 74 -9.25 73.03 1.86
C ASN F 74 -10.03 73.77 0.77
N GLY F 75 -11.33 73.90 0.99
CA GLY F 75 -12.21 74.53 0.03
C GLY F 75 -12.76 73.63 -1.05
N VAL F 76 -12.55 72.31 -0.94
CA VAL F 76 -13.05 71.36 -1.92
C VAL F 76 -14.45 70.92 -1.50
N LYS F 77 -15.38 70.95 -2.44
CA LYS F 77 -16.76 70.60 -2.16
C LYS F 77 -16.93 69.09 -2.10
N THR F 78 -17.95 68.65 -1.35
CA THR F 78 -18.20 67.23 -1.19
C THR F 78 -18.52 66.57 -2.53
N LYS F 79 -19.46 67.15 -3.29
CA LYS F 79 -19.83 66.56 -4.56
C LYS F 79 -18.70 66.63 -5.57
N THR F 80 -17.93 67.72 -5.54
CA THR F 80 -16.78 67.81 -6.44
C THR F 80 -15.77 66.71 -6.15
N LEU F 81 -15.47 66.48 -4.87
CA LEU F 81 -14.55 65.40 -4.51
C LEU F 81 -15.12 64.05 -4.90
N ASP F 82 -16.42 63.85 -4.72
CA ASP F 82 -17.04 62.57 -5.06
C ASP F 82 -16.95 62.29 -6.56
N THR F 83 -17.34 63.26 -7.38
CA THR F 83 -17.28 63.06 -8.83
C THR F 83 -15.85 62.93 -9.31
N LEU F 84 -14.92 63.66 -8.68
CA LEU F 84 -13.51 63.51 -9.00
C LEU F 84 -13.02 62.10 -8.72
N LEU F 85 -13.37 61.56 -7.55
CA LEU F 85 -12.82 60.31 -7.08
C LEU F 85 -13.55 59.09 -7.60
N ASN F 86 -14.72 59.28 -8.23
CA ASN F 86 -15.47 58.15 -8.77
C ASN F 86 -15.75 58.23 -10.26
N VAL F 87 -15.46 59.35 -10.93
CA VAL F 87 -15.73 59.51 -12.36
C VAL F 87 -14.47 59.80 -13.15
N ARG F 88 -13.80 60.92 -12.86
CA ARG F 88 -12.59 61.32 -13.55
C ARG F 88 -11.65 62.07 -12.62
N PRO F 89 -10.60 61.41 -12.13
CA PRO F 89 -9.61 62.12 -11.32
C PRO F 89 -8.90 63.21 -12.10
N ASN F 90 -8.62 62.94 -13.36
CA ASN F 90 -7.91 63.89 -14.18
C ASN F 90 -8.79 64.42 -15.30
N PRO F 91 -8.52 65.63 -15.78
CA PRO F 91 -9.25 66.12 -16.96
C PRO F 91 -9.07 65.21 -18.18
N PHE F 92 -7.94 64.54 -18.29
CA PHE F 92 -7.61 63.70 -19.44
C PHE F 92 -6.95 62.40 -18.99
N MET F 93 -7.55 61.72 -18.01
CA MET F 93 -7.12 60.37 -17.63
C MET F 93 -8.29 59.64 -17.00
N ASP F 94 -8.39 58.34 -17.25
CA ASP F 94 -9.52 57.53 -16.86
C ASP F 94 -9.51 57.27 -15.35
N ILE F 95 -10.69 56.95 -14.82
CA ILE F 95 -10.79 56.61 -13.40
C ILE F 95 -10.16 55.25 -13.13
N SER F 96 -10.51 54.24 -13.94
CA SER F 96 -9.99 52.90 -13.70
C SER F 96 -8.50 52.83 -13.97
N THR F 97 -8.03 53.54 -15.00
CA THR F 97 -6.60 53.60 -15.25
C THR F 97 -5.86 54.23 -14.08
N PHE F 98 -6.40 55.31 -13.53
CA PHE F 98 -5.76 55.97 -12.40
C PHE F 98 -5.72 55.06 -11.19
N ARG F 99 -6.85 54.40 -10.89
CA ARG F 99 -6.88 53.50 -9.74
C ARG F 99 -5.92 52.32 -9.93
N ARG F 100 -5.84 51.80 -11.15
CA ARG F 100 -4.96 50.68 -11.42
C ARG F 100 -3.50 51.09 -11.28
N LEU F 101 -3.15 52.28 -11.77
CA LEU F 101 -1.79 52.78 -11.57
C LEU F 101 -1.47 52.95 -10.10
N VAL F 102 -2.40 53.51 -9.33
CA VAL F 102 -2.15 53.72 -7.90
C VAL F 102 -1.95 52.39 -7.19
N VAL F 103 -2.82 51.41 -7.48
CA VAL F 103 -2.71 50.11 -6.82
C VAL F 103 -1.47 49.37 -7.26
N THR F 104 -1.09 49.50 -8.55
CA THR F 104 0.14 48.88 -9.01
C THR F 104 1.35 49.47 -8.32
N ASP F 105 1.38 50.79 -8.13
CA ASP F 105 2.46 51.40 -7.37
C ASP F 105 2.46 50.92 -5.94
N LEU F 106 1.28 50.80 -5.32
CA LEU F 106 1.20 50.36 -3.94
C LEU F 106 1.65 48.91 -3.78
N LEU F 107 1.45 48.08 -4.81
CA LEU F 107 1.85 46.68 -4.72
C LEU F 107 3.32 46.49 -5.06
N PHE F 108 3.70 46.84 -6.29
CA PHE F 108 5.05 46.54 -6.76
C PHE F 108 6.10 47.41 -6.06
N GLU F 109 5.72 48.59 -5.61
CA GLU F 109 6.57 49.41 -4.75
C GLU F 109 5.93 49.50 -3.37
N GLY F 110 6.75 49.87 -2.39
CA GLY F 110 6.24 49.96 -1.03
C GLY F 110 5.22 51.08 -0.85
N CYS F 111 5.27 52.07 -1.73
CA CYS F 111 4.44 53.27 -1.60
C CYS F 111 3.76 53.55 -2.93
N ALA F 112 2.73 54.41 -2.88
CA ALA F 112 2.01 54.86 -4.05
C ALA F 112 1.65 56.32 -3.86
N TYR F 113 1.98 57.15 -4.84
CA TYR F 113 1.91 58.59 -4.70
C TYR F 113 0.87 59.15 -5.66
N ILE F 114 0.04 60.05 -5.15
CA ILE F 114 -1.01 60.70 -5.95
C ILE F 114 -0.83 62.20 -5.81
N TYR F 115 -0.63 62.88 -6.95
CA TYR F 115 -0.49 64.33 -6.95
C TYR F 115 -1.87 64.99 -6.80
N TRP F 116 -1.86 66.20 -6.24
CA TRP F 116 -3.06 67.00 -6.07
C TRP F 116 -2.83 68.36 -6.73
N ASP F 117 -3.48 68.58 -7.86
CA ASP F 117 -3.45 69.87 -8.52
C ASP F 117 -4.44 70.81 -7.84
N GLY F 118 -4.72 71.95 -8.46
CA GLY F 118 -5.72 72.84 -7.91
C GLY F 118 -7.10 72.20 -7.83
N THR F 119 -7.47 71.44 -8.85
CA THR F 119 -8.80 70.85 -8.92
C THR F 119 -8.84 69.38 -9.30
N SER F 120 -7.70 68.73 -9.53
CA SER F 120 -7.70 67.35 -10.03
C SER F 120 -6.51 66.59 -9.46
N LEU F 121 -6.70 65.28 -9.32
CA LEU F 121 -5.65 64.36 -8.87
C LEU F 121 -4.95 63.73 -10.05
N TYR F 122 -3.67 64.08 -10.24
CA TYR F 122 -2.79 63.45 -11.20
C TYR F 122 -2.07 62.29 -10.52
N HIS F 123 -1.86 61.21 -11.25
CA HIS F 123 -1.03 60.12 -10.73
C HIS F 123 0.43 60.38 -11.01
N VAL F 124 1.28 60.09 -10.03
CA VAL F 124 2.72 60.18 -10.19
C VAL F 124 3.32 58.83 -9.79
N PRO F 125 4.09 58.19 -10.67
CA PRO F 125 4.65 56.87 -10.33
C PRO F 125 5.57 56.95 -9.13
N ALA F 126 5.45 55.95 -8.26
CA ALA F 126 6.29 55.86 -7.08
C ALA F 126 7.63 55.19 -7.37
N ALA F 127 7.82 54.71 -8.60
CA ALA F 127 9.10 54.09 -8.96
C ALA F 127 10.22 55.11 -9.05
N LEU F 128 9.90 56.40 -9.14
CA LEU F 128 10.91 57.44 -9.28
C LEU F 128 10.98 58.41 -8.12
N MET F 129 9.86 58.64 -7.42
CA MET F 129 9.87 59.63 -6.35
C MET F 129 10.58 59.10 -5.11
N GLN F 130 11.16 60.03 -4.35
CA GLN F 130 11.86 59.74 -3.12
C GLN F 130 11.45 60.78 -2.10
N VAL F 131 11.17 60.35 -0.87
CA VAL F 131 10.68 61.26 0.14
C VAL F 131 11.83 61.66 1.06
N GLU F 132 11.93 62.96 1.34
CA GLU F 132 12.94 63.49 2.26
C GLU F 132 12.24 63.89 3.55
N ALA F 133 12.73 63.36 4.67
CA ALA F 133 12.14 63.65 5.96
C ALA F 133 12.41 65.10 6.36
N ASP F 134 11.68 65.57 7.36
CA ASP F 134 11.85 66.92 7.88
C ASP F 134 12.55 66.88 9.22
N ALA F 135 13.43 67.87 9.44
CA ALA F 135 14.06 67.99 10.74
C ALA F 135 13.06 68.43 11.80
N ASN F 136 11.95 69.04 11.40
CA ASN F 136 10.99 69.57 12.35
C ASN F 136 9.63 68.88 12.30
N LYS F 137 8.95 68.89 11.16
CA LYS F 137 7.54 68.51 11.23
C LYS F 137 7.26 67.05 10.89
N PHE F 138 7.24 66.70 9.60
CA PHE F 138 7.24 65.30 9.19
C PHE F 138 8.07 65.08 7.94
N ILE F 139 7.96 66.00 6.99
CA ILE F 139 8.53 65.86 5.65
C ILE F 139 8.77 67.26 5.09
N LYS F 140 9.97 67.52 4.59
CA LYS F 140 10.19 68.79 3.91
C LYS F 140 9.59 68.78 2.51
N LYS F 141 10.06 67.87 1.66
CA LYS F 141 9.64 67.89 0.26
C LYS F 141 9.86 66.53 -0.37
N PHE F 142 8.94 66.17 -1.26
CA PHE F 142 9.04 65.00 -2.12
C PHE F 142 9.89 65.38 -3.33
N ILE F 143 10.81 64.51 -3.72
CA ILE F 143 11.67 64.76 -4.86
C ILE F 143 11.35 63.73 -5.95
N PHE F 144 10.61 64.17 -6.98
CA PHE F 144 10.23 63.31 -8.08
C PHE F 144 11.39 63.25 -9.07
N ASN F 145 12.03 62.09 -9.14
CA ASN F 145 13.25 61.91 -9.92
C ASN F 145 14.27 62.93 -9.45
N ASN F 146 14.31 64.08 -10.11
CA ASN F 146 14.97 65.29 -9.63
C ASN F 146 14.31 66.48 -10.30
N GLN F 147 14.64 67.68 -9.80
CA GLN F 147 14.25 68.98 -10.35
C GLN F 147 12.77 69.31 -10.17
N ILE F 148 11.94 68.33 -9.83
CA ILE F 148 10.54 68.62 -9.54
C ILE F 148 10.40 69.37 -8.22
N ASN F 149 10.74 68.69 -7.12
CA ASN F 149 10.64 69.23 -5.77
C ASN F 149 9.25 69.80 -5.50
N TYR F 150 8.27 68.90 -5.45
CA TYR F 150 6.86 69.30 -5.42
C TYR F 150 6.55 70.22 -4.25
N ARG F 151 6.55 69.65 -3.03
CA ARG F 151 6.37 70.33 -1.74
C ARG F 151 5.92 69.33 -0.69
N VAL F 152 4.60 69.18 -0.51
CA VAL F 152 4.00 68.27 0.46
C VAL F 152 2.50 68.54 0.51
N ASP F 153 2.11 69.80 0.37
CA ASP F 153 0.70 70.17 0.47
C ASP F 153 -0.12 69.65 -0.69
N GLU F 154 0.52 69.15 -1.74
CA GLU F 154 -0.18 68.76 -2.96
C GLU F 154 0.12 67.33 -3.39
N ILE F 155 0.66 66.50 -2.51
CA ILE F 155 0.87 65.09 -2.79
C ILE F 155 0.14 64.25 -1.75
N ILE F 156 -0.58 63.25 -2.22
CA ILE F 156 -1.29 62.32 -1.35
C ILE F 156 -0.38 61.10 -1.15
N PHE F 157 -0.02 60.85 0.10
CA PHE F 157 1.03 59.89 0.44
C PHE F 157 0.41 58.61 0.96
N ILE F 158 0.72 57.50 0.31
CA ILE F 158 0.20 56.18 0.67
C ILE F 158 1.37 55.25 0.92
N LYS F 159 1.42 54.65 2.10
CA LYS F 159 2.56 53.85 2.52
C LYS F 159 2.09 52.49 3.01
N ASP F 160 2.82 51.44 2.59
CA ASP F 160 2.69 50.13 3.21
C ASP F 160 3.69 50.02 4.35
N ASN F 161 3.27 49.33 5.41
CA ASN F 161 4.13 49.14 6.56
C ASN F 161 5.43 48.46 6.17
N SER F 162 6.53 48.87 6.79
CA SER F 162 7.84 48.37 6.40
C SER F 162 8.74 48.26 7.62
N TYR F 163 9.59 47.23 7.60
CA TYR F 163 10.69 47.09 8.55
C TYR F 163 11.93 46.82 7.69
N VAL F 164 12.56 47.90 7.24
CA VAL F 164 13.72 47.84 6.37
C VAL F 164 14.92 48.37 7.14
N CYS F 165 16.08 47.76 6.89
CA CYS F 165 17.31 48.08 7.63
C CYS F 165 17.06 47.77 9.11
N GLY F 166 17.72 48.49 10.01
CA GLY F 166 17.58 48.19 11.42
C GLY F 166 16.19 48.47 11.98
N THR F 167 15.62 49.62 11.63
CA THR F 167 14.41 50.11 12.28
C THR F 167 13.30 50.34 11.26
N ASN F 168 12.06 50.26 11.74
CA ASN F 168 10.92 50.56 10.88
C ASN F 168 10.92 52.02 10.49
N SER F 169 10.39 52.30 9.30
CA SER F 169 10.42 53.63 8.72
C SER F 169 9.03 54.24 8.72
N GLN F 170 8.94 55.48 9.20
CA GLN F 170 7.75 56.29 8.97
C GLN F 170 7.62 56.73 7.52
N ILE F 171 8.63 56.42 6.71
CA ILE F 171 8.69 56.80 5.31
C ILE F 171 8.85 55.51 4.50
N SER F 172 8.95 55.66 3.18
CA SER F 172 9.22 54.55 2.27
C SER F 172 8.09 53.53 2.31
N GLY F 173 8.43 52.26 2.54
CA GLY F 173 7.45 51.19 2.52
C GLY F 173 8.07 49.93 1.96
N GLN F 174 7.42 48.79 2.18
CA GLN F 174 7.93 47.50 1.72
C GLN F 174 7.11 47.01 0.54
N SER F 175 7.80 46.64 -0.54
CA SER F 175 7.14 46.14 -1.73
C SER F 175 6.67 44.72 -1.52
N ARG F 176 5.38 44.47 -1.75
CA ARG F 176 4.86 43.12 -1.64
C ARG F 176 5.45 42.20 -2.69
N VAL F 177 5.56 42.66 -3.94
CA VAL F 177 6.01 41.80 -5.02
C VAL F 177 7.49 41.50 -4.90
N ALA F 178 8.28 42.47 -4.43
CA ALA F 178 9.73 42.26 -4.33
C ALA F 178 10.08 41.13 -3.39
N THR F 179 9.17 40.74 -2.51
CA THR F 179 9.42 39.62 -1.60
C THR F 179 9.34 38.28 -2.33
N VAL F 180 8.64 38.23 -3.47
CA VAL F 180 8.30 36.97 -4.11
C VAL F 180 9.31 36.58 -5.19
N ILE F 181 10.34 37.40 -5.42
CA ILE F 181 11.23 37.18 -6.55
C ILE F 181 12.09 35.94 -6.35
N ASP F 182 12.54 35.69 -5.12
CA ASP F 182 13.34 34.49 -4.87
C ASP F 182 12.53 33.23 -5.12
N SER F 183 11.28 33.20 -4.66
CA SER F 183 10.43 32.06 -4.92
C SER F 183 10.16 31.88 -6.41
N LEU F 184 9.96 33.00 -7.13
CA LEU F 184 9.75 32.92 -8.56
C LEU F 184 10.97 32.34 -9.27
N GLU F 185 12.16 32.79 -8.88
CA GLU F 185 13.39 32.28 -9.49
C GLU F 185 13.56 30.79 -9.21
N LYS F 186 13.32 30.38 -7.97
CA LYS F 186 13.43 28.96 -7.63
C LYS F 186 12.45 28.12 -8.45
N ARG F 187 11.20 28.58 -8.54
CA ARG F 187 10.19 27.81 -9.28
C ARG F 187 10.54 27.75 -10.76
N SER F 188 11.01 28.86 -11.34
CA SER F 188 11.36 28.87 -12.74
C SER F 188 12.52 27.92 -13.02
N LYS F 189 13.53 27.91 -12.14
CA LYS F 189 14.65 26.99 -12.34
C LYS F 189 14.21 25.55 -12.21
N MET F 190 13.36 25.24 -11.22
CA MET F 190 12.85 23.88 -11.09
C MET F 190 12.05 23.45 -12.30
N LEU F 191 11.24 24.35 -12.86
CA LEU F 191 10.44 24.01 -14.02
C LEU F 191 11.30 23.83 -15.27
N ASN F 192 12.31 24.67 -15.46
CA ASN F 192 13.20 24.52 -16.60
C ASN F 192 14.05 23.26 -16.48
N PHE F 193 14.31 22.80 -15.26
CA PHE F 193 15.11 21.60 -15.09
C PHE F 193 14.43 20.40 -15.74
N LYS F 194 13.11 20.28 -15.61
CA LYS F 194 12.41 19.15 -16.19
C LYS F 194 12.45 19.19 -17.72
N GLU F 195 12.24 20.38 -18.30
CA GLU F 195 12.32 20.51 -19.75
C GLU F 195 13.70 20.15 -20.26
N LYS F 196 14.75 20.62 -19.57
CA LYS F 196 16.09 20.32 -20.02
C LYS F 196 16.44 18.86 -19.82
N PHE F 197 15.96 18.25 -18.74
CA PHE F 197 16.19 16.82 -18.51
C PHE F 197 15.51 15.99 -19.60
N LEU F 198 14.30 16.36 -19.99
CA LEU F 198 13.63 15.64 -21.07
C LEU F 198 14.36 15.83 -22.40
N ASP F 199 14.79 17.05 -22.69
CA ASP F 199 15.48 17.29 -23.96
C ASP F 199 16.88 16.70 -23.99
N ASN F 200 17.44 16.38 -22.82
CA ASN F 200 18.83 15.92 -22.76
C ASN F 200 18.95 14.44 -22.42
N GLY F 201 18.05 13.91 -21.61
CA GLY F 201 18.16 12.53 -21.18
C GLY F 201 18.10 11.55 -22.34
N THR F 202 18.79 10.42 -22.17
CA THR F 202 18.92 9.42 -23.22
C THR F 202 17.92 8.29 -22.98
N VAL F 203 17.25 7.88 -24.05
CA VAL F 203 16.32 6.76 -24.01
C VAL F 203 16.82 5.71 -25.00
N ILE F 204 17.04 4.50 -24.49
CA ILE F 204 17.53 3.38 -25.30
C ILE F 204 16.66 2.17 -25.04
N GLY F 205 16.70 1.22 -25.97
CA GLY F 205 15.92 0.01 -25.85
C GLY F 205 16.75 -1.25 -25.80
N LEU F 206 17.91 -1.22 -26.42
CA LEU F 206 18.79 -2.38 -26.46
C LEU F 206 20.24 -1.94 -26.34
N ILE F 207 21.05 -2.83 -25.76
CA ILE F 207 22.51 -2.66 -25.76
C ILE F 207 23.12 -4.00 -26.17
N LEU F 208 23.41 -4.14 -27.46
CA LEU F 208 24.08 -5.32 -27.98
C LEU F 208 25.55 -5.01 -28.12
N GLU F 209 26.39 -5.82 -27.50
CA GLU F 209 27.82 -5.58 -27.48
C GLU F 209 28.56 -6.79 -28.07
N THR F 210 29.73 -6.51 -28.64
CA THR F 210 30.53 -7.55 -29.28
C THR F 210 31.99 -7.27 -29.00
N ASP F 211 32.75 -8.33 -28.79
CA ASP F 211 34.18 -8.22 -28.53
C ASP F 211 35.01 -8.23 -29.81
N GLU F 212 34.42 -7.83 -30.94
CA GLU F 212 35.14 -7.75 -32.19
C GLU F 212 34.45 -6.74 -33.10
N ILE F 213 35.23 -6.16 -33.98
CA ILE F 213 34.81 -5.00 -34.77
C ILE F 213 34.09 -5.48 -36.02
N LEU F 214 32.94 -4.87 -36.32
CA LEU F 214 32.00 -5.40 -37.31
C LEU F 214 31.52 -4.33 -38.27
N ASN F 215 32.46 -3.58 -38.87
CA ASN F 215 32.19 -2.79 -40.07
C ASN F 215 31.14 -1.71 -39.84
N LYS F 216 31.59 -0.66 -39.14
CA LYS F 216 30.76 0.46 -38.69
C LYS F 216 29.63 0.84 -39.64
N LYS F 217 29.89 0.89 -40.95
CA LYS F 217 28.82 1.22 -41.90
C LYS F 217 27.66 0.24 -41.81
N LEU F 218 27.97 -1.05 -41.97
CA LEU F 218 26.91 -2.06 -41.91
C LEU F 218 26.42 -2.28 -40.50
N ARG F 219 27.26 -2.02 -39.50
CA ARG F 219 26.80 -2.03 -38.11
C ARG F 219 25.69 -1.00 -37.92
N GLU F 220 25.90 0.21 -38.43
CA GLU F 220 24.88 1.25 -38.35
C GLU F 220 23.64 0.88 -39.15
N ARG F 221 23.83 0.28 -40.33
CA ARG F 221 22.68 -0.11 -41.15
C ARG F 221 21.82 -1.13 -40.41
N LYS F 222 22.45 -2.18 -39.86
CA LYS F 222 21.69 -3.17 -39.11
C LYS F 222 21.12 -2.58 -37.83
N GLN F 223 21.80 -1.60 -37.24
CA GLN F 223 21.26 -0.90 -36.08
C GLN F 223 19.94 -0.24 -36.42
N GLU F 224 19.90 0.51 -37.52
CA GLU F 224 18.67 1.16 -37.94
C GLU F 224 17.60 0.13 -38.31
N GLU F 225 18.00 -0.93 -39.02
CA GLU F 225 17.04 -1.96 -39.42
C GLU F 225 16.41 -2.64 -38.21
N LEU F 226 17.22 -2.95 -37.21
CA LEU F 226 16.72 -3.67 -36.04
C LEU F 226 15.93 -2.73 -35.14
N GLN F 227 16.24 -1.43 -35.18
CA GLN F 227 15.41 -0.47 -34.47
C GLN F 227 14.02 -0.38 -35.10
N LEU F 228 13.97 -0.23 -36.42
CA LEU F 228 12.68 -0.05 -37.08
C LEU F 228 11.87 -1.33 -37.10
N ASP F 229 12.54 -2.49 -37.09
CA ASP F 229 11.84 -3.75 -37.24
C ASP F 229 11.13 -4.20 -35.97
N TYR F 230 11.65 -3.84 -34.80
CA TYR F 230 11.16 -4.38 -33.53
C TYR F 230 10.23 -3.42 -32.80
N ASN F 231 9.82 -2.34 -33.46
CA ASN F 231 8.85 -1.40 -32.90
C ASN F 231 7.48 -1.78 -33.42
N PRO F 232 6.53 -2.18 -32.56
CA PRO F 232 5.26 -2.72 -33.07
C PRO F 232 4.46 -1.74 -33.90
N SER F 233 4.65 -0.43 -33.69
CA SER F 233 3.97 0.54 -34.55
C SER F 233 4.46 0.43 -35.99
N THR F 234 5.77 0.26 -36.18
CA THR F 234 6.36 0.20 -37.51
C THR F 234 7.11 -1.10 -37.76
N GLY F 235 6.77 -2.20 -37.07
CA GLY F 235 7.47 -3.45 -37.25
C GLY F 235 6.55 -4.64 -37.09
N GLN F 236 7.01 -5.77 -37.59
CA GLN F 236 6.28 -7.04 -37.54
C GLN F 236 7.23 -8.14 -37.10
N SER F 237 7.98 -7.88 -36.04
CA SER F 237 8.87 -8.88 -35.47
C SER F 237 9.07 -8.58 -33.99
N SER F 238 9.25 -9.64 -33.20
CA SER F 238 9.41 -9.48 -31.76
C SER F 238 10.54 -10.30 -31.16
N VAL F 239 11.15 -11.24 -31.87
CA VAL F 239 12.23 -12.07 -31.35
C VAL F 239 13.51 -11.71 -32.09
N LEU F 240 14.62 -11.75 -31.37
CA LEU F 240 15.94 -11.43 -31.91
C LEU F 240 16.86 -12.62 -31.74
N ILE F 241 17.47 -13.07 -32.85
CA ILE F 241 18.45 -14.15 -32.84
C ILE F 241 19.81 -13.52 -33.13
N LEU F 242 20.75 -13.72 -32.21
CA LEU F 242 22.09 -13.15 -32.33
C LEU F 242 23.08 -14.25 -32.69
N ASP F 243 23.94 -13.97 -33.66
CA ASP F 243 24.91 -14.93 -34.13
C ASP F 243 26.31 -14.38 -33.95
N GLY F 244 27.29 -15.29 -33.97
CA GLY F 244 28.68 -14.92 -33.91
C GLY F 244 29.21 -14.60 -32.53
N GLY F 245 28.40 -14.77 -31.49
CA GLY F 245 28.84 -14.46 -30.14
C GLY F 245 28.42 -13.10 -29.64
N MET F 246 27.69 -12.33 -30.42
CA MET F 246 27.20 -11.04 -29.96
C MET F 246 26.25 -11.24 -28.79
N LYS F 247 26.49 -10.50 -27.71
CA LYS F 247 25.72 -10.63 -26.49
C LYS F 247 24.79 -9.44 -26.34
N ALA F 248 23.92 -9.50 -25.32
CA ALA F 248 22.98 -8.44 -25.04
C ALA F 248 23.15 -8.05 -23.58
N LYS F 249 23.70 -6.87 -23.34
CA LYS F 249 23.97 -6.43 -21.98
C LYS F 249 22.66 -6.04 -21.30
N PRO F 250 22.32 -6.66 -20.17
CA PRO F 250 21.05 -6.32 -19.47
C PRO F 250 21.17 -5.01 -18.71
N TYR F 251 21.07 -3.92 -19.44
CA TYR F 251 21.24 -2.58 -18.90
C TYR F 251 20.02 -2.18 -18.05
N SER F 252 20.16 -1.05 -17.36
CA SER F 252 19.09 -0.43 -16.60
C SER F 252 19.22 1.08 -16.73
N GLN F 253 18.12 1.78 -16.52
CA GLN F 253 18.08 3.23 -16.70
C GLN F 253 18.74 3.90 -15.51
N ILE F 254 19.68 4.80 -15.79
CA ILE F 254 20.49 5.39 -14.73
C ILE F 254 19.66 6.37 -13.91
N SER F 255 19.15 7.41 -14.54
CA SER F 255 18.41 8.46 -13.86
C SER F 255 17.01 8.51 -14.44
N SER F 256 16.08 7.79 -13.82
CA SER F 256 14.71 7.74 -14.32
C SER F 256 14.01 9.07 -14.07
N PHE F 257 13.02 9.35 -14.91
CA PHE F 257 12.21 10.55 -14.74
C PHE F 257 11.34 10.50 -13.50
N LYS F 258 11.06 9.30 -12.98
CA LYS F 258 10.22 9.19 -11.79
C LYS F 258 10.91 9.75 -10.56
N ASP F 259 12.24 9.83 -10.57
CA ASP F 259 12.95 10.41 -9.44
C ASP F 259 12.61 11.88 -9.25
N LEU F 260 12.52 12.64 -10.35
CA LEU F 260 12.26 14.06 -10.28
C LEU F 260 10.77 14.28 -10.00
N ASP F 261 10.41 14.21 -8.73
CA ASP F 261 9.04 14.46 -8.28
C ASP F 261 8.95 15.90 -7.81
N PHE F 262 8.94 16.82 -8.76
CA PHE F 262 8.91 18.25 -8.47
C PHE F 262 7.51 18.77 -8.20
N LYS F 263 6.46 17.96 -8.43
CA LYS F 263 5.10 18.47 -8.37
C LYS F 263 4.77 19.02 -7.00
N GLU F 264 5.19 18.33 -5.93
CA GLU F 264 4.91 18.83 -4.60
C GLU F 264 5.65 20.13 -4.33
N ASP F 265 6.92 20.22 -4.76
CA ASP F 265 7.66 21.46 -4.60
C ASP F 265 7.08 22.58 -5.45
N ILE F 266 6.66 22.27 -6.67
CA ILE F 266 6.08 23.30 -7.53
C ILE F 266 4.75 23.79 -6.96
N GLU F 267 3.95 22.87 -6.39
CA GLU F 267 2.72 23.29 -5.75
C GLU F 267 3.00 24.15 -4.52
N GLY F 268 4.03 23.80 -3.76
CA GLY F 268 4.43 24.64 -2.65
C GLY F 268 4.84 26.03 -3.10
N PHE F 269 5.59 26.12 -4.20
CA PHE F 269 5.97 27.43 -4.72
C PHE F 269 4.79 28.20 -5.28
N ASN F 270 3.79 27.51 -5.83
CA ASN F 270 2.60 28.20 -6.30
C ASN F 270 1.80 28.77 -5.13
N LYS F 271 1.63 27.97 -4.07
CA LYS F 271 1.02 28.50 -2.86
C LYS F 271 1.83 29.65 -2.28
N SER F 272 3.15 29.57 -2.41
CA SER F 272 4.03 30.67 -2.05
C SER F 272 3.69 31.93 -2.83
N ILE F 273 3.63 31.82 -4.17
CA ILE F 273 3.36 32.98 -5.02
C ILE F 273 2.02 33.60 -4.64
N CYS F 274 1.01 32.76 -4.43
CA CYS F 274 -0.33 33.26 -4.17
C CYS F 274 -0.48 33.76 -2.74
N LEU F 275 0.40 33.33 -1.83
CA LEU F 275 0.23 33.67 -0.42
C LEU F 275 0.61 35.11 -0.14
N ALA F 276 1.68 35.61 -0.77
CA ALA F 276 2.16 36.95 -0.47
C ALA F 276 1.14 38.01 -0.86
N PHE F 277 0.48 37.84 -2.00
CA PHE F 277 -0.53 38.80 -2.42
C PHE F 277 -1.76 38.72 -1.54
N GLY F 278 -2.13 37.53 -1.10
CA GLY F 278 -3.25 37.37 -0.20
C GLY F 278 -4.42 36.63 -0.80
N VAL F 279 -4.37 36.38 -2.10
CA VAL F 279 -5.46 35.70 -2.79
C VAL F 279 -5.57 34.27 -2.29
N PRO F 280 -6.74 33.83 -1.82
CA PRO F 280 -6.91 32.43 -1.42
C PRO F 280 -6.78 31.51 -2.61
N GLN F 281 -6.29 30.30 -2.34
CA GLN F 281 -6.08 29.32 -3.42
C GLN F 281 -7.39 28.84 -4.03
N VAL F 282 -8.52 29.00 -3.33
CA VAL F 282 -9.80 28.53 -3.86
C VAL F 282 -10.25 29.40 -5.03
N LEU F 283 -9.97 30.71 -4.97
CA LEU F 283 -10.39 31.61 -6.04
C LEU F 283 -9.76 31.20 -7.37
N LEU F 284 -8.48 30.87 -7.37
CA LEU F 284 -7.81 30.48 -8.61
C LEU F 284 -8.31 29.13 -9.11
N ASP F 285 -8.54 28.20 -8.20
CA ASP F 285 -9.02 26.86 -8.55
C ASP F 285 -10.55 26.88 -8.64
N GLY F 286 -11.16 25.70 -8.67
CA GLY F 286 -12.60 25.56 -8.64
C GLY F 286 -13.06 25.21 -7.22
N GLY F 287 -13.99 26.02 -6.71
CA GLY F 287 -14.47 25.84 -5.36
C GLY F 287 -15.95 25.47 -5.36
N ASN F 288 -16.33 24.75 -4.30
CA ASN F 288 -17.71 24.33 -4.12
C ASN F 288 -18.59 25.53 -3.80
N ASN F 289 -19.88 25.26 -3.59
CA ASN F 289 -20.80 26.33 -3.19
C ASN F 289 -20.42 26.91 -1.83
N ALA F 290 -20.02 26.05 -0.89
CA ALA F 290 -19.64 26.52 0.43
C ALA F 290 -18.27 27.19 0.44
N ASN F 291 -17.37 26.83 -0.48
CA ASN F 291 -16.05 27.42 -0.54
C ASN F 291 -16.02 28.81 -1.14
N ILE F 292 -16.91 29.08 -2.10
CA ILE F 292 -16.55 30.08 -3.10
C ILE F 292 -16.90 31.48 -2.62
N ARG F 293 -18.07 31.67 -2.00
CA ARG F 293 -18.48 32.99 -1.57
C ARG F 293 -17.74 33.42 -0.30
N PRO F 294 -17.58 32.54 0.70
CA PRO F 294 -16.70 32.92 1.82
C PRO F 294 -15.28 33.22 1.39
N ASN F 295 -14.78 32.54 0.38
CA ASN F 295 -13.41 32.82 -0.08
C ASN F 295 -13.34 34.15 -0.82
N ILE F 296 -14.35 34.47 -1.62
CA ILE F 296 -14.39 35.79 -2.26
C ILE F 296 -14.46 36.89 -1.20
N GLU F 297 -15.30 36.68 -0.17
CA GLU F 297 -15.41 37.66 0.90
C GLU F 297 -14.09 37.79 1.65
N LEU F 298 -13.43 36.67 1.96
CA LEU F 298 -12.15 36.72 2.65
C LEU F 298 -11.12 37.46 1.81
N PHE F 299 -11.06 37.16 0.51
CA PHE F 299 -10.13 37.86 -0.36
C PHE F 299 -10.38 39.36 -0.30
N TYR F 300 -11.54 39.81 -0.77
CA TYR F 300 -11.84 41.24 -0.74
C TYR F 300 -11.54 41.85 0.61
N TYR F 301 -12.23 41.41 1.65
CA TYR F 301 -12.07 42.06 2.95
C TYR F 301 -10.61 42.00 3.39
N MET F 302 -10.11 40.81 3.74
CA MET F 302 -8.86 40.72 4.48
C MET F 302 -7.67 41.22 3.66
N THR F 303 -7.70 41.06 2.34
CA THR F 303 -6.55 41.53 1.56
C THR F 303 -6.77 42.92 0.99
N ILE F 304 -7.83 43.11 0.20
CA ILE F 304 -8.00 44.36 -0.51
C ILE F 304 -8.35 45.48 0.46
N ILE F 305 -9.29 45.24 1.37
CA ILE F 305 -9.88 46.34 2.12
C ILE F 305 -8.83 47.07 2.96
N PRO F 306 -7.87 46.40 3.62
CA PRO F 306 -6.74 47.17 4.18
C PRO F 306 -5.97 47.96 3.14
N MET F 307 -5.78 47.41 1.95
CA MET F 307 -5.03 48.11 0.92
C MET F 307 -5.73 49.41 0.52
N LEU F 308 -7.05 49.36 0.36
CA LEU F 308 -7.80 50.57 0.07
C LEU F 308 -8.00 51.44 1.30
N ASN F 309 -7.92 50.87 2.50
CA ASN F 309 -8.00 51.69 3.71
C ASN F 309 -6.77 52.56 3.85
N LYS F 310 -5.60 52.07 3.44
CA LYS F 310 -4.43 52.93 3.43
C LYS F 310 -4.67 54.15 2.54
N LEU F 311 -5.19 53.91 1.34
CA LEU F 311 -5.48 54.99 0.39
C LEU F 311 -6.52 55.95 0.95
N THR F 312 -7.61 55.41 1.52
CA THR F 312 -8.70 56.27 1.97
C THR F 312 -8.33 57.01 3.25
N SER F 313 -7.51 56.41 4.11
CA SER F 313 -6.99 57.13 5.26
C SER F 313 -6.10 58.28 4.82
N SER F 314 -5.24 58.05 3.82
CA SER F 314 -4.45 59.15 3.29
C SER F 314 -5.36 60.22 2.70
N LEU F 315 -6.43 59.82 2.01
CA LEU F 315 -7.36 60.78 1.43
C LEU F 315 -8.07 61.60 2.51
N THR F 316 -8.50 60.95 3.60
CA THR F 316 -9.23 61.68 4.63
C THR F 316 -8.29 62.54 5.46
N PHE F 317 -7.00 62.19 5.51
CA PHE F 317 -6.03 63.10 6.12
C PHE F 317 -5.78 64.30 5.21
N PHE F 318 -5.75 64.07 3.89
CA PHE F 318 -5.45 65.14 2.95
C PHE F 318 -6.59 66.13 2.82
N PHE F 319 -7.82 65.62 2.69
CA PHE F 319 -8.98 66.47 2.42
C PHE F 319 -9.83 66.76 3.65
N GLY F 320 -9.78 65.90 4.67
CA GLY F 320 -10.61 66.09 5.84
C GLY F 320 -11.99 65.49 5.74
N TYR F 321 -12.37 64.94 4.59
CA TYR F 321 -13.65 64.28 4.41
C TYR F 321 -13.50 62.81 4.71
N LYS F 322 -14.41 62.27 5.52
CA LYS F 322 -14.34 60.86 5.86
C LYS F 322 -14.57 60.02 4.61
N ILE F 323 -13.50 59.43 4.09
CA ILE F 323 -13.56 58.63 2.87
C ILE F 323 -13.30 57.19 3.26
N THR F 324 -14.19 56.30 2.85
CA THR F 324 -14.09 54.88 3.17
C THR F 324 -14.26 54.07 1.90
N PRO F 325 -13.56 52.95 1.78
CA PRO F 325 -13.81 52.07 0.63
C PRO F 325 -15.05 51.24 0.87
N ASN F 326 -16.14 51.63 0.22
CA ASN F 326 -17.46 51.06 0.45
C ASN F 326 -17.90 50.47 -0.88
N THR F 327 -17.85 49.14 -0.99
CA THR F 327 -18.01 48.54 -2.30
C THR F 327 -19.48 48.53 -2.71
N LYS F 328 -20.28 47.67 -2.08
CA LYS F 328 -21.74 47.70 -2.17
C LYS F 328 -22.21 47.54 -3.62
N GLU F 329 -21.27 47.51 -4.55
CA GLU F 329 -21.58 47.51 -5.98
C GLU F 329 -20.70 46.56 -6.78
N VAL F 330 -19.59 46.06 -6.22
CA VAL F 330 -18.73 45.15 -6.96
C VAL F 330 -19.49 43.88 -7.27
N ALA F 331 -19.25 43.32 -8.46
CA ALA F 331 -20.04 42.19 -8.91
C ALA F 331 -19.73 40.92 -8.12
N ALA F 332 -18.53 40.83 -7.55
CA ALA F 332 -18.13 39.61 -6.87
C ALA F 332 -18.64 39.51 -5.45
N LEU F 333 -19.11 40.61 -4.86
CA LEU F 333 -19.66 40.61 -3.51
C LEU F 333 -21.13 41.03 -3.51
N THR F 334 -21.87 40.69 -4.55
CA THR F 334 -23.30 40.97 -4.55
C THR F 334 -23.98 40.07 -3.53
N PRO F 335 -24.73 40.63 -2.58
CA PRO F 335 -25.33 39.82 -1.52
C PRO F 335 -26.33 38.83 -2.08
N ASP F 336 -26.46 37.70 -1.38
CA ASP F 336 -27.46 36.71 -1.75
C ASP F 336 -28.84 37.34 -1.72
N LYS F 337 -29.54 37.28 -2.85
CA LYS F 337 -30.78 38.03 -3.00
C LYS F 337 -31.83 37.60 -2.00
N GLU F 338 -31.96 36.29 -1.78
CA GLU F 338 -32.96 35.79 -0.85
C GLU F 338 -32.70 36.28 0.57
N ALA F 339 -31.48 36.05 1.09
CA ALA F 339 -31.17 36.47 2.45
C ALA F 339 -31.19 37.98 2.59
N GLU F 340 -30.68 38.70 1.58
CA GLU F 340 -30.69 40.15 1.64
C GLU F 340 -32.11 40.69 1.72
N ALA F 341 -33.00 40.20 0.85
CA ALA F 341 -34.39 40.62 0.90
C ALA F 341 -35.02 40.25 2.23
N LYS F 342 -34.72 39.06 2.75
CA LYS F 342 -35.31 38.64 4.01
C LYS F 342 -34.95 39.59 5.14
N HIS F 343 -33.66 39.92 5.27
CA HIS F 343 -33.29 40.75 6.41
C HIS F 343 -33.77 42.19 6.20
N LEU F 344 -33.75 42.68 4.96
CA LEU F 344 -34.24 44.03 4.70
C LEU F 344 -35.72 44.16 5.04
N THR F 345 -36.54 43.20 4.60
CA THR F 345 -37.96 43.25 4.91
C THR F 345 -38.21 43.10 6.41
N SER F 346 -37.43 42.23 7.08
CA SER F 346 -37.62 42.09 8.52
C SER F 346 -37.31 43.40 9.24
N LEU F 347 -36.21 44.06 8.86
CA LEU F 347 -35.86 45.33 9.47
C LEU F 347 -36.90 46.40 9.20
N VAL F 348 -37.41 46.45 7.97
CA VAL F 348 -38.42 47.46 7.63
C VAL F 348 -39.71 47.21 8.40
N ASN F 349 -40.16 45.96 8.44
CA ASN F 349 -41.40 45.63 9.13
C ASN F 349 -41.31 45.91 10.63
N ASN F 350 -40.19 45.57 11.25
CA ASN F 350 -40.04 45.72 12.69
C ASN F 350 -39.61 47.12 13.10
N GLY F 351 -39.56 48.06 12.16
CA GLY F 351 -39.39 49.46 12.47
C GLY F 351 -37.97 49.92 12.75
N ILE F 352 -36.98 49.04 12.62
CA ILE F 352 -35.60 49.46 12.85
C ILE F 352 -35.10 50.32 11.68
N ILE F 353 -35.52 50.02 10.46
CA ILE F 353 -35.00 50.68 9.28
C ILE F 353 -36.16 51.29 8.49
N THR F 354 -36.01 52.56 8.11
CA THR F 354 -36.98 53.18 7.23
C THR F 354 -36.85 52.60 5.81
N GLY F 355 -37.94 52.70 5.05
CA GLY F 355 -37.96 52.08 3.74
C GLY F 355 -36.95 52.66 2.77
N ASN F 356 -36.79 53.99 2.77
CA ASN F 356 -35.87 54.61 1.82
C ASN F 356 -34.43 54.18 2.07
N GLU F 357 -34.05 53.93 3.31
CA GLU F 357 -32.69 53.49 3.56
C GLU F 357 -32.49 52.04 3.12
N ALA F 358 -33.56 51.23 3.20
CA ALA F 358 -33.50 49.89 2.61
C ALA F 358 -33.33 49.98 1.10
N ARG F 359 -34.04 50.92 0.47
CA ARG F 359 -33.84 51.14 -0.97
C ARG F 359 -32.41 51.56 -1.27
N SER F 360 -31.86 52.47 -0.45
CA SER F 360 -30.48 52.90 -0.65
C SER F 360 -29.51 51.73 -0.52
N GLU F 361 -29.78 50.82 0.42
CA GLU F 361 -28.96 49.61 0.53
C GLU F 361 -29.11 48.74 -0.71
N LEU F 362 -30.31 48.64 -1.27
CA LEU F 362 -30.54 47.87 -2.48
C LEU F 362 -29.96 48.52 -3.73
N ASN F 363 -29.23 49.64 -3.58
CA ASN F 363 -28.65 50.40 -4.68
C ASN F 363 -29.69 51.02 -5.59
N LEU F 364 -30.87 51.32 -5.07
CA LEU F 364 -31.92 51.97 -5.83
C LEU F 364 -31.97 53.46 -5.50
N GLU F 365 -32.91 54.18 -6.13
CA GLU F 365 -33.13 55.59 -5.86
C GLU F 365 -34.32 55.77 -4.94
N PRO F 366 -34.13 56.42 -3.78
CA PRO F 366 -35.26 56.60 -2.85
C PRO F 366 -36.39 57.39 -3.50
N LEU F 367 -37.61 57.01 -3.14
CA LEU F 367 -38.82 57.65 -3.65
C LEU F 367 -39.23 58.80 -2.75
N ASP F 368 -39.66 59.91 -3.35
CA ASP F 368 -40.13 61.06 -2.61
C ASP F 368 -41.60 60.88 -2.21
N ASP F 369 -41.86 59.77 -1.51
CA ASP F 369 -43.19 59.48 -1.00
C ASP F 369 -43.25 59.87 0.48
N GLU F 370 -44.46 60.08 0.98
CA GLU F 370 -44.67 60.56 2.34
C GLU F 370 -44.62 59.43 3.35
N GLN F 371 -45.43 58.38 3.14
CA GLN F 371 -45.41 57.21 4.01
C GLN F 371 -44.07 56.47 3.97
N MET F 372 -43.27 56.67 2.94
CA MET F 372 -42.04 55.91 2.76
C MET F 372 -40.91 56.36 3.68
N ASN F 373 -40.82 57.66 3.99
CA ASN F 373 -39.69 58.20 4.74
C ASN F 373 -39.81 58.06 6.24
N LYS F 374 -40.92 57.53 6.76
CA LYS F 374 -41.09 57.40 8.20
C LYS F 374 -41.15 55.92 8.57
N ILE F 375 -40.63 55.62 9.77
CA ILE F 375 -40.66 54.26 10.28
C ILE F 375 -42.11 53.84 10.47
N ARG F 376 -42.41 52.60 10.08
CA ARG F 376 -43.80 52.18 10.00
C ARG F 376 -44.43 51.98 11.38
N ILE F 377 -43.62 51.65 12.38
CA ILE F 377 -44.11 51.43 13.75
C ILE F 377 -45.24 50.40 13.72
N PRO F 378 -44.93 49.11 13.57
CA PRO F 378 -46.00 48.11 13.46
C PRO F 378 -46.98 48.14 14.63
N ALA F 379 -46.50 48.35 15.85
CA ALA F 379 -47.33 48.48 17.05
C ALA F 379 -48.19 47.22 17.18
N ASN F 380 -49.49 47.28 16.93
CA ASN F 380 -50.36 46.11 17.00
C ASN F 380 -49.94 45.06 15.99
N LEU G 11 3.87 54.45 48.25
CA LEU G 11 4.99 53.97 47.45
C LEU G 11 5.37 52.55 47.83
N ASN G 12 6.01 51.85 46.91
CA ASN G 12 6.41 50.47 47.15
C ASN G 12 7.76 50.44 47.86
N PRO G 13 7.84 49.88 49.07
CA PRO G 13 9.14 49.78 49.75
C PRO G 13 10.14 48.89 49.03
N GLY G 14 9.70 48.01 48.14
CA GLY G 14 10.60 47.14 47.42
C GLY G 14 10.93 47.62 46.02
N GLN G 15 10.58 48.88 45.72
CA GLN G 15 10.83 49.39 44.38
C GLN G 15 12.31 49.61 44.11
N ARG G 16 13.09 49.96 45.13
CA ARG G 16 14.51 50.18 44.92
C ARG G 16 15.22 48.89 44.51
N ILE G 17 14.80 47.75 45.04
CA ILE G 17 15.38 46.48 44.60
C ILE G 17 14.99 46.20 43.16
N ILE G 18 13.78 46.58 42.75
CA ILE G 18 13.37 46.41 41.36
C ILE G 18 14.25 47.26 40.46
N ARG G 19 14.52 48.50 40.87
CA ARG G 19 15.43 49.35 40.10
C ARG G 19 16.82 48.72 40.02
N ASP G 20 17.32 48.21 41.14
CA ASP G 20 18.65 47.61 41.14
C ASP G 20 18.72 46.36 40.28
N MET G 21 17.60 45.64 40.13
CA MET G 21 17.62 44.43 39.33
C MET G 21 17.67 44.73 37.84
N GLU G 22 16.94 45.75 37.39
CA GLU G 22 16.97 46.19 36.00
C GLU G 22 16.80 47.70 35.97
N PRO G 23 17.89 48.46 36.02
CA PRO G 23 17.77 49.92 36.04
C PRO G 23 17.38 50.49 34.69
N VAL G 24 17.69 49.77 33.62
CA VAL G 24 17.46 50.26 32.27
C VAL G 24 16.86 49.13 31.43
N SER G 25 15.86 49.49 30.63
CA SER G 25 15.20 48.55 29.74
C SER G 25 16.18 47.96 28.74
N HIS G 26 15.87 46.74 28.30
CA HIS G 26 16.74 45.98 27.40
C HIS G 26 16.05 45.83 26.05
N ARG G 27 16.77 46.13 24.97
CA ARG G 27 16.24 45.90 23.64
C ARG G 27 16.16 44.40 23.39
N THR G 28 15.01 43.93 22.90
CA THR G 28 14.74 42.51 22.80
C THR G 28 14.90 41.95 21.40
N ASN G 29 14.71 42.76 20.35
CA ASN G 29 14.96 42.32 18.98
C ASN G 29 16.48 42.26 18.82
N ARG G 30 17.05 41.13 19.24
CA ARG G 30 18.49 41.04 19.42
C ARG G 30 19.22 41.26 18.10
N LYS G 31 18.72 40.69 17.01
CA LYS G 31 19.29 40.91 15.69
C LYS G 31 18.27 41.62 14.79
N PRO G 32 18.40 42.93 14.61
CA PRO G 32 17.39 43.67 13.82
C PRO G 32 17.56 43.50 12.32
N PHE G 33 18.81 43.47 11.85
CA PHE G 33 19.05 43.45 10.42
C PHE G 33 18.57 42.15 9.79
N THR G 34 18.76 41.02 10.46
CA THR G 34 18.27 39.75 9.94
C THR G 34 16.75 39.75 9.87
N THR G 35 16.09 40.33 10.88
CA THR G 35 14.64 40.45 10.84
C THR G 35 14.18 41.29 9.67
N GLY G 36 14.85 42.43 9.43
CA GLY G 36 14.49 43.25 8.29
C GLY G 36 14.71 42.54 6.97
N GLN G 37 15.83 41.83 6.86
CA GLN G 37 16.13 41.09 5.63
C GLN G 37 15.07 40.03 5.37
N ALA G 38 14.68 39.29 6.41
CA ALA G 38 13.65 38.26 6.26
C ALA G 38 12.31 38.88 5.90
N TYR G 39 11.92 39.96 6.58
CA TYR G 39 10.66 40.61 6.24
C TYR G 39 10.66 41.11 4.81
N SER G 40 11.82 41.54 4.31
CA SER G 40 11.89 42.04 2.95
C SER G 40 11.85 40.92 1.91
N LYS G 41 12.54 39.80 2.17
CA LYS G 41 12.73 38.80 1.13
C LYS G 41 12.23 37.41 1.51
N ILE G 42 11.51 37.29 2.63
CA ILE G 42 10.83 36.04 2.99
C ILE G 42 9.34 36.33 3.10
N GLU G 43 8.54 35.51 2.44
CA GLU G 43 7.17 35.90 2.10
C GLU G 43 6.15 35.45 3.14
N ILE G 44 6.37 34.32 3.81
CA ILE G 44 5.44 33.92 4.85
C ILE G 44 5.46 34.95 5.99
N LEU G 45 6.66 35.38 6.39
CA LEU G 45 6.77 36.44 7.39
C LEU G 45 6.16 37.73 6.89
N ASN G 46 6.44 38.09 5.63
CA ASN G 46 5.91 39.33 5.07
C ASN G 46 4.39 39.34 5.13
N ARG G 47 3.75 38.31 4.62
CA ARG G 47 2.29 38.28 4.56
C ARG G 47 1.69 38.17 5.95
N THR G 48 2.27 37.35 6.83
CA THR G 48 1.72 37.21 8.17
C THR G 48 1.79 38.51 8.94
N ALA G 49 2.97 39.13 8.99
CA ALA G 49 3.11 40.41 9.67
C ALA G 49 2.22 41.47 9.03
N ASN G 50 2.08 41.44 7.70
CA ASN G 50 1.26 42.45 7.04
C ASN G 50 -0.20 42.30 7.44
N MET G 51 -0.72 41.07 7.45
CA MET G 51 -2.14 40.93 7.83
C MET G 51 -2.34 41.30 9.29
N VAL G 52 -1.40 40.91 10.17
CA VAL G 52 -1.55 41.22 11.59
C VAL G 52 -1.57 42.73 11.79
N ILE G 53 -0.61 43.45 11.19
CA ILE G 53 -0.55 44.89 11.38
C ILE G 53 -1.74 45.59 10.74
N ASP G 54 -2.09 45.22 9.51
CA ASP G 54 -3.21 45.87 8.84
C ASP G 54 -4.52 45.63 9.57
N SER G 55 -4.75 44.40 10.04
CA SER G 55 -5.92 44.09 10.84
C SER G 55 -5.94 44.85 12.16
N ALA G 56 -4.79 45.04 12.81
CA ALA G 56 -4.70 45.88 13.98
C ALA G 56 -4.78 47.35 13.64
N ALA G 57 -4.79 47.71 12.35
CA ALA G 57 -4.91 49.09 11.92
C ALA G 57 -6.32 49.44 11.46
N GLU G 58 -7.26 48.50 11.47
CA GLU G 58 -8.61 48.76 11.01
C GLU G 58 -9.59 49.00 12.15
N CYS G 59 -9.25 48.60 13.37
CA CYS G 59 -10.20 48.66 14.47
C CYS G 59 -10.27 50.07 15.04
N SER G 60 -11.44 50.68 14.97
CA SER G 60 -11.64 51.99 15.53
C SER G 60 -11.75 51.89 17.06
N TYR G 61 -11.49 53.01 17.73
CA TYR G 61 -11.52 53.07 19.18
C TYR G 61 -12.66 53.96 19.63
N THR G 62 -13.49 53.44 20.52
CA THR G 62 -14.65 54.17 21.06
C THR G 62 -14.36 54.52 22.50
N VAL G 63 -14.35 55.82 22.80
CA VAL G 63 -14.08 56.30 24.15
C VAL G 63 -15.37 56.25 24.96
N GLY G 64 -15.25 55.84 26.23
CA GLY G 64 -16.42 55.70 27.07
C GLY G 64 -16.59 56.85 28.05
N ASP G 65 -16.91 56.51 29.29
CA ASP G 65 -17.11 57.52 30.32
C ASP G 65 -15.78 57.99 30.88
N LYS G 66 -15.83 59.00 31.74
CA LYS G 66 -14.66 59.56 32.38
C LYS G 66 -14.47 58.92 33.74
N TYR G 67 -13.25 58.43 34.00
CA TYR G 67 -12.89 57.92 35.31
C TYR G 67 -12.42 59.07 36.19
N ASN G 68 -13.05 59.22 37.35
CA ASN G 68 -12.79 60.35 38.24
C ASN G 68 -11.46 60.15 38.99
N ILE G 69 -10.40 59.99 38.21
CA ILE G 69 -9.06 59.77 38.74
C ILE G 69 -8.11 60.76 38.09
N VAL G 70 -6.97 60.97 38.75
CA VAL G 70 -5.93 61.86 38.25
C VAL G 70 -5.01 61.07 37.34
N THR G 71 -4.80 61.57 36.12
CA THR G 71 -3.98 60.91 35.13
C THR G 71 -2.86 61.81 34.66
N TYR G 72 -1.97 61.24 33.84
CA TYR G 72 -0.83 62.01 33.35
C TYR G 72 -1.28 63.12 32.42
N ALA G 73 -2.32 62.88 31.62
CA ALA G 73 -2.89 63.89 30.74
C ALA G 73 -4.26 64.28 31.28
N ASN G 74 -4.44 65.55 31.57
CA ASN G 74 -5.69 66.06 32.11
C ASN G 74 -6.09 67.32 31.36
N GLY G 75 -7.40 67.59 31.37
CA GLY G 75 -7.94 68.71 30.64
C GLY G 75 -8.29 68.44 29.19
N VAL G 76 -8.12 67.20 28.73
CA VAL G 76 -8.46 66.82 27.36
C VAL G 76 -9.93 66.43 27.33
N LYS G 77 -10.67 66.99 26.38
CA LYS G 77 -12.09 66.72 26.26
C LYS G 77 -12.32 65.45 25.46
N THR G 78 -13.51 64.87 25.61
CA THR G 78 -13.82 63.60 24.97
C THR G 78 -13.72 63.71 23.45
N LYS G 79 -14.32 64.75 22.86
CA LYS G 79 -14.36 64.85 21.41
C LYS G 79 -12.97 65.08 20.82
N THR G 80 -12.15 65.89 21.47
CA THR G 80 -10.80 66.13 20.95
C THR G 80 -9.99 64.85 20.97
N LEU G 81 -10.07 64.09 22.06
CA LEU G 81 -9.35 62.82 22.12
C LEU G 81 -9.87 61.85 21.07
N ASP G 82 -11.19 61.78 20.90
CA ASP G 82 -11.76 60.88 19.91
C ASP G 82 -11.29 61.25 18.50
N THR G 83 -11.28 62.53 18.17
CA THR G 83 -10.89 62.93 16.83
C THR G 83 -9.40 62.72 16.59
N LEU G 84 -8.56 62.94 17.62
CA LEU G 84 -7.14 62.73 17.42
C LEU G 84 -6.81 61.24 17.38
N LEU G 85 -7.66 60.40 17.99
CA LEU G 85 -7.39 58.98 18.03
C LEU G 85 -8.02 58.21 16.88
N ASN G 86 -9.02 58.77 16.20
CA ASN G 86 -9.67 58.09 15.10
C ASN G 86 -9.62 58.81 13.77
N VAL G 87 -9.18 60.06 13.72
CA VAL G 87 -9.17 60.85 12.50
C VAL G 87 -7.76 61.28 12.11
N ARG G 88 -7.10 62.05 12.97
CA ARG G 88 -5.77 62.53 12.64
C ARG G 88 -4.97 62.74 13.92
N PRO G 89 -4.01 61.86 14.23
CA PRO G 89 -3.23 62.03 15.45
C PRO G 89 -2.38 63.29 15.42
N ASN G 90 -1.72 63.50 14.31
CA ASN G 90 -0.79 64.60 14.17
C ASN G 90 -1.30 65.60 13.15
N PRO G 91 -0.96 66.88 13.29
CA PRO G 91 -1.24 67.84 12.20
C PRO G 91 -0.51 67.50 10.91
N PHE G 92 0.40 66.53 10.93
CA PHE G 92 1.23 66.21 9.77
C PHE G 92 1.11 64.77 9.29
N MET G 93 0.49 63.88 10.07
CA MET G 93 0.61 62.45 9.81
C MET G 93 -0.77 61.79 9.82
N ASP G 94 -0.88 60.70 9.09
CA ASP G 94 -2.16 60.02 8.89
C ASP G 94 -2.60 59.29 10.15
N ILE G 95 -3.83 58.74 10.09
CA ILE G 95 -4.31 57.87 11.16
C ILE G 95 -3.85 56.43 10.93
N SER G 96 -4.02 55.92 9.72
CA SER G 96 -3.63 54.53 9.46
C SER G 96 -2.13 54.38 9.51
N THR G 97 -1.38 55.36 9.01
CA THR G 97 0.08 55.30 9.09
C THR G 97 0.54 55.27 10.55
N PHE G 98 -0.04 56.13 11.39
CA PHE G 98 0.36 56.15 12.79
C PHE G 98 0.01 54.85 13.49
N ARG G 99 -1.19 54.33 13.25
CA ARG G 99 -1.60 53.09 13.89
C ARG G 99 -0.72 51.93 13.43
N ARG G 100 -0.38 51.90 12.14
CA ARG G 100 0.50 50.86 11.63
C ARG G 100 1.89 50.95 12.23
N LEU G 101 2.41 52.18 12.39
CA LEU G 101 3.70 52.35 13.06
C LEU G 101 3.65 51.83 14.48
N VAL G 102 2.59 52.16 15.23
CA VAL G 102 2.49 51.69 16.60
C VAL G 102 2.44 50.16 16.65
N VAL G 103 1.63 49.55 15.78
CA VAL G 103 1.47 48.11 15.82
C VAL G 103 2.74 47.41 15.38
N THR G 104 3.43 47.93 14.36
CA THR G 104 4.66 47.29 13.92
C THR G 104 5.78 47.47 14.94
N ASP G 105 5.78 48.57 15.71
CA ASP G 105 6.72 48.68 16.81
C ASP G 105 6.40 47.69 17.91
N LEU G 106 5.11 47.50 18.20
CA LEU G 106 4.73 46.51 19.20
C LEU G 106 5.10 45.10 18.77
N LEU G 107 5.07 44.83 17.46
CA LEU G 107 5.37 43.49 16.97
C LEU G 107 6.87 43.24 16.84
N PHE G 108 7.55 44.03 16.00
CA PHE G 108 8.95 43.73 15.69
C PHE G 108 9.87 44.07 16.84
N GLU G 109 9.51 45.04 17.66
CA GLU G 109 10.16 45.27 18.94
C GLU G 109 9.22 44.85 20.06
N GLY G 110 9.79 44.65 21.25
CA GLY G 110 8.97 44.18 22.36
C GLY G 110 7.92 45.19 22.78
N CYS G 111 8.24 46.47 22.69
CA CYS G 111 7.38 47.53 23.19
C CYS G 111 7.06 48.52 22.07
N ALA G 112 6.15 49.44 22.37
CA ALA G 112 5.78 50.51 21.47
C ALA G 112 5.61 51.79 22.26
N TYR G 113 6.01 52.91 21.68
CA TYR G 113 6.00 54.20 22.37
C TYR G 113 5.22 55.22 21.56
N ILE G 114 4.42 56.01 22.24
CA ILE G 114 3.61 57.06 21.62
C ILE G 114 3.81 58.34 22.42
N TYR G 115 4.27 59.39 21.77
CA TYR G 115 4.47 60.66 22.45
C TYR G 115 3.14 61.40 22.57
N TRP G 116 3.07 62.30 23.54
CA TRP G 116 1.89 63.12 23.77
C TRP G 116 2.32 64.58 23.89
N ASP G 117 2.03 65.37 22.87
CA ASP G 117 2.30 66.79 22.90
C ASP G 117 1.18 67.48 23.68
N GLY G 118 1.12 68.81 23.62
CA GLY G 118 0.05 69.51 24.31
C GLY G 118 -1.33 69.17 23.78
N THR G 119 -1.48 69.16 22.45
CA THR G 119 -2.76 68.88 21.82
C THR G 119 -2.68 67.87 20.69
N SER G 120 -1.50 67.36 20.37
CA SER G 120 -1.33 66.39 19.30
C SER G 120 -0.62 65.16 19.86
N LEU G 121 -0.88 64.02 19.24
CA LEU G 121 -0.43 62.73 19.73
C LEU G 121 0.56 62.13 18.74
N TYR G 122 1.85 62.29 19.04
CA TYR G 122 2.93 61.94 18.13
C TYR G 122 3.37 60.49 18.31
N HIS G 123 3.94 59.91 17.26
CA HIS G 123 4.50 58.57 17.35
C HIS G 123 6.02 58.64 17.49
N VAL G 124 6.57 57.70 18.26
CA VAL G 124 8.02 57.60 18.44
C VAL G 124 8.42 56.14 18.33
N PRO G 125 9.39 55.79 17.48
CA PRO G 125 9.78 54.39 17.33
C PRO G 125 10.40 53.84 18.60
N ALA G 126 10.08 52.58 18.90
CA ALA G 126 10.59 51.92 20.09
C ALA G 126 11.92 51.22 19.83
N ALA G 127 12.43 51.27 18.61
CA ALA G 127 13.71 50.63 18.32
C ALA G 127 14.89 51.40 18.87
N LEU G 128 14.68 52.64 19.32
CA LEU G 128 15.75 53.50 19.76
C LEU G 128 15.67 53.92 21.21
N MET G 129 14.57 53.62 21.91
CA MET G 129 14.39 54.12 23.26
C MET G 129 14.71 53.06 24.30
N GLN G 130 15.34 53.50 25.38
CA GLN G 130 15.54 52.72 26.59
C GLN G 130 14.74 53.40 27.70
N VAL G 131 14.20 52.62 28.62
CA VAL G 131 13.43 53.15 29.73
C VAL G 131 14.21 52.95 31.01
N GLU G 132 14.33 54.01 31.80
CA GLU G 132 15.07 53.98 33.05
C GLU G 132 14.07 53.94 34.20
N ALA G 133 14.16 52.92 35.03
CA ALA G 133 13.25 52.79 36.16
C ALA G 133 13.56 53.85 37.21
N ASP G 134 12.56 54.13 38.05
CA ASP G 134 12.72 55.06 39.15
C ASP G 134 12.96 54.28 40.44
N ALA G 135 13.72 54.88 41.34
CA ALA G 135 13.93 54.27 42.65
C ALA G 135 12.64 54.21 43.44
N ASN G 136 11.72 55.14 43.20
CA ASN G 136 10.52 55.26 44.02
C ASN G 136 9.27 54.69 43.36
N LYS G 137 8.86 55.22 42.20
CA LYS G 137 7.49 54.96 41.79
C LYS G 137 7.30 53.83 40.77
N PHE G 138 7.58 54.07 39.49
CA PHE G 138 7.60 53.01 38.50
C PHE G 138 8.71 53.22 37.46
N ILE G 139 8.87 54.45 37.01
CA ILE G 139 9.74 54.81 35.90
C ILE G 139 10.23 56.23 36.11
N LYS G 140 11.54 56.42 36.05
CA LYS G 140 12.10 57.76 36.27
C LYS G 140 11.97 58.61 35.02
N LYS G 141 12.45 58.12 33.88
CA LYS G 141 12.54 58.97 32.70
C LYS G 141 12.80 58.12 31.46
N PHE G 142 12.17 58.51 30.37
CA PHE G 142 12.34 57.86 29.07
C PHE G 142 13.46 58.57 28.31
N ILE G 143 14.38 57.79 27.74
CA ILE G 143 15.51 58.34 27.00
C ILE G 143 15.41 57.85 25.55
N PHE G 144 15.02 58.75 24.65
CA PHE G 144 14.93 58.43 23.23
C PHE G 144 16.31 58.56 22.61
N ASN G 145 16.86 57.43 22.17
CA ASN G 145 18.24 57.36 21.70
C ASN G 145 19.13 57.91 22.82
N ASN G 146 19.44 59.18 22.75
CA ASN G 146 19.97 59.96 23.88
C ASN G 146 19.51 61.40 23.70
N GLN G 147 19.82 62.23 24.70
CA GLN G 147 19.70 63.69 24.73
C GLN G 147 18.26 64.18 24.60
N ILE G 148 17.31 63.30 24.31
CA ILE G 148 15.90 63.67 24.28
C ILE G 148 15.36 63.76 25.70
N ASN G 149 15.36 62.62 26.40
CA ASN G 149 15.04 62.55 27.83
C ASN G 149 13.63 63.09 28.09
N TYR G 150 12.64 62.36 27.55
CA TYR G 150 11.28 62.90 27.44
C TYR G 150 10.71 63.32 28.80
N ARG G 151 10.22 62.29 29.49
CA ARG G 151 9.76 62.52 30.85
C ARG G 151 9.16 61.27 31.29
N VAL G 152 7.89 61.22 31.31
CA VAL G 152 7.02 60.08 31.62
C VAL G 152 5.57 60.53 31.45
N ASP G 153 5.27 61.76 31.84
CA ASP G 153 3.92 62.30 31.70
C ASP G 153 3.59 62.71 30.27
N GLU G 154 4.56 62.65 29.36
CA GLU G 154 4.36 63.08 27.99
C GLU G 154 4.45 61.94 26.98
N ILE G 155 4.60 60.70 27.44
CA ILE G 155 4.75 59.56 26.55
C ILE G 155 3.83 58.45 27.00
N ILE G 156 3.32 57.68 26.04
CA ILE G 156 2.42 56.56 26.32
C ILE G 156 3.21 55.27 26.16
N PHE G 157 3.20 54.44 27.20
CA PHE G 157 4.03 53.25 27.26
C PHE G 157 3.18 52.04 26.94
N ILE G 158 3.62 51.24 25.98
CA ILE G 158 2.95 50.00 25.59
C ILE G 158 3.94 48.86 25.75
N LYS G 159 3.61 47.90 26.59
CA LYS G 159 4.52 46.81 26.90
C LYS G 159 3.88 45.47 26.57
N ASP G 160 4.59 44.64 25.82
CA ASP G 160 4.19 43.27 25.56
C ASP G 160 4.90 42.36 26.55
N ASN G 161 4.16 41.40 27.12
CA ASN G 161 4.65 40.63 28.24
C ASN G 161 5.98 39.95 27.90
N SER G 162 6.94 40.08 28.80
CA SER G 162 8.29 39.59 28.54
C SER G 162 8.81 38.81 29.73
N TYR G 163 9.64 37.82 29.44
CA TYR G 163 10.43 37.13 30.46
C TYR G 163 11.83 37.02 29.87
N VAL G 164 12.65 38.05 30.10
CA VAL G 164 14.01 38.11 29.58
C VAL G 164 14.97 38.04 30.74
N CYS G 165 16.15 37.46 30.50
CA CYS G 165 17.14 37.21 31.55
C CYS G 165 16.50 36.31 32.60
N GLY G 166 16.92 36.43 33.85
CA GLY G 166 16.39 35.56 34.89
C GLY G 166 14.93 35.82 35.23
N THR G 167 14.55 37.10 35.30
CA THR G 167 13.27 37.48 35.89
C THR G 167 12.43 38.28 34.90
N ASN G 168 11.11 38.17 35.05
CA ASN G 168 10.21 39.00 34.27
C ASN G 168 10.39 40.46 34.65
N SER G 169 10.18 41.35 33.68
CA SER G 169 10.50 42.75 33.82
C SER G 169 9.24 43.59 33.97
N GLN G 170 9.27 44.54 34.90
CA GLN G 170 8.28 45.60 34.96
C GLN G 170 8.34 46.50 33.73
N ILE G 171 9.42 46.42 32.95
CA ILE G 171 9.72 47.30 31.85
C ILE G 171 9.99 46.43 30.61
N SER G 172 10.44 47.06 29.53
CA SER G 172 10.89 46.38 28.33
C SER G 172 9.74 45.71 27.59
N GLY G 173 9.90 44.43 27.27
CA GLY G 173 8.97 43.72 26.42
C GLY G 173 9.72 42.82 25.47
N GLN G 174 9.13 41.69 25.09
CA GLN G 174 9.80 40.69 24.27
C GLN G 174 9.09 40.62 22.91
N SER G 175 9.87 40.74 21.84
CA SER G 175 9.32 40.84 20.50
C SER G 175 8.93 39.48 19.95
N ARG G 176 7.72 39.38 19.41
CA ARG G 176 7.27 38.13 18.82
C ARG G 176 8.12 37.74 17.62
N VAL G 177 8.49 38.71 16.79
CA VAL G 177 9.20 38.40 15.55
C VAL G 177 10.59 37.86 15.85
N ALA G 178 11.22 38.30 16.95
CA ALA G 178 12.57 37.84 17.27
C ALA G 178 12.61 36.33 17.54
N THR G 179 11.47 35.73 17.87
CA THR G 179 11.45 34.29 18.11
C THR G 179 11.35 33.49 16.82
N VAL G 180 11.05 34.15 15.70
CA VAL G 180 10.82 33.45 14.44
C VAL G 180 12.08 33.43 13.57
N ILE G 181 13.14 34.11 13.98
CA ILE G 181 14.31 34.27 13.11
C ILE G 181 15.04 32.94 12.93
N ASP G 182 15.16 32.15 13.99
CA ASP G 182 15.82 30.85 13.86
C ASP G 182 15.07 29.94 12.90
N SER G 183 13.73 29.90 13.02
CA SER G 183 12.94 29.10 12.10
C SER G 183 13.05 29.61 10.68
N LEU G 184 13.08 30.93 10.51
CA LEU G 184 13.21 31.50 9.17
C LEU G 184 14.54 31.14 8.54
N GLU G 185 15.63 31.22 9.32
CA GLU G 185 16.94 30.85 8.79
C GLU G 185 16.98 29.37 8.43
N LYS G 186 16.43 28.51 9.30
CA LYS G 186 16.38 27.09 8.99
C LYS G 186 15.61 26.82 7.71
N ARG G 187 14.45 27.45 7.55
CA ARG G 187 13.63 27.22 6.38
C ARG G 187 14.33 27.73 5.12
N SER G 188 14.97 28.90 5.20
CA SER G 188 15.66 29.44 4.05
C SER G 188 16.81 28.55 3.61
N LYS G 189 17.59 28.06 4.57
CA LYS G 189 18.69 27.15 4.22
C LYS G 189 18.16 25.85 3.63
N MET G 190 17.09 25.30 4.22
CA MET G 190 16.52 24.07 3.70
C MET G 190 15.97 24.25 2.30
N LEU G 191 15.41 25.42 1.99
CA LEU G 191 14.89 25.68 0.65
C LEU G 191 16.03 25.90 -0.35
N ASN G 192 17.07 26.63 0.05
CA ASN G 192 18.22 26.82 -0.82
C ASN G 192 18.95 25.52 -1.10
N PHE G 193 18.86 24.54 -0.19
CA PHE G 193 19.53 23.27 -0.42
C PHE G 193 18.97 22.56 -1.65
N LYS G 194 17.65 22.58 -1.83
CA LYS G 194 17.08 21.93 -3.01
C LYS G 194 17.51 22.63 -4.29
N GLU G 195 17.50 23.96 -4.30
CA GLU G 195 17.92 24.69 -5.49
C GLU G 195 19.37 24.39 -5.83
N LYS G 196 20.25 24.38 -4.84
CA LYS G 196 21.65 24.10 -5.10
C LYS G 196 21.86 22.63 -5.49
N PHE G 197 21.07 21.72 -4.93
CA PHE G 197 21.17 20.32 -5.31
C PHE G 197 20.77 20.10 -6.76
N LEU G 198 19.72 20.81 -7.20
CA LEU G 198 19.33 20.72 -8.60
C LEU G 198 20.36 21.37 -9.52
N ASP G 199 20.91 22.51 -9.10
CA ASP G 199 21.90 23.19 -9.94
C ASP G 199 23.26 22.48 -9.92
N ASN G 200 23.46 21.57 -8.98
CA ASN G 200 24.78 20.95 -8.82
C ASN G 200 24.79 19.46 -9.15
N GLY G 201 23.79 18.70 -8.71
CA GLY G 201 23.81 17.26 -8.92
C GLY G 201 23.83 16.89 -10.39
N THR G 202 24.58 15.85 -10.69
CA THR G 202 24.79 15.40 -12.06
C THR G 202 23.69 14.43 -12.47
N VAL G 203 23.29 14.52 -13.73
CA VAL G 203 22.27 13.64 -14.31
C VAL G 203 22.85 13.04 -15.59
N ILE G 204 23.01 11.71 -15.60
CA ILE G 204 23.53 11.00 -16.76
C ILE G 204 22.55 9.90 -17.12
N GLY G 205 22.63 9.48 -18.38
CA GLY G 205 21.72 8.47 -18.87
C GLY G 205 22.37 7.19 -19.31
N LEU G 206 23.68 7.23 -19.55
CA LEU G 206 24.38 6.08 -20.10
C LEU G 206 25.87 6.20 -19.83
N ILE G 207 26.49 5.10 -19.45
CA ILE G 207 27.94 5.01 -19.27
C ILE G 207 28.47 3.90 -20.16
N LEU G 208 29.46 4.22 -20.98
CA LEU G 208 30.16 3.22 -21.78
C LEU G 208 31.62 3.18 -21.33
N GLU G 209 32.20 1.99 -21.33
CA GLU G 209 33.57 1.80 -20.88
C GLU G 209 34.38 1.07 -21.94
N THR G 210 35.63 1.49 -22.08
CA THR G 210 36.58 0.84 -22.97
C THR G 210 37.91 0.74 -22.24
N ASP G 211 38.61 -0.37 -22.45
CA ASP G 211 39.90 -0.60 -21.81
C ASP G 211 41.06 -0.09 -22.65
N GLU G 212 40.80 0.52 -23.79
CA GLU G 212 41.84 1.07 -24.64
C GLU G 212 41.55 2.54 -24.94
N ILE G 213 42.61 3.30 -25.16
CA ILE G 213 42.49 4.72 -25.45
C ILE G 213 41.93 4.88 -26.85
N LEU G 214 40.92 5.74 -26.99
CA LEU G 214 40.18 5.86 -28.26
C LEU G 214 40.02 7.32 -28.69
N ASN G 215 41.13 8.07 -28.69
CA ASN G 215 41.21 9.33 -29.43
C ASN G 215 40.20 10.37 -28.97
N LYS G 216 40.47 11.00 -27.82
CA LYS G 216 39.58 11.94 -27.15
C LYS G 216 38.73 12.80 -28.09
N LYS G 217 39.31 13.30 -29.19
CA LYS G 217 38.52 14.10 -30.11
C LYS G 217 37.36 13.30 -30.69
N LEU G 218 37.65 12.14 -31.28
CA LEU G 218 36.59 11.34 -31.90
C LEU G 218 35.71 10.69 -30.84
N ARG G 219 36.28 10.36 -29.68
CA ARG G 219 35.47 9.85 -28.58
C ARG G 219 34.41 10.88 -28.17
N GLU G 220 34.83 12.14 -28.02
CA GLU G 220 33.88 13.19 -27.70
C GLU G 220 32.85 13.37 -28.80
N ARG G 221 33.29 13.36 -30.06
CA ARG G 221 32.33 13.54 -31.16
C ARG G 221 31.28 12.45 -31.15
N LYS G 222 31.70 11.19 -31.02
CA LYS G 222 30.73 10.10 -30.91
C LYS G 222 29.89 10.24 -29.65
N GLN G 223 30.40 10.89 -28.60
CA GLN G 223 29.64 11.12 -27.37
C GLN G 223 28.53 12.11 -27.56
N GLU G 224 28.69 13.19 -28.35
CA GLU G 224 27.54 14.03 -28.70
C GLU G 224 26.65 13.33 -29.72
N GLU G 225 27.24 12.54 -30.62
CA GLU G 225 26.41 11.81 -31.59
C GLU G 225 25.44 10.88 -30.88
N LEU G 226 25.91 10.13 -29.89
CA LEU G 226 25.05 9.23 -29.14
C LEU G 226 24.04 10.00 -28.31
N GLN G 227 24.45 11.14 -27.76
CA GLN G 227 23.50 11.95 -26.98
C GLN G 227 22.36 12.44 -27.86
N LEU G 228 22.68 12.94 -29.06
CA LEU G 228 21.64 13.49 -29.91
C LEU G 228 20.76 12.41 -30.54
N ASP G 229 21.38 11.33 -31.01
CA ASP G 229 20.62 10.35 -31.79
C ASP G 229 19.68 9.51 -30.95
N TYR G 230 19.88 9.44 -29.63
CA TYR G 230 19.06 8.53 -28.79
C TYR G 230 18.12 9.19 -27.91
N ASN G 231 17.73 10.39 -28.24
CA ASN G 231 16.72 11.11 -27.48
C ASN G 231 15.50 11.27 -28.37
N PRO G 232 14.32 10.77 -27.94
CA PRO G 232 13.17 10.76 -28.86
C PRO G 232 12.77 12.13 -29.37
N SER G 233 13.03 13.19 -28.60
CA SER G 233 12.71 14.54 -29.08
C SER G 233 13.56 14.93 -30.27
N THR G 234 14.86 14.60 -30.23
CA THR G 234 15.80 15.04 -31.26
C THR G 234 16.48 13.88 -31.99
N GLY G 235 16.06 12.64 -31.75
CA GLY G 235 16.69 11.50 -32.39
C GLY G 235 15.67 10.47 -32.80
N GLN G 236 16.10 9.59 -33.70
CA GLN G 236 15.23 8.54 -34.23
C GLN G 236 15.98 7.21 -34.22
N SER G 237 16.61 6.89 -33.09
CA SER G 237 17.30 5.62 -32.93
C SER G 237 17.15 5.15 -31.49
N SER G 238 17.18 3.83 -31.31
CA SER G 238 16.96 3.25 -30.00
C SER G 238 17.87 2.08 -29.64
N VAL G 239 18.80 1.68 -30.50
CA VAL G 239 19.61 0.49 -30.26
C VAL G 239 21.08 0.85 -30.37
N LEU G 240 21.89 0.25 -29.51
CA LEU G 240 23.34 0.38 -29.56
C LEU G 240 23.97 -0.95 -29.94
N ILE G 241 24.88 -0.91 -30.91
CA ILE G 241 25.71 -2.05 -31.25
C ILE G 241 27.14 -1.66 -30.90
N LEU G 242 27.60 -2.06 -29.71
CA LEU G 242 28.94 -1.73 -29.26
C LEU G 242 29.94 -2.72 -29.83
N ASP G 243 30.99 -2.21 -30.44
CA ASP G 243 32.00 -3.04 -31.09
C ASP G 243 33.36 -2.85 -30.43
N GLY G 244 34.25 -3.80 -30.68
CA GLY G 244 35.60 -3.71 -30.18
C GLY G 244 35.77 -4.01 -28.71
N GLY G 245 34.75 -4.53 -28.05
CA GLY G 245 34.84 -4.82 -26.63
C GLY G 245 34.40 -3.70 -25.72
N MET G 246 33.85 -2.62 -26.26
CA MET G 246 33.32 -1.56 -25.43
C MET G 246 32.17 -2.08 -24.58
N LYS G 247 32.22 -1.79 -23.29
CA LYS G 247 31.23 -2.29 -22.34
C LYS G 247 30.32 -1.17 -21.88
N ALA G 248 29.17 -1.55 -21.33
CA ALA G 248 28.19 -0.61 -20.80
C ALA G 248 27.96 -0.96 -19.34
N LYS G 249 28.43 -0.10 -18.45
CA LYS G 249 28.31 -0.37 -17.02
C LYS G 249 26.90 -0.09 -16.54
N PRO G 250 26.24 -1.05 -15.88
CA PRO G 250 24.88 -0.80 -15.37
C PRO G 250 24.90 0.04 -14.09
N TYR G 251 25.15 1.34 -14.27
CA TYR G 251 25.28 2.27 -13.17
C TYR G 251 23.92 2.51 -12.52
N SER G 252 23.95 3.21 -11.39
CA SER G 252 22.73 3.65 -10.73
C SER G 252 22.88 5.10 -10.27
N GLN G 253 21.82 5.70 -9.75
CA GLN G 253 21.85 7.08 -9.30
C GLN G 253 22.19 7.11 -7.82
N ILE G 254 23.20 7.89 -7.45
CA ILE G 254 23.72 7.84 -6.10
C ILE G 254 22.78 8.51 -5.11
N SER G 255 22.53 9.80 -5.30
CA SER G 255 21.68 10.58 -4.41
C SER G 255 20.49 11.10 -5.21
N SER G 256 19.43 10.31 -5.27
CA SER G 256 18.25 10.68 -6.03
C SER G 256 17.52 11.85 -5.35
N PHE G 257 16.77 12.59 -6.17
CA PHE G 257 15.99 13.70 -5.63
C PHE G 257 14.85 13.24 -4.75
N LYS G 258 14.41 11.99 -4.90
CA LYS G 258 13.32 11.49 -4.06
C LYS G 258 13.71 11.43 -2.60
N ASP G 259 15.00 11.28 -2.30
CA ASP G 259 15.44 11.26 -0.91
C ASP G 259 15.16 12.58 -0.21
N LEU G 260 15.39 13.69 -0.89
CA LEU G 260 15.21 15.02 -0.30
C LEU G 260 13.72 15.33 -0.28
N ASP G 261 13.03 14.79 0.72
CA ASP G 261 11.60 15.02 0.93
C ASP G 261 11.47 16.08 2.02
N PHE G 262 11.71 17.34 1.64
CA PHE G 262 11.67 18.45 2.58
C PHE G 262 10.28 19.04 2.76
N LYS G 263 9.27 18.55 2.02
CA LYS G 263 7.97 19.21 2.03
C LYS G 263 7.37 19.23 3.43
N GLU G 264 7.47 18.11 4.16
CA GLU G 264 6.85 18.06 5.47
C GLU G 264 7.56 18.99 6.45
N ASP G 265 8.89 19.05 6.41
CA ASP G 265 9.62 19.96 7.28
C ASP G 265 9.32 21.41 6.93
N ILE G 266 9.24 21.74 5.64
CA ILE G 266 8.95 23.11 5.23
C ILE G 266 7.54 23.50 5.65
N GLU G 267 6.59 22.56 5.53
CA GLU G 267 5.23 22.83 5.99
C GLU G 267 5.19 23.05 7.49
N GLY G 268 5.97 22.26 8.23
CA GLY G 268 6.06 22.49 9.67
C GLY G 268 6.62 23.86 10.01
N PHE G 269 7.67 24.27 9.29
CA PHE G 269 8.24 25.60 9.52
C PHE G 269 7.24 26.70 9.21
N ASN G 270 6.52 26.57 8.09
CA ASN G 270 5.51 27.57 7.74
C ASN G 270 4.39 27.62 8.78
N LYS G 271 3.93 26.45 9.23
CA LYS G 271 2.88 26.41 10.23
C LYS G 271 3.34 27.03 11.53
N SER G 272 4.60 26.80 11.91
CA SER G 272 5.13 27.43 13.11
C SER G 272 5.21 28.93 12.96
N ILE G 273 5.66 29.42 11.80
CA ILE G 273 5.79 30.86 11.60
C ILE G 273 4.43 31.52 11.67
N CYS G 274 3.43 30.92 11.01
CA CYS G 274 2.06 31.43 11.15
C CYS G 274 1.55 31.27 12.57
N LEU G 275 2.12 30.35 13.35
CA LEU G 275 1.68 30.12 14.72
C LEU G 275 2.15 31.24 15.64
N ALA G 276 3.37 31.73 15.44
CA ALA G 276 3.93 32.71 16.36
C ALA G 276 3.16 34.01 16.33
N PHE G 277 2.76 34.48 15.15
CA PHE G 277 1.98 35.71 15.07
C PHE G 277 0.54 35.47 15.50
N GLY G 278 0.04 34.26 15.32
CA GLY G 278 -1.29 33.89 15.78
C GLY G 278 -2.31 33.67 14.69
N VAL G 279 -1.97 33.92 13.43
CA VAL G 279 -2.94 33.76 12.34
C VAL G 279 -3.28 32.28 12.19
N PRO G 280 -4.56 31.94 12.03
CA PRO G 280 -4.91 30.56 11.70
C PRO G 280 -4.39 30.21 10.31
N GLN G 281 -4.01 28.94 10.13
CA GLN G 281 -3.50 28.52 8.84
C GLN G 281 -4.59 28.54 7.76
N VAL G 282 -5.86 28.52 8.14
CA VAL G 282 -6.94 28.53 7.16
C VAL G 282 -7.04 29.87 6.45
N LEU G 283 -6.73 30.97 7.16
CA LEU G 283 -6.87 32.28 6.54
C LEU G 283 -5.91 32.44 5.36
N LEU G 284 -4.67 32.00 5.51
CA LEU G 284 -3.72 32.10 4.42
C LEU G 284 -4.13 31.20 3.26
N ASP G 285 -4.61 30.00 3.57
CA ASP G 285 -5.09 29.07 2.56
C ASP G 285 -6.54 29.38 2.22
N GLY G 286 -7.21 28.45 1.54
CA GLY G 286 -8.62 28.55 1.25
C GLY G 286 -9.41 27.64 2.18
N GLY G 287 -10.49 28.19 2.75
CA GLY G 287 -11.29 27.48 3.71
C GLY G 287 -12.74 27.37 3.27
N ASN G 288 -13.43 26.39 3.83
CA ASN G 288 -14.83 26.16 3.53
C ASN G 288 -15.69 27.27 4.12
N ASN G 289 -17.01 27.13 3.94
CA ASN G 289 -17.94 28.06 4.59
C ASN G 289 -17.89 27.91 6.10
N ALA G 290 -17.62 26.70 6.59
CA ALA G 290 -17.58 26.46 8.02
C ALA G 290 -16.30 26.96 8.68
N ASN G 291 -15.30 27.38 7.89
CA ASN G 291 -14.03 27.84 8.44
C ASN G 291 -13.83 29.34 8.39
N ILE G 292 -14.27 29.99 7.32
CA ILE G 292 -13.81 31.36 7.05
C ILE G 292 -14.27 32.31 8.14
N ARG G 293 -15.57 32.31 8.45
CA ARG G 293 -16.07 33.24 9.46
C ARG G 293 -15.52 32.92 10.85
N PRO G 294 -15.57 31.65 11.30
CA PRO G 294 -14.96 31.35 12.60
C PRO G 294 -13.47 31.64 12.66
N ASN G 295 -12.74 31.43 11.56
CA ASN G 295 -11.31 31.69 11.59
C ASN G 295 -11.02 33.19 11.62
N ILE G 296 -11.79 33.99 10.89
CA ILE G 296 -11.65 35.44 11.00
C ILE G 296 -11.95 35.89 12.41
N GLU G 297 -13.02 35.38 13.02
CA GLU G 297 -13.36 35.76 14.38
C GLU G 297 -12.25 35.37 15.35
N LEU G 298 -11.75 34.14 15.24
CA LEU G 298 -10.70 33.69 16.13
C LEU G 298 -9.44 34.53 15.95
N PHE G 299 -9.03 34.77 14.71
CA PHE G 299 -7.87 35.61 14.46
C PHE G 299 -8.05 36.97 15.11
N TYR G 300 -9.02 37.75 14.62
CA TYR G 300 -9.22 39.10 15.15
C TYR G 300 -9.26 39.08 16.67
N TYR G 301 -10.24 38.39 17.26
CA TYR G 301 -10.37 38.42 18.70
C TYR G 301 -9.09 37.97 19.38
N MET G 302 -8.76 36.68 19.27
CA MET G 302 -7.76 36.08 20.15
C MET G 302 -6.36 36.67 19.91
N THR G 303 -6.03 37.04 18.67
CA THR G 303 -4.70 37.59 18.43
C THR G 303 -4.70 39.11 18.53
N ILE G 304 -5.51 39.77 17.69
CA ILE G 304 -5.41 41.22 17.58
C ILE G 304 -5.93 41.90 18.84
N ILE G 305 -7.07 41.47 19.36
CA ILE G 305 -7.76 42.32 20.33
C ILE G 305 -7.02 42.35 21.66
N PRO G 306 -6.31 41.30 22.10
CA PRO G 306 -5.29 41.55 23.14
C PRO G 306 -4.22 42.56 22.73
N MET G 307 -3.77 42.50 21.48
CA MET G 307 -2.72 43.41 21.04
C MET G 307 -3.19 44.86 21.04
N LEU G 308 -4.41 45.11 20.57
CA LEU G 308 -4.98 46.45 20.68
C LEU G 308 -5.47 46.75 22.08
N ASN G 309 -5.73 45.73 22.90
CA ASN G 309 -6.14 45.95 24.28
C ASN G 309 -4.98 46.49 25.10
N LYS G 310 -3.76 46.07 24.78
CA LYS G 310 -2.60 46.67 25.43
C LYS G 310 -2.56 48.17 25.15
N LEU G 311 -2.73 48.56 23.89
CA LEU G 311 -2.74 49.98 23.53
C LEU G 311 -3.88 50.73 24.20
N THR G 312 -5.09 50.16 24.19
CA THR G 312 -6.23 50.88 24.74
C THR G 312 -6.16 50.97 26.27
N SER G 313 -5.60 49.94 26.92
CA SER G 313 -5.39 50.03 28.35
C SER G 313 -4.34 51.09 28.69
N SER G 314 -3.27 51.15 27.90
CA SER G 314 -2.28 52.22 28.14
C SER G 314 -2.91 53.59 27.91
N LEU G 315 -3.80 53.69 26.92
CA LEU G 315 -4.48 54.96 26.66
C LEU G 315 -5.42 55.33 27.81
N THR G 316 -6.14 54.35 28.36
CA THR G 316 -7.05 54.67 29.46
C THR G 316 -6.30 54.92 30.75
N PHE G 317 -5.04 54.45 30.84
CA PHE G 317 -4.17 54.88 31.92
C PHE G 317 -3.69 56.30 31.72
N PHE G 318 -3.32 56.65 30.50
CA PHE G 318 -2.71 57.95 30.24
C PHE G 318 -3.76 59.07 30.31
N PHE G 319 -4.93 58.85 29.72
CA PHE G 319 -5.95 59.89 29.63
C PHE G 319 -7.06 59.73 30.65
N GLY G 320 -7.28 58.52 31.17
CA GLY G 320 -8.34 58.31 32.14
C GLY G 320 -9.70 58.04 31.55
N TYR G 321 -9.84 58.06 30.23
CA TYR G 321 -11.10 57.80 29.56
C TYR G 321 -11.14 56.35 29.12
N LYS G 322 -12.23 55.66 29.42
CA LYS G 322 -12.34 54.25 29.06
C LYS G 322 -12.27 54.08 27.56
N ILE G 323 -11.18 53.53 27.06
CA ILE G 323 -10.96 53.32 25.64
C ILE G 323 -10.86 51.82 25.40
N THR G 324 -11.66 51.31 24.48
CA THR G 324 -11.66 49.89 24.17
C THR G 324 -11.61 49.69 22.66
N PRO G 325 -11.00 48.61 22.19
CA PRO G 325 -11.05 48.29 20.77
C PRO G 325 -12.43 47.77 20.40
N ASN G 326 -13.24 48.61 19.81
CA ASN G 326 -14.60 48.27 19.41
C ASN G 326 -14.65 48.34 17.89
N THR G 327 -14.66 47.19 17.24
CA THR G 327 -14.46 47.20 15.80
C THR G 327 -15.74 47.61 15.09
N LYS G 328 -16.74 46.72 15.07
CA LYS G 328 -18.10 47.03 14.66
C LYS G 328 -18.18 47.56 13.23
N GLU G 329 -17.02 47.76 12.60
CA GLU G 329 -16.93 48.37 11.28
C GLU G 329 -15.92 47.70 10.37
N VAL G 330 -15.03 46.85 10.90
CA VAL G 330 -14.03 46.19 10.06
C VAL G 330 -14.73 45.30 9.05
N ALA G 331 -14.20 45.31 7.82
CA ALA G 331 -14.85 44.56 6.76
C ALA G 331 -14.79 43.06 6.99
N ALA G 332 -13.84 42.60 7.82
CA ALA G 332 -13.69 41.16 8.04
C ALA G 332 -14.67 40.61 9.07
N LEU G 333 -15.20 41.45 9.96
CA LEU G 333 -16.12 41.00 10.99
C LEU G 333 -17.51 41.62 10.84
N THR G 334 -17.95 41.87 9.61
CA THR G 334 -19.31 42.32 9.39
C THR G 334 -20.26 41.18 9.76
N PRO G 335 -21.21 41.39 10.67
CA PRO G 335 -22.07 40.29 11.10
C PRO G 335 -22.95 39.79 9.97
N ASP G 336 -23.31 38.51 10.06
CA ASP G 336 -24.23 37.93 9.09
C ASP G 336 -25.53 38.73 9.09
N LYS G 337 -25.89 39.26 7.92
CA LYS G 337 -26.99 40.22 7.85
C LYS G 337 -28.30 39.60 8.30
N GLU G 338 -28.57 38.36 7.88
CA GLU G 338 -29.84 37.72 8.22
C GLU G 338 -29.94 37.47 9.72
N ALA G 339 -28.93 36.84 10.32
CA ALA G 339 -28.98 36.55 11.75
C ALA G 339 -28.95 37.83 12.57
N GLU G 340 -28.14 38.81 12.16
CA GLU G 340 -28.07 40.07 12.88
C GLU G 340 -29.42 40.76 12.90
N ALA G 341 -30.07 40.84 11.73
CA ALA G 341 -31.41 41.42 11.66
C ALA G 341 -32.38 40.62 12.52
N LYS G 342 -32.28 39.30 12.47
CA LYS G 342 -33.20 38.46 13.25
C LYS G 342 -33.11 38.80 14.73
N HIS G 343 -31.90 38.85 15.29
CA HIS G 343 -31.81 39.06 16.73
C HIS G 343 -32.16 40.50 17.10
N LEU G 344 -31.77 41.47 16.24
CA LEU G 344 -32.12 42.86 16.53
C LEU G 344 -33.63 43.07 16.55
N THR G 345 -34.33 42.51 15.56
CA THR G 345 -35.79 42.63 15.57
C THR G 345 -36.40 41.86 16.73
N SER G 346 -35.81 40.73 17.12
CA SER G 346 -36.37 40.01 18.27
C SER G 346 -36.28 40.84 19.53
N LEU G 347 -35.12 41.48 19.78
CA LEU G 347 -35.00 42.37 20.93
C LEU G 347 -35.92 43.58 20.81
N VAL G 348 -36.06 44.16 19.63
CA VAL G 348 -36.91 45.34 19.49
C VAL G 348 -38.37 44.98 19.75
N ASN G 349 -38.84 43.87 19.18
CA ASN G 349 -40.22 43.44 19.38
C ASN G 349 -40.49 43.11 20.83
N ASN G 350 -39.58 42.38 21.48
CA ASN G 350 -39.82 41.97 22.86
C ASN G 350 -39.40 43.01 23.88
N GLY G 351 -39.01 44.20 23.44
CA GLY G 351 -38.85 45.33 24.33
C GLY G 351 -37.60 45.35 25.17
N ILE G 352 -36.65 44.45 24.93
CA ILE G 352 -35.42 44.48 25.71
C ILE G 352 -34.63 45.76 25.45
N ILE G 353 -34.47 46.14 24.18
CA ILE G 353 -33.70 47.31 23.80
C ILE G 353 -34.55 48.21 22.91
N THR G 354 -34.29 49.52 22.97
CA THR G 354 -34.99 50.46 22.11
C THR G 354 -34.56 50.27 20.66
N GLY G 355 -35.34 50.85 19.75
CA GLY G 355 -34.99 50.77 18.34
C GLY G 355 -33.72 51.53 18.01
N ASN G 356 -33.50 52.67 18.68
CA ASN G 356 -32.37 53.53 18.33
C ASN G 356 -31.04 52.86 18.61
N GLU G 357 -30.93 52.15 19.73
CA GLU G 357 -29.68 51.43 20.00
C GLU G 357 -29.53 50.21 19.09
N ALA G 358 -30.64 49.65 18.59
CA ALA G 358 -30.54 48.64 17.54
C ALA G 358 -29.95 49.25 16.27
N ARG G 359 -30.40 50.45 15.90
CA ARG G 359 -29.82 51.14 14.76
C ARG G 359 -28.34 51.44 14.98
N SER G 360 -27.99 51.83 16.21
CA SER G 360 -26.59 52.06 16.54
C SER G 360 -25.76 50.79 16.36
N GLU G 361 -26.31 49.65 16.79
CA GLU G 361 -25.65 48.37 16.56
C GLU G 361 -25.65 48.00 15.08
N LEU G 362 -26.48 48.64 14.28
CA LEU G 362 -26.44 48.48 12.82
C LEU G 362 -25.49 49.47 12.14
N ASN G 363 -24.76 50.26 12.92
CA ASN G 363 -23.82 51.26 12.40
C ASN G 363 -24.54 52.39 11.66
N LEU G 364 -25.66 52.86 12.21
CA LEU G 364 -26.44 53.92 11.60
C LEU G 364 -26.48 55.14 12.52
N GLU G 365 -27.21 56.17 12.11
CA GLU G 365 -27.43 57.36 12.89
C GLU G 365 -28.83 57.34 13.51
N PRO G 366 -28.94 57.37 14.83
CA PRO G 366 -30.26 57.42 15.46
C PRO G 366 -31.04 58.65 15.02
N LEU G 367 -32.35 58.48 14.83
CA LEU G 367 -33.20 59.55 14.36
C LEU G 367 -34.07 60.07 15.51
N ASP G 368 -34.32 61.38 15.50
CA ASP G 368 -35.03 62.05 16.59
C ASP G 368 -36.54 61.89 16.41
N ASP G 369 -37.06 60.80 16.96
CA ASP G 369 -38.49 60.54 17.01
C ASP G 369 -38.90 60.17 18.42
N GLU G 370 -40.18 60.36 18.72
CA GLU G 370 -40.73 60.07 20.04
C GLU G 370 -41.03 58.58 20.21
N GLN G 371 -41.86 58.00 19.33
CA GLN G 371 -42.20 56.60 19.43
C GLN G 371 -41.04 55.68 19.08
N MET G 372 -39.98 56.21 18.47
CA MET G 372 -38.84 55.41 18.05
C MET G 372 -37.75 55.40 19.12
N ASN G 373 -37.88 56.23 20.15
CA ASN G 373 -36.90 56.32 21.24
C ASN G 373 -37.33 55.63 22.51
N LYS G 374 -38.56 55.16 22.60
CA LYS G 374 -39.08 54.52 23.80
C LYS G 374 -39.38 53.05 23.52
N ILE G 375 -39.18 52.23 24.55
CA ILE G 375 -39.32 50.79 24.43
C ILE G 375 -40.77 50.42 24.13
N ARG G 376 -40.97 49.46 23.22
CA ARG G 376 -42.29 49.17 22.70
C ARG G 376 -43.22 48.63 23.78
N ILE G 377 -42.72 47.76 24.66
CA ILE G 377 -43.55 47.10 25.69
C ILE G 377 -44.72 46.41 25.00
N PRO G 378 -44.50 45.28 24.34
CA PRO G 378 -45.60 44.65 23.59
C PRO G 378 -46.83 44.34 24.44
N ALA G 379 -46.62 43.92 25.69
CA ALA G 379 -47.71 43.60 26.62
C ALA G 379 -48.60 42.54 25.96
N ASN G 380 -49.81 42.86 25.53
CA ASN G 380 -50.68 41.91 24.84
C ASN G 380 -50.02 41.39 23.56
N LEU H 11 -6.64 27.60 66.41
CA LEU H 11 -5.30 27.46 65.86
C LEU H 11 -4.94 25.99 65.71
N ASN H 12 -4.06 25.69 64.78
CA ASN H 12 -3.68 24.30 64.51
C ASN H 12 -2.54 23.89 65.42
N PRO H 13 -2.73 22.90 66.29
CA PRO H 13 -1.63 22.46 67.16
C PRO H 13 -0.42 21.95 66.40
N GLY H 14 -0.62 21.37 65.23
CA GLY H 14 0.48 20.78 64.48
C GLY H 14 1.17 21.73 63.52
N GLN H 15 0.87 23.02 63.63
CA GLN H 15 1.48 23.98 62.72
C GLN H 15 2.98 24.11 62.94
N ARG H 16 3.43 23.94 64.18
CA ARG H 16 4.87 24.02 64.44
C ARG H 16 5.62 22.89 63.72
N ILE H 17 5.02 21.71 63.67
CA ILE H 17 5.64 20.62 62.92
C ILE H 17 5.64 20.93 61.42
N ILE H 18 4.58 21.59 60.94
CA ILE H 18 4.55 22.00 59.54
C ILE H 18 5.69 22.97 59.25
N ARG H 19 5.90 23.94 60.12
CA ARG H 19 6.99 24.88 59.91
C ARG H 19 8.34 24.18 59.98
N ASP H 20 8.49 23.22 60.91
CA ASP H 20 9.74 22.48 61.00
C ASP H 20 10.01 21.66 59.75
N MET H 21 8.97 21.09 59.13
CA MET H 21 9.19 20.28 57.95
C MET H 21 9.44 21.12 56.71
N GLU H 22 9.07 22.41 56.74
CA GLU H 22 9.34 23.31 55.62
C GLU H 22 9.34 24.74 56.16
N PRO H 23 10.50 25.23 56.59
CA PRO H 23 10.51 26.56 57.24
C PRO H 23 10.25 27.71 56.29
N VAL H 24 10.86 27.69 55.10
CA VAL H 24 10.73 28.78 54.15
C VAL H 24 10.37 28.22 52.78
N SER H 25 9.79 29.07 51.95
CA SER H 25 9.54 28.70 50.57
C SER H 25 10.85 28.56 49.81
N HIS H 26 10.78 27.93 48.65
CA HIS H 26 11.95 27.70 47.80
C HIS H 26 11.58 27.90 46.35
N ARG H 27 12.49 28.54 45.61
CA ARG H 27 12.24 28.87 44.21
C ARG H 27 12.06 27.59 43.41
N THR H 28 11.00 27.55 42.60
CA THR H 28 10.64 26.34 41.86
C THR H 28 11.06 26.37 40.40
N ASN H 29 11.21 27.55 39.80
CA ASN H 29 11.76 27.65 38.45
C ASN H 29 13.26 27.43 38.56
N ARG H 30 13.64 26.15 38.56
CA ARG H 30 15.01 25.78 38.94
C ARG H 30 16.04 26.40 38.01
N LYS H 31 15.79 26.39 36.71
CA LYS H 31 16.69 27.00 35.75
C LYS H 31 16.00 28.16 35.02
N PRO H 32 16.24 29.40 35.44
CA PRO H 32 15.51 30.54 34.86
C PRO H 32 16.03 30.97 33.49
N PHE H 33 17.36 30.92 33.32
CA PHE H 33 17.94 31.46 32.09
C PHE H 33 17.54 30.64 30.87
N THR H 34 17.50 29.32 30.99
CA THR H 34 17.06 28.50 29.88
C THR H 34 15.61 28.78 29.54
N THR H 35 14.77 29.01 30.56
CA THR H 35 13.38 29.39 30.30
C THR H 35 13.30 30.72 29.56
N GLY H 36 14.11 31.69 29.98
CA GLY H 36 14.11 32.98 29.29
C GLY H 36 14.56 32.87 27.85
N GLN H 37 15.61 32.08 27.61
CA GLN H 37 16.08 31.88 26.23
C GLN H 37 15.05 31.15 25.39
N ALA H 38 14.36 30.17 25.97
CA ALA H 38 13.30 29.48 25.25
C ALA H 38 12.16 30.44 24.92
N TYR H 39 11.76 31.28 25.86
CA TYR H 39 10.69 32.23 25.60
C TYR H 39 11.10 33.23 24.52
N SER H 40 12.37 33.63 24.51
CA SER H 40 12.78 34.71 23.62
C SER H 40 13.25 34.19 22.26
N LYS H 41 13.48 32.88 22.14
CA LYS H 41 14.03 32.32 20.90
C LYS H 41 13.33 31.05 20.44
N ILE H 42 12.29 30.60 21.16
CA ILE H 42 11.46 29.49 20.73
C ILE H 42 10.04 30.00 20.62
N GLU H 43 9.41 29.78 19.47
CA GLU H 43 8.20 30.48 19.09
C GLU H 43 6.90 29.76 19.45
N ILE H 44 6.90 28.43 19.51
CA ILE H 44 5.71 27.74 20.03
C ILE H 44 5.48 28.07 21.49
N LEU H 45 6.55 28.06 22.29
CA LEU H 45 6.43 28.45 23.70
C LEU H 45 6.03 29.92 23.82
N ASN H 46 6.61 30.78 22.97
CA ASN H 46 6.23 32.19 22.98
C ASN H 46 4.74 32.34 22.76
N ARG H 47 4.22 31.70 21.72
CA ARG H 47 2.79 31.84 21.41
C ARG H 47 1.92 31.27 22.52
N THR H 48 2.24 30.10 23.04
CA THR H 48 1.40 29.50 24.07
C THR H 48 1.38 30.37 25.33
N ALA H 49 2.57 30.80 25.80
CA ALA H 49 2.62 31.64 26.98
C ALA H 49 1.92 32.97 26.75
N ASN H 50 2.08 33.56 25.56
CA ASN H 50 1.42 34.82 25.26
C ASN H 50 -0.09 34.65 25.27
N MET H 51 -0.61 33.58 24.69
CA MET H 51 -2.05 33.36 24.73
C MET H 51 -2.55 33.24 26.15
N VAL H 52 -1.87 32.42 26.97
CA VAL H 52 -2.35 32.21 28.34
C VAL H 52 -2.33 33.53 29.11
N ILE H 53 -1.23 34.28 29.01
CA ILE H 53 -1.12 35.51 29.79
C ILE H 53 -2.13 36.54 29.31
N ASP H 54 -2.20 36.77 28.00
CA ASP H 54 -3.10 37.79 27.48
C ASP H 54 -4.56 37.44 27.74
N SER H 55 -4.94 36.18 27.52
CA SER H 55 -6.29 35.74 27.81
C SER H 55 -6.60 35.81 29.29
N ALA H 56 -5.60 35.71 30.16
CA ALA H 56 -5.79 35.89 31.59
C ALA H 56 -5.68 37.36 31.99
N ALA H 57 -5.55 38.26 31.03
CA ALA H 57 -5.52 39.69 31.30
C ALA H 57 -6.74 40.42 30.76
N GLU H 58 -7.62 39.74 30.04
CA GLU H 58 -8.82 40.35 29.49
C GLU H 58 -10.04 40.15 30.37
N CYS H 59 -10.01 39.16 31.26
CA CYS H 59 -11.17 38.85 32.09
C CYS H 59 -11.30 39.89 33.20
N SER H 60 -12.40 40.62 33.21
CA SER H 60 -12.62 41.62 34.23
C SER H 60 -13.07 40.96 35.53
N TYR H 61 -12.95 41.71 36.62
CA TYR H 61 -13.32 41.23 37.95
C TYR H 61 -14.53 42.01 38.44
N THR H 62 -15.52 41.28 38.94
CA THR H 62 -16.73 41.87 39.50
C THR H 62 -16.75 41.62 41.00
N VAL H 63 -16.82 42.70 41.77
CA VAL H 63 -16.87 42.61 43.23
C VAL H 63 -18.31 42.41 43.66
N GLY H 64 -18.54 41.42 44.50
CA GLY H 64 -19.89 41.10 44.93
C GLY H 64 -20.28 41.74 46.24
N ASP H 65 -20.80 40.96 47.17
CA ASP H 65 -21.23 41.47 48.45
C ASP H 65 -20.04 41.51 49.43
N LYS H 66 -20.30 42.02 50.63
CA LYS H 66 -19.29 42.10 51.68
C LYS H 66 -19.50 40.95 52.65
N TYR H 67 -18.45 40.17 52.87
CA TYR H 67 -18.48 39.08 53.84
C TYR H 67 -18.15 39.64 55.21
N ASN H 68 -19.06 39.44 56.17
CA ASN H 68 -18.90 40.01 57.51
C ASN H 68 -17.87 39.21 58.30
N ILE H 69 -16.62 39.31 57.83
CA ILE H 69 -15.49 38.63 58.44
C ILE H 69 -14.34 39.62 58.60
N VAL H 70 -13.43 39.29 59.51
CA VAL H 70 -12.26 40.14 59.78
C VAL H 70 -11.16 39.73 58.80
N THR H 71 -10.94 40.55 57.79
CA THR H 71 -9.94 40.27 56.78
C THR H 71 -8.75 41.21 56.93
N TYR H 72 -7.74 41.00 56.08
CA TYR H 72 -6.51 41.78 56.19
C TYR H 72 -6.75 43.26 55.92
N ALA H 73 -7.56 43.56 54.91
CA ALA H 73 -7.86 44.94 54.53
C ALA H 73 -9.26 45.27 55.04
N ASN H 74 -9.35 46.34 55.84
CA ASN H 74 -10.61 46.77 56.41
C ASN H 74 -10.81 48.26 56.12
N GLY H 75 -12.07 48.62 55.91
CA GLY H 75 -12.42 49.99 55.59
C GLY H 75 -12.32 50.36 54.12
N VAL H 76 -12.01 49.42 53.25
CA VAL H 76 -11.92 49.68 51.83
C VAL H 76 -13.32 49.65 51.22
N LYS H 77 -13.67 50.71 50.49
CA LYS H 77 -15.00 50.79 49.90
C LYS H 77 -15.09 49.90 48.67
N THR H 78 -16.33 49.49 48.35
CA THR H 78 -16.55 48.63 47.20
C THR H 78 -16.12 49.31 45.91
N LYS H 79 -16.48 50.58 45.74
CA LYS H 79 -16.15 51.29 44.50
C LYS H 79 -14.65 51.49 44.35
N THR H 80 -13.96 51.80 45.45
CA THR H 80 -12.52 51.97 45.37
C THR H 80 -11.83 50.67 44.97
N LEU H 81 -12.25 49.55 45.57
CA LEU H 81 -11.69 48.26 45.21
C LEU H 81 -11.97 47.95 43.74
N ASP H 82 -13.20 48.21 43.29
CA ASP H 82 -13.54 47.94 41.89
C ASP H 82 -12.69 48.77 40.94
N THR H 83 -12.50 50.06 41.24
CA THR H 83 -11.74 50.91 40.34
C THR H 83 -10.27 50.55 40.33
N LEU H 84 -9.70 50.19 41.49
CA LEU H 84 -8.29 49.83 41.51
C LEU H 84 -8.07 48.43 40.92
N LEU H 85 -9.12 47.62 40.87
CA LEU H 85 -8.97 46.27 40.34
C LEU H 85 -9.33 46.15 38.87
N ASN H 86 -10.05 47.13 38.31
CA ASN H 86 -10.44 47.06 36.90
C ASN H 86 -10.02 48.26 36.07
N VAL H 87 -9.51 49.34 36.67
CA VAL H 87 -9.18 50.54 35.91
C VAL H 87 -7.72 50.92 36.09
N ARG H 88 -7.32 51.19 37.32
CA ARG H 88 -5.96 51.67 37.59
C ARG H 88 -5.47 51.11 38.92
N PRO H 89 -4.74 50.00 38.92
CA PRO H 89 -4.18 49.49 40.17
C PRO H 89 -3.22 50.48 40.79
N ASN H 90 -2.57 51.22 39.96
CA ASN H 90 -1.51 51.95 40.61
C ASN H 90 -1.60 53.42 40.26
N PRO H 91 -1.09 54.30 41.12
CA PRO H 91 -0.86 55.69 40.69
C PRO H 91 0.18 55.80 39.58
N PHE H 92 0.84 54.70 39.21
CA PHE H 92 1.98 54.78 38.30
C PHE H 92 2.00 53.68 37.24
N MET H 93 1.07 52.73 37.26
CA MET H 93 1.13 51.61 36.33
C MET H 93 -0.28 51.20 35.92
N ASP H 94 -0.36 50.51 34.79
CA ASP H 94 -1.61 50.23 34.08
C ASP H 94 -2.37 49.08 34.74
N ILE H 95 -3.55 48.80 34.17
CA ILE H 95 -4.33 47.63 34.55
C ILE H 95 -3.91 46.39 33.75
N SER H 96 -3.80 46.52 32.43
CA SER H 96 -3.40 45.37 31.62
C SER H 96 -1.97 44.96 31.92
N THR H 97 -1.08 45.93 32.09
CA THR H 97 0.29 45.60 32.45
C THR H 97 0.35 44.90 33.80
N PHE H 98 -0.44 45.38 34.77
CA PHE H 98 -0.43 44.77 36.09
C PHE H 98 -0.93 43.33 36.03
N ARG H 99 -2.05 43.10 35.34
CA ARG H 99 -2.58 41.74 35.22
C ARG H 99 -1.60 40.85 34.47
N ARG H 100 -0.94 41.38 33.45
CA ARG H 100 -0.01 40.58 32.66
C ARG H 100 1.20 40.18 33.50
N LEU H 101 1.73 41.12 34.29
CA LEU H 101 2.83 40.78 35.19
C LEU H 101 2.41 39.73 36.22
N VAL H 102 1.22 39.88 36.81
CA VAL H 102 0.80 38.93 37.83
C VAL H 102 0.62 37.54 37.23
N VAL H 103 -0.02 37.45 36.06
CA VAL H 103 -0.23 36.16 35.43
C VAL H 103 1.09 35.57 34.95
N THR H 104 2.02 36.41 34.49
CA THR H 104 3.34 35.92 34.12
C THR H 104 4.07 35.34 35.32
N ASP H 105 3.96 35.99 36.47
CA ASP H 105 4.55 35.43 37.69
C ASP H 105 3.88 34.11 38.06
N LEU H 106 2.56 34.04 37.94
CA LEU H 106 1.86 32.81 38.30
C LEU H 106 2.21 31.67 37.33
N LEU H 107 2.53 31.99 36.09
CA LEU H 107 2.88 30.96 35.11
C LEU H 107 4.34 30.55 35.21
N PHE H 108 5.26 31.49 34.95
CA PHE H 108 6.67 31.15 34.87
C PHE H 108 7.26 30.84 36.24
N GLU H 109 6.66 31.37 37.29
CA GLU H 109 7.01 31.01 38.66
C GLU H 109 5.86 30.24 39.29
N GLY H 110 6.17 29.53 40.37
CA GLY H 110 5.13 28.76 41.04
C GLY H 110 4.05 29.64 41.64
N CYS H 111 4.42 30.81 42.11
CA CYS H 111 3.53 31.70 42.84
C CYS H 111 3.56 33.10 42.25
N ALA H 112 2.76 33.99 42.82
CA ALA H 112 2.71 35.38 42.42
C ALA H 112 2.32 36.23 43.62
N TYR H 113 2.95 37.39 43.74
CA TYR H 113 2.76 38.26 44.89
C TYR H 113 2.30 39.63 44.43
N ILE H 114 1.44 40.26 45.22
CA ILE H 114 0.93 41.59 44.95
C ILE H 114 0.89 42.36 46.25
N TYR H 115 1.48 43.56 46.26
CA TYR H 115 1.49 44.38 47.47
C TYR H 115 0.27 45.29 47.50
N TRP H 116 -0.09 45.74 48.71
CA TRP H 116 -1.25 46.57 48.94
C TRP H 116 -0.89 47.67 49.93
N ASP H 117 -0.92 48.93 49.47
CA ASP H 117 -0.74 50.07 50.34
C ASP H 117 -2.03 50.30 51.13
N GLY H 118 -2.12 51.44 51.82
CA GLY H 118 -3.38 51.82 52.41
C GLY H 118 -4.45 52.08 51.35
N THR H 119 -4.04 52.58 50.19
CA THR H 119 -4.98 52.94 49.13
C THR H 119 -4.67 52.34 47.77
N SER H 120 -3.46 52.01 47.45
CA SER H 120 -3.20 51.49 46.14
C SER H 120 -2.83 50.06 46.19
N LEU H 121 -2.66 49.42 45.08
CA LEU H 121 -2.37 47.99 45.00
C LEU H 121 -1.21 47.76 44.03
N TYR H 122 0.02 47.80 44.54
CA TYR H 122 1.23 47.66 43.75
C TYR H 122 1.53 46.19 43.45
N HIS H 123 2.30 45.96 42.39
CA HIS H 123 2.76 44.62 42.06
C HIS H 123 4.21 44.44 42.46
N VAL H 124 4.55 43.22 42.88
CA VAL H 124 5.92 42.84 43.21
C VAL H 124 6.24 41.51 42.53
N PRO H 125 7.44 41.34 41.98
CA PRO H 125 7.76 40.07 41.32
C PRO H 125 7.86 38.93 42.33
N ALA H 126 7.48 37.74 41.87
CA ALA H 126 7.58 36.53 42.67
C ALA H 126 8.88 35.78 42.46
N ALA H 127 9.70 36.22 41.51
CA ALA H 127 10.97 35.55 41.25
C ALA H 127 11.98 35.78 42.35
N LEU H 128 11.84 36.88 43.09
CA LEU H 128 12.80 37.26 44.11
C LEU H 128 12.30 37.00 45.53
N MET H 129 10.99 36.96 45.74
CA MET H 129 10.45 36.87 47.09
C MET H 129 10.44 35.43 47.59
N GLN H 130 10.72 35.28 48.88
CA GLN H 130 10.65 34.02 49.60
C GLN H 130 9.66 34.17 50.73
N VAL H 131 8.88 33.12 50.98
CA VAL H 131 7.87 33.14 52.03
C VAL H 131 8.36 32.30 53.20
N GLU H 132 8.28 32.86 54.40
CA GLU H 132 8.69 32.17 55.62
C GLU H 132 7.45 31.79 56.41
N ALA H 133 7.35 30.51 56.76
CA ALA H 133 6.19 30.03 57.50
C ALA H 133 6.19 30.56 58.93
N ASP H 134 5.03 30.51 59.55
CA ASP H 134 4.87 30.94 60.93
C ASP H 134 5.03 29.75 61.87
N ALA H 135 5.59 30.03 63.04
CA ALA H 135 5.62 29.01 64.08
C ALA H 135 4.24 28.69 64.59
N ASN H 136 3.31 29.66 64.56
CA ASN H 136 2.01 29.48 65.17
C ASN H 136 0.88 29.32 64.16
N LYS H 137 0.61 30.31 63.30
CA LYS H 137 -0.63 30.22 62.53
C LYS H 137 -0.47 29.74 61.10
N PHE H 138 0.00 30.60 60.19
CA PHE H 138 0.30 30.17 58.83
C PHE H 138 1.66 30.62 58.33
N ILE H 139 1.90 31.93 58.41
CA ILE H 139 3.03 32.57 57.73
C ILE H 139 3.54 33.71 58.60
N LYS H 140 4.83 33.70 58.89
CA LYS H 140 5.42 34.76 59.70
C LYS H 140 5.53 36.06 58.91
N LYS H 141 6.35 36.06 57.86
CA LYS H 141 6.64 37.29 57.14
C LYS H 141 7.28 36.97 55.80
N PHE H 142 6.94 37.77 54.79
CA PHE H 142 7.43 37.62 53.43
C PHE H 142 8.77 38.35 53.30
N ILE H 143 9.79 37.66 52.81
CA ILE H 143 11.11 38.26 52.67
C ILE H 143 11.43 38.49 51.19
N PHE H 144 11.18 39.72 50.72
CA PHE H 144 11.44 40.07 49.33
C PHE H 144 12.94 40.25 49.14
N ASN H 145 13.56 39.35 48.39
CA ASN H 145 15.02 39.32 48.29
C ASN H 145 15.58 39.21 49.69
N ASN H 146 15.92 40.36 50.28
CA ASN H 146 16.23 40.48 51.70
C ASN H 146 15.79 41.87 52.13
N GLN H 147 16.19 42.25 53.36
CA GLN H 147 16.00 43.61 53.85
C GLN H 147 14.53 43.98 54.03
N ILE H 148 13.76 43.99 52.95
CA ILE H 148 12.39 44.51 52.93
C ILE H 148 11.56 43.90 54.05
N ASN H 149 11.35 42.59 54.00
CA ASN H 149 10.71 41.85 55.08
C ASN H 149 9.30 42.39 55.34
N TYR H 150 8.44 42.20 54.34
CA TYR H 150 7.21 42.99 54.22
C TYR H 150 6.29 42.86 55.42
N ARG H 151 5.63 41.70 55.58
CA ARG H 151 4.72 41.35 56.66
C ARG H 151 3.84 40.16 56.26
N VAL H 152 2.60 40.43 55.87
CA VAL H 152 1.60 39.43 55.54
C VAL H 152 0.27 40.15 55.35
N ASP H 153 0.03 41.18 56.17
CA ASP H 153 -1.17 41.99 56.05
C ASP H 153 -1.16 42.87 54.80
N GLU H 154 -0.04 42.94 54.08
CA GLU H 154 0.10 43.86 52.96
C GLU H 154 0.40 43.16 51.64
N ILE H 155 0.47 41.83 51.64
CA ILE H 155 0.69 41.06 50.42
C ILE H 155 -0.38 40.01 50.30
N ILE H 156 -1.01 39.92 49.13
CA ILE H 156 -1.91 38.83 48.81
C ILE H 156 -1.10 37.70 48.22
N PHE H 157 -1.46 36.47 48.54
CA PHE H 157 -0.68 35.30 48.16
C PHE H 157 -1.44 34.50 47.11
N ILE H 158 -0.81 34.32 45.95
CA ILE H 158 -1.37 33.54 44.85
C ILE H 158 -0.47 32.34 44.62
N LYS H 159 -0.96 31.16 44.94
CA LYS H 159 -0.15 29.94 44.93
C LYS H 159 -0.74 28.94 43.94
N ASP H 160 0.10 28.48 43.02
CA ASP H 160 -0.26 27.37 42.15
C ASP H 160 0.11 26.06 42.85
N ASN H 161 -0.78 25.08 42.77
CA ASN H 161 -0.63 23.87 43.58
C ASN H 161 0.68 23.18 43.24
N SER H 162 1.34 22.64 44.27
CA SER H 162 2.66 22.08 44.10
C SER H 162 2.81 20.82 44.95
N TYR H 163 3.57 19.86 44.42
CA TYR H 163 4.04 18.69 45.15
C TYR H 163 5.54 18.63 44.87
N VAL H 164 6.31 19.36 45.68
CA VAL H 164 7.76 19.47 45.51
C VAL H 164 8.43 18.78 46.68
N CYS H 165 9.52 18.07 46.41
CA CYS H 165 10.22 17.26 47.39
C CYS H 165 9.25 16.18 47.88
N GLY H 166 9.41 15.74 49.13
CA GLY H 166 8.58 14.65 49.62
C GLY H 166 7.12 14.99 49.77
N THR H 167 6.80 16.15 50.31
CA THR H 167 5.43 16.48 50.72
C THR H 167 4.95 17.73 50.00
N ASN H 168 3.64 17.78 49.79
CA ASN H 168 3.03 18.99 49.24
C ASN H 168 3.14 20.13 50.25
N SER H 169 3.16 21.35 49.72
CA SER H 169 3.43 22.53 50.53
C SER H 169 2.25 23.49 50.49
N GLN H 170 1.90 24.01 51.66
CA GLN H 170 0.99 25.15 51.74
C GLN H 170 1.68 26.44 51.32
N ILE H 171 2.97 26.39 51.03
CA ILE H 171 3.79 27.51 50.63
C ILE H 171 4.38 27.19 49.25
N SER H 172 5.18 28.12 48.73
CA SER H 172 5.87 27.94 47.46
C SER H 172 4.87 27.83 46.32
N GLY H 173 4.97 26.75 45.55
CA GLY H 173 4.16 26.59 44.35
C GLY H 173 5.00 26.05 43.22
N GLN H 174 4.37 25.42 42.23
CA GLN H 174 5.09 24.82 41.12
C GLN H 174 4.87 25.60 39.84
N SER H 175 5.97 25.95 39.16
CA SER H 175 5.90 26.64 37.89
C SER H 175 5.52 25.67 36.79
N ARG H 176 4.47 26.01 36.02
CA ARG H 176 4.07 25.14 34.92
C ARG H 176 5.11 25.15 33.80
N VAL H 177 5.77 26.29 33.58
CA VAL H 177 6.73 26.38 32.49
C VAL H 177 7.94 25.49 32.75
N ALA H 178 8.36 25.38 34.02
CA ALA H 178 9.52 24.58 34.34
C ALA H 178 9.36 23.12 33.97
N THR H 179 8.13 22.64 33.83
CA THR H 179 7.89 21.28 33.38
C THR H 179 8.13 21.10 31.89
N VAL H 180 8.32 22.20 31.16
CA VAL H 180 8.41 22.15 29.70
C VAL H 180 9.84 22.29 29.20
N ILE H 181 10.80 22.56 30.09
CA ILE H 181 12.15 22.90 29.65
C ILE H 181 12.85 21.69 29.03
N ASP H 182 12.66 20.49 29.59
CA ASP H 182 13.27 19.31 29.01
C ASP H 182 12.73 19.04 27.62
N SER H 183 11.41 19.17 27.44
CA SER H 183 10.83 18.99 26.12
C SER H 183 11.34 20.05 25.15
N LEU H 184 11.50 21.28 25.63
CA LEU H 184 12.03 22.34 24.78
C LEU H 184 13.45 22.03 24.32
N GLU H 185 14.30 21.57 25.25
CA GLU H 185 15.67 21.22 24.88
C GLU H 185 15.69 20.06 23.91
N LYS H 186 14.86 19.04 24.14
CA LYS H 186 14.78 17.91 23.23
C LYS H 186 14.38 18.36 21.83
N ARG H 187 13.35 19.20 21.73
CA ARG H 187 12.87 19.62 20.42
C ARG H 187 13.90 20.49 19.72
N SER H 188 14.58 21.38 20.46
CA SER H 188 15.59 22.22 19.85
C SER H 188 16.76 21.39 19.32
N LYS H 189 17.22 20.41 20.09
CA LYS H 189 18.30 19.55 19.62
C LYS H 189 17.85 18.74 18.41
N MET H 190 16.64 18.20 18.46
CA MET H 190 16.13 17.41 17.34
C MET H 190 16.01 18.23 16.06
N LEU H 191 15.58 19.48 16.18
CA LEU H 191 15.46 20.34 15.01
C LEU H 191 16.82 20.79 14.49
N ASN H 192 17.76 21.07 15.39
CA ASN H 192 19.11 21.43 14.96
C ASN H 192 19.80 20.27 14.27
N PHE H 193 19.43 19.03 14.63
CA PHE H 193 20.07 17.89 13.99
C PHE H 193 19.80 17.87 12.49
N LYS H 194 18.58 18.19 12.07
CA LYS H 194 18.28 18.19 10.64
C LYS H 194 19.09 19.26 9.91
N GLU H 195 19.16 20.46 10.49
CA GLU H 195 19.94 21.53 9.88
C GLU H 195 21.41 21.14 9.75
N LYS H 196 21.99 20.57 10.80
CA LYS H 196 23.39 20.20 10.75
C LYS H 196 23.63 19.03 9.81
N PHE H 197 22.66 18.11 9.72
CA PHE H 197 22.78 17.00 8.78
C PHE H 197 22.75 17.50 7.35
N LEU H 198 21.90 18.49 7.05
CA LEU H 198 21.90 19.07 5.72
C LEU H 198 23.19 19.82 5.43
N ASP H 199 23.67 20.60 6.40
CA ASP H 199 24.88 21.40 6.16
C ASP H 199 26.14 20.53 6.15
N ASN H 200 26.07 19.31 6.64
CA ASN H 200 27.26 18.48 6.73
C ASN H 200 27.24 17.29 5.78
N GLY H 201 26.08 16.74 5.48
CA GLY H 201 26.01 15.56 4.64
C GLY H 201 26.52 15.83 3.23
N THR H 202 27.00 14.77 2.59
CA THR H 202 27.61 14.87 1.27
C THR H 202 26.63 14.41 0.21
N VAL H 203 26.72 15.04 -0.96
CA VAL H 203 25.93 14.67 -2.13
C VAL H 203 26.90 14.31 -3.24
N ILE H 204 26.74 13.11 -3.80
CA ILE H 204 27.62 12.59 -4.84
C ILE H 204 26.78 12.26 -6.06
N GLY H 205 27.29 12.61 -7.24
CA GLY H 205 26.65 12.22 -8.47
C GLY H 205 27.29 10.99 -9.08
N LEU H 206 28.61 10.98 -9.16
CA LEU H 206 29.37 9.86 -9.71
C LEU H 206 30.62 9.64 -8.89
N ILE H 207 31.12 8.40 -8.93
CA ILE H 207 32.44 8.07 -8.41
C ILE H 207 33.18 7.27 -9.47
N LEU H 208 34.31 7.78 -9.92
CA LEU H 208 35.15 7.13 -10.92
C LEU H 208 36.50 6.84 -10.29
N GLU H 209 36.99 5.62 -10.48
CA GLU H 209 38.30 5.23 -9.98
C GLU H 209 39.17 4.71 -11.11
N THR H 210 40.46 5.05 -11.05
CA THR H 210 41.45 4.56 -11.99
C THR H 210 42.61 4.00 -11.20
N ASP H 211 43.14 2.87 -11.66
CA ASP H 211 44.13 2.12 -10.90
C ASP H 211 45.50 2.80 -10.88
N GLU H 212 45.64 3.94 -11.54
CA GLU H 212 46.91 4.67 -11.54
C GLU H 212 46.63 6.16 -11.59
N ILE H 213 47.68 6.93 -11.28
CA ILE H 213 47.56 8.37 -11.07
C ILE H 213 47.31 9.05 -12.42
N LEU H 214 46.45 10.05 -12.43
CA LEU H 214 46.07 10.73 -13.66
C LEU H 214 46.12 12.26 -13.48
N ASN H 215 47.24 12.76 -12.96
CA ASN H 215 47.58 14.18 -13.05
C ASN H 215 46.58 15.10 -12.34
N LYS H 216 46.62 15.09 -11.01
CA LYS H 216 45.68 15.81 -10.14
C LYS H 216 45.15 17.12 -10.70
N LYS H 217 46.01 17.96 -11.27
CA LYS H 217 45.53 19.20 -11.89
C LYS H 217 44.55 18.90 -13.02
N LEU H 218 44.97 18.06 -13.97
CA LEU H 218 44.14 17.76 -15.13
C LEU H 218 42.97 16.87 -14.75
N ARG H 219 43.17 15.98 -13.77
CA ARG H 219 42.06 15.19 -13.25
C ARG H 219 40.99 16.09 -12.65
N GLU H 220 41.40 17.10 -11.89
CA GLU H 220 40.44 18.00 -11.27
C GLU H 220 39.75 18.86 -12.32
N ARG H 221 40.47 19.28 -13.35
CA ARG H 221 39.84 20.03 -14.43
C ARG H 221 38.78 19.20 -15.13
N LYS H 222 39.10 17.95 -15.44
CA LYS H 222 38.10 17.07 -16.05
C LYS H 222 36.94 16.79 -15.09
N GLN H 223 37.18 16.84 -13.78
CA GLN H 223 36.12 16.62 -12.78
C GLN H 223 35.21 17.81 -12.71
N GLU H 224 35.69 19.00 -12.92
CA GLU H 224 34.82 20.16 -13.06
C GLU H 224 34.07 20.13 -14.39
N GLU H 225 34.75 19.71 -15.46
CA GLU H 225 34.11 19.62 -16.76
C GLU H 225 32.95 18.64 -16.75
N LEU H 226 33.14 17.47 -16.14
CA LEU H 226 32.06 16.49 -16.05
C LEU H 226 30.93 16.99 -15.17
N GLN H 227 31.26 17.69 -14.09
CA GLN H 227 30.22 18.22 -13.21
C GLN H 227 29.34 19.23 -13.95
N LEU H 228 29.96 20.17 -14.66
CA LEU H 228 29.18 21.21 -15.30
C LEU H 228 28.50 20.71 -16.58
N ASP H 229 29.12 19.75 -17.26
CA ASP H 229 28.63 19.33 -18.57
C ASP H 229 27.40 18.45 -18.49
N TYR H 230 27.28 17.63 -17.44
CA TYR H 230 26.22 16.62 -17.36
C TYR H 230 25.10 17.05 -16.42
N ASN H 231 24.97 18.34 -16.16
CA ASN H 231 23.82 18.89 -15.45
C ASN H 231 22.88 19.49 -16.48
N PRO H 232 21.67 18.95 -16.65
CA PRO H 232 20.81 19.42 -17.75
C PRO H 232 20.46 20.90 -17.67
N SER H 233 20.51 21.49 -16.48
CA SER H 233 20.30 22.93 -16.37
C SER H 233 21.40 23.70 -17.09
N THR H 234 22.65 23.24 -16.98
CA THR H 234 23.79 23.92 -17.58
C THR H 234 24.60 23.01 -18.50
N GLY H 235 23.98 21.98 -19.08
CA GLY H 235 24.72 21.04 -19.89
C GLY H 235 23.90 20.55 -21.07
N GLN H 236 24.62 20.02 -22.05
CA GLN H 236 24.05 19.49 -23.28
C GLN H 236 24.71 18.16 -23.62
N SER H 237 24.86 17.31 -22.61
CA SER H 237 25.47 15.99 -22.82
C SER H 237 24.95 15.03 -21.76
N SER H 238 24.82 13.76 -22.13
CA SER H 238 24.31 12.76 -21.22
C SER H 238 24.99 11.40 -21.32
N VAL H 239 26.07 11.27 -22.08
CA VAL H 239 26.74 9.98 -22.29
C VAL H 239 28.19 10.10 -21.86
N LEU H 240 28.71 9.05 -21.24
CA LEU H 240 30.12 8.95 -20.87
C LEU H 240 30.77 7.81 -21.63
N ILE H 241 31.96 8.09 -22.17
CA ILE H 241 32.80 7.06 -22.77
C ILE H 241 34.11 7.08 -21.98
N LEU H 242 34.19 6.26 -20.94
CA LEU H 242 35.38 6.20 -20.11
C LEU H 242 36.45 5.38 -20.84
N ASP H 243 37.65 5.95 -20.93
CA ASP H 243 38.75 5.33 -21.66
C ASP H 243 39.92 5.06 -20.72
N GLY H 244 40.83 4.22 -21.20
CA GLY H 244 42.03 3.91 -20.45
C GLY H 244 41.86 2.93 -19.31
N GLY H 245 40.67 2.35 -19.15
CA GLY H 245 40.41 1.45 -18.06
C GLY H 245 39.71 2.09 -16.88
N MET H 246 39.27 3.33 -16.99
CA MET H 246 38.57 3.99 -15.90
C MET H 246 37.23 3.33 -15.66
N LYS H 247 36.94 3.03 -14.39
CA LYS H 247 35.72 2.34 -13.99
C LYS H 247 34.81 3.33 -13.27
N ALA H 248 33.54 2.94 -13.15
CA ALA H 248 32.55 3.74 -12.44
C ALA H 248 31.92 2.85 -11.36
N LYS H 249 32.23 3.15 -10.11
CA LYS H 249 31.72 2.36 -9.01
C LYS H 249 30.22 2.60 -8.83
N PRO H 250 29.40 1.56 -8.82
CA PRO H 250 27.97 1.75 -8.61
C PRO H 250 27.65 1.98 -7.14
N TYR H 251 27.96 3.17 -6.65
CA TYR H 251 27.81 3.51 -5.25
C TYR H 251 26.33 3.67 -4.89
N SER H 252 26.07 3.93 -3.61
CA SER H 252 24.74 4.25 -3.12
C SER H 252 24.89 5.23 -1.95
N GLN H 253 23.82 5.97 -1.68
CA GLN H 253 23.83 6.96 -0.61
C GLN H 253 23.83 6.23 0.73
N ILE H 254 24.71 6.66 1.63
CA ILE H 254 24.94 5.92 2.87
C ILE H 254 23.75 6.07 3.81
N SER H 255 23.48 7.30 4.24
CA SER H 255 22.41 7.57 5.19
C SER H 255 21.52 8.65 4.57
N SER H 256 20.43 8.21 3.93
CA SER H 256 19.56 9.11 3.21
C SER H 256 18.77 9.99 4.18
N PHE H 257 18.27 11.11 3.67
CA PHE H 257 17.45 12.03 4.44
C PHE H 257 16.10 11.42 4.80
N LYS H 258 15.66 10.38 4.10
CA LYS H 258 14.38 9.76 4.44
C LYS H 258 14.41 9.07 5.79
N ASP H 259 15.59 8.65 6.24
CA ASP H 259 15.70 8.00 7.55
C ASP H 259 15.30 8.95 8.67
N LEU H 260 15.69 10.22 8.57
CA LEU H 260 15.40 11.21 9.61
C LEU H 260 13.94 11.63 9.47
N ASP H 261 13.05 10.76 9.95
CA ASP H 261 11.62 11.04 9.97
C ASP H 261 11.27 11.68 11.31
N PHE H 262 11.72 12.91 11.48
CA PHE H 262 11.55 13.64 12.74
C PHE H 262 10.19 14.30 12.87
N LYS H 263 9.37 14.29 11.81
CA LYS H 263 8.14 15.07 11.84
C LYS H 263 7.21 14.62 12.95
N GLU H 264 7.04 13.30 13.11
CA GLU H 264 6.12 12.82 14.13
C GLU H 264 6.63 13.15 15.53
N ASP H 265 7.94 13.04 15.74
CA ASP H 265 8.52 13.42 17.03
C ASP H 265 8.36 14.91 17.30
N ILE H 266 8.55 15.75 16.27
CA ILE H 266 8.41 17.19 16.46
C ILE H 266 6.96 17.54 16.74
N GLU H 267 6.02 16.88 16.09
CA GLU H 267 4.60 17.08 16.41
C GLU H 267 4.30 16.65 17.83
N GLY H 268 4.89 15.53 18.26
CA GLY H 268 4.73 15.10 19.64
C GLY H 268 5.25 16.12 20.62
N PHE H 269 6.39 16.75 20.31
CA PHE H 269 6.94 17.76 21.22
C PHE H 269 6.14 19.06 21.16
N ASN H 270 5.53 19.37 20.02
CA ASN H 270 4.65 20.54 19.97
C ASN H 270 3.41 20.33 20.82
N LYS H 271 2.79 19.15 20.71
CA LYS H 271 1.68 18.81 21.61
C LYS H 271 2.14 18.75 23.05
N SER H 272 3.38 18.32 23.26
CA SER H 272 4.02 18.38 24.57
C SER H 272 3.99 19.80 25.14
N ILE H 273 4.47 20.76 24.36
CA ILE H 273 4.58 22.13 24.85
C ILE H 273 3.20 22.73 25.06
N CYS H 274 2.28 22.49 24.13
CA CYS H 274 0.95 23.06 24.24
C CYS H 274 0.14 22.45 25.38
N LEU H 275 0.38 21.16 25.67
CA LEU H 275 -0.43 20.47 26.67
C LEU H 275 -0.25 21.05 28.06
N ALA H 276 1.00 21.39 28.42
CA ALA H 276 1.26 21.85 29.79
C ALA H 276 0.57 23.17 30.07
N PHE H 277 0.55 24.08 29.10
CA PHE H 277 -0.09 25.38 29.33
C PHE H 277 -1.61 25.24 29.34
N GLY H 278 -2.15 24.30 28.58
CA GLY H 278 -3.57 24.03 28.61
C GLY H 278 -4.30 24.44 27.35
N VAL H 279 -3.65 25.23 26.50
CA VAL H 279 -4.27 25.72 25.28
C VAL H 279 -4.56 24.54 24.35
N PRO H 280 -5.79 24.41 23.86
CA PRO H 280 -6.08 23.34 22.91
C PRO H 280 -5.34 23.55 21.60
N GLN H 281 -5.00 22.44 20.94
CA GLN H 281 -4.26 22.52 19.69
C GLN H 281 -5.08 23.15 18.57
N VAL H 282 -6.40 23.12 18.67
CA VAL H 282 -7.24 23.69 17.62
C VAL H 282 -7.13 25.21 17.58
N LEU H 283 -6.93 25.83 18.76
CA LEU H 283 -6.78 27.28 18.80
C LEU H 283 -5.60 27.75 17.94
N LEU H 284 -4.48 27.04 18.00
CA LEU H 284 -3.34 27.40 17.18
C LEU H 284 -3.63 27.21 15.70
N ASP H 285 -4.29 26.11 15.34
CA ASP H 285 -4.61 25.81 13.96
C ASP H 285 -5.94 26.47 13.58
N GLY H 286 -6.49 26.07 12.44
CA GLY H 286 -7.81 26.51 12.02
C GLY H 286 -8.84 25.44 12.28
N GLY H 287 -10.05 25.87 12.65
CA GLY H 287 -11.12 24.96 12.99
C GLY H 287 -12.40 25.31 12.24
N ASN H 288 -13.32 24.35 12.26
CA ASN H 288 -14.61 24.51 11.61
C ASN H 288 -15.55 25.36 12.48
N ASN H 289 -16.82 25.39 12.09
CA ASN H 289 -17.85 25.94 12.97
C ASN H 289 -17.89 25.19 14.29
N ALA H 290 -17.63 23.88 14.26
CA ALA H 290 -17.75 23.05 15.45
C ALA H 290 -16.48 23.00 16.28
N ASN H 291 -15.43 23.71 15.88
CA ASN H 291 -14.15 23.66 16.57
C ASN H 291 -13.79 24.95 17.28
N ILE H 292 -14.13 26.10 16.71
CA ILE H 292 -13.53 27.36 17.16
C ILE H 292 -14.10 27.79 18.50
N ARG H 293 -15.41 27.97 18.57
CA ARG H 293 -15.99 28.50 19.81
C ARG H 293 -15.97 27.48 20.93
N PRO H 294 -16.29 26.20 20.69
CA PRO H 294 -16.12 25.20 21.77
C PRO H 294 -14.71 25.13 22.32
N ASN H 295 -13.71 25.18 21.45
CA ASN H 295 -12.33 25.07 21.94
C ASN H 295 -11.89 26.34 22.64
N ILE H 296 -12.35 27.49 22.17
CA ILE H 296 -12.07 28.73 22.90
C ILE H 296 -12.73 28.71 24.27
N GLU H 297 -13.94 28.15 24.35
CA GLU H 297 -14.61 28.01 25.63
C GLU H 297 -13.84 27.07 26.55
N LEU H 298 -13.37 25.94 26.03
CA LEU H 298 -12.51 25.08 26.85
C LEU H 298 -11.30 25.85 27.33
N PHE H 299 -10.61 26.54 26.42
CA PHE H 299 -9.40 27.24 26.82
C PHE H 299 -9.69 28.20 27.96
N TYR H 300 -10.50 29.23 27.69
CA TYR H 300 -10.87 30.17 28.74
C TYR H 300 -11.30 29.48 30.01
N TYR H 301 -12.41 28.73 29.97
CA TYR H 301 -12.94 28.18 31.21
C TYR H 301 -11.89 27.30 31.89
N MET H 302 -11.59 26.13 31.29
CA MET H 302 -10.83 25.12 32.00
C MET H 302 -9.43 25.58 32.36
N THR H 303 -8.73 26.27 31.45
CA THR H 303 -7.37 26.66 31.76
C THR H 303 -7.33 27.98 32.52
N ILE H 304 -7.87 29.05 31.92
CA ILE H 304 -7.68 30.37 32.48
C ILE H 304 -8.46 30.54 33.77
N ILE H 305 -9.74 30.14 33.79
CA ILE H 305 -10.61 30.59 34.88
C ILE H 305 -10.21 29.96 36.21
N PRO H 306 -9.63 28.75 36.28
CA PRO H 306 -8.93 28.38 37.51
C PRO H 306 -7.72 29.25 37.82
N MET H 307 -6.96 29.64 36.79
CA MET H 307 -5.78 30.47 37.01
C MET H 307 -6.16 31.82 37.60
N LEU H 308 -7.23 32.43 37.09
CA LEU H 308 -7.74 33.66 37.68
C LEU H 308 -8.57 33.40 38.93
N ASN H 309 -9.06 32.17 39.10
CA ASN H 309 -9.83 31.86 40.31
C ASN H 309 -8.92 31.80 41.53
N LYS H 310 -7.68 31.36 41.34
CA LYS H 310 -6.70 31.45 42.42
C LYS H 310 -6.52 32.90 42.85
N LEU H 311 -6.35 33.80 41.87
CA LEU H 311 -6.18 35.22 42.16
C LEU H 311 -7.41 35.80 42.86
N THR H 312 -8.60 35.46 42.36
CA THR H 312 -9.82 36.03 42.94
C THR H 312 -10.10 35.47 44.32
N SER H 313 -9.73 34.20 44.57
CA SER H 313 -9.85 33.66 45.92
C SER H 313 -8.90 34.37 46.87
N SER H 314 -7.67 34.64 46.42
CA SER H 314 -6.75 35.42 47.24
C SER H 314 -7.32 36.81 47.53
N LEU H 315 -7.93 37.44 46.52
CA LEU H 315 -8.51 38.75 46.71
C LEU H 315 -9.69 38.71 47.67
N THR H 316 -10.56 37.71 47.58
CA THR H 316 -11.72 37.65 48.46
C THR H 316 -11.32 37.26 49.88
N PHE H 317 -10.18 36.59 50.03
CA PHE H 317 -9.59 36.43 51.35
C PHE H 317 -9.09 37.76 51.89
N PHE H 318 -8.32 38.48 51.07
CA PHE H 318 -7.66 39.69 51.54
C PHE H 318 -8.65 40.80 51.88
N PHE H 319 -9.56 41.09 50.95
CA PHE H 319 -10.48 42.21 51.11
C PHE H 319 -11.82 41.83 51.70
N GLY H 320 -12.17 40.55 51.68
CA GLY H 320 -13.44 40.11 52.20
C GLY H 320 -14.62 40.28 51.26
N TYR H 321 -14.40 40.82 50.06
CA TYR H 321 -15.46 41.04 49.09
C TYR H 321 -15.43 39.93 48.06
N LYS H 322 -16.59 39.35 47.79
CA LYS H 322 -16.67 38.25 46.83
C LYS H 322 -16.25 38.73 45.44
N ILE H 323 -15.09 38.28 44.99
CA ILE H 323 -14.54 38.66 43.70
C ILE H 323 -14.46 37.40 42.84
N THR H 324 -15.02 37.45 41.64
CA THR H 324 -15.00 36.33 40.73
C THR H 324 -14.56 36.77 39.36
N PRO H 325 -13.90 35.89 38.60
CA PRO H 325 -13.58 36.23 37.22
C PRO H 325 -14.84 36.23 36.37
N ASN H 326 -15.32 37.42 36.05
CA ASN H 326 -16.56 37.59 35.29
C ASN H 326 -16.19 38.21 33.97
N THR H 327 -16.15 37.40 32.90
CA THR H 327 -15.63 37.92 31.65
C THR H 327 -16.68 38.77 30.96
N LYS H 328 -17.70 38.12 30.39
CA LYS H 328 -18.92 38.76 29.90
C LYS H 328 -18.62 39.83 28.85
N GLU H 329 -17.33 40.10 28.63
CA GLU H 329 -16.89 41.18 27.76
C GLU H 329 -15.72 40.80 26.87
N VAL H 330 -15.02 39.70 27.16
CA VAL H 330 -13.89 39.30 26.34
C VAL H 330 -14.37 39.00 24.93
N ALA H 331 -13.59 39.44 23.94
CA ALA H 331 -14.05 39.34 22.57
C ALA H 331 -14.17 37.90 22.09
N ALA H 332 -13.38 36.99 22.67
CA ALA H 332 -13.39 35.62 22.19
C ALA H 332 -14.52 34.78 22.77
N LEU H 333 -15.23 35.28 23.78
CA LEU H 333 -16.35 34.57 24.38
C LEU H 333 -17.66 35.34 24.24
N THR H 334 -17.77 36.19 23.24
CA THR H 334 -19.03 36.88 22.98
C THR H 334 -20.08 35.86 22.59
N PRO H 335 -21.22 35.82 23.28
CA PRO H 335 -22.23 34.79 22.99
C PRO H 335 -22.81 34.95 21.60
N ASP H 336 -23.24 33.83 21.03
CA ASP H 336 -23.90 33.85 19.73
C ASP H 336 -25.10 34.77 19.80
N LYS H 337 -25.15 35.75 18.88
CA LYS H 337 -26.14 36.81 18.98
C LYS H 337 -27.56 36.26 18.87
N GLU H 338 -27.79 35.33 17.93
CA GLU H 338 -29.13 34.82 17.72
C GLU H 338 -29.61 33.97 18.88
N ALA H 339 -28.77 33.03 19.34
CA ALA H 339 -29.14 32.18 20.46
C ALA H 339 -29.31 32.98 21.75
N GLU H 340 -28.41 33.94 21.99
CA GLU H 340 -28.53 34.78 23.17
C GLU H 340 -29.81 35.59 23.13
N ALA H 341 -30.12 36.16 21.96
CA ALA H 341 -31.36 36.90 21.79
C ALA H 341 -32.57 36.00 22.07
N LYS H 342 -32.53 34.78 21.55
CA LYS H 342 -33.68 33.88 21.71
C LYS H 342 -33.91 33.54 23.18
N HIS H 343 -32.85 33.19 23.91
CA HIS H 343 -33.10 32.79 25.29
C HIS H 343 -33.47 33.99 26.15
N LEU H 344 -32.86 35.15 25.89
CA LEU H 344 -33.24 36.35 26.62
C LEU H 344 -34.70 36.71 26.37
N THR H 345 -35.13 36.65 25.11
CA THR H 345 -36.52 36.98 24.80
C THR H 345 -37.47 36.00 25.45
N SER H 346 -37.14 34.70 25.42
CA SER H 346 -38.01 33.72 26.06
C SER H 346 -38.10 33.97 27.57
N LEU H 347 -36.97 34.25 28.21
CA LEU H 347 -36.97 34.51 29.64
C LEU H 347 -37.77 35.76 29.99
N VAL H 348 -37.62 36.83 29.20
CA VAL H 348 -38.35 38.06 29.48
C VAL H 348 -39.83 37.87 29.27
N ASN H 349 -40.21 37.23 28.16
CA ASN H 349 -41.63 37.03 27.86
C ASN H 349 -42.31 36.17 28.90
N ASN H 350 -41.63 35.11 29.35
CA ASN H 350 -42.24 34.18 30.29
C ASN H 350 -42.05 34.59 31.75
N GLY H 351 -41.51 35.78 31.98
CA GLY H 351 -41.57 36.39 33.30
C GLY H 351 -40.58 35.88 34.32
N ILE H 352 -39.57 35.11 33.91
CA ILE H 352 -38.58 34.66 34.87
C ILE H 352 -37.69 35.82 35.30
N ILE H 353 -37.23 36.62 34.35
CA ILE H 353 -36.34 37.75 34.65
C ILE H 353 -36.91 39.02 34.05
N THR H 354 -36.48 40.15 34.59
CA THR H 354 -36.92 41.45 34.11
C THR H 354 -36.11 41.86 32.88
N GLY H 355 -36.64 42.85 32.15
CA GLY H 355 -35.90 43.38 31.02
C GLY H 355 -34.65 44.11 31.43
N ASN H 356 -34.68 44.78 32.58
CA ASN H 356 -33.53 45.56 33.03
C ASN H 356 -32.30 44.68 33.22
N GLU H 357 -32.47 43.51 33.83
CA GLU H 357 -31.31 42.67 34.08
C GLU H 357 -30.88 41.94 32.82
N ALA H 358 -31.81 41.70 31.89
CA ALA H 358 -31.42 41.21 30.57
C ALA H 358 -30.53 42.22 29.87
N ARG H 359 -30.88 43.50 29.92
CA ARG H 359 -29.99 44.54 29.41
C ARG H 359 -28.68 44.56 30.17
N SER H 360 -28.75 44.38 31.48
CA SER H 360 -27.54 44.44 32.31
C SER H 360 -26.53 43.38 31.90
N GLU H 361 -27.01 42.16 31.63
CA GLU H 361 -26.06 41.13 31.21
C GLU H 361 -25.80 41.20 29.71
N LEU H 362 -26.59 41.98 28.97
CA LEU H 362 -26.28 42.30 27.59
C LEU H 362 -25.24 43.42 27.46
N ASN H 363 -24.60 43.80 28.57
CA ASN H 363 -23.59 44.86 28.62
C ASN H 363 -24.17 46.23 28.29
N LEU H 364 -25.47 46.43 28.47
CA LEU H 364 -26.09 47.72 28.25
C LEU H 364 -26.39 48.39 29.59
N GLU H 365 -27.03 49.56 29.55
CA GLU H 365 -27.38 50.31 30.74
C GLU H 365 -28.88 50.22 31.01
N PRO H 366 -29.27 49.76 32.20
CA PRO H 366 -30.71 49.69 32.53
C PRO H 366 -31.36 51.05 32.47
N LEU H 367 -32.63 51.07 32.09
CA LEU H 367 -33.40 52.30 31.98
C LEU H 367 -34.15 52.56 33.27
N ASP H 368 -34.24 53.83 33.67
CA ASP H 368 -35.04 54.23 34.83
C ASP H 368 -36.50 54.30 34.40
N ASP H 369 -37.06 53.13 34.14
CA ASP H 369 -38.43 52.98 33.68
C ASP H 369 -39.25 52.20 34.69
N GLU H 370 -40.54 52.49 34.73
CA GLU H 370 -41.47 51.82 35.64
C GLU H 370 -41.93 50.47 35.12
N GLN H 371 -42.19 50.36 33.82
CA GLN H 371 -42.76 49.14 33.25
C GLN H 371 -41.76 48.01 33.17
N MET H 372 -40.46 48.29 33.03
CA MET H 372 -39.46 47.25 32.92
C MET H 372 -38.87 46.84 34.27
N ASN H 373 -38.97 47.69 35.30
CA ASN H 373 -38.45 47.36 36.61
C ASN H 373 -39.26 46.29 37.31
N LYS H 374 -40.41 45.90 36.74
CA LYS H 374 -41.23 44.84 37.30
C LYS H 374 -41.39 43.73 36.27
N ILE H 375 -41.53 42.50 36.76
CA ILE H 375 -41.64 41.34 35.89
C ILE H 375 -42.94 41.41 35.10
N ARG H 376 -42.88 40.95 33.84
CA ARG H 376 -44.01 41.10 32.93
C ARG H 376 -45.25 40.34 33.40
N ILE H 377 -45.07 39.13 33.90
CA ILE H 377 -46.19 38.27 34.31
C ILE H 377 -47.18 38.13 33.15
N PRO H 378 -46.86 37.34 32.13
CA PRO H 378 -47.75 37.26 30.97
C PRO H 378 -49.18 36.86 31.32
N ALA H 379 -49.36 35.95 32.27
CA ALA H 379 -50.67 35.52 32.74
C ALA H 379 -51.46 35.00 31.55
N ASN H 380 -52.48 35.69 31.06
CA ASN H 380 -53.24 35.26 29.89
C ASN H 380 -52.35 35.12 28.67
N LEU I 11 -22.03 -1.91 68.72
CA LEU I 11 -20.59 -2.08 68.52
C LEU I 11 -20.30 -3.46 67.92
N ASN I 12 -19.27 -3.54 67.10
CA ASN I 12 -18.92 -4.78 66.38
C ASN I 12 -18.11 -5.72 67.27
N PRO I 13 -18.56 -6.96 67.49
CA PRO I 13 -17.73 -7.93 68.21
C PRO I 13 -16.44 -8.29 67.50
N GLY I 14 -16.22 -7.83 66.28
CA GLY I 14 -15.06 -8.27 65.53
C GLY I 14 -14.03 -7.21 65.28
N GLN I 15 -14.16 -6.07 65.95
CA GLN I 15 -13.22 -4.97 65.70
C GLN I 15 -11.84 -5.26 66.27
N ARG I 16 -11.75 -6.08 67.32
CA ARG I 16 -10.44 -6.41 67.87
C ARG I 16 -9.61 -7.18 66.85
N ILE I 17 -10.23 -8.09 66.09
CA ILE I 17 -9.51 -8.79 65.04
C ILE I 17 -9.13 -7.83 63.93
N ILE I 18 -9.98 -6.84 63.65
CA ILE I 18 -9.64 -5.84 62.64
C ILE I 18 -8.40 -5.07 63.05
N ARG I 19 -8.32 -4.65 64.32
CA ARG I 19 -7.13 -3.97 64.80
C ARG I 19 -5.91 -4.87 64.77
N ASP I 20 -6.10 -6.14 65.15
CA ASP I 20 -4.97 -7.07 65.14
C ASP I 20 -4.46 -7.32 63.73
N MET I 21 -5.33 -7.22 62.72
CA MET I 21 -4.89 -7.49 61.36
C MET I 21 -4.33 -6.24 60.68
N GLU I 22 -4.59 -5.06 61.23
CA GLU I 22 -4.05 -3.81 60.70
C GLU I 22 -4.14 -2.75 61.78
N PRO I 23 -3.15 -2.68 62.66
CA PRO I 23 -3.26 -1.79 63.82
C PRO I 23 -3.15 -0.32 63.48
N VAL I 24 -2.25 0.02 62.56
CA VAL I 24 -2.00 1.41 62.19
C VAL I 24 -2.05 1.54 60.67
N SER I 25 -2.37 2.75 60.22
CA SER I 25 -2.32 3.04 58.80
C SER I 25 -0.86 3.12 58.34
N HIS I 26 -0.66 2.90 57.04
CA HIS I 26 0.67 2.92 56.46
C HIS I 26 0.65 3.74 55.19
N ARG I 27 1.70 4.54 55.00
CA ARG I 27 1.79 5.43 53.86
C ARG I 27 1.81 4.63 52.57
N THR I 28 1.00 5.05 51.60
CA THR I 28 0.83 4.32 50.36
C THR I 28 1.62 4.90 49.19
N ASN I 29 1.97 6.18 49.22
CA ASN I 29 2.85 6.75 48.20
C ASN I 29 4.26 6.30 48.53
N ARG I 30 4.58 5.08 48.08
CA ARG I 30 5.79 4.40 48.53
C ARG I 30 7.05 5.18 48.19
N LYS I 31 7.12 5.73 46.98
CA LYS I 31 8.25 6.54 46.59
C LYS I 31 7.82 7.99 46.34
N PRO I 32 8.01 8.89 47.31
CA PRO I 32 7.48 10.25 47.18
C PRO I 32 8.36 11.16 46.34
N PHE I 33 9.68 11.00 46.44
CA PHE I 33 10.58 11.94 45.77
C PHE I 33 10.50 11.81 44.26
N THR I 34 10.40 10.57 43.75
CA THR I 34 10.25 10.40 42.31
C THR I 34 8.94 10.99 41.83
N THR I 35 7.87 10.84 42.61
CA THR I 35 6.60 11.45 42.26
C THR I 35 6.71 12.97 42.19
N GLY I 36 7.37 13.57 43.20
CA GLY I 36 7.53 15.01 43.18
C GLY I 36 8.37 15.50 42.01
N GLN I 37 9.46 14.79 41.72
CA GLN I 37 10.32 15.18 40.61
C GLN I 37 9.59 15.03 39.28
N ALA I 38 8.79 13.97 39.13
CA ALA I 38 8.01 13.81 37.90
C ALA I 38 6.97 14.91 37.77
N TYR I 39 6.27 15.24 38.86
CA TYR I 39 5.29 16.32 38.81
C TYR I 39 5.95 17.65 38.47
N SER I 40 7.18 17.86 38.96
CA SER I 40 7.82 19.16 38.76
C SER I 40 8.60 19.22 37.46
N LYS I 41 8.80 18.08 36.79
CA LYS I 41 9.68 18.01 35.64
C LYS I 41 9.02 17.37 34.42
N ILE I 42 7.98 16.57 34.63
CA ILE I 42 7.29 15.89 33.54
C ILE I 42 5.95 16.58 33.32
N GLU I 43 5.64 16.87 32.05
CA GLU I 43 4.53 17.75 31.70
C GLU I 43 3.18 17.08 31.87
N ILE I 44 3.05 15.80 31.50
CA ILE I 44 1.73 15.17 31.45
C ILE I 44 1.18 14.99 32.87
N LEU I 45 2.02 14.49 33.78
CA LEU I 45 1.62 14.42 35.18
C LEU I 45 1.26 15.79 35.71
N ASN I 46 2.08 16.80 35.40
CA ASN I 46 1.82 18.16 35.86
C ASN I 46 0.45 18.63 35.41
N ARG I 47 0.17 18.53 34.12
CA ARG I 47 -1.08 19.07 33.60
C ARG I 47 -2.29 18.27 34.08
N THR I 48 -2.20 16.94 34.10
CA THR I 48 -3.34 16.15 34.55
C THR I 48 -3.63 16.38 36.02
N ALA I 49 -2.59 16.38 36.86
CA ALA I 49 -2.80 16.64 38.28
C ALA I 49 -3.34 18.03 38.51
N ASN I 50 -2.80 19.03 37.80
CA ASN I 50 -3.30 20.39 37.95
C ASN I 50 -4.75 20.48 37.50
N MET I 51 -5.10 19.80 36.41
CA MET I 51 -6.48 19.79 35.95
C MET I 51 -7.41 19.23 37.02
N VAL I 52 -7.07 18.06 37.55
CA VAL I 52 -7.96 17.43 38.54
C VAL I 52 -8.07 18.29 39.80
N ILE I 53 -6.95 18.81 40.28
CA ILE I 53 -6.97 19.58 41.52
C ILE I 53 -7.73 20.89 41.34
N ASP I 54 -7.44 21.62 40.26
CA ASP I 54 -8.10 22.90 40.04
C ASP I 54 -9.59 22.69 39.77
N SER I 55 -9.95 21.60 39.09
CA SER I 55 -11.35 21.27 38.91
C SER I 55 -12.04 20.93 40.22
N ALA I 56 -11.37 20.26 41.14
CA ALA I 56 -11.94 19.93 42.43
C ALA I 56 -11.86 21.09 43.42
N ALA I 57 -11.35 22.24 42.98
CA ALA I 57 -11.31 23.43 43.81
C ALA I 57 -12.31 24.49 43.36
N GLU I 58 -13.03 24.26 42.26
CA GLU I 58 -14.02 25.20 41.77
C GLU I 58 -15.43 24.90 42.24
N CYS I 59 -15.71 23.64 42.60
CA CYS I 59 -17.06 23.25 42.96
C CYS I 59 -17.42 23.80 44.33
N SER I 60 -18.49 24.59 44.40
CA SER I 60 -18.97 25.10 45.66
C SER I 60 -19.73 24.01 46.41
N TYR I 61 -19.89 24.22 47.72
CA TYR I 61 -20.56 23.26 48.59
C TYR I 61 -21.83 23.89 49.13
N THR I 62 -22.93 23.17 49.03
CA THR I 62 -24.23 23.65 49.50
C THR I 62 -24.65 22.84 50.71
N VAL I 63 -24.90 23.52 51.82
CA VAL I 63 -25.29 22.87 53.07
C VAL I 63 -26.80 22.64 53.05
N GLY I 64 -27.20 21.38 53.26
CA GLY I 64 -28.61 21.03 53.22
C GLY I 64 -29.29 21.12 54.57
N ASP I 65 -30.09 20.10 54.89
CA ASP I 65 -30.84 20.09 56.14
C ASP I 65 -29.99 19.53 57.28
N LYS I 66 -30.52 19.60 58.49
CA LYS I 66 -29.86 19.08 59.68
C LYS I 66 -30.39 17.69 59.97
N TYR I 67 -29.48 16.74 60.15
CA TYR I 67 -29.84 15.38 60.54
C TYR I 67 -29.87 15.28 62.05
N ASN I 68 -31.00 14.83 62.59
CA ASN I 68 -31.21 14.79 64.04
C ASN I 68 -30.46 13.59 64.65
N ILE I 69 -29.13 13.63 64.47
CA ILE I 69 -28.25 12.57 64.92
C ILE I 69 -27.04 13.20 65.61
N VAL I 70 -26.39 12.40 66.45
CA VAL I 70 -25.28 12.87 67.28
C VAL I 70 -23.98 12.69 66.49
N THR I 71 -23.41 13.81 66.06
CA THR I 71 -22.17 13.80 65.29
C THR I 71 -21.02 14.35 66.13
N TYR I 72 -19.81 14.25 65.58
CA TYR I 72 -18.63 14.67 66.32
C TYR I 72 -18.63 16.17 66.58
N ALA I 73 -19.04 16.97 65.61
CA ALA I 73 -19.12 18.42 65.75
C ALA I 73 -20.56 18.83 65.91
N ASN I 74 -20.90 19.37 67.07
CA ASN I 74 -22.25 19.80 67.37
C ASN I 74 -22.24 21.25 67.84
N GLY I 75 -23.33 21.95 67.59
CA GLY I 75 -23.45 23.35 67.93
C GLY I 75 -23.02 24.31 66.83
N VAL I 76 -22.72 23.81 65.64
CA VAL I 76 -22.32 24.67 64.52
C VAL I 76 -23.57 25.00 63.71
N LYS I 77 -23.76 26.29 63.43
CA LYS I 77 -24.95 26.73 62.73
C LYS I 77 -24.76 26.62 61.21
N THR I 78 -25.88 26.53 60.49
CA THR I 78 -25.84 26.27 59.06
C THR I 78 -25.12 27.39 58.31
N LYS I 79 -25.47 28.64 58.59
CA LYS I 79 -24.84 29.75 57.88
C LYS I 79 -23.36 29.87 58.20
N THR I 80 -22.98 29.62 59.46
CA THR I 80 -21.57 29.66 59.82
C THR I 80 -20.79 28.60 59.06
N LEU I 81 -21.32 27.37 59.00
CA LEU I 81 -20.65 26.32 58.26
C LEU I 81 -20.56 26.65 56.78
N ASP I 82 -21.63 27.20 56.21
CA ASP I 82 -21.63 27.54 54.79
C ASP I 82 -20.59 28.61 54.47
N THR I 83 -20.56 29.69 55.24
CA THR I 83 -19.60 30.76 54.98
C THR I 83 -18.17 30.28 55.24
N LEU I 84 -17.99 29.42 56.24
CA LEU I 84 -16.67 28.85 56.49
C LEU I 84 -16.20 27.99 55.32
N LEU I 85 -17.09 27.16 54.79
CA LEU I 85 -16.71 26.17 53.80
C LEU I 85 -16.70 26.72 52.38
N ASN I 86 -17.26 27.91 52.17
CA ASN I 86 -17.24 28.53 50.85
C ASN I 86 -16.53 29.87 50.78
N VAL I 87 -16.07 30.42 51.91
CA VAL I 87 -15.44 31.73 51.90
C VAL I 87 -14.04 31.67 52.50
N ARG I 88 -13.95 31.29 53.77
CA ARG I 88 -12.66 31.32 54.47
C ARG I 88 -12.61 30.25 55.55
N PRO I 89 -11.90 29.15 55.32
CA PRO I 89 -11.78 28.10 56.34
C PRO I 89 -11.01 28.59 57.56
N ASN I 90 -9.88 29.20 57.32
CA ASN I 90 -8.95 29.63 58.36
C ASN I 90 -9.09 31.12 58.61
N PRO I 91 -8.76 31.57 59.81
CA PRO I 91 -8.58 33.02 60.02
C PRO I 91 -7.48 33.61 59.17
N PHE I 92 -6.51 32.81 58.74
CA PHE I 92 -5.35 33.31 58.00
C PHE I 92 -4.98 32.39 56.85
N MET I 93 -5.98 31.93 56.09
CA MET I 93 -5.73 31.12 54.91
C MET I 93 -6.92 31.23 53.95
N ASP I 94 -6.65 30.97 52.67
CA ASP I 94 -7.62 31.13 51.61
C ASP I 94 -8.58 29.94 51.53
N ILE I 95 -9.59 30.08 50.67
CA ILE I 95 -10.49 28.96 50.39
C ILE I 95 -9.92 28.08 49.27
N SER I 96 -9.43 28.69 48.20
CA SER I 96 -8.92 27.90 47.08
C SER I 96 -7.63 27.19 47.46
N THR I 97 -6.77 27.86 48.23
CA THR I 97 -5.55 27.20 48.70
C THR I 97 -5.89 26.00 49.58
N PHE I 98 -6.85 26.16 50.49
CA PHE I 98 -7.21 25.05 51.37
C PHE I 98 -7.80 23.89 50.56
N ARG I 99 -8.69 24.19 49.62
CA ARG I 99 -9.28 23.13 48.80
C ARG I 99 -8.23 22.44 47.96
N ARG I 100 -7.28 23.21 47.41
CA ARG I 100 -6.23 22.62 46.58
C ARG I 100 -5.32 21.73 47.41
N LEU I 101 -4.97 22.16 48.62
CA LEU I 101 -4.18 21.29 49.50
C LEU I 101 -4.92 20.01 49.84
N VAL I 102 -6.22 20.11 50.15
CA VAL I 102 -6.97 18.90 50.50
C VAL I 102 -7.04 17.95 49.31
N VAL I 103 -7.32 18.47 48.12
CA VAL I 103 -7.44 17.60 46.95
C VAL I 103 -6.07 17.03 46.56
N THR I 104 -5.01 17.82 46.71
CA THR I 104 -3.67 17.32 46.45
C THR I 104 -3.31 16.18 47.41
N ASP I 105 -3.66 16.31 48.68
CA ASP I 105 -3.44 15.21 49.62
C ASP I 105 -4.27 14.00 49.23
N LEU I 106 -5.52 14.22 48.80
CA LEU I 106 -6.37 13.10 48.41
C LEU I 106 -5.82 12.38 47.18
N LEU I 107 -5.19 13.12 46.27
CA LEU I 107 -4.68 12.50 45.05
C LEU I 107 -3.31 11.86 45.27
N PHE I 108 -2.31 12.66 45.63
CA PHE I 108 -0.95 12.14 45.71
C PHE I 108 -0.78 11.18 46.88
N GLU I 109 -1.49 11.41 47.98
CA GLU I 109 -1.55 10.46 49.09
C GLU I 109 -2.89 9.73 49.05
N GLY I 110 -2.93 8.57 49.69
CA GLY I 110 -4.15 7.79 49.70
C GLY I 110 -5.30 8.47 50.41
N CYS I 111 -4.98 9.33 51.37
CA CYS I 111 -5.97 9.98 52.21
C CYS I 111 -5.72 11.49 52.24
N ALA I 112 -6.72 12.22 52.74
CA ALA I 112 -6.61 13.66 52.93
C ALA I 112 -7.24 14.00 54.27
N TYR I 113 -6.58 14.84 55.04
CA TYR I 113 -6.97 15.10 56.43
C TYR I 113 -7.26 16.59 56.61
N ILE I 114 -8.38 16.89 57.26
CA ILE I 114 -8.77 18.26 57.57
C ILE I 114 -9.03 18.35 59.06
N TYR I 115 -8.22 19.14 59.76
CA TYR I 115 -8.42 19.35 61.18
C TYR I 115 -9.62 20.24 61.43
N TRP I 116 -10.25 20.04 62.58
CA TRP I 116 -11.39 20.85 63.01
C TRP I 116 -11.06 21.49 64.35
N ASP I 117 -10.85 22.80 64.34
CA ASP I 117 -10.63 23.56 65.56
C ASP I 117 -11.97 23.83 66.22
N GLY I 118 -12.00 24.73 67.20
CA GLY I 118 -13.25 25.10 67.82
C GLY I 118 -14.22 25.73 66.84
N THR I 119 -13.71 26.58 65.94
CA THR I 119 -14.57 27.34 65.03
C THR I 119 -14.11 27.34 63.58
N SER I 120 -13.04 26.63 63.22
CA SER I 120 -12.50 26.69 61.87
C SER I 120 -11.83 25.38 61.51
N LEU I 121 -11.84 25.07 60.22
CA LEU I 121 -11.19 23.88 59.68
C LEU I 121 -9.79 24.23 59.18
N TYR I 122 -8.77 23.67 59.83
CA TYR I 122 -7.38 23.85 59.44
C TYR I 122 -6.96 22.64 58.61
N HIS I 123 -6.20 22.87 57.55
CA HIS I 123 -5.68 21.76 56.78
C HIS I 123 -4.45 21.17 57.45
N VAL I 124 -4.37 19.85 57.46
CA VAL I 124 -3.19 19.13 57.93
C VAL I 124 -2.73 18.17 56.84
N PRO I 125 -1.47 18.23 56.41
CA PRO I 125 -1.02 17.34 55.35
C PRO I 125 -1.12 15.88 55.76
N ALA I 126 -1.56 15.05 54.81
CA ALA I 126 -1.67 13.62 55.04
C ALA I 126 -0.38 12.88 54.74
N ALA I 127 0.65 13.58 54.26
CA ALA I 127 1.93 12.93 54.01
C ALA I 127 2.64 12.54 55.29
N LEU I 128 2.25 13.11 56.43
CA LEU I 128 2.91 12.83 57.70
C LEU I 128 2.03 12.08 58.68
N MET I 129 0.72 12.27 58.64
CA MET I 129 -0.15 11.66 59.64
C MET I 129 -0.32 10.16 59.39
N GLN I 130 -0.49 9.45 60.49
CA GLN I 130 -0.74 8.02 60.49
C GLN I 130 -1.91 7.74 61.41
N VAL I 131 -2.82 6.87 60.99
CA VAL I 131 -4.01 6.59 61.78
C VAL I 131 -3.80 5.32 62.58
N GLU I 132 -4.13 5.38 63.86
CA GLU I 132 -4.09 4.22 64.73
C GLU I 132 -5.52 3.76 64.99
N ALA I 133 -5.80 2.49 64.66
CA ALA I 133 -7.12 1.96 64.87
C ALA I 133 -7.36 1.70 66.35
N ASP I 134 -8.63 1.59 66.72
CA ASP I 134 -9.02 1.26 68.09
C ASP I 134 -9.40 -0.21 68.17
N ALA I 135 -9.09 -0.82 69.31
CA ALA I 135 -9.51 -2.20 69.53
C ALA I 135 -11.02 -2.32 69.60
N ASN I 136 -11.71 -1.24 69.98
CA ASN I 136 -13.15 -1.31 70.23
C ASN I 136 -14.00 -0.74 69.09
N LYS I 137 -13.85 0.55 68.78
CA LYS I 137 -14.90 1.15 67.95
C LYS I 137 -14.59 1.26 66.47
N PHE I 138 -13.77 2.24 66.07
CA PHE I 138 -13.30 2.33 64.69
C PHE I 138 -11.85 2.79 64.61
N ILE I 139 -11.50 3.78 65.41
CA ILE I 139 -10.22 4.48 65.34
C ILE I 139 -9.89 5.01 66.72
N LYS I 140 -8.71 4.68 67.22
CA LYS I 140 -8.32 5.18 68.54
C LYS I 140 -7.92 6.65 68.49
N LYS I 141 -6.87 6.97 67.74
CA LYS I 141 -6.36 8.33 67.70
C LYS I 141 -5.40 8.50 66.52
N PHE I 142 -5.47 9.67 65.91
CA PHE I 142 -4.61 10.06 64.81
C PHE I 142 -3.30 10.60 65.38
N ILE I 143 -2.17 10.19 64.80
CA ILE I 143 -0.86 10.65 65.24
C ILE I 143 -0.22 11.44 64.10
N PHE I 144 -0.14 12.75 64.27
CA PHE I 144 0.46 13.63 63.26
C PHE I 144 1.96 13.65 63.47
N ASN I 145 2.70 13.07 62.53
CA ASN I 145 4.14 12.88 62.65
C ASN I 145 4.41 12.11 63.94
N ASN I 146 4.65 12.85 65.02
CA ASN I 146 4.59 12.34 66.38
C ASN I 146 4.29 13.53 67.31
N GLN I 147 3.96 13.21 68.56
CA GLN I 147 3.78 14.15 69.67
C GLN I 147 2.52 15.01 69.56
N ILE I 148 1.87 15.03 68.39
CA ILE I 148 0.59 15.73 68.29
C ILE I 148 -0.51 14.91 68.94
N ASN I 149 -0.81 13.74 68.38
CA ASN I 149 -1.85 12.86 68.89
C ASN I 149 -3.07 13.63 69.07
N TYR I 150 -3.76 13.87 67.98
CA TYR I 150 -4.91 14.77 68.03
C TYR I 150 -6.07 14.25 68.87
N ARG I 151 -6.76 13.23 68.34
CA ARG I 151 -7.85 12.49 68.99
C ARG I 151 -8.67 11.74 67.94
N VAL I 152 -9.73 12.37 67.42
CA VAL I 152 -10.64 11.79 66.43
C VAL I 152 -11.81 12.74 66.23
N ASP I 153 -12.23 13.39 67.32
CA ASP I 153 -13.34 14.33 67.26
C ASP I 153 -12.98 15.63 66.55
N GLU I 154 -11.70 15.83 66.24
CA GLU I 154 -11.23 17.08 65.68
C GLU I 154 -10.63 16.95 64.29
N ILE I 155 -10.70 15.76 63.69
CA ILE I 155 -10.13 15.53 62.37
C ILE I 155 -11.20 14.99 61.45
N ILE I 156 -11.26 15.52 60.24
CA ILE I 156 -12.16 15.06 59.21
C ILE I 156 -11.40 14.10 58.31
N PHE I 157 -11.86 12.85 58.25
CA PHE I 157 -11.14 11.76 57.62
C PHE I 157 -11.70 11.51 56.23
N ILE I 158 -10.84 11.59 55.22
CA ILE I 158 -11.21 11.36 53.84
C ILE I 158 -10.33 10.24 53.29
N LYS I 159 -10.94 9.15 52.84
CA LYS I 159 -10.22 7.96 52.43
C LYS I 159 -10.54 7.62 50.98
N ASP I 160 -9.50 7.35 50.19
CA ASP I 160 -9.66 6.81 48.85
C ASP I 160 -9.54 5.29 48.91
N ASN I 161 -10.48 4.61 48.26
CA ASN I 161 -10.61 3.17 48.42
C ASN I 161 -9.31 2.46 48.07
N SER I 162 -8.90 1.52 48.93
CA SER I 162 -7.62 0.86 48.79
C SER I 162 -7.76 -0.63 49.01
N TYR I 163 -6.93 -1.39 48.29
CA TYR I 163 -6.74 -2.82 48.52
C TYR I 163 -5.22 -3.01 48.56
N VAL I 164 -4.64 -2.81 49.74
CA VAL I 164 -3.20 -2.89 49.94
C VAL I 164 -2.91 -4.09 50.83
N CYS I 165 -1.75 -4.71 50.61
CA CYS I 165 -1.37 -5.94 51.31
C CYS I 165 -2.42 -7.01 50.98
N GLY I 166 -2.65 -7.94 51.90
CA GLY I 166 -3.58 -9.02 51.63
C GLY I 166 -5.02 -8.56 51.53
N THR I 167 -5.46 -7.70 52.45
CA THR I 167 -6.87 -7.39 52.60
C THR I 167 -7.12 -5.89 52.46
N ASN I 168 -8.33 -5.54 52.05
CA ASN I 168 -8.72 -4.15 51.96
C ASN I 168 -8.75 -3.53 53.36
N SER I 169 -8.43 -2.24 53.41
CA SER I 169 -8.27 -1.53 54.67
C SER I 169 -9.40 -0.54 54.86
N GLN I 170 -10.02 -0.57 56.05
CA GLN I 170 -10.91 0.50 56.46
C GLN I 170 -10.16 1.78 56.78
N ILE I 171 -8.83 1.73 56.78
CA ILE I 171 -7.96 2.85 57.09
C ILE I 171 -7.06 3.08 55.88
N SER I 172 -6.17 4.07 55.99
CA SER I 172 -5.17 4.37 54.96
C SER I 172 -5.84 4.82 53.67
N GLY I 173 -5.44 4.23 52.55
CA GLY I 173 -5.92 4.64 51.25
C GLY I 173 -4.91 4.37 50.16
N GLN I 174 -5.31 4.50 48.91
CA GLN I 174 -4.42 4.25 47.78
C GLN I 174 -4.26 5.52 46.94
N SER I 175 -3.02 5.85 46.59
CA SER I 175 -2.75 7.04 45.81
C SER I 175 -2.95 6.76 44.33
N ARG I 176 -3.72 7.63 43.67
CA ARG I 176 -3.86 7.52 42.23
C ARG I 176 -2.54 7.80 41.52
N VAL I 177 -1.76 8.76 42.04
CA VAL I 177 -0.51 9.13 41.39
C VAL I 177 0.53 8.02 41.55
N ALA I 178 0.48 7.29 42.66
CA ALA I 178 1.51 6.30 42.94
C ALA I 178 1.57 5.19 41.89
N THR I 179 0.45 4.89 41.22
CA THR I 179 0.47 3.84 40.22
C THR I 179 0.99 4.33 38.87
N VAL I 180 1.14 5.65 38.70
CA VAL I 180 1.59 6.22 37.43
C VAL I 180 3.11 6.28 37.34
N ILE I 181 3.83 6.02 38.45
CA ILE I 181 5.26 6.28 38.48
C ILE I 181 6.02 5.31 37.57
N ASP I 182 5.59 4.04 37.51
CA ASP I 182 6.27 3.10 36.64
C ASP I 182 6.14 3.51 35.18
N SER I 183 4.93 3.92 34.77
CA SER I 183 4.73 4.39 33.40
C SER I 183 5.55 5.65 33.14
N LEU I 184 5.62 6.55 34.14
CA LEU I 184 6.42 7.76 33.98
C LEU I 184 7.89 7.43 33.77
N GLU I 185 8.43 6.50 34.56
CA GLU I 185 9.83 6.11 34.40
C GLU I 185 10.06 5.48 33.04
N LYS I 186 9.17 4.59 32.62
CA LYS I 186 9.32 3.95 31.31
C LYS I 186 9.30 4.99 30.20
N ARG I 187 8.35 5.93 30.25
CA ARG I 187 8.23 6.92 29.19
C ARG I 187 9.43 7.86 29.19
N SER I 188 9.90 8.26 30.36
CA SER I 188 11.06 9.14 30.43
C SER I 188 12.30 8.47 29.85
N LYS I 189 12.53 7.19 30.20
CA LYS I 189 13.67 6.48 29.65
C LYS I 189 13.54 6.32 28.14
N MET I 190 12.34 5.98 27.67
CA MET I 190 12.14 5.78 26.24
C MET I 190 12.33 7.09 25.46
N LEU I 191 11.96 8.22 26.06
CA LEU I 191 12.14 9.51 25.40
C LEU I 191 13.59 9.95 25.41
N ASN I 192 14.30 9.73 26.53
CA ASN I 192 15.72 10.06 26.57
C ASN I 192 16.52 9.18 25.63
N PHE I 193 16.04 7.98 25.34
CA PHE I 193 16.73 7.11 24.40
C PHE I 193 16.85 7.77 23.03
N LYS I 194 15.81 8.47 22.58
CA LYS I 194 15.86 9.09 21.26
C LYS I 194 16.88 10.22 21.20
N GLU I 195 16.90 11.10 22.20
CA GLU I 195 17.87 12.19 22.19
C GLU I 195 19.29 11.64 22.29
N LYS I 196 19.49 10.60 23.10
CA LYS I 196 20.83 10.03 23.21
C LYS I 196 21.24 9.35 21.92
N PHE I 197 20.31 8.68 21.24
CA PHE I 197 20.61 8.05 19.96
C PHE I 197 20.98 9.10 18.92
N LEU I 198 20.26 10.23 18.91
CA LEU I 198 20.58 11.29 17.96
C LEU I 198 21.95 11.90 18.27
N ASP I 199 22.25 12.14 19.54
CA ASP I 199 23.52 12.76 19.90
C ASP I 199 24.68 11.79 19.76
N ASN I 200 24.42 10.49 19.71
CA ASN I 200 25.49 9.50 19.67
C ASN I 200 25.62 8.82 18.31
N GLY I 201 24.53 8.68 17.56
CA GLY I 201 24.60 7.99 16.29
C GLY I 201 25.52 8.70 15.30
N THR I 202 26.12 7.90 14.42
CA THR I 202 27.08 8.40 13.45
C THR I 202 26.41 8.57 12.10
N VAL I 203 26.69 9.69 11.45
CA VAL I 203 26.20 9.99 10.11
C VAL I 203 27.40 10.23 9.20
N ILE I 204 27.48 9.45 8.12
CA ILE I 204 28.58 9.53 7.18
C ILE I 204 28.02 9.57 5.77
N GLY I 205 28.84 10.05 4.84
CA GLY I 205 28.43 10.15 3.45
C GLY I 205 29.27 9.32 2.51
N LEU I 206 30.55 9.14 2.84
CA LEU I 206 31.47 8.42 1.98
C LEU I 206 32.41 7.58 2.83
N ILE I 207 32.83 6.45 2.26
CA ILE I 207 33.92 5.66 2.82
C ILE I 207 34.86 5.28 1.69
N LEU I 208 35.96 6.00 1.55
CA LEU I 208 36.97 5.72 0.54
C LEU I 208 38.11 4.97 1.22
N GLU I 209 38.51 3.84 0.63
CA GLU I 209 39.55 3.01 1.19
C GLU I 209 40.76 2.97 0.26
N THR I 210 41.90 2.61 0.77
CA THR I 210 43.00 2.51 -0.10
C THR I 210 43.54 1.24 0.33
N ASP I 211 44.84 1.13 0.36
CA ASP I 211 45.47 -0.06 0.86
C ASP I 211 46.86 0.32 1.06
N GLU I 212 47.23 1.55 0.94
CA GLU I 212 48.52 2.13 1.30
C GLU I 212 48.28 3.30 2.24
N ILE I 213 49.27 3.57 3.08
CA ILE I 213 49.21 4.68 4.03
C ILE I 213 49.61 5.96 3.29
N LEU I 214 48.80 7.00 3.45
CA LEU I 214 48.87 8.16 2.56
C LEU I 214 48.91 9.47 3.36
N ASN I 215 49.83 9.56 4.31
CA ASN I 215 50.24 10.84 4.91
C ASN I 215 49.06 11.51 5.65
N LYS I 216 48.74 10.91 6.80
CA LYS I 216 47.61 11.28 7.65
C LYS I 216 47.28 12.76 7.65
N LYS I 217 48.29 13.63 7.73
CA LYS I 217 48.01 15.07 7.68
C LYS I 217 47.34 15.45 6.37
N LEU I 218 47.94 15.08 5.25
CA LEU I 218 47.38 15.43 3.95
C LEU I 218 46.11 14.63 3.65
N ARG I 219 46.03 13.41 4.16
CA ARG I 219 44.80 12.64 4.06
C ARG I 219 43.65 13.37 4.75
N GLU I 220 43.90 13.89 5.95
CA GLU I 220 42.87 14.63 6.66
C GLU I 220 42.51 15.93 5.95
N ARG I 221 43.51 16.61 5.39
CA ARG I 221 43.23 17.84 4.66
C ARG I 221 42.33 17.56 3.45
N LYS I 222 42.67 16.53 2.66
CA LYS I 222 41.82 16.20 1.53
C LYS I 222 40.46 15.70 1.98
N GLN I 223 40.34 15.13 3.18
CA GLN I 223 39.06 14.62 3.71
C GLN I 223 38.19 15.76 4.11
N GLU I 224 38.75 16.84 4.60
CA GLU I 224 37.96 18.05 4.86
C GLU I 224 37.59 18.76 3.57
N GLU I 225 38.54 18.85 2.63
CA GLU I 225 38.27 19.53 1.37
C GLU I 225 37.17 18.83 0.59
N LEU I 226 37.21 17.50 0.52
CA LEU I 226 36.24 16.75 -0.25
C LEU I 226 34.89 16.72 0.47
N GLN I 227 34.90 16.86 1.80
CA GLN I 227 33.65 17.02 2.52
C GLN I 227 32.99 18.35 2.20
N LEU I 228 33.75 19.44 2.26
CA LEU I 228 33.16 20.76 2.06
C LEU I 228 32.82 21.01 0.59
N ASP I 229 33.54 20.35 -0.32
CA ASP I 229 33.37 20.64 -1.75
C ASP I 229 32.11 20.01 -2.32
N TYR I 230 31.69 18.85 -1.80
CA TYR I 230 30.63 18.07 -2.41
C TYR I 230 29.28 18.26 -1.73
N ASN I 231 29.16 19.28 -0.88
CA ASN I 231 27.89 19.61 -0.25
C ASN I 231 27.25 20.76 -1.01
N PRO I 232 26.04 20.58 -1.57
CA PRO I 232 25.46 21.64 -2.41
C PRO I 232 25.30 22.97 -1.70
N SER I 233 25.08 22.96 -0.39
CA SER I 233 24.96 24.23 0.33
C SER I 233 26.27 25.01 0.32
N THR I 234 27.39 24.31 0.51
CA THR I 234 28.70 24.97 0.63
C THR I 234 29.69 24.52 -0.44
N GLY I 235 29.24 23.83 -1.48
CA GLY I 235 30.14 23.39 -2.52
C GLY I 235 29.48 23.40 -3.87
N GLN I 236 30.30 23.30 -4.91
CA GLN I 236 29.84 23.37 -6.29
C GLN I 236 30.45 22.24 -7.11
N SER I 237 30.41 21.02 -6.58
CA SER I 237 30.90 19.86 -7.30
C SER I 237 30.07 18.65 -6.92
N SER I 238 29.89 17.75 -7.89
CA SER I 238 29.09 16.56 -7.66
C SER I 238 29.70 15.27 -8.18
N VAL I 239 30.78 15.31 -8.96
CA VAL I 239 31.42 14.12 -9.50
C VAL I 239 32.78 13.97 -8.83
N LEU I 240 33.14 12.73 -8.50
CA LEU I 240 34.37 12.42 -7.80
C LEU I 240 35.18 11.41 -8.60
N ILE I 241 36.44 11.74 -8.87
CA ILE I 241 37.35 10.85 -9.58
C ILE I 241 38.48 10.49 -8.63
N LEU I 242 38.65 9.19 -8.41
CA LEU I 242 39.67 8.66 -7.50
C LEU I 242 40.85 8.15 -8.31
N ASP I 243 42.06 8.48 -7.89
CA ASP I 243 43.27 8.03 -8.54
C ASP I 243 44.09 7.16 -7.59
N GLY I 244 45.04 6.42 -8.17
CA GLY I 244 45.96 5.62 -7.39
C GLY I 244 45.39 4.33 -6.84
N GLY I 245 44.21 3.92 -7.27
CA GLY I 245 43.62 2.69 -6.79
C GLY I 245 42.69 2.84 -5.62
N MET I 246 42.49 4.06 -5.13
CA MET I 246 41.52 4.29 -4.06
C MET I 246 40.14 3.88 -4.51
N LYS I 247 39.43 3.14 -3.67
CA LYS I 247 38.11 2.63 -4.00
C LYS I 247 37.10 3.09 -2.96
N ALA I 248 35.84 3.03 -3.33
CA ALA I 248 34.74 3.48 -2.48
C ALA I 248 33.91 2.28 -2.08
N LYS I 249 33.74 2.08 -0.78
CA LYS I 249 32.98 0.94 -0.29
C LYS I 249 31.49 1.28 -0.27
N PRO I 250 30.65 0.47 -0.92
CA PRO I 250 29.20 0.75 -0.91
C PRO I 250 28.57 0.37 0.42
N TYR I 251 28.90 1.17 1.44
CA TYR I 251 28.44 0.94 2.80
C TYR I 251 26.94 1.24 2.91
N SER I 252 26.37 0.85 4.04
CA SER I 252 24.97 1.12 4.36
C SER I 252 24.87 1.50 5.83
N GLN I 253 23.75 2.10 6.21
CA GLN I 253 23.54 2.56 7.58
C GLN I 253 23.12 1.39 8.45
N ILE I 254 23.78 1.24 9.60
CA ILE I 254 23.57 0.06 10.44
C ILE I 254 22.22 0.16 11.15
N SER I 255 22.07 1.17 12.00
CA SER I 255 20.86 1.33 12.81
C SER I 255 20.21 2.66 12.44
N SER I 256 19.28 2.61 11.49
CA SER I 256 18.62 3.82 11.04
C SER I 256 17.65 4.33 12.11
N PHE I 257 17.39 5.63 12.07
CA PHE I 257 16.44 6.23 12.99
C PHE I 257 15.01 5.79 12.72
N LYS I 258 14.72 5.31 11.51
CA LYS I 258 13.37 4.88 11.18
C LYS I 258 12.96 3.63 11.97
N ASP I 259 13.94 2.85 12.43
CA ASP I 259 13.62 1.67 13.22
C ASP I 259 12.95 2.04 14.53
N LEU I 260 13.44 3.08 15.19
CA LEU I 260 12.92 3.49 16.50
C LEU I 260 11.59 4.21 16.30
N ASP I 261 10.53 3.43 16.18
CA ASP I 261 9.17 3.97 16.04
C ASP I 261 8.54 3.98 17.43
N PHE I 262 9.00 4.91 18.26
CA PHE I 262 8.55 5.03 19.63
C PHE I 262 7.23 5.78 19.75
N LYS I 263 6.74 6.41 18.69
CA LYS I 263 5.61 7.31 18.80
C LYS I 263 4.36 6.58 19.32
N GLU I 264 4.11 5.37 18.83
CA GLU I 264 2.95 4.65 19.30
C GLU I 264 3.08 4.28 20.77
N ASP I 265 4.26 3.85 21.19
CA ASP I 265 4.48 3.54 22.60
C ASP I 265 4.37 4.80 23.47
N ILE I 266 4.90 5.93 22.99
CA ILE I 266 4.83 7.16 23.76
C ILE I 266 3.39 7.64 23.89
N GLU I 267 2.60 7.49 22.81
CA GLU I 267 1.18 7.81 22.89
C GLU I 267 0.46 6.87 23.86
N GLY I 268 0.85 5.60 23.85
CA GLY I 268 0.30 4.67 24.82
C GLY I 268 0.59 5.08 26.24
N PHE I 269 1.81 5.58 26.50
CA PHE I 269 2.17 6.01 27.85
C PHE I 269 1.49 7.32 28.22
N ASN I 270 1.25 8.20 27.24
CA ASN I 270 0.48 9.41 27.51
C ASN I 270 -0.95 9.07 27.90
N LYS I 271 -1.59 8.17 27.15
CA LYS I 271 -2.92 7.72 27.52
C LYS I 271 -2.88 6.96 28.84
N SER I 272 -1.77 6.29 29.12
CA SER I 272 -1.53 5.67 30.41
C SER I 272 -1.63 6.67 31.54
N ILE I 273 -0.87 7.76 31.44
CA ILE I 273 -0.85 8.75 32.51
C ILE I 273 -2.20 9.44 32.63
N CYS I 274 -2.81 9.80 31.50
CA CYS I 274 -4.10 10.50 31.54
C CYS I 274 -5.23 9.59 31.99
N LEU I 275 -5.06 8.27 31.91
CA LEU I 275 -6.15 7.37 32.24
C LEU I 275 -6.33 7.24 33.75
N ALA I 276 -5.23 7.21 34.50
CA ALA I 276 -5.33 6.97 35.94
C ALA I 276 -6.04 8.12 36.64
N PHE I 277 -5.73 9.36 36.26
CA PHE I 277 -6.37 10.50 36.90
C PHE I 277 -7.85 10.59 36.53
N GLY I 278 -8.20 10.20 35.31
CA GLY I 278 -9.58 10.18 34.90
C GLY I 278 -9.90 11.15 33.79
N VAL I 279 -8.99 12.05 33.49
CA VAL I 279 -9.21 13.06 32.47
C VAL I 279 -9.35 12.40 31.10
N PRO I 280 -10.43 12.69 30.36
CA PRO I 280 -10.54 12.18 29.00
C PRO I 280 -9.51 12.82 28.10
N GLN I 281 -9.08 12.07 27.07
CA GLN I 281 -8.05 12.56 26.18
C GLN I 281 -8.54 13.72 25.31
N VAL I 282 -9.85 13.89 25.16
CA VAL I 282 -10.36 14.97 24.32
C VAL I 282 -10.16 16.32 24.99
N LEU I 283 -10.21 16.37 26.32
CA LEU I 283 -10.04 17.64 27.03
C LEU I 283 -8.67 18.24 26.74
N LEU I 284 -7.62 17.43 26.74
CA LEU I 284 -6.28 17.94 26.47
C LEU I 284 -6.12 18.35 25.01
N ASP I 285 -6.75 17.62 24.10
CA ASP I 285 -6.70 17.91 22.68
C ASP I 285 -7.85 18.86 22.31
N GLY I 286 -8.12 19.00 21.03
CA GLY I 286 -9.24 19.80 20.55
C GLY I 286 -10.40 18.89 20.14
N GLY I 287 -11.62 19.36 20.46
CA GLY I 287 -12.81 18.58 20.19
C GLY I 287 -13.84 19.38 19.42
N ASN I 288 -14.78 18.65 18.83
CA ASN I 288 -15.88 19.25 18.09
C ASN I 288 -16.95 19.74 19.06
N ASN I 289 -18.09 20.16 18.50
CA ASN I 289 -19.27 20.38 19.33
C ASN I 289 -19.71 19.08 20.00
N ALA I 290 -19.72 17.98 19.26
CA ALA I 290 -20.12 16.70 19.81
C ALA I 290 -19.08 16.12 20.77
N ASN I 291 -17.87 16.64 20.76
CA ASN I 291 -16.81 16.11 21.62
C ASN I 291 -16.63 16.87 22.92
N ILE I 292 -16.84 18.18 22.90
CA ILE I 292 -16.22 19.02 23.93
C ILE I 292 -17.05 19.03 25.20
N ARG I 293 -18.36 19.26 25.09
CA ARG I 293 -19.20 19.44 26.27
C ARG I 293 -19.53 18.10 26.91
N PRO I 294 -19.88 17.06 26.17
CA PRO I 294 -20.02 15.75 26.81
C PRO I 294 -18.75 15.28 27.49
N ASN I 295 -17.58 15.60 26.93
CA ASN I 295 -16.34 15.18 27.58
C ASN I 295 -16.06 15.99 28.84
N ILE I 296 -16.35 17.30 28.83
CA ILE I 296 -16.21 18.08 30.05
C ILE I 296 -17.16 17.57 31.13
N GLU I 297 -18.41 17.29 30.75
CA GLU I 297 -19.37 16.76 31.71
C GLU I 297 -18.91 15.40 32.25
N LEU I 298 -18.45 14.52 31.37
CA LEU I 298 -17.95 13.22 31.82
C LEU I 298 -16.78 13.39 32.76
N PHE I 299 -15.86 14.30 32.43
CA PHE I 299 -14.71 14.53 33.31
C PHE I 299 -15.19 14.93 34.69
N TYR I 300 -15.84 16.09 34.81
CA TYR I 300 -16.24 16.53 36.15
C TYR I 300 -17.07 15.47 36.86
N TYR I 301 -18.15 15.01 36.24
CA TYR I 301 -18.99 14.05 36.96
C TYR I 301 -18.20 12.81 37.34
N MET I 302 -17.80 12.00 36.36
CA MET I 302 -17.32 10.65 36.66
C MET I 302 -16.02 10.68 37.46
N THR I 303 -15.16 11.67 37.26
CA THR I 303 -13.92 11.71 38.02
C THR I 303 -14.05 12.56 39.28
N ILE I 304 -14.37 13.84 39.13
CA ILE I 304 -14.31 14.77 40.24
C ILE I 304 -15.42 14.48 41.24
N ILE I 305 -16.64 14.25 40.77
CA ILE I 305 -17.79 14.22 41.68
C ILE I 305 -17.64 13.10 42.70
N PRO I 306 -17.14 11.91 42.36
CA PRO I 306 -16.72 10.98 43.43
C PRO I 306 -15.63 11.55 44.33
N MET I 307 -14.66 12.28 43.76
CA MET I 307 -13.55 12.77 44.56
C MET I 307 -14.01 13.78 45.59
N LEU I 308 -14.90 14.69 45.21
CA LEU I 308 -15.47 15.61 46.19
C LEU I 308 -16.61 14.96 46.97
N ASN I 309 -17.16 13.87 46.47
CA ASN I 309 -18.21 13.18 47.21
C ASN I 309 -17.64 12.49 48.43
N LYS I 310 -16.42 11.96 48.32
CA LYS I 310 -15.75 11.43 49.51
C LYS I 310 -15.61 12.52 50.57
N LEU I 311 -15.14 13.70 50.15
CA LEU I 311 -14.95 14.82 51.06
C LEU I 311 -16.27 15.24 51.70
N THR I 312 -17.33 15.36 50.89
CA THR I 312 -18.59 15.86 51.41
C THR I 312 -19.31 14.80 52.26
N SER I 313 -19.13 13.52 51.96
CA SER I 313 -19.64 12.48 52.82
C SER I 313 -18.95 12.51 54.18
N SER I 314 -17.62 12.70 54.18
CA SER I 314 -16.93 12.84 55.45
C SER I 314 -17.41 14.08 56.19
N LEU I 315 -17.67 15.18 55.46
CA LEU I 315 -18.17 16.39 56.08
C LEU I 315 -19.54 16.17 56.71
N THR I 316 -20.44 15.47 56.01
CA THR I 316 -21.79 15.26 56.53
C THR I 316 -21.80 14.23 57.65
N PHE I 317 -20.79 13.36 57.69
CA PHE I 317 -20.62 12.50 58.87
C PHE I 317 -20.12 13.32 60.05
N PHE I 318 -19.19 14.24 59.81
CA PHE I 318 -18.58 15.00 60.89
C PHE I 318 -19.54 16.01 61.50
N PHE I 319 -20.26 16.76 60.65
CA PHE I 319 -21.11 17.84 61.12
C PHE I 319 -22.58 17.46 61.21
N GLY I 320 -23.01 16.44 60.48
CA GLY I 320 -24.41 16.08 60.45
C GLY I 320 -25.26 16.86 59.48
N TYR I 321 -24.68 17.84 58.78
CA TYR I 321 -25.38 18.65 57.81
C TYR I 321 -25.18 18.06 56.43
N LYS I 322 -26.27 17.87 55.69
CA LYS I 322 -26.17 17.28 54.37
C LYS I 322 -25.39 18.20 53.44
N ILE I 323 -24.15 17.84 53.14
CA ILE I 323 -23.27 18.64 52.30
C ILE I 323 -23.02 17.84 51.03
N THR I 324 -23.28 18.45 49.88
CA THR I 324 -23.08 17.79 48.61
C THR I 324 -22.30 18.68 47.67
N PRO I 325 -21.48 18.08 46.79
CA PRO I 325 -20.83 18.89 45.76
C PRO I 325 -21.84 19.29 44.70
N ASN I 326 -22.24 20.55 44.75
CA ASN I 326 -23.25 21.09 43.84
C ASN I 326 -22.57 22.25 43.10
N THR I 327 -22.18 22.01 41.86
CA THR I 327 -21.33 22.97 41.19
C THR I 327 -22.13 24.19 40.75
N LYS I 328 -22.99 24.02 39.74
CA LYS I 328 -24.03 24.97 39.39
C LYS I 328 -23.45 26.32 39.00
N GLU I 329 -22.14 26.49 39.21
CA GLU I 329 -21.47 27.77 39.04
C GLU I 329 -20.12 27.66 38.34
N VAL I 330 -19.56 26.45 38.21
CA VAL I 330 -18.27 26.30 37.56
C VAL I 330 -18.37 26.75 36.12
N ALA I 331 -17.28 27.34 35.60
CA ALA I 331 -17.34 27.92 34.27
C ALA I 331 -17.41 26.85 33.19
N ALA I 332 -16.98 25.63 33.48
CA ALA I 332 -16.94 24.58 32.46
C ALA I 332 -18.30 23.98 32.16
N LEU I 333 -19.24 24.02 33.10
CA LEU I 333 -20.59 23.51 32.90
C LEU I 333 -21.66 24.59 33.04
N THR I 334 -21.41 25.78 32.53
CA THR I 334 -22.49 26.71 32.35
C THR I 334 -23.46 26.12 31.32
N PRO I 335 -24.71 25.88 31.68
CA PRO I 335 -25.61 25.16 30.78
C PRO I 335 -25.86 25.94 29.51
N ASP I 336 -26.13 25.20 28.43
CA ASP I 336 -26.47 25.83 27.16
C ASP I 336 -27.65 26.77 27.36
N LYS I 337 -27.42 28.06 27.07
CA LYS I 337 -28.39 29.08 27.44
C LYS I 337 -29.73 28.85 26.76
N GLU I 338 -29.70 28.49 25.47
CA GLU I 338 -30.95 28.26 24.74
C GLU I 338 -31.75 27.12 25.34
N ALA I 339 -31.13 25.95 25.52
CA ALA I 339 -31.84 24.79 26.05
C ALA I 339 -32.24 25.02 27.51
N GLU I 340 -31.35 25.63 28.29
CA GLU I 340 -31.67 25.90 29.68
C GLU I 340 -32.88 26.80 29.81
N ALA I 341 -32.89 27.91 29.06
CA ALA I 341 -34.04 28.80 29.09
C ALA I 341 -35.29 28.08 28.59
N LYS I 342 -35.16 27.26 27.55
CA LYS I 342 -36.32 26.56 27.04
C LYS I 342 -36.96 25.67 28.11
N HIS I 343 -36.16 24.86 28.80
CA HIS I 343 -36.77 23.95 29.76
C HIS I 343 -37.27 24.70 30.98
N LEU I 344 -36.56 25.75 31.41
CA LEU I 344 -37.02 26.52 32.55
C LEU I 344 -38.36 27.19 32.27
N THR I 345 -38.50 27.82 31.10
CA THR I 345 -39.76 28.46 30.76
C THR I 345 -40.86 27.42 30.58
N SER I 346 -40.55 26.26 29.99
CA SER I 346 -41.58 25.24 29.87
C SER I 346 -42.08 24.78 31.23
N LEU I 347 -41.15 24.56 32.17
CA LEU I 347 -41.54 24.16 33.52
C LEU I 347 -42.37 25.23 34.21
N VAL I 348 -41.97 26.50 34.07
CA VAL I 348 -42.71 27.58 34.71
C VAL I 348 -44.11 27.70 34.13
N ASN I 349 -44.22 27.66 32.79
CA ASN I 349 -45.52 27.83 32.15
C ASN I 349 -46.46 26.67 32.48
N ASN I 350 -45.96 25.44 32.46
CA ASN I 350 -46.82 24.28 32.61
C ASN I 350 -47.06 23.90 34.07
N GLY I 351 -46.89 24.83 34.99
CA GLY I 351 -47.38 24.68 36.35
C GLY I 351 -46.58 23.78 37.26
N ILE I 352 -45.34 23.43 36.90
CA ILE I 352 -44.57 22.54 37.76
C ILE I 352 -43.70 23.34 38.73
N ILE I 353 -42.91 24.28 38.22
CA ILE I 353 -41.86 24.93 39.01
C ILE I 353 -42.25 26.39 39.24
N THR I 354 -42.02 26.86 40.47
CA THR I 354 -42.20 28.27 40.79
C THR I 354 -41.20 29.10 40.00
N GLY I 355 -41.56 30.37 39.79
CA GLY I 355 -40.62 31.27 39.13
C GLY I 355 -39.37 31.53 39.94
N ASN I 356 -39.52 31.60 41.28
CA ASN I 356 -38.37 31.84 42.13
C ASN I 356 -37.40 30.67 42.09
N GLU I 357 -37.89 29.45 41.93
CA GLU I 357 -37.00 28.31 41.79
C GLU I 357 -36.22 28.39 40.48
N ALA I 358 -36.88 28.84 39.41
CA ALA I 358 -36.17 29.05 38.15
C ALA I 358 -35.11 30.14 38.31
N ARG I 359 -35.43 31.20 39.05
CA ARG I 359 -34.44 32.23 39.33
C ARG I 359 -33.25 31.67 40.09
N SER I 360 -33.52 30.84 41.10
CA SER I 360 -32.44 30.24 41.89
C SER I 360 -31.58 29.33 41.02
N GLU I 361 -32.20 28.58 40.11
CA GLU I 361 -31.41 27.75 39.19
C GLU I 361 -30.57 28.60 38.25
N LEU I 362 -31.11 29.74 37.80
CA LEU I 362 -30.38 30.66 36.95
C LEU I 362 -29.28 31.43 37.70
N ASN I 363 -29.08 31.15 38.98
CA ASN I 363 -28.08 31.81 39.83
C ASN I 363 -28.39 33.28 40.08
N LEU I 364 -29.67 33.66 40.06
CA LEU I 364 -30.08 35.01 40.41
C LEU I 364 -30.64 35.03 41.82
N GLU I 365 -31.13 36.20 42.26
CA GLU I 365 -31.74 36.37 43.56
C GLU I 365 -33.25 36.39 43.44
N PRO I 366 -33.97 35.58 44.22
CA PRO I 366 -35.43 35.57 44.15
C PRO I 366 -36.01 36.92 44.52
N LEU I 367 -37.14 37.25 43.91
CA LEU I 367 -37.83 38.51 44.13
C LEU I 367 -38.90 38.35 45.20
N ASP I 368 -39.05 39.37 46.05
CA ASP I 368 -40.09 39.39 47.06
C ASP I 368 -41.41 39.90 46.46
N ASP I 369 -41.81 39.26 45.37
CA ASP I 369 -43.06 39.58 44.70
C ASP I 369 -44.14 38.60 45.14
N GLU I 370 -45.40 38.99 44.93
CA GLU I 370 -46.52 38.18 45.35
C GLU I 370 -46.88 37.14 44.28
N GLN I 371 -47.06 37.58 43.04
CA GLN I 371 -47.41 36.70 41.93
C GLN I 371 -46.28 35.75 41.57
N MET I 372 -45.05 36.01 42.03
CA MET I 372 -43.91 35.20 41.64
C MET I 372 -43.74 33.95 42.49
N ASN I 373 -44.07 33.99 43.78
CA ASN I 373 -43.86 32.85 44.66
C ASN I 373 -44.94 31.79 44.53
N LYS I 374 -46.03 32.04 43.81
CA LYS I 374 -47.05 31.03 43.61
C LYS I 374 -47.07 30.59 42.15
N ILE I 375 -47.29 29.30 41.93
CA ILE I 375 -47.24 28.74 40.59
C ILE I 375 -48.44 29.19 39.79
N ARG I 376 -48.21 29.48 38.51
CA ARG I 376 -49.22 30.18 37.70
C ARG I 376 -50.44 29.30 37.43
N ILE I 377 -50.25 27.99 37.33
CA ILE I 377 -51.34 27.04 37.11
C ILE I 377 -52.15 27.48 35.88
N PRO I 378 -51.64 27.24 34.66
CA PRO I 378 -52.27 27.82 33.47
C PRO I 378 -53.74 27.46 33.32
N ALA I 379 -54.13 26.24 33.64
CA ALA I 379 -55.52 25.77 33.55
C ALA I 379 -55.98 25.99 32.11
N ASN I 380 -56.85 26.96 31.84
CA ASN I 380 -57.30 27.25 30.48
C ASN I 380 -56.12 27.60 29.57
N LEU J 11 -39.00 -27.60 54.67
CA LEU J 11 -37.56 -27.77 54.74
C LEU J 11 -37.07 -28.67 53.59
N ASN J 12 -35.84 -28.44 53.15
CA ASN J 12 -35.31 -29.18 52.02
C ASN J 12 -34.76 -30.52 52.48
N PRO J 13 -35.30 -31.65 52.01
CA PRO J 13 -34.73 -32.95 52.37
C PRO J 13 -33.31 -33.18 51.85
N GLY J 14 -32.87 -32.42 50.85
CA GLY J 14 -31.55 -32.63 50.29
C GLY J 14 -30.52 -31.62 50.77
N GLN J 15 -30.84 -30.87 51.82
CA GLN J 15 -29.91 -29.86 52.30
C GLN J 15 -28.67 -30.48 52.94
N ARG J 16 -28.81 -31.61 53.62
CA ARG J 16 -27.65 -32.23 54.25
C ARG J 16 -26.64 -32.72 53.21
N ILE J 17 -27.12 -33.17 52.05
CA ILE J 17 -26.18 -33.50 50.97
C ILE J 17 -25.49 -32.24 50.47
N ILE J 18 -26.19 -31.11 50.44
CA ILE J 18 -25.55 -29.85 50.06
C ILE J 18 -24.45 -29.52 51.06
N ARG J 19 -24.71 -29.71 52.35
CA ARG J 19 -23.67 -29.49 53.35
C ARG J 19 -22.49 -30.44 53.12
N ASP J 20 -22.77 -31.71 52.85
CA ASP J 20 -21.70 -32.68 52.64
C ASP J 20 -20.85 -32.34 51.42
N MET J 21 -21.46 -31.80 50.37
CA MET J 21 -20.71 -31.48 49.16
C MET J 21 -19.93 -30.18 49.29
N GLU J 22 -20.29 -29.34 50.26
CA GLU J 22 -19.56 -28.10 50.52
C GLU J 22 -19.84 -27.61 51.93
N PRO J 23 -19.13 -28.10 52.93
CA PRO J 23 -19.45 -27.75 54.33
C PRO J 23 -19.09 -26.32 54.68
N VAL J 24 -18.03 -25.79 54.06
CA VAL J 24 -17.55 -24.45 54.37
C VAL J 24 -17.34 -23.68 53.08
N SER J 25 -17.36 -22.36 53.20
CA SER J 25 -17.08 -21.49 52.07
C SER J 25 -15.60 -21.56 51.69
N HIS J 26 -15.33 -21.23 50.44
CA HIS J 26 -13.97 -21.26 49.90
C HIS J 26 -13.57 -19.84 49.51
N ARG J 27 -12.43 -19.38 50.00
CA ARG J 27 -11.91 -18.09 49.59
C ARG J 27 -11.51 -18.16 48.13
N THR J 28 -12.01 -17.21 47.33
CA THR J 28 -11.87 -17.28 45.89
C THR J 28 -10.78 -16.39 45.33
N ASN J 29 -10.40 -15.31 46.01
CA ASN J 29 -9.25 -14.50 45.60
C ASN J 29 -8.01 -15.31 45.97
N ARG J 30 -7.65 -16.22 45.06
CA ARG J 30 -6.67 -17.25 45.40
C ARG J 30 -5.33 -16.65 45.77
N LYS J 31 -4.90 -15.64 45.03
CA LYS J 31 -3.67 -14.91 45.35
C LYS J 31 -3.98 -13.46 45.71
N PRO J 32 -4.03 -13.11 46.99
CA PRO J 32 -4.40 -11.75 47.38
C PRO J 32 -3.28 -10.74 47.19
N PHE J 33 -2.04 -11.15 47.49
CA PHE J 33 -0.94 -10.20 47.48
C PHE J 33 -0.65 -9.70 46.07
N THR J 34 -0.71 -10.58 45.07
CA THR J 34 -0.50 -10.14 43.70
C THR J 34 -1.58 -9.16 43.27
N THR J 35 -2.83 -9.42 43.69
CA THR J 35 -3.91 -8.48 43.39
C THR J 35 -3.64 -7.12 44.02
N GLY J 36 -3.22 -7.11 45.28
CA GLY J 36 -2.92 -5.84 45.92
C GLY J 36 -1.77 -5.11 45.25
N GLN J 37 -0.72 -5.85 44.88
CA GLN J 37 0.42 -5.26 44.20
C GLN J 37 0.00 -4.64 42.87
N ALA J 38 -0.82 -5.36 42.11
CA ALA J 38 -1.28 -4.84 40.82
C ALA J 38 -2.16 -3.61 41.01
N TYR J 39 -3.10 -3.67 41.95
CA TYR J 39 -3.95 -2.51 42.21
C TYR J 39 -3.12 -1.31 42.65
N SER J 40 -2.02 -1.55 43.36
CA SER J 40 -1.20 -0.44 43.82
C SER J 40 -0.36 0.15 42.69
N LYS J 41 0.22 -0.69 41.84
CA LYS J 41 1.20 -0.21 40.87
C LYS J 41 0.86 -0.55 39.43
N ILE J 42 -0.41 -0.85 39.12
CA ILE J 42 -0.85 -0.98 37.73
C ILE J 42 -2.01 -0.04 37.51
N GLU J 43 -1.94 0.88 36.53
CA GLU J 43 -2.95 1.94 36.30
C GLU J 43 -4.16 1.69 35.52
N ILE J 44 -4.30 0.51 34.97
CA ILE J 44 -5.59 0.19 34.38
C ILE J 44 -6.51 -0.46 35.42
N LEU J 45 -5.97 -1.40 36.20
CA LEU J 45 -6.74 -1.99 37.28
C LEU J 45 -7.11 -0.94 38.32
N ASN J 46 -6.16 -0.08 38.66
CA ASN J 46 -6.42 0.97 39.64
C ASN J 46 -7.60 1.82 39.21
N ARG J 47 -7.54 2.36 38.00
CA ARG J 47 -8.58 3.29 37.55
C ARG J 47 -9.91 2.58 37.35
N THR J 48 -9.90 1.37 36.78
CA THR J 48 -11.15 0.66 36.53
C THR J 48 -11.84 0.30 37.84
N ALA J 49 -11.10 -0.31 38.77
CA ALA J 49 -11.68 -0.63 40.06
C ALA J 49 -12.14 0.62 40.79
N ASN J 50 -11.37 1.72 40.68
CA ASN J 50 -11.75 2.95 41.34
C ASN J 50 -13.07 3.47 40.80
N MET J 51 -13.26 3.49 39.48
CA MET J 51 -14.51 4.01 38.95
C MET J 51 -15.67 3.10 39.30
N VAL J 52 -15.47 1.78 39.26
CA VAL J 52 -16.56 0.86 39.59
C VAL J 52 -16.99 1.05 41.04
N ILE J 53 -16.02 1.08 41.96
CA ILE J 53 -16.35 1.22 43.37
C ILE J 53 -16.97 2.57 43.66
N ASP J 54 -16.40 3.65 43.11
CA ASP J 54 -16.92 4.98 43.37
C ASP J 54 -18.33 5.15 42.81
N SER J 55 -18.58 4.61 41.62
CA SER J 55 -19.92 4.61 41.06
C SER J 55 -20.91 3.80 41.90
N ALA J 56 -20.49 2.66 42.43
CA ALA J 56 -21.35 1.89 43.31
C ALA J 56 -21.45 2.49 44.71
N ALA J 57 -20.81 3.64 44.94
CA ALA J 57 -20.93 4.36 46.20
C ALA J 57 -21.76 5.63 46.09
N GLU J 58 -22.12 6.04 44.88
CA GLU J 58 -22.89 7.26 44.70
C GLU J 58 -24.39 7.03 44.66
N CYS J 59 -24.84 5.80 44.41
CA CYS J 59 -26.25 5.53 44.21
C CYS J 59 -26.95 5.41 45.56
N SER J 60 -27.91 6.30 45.80
CA SER J 60 -28.67 6.25 47.04
C SER J 60 -29.68 5.10 47.01
N TYR J 61 -30.15 4.73 48.19
CA TYR J 61 -31.10 3.64 48.35
C TYR J 61 -32.42 4.19 48.87
N THR J 62 -33.51 3.87 48.18
CA THR J 62 -34.84 4.31 48.56
C THR J 62 -35.62 3.09 49.05
N VAL J 63 -36.07 3.15 50.30
CA VAL J 63 -36.81 2.06 50.91
C VAL J 63 -38.28 2.19 50.53
N GLY J 64 -38.92 1.06 50.25
CA GLY J 64 -40.31 1.08 49.81
C GLY J 64 -41.28 0.66 50.89
N ASP J 65 -42.20 -0.23 50.55
CA ASP J 65 -43.21 -0.68 51.49
C ASP J 65 -42.68 -1.80 52.37
N LYS J 66 -43.49 -2.20 53.34
CA LYS J 66 -43.15 -3.26 54.27
C LYS J 66 -43.78 -4.55 53.80
N TYR J 67 -42.95 -5.58 53.60
CA TYR J 67 -43.44 -6.90 53.23
C TYR J 67 -43.89 -7.63 54.49
N ASN J 68 -45.14 -8.08 54.50
CA ASN J 68 -45.73 -8.69 55.70
C ASN J 68 -45.20 -10.10 55.91
N ILE J 69 -43.88 -10.19 56.05
CA ILE J 69 -43.18 -11.44 56.25
C ILE J 69 -42.25 -11.29 57.44
N VAL J 70 -41.86 -12.44 57.99
CA VAL J 70 -40.92 -12.47 59.11
C VAL J 70 -39.51 -12.51 58.57
N THR J 71 -38.67 -11.59 59.05
CA THR J 71 -37.29 -11.48 58.60
C THR J 71 -36.34 -11.57 59.78
N TYR J 72 -35.04 -11.64 59.46
CA TYR J 72 -34.03 -11.78 60.49
C TYR J 72 -33.99 -10.57 61.42
N ALA J 73 -34.15 -9.38 60.85
CA ALA J 73 -34.21 -8.14 61.62
C ALA J 73 -35.64 -7.64 61.62
N ASN J 74 -36.22 -7.49 62.80
CA ASN J 74 -37.59 -7.04 62.95
C ASN J 74 -37.66 -5.96 64.02
N GLY J 75 -38.68 -5.12 63.91
CA GLY J 75 -38.85 -3.99 64.81
C GLY J 75 -38.12 -2.73 64.41
N VAL J 76 -37.46 -2.72 63.25
CA VAL J 76 -36.77 -1.55 62.75
C VAL J 76 -37.76 -0.71 61.95
N LYS J 77 -37.82 0.58 62.29
CA LYS J 77 -38.75 1.47 61.60
C LYS J 77 -38.14 1.95 60.29
N THR J 78 -39.01 2.39 59.38
CA THR J 78 -38.56 2.77 58.04
C THR J 78 -37.57 3.92 58.07
N LYS J 79 -37.84 4.95 58.87
CA LYS J 79 -36.98 6.12 58.88
C LYS J 79 -35.60 5.80 59.45
N THR J 80 -35.55 4.98 60.50
CA THR J 80 -34.24 4.63 61.08
C THR J 80 -33.40 3.85 60.08
N LEU J 81 -34.02 2.89 59.37
CA LEU J 81 -33.28 2.14 58.37
C LEU J 81 -32.82 3.06 57.24
N ASP J 82 -33.69 3.97 56.81
CA ASP J 82 -33.32 4.89 55.73
C ASP J 82 -32.15 5.77 56.14
N THR J 83 -32.17 6.29 57.36
CA THR J 83 -31.10 7.17 57.79
C THR J 83 -29.80 6.41 57.99
N LEU J 84 -29.86 5.17 58.49
CA LEU J 84 -28.62 4.43 58.66
C LEU J 84 -28.07 3.94 57.32
N LEU J 85 -28.94 3.81 56.32
CA LEU J 85 -28.50 3.32 55.03
C LEU J 85 -28.09 4.43 54.06
N ASN J 86 -28.53 5.67 54.28
CA ASN J 86 -28.21 6.75 53.38
C ASN J 86 -27.47 7.92 54.03
N VAL J 87 -27.33 7.95 55.35
CA VAL J 87 -26.70 9.07 56.05
C VAL J 87 -25.46 8.61 56.82
N ARG J 88 -25.64 7.73 57.79
CA ARG J 88 -24.51 7.22 58.56
C ARG J 88 -24.83 5.83 59.10
N PRO J 89 -24.14 4.79 58.65
CA PRO J 89 -24.42 3.43 59.14
C PRO J 89 -24.04 3.27 60.60
N ASN J 90 -22.83 3.62 60.91
CA ASN J 90 -22.39 3.39 62.27
C ASN J 90 -22.15 4.71 62.98
N PRO J 91 -22.33 4.77 64.30
CA PRO J 91 -22.01 6.01 65.02
C PRO J 91 -20.53 6.36 64.97
N PHE J 92 -19.74 5.61 64.21
CA PHE J 92 -18.29 5.71 64.23
C PHE J 92 -17.68 5.81 62.84
N MET J 93 -18.47 5.68 61.77
CA MET J 93 -17.92 5.52 60.42
C MET J 93 -18.83 6.24 59.43
N ASP J 94 -18.25 6.57 58.28
CA ASP J 94 -18.94 7.35 57.25
C ASP J 94 -19.95 6.49 56.49
N ILE J 95 -20.69 7.14 55.59
CA ILE J 95 -21.56 6.44 54.65
C ILE J 95 -20.79 6.04 53.40
N SER J 96 -20.03 6.95 52.81
CA SER J 96 -19.30 6.62 51.59
C SER J 96 -18.18 5.64 51.87
N THR J 97 -17.51 5.78 53.02
CA THR J 97 -16.47 4.81 53.38
C THR J 97 -17.05 3.42 53.54
N PHE J 98 -18.19 3.29 54.23
CA PHE J 98 -18.80 1.98 54.43
C PHE J 98 -19.26 1.40 53.10
N ARG J 99 -19.88 2.21 52.26
CA ARG J 99 -20.36 1.74 50.98
C ARG J 99 -19.21 1.28 50.10
N ARG J 100 -18.10 2.04 50.11
CA ARG J 100 -16.93 1.67 49.33
C ARG J 100 -16.30 0.39 49.86
N LEU J 101 -16.25 0.22 51.17
CA LEU J 101 -15.76 -1.03 51.73
C LEU J 101 -16.60 -2.22 51.29
N VAL J 102 -17.93 -2.07 51.34
CA VAL J 102 -18.81 -3.17 50.91
C VAL J 102 -18.58 -3.49 49.44
N VAL J 103 -18.50 -2.45 48.59
CA VAL J 103 -18.36 -2.67 47.16
C VAL J 103 -17.00 -3.28 46.83
N THR J 104 -15.94 -2.82 47.50
CA THR J 104 -14.63 -3.38 47.21
C THR J 104 -14.50 -4.81 47.74
N ASP J 105 -15.22 -5.14 48.82
CA ASP J 105 -15.29 -6.54 49.24
C ASP J 105 -16.03 -7.37 48.21
N LEU J 106 -17.11 -6.83 47.65
CA LEU J 106 -17.84 -7.55 46.61
C LEU J 106 -17.00 -7.76 45.36
N LEU J 107 -16.12 -6.80 45.05
CA LEU J 107 -15.31 -6.89 43.84
C LEU J 107 -14.08 -7.76 44.04
N PHE J 108 -13.18 -7.36 44.93
CA PHE J 108 -11.89 -8.04 45.04
C PHE J 108 -12.03 -9.41 45.67
N GLU J 109 -12.99 -9.60 46.56
CA GLU J 109 -13.39 -10.92 47.03
C GLU J 109 -14.70 -11.30 46.38
N GLY J 110 -15.01 -12.59 46.39
CA GLY J 110 -16.25 -13.05 45.78
C GLY J 110 -17.48 -12.51 46.46
N CYS J 111 -17.44 -12.43 47.79
CA CYS J 111 -18.59 -12.08 48.59
C CYS J 111 -18.33 -10.79 49.37
N ALA J 112 -19.39 -10.25 49.96
CA ALA J 112 -19.31 -9.07 50.80
C ALA J 112 -20.18 -9.29 52.03
N TYR J 113 -19.70 -8.85 53.18
CA TYR J 113 -20.35 -9.12 54.46
C TYR J 113 -20.62 -7.82 55.20
N ILE J 114 -21.79 -7.73 55.81
CA ILE J 114 -22.20 -6.55 56.57
C ILE J 114 -22.81 -7.03 57.88
N TYR J 115 -22.28 -6.53 58.99
CA TYR J 115 -22.84 -6.88 60.30
C TYR J 115 -24.05 -6.02 60.62
N TRP J 116 -24.90 -6.53 61.50
CA TRP J 116 -26.09 -5.82 61.97
C TRP J 116 -26.14 -5.88 63.48
N ASP J 117 -25.87 -4.75 64.13
CA ASP J 117 -26.00 -4.64 65.57
C ASP J 117 -27.48 -4.44 65.90
N GLY J 118 -27.79 -4.10 67.16
CA GLY J 118 -29.16 -3.82 67.51
C GLY J 118 -29.72 -2.62 66.77
N THR J 119 -28.95 -1.54 66.68
CA THR J 119 -29.40 -0.31 66.05
C THR J 119 -28.42 0.26 65.04
N SER J 120 -27.25 -0.34 64.88
CA SER J 120 -26.23 0.17 63.95
C SER J 120 -25.83 -0.94 63.00
N LEU J 121 -25.43 -0.55 61.80
CA LEU J 121 -25.15 -1.47 60.71
C LEU J 121 -23.66 -1.42 60.37
N TYR J 122 -22.89 -2.37 60.90
CA TYR J 122 -21.44 -2.38 60.81
C TYR J 122 -20.97 -3.15 59.59
N HIS J 123 -19.75 -2.88 59.15
CA HIS J 123 -19.13 -3.62 58.06
C HIS J 123 -18.08 -4.58 58.60
N VAL J 124 -18.01 -5.76 57.99
CA VAL J 124 -16.99 -6.74 58.31
C VAL J 124 -16.34 -7.22 57.02
N PRO J 125 -15.01 -7.20 56.91
CA PRO J 125 -14.36 -7.59 55.67
C PRO J 125 -14.63 -9.06 55.33
N ALA J 126 -14.80 -9.33 54.05
CA ALA J 126 -15.01 -10.69 53.57
C ALA J 126 -13.70 -11.42 53.29
N ALA J 127 -12.57 -10.75 53.47
CA ALA J 127 -11.28 -11.40 53.24
C ALA J 127 -10.92 -12.40 54.32
N LEU J 128 -11.57 -12.33 55.49
CA LEU J 128 -11.30 -13.24 56.58
C LEU J 128 -12.48 -14.13 56.94
N MET J 129 -13.70 -13.69 56.69
CA MET J 129 -14.88 -14.46 57.06
C MET J 129 -15.02 -15.72 56.21
N GLN J 130 -15.49 -16.78 56.84
CA GLN J 130 -15.77 -18.05 56.20
C GLN J 130 -17.15 -18.50 56.64
N VAL J 131 -17.95 -18.99 55.70
CA VAL J 131 -19.33 -19.36 55.99
C VAL J 131 -19.42 -20.88 56.12
N GLU J 132 -20.09 -21.33 57.17
CA GLU J 132 -20.32 -22.75 57.40
C GLU J 132 -21.78 -23.07 57.12
N ALA J 133 -22.02 -23.99 56.18
CA ALA J 133 -23.38 -24.37 55.85
C ALA J 133 -24.01 -25.15 56.99
N ASP J 134 -25.34 -25.17 57.00
CA ASP J 134 -26.09 -25.93 57.98
C ASP J 134 -26.56 -27.24 57.37
N ALA J 135 -26.64 -28.27 58.19
CA ALA J 135 -27.16 -29.55 57.73
C ALA J 135 -28.64 -29.47 57.38
N ASN J 136 -29.34 -28.46 57.90
CA ASN J 136 -30.79 -28.42 57.77
C ASN J 136 -31.29 -27.26 56.92
N LYS J 137 -31.01 -26.01 57.28
CA LYS J 137 -31.77 -24.94 56.65
C LYS J 137 -31.09 -24.25 55.46
N PHE J 138 -30.12 -23.35 55.70
CA PHE J 138 -29.29 -22.82 54.64
C PHE J 138 -27.84 -22.63 55.07
N ILE J 139 -27.67 -22.12 56.29
CA ILE J 139 -26.39 -21.69 56.82
C ILE J 139 -26.43 -21.82 58.33
N LYS J 140 -25.46 -22.52 58.90
CA LYS J 140 -25.43 -22.71 60.35
C LYS J 140 -24.91 -21.46 61.06
N LYS J 141 -23.70 -21.02 60.73
CA LYS J 141 -23.04 -19.95 61.46
C LYS J 141 -21.82 -19.46 60.71
N PHE J 142 -21.69 -18.13 60.66
CA PHE J 142 -20.52 -17.46 60.08
C PHE J 142 -19.38 -17.48 61.07
N ILE J 143 -18.16 -17.61 60.57
CA ILE J 143 -16.97 -17.59 61.42
C ILE J 143 -16.02 -16.52 60.86
N PHE J 144 -15.98 -15.37 61.53
CA PHE J 144 -15.09 -14.28 61.11
C PHE J 144 -13.70 -14.57 61.63
N ASN J 145 -12.76 -14.82 60.71
CA ASN J 145 -11.43 -15.31 61.07
C ASN J 145 -11.59 -16.57 61.91
N ASN J 146 -11.52 -16.41 63.23
CA ASN J 146 -11.94 -17.43 64.18
C ASN J 146 -12.39 -16.72 65.46
N GLN J 147 -13.00 -17.48 66.37
CA GLN J 147 -13.39 -17.05 67.71
C GLN J 147 -14.56 -16.07 67.72
N ILE J 148 -14.93 -15.51 66.56
CA ILE J 148 -16.08 -14.61 66.53
C ILE J 148 -17.38 -15.39 66.62
N ASN J 149 -17.67 -16.17 65.59
CA ASN J 149 -18.88 -17.00 65.50
C ASN J 149 -20.14 -16.13 65.67
N TYR J 150 -20.38 -15.31 64.64
CA TYR J 150 -21.42 -14.29 64.73
C TYR J 150 -22.78 -14.90 65.03
N ARG J 151 -23.36 -15.58 64.04
CA ARG J 151 -24.61 -16.36 64.08
C ARG J 151 -25.16 -16.51 62.67
N VAL J 152 -26.06 -15.60 62.27
CA VAL J 152 -26.72 -15.62 60.95
C VAL J 152 -27.75 -14.50 60.92
N ASP J 153 -28.42 -14.27 62.05
CA ASP J 153 -29.38 -13.19 62.15
C ASP J 153 -28.74 -11.83 62.23
N GLU J 154 -27.40 -11.77 62.35
CA GLU J 154 -26.68 -10.52 62.54
C GLU J 154 -25.74 -10.21 61.39
N ILE J 155 -25.77 -10.98 60.31
CA ILE J 155 -24.87 -10.78 59.17
C ILE J 155 -25.72 -10.64 57.91
N ILE J 156 -25.44 -9.61 57.13
CA ILE J 156 -26.06 -9.42 55.83
C ILE J 156 -25.14 -10.04 54.79
N PHE J 157 -25.65 -11.03 54.07
CA PHE J 157 -24.84 -11.87 53.18
C PHE J 157 -25.02 -11.38 51.76
N ILE J 158 -23.90 -11.04 51.10
CA ILE J 158 -23.90 -10.63 49.70
C ILE J 158 -23.03 -11.62 48.94
N LYS J 159 -23.62 -12.30 47.97
CA LYS J 159 -22.89 -13.31 47.21
C LYS J 159 -22.91 -12.96 45.73
N ASP J 160 -21.72 -12.92 45.14
CA ASP J 160 -21.59 -12.83 43.69
C ASP J 160 -21.57 -14.25 43.14
N ASN J 161 -22.29 -14.46 42.05
CA ASN J 161 -22.45 -15.80 41.49
C ASN J 161 -21.10 -16.45 41.20
N SER J 162 -20.99 -17.73 41.54
CA SER J 162 -19.72 -18.43 41.44
C SER J 162 -19.92 -19.82 40.85
N TYR J 163 -18.89 -20.29 40.17
CA TYR J 163 -18.77 -21.68 39.75
C TYR J 163 -17.36 -22.10 40.11
N VAL J 164 -17.17 -22.57 41.33
CA VAL J 164 -15.86 -22.99 41.83
C VAL J 164 -15.90 -24.50 42.04
N CYS J 165 -14.77 -25.15 41.82
CA CYS J 165 -14.67 -26.61 41.90
C CYS J 165 -15.65 -27.21 40.89
N GLY J 166 -16.16 -28.41 41.17
CA GLY J 166 -17.04 -29.07 40.21
C GLY J 166 -18.39 -28.40 40.08
N THR J 167 -18.99 -28.00 41.20
CA THR J 167 -20.39 -27.59 41.23
C THR J 167 -20.52 -26.16 41.71
N ASN J 168 -21.59 -25.50 41.26
CA ASN J 168 -21.88 -24.15 41.71
C ASN J 168 -22.24 -24.17 43.19
N SER J 169 -22.18 -23.00 43.79
CA SER J 169 -22.34 -23.02 45.19
C SER J 169 -23.32 -22.16 45.80
N GLN J 170 -24.03 -22.74 46.71
CA GLN J 170 -25.01 -21.99 47.47
C GLN J 170 -24.37 -20.90 48.32
N ILE J 171 -23.05 -20.95 48.49
CA ILE J 171 -22.29 -20.10 49.40
C ILE J 171 -21.15 -19.48 48.60
N SER J 172 -20.27 -18.77 49.31
CA SER J 172 -19.02 -18.27 48.75
C SER J 172 -19.25 -17.18 47.71
N GLY J 173 -18.67 -17.35 46.53
CA GLY J 173 -18.68 -16.31 45.52
C GLY J 173 -17.36 -16.29 44.77
N GLN J 174 -17.36 -15.78 43.54
CA GLN J 174 -16.17 -15.77 42.70
C GLN J 174 -15.74 -14.33 42.48
N SER J 175 -14.46 -14.05 42.73
CA SER J 175 -13.96 -12.68 42.73
C SER J 175 -13.70 -12.18 41.33
N ARG J 176 -14.30 -11.05 40.97
CA ARG J 176 -14.12 -10.49 39.63
C ARG J 176 -12.67 -10.13 39.37
N VAL J 177 -11.98 -9.54 40.35
CA VAL J 177 -10.61 -9.10 40.14
C VAL J 177 -9.68 -10.30 39.99
N ALA J 178 -9.99 -11.42 40.65
CA ALA J 178 -9.09 -12.57 40.63
C ALA J 178 -8.91 -13.15 39.24
N THR J 179 -9.79 -12.82 38.29
CA THR J 179 -9.69 -13.39 36.96
C THR J 179 -8.72 -12.62 36.06
N VAL J 180 -8.47 -11.34 36.36
CA VAL J 180 -7.61 -10.53 35.51
C VAL J 180 -6.15 -10.57 35.93
N ILE J 181 -5.80 -11.40 36.91
CA ILE J 181 -4.43 -11.42 37.40
C ILE J 181 -3.47 -11.98 36.34
N ASP J 182 -3.90 -13.02 35.64
CA ASP J 182 -3.05 -13.56 34.57
C ASP J 182 -2.84 -12.55 33.47
N SER J 183 -3.90 -11.83 33.09
CA SER J 183 -3.77 -10.80 32.06
C SER J 183 -2.86 -9.66 32.53
N LEU J 184 -2.97 -9.29 33.80
CA LEU J 184 -2.12 -8.24 34.33
C LEU J 184 -0.65 -8.67 34.34
N GLU J 185 -0.38 -9.92 34.72
CA GLU J 185 0.99 -10.41 34.69
C GLU J 185 1.54 -10.44 33.26
N LYS J 186 0.72 -10.90 32.31
CA LYS J 186 1.14 -10.89 30.92
C LYS J 186 1.45 -9.48 30.44
N ARG J 187 0.58 -8.52 30.76
CA ARG J 187 0.80 -7.14 30.35
C ARG J 187 2.06 -6.57 30.98
N SER J 188 2.29 -6.83 32.26
CA SER J 188 3.47 -6.30 32.93
C SER J 188 4.74 -6.89 32.33
N LYS J 189 4.76 -8.19 32.08
CA LYS J 189 5.95 -8.81 31.48
C LYS J 189 6.19 -8.27 30.08
N MET J 190 5.13 -8.14 29.28
CA MET J 190 5.27 -7.65 27.91
C MET J 190 5.74 -6.20 27.89
N LEU J 191 5.28 -5.38 28.85
CA LEU J 191 5.70 -3.99 28.89
C LEU J 191 7.13 -3.85 29.39
N ASN J 192 7.52 -4.64 30.40
CA ASN J 192 8.90 -4.62 30.86
C ASN J 192 9.87 -5.14 29.80
N PHE J 193 9.40 -6.01 28.90
CA PHE J 193 10.29 -6.51 27.86
C PHE J 193 10.78 -5.38 26.96
N LYS J 194 9.91 -4.44 26.59
CA LYS J 194 10.35 -3.32 25.76
C LYS J 194 11.37 -2.45 26.48
N GLU J 195 11.12 -2.16 27.76
CA GLU J 195 12.06 -1.34 28.53
C GLU J 195 13.41 -2.01 28.62
N LYS J 196 13.43 -3.31 28.92
CA LYS J 196 14.71 -4.01 29.02
C LYS J 196 15.38 -4.16 27.66
N PHE J 197 14.60 -4.30 26.59
CA PHE J 197 15.18 -4.36 25.25
C PHE J 197 15.85 -3.05 24.89
N LEU J 198 15.23 -1.92 25.25
CA LEU J 198 15.85 -0.63 25.00
C LEU J 198 17.08 -0.44 25.87
N ASP J 199 17.02 -0.85 27.14
CA ASP J 199 18.15 -0.66 28.04
C ASP J 199 19.29 -1.64 27.76
N ASN J 200 19.03 -2.69 26.99
CA ASN J 200 20.03 -3.72 26.77
C ASN J 200 20.55 -3.79 25.34
N GLY J 201 19.67 -3.68 24.35
CA GLY J 201 20.09 -3.83 22.97
C GLY J 201 21.11 -2.79 22.56
N THR J 202 22.05 -3.22 21.73
CA THR J 202 23.17 -2.39 21.32
C THR J 202 22.83 -1.64 20.04
N VAL J 203 23.25 -0.39 19.97
CA VAL J 203 23.06 0.46 18.80
C VAL J 203 24.40 0.98 18.35
N ILE J 204 24.81 0.63 17.14
CA ILE J 204 26.07 1.06 16.57
C ILE J 204 25.80 1.68 15.21
N GLY J 205 26.75 2.48 14.74
CA GLY J 205 26.58 3.16 13.48
C GLY J 205 27.61 2.80 12.42
N LEU J 206 28.74 2.22 12.86
CA LEU J 206 29.84 1.96 11.94
C LEU J 206 30.75 0.90 12.52
N ILE J 207 31.18 -0.03 11.68
CA ILE J 207 32.18 -1.03 12.04
C ILE J 207 33.34 -0.92 11.06
N LEU J 208 34.55 -0.79 11.60
CA LEU J 208 35.77 -0.81 10.81
C LEU J 208 36.58 -2.04 11.20
N GLU J 209 37.22 -2.67 10.22
CA GLU J 209 37.98 -3.89 10.45
C GLU J 209 39.40 -3.73 9.94
N THR J 210 40.33 -4.33 10.66
CA THR J 210 41.73 -4.35 10.28
C THR J 210 42.28 -5.72 10.62
N ASP J 211 43.15 -6.23 9.74
CA ASP J 211 43.74 -7.55 9.93
C ASP J 211 45.02 -7.49 10.74
N GLU J 212 45.42 -6.32 11.23
CA GLU J 212 46.59 -6.18 12.06
C GLU J 212 46.23 -5.43 13.34
N ILE J 213 46.94 -5.76 14.42
CA ILE J 213 46.71 -5.14 15.72
C ILE J 213 47.31 -3.74 15.70
N LEU J 214 46.55 -2.76 16.20
CA LEU J 214 46.88 -1.36 16.02
C LEU J 214 46.75 -0.58 17.33
N ASN J 215 47.41 -1.06 18.39
CA ASN J 215 47.66 -0.24 19.57
C ASN J 215 46.40 0.20 20.30
N LYS J 216 45.76 -0.74 21.01
CA LYS J 216 44.48 -0.56 21.69
C LYS J 216 44.23 0.83 22.23
N LYS J 217 45.22 1.45 22.88
CA LYS J 217 45.05 2.82 23.36
C LYS J 217 44.71 3.76 22.22
N LEU J 218 45.53 3.75 21.17
CA LEU J 218 45.33 4.65 20.05
C LEU J 218 44.12 4.24 19.21
N ARG J 219 43.85 2.94 19.14
CA ARG J 219 42.64 2.47 18.47
C ARG J 219 41.40 3.03 19.15
N GLU J 220 41.36 2.97 20.49
CA GLU J 220 40.24 3.55 21.22
C GLU J 220 40.17 5.06 21.02
N ARG J 221 41.31 5.74 21.06
CA ARG J 221 41.30 7.19 20.88
C ARG J 221 40.72 7.57 19.53
N LYS J 222 41.15 6.88 18.46
CA LYS J 222 40.58 7.11 17.15
C LYS J 222 39.10 6.73 17.11
N GLN J 223 38.70 5.76 17.94
CA GLN J 223 37.30 5.40 18.02
C GLN J 223 36.44 6.57 18.53
N GLU J 224 36.84 7.18 19.65
CA GLU J 224 36.07 8.34 20.10
C GLU J 224 36.21 9.51 19.14
N GLU J 225 37.37 9.63 18.48
CA GLU J 225 37.53 10.69 17.49
C GLU J 225 36.51 10.55 16.36
N LEU J 226 36.34 9.34 15.83
CA LEU J 226 35.35 9.11 14.79
C LEU J 226 33.94 9.29 15.31
N GLN J 227 33.69 8.87 16.55
CA GLN J 227 32.35 9.03 17.11
C GLN J 227 31.96 10.49 17.24
N LEU J 228 32.87 11.32 17.77
CA LEU J 228 32.54 12.73 17.99
C LEU J 228 32.56 13.52 16.68
N ASP J 229 33.48 13.19 15.78
CA ASP J 229 33.69 14.03 14.61
C ASP J 229 32.60 13.85 13.55
N TYR J 230 31.96 12.68 13.48
CA TYR J 230 31.05 12.37 12.40
C TYR J 230 29.59 12.38 12.83
N ASN J 231 29.28 13.09 13.91
CA ASN J 231 27.91 13.29 14.34
C ASN J 231 27.52 14.73 14.10
N PRO J 232 26.48 14.99 13.29
CA PRO J 232 26.21 16.39 12.88
C PRO J 232 25.97 17.33 14.04
N SER J 233 25.44 16.86 15.16
CA SER J 233 25.23 17.73 16.31
C SER J 233 26.56 18.21 16.89
N THR J 234 27.56 17.32 16.97
CA THR J 234 28.83 17.65 17.61
C THR J 234 30.02 17.56 16.68
N GLY J 235 29.81 17.36 15.38
CA GLY J 235 30.91 17.23 14.45
C GLY J 235 30.59 17.91 13.14
N GLN J 236 31.66 18.17 12.38
CA GLN J 236 31.55 18.86 11.10
C GLN J 236 32.35 18.13 10.05
N SER J 237 32.20 16.82 9.98
CA SER J 237 32.87 16.01 8.96
C SER J 237 31.93 14.91 8.51
N SER J 238 32.09 14.47 7.25
CA SER J 238 31.20 13.46 6.70
C SER J 238 31.87 12.44 5.80
N VAL J 239 33.19 12.44 5.68
CA VAL J 239 33.89 11.54 4.76
C VAL J 239 34.97 10.78 5.53
N LEU J 240 35.14 9.51 5.21
CA LEU J 240 36.20 8.69 5.78
C LEU J 240 37.17 8.25 4.69
N ILE J 241 38.46 8.46 4.94
CA ILE J 241 39.51 7.96 4.07
C ILE J 241 40.28 6.91 4.87
N LEU J 242 39.90 5.65 4.69
CA LEU J 242 40.54 4.55 5.41
C LEU J 242 41.85 4.18 4.71
N ASP J 243 42.92 4.12 5.48
CA ASP J 243 44.25 3.84 4.95
C ASP J 243 44.80 2.56 5.57
N GLY J 244 45.82 2.01 4.92
CA GLY J 244 46.50 0.85 5.42
C GLY J 244 45.77 -0.45 5.24
N GLY J 245 44.68 -0.48 4.48
CA GLY J 245 43.91 -1.69 4.29
C GLY J 245 42.77 -1.87 5.26
N MET J 246 42.49 -0.89 6.12
CA MET J 246 41.35 -0.98 7.02
C MET J 246 40.06 -1.05 6.22
N LYS J 247 39.20 -1.99 6.61
CA LYS J 247 37.98 -2.27 5.86
C LYS J 247 36.75 -1.90 6.68
N ALA J 248 35.68 -1.56 5.98
CA ALA J 248 34.41 -1.19 6.60
C ALA J 248 33.40 -2.28 6.26
N LYS J 249 32.99 -3.04 7.26
CA LYS J 249 32.05 -4.14 7.02
C LYS J 249 30.64 -3.60 6.90
N PRO J 250 29.92 -3.92 5.81
CA PRO J 250 28.54 -3.45 5.69
C PRO J 250 27.59 -4.26 6.55
N TYR J 251 27.56 -3.94 7.85
CA TYR J 251 26.77 -4.69 8.81
C TYR J 251 25.29 -4.34 8.67
N SER J 252 24.47 -5.05 9.43
CA SER J 252 23.04 -4.77 9.54
C SER J 252 22.63 -4.95 10.99
N GLN J 253 21.43 -4.49 11.33
CA GLN J 253 20.92 -4.58 12.69
C GLN J 253 20.19 -5.91 12.86
N ILE J 254 20.52 -6.63 13.93
CA ILE J 254 20.04 -8.00 14.08
C ILE J 254 18.56 -8.02 14.45
N SER J 255 18.22 -7.46 15.60
CA SER J 255 16.85 -7.45 16.11
C SER J 255 16.41 -6.01 16.29
N SER J 256 15.83 -5.43 15.24
CA SER J 256 15.42 -4.03 15.29
C SER J 256 14.17 -3.88 16.17
N PHE J 257 13.97 -2.66 16.65
CA PHE J 257 12.82 -2.38 17.50
C PHE J 257 11.51 -2.48 16.74
N LYS J 258 11.54 -2.37 15.41
CA LYS J 258 10.30 -2.43 14.64
C LYS J 258 9.63 -3.80 14.75
N ASP J 259 10.42 -4.85 14.99
CA ASP J 259 9.84 -6.18 15.13
C ASP J 259 8.93 -6.26 16.36
N LEU J 260 9.34 -5.66 17.46
CA LEU J 260 8.58 -5.70 18.70
C LEU J 260 7.37 -4.78 18.60
N ASP J 261 6.35 -5.26 17.91
CA ASP J 261 5.09 -4.52 17.75
C ASP J 261 4.10 -5.05 18.78
N PHE J 262 4.28 -4.65 20.03
CA PHE J 262 3.43 -5.09 21.12
C PHE J 262 2.19 -4.22 21.31
N LYS J 263 2.01 -3.18 20.49
CA LYS J 263 0.91 -2.25 20.73
C LYS J 263 -0.44 -2.96 20.65
N GLU J 264 -0.61 -3.83 19.66
CA GLU J 264 -1.91 -4.47 19.48
C GLU J 264 -2.20 -5.44 20.63
N ASP J 265 -1.21 -6.20 21.06
CA ASP J 265 -1.41 -7.11 22.19
C ASP J 265 -1.69 -6.34 23.47
N ILE J 266 -0.97 -5.23 23.69
CA ILE J 266 -1.19 -4.45 24.90
C ILE J 266 -2.59 -3.82 24.87
N GLU J 267 -3.02 -3.35 23.71
CA GLU J 267 -4.37 -2.82 23.59
C GLU J 267 -5.40 -3.90 23.86
N GLY J 268 -5.15 -5.12 23.37
CA GLY J 268 -6.05 -6.22 23.67
C GLY J 268 -6.12 -6.52 25.16
N PHE J 269 -4.97 -6.51 25.83
CA PHE J 269 -4.96 -6.74 27.28
C PHE J 269 -5.72 -5.65 28.02
N ASN J 270 -5.52 -4.39 27.63
CA ASN J 270 -6.24 -3.29 28.26
C ASN J 270 -7.74 -3.41 28.04
N LYS J 271 -8.14 -3.73 26.81
CA LYS J 271 -9.56 -3.89 26.51
C LYS J 271 -10.16 -5.03 27.31
N SER J 272 -9.41 -6.12 27.47
CA SER J 272 -9.91 -7.23 28.28
C SER J 272 -10.06 -6.82 29.73
N ILE J 273 -9.07 -6.13 30.29
CA ILE J 273 -9.14 -5.75 31.71
C ILE J 273 -10.33 -4.83 31.94
N CYS J 274 -10.53 -3.87 31.04
CA CYS J 274 -11.73 -3.04 31.10
C CYS J 274 -13.00 -3.86 30.88
N LEU J 275 -12.88 -4.99 30.19
CA LEU J 275 -14.05 -5.81 29.89
C LEU J 275 -14.54 -6.57 31.10
N ALA J 276 -13.61 -7.10 31.91
CA ALA J 276 -14.00 -7.94 33.04
C ALA J 276 -14.80 -7.17 34.07
N PHE J 277 -14.38 -5.94 34.36
CA PHE J 277 -15.13 -5.12 35.32
C PHE J 277 -16.45 -4.63 34.72
N GLY J 278 -16.49 -4.44 33.41
CA GLY J 278 -17.69 -4.04 32.71
C GLY J 278 -17.68 -2.62 32.18
N VAL J 279 -16.65 -1.83 32.47
CA VAL J 279 -16.65 -0.44 32.00
C VAL J 279 -16.51 -0.43 30.48
N PRO J 280 -17.28 0.38 29.77
CA PRO J 280 -17.05 0.55 28.33
C PRO J 280 -15.71 1.22 28.09
N GLN J 281 -15.07 0.86 26.98
CA GLN J 281 -13.78 1.46 26.66
C GLN J 281 -13.90 2.95 26.35
N VAL J 282 -15.09 3.42 25.96
CA VAL J 282 -15.25 4.82 25.62
C VAL J 282 -15.15 5.71 26.86
N LEU J 283 -15.60 5.23 28.01
CA LEU J 283 -15.57 6.06 29.21
C LEU J 283 -14.14 6.43 29.60
N LEU J 284 -13.22 5.47 29.54
CA LEU J 284 -11.83 5.76 29.87
C LEU J 284 -11.21 6.69 28.84
N ASP J 285 -11.53 6.49 27.57
CA ASP J 285 -11.06 7.35 26.50
C ASP J 285 -11.99 8.56 26.36
N GLY J 286 -11.86 9.28 25.25
CA GLY J 286 -12.76 10.38 24.94
C GLY J 286 -13.78 9.94 23.90
N GLY J 287 -15.04 10.26 24.15
CA GLY J 287 -16.12 9.85 23.27
C GLY J 287 -16.92 11.05 22.78
N ASN J 288 -17.58 10.85 21.65
CA ASN J 288 -18.40 11.89 21.05
C ASN J 288 -19.67 12.12 21.85
N ASN J 289 -20.51 13.04 21.37
CA ASN J 289 -21.80 13.25 22.00
C ASN J 289 -22.69 12.02 21.87
N ALA J 290 -22.54 11.26 20.78
CA ALA J 290 -23.33 10.06 20.59
C ALA J 290 -22.88 8.91 21.49
N ASN J 291 -21.73 9.04 22.14
CA ASN J 291 -21.19 7.95 22.96
C ASN J 291 -21.31 8.19 24.45
N ILE J 292 -21.11 9.42 24.92
CA ILE J 292 -20.88 9.65 26.34
C ILE J 292 -22.11 9.29 27.16
N ARG J 293 -23.27 9.83 26.79
CA ARG J 293 -24.46 9.55 27.58
C ARG J 293 -24.89 8.09 27.49
N PRO J 294 -24.97 7.49 26.29
CA PRO J 294 -25.29 6.06 26.24
C PRO J 294 -24.28 5.19 26.95
N ASN J 295 -22.99 5.54 26.92
CA ASN J 295 -22.00 4.71 27.59
C ASN J 295 -22.09 4.85 29.10
N ILE J 296 -22.35 6.05 29.61
CA ILE J 296 -22.60 6.21 31.04
C ILE J 296 -23.82 5.40 31.45
N GLU J 297 -24.90 5.46 30.67
CA GLU J 297 -26.09 4.70 31.00
C GLU J 297 -25.82 3.20 30.99
N LEU J 298 -25.15 2.71 29.96
CA LEU J 298 -24.84 1.29 29.86
C LEU J 298 -23.97 0.85 31.03
N PHE J 299 -22.89 1.60 31.29
CA PHE J 299 -22.03 1.26 32.42
C PHE J 299 -22.83 1.21 33.71
N TYR J 300 -23.38 2.36 34.14
CA TYR J 300 -24.09 2.39 35.42
C TYR J 300 -25.10 1.27 35.50
N TYR J 301 -26.10 1.27 34.60
CA TYR J 301 -27.14 0.27 34.70
C TYR J 301 -26.56 -1.14 34.66
N MET J 302 -26.04 -1.57 33.50
CA MET J 302 -25.84 -2.99 33.29
C MET J 302 -24.68 -3.54 34.10
N THR J 303 -23.75 -2.68 34.55
CA THR J 303 -22.67 -3.19 35.37
C THR J 303 -22.92 -2.94 36.86
N ILE J 304 -23.11 -1.67 37.25
CA ILE J 304 -23.21 -1.35 38.66
C ILE J 304 -24.52 -1.86 39.25
N ILE J 305 -25.63 -1.64 38.56
CA ILE J 305 -26.93 -1.85 39.19
C ILE J 305 -27.18 -3.33 39.48
N PRO J 306 -26.62 -4.29 38.73
CA PRO J 306 -26.54 -5.65 39.29
C PRO J 306 -25.74 -5.73 40.58
N MET J 307 -24.60 -5.03 40.66
CA MET J 307 -23.77 -5.08 41.86
C MET J 307 -24.50 -4.51 43.06
N LEU J 308 -25.19 -3.39 42.89
CA LEU J 308 -26.00 -2.84 43.96
C LEU J 308 -27.31 -3.59 44.14
N ASN J 309 -27.77 -4.30 43.12
CA ASN J 309 -29.00 -5.08 43.25
C ASN J 309 -28.77 -6.29 44.14
N LYS J 310 -27.58 -6.88 44.09
CA LYS J 310 -27.25 -7.93 45.03
C LYS J 310 -27.35 -7.41 46.47
N LEU J 311 -26.76 -6.24 46.73
CA LEU J 311 -26.84 -5.64 48.06
C LEU J 311 -28.27 -5.33 48.46
N THR J 312 -29.06 -4.74 47.56
CA THR J 312 -30.41 -4.35 47.93
C THR J 312 -31.33 -5.55 48.11
N SER J 313 -31.12 -6.61 47.32
CA SER J 313 -31.87 -7.84 47.54
C SER J 313 -31.50 -8.47 48.87
N SER J 314 -30.22 -8.48 49.22
CA SER J 314 -29.84 -9.00 50.54
C SER J 314 -30.45 -8.15 51.64
N LEU J 315 -30.50 -6.84 51.45
CA LEU J 315 -31.10 -5.96 52.45
C LEU J 315 -32.60 -6.20 52.58
N THR J 316 -33.30 -6.40 51.47
CA THR J 316 -34.75 -6.63 51.56
C THR J 316 -35.05 -8.02 52.08
N PHE J 317 -34.10 -8.95 51.96
CA PHE J 317 -34.22 -10.22 52.66
C PHE J 317 -34.00 -10.05 54.16
N PHE J 318 -33.01 -9.24 54.54
CA PHE J 318 -32.65 -9.11 55.94
C PHE J 318 -33.69 -8.32 56.73
N PHE J 319 -34.16 -7.20 56.17
CA PHE J 319 -35.04 -6.30 56.89
C PHE J 319 -36.50 -6.44 56.48
N GLY J 320 -36.79 -6.94 55.29
CA GLY J 320 -38.15 -7.05 54.83
C GLY J 320 -38.71 -5.82 54.15
N TYR J 321 -37.94 -4.74 54.09
CA TYR J 321 -38.35 -3.50 53.43
C TYR J 321 -37.83 -3.51 52.00
N LYS J 322 -38.72 -3.24 51.05
CA LYS J 322 -38.31 -3.22 49.65
C LYS J 322 -37.27 -2.13 49.43
N ILE J 323 -36.02 -2.53 49.19
CA ILE J 323 -34.92 -1.61 48.98
C ILE J 323 -34.42 -1.82 47.55
N THR J 324 -34.31 -0.74 46.80
CA THR J 324 -33.85 -0.81 45.43
C THR J 324 -32.80 0.27 45.17
N PRO J 325 -31.85 0.02 44.27
CA PRO J 325 -30.91 1.07 43.89
C PRO J 325 -31.60 2.08 43.00
N ASN J 326 -31.95 3.22 43.57
CA ASN J 326 -32.65 4.28 42.86
C ASN J 326 -31.72 5.48 42.84
N THR J 327 -31.09 5.74 41.71
CA THR J 327 -30.03 6.74 41.71
C THR J 327 -30.62 8.14 41.69
N LYS J 328 -31.17 8.55 40.55
CA LYS J 328 -31.98 9.76 40.43
C LYS J 328 -31.25 11.02 40.88
N GLU J 329 -30.02 10.86 41.36
CA GLU J 329 -29.23 11.95 41.91
C GLU J 329 -27.77 11.91 41.51
N VAL J 330 -27.26 10.80 40.98
CA VAL J 330 -25.85 10.71 40.62
C VAL J 330 -25.55 11.72 39.52
N ALA J 331 -24.36 12.32 39.59
CA ALA J 331 -24.02 13.37 38.63
C ALA J 331 -23.87 12.82 37.22
N ALA J 332 -23.52 11.54 37.09
CA ALA J 332 -23.29 10.96 35.77
C ALA J 332 -24.58 10.67 35.01
N LEU J 333 -25.69 10.42 35.71
CA LEU J 333 -26.96 10.11 35.07
C LEU J 333 -27.99 11.22 35.26
N THR J 334 -27.55 12.47 35.31
CA THR J 334 -28.49 13.57 35.36
C THR J 334 -29.24 13.63 34.04
N PRO J 335 -30.57 13.56 34.05
CA PRO J 335 -31.31 13.50 32.78
C PRO J 335 -31.16 14.79 31.99
N ASP J 336 -31.27 14.65 30.67
CA ASP J 336 -31.22 15.82 29.80
C ASP J 336 -32.33 16.78 30.18
N LYS J 337 -31.97 18.01 30.52
CA LYS J 337 -32.93 18.94 31.10
C LYS J 337 -34.06 19.23 30.13
N GLU J 338 -33.74 19.45 28.86
CA GLU J 338 -34.77 19.79 27.88
C GLU J 338 -35.76 18.65 27.68
N ALA J 339 -35.25 17.44 27.41
CA ALA J 339 -36.15 16.31 27.18
C ALA J 339 -36.93 15.94 28.43
N GLU J 340 -36.27 15.96 29.59
CA GLU J 340 -36.96 15.63 30.83
C GLU J 340 -38.08 16.63 31.11
N ALA J 341 -37.80 17.93 30.94
CA ALA J 341 -38.83 18.93 31.13
C ALA J 341 -39.97 18.73 30.13
N LYS J 342 -39.63 18.43 28.88
CA LYS J 342 -40.66 18.22 27.87
C LYS J 342 -41.60 17.08 28.26
N HIS J 343 -41.05 15.94 28.67
CA HIS J 343 -41.91 14.80 28.95
C HIS J 343 -42.70 15.03 30.24
N LEU J 344 -42.07 15.60 31.26
CA LEU J 344 -42.81 15.89 32.50
C LEU J 344 -43.95 16.86 32.23
N THR J 345 -43.69 17.89 31.43
CA THR J 345 -44.75 18.84 31.09
C THR J 345 -45.87 18.17 30.30
N SER J 346 -45.51 17.27 29.38
CA SER J 346 -46.54 16.57 28.61
C SER J 346 -47.44 15.74 29.52
N LEU J 347 -46.83 15.00 30.46
CA LEU J 347 -47.64 14.22 31.41
C LEU J 347 -48.48 15.13 32.30
N VAL J 348 -47.93 16.24 32.77
CA VAL J 348 -48.69 17.12 33.65
C VAL J 348 -49.89 17.71 32.91
N ASN J 349 -49.66 18.17 31.68
CA ASN J 349 -50.75 18.75 30.89
C ASN J 349 -51.81 17.71 30.56
N ASN J 350 -51.41 16.51 30.17
CA ASN J 350 -52.35 15.50 29.74
C ASN J 350 -52.91 14.67 30.88
N GLY J 351 -52.52 14.96 32.11
CA GLY J 351 -53.20 14.40 33.27
C GLY J 351 -52.82 13.00 33.66
N ILE J 352 -51.72 12.46 33.13
CA ILE J 352 -51.30 11.12 33.54
C ILE J 352 -50.78 11.14 34.97
N ILE J 353 -50.00 12.15 35.33
CA ILE J 353 -49.43 12.25 36.67
C ILE J 353 -49.72 13.63 37.24
N THR J 354 -49.75 13.73 38.57
CA THR J 354 -49.95 15.00 39.23
C THR J 354 -48.69 15.87 39.12
N GLY J 355 -48.84 17.16 39.41
CA GLY J 355 -47.69 18.04 39.42
C GLY J 355 -46.71 17.70 40.53
N ASN J 356 -47.22 17.23 41.67
CA ASN J 356 -46.35 16.88 42.80
C ASN J 356 -45.40 15.74 42.44
N GLU J 357 -45.88 14.77 41.65
CA GLU J 357 -44.99 13.70 41.22
C GLU J 357 -43.90 14.22 40.31
N ALA J 358 -44.23 15.17 39.44
CA ALA J 358 -43.20 15.80 38.60
C ALA J 358 -42.18 16.54 39.46
N ARG J 359 -42.65 17.23 40.50
CA ARG J 359 -41.73 17.89 41.42
C ARG J 359 -40.82 16.87 42.10
N SER J 360 -41.38 15.75 42.53
CA SER J 360 -40.57 14.70 43.16
C SER J 360 -39.53 14.15 42.19
N GLU J 361 -39.90 13.98 40.92
CA GLU J 361 -38.94 13.50 39.93
C GLU J 361 -37.85 14.53 39.68
N LEU J 362 -38.18 15.82 39.66
CA LEU J 362 -37.19 16.88 39.49
C LEU J 362 -36.34 17.09 40.72
N ASN J 363 -36.44 16.23 41.73
CA ASN J 363 -35.67 16.33 42.98
C ASN J 363 -35.99 17.61 43.74
N LEU J 364 -37.17 18.17 43.51
CA LEU J 364 -37.66 19.31 44.27
C LEU J 364 -38.43 18.81 45.49
N GLU J 365 -39.08 19.73 46.20
CA GLU J 365 -39.92 19.32 47.32
C GLU J 365 -41.38 19.65 47.02
N PRO J 366 -42.28 18.68 47.20
CA PRO J 366 -43.69 18.94 46.89
C PRO J 366 -44.25 20.07 47.73
N LEU J 367 -45.12 20.87 47.12
CA LEU J 367 -45.77 21.99 47.79
C LEU J 367 -47.10 21.54 48.38
N ASP J 368 -47.41 22.06 49.57
CA ASP J 368 -48.68 21.77 50.22
C ASP J 368 -49.77 22.67 49.63
N ASP J 369 -49.96 22.52 48.33
CA ASP J 369 -50.95 23.27 47.58
C ASP J 369 -52.12 22.35 47.21
N GLU J 370 -53.28 22.96 47.02
CA GLU J 370 -54.50 22.22 46.70
C GLU J 370 -54.60 21.88 45.22
N GLN J 371 -54.30 22.86 44.34
CA GLN J 371 -54.46 22.65 42.90
C GLN J 371 -53.37 21.77 42.31
N MET J 372 -52.30 21.51 43.05
CA MET J 372 -51.22 20.66 42.57
C MET J 372 -51.38 19.20 43.02
N ASN J 373 -52.08 18.95 44.12
CA ASN J 373 -52.26 17.60 44.62
C ASN J 373 -53.32 16.82 43.88
N LYS J 374 -54.03 17.44 42.94
CA LYS J 374 -55.00 16.74 42.12
C LYS J 374 -54.63 16.91 40.64
N ILE J 375 -55.03 15.92 39.84
CA ILE J 375 -54.74 15.94 38.42
C ILE J 375 -55.51 17.07 37.75
N ARG J 376 -54.94 17.60 36.65
CA ARG J 376 -55.59 18.69 35.93
C ARG J 376 -56.82 18.23 35.16
N ILE J 377 -56.72 17.08 34.48
CA ILE J 377 -57.79 16.58 33.60
C ILE J 377 -58.19 17.68 32.62
N PRO J 378 -57.38 17.94 31.59
CA PRO J 378 -57.66 19.09 30.72
C PRO J 378 -59.05 19.08 30.10
N ALA J 379 -59.56 17.90 29.73
CA ALA J 379 -60.90 17.75 29.13
C ALA J 379 -60.97 18.64 27.90
N ASN J 380 -61.70 19.76 27.92
CA ASN J 380 -61.75 20.68 26.80
C ASN J 380 -60.36 21.22 26.45
N LEU K 11 -52.68 -41.43 27.91
CA LEU K 11 -51.35 -42.02 28.00
C LEU K 11 -50.81 -42.32 26.61
N ASN K 12 -49.50 -42.25 26.46
CA ASN K 12 -48.87 -42.47 25.16
C ASN K 12 -48.50 -43.94 25.00
N PRO K 13 -49.01 -44.63 23.96
CA PRO K 13 -48.55 -45.99 23.70
C PRO K 13 -47.04 -46.13 23.61
N GLY K 14 -46.35 -45.14 23.05
CA GLY K 14 -44.94 -45.28 22.77
C GLY K 14 -44.02 -44.79 23.88
N GLN K 15 -44.58 -44.47 25.05
CA GLN K 15 -43.74 -43.94 26.13
C GLN K 15 -42.78 -44.98 26.66
N ARG K 16 -43.18 -46.25 26.69
CA ARG K 16 -42.28 -47.29 27.18
C ARG K 16 -41.06 -47.43 26.28
N ILE K 17 -41.24 -47.29 24.96
CA ILE K 17 -40.10 -47.32 24.05
C ILE K 17 -39.21 -46.11 24.28
N ILE K 18 -39.81 -44.96 24.61
CA ILE K 18 -39.02 -43.78 24.92
C ILE K 18 -38.16 -44.02 26.15
N ARG K 19 -38.74 -44.60 27.19
CA ARG K 19 -37.96 -44.91 28.39
C ARG K 19 -36.87 -45.92 28.08
N ASP K 20 -37.16 -46.91 27.25
CA ASP K 20 -36.16 -47.90 26.89
C ASP K 20 -35.00 -47.26 26.12
N MET K 21 -35.28 -46.28 25.27
CA MET K 21 -34.20 -45.66 24.49
C MET K 21 -33.37 -44.70 25.32
N GLU K 22 -33.90 -44.24 26.46
CA GLU K 22 -33.14 -43.36 27.36
C GLU K 22 -33.74 -43.48 28.75
N PRO K 23 -33.27 -44.44 29.54
CA PRO K 23 -33.90 -44.64 30.86
C PRO K 23 -33.74 -43.46 31.81
N VAL K 24 -32.54 -42.90 31.92
CA VAL K 24 -32.26 -41.84 32.88
C VAL K 24 -31.55 -40.70 32.18
N SER K 25 -31.61 -39.53 32.79
CA SER K 25 -30.85 -38.39 32.31
C SER K 25 -29.36 -38.62 32.54
N HIS K 26 -28.54 -37.83 31.85
CA HIS K 26 -27.10 -37.87 31.97
C HIS K 26 -26.55 -36.46 31.94
N ARG K 27 -25.60 -36.18 32.82
CA ARG K 27 -25.04 -34.85 32.93
C ARG K 27 -24.28 -34.49 31.66
N THR K 28 -24.53 -33.29 31.13
CA THR K 28 -23.96 -32.87 29.86
C THR K 28 -22.71 -32.02 30.00
N ASN K 29 -22.49 -31.38 31.15
CA ASN K 29 -21.25 -30.66 31.39
C ASN K 29 -20.17 -31.71 31.65
N ARG K 30 -19.60 -32.21 30.55
CA ARG K 30 -18.75 -33.39 30.63
C ARG K 30 -17.54 -33.15 31.51
N LYS K 31 -16.90 -31.99 31.38
CA LYS K 31 -15.76 -31.65 32.22
C LYS K 31 -16.09 -30.45 33.11
N PRO K 32 -16.41 -30.67 34.38
CA PRO K 32 -16.80 -29.55 35.25
C PRO K 32 -15.60 -28.75 35.75
N PHE K 33 -14.49 -29.44 36.05
CA PHE K 33 -13.35 -28.76 36.64
C PHE K 33 -12.72 -27.76 35.68
N THR K 34 -12.60 -28.13 34.40
CA THR K 34 -12.06 -27.21 33.42
C THR K 34 -12.94 -25.99 33.27
N THR K 35 -14.26 -26.18 33.30
CA THR K 35 -15.18 -25.06 33.26
C THR K 35 -15.00 -24.16 34.47
N GLY K 36 -14.85 -24.76 35.65
CA GLY K 36 -14.65 -23.95 36.85
C GLY K 36 -13.37 -23.14 36.80
N GLN K 37 -12.28 -23.77 36.36
CA GLN K 37 -11.02 -23.05 36.24
C GLN K 37 -11.10 -21.95 35.19
N ALA K 38 -11.81 -22.20 34.09
CA ALA K 38 -11.98 -21.16 33.09
C ALA K 38 -12.79 -19.99 33.65
N TYR K 39 -13.86 -20.28 34.38
CA TYR K 39 -14.65 -19.21 34.96
C TYR K 39 -13.86 -18.43 36.00
N SER K 40 -12.93 -19.10 36.70
CA SER K 40 -12.24 -18.46 37.80
C SER K 40 -10.96 -17.74 37.35
N LYS K 41 -10.40 -18.14 36.20
CA LYS K 41 -9.11 -17.59 35.77
C LYS K 41 -9.11 -17.13 34.31
N ILE K 42 -10.24 -17.24 33.61
CA ILE K 42 -10.37 -16.68 32.27
C ILE K 42 -11.51 -15.67 32.33
N GLU K 43 -11.23 -14.45 31.87
CA GLU K 43 -12.02 -13.29 32.22
C GLU K 43 -13.07 -12.89 31.20
N ILE K 44 -12.89 -13.22 29.92
CA ILE K 44 -13.98 -13.02 28.95
C ILE K 44 -15.15 -13.92 29.30
N LEU K 45 -14.87 -15.18 29.64
CA LEU K 45 -15.93 -16.09 30.07
C LEU K 45 -16.59 -15.59 31.35
N ASN K 46 -15.79 -15.11 32.30
CA ASN K 46 -16.35 -14.56 33.53
C ASN K 46 -17.32 -13.43 33.22
N ARG K 47 -16.91 -12.47 32.40
CA ARG K 47 -17.78 -11.34 32.12
C ARG K 47 -19.04 -11.76 31.39
N THR K 48 -18.91 -12.62 30.37
CA THR K 48 -20.10 -13.02 29.61
C THR K 48 -21.09 -13.78 30.49
N ALA K 49 -20.59 -14.77 31.23
CA ALA K 49 -21.47 -15.53 32.11
C ALA K 49 -22.10 -14.64 33.17
N ASN K 50 -21.32 -13.71 33.72
CA ASN K 50 -21.86 -12.82 34.75
C ASN K 50 -22.96 -11.93 34.18
N MET K 51 -22.76 -11.39 32.98
CA MET K 51 -23.80 -10.57 32.38
C MET K 51 -25.07 -11.39 32.17
N VAL K 52 -24.94 -12.60 31.62
CA VAL K 52 -26.13 -13.41 31.35
C VAL K 52 -26.87 -13.72 32.64
N ILE K 53 -26.14 -14.15 33.67
CA ILE K 53 -26.79 -14.55 34.91
C ILE K 53 -27.42 -13.35 35.61
N ASP K 54 -26.67 -12.25 35.74
CA ASP K 54 -27.19 -11.09 36.44
C ASP K 54 -28.37 -10.48 35.70
N SER K 55 -28.28 -10.38 34.38
CA SER K 55 -29.40 -9.90 33.58
C SER K 55 -30.60 -10.82 33.66
N ALA K 56 -30.39 -12.11 33.85
CA ALA K 56 -31.50 -13.04 34.04
C ALA K 56 -31.96 -13.09 35.49
N ALA K 57 -31.42 -12.23 36.35
CA ALA K 57 -31.84 -12.15 37.74
C ALA K 57 -32.54 -10.83 38.06
N GLU K 58 -32.60 -9.89 37.12
CA GLU K 58 -33.25 -8.61 37.34
C GLU K 58 -34.69 -8.58 36.85
N CYS K 59 -35.07 -9.49 35.97
CA CYS K 59 -36.40 -9.48 35.39
C CYS K 59 -37.42 -9.97 36.40
N SER K 60 -38.36 -9.10 36.78
CA SER K 60 -39.38 -9.49 37.72
C SER K 60 -40.39 -10.42 37.05
N TYR K 61 -41.18 -11.09 37.89
CA TYR K 61 -42.14 -12.08 37.43
C TYR K 61 -43.54 -11.60 37.78
N THR K 62 -44.44 -11.62 36.78
CA THR K 62 -45.82 -11.22 36.97
C THR K 62 -46.72 -12.44 36.78
N VAL K 63 -47.53 -12.72 37.80
CA VAL K 63 -48.47 -13.84 37.77
C VAL K 63 -49.78 -13.35 37.18
N GLY K 64 -50.30 -14.08 36.21
CA GLY K 64 -51.52 -13.68 35.53
C GLY K 64 -52.77 -14.29 36.11
N ASP K 65 -53.61 -14.86 35.26
CA ASP K 65 -54.84 -15.48 35.69
C ASP K 65 -54.60 -16.94 36.07
N LYS K 66 -55.64 -17.60 36.56
CA LYS K 66 -55.58 -19.00 36.93
C LYS K 66 -56.14 -19.83 35.78
N TYR K 67 -55.36 -20.83 35.34
CA TYR K 67 -55.82 -21.78 34.34
C TYR K 67 -56.57 -22.90 35.04
N ASN K 68 -57.82 -23.13 34.64
CA ASN K 68 -58.68 -24.12 35.28
C ASN K 68 -58.26 -25.53 34.85
N ILE K 69 -57.05 -25.90 35.29
CA ILE K 69 -56.48 -27.20 34.99
C ILE K 69 -55.90 -27.80 36.27
N VAL K 70 -55.73 -29.12 36.26
CA VAL K 70 -55.22 -29.85 37.42
C VAL K 70 -53.71 -29.87 37.30
N THR K 71 -53.04 -29.02 38.08
CA THR K 71 -51.59 -28.93 38.06
C THR K 71 -51.00 -29.62 39.29
N TYR K 72 -49.67 -29.71 39.30
CA TYR K 72 -48.98 -30.43 40.37
C TYR K 72 -49.15 -29.71 41.71
N ALA K 73 -49.16 -28.38 41.70
CA ALA K 73 -49.36 -27.59 42.90
C ALA K 73 -50.78 -27.01 42.87
N ASN K 74 -51.55 -27.28 43.92
CA ASN K 74 -52.92 -26.81 44.01
C ASN K 74 -53.15 -26.16 45.37
N GLY K 75 -54.06 -25.21 45.41
CA GLY K 75 -54.37 -24.49 46.62
C GLY K 75 -53.45 -23.34 46.96
N VAL K 76 -52.53 -22.98 46.07
CA VAL K 76 -51.62 -21.86 46.30
C VAL K 76 -52.30 -20.58 45.86
N LYS K 77 -52.29 -19.57 46.73
CA LYS K 77 -52.92 -18.30 46.41
C LYS K 77 -52.04 -17.47 45.49
N THR K 78 -52.67 -16.57 44.74
CA THR K 78 -51.93 -15.74 43.79
C THR K 78 -50.91 -14.86 44.50
N LYS K 79 -51.30 -14.24 45.61
CA LYS K 79 -50.38 -13.36 46.32
C LYS K 79 -49.24 -14.12 46.96
N THR K 80 -49.52 -15.32 47.48
CA THR K 80 -48.45 -16.12 48.06
C THR K 80 -47.44 -16.52 47.00
N LEU K 81 -47.92 -16.91 45.81
CA LEU K 81 -47.01 -17.23 44.71
C LEU K 81 -46.20 -16.01 44.29
N ASP K 82 -46.85 -14.83 44.24
CA ASP K 82 -46.13 -13.62 43.87
C ASP K 82 -45.03 -13.31 44.88
N THR K 83 -45.33 -13.43 46.18
CA THR K 83 -44.30 -13.19 47.18
C THR K 83 -43.17 -14.21 47.07
N LEU K 84 -43.51 -15.49 46.89
CA LEU K 84 -42.49 -16.53 46.77
C LEU K 84 -41.60 -16.27 45.56
N LEU K 85 -42.16 -15.71 44.50
CA LEU K 85 -41.44 -15.60 43.24
C LEU K 85 -40.75 -14.26 43.04
N ASN K 86 -41.09 -13.24 43.82
CA ASN K 86 -40.49 -11.93 43.64
C ASN K 86 -39.86 -11.33 44.89
N VAL K 87 -40.15 -11.86 46.08
CA VAL K 87 -39.67 -11.24 47.31
C VAL K 87 -38.74 -12.18 48.08
N ARG K 88 -39.28 -13.33 48.48
CA ARG K 88 -38.52 -14.25 49.33
C ARG K 88 -38.91 -15.68 49.01
N PRO K 89 -38.16 -16.36 48.14
CA PRO K 89 -38.44 -17.77 47.86
C PRO K 89 -38.34 -18.63 49.10
N ASN K 90 -37.44 -18.28 49.95
CA ASN K 90 -37.25 -19.21 51.03
C ASN K 90 -37.35 -18.51 52.37
N PRO K 91 -37.69 -19.24 53.44
CA PRO K 91 -37.49 -18.68 54.78
C PRO K 91 -36.04 -18.45 55.12
N PHE K 92 -35.09 -18.83 54.24
CA PHE K 92 -33.69 -18.83 54.59
C PHE K 92 -32.77 -18.25 53.53
N MET K 93 -33.27 -17.92 52.34
CA MET K 93 -32.40 -17.48 51.26
C MET K 93 -33.11 -16.41 50.45
N ASP K 94 -32.31 -15.61 49.74
CA ASP K 94 -32.73 -14.38 49.08
C ASP K 94 -33.50 -14.69 47.79
N ILE K 95 -33.97 -13.61 47.15
CA ILE K 95 -34.59 -13.71 45.83
C ILE K 95 -33.54 -13.62 44.72
N SER K 96 -32.64 -12.64 44.80
CA SER K 96 -31.62 -12.50 43.78
C SER K 96 -30.66 -13.69 43.79
N THR K 97 -30.28 -14.14 44.98
CA THR K 97 -29.42 -15.33 45.08
C THR K 97 -30.11 -16.55 44.49
N PHE K 98 -31.41 -16.73 44.77
CA PHE K 98 -32.13 -17.88 44.25
C PHE K 98 -32.20 -17.83 42.73
N ARG K 99 -32.54 -16.67 42.18
CA ARG K 99 -32.61 -16.54 40.72
C ARG K 99 -31.24 -16.77 40.09
N ARG K 100 -30.19 -16.25 40.73
CA ARG K 100 -28.85 -16.40 40.18
C ARG K 100 -28.41 -17.86 40.19
N LEU K 101 -28.70 -18.59 41.28
CA LEU K 101 -28.40 -20.01 41.31
C LEU K 101 -29.17 -20.78 40.24
N VAL K 102 -30.46 -20.48 40.07
CA VAL K 102 -31.24 -21.20 39.06
C VAL K 102 -30.69 -20.93 37.67
N VAL K 103 -30.37 -19.66 37.38
CA VAL K 103 -29.90 -19.31 36.04
C VAL K 103 -28.51 -19.90 35.79
N THR K 104 -27.64 -19.89 36.80
CA THR K 104 -26.31 -20.46 36.59
C THR K 104 -26.37 -21.98 36.47
N ASP K 105 -27.35 -22.62 37.12
CA ASP K 105 -27.56 -24.04 36.87
C ASP K 105 -28.05 -24.29 35.46
N LEU K 106 -28.95 -23.45 34.96
CA LEU K 106 -29.43 -23.59 33.60
C LEU K 106 -28.31 -23.35 32.59
N LEU K 107 -27.35 -22.49 32.92
CA LEU K 107 -26.28 -22.16 32.00
C LEU K 107 -25.16 -23.19 32.03
N PHE K 108 -24.50 -23.34 33.18
CA PHE K 108 -23.29 -24.16 33.22
C PHE K 108 -23.62 -25.65 33.13
N GLU K 109 -24.77 -26.07 33.62
CA GLU K 109 -25.29 -27.40 33.37
C GLU K 109 -26.45 -27.31 32.38
N GLY K 110 -26.83 -28.46 31.83
CA GLY K 110 -27.86 -28.46 30.81
C GLY K 110 -29.20 -27.97 31.33
N CYS K 111 -29.57 -28.40 32.52
CA CYS K 111 -30.89 -28.12 33.09
C CYS K 111 -30.75 -27.46 34.45
N ALA K 112 -31.89 -27.15 35.05
CA ALA K 112 -31.92 -26.55 36.39
C ALA K 112 -33.16 -27.05 37.11
N TYR K 113 -33.03 -27.25 38.42
CA TYR K 113 -34.08 -27.83 39.23
C TYR K 113 -34.43 -26.89 40.37
N ILE K 114 -35.71 -26.83 40.70
CA ILE K 114 -36.21 -26.02 41.82
C ILE K 114 -37.17 -26.87 42.62
N TYR K 115 -36.96 -26.96 43.93
CA TYR K 115 -37.82 -27.75 44.79
C TYR K 115 -38.99 -26.91 45.30
N TRP K 116 -40.07 -27.58 45.68
CA TRP K 116 -41.28 -26.92 46.15
C TRP K 116 -41.83 -27.66 47.36
N ASP K 117 -41.74 -27.03 48.53
CA ASP K 117 -42.39 -27.51 49.73
C ASP K 117 -43.88 -27.16 49.67
N GLY K 118 -44.60 -27.36 50.76
CA GLY K 118 -45.97 -26.93 50.82
C GLY K 118 -46.12 -25.42 50.72
N THR K 119 -45.18 -24.69 51.31
CA THR K 119 -45.23 -23.24 51.32
C THR K 119 -43.95 -22.55 50.88
N SER K 120 -42.83 -23.27 50.78
CA SER K 120 -41.55 -22.66 50.47
C SER K 120 -41.00 -23.25 49.18
N LEU K 121 -40.32 -22.41 48.41
CA LEU K 121 -39.85 -22.76 47.07
C LEU K 121 -38.33 -22.78 47.06
N TYR K 122 -37.75 -23.90 47.46
CA TYR K 122 -36.30 -24.05 47.63
C TYR K 122 -35.60 -24.34 46.31
N HIS K 123 -34.32 -24.03 46.25
CA HIS K 123 -33.48 -24.36 45.10
C HIS K 123 -32.64 -25.60 45.38
N VAL K 124 -32.41 -26.40 44.34
CA VAL K 124 -31.53 -27.55 44.43
C VAL K 124 -30.57 -27.53 43.23
N PRO K 125 -29.29 -27.84 43.43
CA PRO K 125 -28.35 -27.82 42.31
C PRO K 125 -28.68 -28.90 41.28
N ALA K 126 -28.41 -28.58 40.01
CA ALA K 126 -28.65 -29.52 38.93
C ALA K 126 -27.41 -30.31 38.56
N ALA K 127 -26.26 -29.99 39.14
CA ALA K 127 -25.04 -30.74 38.81
C ALA K 127 -25.03 -32.12 39.45
N LEU K 128 -25.82 -32.32 40.50
CA LEU K 128 -25.81 -33.57 41.25
C LEU K 128 -27.03 -34.45 40.98
N MET K 129 -28.12 -33.88 40.49
CA MET K 129 -29.38 -34.61 40.46
C MET K 129 -29.65 -35.17 39.06
N GLN K 130 -30.11 -36.42 39.04
CA GLN K 130 -30.39 -37.16 37.82
C GLN K 130 -31.90 -37.36 37.72
N VAL K 131 -32.40 -37.39 36.48
CA VAL K 131 -33.83 -37.57 36.23
C VAL K 131 -34.05 -38.95 35.62
N GLU K 132 -35.01 -39.69 36.17
CA GLU K 132 -35.34 -41.02 35.68
C GLU K 132 -36.69 -40.98 34.98
N ALA K 133 -36.75 -41.51 33.76
CA ALA K 133 -37.98 -41.48 32.99
C ALA K 133 -38.97 -42.51 33.54
N ASP K 134 -40.21 -42.41 33.08
CA ASP K 134 -41.29 -43.30 33.48
C ASP K 134 -41.71 -44.16 32.31
N ALA K 135 -41.94 -45.45 32.58
CA ALA K 135 -42.39 -46.35 31.53
C ALA K 135 -43.79 -46.00 31.05
N ASN K 136 -44.54 -45.25 31.86
CA ASN K 136 -45.93 -44.95 31.52
C ASN K 136 -46.18 -43.47 31.27
N LYS K 137 -45.88 -42.59 32.23
CA LYS K 137 -46.41 -41.24 32.11
C LYS K 137 -45.45 -40.23 31.49
N PHE K 138 -44.48 -39.73 32.25
CA PHE K 138 -43.37 -38.97 31.69
C PHE K 138 -42.07 -39.30 32.41
N ILE K 139 -42.13 -39.35 33.74
CA ILE K 139 -40.95 -39.34 34.59
C ILE K 139 -41.30 -40.05 35.89
N LYS K 140 -40.51 -41.06 36.24
CA LYS K 140 -40.76 -41.81 37.48
C LYS K 140 -40.48 -40.94 38.69
N LYS K 141 -39.27 -40.42 38.70
CA LYS K 141 -38.85 -39.70 39.84
C LYS K 141 -37.60 -39.01 39.63
N PHE K 142 -37.17 -38.27 40.61
CA PHE K 142 -35.93 -37.50 40.54
C PHE K 142 -34.98 -38.00 41.63
N ILE K 143 -33.74 -38.29 41.26
CA ILE K 143 -32.77 -38.83 42.22
C ILE K 143 -31.65 -37.83 42.46
N PHE K 144 -31.63 -37.24 43.65
CA PHE K 144 -30.60 -36.27 44.02
C PHE K 144 -29.38 -37.01 44.56
N ASN K 145 -28.36 -37.15 43.73
CA ASN K 145 -27.28 -38.11 43.93
C ASN K 145 -27.92 -39.49 44.06
N ASN K 146 -28.28 -39.87 45.29
CA ASN K 146 -29.14 -41.02 45.54
C ASN K 146 -29.89 -40.76 46.83
N GLN K 147 -30.72 -41.74 47.22
CA GLN K 147 -31.38 -41.98 48.50
C GLN K 147 -32.37 -40.89 48.89
N ILE K 148 -32.30 -39.71 48.26
CA ILE K 148 -33.29 -38.68 48.52
C ILE K 148 -34.59 -39.02 47.81
N ASN K 149 -34.53 -39.10 46.48
CA ASN K 149 -35.61 -39.60 45.64
C ASN K 149 -36.87 -38.74 45.78
N TYR K 150 -36.77 -37.51 45.25
CA TYR K 150 -37.77 -36.46 45.47
C TYR K 150 -39.19 -36.87 45.13
N ARG K 151 -39.49 -37.01 43.83
CA ARG K 151 -40.78 -37.43 43.26
C ARG K 151 -40.93 -36.89 41.85
N VAL K 152 -41.73 -35.83 41.72
CA VAL K 152 -42.07 -35.17 40.46
C VAL K 152 -43.18 -34.17 40.76
N ASP K 153 -44.06 -34.53 41.69
CA ASP K 153 -45.13 -33.64 42.13
C ASP K 153 -44.62 -32.47 42.96
N GLU K 154 -43.37 -32.52 43.43
CA GLU K 154 -42.85 -31.51 44.34
C GLU K 154 -41.60 -30.83 43.79
N ILE K 155 -41.24 -31.05 42.54
CA ILE K 155 -40.03 -30.49 41.96
C ILE K 155 -40.37 -29.78 40.66
N ILE K 156 -39.73 -28.64 40.44
CA ILE K 156 -39.92 -27.86 39.23
C ILE K 156 -38.76 -28.16 38.28
N PHE K 157 -39.09 -28.45 37.04
CA PHE K 157 -38.11 -28.92 36.06
C PHE K 157 -37.95 -27.89 34.96
N ILE K 158 -36.72 -27.46 34.72
CA ILE K 158 -36.41 -26.48 33.69
C ILE K 158 -35.33 -27.08 32.79
N LYS K 159 -35.68 -27.30 31.52
CA LYS K 159 -34.81 -28.01 30.59
C LYS K 159 -34.42 -27.10 29.45
N ASP K 160 -33.12 -27.08 29.14
CA ASP K 160 -32.61 -26.41 27.97
C ASP K 160 -32.50 -27.43 26.84
N ASN K 161 -32.92 -27.02 25.64
CA ASN K 161 -33.06 -27.98 24.55
C ASN K 161 -31.73 -28.65 24.24
N SER K 162 -31.77 -29.94 23.95
CA SER K 162 -30.56 -30.72 23.77
C SER K 162 -30.73 -31.73 22.65
N TYR K 163 -29.64 -31.99 21.95
CA TYR K 163 -29.51 -33.08 21.00
C TYR K 163 -28.23 -33.81 21.37
N VAL K 164 -28.33 -34.75 22.31
CA VAL K 164 -27.18 -35.47 22.83
C VAL K 164 -27.27 -36.92 22.38
N CYS K 165 -26.14 -37.49 21.99
CA CYS K 165 -26.07 -38.84 21.43
C CYS K 165 -26.90 -38.85 20.14
N GLY K 166 -27.50 -40.00 19.81
CA GLY K 166 -28.22 -40.11 18.55
C GLY K 166 -29.47 -39.25 18.48
N THR K 167 -30.28 -39.24 19.54
CA THR K 167 -31.62 -38.67 19.48
C THR K 167 -31.76 -37.56 20.51
N ASN K 168 -32.60 -36.58 20.18
CA ASN K 168 -32.95 -35.54 21.13
C ASN K 168 -33.73 -36.14 22.30
N SER K 169 -33.60 -35.50 23.45
CA SER K 169 -34.14 -36.04 24.69
C SER K 169 -35.17 -35.09 25.28
N GLN K 170 -36.29 -35.65 25.71
CA GLN K 170 -37.23 -34.91 26.56
C GLN K 170 -36.70 -34.72 27.97
N ILE K 171 -35.53 -35.30 28.26
CA ILE K 171 -34.91 -35.23 29.58
C ILE K 171 -33.53 -34.61 29.37
N SER K 172 -32.76 -34.48 30.46
CA SER K 172 -31.40 -33.95 30.41
C SER K 172 -31.39 -32.49 29.97
N GLY K 173 -30.58 -32.17 28.97
CA GLY K 173 -30.41 -30.80 28.55
C GLY K 173 -28.98 -30.54 28.12
N GLN K 174 -28.74 -29.48 27.36
CA GLN K 174 -27.42 -29.17 26.85
C GLN K 174 -26.89 -27.90 27.50
N SER K 175 -25.69 -28.01 28.07
CA SER K 175 -25.06 -26.86 28.73
C SER K 175 -24.38 -25.98 27.69
N ARG K 176 -24.75 -24.70 27.68
CA ARG K 176 -24.16 -23.77 26.73
C ARG K 176 -22.67 -23.60 26.98
N VAL K 177 -22.27 -23.57 28.25
CA VAL K 177 -20.86 -23.32 28.58
C VAL K 177 -19.98 -24.46 28.09
N ALA K 178 -20.48 -25.70 28.17
CA ALA K 178 -19.70 -26.85 27.76
C ALA K 178 -19.31 -26.80 26.29
N THR K 179 -20.03 -26.03 25.47
CA THR K 179 -19.68 -25.88 24.07
C THR K 179 -18.51 -24.93 23.88
N VAL K 180 -18.07 -24.25 24.94
CA VAL K 180 -17.07 -23.19 24.81
C VAL K 180 -15.71 -23.59 25.38
N ILE K 181 -15.61 -24.78 25.97
CA ILE K 181 -14.38 -25.16 26.67
C ILE K 181 -13.23 -25.37 25.69
N ASP K 182 -13.51 -25.95 24.53
CA ASP K 182 -12.45 -26.13 23.54
C ASP K 182 -11.91 -24.79 23.06
N SER K 183 -12.80 -23.83 22.80
CA SER K 183 -12.37 -22.50 22.41
C SER K 183 -11.57 -21.83 23.53
N LEU K 184 -11.99 -22.03 24.78
CA LEU K 184 -11.25 -21.47 25.90
C LEU K 184 -9.85 -22.05 25.99
N GLU K 185 -9.73 -23.36 25.81
CA GLU K 185 -8.41 -24.00 25.85
C GLU K 185 -7.53 -23.50 24.70
N LYS K 186 -8.11 -23.41 23.51
CA LYS K 186 -7.35 -22.90 22.36
C LYS K 186 -6.85 -21.49 22.61
N ARG K 187 -7.72 -20.61 23.11
CA ARG K 187 -7.32 -19.21 23.34
C ARG K 187 -6.27 -19.12 24.43
N SER K 188 -6.43 -19.91 25.50
CA SER K 188 -5.43 -19.87 26.57
C SER K 188 -4.07 -20.35 26.09
N LYS K 189 -4.03 -21.43 25.31
CA LYS K 189 -2.76 -21.91 24.77
C LYS K 189 -2.14 -20.88 23.84
N MET K 190 -2.96 -20.29 22.97
CA MET K 190 -2.45 -19.31 22.01
C MET K 190 -1.92 -18.07 22.73
N LEU K 191 -2.56 -17.64 23.81
CA LEU K 191 -2.09 -16.47 24.54
C LEU K 191 -0.84 -16.79 25.36
N ASN K 192 -0.76 -17.98 25.95
CA ASN K 192 0.43 -18.36 26.69
C ASN K 192 1.63 -18.53 25.77
N PHE K 193 1.39 -18.89 24.51
CA PHE K 193 2.50 -19.04 23.57
C PHE K 193 3.25 -17.72 23.39
N LYS K 194 2.54 -16.59 23.41
CA LYS K 194 3.21 -15.30 23.23
C LYS K 194 4.13 -14.98 24.40
N GLU K 195 3.66 -15.14 25.63
CA GLU K 195 4.52 -14.85 26.77
C GLU K 195 5.69 -15.82 26.84
N LYS K 196 5.46 -17.09 26.49
CA LYS K 196 6.56 -18.04 26.50
C LYS K 196 7.58 -17.72 25.40
N PHE K 197 7.10 -17.27 24.24
CA PHE K 197 8.00 -16.86 23.17
C PHE K 197 8.83 -15.66 23.58
N LEU K 198 8.21 -14.70 24.28
CA LEU K 198 8.95 -13.53 24.75
C LEU K 198 9.98 -13.91 25.80
N ASP K 199 9.60 -14.76 26.76
CA ASP K 199 10.53 -15.14 27.82
C ASP K 199 11.58 -16.12 27.34
N ASN K 200 11.39 -16.73 26.16
CA ASN K 200 12.32 -17.74 25.69
C ASN K 200 13.16 -17.26 24.52
N GLY K 201 12.62 -16.41 23.65
CA GLY K 201 13.36 -15.96 22.50
C GLY K 201 14.58 -15.13 22.88
N THR K 202 15.54 -15.11 21.96
CA THR K 202 16.82 -14.45 22.20
C THR K 202 16.89 -13.15 21.40
N VAL K 203 17.61 -12.18 21.95
CA VAL K 203 17.84 -10.89 21.32
C VAL K 203 19.35 -10.67 21.23
N ILE K 204 19.84 -10.35 20.04
CA ILE K 204 21.26 -10.17 19.80
C ILE K 204 21.48 -8.79 19.18
N GLY K 205 22.57 -8.14 19.57
CA GLY K 205 22.94 -6.89 18.95
C GLY K 205 24.06 -7.05 17.93
N LEU K 206 25.09 -7.83 18.29
CA LEU K 206 26.19 -8.09 17.39
C LEU K 206 26.61 -9.56 17.53
N ILE K 207 27.19 -10.09 16.45
CA ILE K 207 27.80 -11.41 16.46
C ILE K 207 29.20 -11.26 15.90
N LEU K 208 30.20 -11.26 16.77
CA LEU K 208 31.59 -11.13 16.37
C LEU K 208 32.27 -12.48 16.44
N GLU K 209 33.05 -12.80 15.41
CA GLU K 209 33.69 -14.10 15.30
C GLU K 209 35.19 -13.95 15.10
N THR K 210 35.93 -14.94 15.56
CA THR K 210 37.36 -15.02 15.36
C THR K 210 37.72 -16.49 15.21
N ASP K 211 38.55 -16.80 14.22
CA ASP K 211 38.96 -18.17 13.97
C ASP K 211 39.98 -18.68 14.97
N GLU K 212 40.31 -17.88 15.98
CA GLU K 212 41.28 -18.25 16.99
C GLU K 212 40.85 -17.72 18.34
N ILE K 213 41.33 -18.39 19.40
CA ILE K 213 40.80 -18.26 20.74
C ILE K 213 41.38 -17.02 21.41
N LEU K 214 40.55 -16.30 22.17
CA LEU K 214 40.90 -15.00 22.72
C LEU K 214 40.52 -14.89 24.20
N ASN K 215 40.93 -15.87 25.02
CA ASN K 215 40.96 -15.70 26.47
C ASN K 215 39.59 -15.47 27.11
N LYS K 216 38.78 -16.52 27.21
CA LYS K 216 37.40 -16.48 27.70
C LYS K 216 37.13 -15.46 28.79
N LYS K 217 38.00 -15.36 29.80
CA LYS K 217 37.80 -14.35 30.85
C LYS K 217 37.84 -12.94 30.25
N LEU K 218 38.91 -12.64 29.52
CA LEU K 218 39.07 -11.32 28.95
C LEU K 218 38.09 -11.11 27.79
N ARG K 219 37.74 -12.18 27.09
CA ARG K 219 36.70 -12.10 26.08
C ARG K 219 35.37 -11.69 26.69
N GLU K 220 35.01 -12.28 27.83
CA GLU K 220 33.77 -11.93 28.51
C GLU K 220 33.81 -10.51 29.03
N ARG K 221 34.96 -10.08 29.56
CA ARG K 221 35.05 -8.70 30.02
C ARG K 221 34.86 -7.72 28.87
N LYS K 222 35.52 -7.97 27.73
CA LYS K 222 35.30 -7.11 26.58
C LYS K 222 33.87 -7.18 26.08
N GLN K 223 33.19 -8.32 26.20
CA GLN K 223 31.79 -8.45 25.77
C GLN K 223 30.85 -7.72 26.68
N GLU K 224 31.15 -7.58 27.95
CA GLU K 224 30.36 -6.72 28.82
C GLU K 224 30.64 -5.24 28.55
N GLU K 225 31.92 -4.88 28.40
CA GLU K 225 32.28 -3.49 28.13
C GLU K 225 31.68 -3.02 26.81
N LEU K 226 31.73 -3.88 25.79
CA LEU K 226 31.29 -3.50 24.47
C LEU K 226 29.77 -3.42 24.39
N GLN K 227 29.08 -4.23 25.21
CA GLN K 227 27.63 -4.11 25.28
C GLN K 227 27.22 -2.83 25.99
N LEU K 228 27.84 -2.53 27.14
CA LEU K 228 27.42 -1.38 27.91
C LEU K 228 27.84 -0.07 27.23
N ASP K 229 28.93 -0.10 26.45
CA ASP K 229 29.45 1.12 25.88
C ASP K 229 28.65 1.62 24.69
N TYR K 230 28.01 0.72 23.94
CA TYR K 230 27.33 1.08 22.70
C TYR K 230 25.82 1.20 22.85
N ASN K 231 25.33 1.22 24.08
CA ASN K 231 23.93 1.51 24.32
C ASN K 231 23.78 3.00 24.55
N PRO K 232 23.09 3.73 23.67
CA PRO K 232 23.06 5.20 23.80
C PRO K 232 22.46 5.68 25.11
N SER K 233 21.64 4.87 25.76
CA SER K 233 21.15 5.24 27.09
C SER K 233 22.29 5.30 28.09
N THR K 234 23.22 4.35 28.02
CA THR K 234 24.33 4.25 28.96
C THR K 234 25.69 4.27 28.28
N GLY K 235 25.80 4.87 27.10
CA GLY K 235 27.05 4.85 26.36
C GLY K 235 27.30 6.15 25.62
N GLN K 236 28.56 6.35 25.27
CA GLN K 236 29.01 7.53 24.54
C GLN K 236 29.97 7.10 23.43
N SER K 237 29.61 6.04 22.72
CA SER K 237 30.43 5.55 21.63
C SER K 237 29.57 4.82 20.63
N SER K 238 29.92 4.92 19.35
CA SER K 238 29.16 4.29 18.29
C SER K 238 30.00 3.72 17.16
N VAL K 239 31.31 3.61 17.32
CA VAL K 239 32.20 3.17 16.24
C VAL K 239 32.99 1.97 16.72
N LEU K 240 33.19 1.00 15.83
CA LEU K 240 34.01 -0.18 16.10
C LEU K 240 35.24 -0.18 15.21
N ILE K 241 36.40 -0.44 15.80
CA ILE K 241 37.63 -0.69 15.08
C ILE K 241 38.06 -2.09 15.49
N LEU K 242 37.65 -3.09 14.72
CA LEU K 242 37.98 -4.48 15.03
C LEU K 242 39.41 -4.76 14.59
N ASP K 243 40.24 -5.19 15.53
CA ASP K 243 41.64 -5.45 15.28
C ASP K 243 41.93 -6.94 15.34
N GLY K 244 43.07 -7.32 14.76
CA GLY K 244 43.51 -8.70 14.80
C GLY K 244 42.78 -9.64 13.88
N GLY K 245 41.91 -9.13 13.00
CA GLY K 245 41.16 -9.97 12.11
C GLY K 245 39.80 -10.39 12.62
N MET K 246 39.34 -9.85 13.73
CA MET K 246 38.03 -10.19 14.24
C MET K 246 36.94 -9.67 13.30
N LYS K 247 36.05 -10.57 12.90
CA LYS K 247 35.03 -10.27 11.90
C LYS K 247 33.69 -10.08 12.60
N ALA K 248 32.79 -9.38 11.90
CA ALA K 248 31.43 -9.16 12.39
C ALA K 248 30.47 -9.83 11.42
N LYS K 249 29.81 -10.88 11.87
CA LYS K 249 28.93 -11.64 10.99
C LYS K 249 27.64 -10.87 10.78
N PRO K 250 27.24 -10.60 9.54
CA PRO K 250 25.97 -9.90 9.30
C PRO K 250 24.79 -10.83 9.53
N TYR K 251 24.48 -11.10 10.79
CA TYR K 251 23.41 -12.00 11.15
C TYR K 251 22.05 -11.34 10.91
N SER K 252 20.99 -12.13 11.08
CA SER K 252 19.62 -11.65 11.01
C SER K 252 18.76 -12.46 11.98
N GLN K 253 17.69 -11.86 12.47
CA GLN K 253 16.84 -12.49 13.47
C GLN K 253 16.12 -13.67 12.84
N ILE K 254 16.16 -14.81 13.53
CA ILE K 254 15.68 -16.06 12.93
C ILE K 254 14.16 -16.05 12.81
N SER K 255 13.47 -15.98 13.95
CA SER K 255 12.00 -16.03 13.99
C SER K 255 11.52 -14.79 14.72
N SER K 256 11.21 -13.74 13.98
CA SER K 256 10.83 -12.47 14.56
C SER K 256 9.43 -12.56 15.17
N PHE K 257 9.17 -11.64 16.11
CA PHE K 257 7.88 -11.57 16.78
C PHE K 257 6.77 -11.12 15.85
N LYS K 258 7.09 -10.43 14.75
CA LYS K 258 6.07 -9.99 13.82
C LYS K 258 5.36 -11.15 13.15
N ASP K 259 6.00 -12.32 13.09
CA ASP K 259 5.36 -13.49 12.50
C ASP K 259 4.13 -13.90 13.30
N LEU K 260 4.22 -13.84 14.64
CA LEU K 260 3.13 -14.27 15.51
C LEU K 260 2.04 -13.20 15.49
N ASP K 261 1.25 -13.21 14.42
CA ASP K 261 0.10 -12.30 14.29
C ASP K 261 -1.12 -12.99 14.86
N PHE K 262 -1.15 -13.10 16.18
CA PHE K 262 -2.22 -13.80 16.89
C PHE K 262 -3.45 -12.94 17.12
N LYS K 263 -3.38 -11.63 16.84
CA LYS K 263 -4.47 -10.75 17.23
C LYS K 263 -5.78 -11.13 16.57
N GLU K 264 -5.75 -11.43 15.28
CA GLU K 264 -6.98 -11.78 14.59
C GLU K 264 -7.55 -13.10 15.11
N ASP K 265 -6.67 -14.07 15.39
CA ASP K 265 -7.12 -15.32 15.99
C ASP K 265 -7.73 -15.10 17.37
N ILE K 266 -7.10 -14.25 18.19
CA ILE K 266 -7.60 -14.01 19.53
C ILE K 266 -8.93 -13.27 19.47
N GLU K 267 -9.09 -12.34 18.52
CA GLU K 267 -10.39 -11.69 18.34
C GLU K 267 -11.45 -12.69 17.89
N GLY K 268 -11.08 -13.61 17.00
CA GLY K 268 -11.99 -14.66 16.61
C GLY K 268 -12.41 -15.52 17.79
N PHE K 269 -11.48 -15.82 18.68
CA PHE K 269 -11.82 -16.62 19.85
C PHE K 269 -12.63 -15.82 20.88
N ASN K 270 -12.44 -14.51 20.94
CA ASN K 270 -13.28 -13.69 21.82
C ASN K 270 -14.71 -13.66 21.31
N LYS K 271 -14.89 -13.48 19.99
CA LYS K 271 -16.22 -13.59 19.41
C LYS K 271 -16.77 -15.00 19.57
N SER K 272 -15.88 -16.00 19.56
CA SER K 272 -16.24 -17.36 19.91
C SER K 272 -16.87 -17.45 21.29
N ILE K 273 -16.20 -16.89 22.30
CA ILE K 273 -16.70 -16.97 23.66
C ILE K 273 -18.02 -16.22 23.79
N CYS K 274 -18.10 -15.03 23.21
CA CYS K 274 -19.28 -14.20 23.41
C CYS K 274 -20.48 -14.71 22.61
N LEU K 275 -20.24 -15.38 21.50
CA LEU K 275 -21.33 -15.80 20.62
C LEU K 275 -22.22 -16.84 21.29
N ALA K 276 -21.62 -17.80 21.99
CA ALA K 276 -22.38 -18.91 22.57
C ALA K 276 -23.34 -18.40 23.65
N PHE K 277 -22.89 -17.45 24.47
CA PHE K 277 -23.75 -16.95 25.53
C PHE K 277 -24.85 -16.06 24.98
N GLY K 278 -24.58 -15.39 23.86
CA GLY K 278 -25.61 -14.60 23.21
C GLY K 278 -25.42 -13.11 23.36
N VAL K 279 -24.55 -12.69 24.26
CA VAL K 279 -24.35 -11.26 24.48
C VAL K 279 -23.74 -10.63 23.24
N PRO K 280 -24.30 -9.54 22.71
CA PRO K 280 -23.69 -8.89 21.56
C PRO K 280 -22.35 -8.27 21.92
N GLN K 281 -21.46 -8.23 20.93
CA GLN K 281 -20.12 -7.70 21.17
C GLN K 281 -20.13 -6.21 21.48
N VAL K 282 -21.17 -5.49 21.07
CA VAL K 282 -21.23 -4.05 21.33
C VAL K 282 -21.42 -3.78 22.82
N LEU K 283 -22.12 -4.67 23.52
CA LEU K 283 -22.34 -4.48 24.95
C LEU K 283 -21.02 -4.43 25.71
N LEU K 284 -20.07 -5.30 25.35
CA LEU K 284 -18.77 -5.26 25.98
C LEU K 284 -18.01 -3.99 25.66
N ASP K 285 -18.09 -3.54 24.40
CA ASP K 285 -17.37 -2.35 23.96
C ASP K 285 -18.24 -1.12 24.19
N GLY K 286 -17.87 0.00 23.59
CA GLY K 286 -18.66 1.21 23.61
C GLY K 286 -19.40 1.39 22.30
N GLY K 287 -20.62 1.94 22.38
CA GLY K 287 -21.45 2.14 21.22
C GLY K 287 -21.99 3.56 21.16
N ASN K 288 -22.52 3.90 19.99
CA ASN K 288 -23.08 5.22 19.75
C ASN K 288 -24.49 5.31 20.33
N ASN K 289 -25.19 6.39 19.98
CA ASN K 289 -26.62 6.47 20.27
C ASN K 289 -27.37 5.33 19.59
N ALA K 290 -26.93 4.95 18.39
CA ALA K 290 -27.63 3.94 17.61
C ALA K 290 -27.23 2.51 17.96
N ASN K 291 -26.31 2.33 18.91
CA ASN K 291 -25.80 1.00 19.23
C ASN K 291 -26.24 0.50 20.60
N ILE K 292 -26.26 1.37 21.61
CA ILE K 292 -26.35 0.90 22.99
C ILE K 292 -27.73 0.33 23.29
N ARG K 293 -28.78 1.12 23.07
CA ARG K 293 -30.10 0.64 23.48
C ARG K 293 -30.62 -0.47 22.58
N PRO K 294 -30.47 -0.38 21.25
CA PRO K 294 -30.85 -1.54 20.42
C PRO K 294 -30.12 -2.82 20.78
N ASN K 295 -28.82 -2.73 21.10
CA ASN K 295 -28.07 -3.94 21.40
C ASN K 295 -28.45 -4.50 22.77
N ILE K 296 -28.72 -3.63 23.75
CA ILE K 296 -29.22 -4.10 25.03
C ILE K 296 -30.59 -4.74 24.86
N GLU K 297 -31.42 -4.17 23.99
CA GLU K 297 -32.73 -4.77 23.72
C GLU K 297 -32.57 -6.15 23.10
N LEU K 298 -31.66 -6.29 22.12
CA LEU K 298 -31.40 -7.62 21.57
C LEU K 298 -30.93 -8.56 22.66
N PHE K 299 -29.97 -8.14 23.47
CA PHE K 299 -29.44 -9.03 24.50
C PHE K 299 -30.58 -9.52 25.39
N TYR K 300 -31.21 -8.61 26.13
CA TYR K 300 -32.33 -9.00 26.98
C TYR K 300 -33.34 -9.87 26.23
N TYR K 301 -33.99 -9.32 25.21
CA TYR K 301 -35.06 -10.07 24.57
C TYR K 301 -34.55 -11.41 24.06
N MET K 302 -33.72 -11.38 23.01
CA MET K 302 -33.40 -12.61 22.28
C MET K 302 -32.68 -13.63 23.14
N THR K 303 -31.72 -13.20 23.96
CA THR K 303 -30.98 -14.18 24.75
C THR K 303 -31.71 -14.52 26.05
N ILE K 304 -31.94 -13.51 26.90
CA ILE K 304 -32.42 -13.78 28.24
C ILE K 304 -33.86 -14.25 28.22
N ILE K 305 -34.74 -13.57 27.47
CA ILE K 305 -36.16 -13.78 27.70
C ILE K 305 -36.61 -15.17 27.26
N PRO K 306 -36.00 -15.81 26.25
CA PRO K 306 -36.22 -17.26 26.13
C PRO K 306 -35.70 -18.05 27.31
N MET K 307 -34.55 -17.66 27.87
CA MET K 307 -34.00 -18.39 29.01
C MET K 307 -34.91 -18.29 30.22
N LEU K 308 -35.47 -17.11 30.49
CA LEU K 308 -36.44 -16.99 31.56
C LEU K 308 -37.81 -17.48 31.13
N ASN K 309 -38.06 -17.58 29.83
CA ASN K 309 -39.33 -18.12 29.36
C ASN K 309 -39.42 -19.61 29.62
N LYS K 310 -38.28 -20.31 29.53
CA LYS K 310 -38.26 -21.71 29.95
C LYS K 310 -38.68 -21.84 31.41
N LEU K 311 -38.10 -20.99 32.27
CA LEU K 311 -38.43 -21.02 33.69
C LEU K 311 -39.89 -20.68 33.94
N THR K 312 -40.40 -19.66 33.28
CA THR K 312 -41.78 -19.25 33.51
C THR K 312 -42.77 -20.26 32.95
N SER K 313 -42.44 -20.90 31.84
CA SER K 313 -43.29 -21.97 31.33
C SER K 313 -43.32 -23.14 32.29
N SER K 314 -42.18 -23.50 32.85
CA SER K 314 -42.17 -24.56 33.86
C SER K 314 -42.99 -24.15 35.07
N LEU K 315 -42.91 -22.88 35.46
CA LEU K 315 -43.71 -22.39 36.59
C LEU K 315 -45.20 -22.46 36.29
N THR K 316 -45.63 -22.05 35.09
CA THR K 316 -47.04 -22.08 34.77
C THR K 316 -47.54 -23.52 34.63
N PHE K 317 -46.66 -24.44 34.20
CA PHE K 317 -46.98 -25.85 34.28
C PHE K 317 -47.18 -26.31 35.72
N PHE K 318 -46.30 -25.88 36.62
CA PHE K 318 -46.31 -26.40 37.99
C PHE K 318 -47.49 -25.84 38.78
N PHE K 319 -47.73 -24.53 38.69
CA PHE K 319 -48.72 -23.87 39.52
C PHE K 319 -50.03 -23.60 38.80
N GLY K 320 -50.03 -23.59 37.47
CA GLY K 320 -51.22 -23.30 36.71
C GLY K 320 -51.51 -21.83 36.52
N TYR K 321 -50.69 -20.95 37.06
CA TYR K 321 -50.88 -19.50 36.95
C TYR K 321 -49.99 -18.97 35.83
N LYS K 322 -50.57 -18.17 34.95
CA LYS K 322 -49.82 -17.60 33.85
C LYS K 322 -48.70 -16.71 34.36
N ILE K 323 -47.46 -17.16 34.22
CA ILE K 323 -46.29 -16.44 34.68
C ILE K 323 -45.45 -16.11 33.46
N THR K 324 -45.10 -14.83 33.31
CA THR K 324 -44.30 -14.39 32.19
C THR K 324 -43.16 -13.51 32.67
N PRO K 325 -42.02 -13.52 31.99
CA PRO K 325 -40.96 -12.57 32.35
C PRO K 325 -41.36 -11.16 31.94
N ASN K 326 -41.72 -10.36 32.93
CA ASN K 326 -42.18 -9.00 32.71
C ASN K 326 -41.17 -8.07 33.36
N THR K 327 -40.31 -7.46 32.56
CA THR K 327 -39.24 -6.70 33.16
C THR K 327 -39.74 -5.35 33.64
N LYS K 328 -40.01 -4.43 32.71
CA LYS K 328 -40.73 -3.19 32.96
C LYS K 328 -40.04 -2.34 34.02
N GLU K 329 -38.99 -2.88 34.63
CA GLU K 329 -38.32 -2.25 35.76
C GLU K 329 -36.81 -2.37 35.70
N VAL K 330 -36.26 -3.23 34.85
CA VAL K 330 -34.81 -3.38 34.75
C VAL K 330 -34.22 -2.07 34.26
N ALA K 331 -33.08 -1.69 34.84
CA ALA K 331 -32.52 -0.38 34.56
C ALA K 331 -32.02 -0.26 33.12
N ALA K 332 -31.62 -1.38 32.51
CA ALA K 332 -31.05 -1.32 31.17
C ALA K 332 -32.10 -1.25 30.08
N LEU K 333 -33.38 -1.47 30.40
CA LEU K 333 -34.45 -1.40 29.43
C LEU K 333 -35.49 -0.34 29.78
N THR K 334 -35.08 0.67 30.53
CA THR K 334 -36.00 1.77 30.83
C THR K 334 -36.35 2.50 29.53
N PRO K 335 -37.62 2.64 29.21
CA PRO K 335 -37.99 3.24 27.92
C PRO K 335 -37.55 4.70 27.84
N ASP K 336 -37.30 5.14 26.61
CA ASP K 336 -36.95 6.54 26.39
C ASP K 336 -38.07 7.43 26.92
N LYS K 337 -37.70 8.37 27.79
CA LYS K 337 -38.70 9.14 28.51
C LYS K 337 -39.57 9.97 27.56
N GLU K 338 -38.93 10.60 26.56
CA GLU K 338 -39.69 11.44 25.63
C GLU K 338 -40.65 10.62 24.78
N ALA K 339 -40.14 9.55 24.15
CA ALA K 339 -40.99 8.73 23.29
C ALA K 339 -42.09 8.02 24.09
N GLU K 340 -41.74 7.50 25.27
CA GLU K 340 -42.74 6.86 26.11
C GLU K 340 -43.82 7.84 26.51
N ALA K 341 -43.41 9.04 26.94
CA ALA K 341 -44.38 10.08 27.26
C ALA K 341 -45.26 10.38 26.08
N LYS K 342 -44.69 10.52 24.88
CA LYS K 342 -45.47 10.88 23.72
C LYS K 342 -46.53 9.84 23.40
N HIS K 343 -46.14 8.55 23.40
CA HIS K 343 -47.13 7.56 23.00
C HIS K 343 -48.19 7.37 24.08
N LEU K 344 -47.78 7.42 25.36
CA LEU K 344 -48.76 7.29 26.43
C LEU K 344 -49.76 8.45 26.41
N THR K 345 -49.27 9.68 26.23
CA THR K 345 -50.18 10.82 26.17
C THR K 345 -51.09 10.74 24.95
N SER K 346 -50.57 10.31 23.80
CA SER K 346 -51.43 10.20 22.63
C SER K 346 -52.52 9.16 22.86
N LEU K 347 -52.16 8.01 23.45
CA LEU K 347 -53.16 6.98 23.73
C LEU K 347 -54.21 7.48 24.71
N VAL K 348 -53.79 8.20 25.75
CA VAL K 348 -54.74 8.70 26.74
C VAL K 348 -55.67 9.73 26.12
N ASN K 349 -55.11 10.67 25.34
CA ASN K 349 -55.92 11.72 24.74
C ASN K 349 -56.93 11.14 23.75
N ASN K 350 -56.50 10.19 22.93
CA ASN K 350 -57.38 9.64 21.91
C ASN K 350 -58.26 8.50 22.43
N GLY K 351 -58.23 8.23 23.73
CA GLY K 351 -59.23 7.39 24.36
C GLY K 351 -59.06 5.90 24.17
N ILE K 352 -57.91 5.43 23.67
CA ILE K 352 -57.72 3.99 23.54
C ILE K 352 -57.55 3.35 24.92
N ILE K 353 -56.75 3.95 25.79
CA ILE K 353 -56.49 3.41 27.11
C ILE K 353 -56.80 4.47 28.16
N THR K 354 -57.06 4.02 29.38
CA THR K 354 -57.36 4.91 30.49
C THR K 354 -56.07 5.51 31.06
N GLY K 355 -56.22 6.58 31.83
CA GLY K 355 -55.06 7.18 32.47
C GLY K 355 -54.44 6.28 33.53
N ASN K 356 -55.28 5.55 34.27
CA ASN K 356 -54.77 4.68 35.33
C ASN K 356 -53.86 3.61 34.77
N GLU K 357 -54.23 3.01 33.65
CA GLU K 357 -53.37 1.99 33.07
C GLU K 357 -52.13 2.61 32.42
N ALA K 358 -52.23 3.89 32.03
CA ALA K 358 -51.02 4.60 31.63
C ALA K 358 -50.06 4.74 32.80
N ARG K 359 -50.56 5.07 33.98
CA ARG K 359 -49.71 5.08 35.17
C ARG K 359 -49.15 3.70 35.45
N SER K 360 -49.97 2.65 35.28
CA SER K 360 -49.49 1.29 35.49
C SER K 360 -48.34 0.96 34.56
N GLU K 361 -48.43 1.37 33.29
CA GLU K 361 -47.33 1.20 32.36
C GLU K 361 -46.17 2.13 32.68
N LEU K 362 -46.40 3.16 33.49
CA LEU K 362 -45.35 4.07 33.94
C LEU K 362 -44.69 3.61 35.23
N ASN K 363 -45.10 2.47 35.78
CA ASN K 363 -44.59 1.91 37.04
C ASN K 363 -44.98 2.75 38.25
N LEU K 364 -46.05 3.52 38.18
CA LEU K 364 -46.55 4.26 39.32
C LEU K 364 -47.75 3.53 39.94
N GLU K 365 -48.34 4.12 40.98
CA GLU K 365 -49.50 3.56 41.64
C GLU K 365 -50.78 4.21 41.13
N PRO K 366 -51.70 3.44 40.56
CA PRO K 366 -52.98 4.00 40.14
C PRO K 366 -53.70 4.66 41.31
N LEU K 367 -54.34 5.79 41.04
CA LEU K 367 -55.02 6.57 42.07
C LEU K 367 -56.52 6.47 41.86
N ASP K 368 -57.25 6.39 42.98
CA ASP K 368 -58.70 6.16 42.96
C ASP K 368 -59.43 7.48 42.71
N ASP K 369 -59.71 7.73 41.43
CA ASP K 369 -60.49 8.88 41.00
C ASP K 369 -61.65 8.42 40.14
N GLU K 370 -62.70 9.24 40.09
CA GLU K 370 -63.88 8.95 39.30
C GLU K 370 -63.70 9.28 37.83
N GLN K 371 -63.17 10.48 37.52
CA GLN K 371 -62.99 10.90 36.14
C GLN K 371 -61.88 10.14 35.43
N MET K 372 -60.85 9.72 36.16
CA MET K 372 -59.71 9.07 35.54
C MET K 372 -59.92 7.59 35.30
N ASN K 373 -60.82 6.95 36.06
CA ASN K 373 -61.09 5.53 35.92
C ASN K 373 -61.84 5.19 34.63
N LYS K 374 -62.33 6.20 33.91
CA LYS K 374 -63.05 5.98 32.67
C LYS K 374 -62.34 6.70 31.53
N ILE K 375 -62.51 6.17 30.32
CA ILE K 375 -61.85 6.72 29.14
C ILE K 375 -62.40 8.12 28.87
N ARG K 376 -61.51 9.03 28.45
CA ARG K 376 -61.90 10.43 28.34
C ARG K 376 -62.91 10.66 27.22
N ILE K 377 -62.88 9.84 26.17
CA ILE K 377 -63.81 9.96 25.04
C ILE K 377 -63.74 11.37 24.48
N PRO K 378 -62.68 11.73 23.74
CA PRO K 378 -62.54 13.12 23.28
C PRO K 378 -63.73 13.63 22.50
N ALA K 379 -64.34 12.79 21.65
CA ALA K 379 -65.53 13.12 20.89
C ALA K 379 -65.25 14.38 20.07
N ASN K 380 -65.81 15.54 20.41
CA ASN K 380 -65.55 16.78 19.70
C ASN K 380 -64.06 17.13 19.72
N LEU L 11 -60.06 -39.97 -5.43
CA LEU L 11 -58.82 -40.64 -5.09
C LEU L 11 -57.86 -40.64 -6.27
N ASN L 12 -56.59 -40.44 -6.00
CA ASN L 12 -55.58 -40.38 -7.05
C ASN L 12 -55.37 -41.77 -7.64
N PRO L 13 -55.60 -41.96 -8.95
CA PRO L 13 -55.39 -43.28 -9.55
C PRO L 13 -53.93 -43.62 -9.79
N GLY L 14 -53.01 -42.73 -9.47
CA GLY L 14 -51.60 -43.00 -9.65
C GLY L 14 -50.84 -43.15 -8.34
N GLN L 15 -51.58 -43.32 -7.24
CA GLN L 15 -50.94 -43.40 -5.94
C GLN L 15 -50.20 -44.72 -5.76
N ARG L 16 -50.60 -45.78 -6.46
CA ARG L 16 -49.93 -47.06 -6.31
C ARG L 16 -48.48 -46.98 -6.78
N ILE L 17 -48.22 -46.27 -7.87
CA ILE L 17 -46.84 -46.10 -8.32
C ILE L 17 -46.08 -45.18 -7.37
N ILE L 18 -46.77 -44.21 -6.75
CA ILE L 18 -46.12 -43.39 -5.74
C ILE L 18 -45.65 -44.25 -4.59
N ARG L 19 -46.50 -45.17 -4.14
CA ARG L 19 -46.09 -46.10 -3.09
C ARG L 19 -44.95 -47.00 -3.56
N ASP L 20 -45.02 -47.49 -4.80
CA ASP L 20 -44.00 -48.40 -5.29
C ASP L 20 -42.64 -47.72 -5.42
N MET L 21 -42.62 -46.43 -5.74
CA MET L 21 -41.35 -45.73 -5.90
C MET L 21 -40.75 -45.31 -4.56
N GLU L 22 -41.57 -45.30 -3.50
CA GLU L 22 -41.08 -44.96 -2.17
C GLU L 22 -42.07 -45.48 -1.13
N PRO L 23 -41.98 -46.75 -0.75
CA PRO L 23 -43.00 -47.34 0.12
C PRO L 23 -42.95 -46.84 1.56
N VAL L 24 -41.75 -46.61 2.06
CA VAL L 24 -41.56 -46.19 3.45
C VAL L 24 -40.65 -44.97 3.48
N SER L 25 -40.81 -44.17 4.53
CA SER L 25 -39.92 -43.05 4.76
C SER L 25 -38.56 -43.56 5.22
N HIS L 26 -37.54 -42.74 5.00
CA HIS L 26 -36.17 -43.07 5.36
C HIS L 26 -35.54 -41.91 6.10
N ARG L 27 -34.78 -42.22 7.14
CA ARG L 27 -34.16 -41.20 7.97
C ARG L 27 -33.19 -40.38 7.15
N THR L 28 -33.25 -39.06 7.31
CA THR L 28 -32.45 -38.15 6.50
C THR L 28 -31.25 -37.57 7.24
N ASN L 29 -31.28 -37.52 8.57
CA ASN L 29 -30.10 -37.15 9.34
C ASN L 29 -29.17 -38.36 9.30
N ARG L 30 -28.37 -38.42 8.23
CA ARG L 30 -27.67 -39.66 7.89
C ARG L 30 -26.70 -40.07 8.99
N LYS L 31 -25.97 -39.11 9.56
CA LYS L 31 -25.05 -39.38 10.67
C LYS L 31 -25.52 -38.64 11.92
N PRO L 32 -26.19 -39.33 12.85
CA PRO L 32 -26.73 -38.64 14.03
C PRO L 32 -25.68 -38.28 15.06
N PHE L 33 -24.74 -39.20 15.32
CA PHE L 33 -23.80 -38.99 16.42
C PHE L 33 -22.89 -37.80 16.15
N THR L 34 -22.42 -37.64 14.91
CA THR L 34 -21.57 -36.49 14.61
C THR L 34 -22.33 -35.19 14.80
N THR L 35 -23.59 -35.15 14.38
CA THR L 35 -24.40 -33.95 14.60
C THR L 35 -24.57 -33.66 16.09
N GLY L 36 -24.85 -34.69 16.88
CA GLY L 36 -25.01 -34.48 18.31
C GLY L 36 -23.74 -33.99 18.98
N GLN L 37 -22.60 -34.58 18.60
CA GLN L 37 -21.33 -34.15 19.18
C GLN L 37 -20.99 -32.73 18.77
N ALA L 38 -21.26 -32.37 17.52
CA ALA L 38 -21.02 -31.00 17.08
C ALA L 38 -21.91 -30.02 17.84
N TYR L 39 -23.19 -30.36 18.02
CA TYR L 39 -24.07 -29.48 18.76
C TYR L 39 -23.63 -29.34 20.21
N SER L 40 -23.13 -30.42 20.81
CA SER L 40 -22.77 -30.39 22.22
C SER L 40 -21.37 -29.84 22.44
N LYS L 41 -20.58 -29.69 21.38
CA LYS L 41 -19.17 -29.34 21.54
C LYS L 41 -18.76 -28.14 20.68
N ILE L 42 -19.49 -27.83 19.62
CA ILE L 42 -19.16 -26.71 18.75
C ILE L 42 -20.12 -25.56 19.06
N GLU L 43 -19.57 -24.36 19.20
CA GLU L 43 -20.34 -23.22 19.70
C GLU L 43 -21.32 -22.69 18.67
N ILE L 44 -20.93 -22.61 17.40
CA ILE L 44 -21.74 -21.90 16.41
C ILE L 44 -23.01 -22.69 16.11
N LEU L 45 -22.88 -24.00 15.95
CA LEU L 45 -24.07 -24.85 15.79
C LEU L 45 -24.95 -24.75 17.02
N ASN L 46 -24.35 -24.80 18.21
CA ASN L 46 -25.11 -24.70 19.44
C ASN L 46 -25.94 -23.43 19.47
N ARG L 47 -25.30 -22.28 19.23
CA ARG L 47 -26.00 -21.01 19.36
C ARG L 47 -27.03 -20.83 18.25
N THR L 48 -26.71 -21.19 17.01
CA THR L 48 -27.68 -21.01 15.94
C THR L 48 -28.88 -21.92 16.13
N ALA L 49 -28.66 -23.19 16.48
CA ALA L 49 -29.78 -24.10 16.72
C ALA L 49 -30.61 -23.65 17.90
N ASN L 50 -29.96 -23.20 18.98
CA ASN L 50 -30.71 -22.72 20.13
C ASN L 50 -31.51 -21.48 19.78
N MET L 51 -30.92 -20.57 18.99
CA MET L 51 -31.65 -19.40 18.54
C MET L 51 -32.92 -19.80 17.80
N VAL L 52 -32.79 -20.67 16.79
CA VAL L 52 -33.93 -21.03 15.98
C VAL L 52 -35.00 -21.73 16.82
N ILE L 53 -34.58 -22.69 17.65
CA ILE L 53 -35.54 -23.47 18.42
C ILE L 53 -36.24 -22.60 19.46
N ASP L 54 -35.48 -21.83 20.23
CA ASP L 54 -36.08 -20.99 21.27
C ASP L 54 -36.98 -19.93 20.65
N SER L 55 -36.57 -19.34 19.54
CA SER L 55 -37.37 -18.35 18.85
C SER L 55 -38.62 -18.96 18.23
N ALA L 56 -38.60 -20.25 17.90
CA ALA L 56 -39.78 -20.94 17.44
C ALA L 56 -40.61 -21.50 18.58
N ALA L 57 -40.19 -21.28 19.82
CA ALA L 57 -40.94 -21.69 21.00
C ALA L 57 -41.64 -20.53 21.70
N GLU L 58 -41.42 -19.30 21.25
CA GLU L 58 -42.04 -18.13 21.86
C GLU L 58 -43.32 -17.72 21.17
N CYS L 59 -43.52 -18.10 19.91
CA CYS L 59 -44.68 -17.64 19.17
C CYS L 59 -45.93 -18.36 19.64
N SER L 60 -46.91 -17.59 20.12
CA SER L 60 -48.17 -18.17 20.53
C SER L 60 -49.01 -18.53 19.31
N TYR L 61 -49.99 -19.39 19.53
CA TYR L 61 -50.86 -19.88 18.46
C TYR L 61 -52.28 -19.39 18.70
N THR L 62 -52.86 -18.75 17.69
CA THR L 62 -54.23 -18.26 17.75
C THR L 62 -55.11 -19.07 16.82
N VAL L 63 -56.14 -19.70 17.38
CA VAL L 63 -57.07 -20.52 16.61
C VAL L 63 -58.15 -19.59 16.04
N GLY L 64 -58.54 -19.86 14.80
CA GLY L 64 -59.51 -19.02 14.13
C GLY L 64 -60.91 -19.62 14.11
N ASP L 65 -61.53 -19.60 12.93
CA ASP L 65 -62.88 -20.13 12.77
C ASP L 65 -62.84 -21.64 12.56
N LYS L 66 -64.01 -22.24 12.45
CA LYS L 66 -64.15 -23.67 12.20
C LYS L 66 -64.47 -23.90 10.73
N TYR L 67 -63.67 -24.73 10.08
CA TYR L 67 -63.91 -25.12 8.70
C TYR L 67 -64.87 -26.30 8.68
N ASN L 68 -65.97 -26.15 7.93
CA ASN L 68 -67.00 -27.19 7.86
C ASN L 68 -66.51 -28.33 6.97
N ILE L 69 -65.49 -29.03 7.49
CA ILE L 69 -64.85 -30.13 6.78
C ILE L 69 -64.68 -31.31 7.74
N VAL L 70 -64.49 -32.48 7.17
CA VAL L 70 -64.30 -33.71 7.94
C VAL L 70 -62.80 -33.89 8.15
N THR L 71 -62.35 -33.72 9.40
CA THR L 71 -60.95 -33.84 9.74
C THR L 71 -60.71 -35.06 10.62
N TYR L 72 -59.44 -35.35 10.84
CA TYR L 72 -59.07 -36.53 11.63
C TYR L 72 -59.54 -36.41 13.07
N ALA L 73 -59.41 -35.23 13.65
CA ALA L 73 -59.86 -34.97 15.01
C ALA L 73 -61.14 -34.14 14.95
N ASN L 74 -62.24 -34.71 15.42
CA ASN L 74 -63.53 -34.04 15.40
C ASN L 74 -64.14 -34.07 16.80
N GLY L 75 -64.95 -33.06 17.09
CA GLY L 75 -65.55 -32.91 18.40
C GLY L 75 -64.72 -32.16 19.41
N VAL L 76 -63.59 -31.60 19.00
CA VAL L 76 -62.74 -30.83 19.91
C VAL L 76 -63.20 -29.39 19.92
N LYS L 77 -63.40 -28.85 21.11
CA LYS L 77 -63.87 -27.47 21.25
C LYS L 77 -62.73 -26.51 21.01
N THR L 78 -63.09 -25.29 20.60
CA THR L 78 -62.08 -24.27 20.29
C THR L 78 -61.25 -23.93 21.52
N LYS L 79 -61.89 -23.72 22.66
CA LYS L 79 -61.16 -23.33 23.86
C LYS L 79 -60.27 -24.46 24.35
N THR L 80 -60.73 -25.70 24.27
CA THR L 80 -59.89 -26.83 24.69
C THR L 80 -58.65 -26.94 23.81
N LEU L 81 -58.82 -26.78 22.49
CA LEU L 81 -57.67 -26.80 21.59
C LEU L 81 -56.71 -25.67 21.91
N ASP L 82 -57.24 -24.46 22.15
CA ASP L 82 -56.38 -23.33 22.48
C ASP L 82 -55.61 -23.59 23.76
N THR L 83 -56.27 -24.15 24.78
CA THR L 83 -55.60 -24.44 26.04
C THR L 83 -54.51 -25.47 25.86
N LEU L 84 -54.80 -26.57 25.18
CA LEU L 84 -53.79 -27.62 25.03
C LEU L 84 -52.67 -27.18 24.09
N LEU L 85 -52.93 -26.16 23.26
CA LEU L 85 -51.92 -25.73 22.30
C LEU L 85 -51.08 -24.56 22.80
N ASN L 86 -51.55 -23.81 23.80
CA ASN L 86 -50.81 -22.66 24.30
C ASN L 86 -50.45 -22.71 25.77
N VAL L 87 -51.00 -23.65 26.54
CA VAL L 87 -50.79 -23.71 27.99
C VAL L 87 -50.19 -25.05 28.40
N ARG L 88 -50.86 -26.15 28.08
CA ARG L 88 -50.41 -27.45 28.55
C ARG L 88 -50.86 -28.55 27.59
N PRO L 89 -49.99 -29.01 26.69
CA PRO L 89 -50.38 -30.09 25.77
C PRO L 89 -50.61 -31.38 26.52
N ASN L 90 -49.67 -31.73 27.27
CA ASN L 90 -49.54 -32.89 28.11
C ASN L 90 -50.14 -32.61 29.48
N PRO L 91 -50.83 -33.58 30.08
CA PRO L 91 -51.01 -33.54 31.54
C PRO L 91 -49.72 -33.71 32.29
N PHE L 92 -48.60 -33.93 31.58
CA PHE L 92 -47.35 -34.41 32.15
C PHE L 92 -46.16 -33.51 31.87
N MET L 93 -46.17 -32.73 30.79
CA MET L 93 -45.00 -31.99 30.33
C MET L 93 -45.40 -30.59 29.90
N ASP L 94 -44.41 -29.69 29.94
CA ASP L 94 -44.57 -28.26 29.77
C ASP L 94 -44.99 -27.92 28.35
N ILE L 95 -45.54 -26.70 28.18
CA ILE L 95 -45.78 -26.16 26.84
C ILE L 95 -44.47 -25.87 26.13
N SER L 96 -43.52 -25.22 26.80
CA SER L 96 -42.29 -24.83 26.13
C SER L 96 -41.40 -26.02 25.86
N THR L 97 -41.37 -27.00 26.78
CA THR L 97 -40.61 -28.21 26.53
C THR L 97 -41.16 -28.96 25.32
N PHE L 98 -42.48 -29.08 25.22
CA PHE L 98 -43.08 -29.78 24.09
C PHE L 98 -42.80 -29.04 22.79
N ARG L 99 -42.94 -27.71 22.80
CA ARG L 99 -42.71 -26.94 21.59
C ARG L 99 -41.26 -27.02 21.15
N ARG L 100 -40.34 -26.99 22.12
CA ARG L 100 -38.92 -27.10 21.81
C ARG L 100 -38.59 -28.48 21.25
N LEU L 101 -39.19 -29.53 21.82
CA LEU L 101 -39.00 -30.87 21.27
C LEU L 101 -39.49 -30.95 19.83
N VAL L 102 -40.67 -30.39 19.55
CA VAL L 102 -41.19 -30.45 18.19
C VAL L 102 -40.29 -29.69 17.22
N VAL L 103 -39.84 -28.49 17.61
CA VAL L 103 -39.01 -27.70 16.71
C VAL L 103 -37.64 -28.36 16.53
N THR L 104 -37.10 -28.96 17.59
CA THR L 104 -35.83 -29.68 17.47
C THR L 104 -35.96 -30.88 16.54
N ASP L 105 -37.07 -31.61 16.63
CA ASP L 105 -37.29 -32.71 15.68
C ASP L 105 -37.42 -32.18 14.27
N LEU L 106 -38.10 -31.04 14.09
CA LEU L 106 -38.26 -30.47 12.76
C LEU L 106 -36.93 -30.00 12.19
N LEU L 107 -36.00 -29.58 13.05
CA LEU L 107 -34.73 -29.05 12.58
C LEU L 107 -33.71 -30.16 12.34
N PHE L 108 -33.37 -30.91 13.39
CA PHE L 108 -32.31 -31.91 13.27
C PHE L 108 -32.75 -33.10 12.44
N GLU L 109 -34.04 -33.42 12.45
CA GLU L 109 -34.61 -34.41 11.55
C GLU L 109 -35.46 -33.72 10.50
N GLY L 110 -35.65 -34.39 9.37
CA GLY L 110 -36.41 -33.79 8.28
C GLY L 110 -37.85 -33.53 8.66
N CYS L 111 -38.41 -34.35 9.54
CA CYS L 111 -39.80 -34.27 9.92
C CYS L 111 -39.92 -34.16 11.44
N ALA L 112 -41.12 -33.84 11.90
CA ALA L 112 -41.44 -33.79 13.31
C ALA L 112 -42.82 -34.36 13.52
N TYR L 113 -42.98 -35.15 14.58
CA TYR L 113 -44.20 -35.91 14.79
C TYR L 113 -44.83 -35.50 16.11
N ILE L 114 -46.16 -35.38 16.11
CA ILE L 114 -46.91 -35.02 17.30
C ILE L 114 -48.06 -36.00 17.45
N TYR L 115 -48.19 -36.59 18.63
CA TYR L 115 -49.28 -37.52 18.90
C TYR L 115 -50.54 -36.78 19.31
N TRP L 116 -51.66 -37.50 19.35
CA TRP L 116 -52.96 -36.94 19.73
C TRP L 116 -53.84 -38.04 20.30
N ASP L 117 -54.06 -38.02 21.62
CA ASP L 117 -55.05 -38.86 22.25
C ASP L 117 -56.44 -38.26 22.02
N GLY L 118 -57.45 -38.82 22.69
CA GLY L 118 -58.79 -38.27 22.57
C GLY L 118 -58.89 -36.86 23.12
N THR L 119 -58.18 -36.58 24.21
CA THR L 119 -58.24 -35.29 24.87
C THR L 119 -56.90 -34.60 25.06
N SER L 120 -55.79 -35.32 25.02
CA SER L 120 -54.49 -34.77 25.35
C SER L 120 -53.53 -34.98 24.19
N LEU L 121 -52.69 -33.97 23.96
CA LEU L 121 -51.80 -33.92 22.81
C LEU L 121 -50.36 -34.18 23.26
N TYR L 122 -49.82 -35.32 22.88
CA TYR L 122 -48.50 -35.76 23.35
C TYR L 122 -47.47 -35.57 22.24
N HIS L 123 -46.20 -35.62 22.60
CA HIS L 123 -45.12 -35.56 21.62
C HIS L 123 -44.45 -36.92 21.44
N VAL L 124 -44.04 -37.20 20.21
CA VAL L 124 -43.26 -38.40 19.90
C VAL L 124 -42.06 -37.99 19.06
N PRO L 125 -40.85 -38.44 19.39
CA PRO L 125 -39.67 -38.05 18.62
C PRO L 125 -39.72 -38.58 17.20
N ALA L 126 -39.17 -37.81 16.27
CA ALA L 126 -39.09 -38.19 14.88
C ALA L 126 -37.82 -38.96 14.55
N ALA L 127 -36.93 -39.15 15.53
CA ALA L 127 -35.69 -39.88 15.28
C ALA L 127 -35.93 -41.37 15.10
N LEU L 128 -37.05 -41.90 15.57
CA LEU L 128 -37.33 -43.31 15.51
C LEU L 128 -38.50 -43.68 14.60
N MET L 129 -39.48 -42.79 14.44
CA MET L 129 -40.64 -43.13 13.62
C MET L 129 -40.30 -43.19 12.15
N GLN L 130 -41.01 -44.07 11.45
CA GLN L 130 -40.86 -44.24 10.00
C GLN L 130 -42.25 -44.31 9.42
N VAL L 131 -42.48 -43.59 8.33
CA VAL L 131 -43.81 -43.52 7.74
C VAL L 131 -43.92 -44.52 6.61
N GLU L 132 -44.99 -45.29 6.59
CA GLU L 132 -45.27 -46.24 5.53
C GLU L 132 -46.41 -45.70 4.68
N ALA L 133 -46.17 -45.56 3.37
CA ALA L 133 -47.19 -45.03 2.49
C ALA L 133 -48.28 -46.06 2.25
N ASP L 134 -49.41 -45.58 1.72
CA ASP L 134 -50.53 -46.43 1.39
C ASP L 134 -50.64 -46.60 -0.11
N ALA L 135 -51.21 -47.73 -0.52
CA ALA L 135 -51.44 -47.97 -1.95
C ALA L 135 -52.53 -47.04 -2.47
N ASN L 136 -53.50 -46.67 -1.63
CA ASN L 136 -54.67 -45.93 -2.10
C ASN L 136 -54.61 -44.44 -1.80
N LYS L 137 -54.58 -44.05 -0.52
CA LYS L 137 -54.91 -42.66 -0.23
C LYS L 137 -53.72 -41.73 -0.05
N PHE L 138 -53.04 -41.78 1.10
CA PHE L 138 -51.80 -41.05 1.28
C PHE L 138 -50.76 -41.83 2.08
N ILE L 139 -51.22 -42.49 3.15
CA ILE L 139 -50.35 -43.10 4.15
C ILE L 139 -51.09 -44.25 4.80
N LYS L 140 -50.45 -45.41 4.88
CA LYS L 140 -51.03 -46.53 5.60
C LYS L 140 -50.99 -46.29 7.10
N LYS L 141 -49.76 -46.17 7.59
CA LYS L 141 -49.57 -46.00 8.99
C LYS L 141 -48.24 -45.58 9.35
N PHE L 142 -48.08 -45.11 10.56
CA PHE L 142 -46.80 -44.70 11.13
C PHE L 142 -46.30 -45.81 12.05
N ILE L 143 -45.02 -46.17 11.92
CA ILE L 143 -44.42 -47.21 12.74
C ILE L 143 -43.36 -46.56 13.63
N PHE L 144 -43.68 -46.39 14.91
CA PHE L 144 -42.76 -45.80 15.88
C PHE L 144 -41.79 -46.87 16.34
N ASN L 145 -40.53 -46.72 15.92
CA ASN L 145 -39.50 -47.74 16.14
C ASN L 145 -39.98 -49.04 15.54
N ASN L 146 -40.60 -49.88 16.37
CA ASN L 146 -41.40 -51.01 15.93
C ASN L 146 -42.44 -51.29 17.02
N GLN L 147 -43.40 -52.14 16.68
CA GLN L 147 -44.43 -52.69 17.58
C GLN L 147 -45.47 -51.66 18.01
N ILE L 148 -45.23 -50.37 17.78
CA ILE L 148 -46.25 -49.37 18.05
C ILE L 148 -47.34 -49.43 16.99
N ASN L 149 -46.97 -49.07 15.76
CA ASN L 149 -47.84 -49.12 14.59
C ASN L 149 -49.15 -48.36 14.86
N TYR L 150 -48.99 -47.04 15.02
CA TYR L 150 -50.05 -46.20 15.59
C TYR L 150 -51.37 -46.29 14.83
N ARG L 151 -51.41 -45.69 13.63
CA ARG L 151 -52.54 -45.66 12.70
C ARG L 151 -52.36 -44.55 11.68
N VAL L 152 -52.88 -43.34 11.97
CA VAL L 152 -52.76 -42.15 11.12
C VAL L 152 -53.69 -41.07 11.66
N ASP L 153 -54.86 -41.49 12.17
CA ASP L 153 -55.87 -40.55 12.62
C ASP L 153 -55.46 -39.79 13.88
N GLU L 154 -54.39 -40.20 14.54
CA GLU L 154 -54.00 -39.64 15.82
C GLU L 154 -52.57 -39.13 15.86
N ILE L 155 -51.95 -38.92 14.70
CA ILE L 155 -50.61 -38.36 14.62
C ILE L 155 -50.65 -37.09 13.77
N ILE L 156 -50.04 -36.04 14.27
CA ILE L 156 -49.92 -34.78 13.55
C ILE L 156 -48.58 -34.80 12.82
N PHE L 157 -48.63 -34.74 11.49
CA PHE L 157 -47.46 -34.96 10.65
C PHE L 157 -46.93 -33.62 10.15
N ILE L 158 -45.65 -33.36 10.42
CA ILE L 158 -45.01 -32.11 10.03
C ILE L 158 -43.77 -32.47 9.22
N LYS L 159 -43.70 -31.95 7.99
CA LYS L 159 -42.66 -32.33 7.04
C LYS L 159 -41.97 -31.11 6.48
N ASP L 160 -40.65 -31.14 6.44
CA ASP L 160 -39.89 -30.18 5.66
C ASP L 160 -39.73 -30.69 4.23
N ASN L 161 -39.73 -29.75 3.28
CA ASN L 161 -39.55 -30.11 1.89
C ASN L 161 -38.23 -30.84 1.68
N SER L 162 -38.24 -31.81 0.76
CA SER L 162 -37.07 -32.66 0.56
C SER L 162 -36.98 -33.07 -0.91
N TYR L 163 -35.75 -33.18 -1.39
CA TYR L 163 -35.43 -33.79 -2.66
C TYR L 163 -34.33 -34.79 -2.38
N VAL L 164 -34.71 -36.00 -1.97
CA VAL L 164 -33.78 -37.06 -1.59
C VAL L 164 -33.89 -38.18 -2.61
N CYS L 165 -32.76 -38.81 -2.90
CA CYS L 165 -32.68 -39.84 -3.95
C CYS L 165 -33.08 -39.17 -5.28
N GLY L 166 -33.65 -39.95 -6.20
CA GLY L 166 -33.97 -39.39 -7.51
C GLY L 166 -35.06 -38.35 -7.48
N THR L 167 -36.14 -38.60 -6.74
CA THR L 167 -37.35 -37.79 -6.84
C THR L 167 -37.72 -37.22 -5.48
N ASN L 168 -38.43 -36.09 -5.51
CA ASN L 168 -38.94 -35.49 -4.28
C ASN L 168 -39.97 -36.41 -3.63
N SER L 169 -40.02 -36.37 -2.31
CA SER L 169 -40.85 -37.28 -1.54
C SER L 169 -42.00 -36.53 -0.90
N GLN L 170 -43.21 -37.07 -1.06
CA GLN L 170 -44.35 -36.63 -0.27
C GLN L 170 -44.24 -37.05 1.19
N ILE L 171 -43.22 -37.83 1.52
CA ILE L 171 -42.97 -38.35 2.85
C ILE L 171 -41.57 -37.91 3.27
N SER L 172 -41.15 -38.32 4.47
CA SER L 172 -39.81 -38.07 4.97
C SER L 172 -39.57 -36.57 5.17
N GLY L 173 -38.47 -36.07 4.61
CA GLY L 173 -38.08 -34.68 4.81
C GLY L 173 -36.58 -34.54 4.80
N GLN L 174 -36.08 -33.31 4.78
CA GLN L 174 -34.65 -33.06 4.76
C GLN L 174 -34.25 -32.25 6.00
N SER L 175 -33.21 -32.73 6.69
CA SER L 175 -32.74 -32.07 7.90
C SER L 175 -31.95 -30.82 7.54
N ARG L 176 -32.27 -29.70 8.20
CA ARG L 176 -31.48 -28.50 8.02
C ARG L 176 -30.07 -28.69 8.55
N VAL L 177 -29.92 -29.37 9.68
CA VAL L 177 -28.61 -29.50 10.31
C VAL L 177 -27.73 -30.46 9.52
N ALA L 178 -28.32 -31.49 8.92
CA ALA L 178 -27.54 -32.53 8.28
C ALA L 178 -26.64 -32.02 7.16
N THR L 179 -26.98 -30.88 6.56
CA THR L 179 -26.14 -30.32 5.52
C THR L 179 -24.96 -29.53 6.07
N VAL L 180 -24.97 -29.21 7.37
CA VAL L 180 -23.93 -28.39 7.97
C VAL L 180 -22.77 -29.23 8.48
N ILE L 181 -22.89 -30.56 8.44
CA ILE L 181 -21.90 -31.42 9.08
C ILE L 181 -20.56 -31.36 8.36
N ASP L 182 -20.59 -31.33 7.02
CA ASP L 182 -19.32 -31.24 6.29
C ASP L 182 -18.60 -29.93 6.58
N SER L 183 -19.34 -28.82 6.61
CA SER L 183 -18.74 -27.54 6.94
C SER L 183 -18.19 -27.54 8.35
N LEU L 184 -18.92 -28.15 9.29
CA LEU L 184 -18.45 -28.22 10.67
C LEU L 184 -17.16 -29.03 10.77
N GLU L 185 -17.09 -30.16 10.06
CA GLU L 185 -15.88 -30.97 10.09
C GLU L 185 -14.70 -30.21 9.50
N LYS L 186 -14.92 -29.54 8.37
CA LYS L 186 -13.85 -28.76 7.76
C LYS L 186 -13.37 -27.66 8.70
N ARG L 187 -14.32 -26.95 9.32
CA ARG L 187 -13.94 -25.84 10.19
C ARG L 187 -13.20 -26.35 11.42
N SER L 188 -13.66 -27.46 12.01
CA SER L 188 -13.00 -28.00 13.18
C SER L 188 -11.58 -28.46 12.85
N LYS L 189 -11.40 -29.11 11.70
CA LYS L 189 -10.05 -29.53 11.31
C LYS L 189 -9.15 -28.32 11.05
N MET L 190 -9.69 -27.31 10.38
CA MET L 190 -8.89 -26.12 10.11
C MET L 190 -8.51 -25.39 11.39
N LEU L 191 -9.40 -25.40 12.39
CA LEU L 191 -9.09 -24.74 13.65
C LEU L 191 -8.09 -25.55 14.48
N ASN L 192 -8.23 -26.87 14.50
CA ASN L 192 -7.26 -27.71 15.22
C ASN L 192 -5.89 -27.65 14.58
N PHE L 193 -5.83 -27.40 13.27
CA PHE L 193 -4.52 -27.30 12.62
C PHE L 193 -3.70 -26.17 13.22
N LYS L 194 -4.34 -25.05 13.58
CA LYS L 194 -3.58 -23.94 14.13
C LYS L 194 -3.00 -24.26 15.50
N GLU L 195 -3.80 -24.86 16.39
CA GLU L 195 -3.28 -25.21 17.70
C GLU L 195 -2.19 -26.26 17.59
N LYS L 196 -2.34 -27.23 16.69
CA LYS L 196 -1.31 -28.24 16.52
C LYS L 196 -0.04 -27.64 15.94
N PHE L 197 -0.18 -26.70 15.01
CA PHE L 197 0.99 -26.03 14.44
C PHE L 197 1.72 -25.23 15.51
N LEU L 198 0.97 -24.54 16.38
CA LEU L 198 1.61 -23.79 17.46
C LEU L 198 2.32 -24.72 18.44
N ASP L 199 1.67 -25.84 18.80
CA ASP L 199 2.27 -26.75 19.78
C ASP L 199 3.41 -27.55 19.18
N ASN L 200 3.50 -27.63 17.85
CA ASN L 200 4.51 -28.46 17.21
C ASN L 200 5.62 -27.66 16.54
N GLY L 201 5.35 -26.46 16.07
CA GLY L 201 6.36 -25.68 15.38
C GLY L 201 7.51 -25.31 16.30
N THR L 202 8.67 -25.05 15.68
CA THR L 202 9.89 -24.76 16.40
C THR L 202 10.22 -23.28 16.31
N VAL L 203 10.72 -22.74 17.42
CA VAL L 203 11.15 -21.36 17.51
C VAL L 203 12.60 -21.34 17.95
N ILE L 204 13.45 -20.65 17.19
CA ILE L 204 14.89 -20.63 17.43
C ILE L 204 15.37 -19.20 17.36
N GLY L 205 16.39 -18.88 18.17
CA GLY L 205 16.99 -17.57 18.15
C GLY L 205 18.36 -17.55 17.50
N LEU L 206 19.16 -18.57 17.74
CA LEU L 206 20.52 -18.63 17.19
C LEU L 206 20.79 -20.03 16.67
N ILE L 207 21.65 -20.10 15.66
CA ILE L 207 22.17 -21.36 15.15
C ILE L 207 23.68 -21.17 15.01
N LEU L 208 24.43 -21.56 16.03
CA LEU L 208 25.89 -21.48 16.01
C LEU L 208 26.46 -22.82 15.59
N GLU L 209 27.42 -22.79 14.66
CA GLU L 209 27.97 -23.98 14.06
C GLU L 209 29.45 -24.10 14.37
N THR L 210 29.90 -25.35 14.47
CA THR L 210 31.30 -25.64 14.68
C THR L 210 31.66 -26.90 13.91
N ASP L 211 32.85 -26.90 13.32
CA ASP L 211 33.32 -28.04 12.53
C ASP L 211 34.11 -29.03 13.36
N GLU L 212 34.03 -28.96 14.69
CA GLU L 212 34.67 -29.92 15.56
C GLU L 212 33.83 -30.09 16.82
N ILE L 213 34.03 -31.23 17.48
CA ILE L 213 33.19 -31.67 18.58
C ILE L 213 33.69 -31.05 19.87
N LEU L 214 32.75 -30.53 20.69
CA LEU L 214 33.10 -29.67 21.81
C LEU L 214 32.36 -30.08 23.08
N ASN L 215 32.43 -31.37 23.44
CA ASN L 215 32.11 -31.83 24.79
C ASN L 215 30.64 -31.55 25.15
N LYS L 216 29.77 -32.36 24.56
CA LYS L 216 28.31 -32.24 24.64
C LYS L 216 27.77 -31.71 25.96
N LYS L 217 28.30 -32.18 27.10
CA LYS L 217 27.80 -31.67 28.38
C LYS L 217 28.02 -30.17 28.51
N LEU L 218 29.26 -29.72 28.31
CA LEU L 218 29.55 -28.30 28.43
C LEU L 218 28.97 -27.51 27.27
N ARG L 219 28.84 -28.15 26.10
CA ARG L 219 28.15 -27.50 24.99
C ARG L 219 26.71 -27.18 25.38
N GLU L 220 26.02 -28.13 26.01
CA GLU L 220 24.65 -27.90 26.47
C GLU L 220 24.61 -26.84 27.56
N ARG L 221 25.59 -26.88 28.48
CA ARG L 221 25.61 -25.88 29.55
C ARG L 221 25.77 -24.47 28.98
N LYS L 222 26.71 -24.30 28.04
CA LYS L 222 26.87 -22.99 27.44
C LYS L 222 25.68 -22.60 26.58
N GLN L 223 25.02 -23.58 25.96
CA GLN L 223 23.79 -23.29 25.23
C GLN L 223 22.73 -22.70 26.15
N GLU L 224 22.52 -23.32 27.31
CA GLU L 224 21.55 -22.80 28.27
C GLU L 224 21.98 -21.42 28.80
N GLU L 225 23.27 -21.27 29.11
CA GLU L 225 23.75 -19.99 29.64
C GLU L 225 23.58 -18.87 28.63
N LEU L 226 23.88 -19.14 27.36
CA LEU L 226 23.79 -18.12 26.33
C LEU L 226 22.34 -17.86 25.95
N GLN L 227 21.46 -18.84 26.16
CA GLN L 227 20.04 -18.60 26.01
C GLN L 227 19.52 -17.66 27.08
N LEU L 228 19.86 -17.93 28.35
CA LEU L 228 19.31 -17.12 29.43
C LEU L 228 19.96 -15.75 29.49
N ASP L 229 21.21 -15.64 29.03
CA ASP L 229 21.95 -14.39 29.19
C ASP L 229 21.54 -13.32 28.19
N TYR L 230 21.12 -13.70 26.99
CA TYR L 230 20.87 -12.75 25.91
C TYR L 230 19.38 -12.48 25.71
N ASN L 231 18.56 -12.75 26.73
CA ASN L 231 17.15 -12.42 26.69
C ASN L 231 16.89 -11.22 27.58
N PRO L 232 16.41 -10.09 27.05
CA PRO L 232 16.28 -8.89 27.89
C PRO L 232 15.40 -9.07 29.11
N SER L 233 14.43 -9.99 29.05
CA SER L 233 13.60 -10.23 30.22
C SER L 233 14.41 -10.81 31.37
N THR L 234 15.33 -11.74 31.07
CA THR L 234 16.10 -12.42 32.10
C THR L 234 17.61 -12.27 31.91
N GLY L 235 18.07 -11.39 31.03
CA GLY L 235 19.49 -11.23 30.80
C GLY L 235 19.86 -9.78 30.62
N GLN L 236 21.15 -9.51 30.77
CA GLN L 236 21.67 -8.14 30.72
C GLN L 236 22.90 -8.15 29.82
N SER L 237 22.76 -8.73 28.63
CA SER L 237 23.83 -8.70 27.64
C SER L 237 23.21 -8.78 26.25
N SER L 238 23.89 -8.17 25.28
CA SER L 238 23.37 -8.12 23.92
C SER L 238 24.39 -8.39 22.83
N VAL L 239 25.69 -8.42 23.13
CA VAL L 239 26.72 -8.68 22.13
C VAL L 239 27.30 -10.06 22.40
N LEU L 240 27.68 -10.75 21.33
CA LEU L 240 28.22 -12.11 21.42
C LEU L 240 29.55 -12.18 20.70
N ILE L 241 30.58 -12.65 21.40
CA ILE L 241 31.90 -12.85 20.84
C ILE L 241 32.13 -14.34 20.72
N LEU L 242 32.37 -14.82 19.50
CA LEU L 242 32.58 -16.24 19.24
C LEU L 242 34.06 -16.49 19.00
N ASP L 243 34.60 -17.49 19.69
CA ASP L 243 36.02 -17.82 19.62
C ASP L 243 36.19 -19.24 19.11
N GLY L 244 37.41 -19.55 18.68
CA GLY L 244 37.74 -20.88 18.24
C GLY L 244 37.28 -21.23 16.85
N GLY L 245 36.77 -20.28 16.08
CA GLY L 245 36.29 -20.56 14.74
C GLY L 245 34.81 -20.89 14.65
N MET L 246 34.10 -20.92 15.77
CA MET L 246 32.67 -21.17 15.74
C MET L 246 31.96 -20.08 14.94
N LYS L 247 31.11 -20.51 14.02
CA LYS L 247 30.41 -19.61 13.13
C LYS L 247 28.95 -19.47 13.56
N ALA L 248 28.25 -18.53 12.94
CA ALA L 248 26.83 -18.30 13.21
C ALA L 248 26.08 -18.34 11.89
N LYS L 249 25.34 -19.42 11.66
CA LYS L 249 24.64 -19.59 10.40
C LYS L 249 23.45 -18.64 10.33
N PRO L 250 23.35 -17.81 9.29
CA PRO L 250 22.20 -16.89 9.17
C PRO L 250 20.96 -17.62 8.65
N TYR L 251 20.37 -18.40 9.55
CA TYR L 251 19.22 -19.22 9.21
C TYR L 251 17.98 -18.34 9.03
N SER L 252 16.90 -18.97 8.57
CA SER L 252 15.63 -18.25 8.38
C SER L 252 14.46 -19.13 8.80
N GLN L 253 13.29 -18.53 8.96
CA GLN L 253 12.11 -19.25 9.41
C GLN L 253 11.51 -20.02 8.24
N ILE L 254 11.29 -21.31 8.42
CA ILE L 254 10.84 -22.16 7.32
C ILE L 254 9.37 -21.93 7.02
N SER L 255 8.51 -22.23 7.98
CA SER L 255 7.06 -22.13 7.81
C SER L 255 6.53 -21.19 8.90
N SER L 256 6.50 -19.90 8.59
CA SER L 256 6.05 -18.91 9.57
C SER L 256 4.54 -19.00 9.76
N PHE L 257 4.10 -18.55 10.94
CA PHE L 257 2.68 -18.54 11.26
C PHE L 257 1.89 -17.56 10.39
N LYS L 258 2.57 -16.57 9.82
CA LYS L 258 1.87 -15.58 8.99
C LYS L 258 1.31 -16.21 7.72
N ASP L 259 1.90 -17.32 7.26
CA ASP L 259 1.40 -17.99 6.07
C ASP L 259 -0.01 -18.51 6.28
N LEU L 260 -0.27 -19.09 7.45
CA LEU L 260 -1.57 -19.69 7.72
C LEU L 260 -2.62 -18.62 8.02
N ASP L 261 -3.18 -18.03 6.97
CA ASP L 261 -4.23 -17.02 7.11
C ASP L 261 -5.58 -17.72 6.97
N PHE L 262 -5.95 -18.45 8.02
CA PHE L 262 -7.19 -19.20 8.05
C PHE L 262 -8.40 -18.33 8.39
N LYS L 263 -8.19 -17.09 8.82
CA LYS L 263 -9.30 -16.31 9.37
C LYS L 263 -10.40 -16.10 8.35
N GLU L 264 -10.03 -15.80 7.09
CA GLU L 264 -11.05 -15.55 6.10
C GLU L 264 -11.86 -16.81 5.80
N ASP L 265 -11.19 -17.97 5.71
CA ASP L 265 -11.88 -19.23 5.51
C ASP L 265 -12.76 -19.59 6.70
N ILE L 266 -12.27 -19.34 7.92
CA ILE L 266 -13.06 -19.64 9.10
C ILE L 266 -14.30 -18.75 9.15
N GLU L 267 -14.15 -17.48 8.79
CA GLU L 267 -15.31 -16.59 8.70
C GLU L 267 -16.29 -17.06 7.64
N GLY L 268 -15.77 -17.53 6.51
CA GLY L 268 -16.66 -18.10 5.49
C GLY L 268 -17.42 -19.30 6.00
N PHE L 269 -16.76 -20.18 6.74
CA PHE L 269 -17.44 -21.35 7.29
C PHE L 269 -18.47 -20.95 8.33
N ASN L 270 -18.17 -19.95 9.17
CA ASN L 270 -19.13 -19.49 10.15
C ASN L 270 -20.37 -18.89 9.47
N LYS L 271 -20.15 -18.08 8.43
CA LYS L 271 -21.26 -17.52 7.68
C LYS L 271 -22.08 -18.63 7.01
N SER L 272 -21.39 -19.66 6.51
CA SER L 272 -22.07 -20.77 5.87
C SER L 272 -22.93 -21.54 6.87
N ILE L 273 -22.41 -21.76 8.08
CA ILE L 273 -23.19 -22.47 9.10
C ILE L 273 -24.40 -21.65 9.52
N CYS L 274 -24.20 -20.35 9.75
CA CYS L 274 -25.32 -19.49 10.11
C CYS L 274 -26.30 -19.32 8.95
N LEU L 275 -25.87 -19.62 7.73
CA LEU L 275 -26.71 -19.44 6.56
C LEU L 275 -27.79 -20.52 6.48
N ALA L 276 -27.42 -21.77 6.79
CA ALA L 276 -28.36 -22.88 6.63
C ALA L 276 -29.55 -22.74 7.56
N PHE L 277 -29.29 -22.35 8.82
CA PHE L 277 -30.39 -22.21 9.77
C PHE L 277 -31.26 -21.00 9.43
N GLY L 278 -30.67 -19.96 8.86
CA GLY L 278 -31.43 -18.81 8.41
C GLY L 278 -31.16 -17.56 9.23
N VAL L 279 -30.45 -17.69 10.34
CA VAL L 279 -30.17 -16.57 11.21
C VAL L 279 -29.27 -15.56 10.50
N PRO L 280 -29.66 -14.29 10.43
CA PRO L 280 -28.77 -13.28 9.86
C PRO L 280 -27.55 -13.08 10.74
N GLN L 281 -26.43 -12.71 10.10
CA GLN L 281 -25.19 -12.53 10.83
C GLN L 281 -25.22 -11.32 11.76
N VAL L 282 -26.15 -10.39 11.55
CA VAL L 282 -26.21 -9.20 12.38
C VAL L 282 -26.73 -9.53 13.77
N LEU L 283 -27.64 -10.50 13.87
CA LEU L 283 -28.19 -10.87 15.17
C LEU L 283 -27.10 -11.35 16.12
N LEU L 284 -26.18 -12.18 15.62
CA LEU L 284 -25.10 -12.68 16.46
C LEU L 284 -24.13 -11.56 16.84
N ASP L 285 -23.87 -10.64 15.91
CA ASP L 285 -23.00 -9.50 16.16
C ASP L 285 -23.82 -8.36 16.75
N GLY L 286 -23.24 -7.16 16.79
CA GLY L 286 -23.93 -5.97 17.24
C GLY L 286 -24.46 -5.17 16.05
N GLY L 287 -25.67 -4.65 16.21
CA GLY L 287 -26.32 -3.92 15.14
C GLY L 287 -26.73 -2.53 15.58
N ASN L 288 -26.79 -1.62 14.60
CA ASN L 288 -27.24 -0.27 14.84
C ASN L 288 -28.77 -0.21 14.88
N ASN L 289 -29.31 1.01 14.94
CA ASN L 289 -30.75 1.18 14.80
C ASN L 289 -31.24 0.68 13.45
N ALA L 290 -30.50 0.98 12.39
CA ALA L 290 -30.89 0.53 11.06
C ALA L 290 -30.61 -0.95 10.84
N ASN L 291 -29.76 -1.55 11.65
CA ASN L 291 -29.40 -2.96 11.48
C ASN L 291 -30.28 -3.91 12.27
N ILE L 292 -30.68 -3.54 13.49
CA ILE L 292 -30.98 -4.58 14.47
C ILE L 292 -32.43 -5.00 14.37
N ARG L 293 -33.36 -4.06 14.25
CA ARG L 293 -34.78 -4.40 14.24
C ARG L 293 -35.21 -4.98 12.90
N PRO L 294 -34.78 -4.42 11.76
CA PRO L 294 -35.06 -5.10 10.48
C PRO L 294 -34.46 -6.50 10.43
N ASN L 295 -33.31 -6.72 11.06
CA ASN L 295 -32.72 -8.05 11.03
C ASN L 295 -33.47 -9.01 11.94
N ILE L 296 -33.93 -8.55 13.10
CA ILE L 296 -34.79 -9.39 13.94
C ILE L 296 -36.07 -9.75 13.21
N GLU L 297 -36.68 -8.77 12.54
CA GLU L 297 -37.89 -9.04 11.77
C GLU L 297 -37.62 -10.03 10.65
N LEU L 298 -36.52 -9.84 9.92
CA LEU L 298 -36.20 -10.76 8.84
C LEU L 298 -36.00 -12.16 9.38
N PHE L 299 -35.27 -12.30 10.49
CA PHE L 299 -35.08 -13.60 11.10
C PHE L 299 -36.42 -14.24 11.41
N TYR L 300 -37.17 -13.65 12.35
CA TYR L 300 -38.45 -14.25 12.73
C TYR L 300 -39.30 -14.57 11.52
N TYR L 301 -39.71 -13.54 10.75
CA TYR L 301 -40.63 -13.83 9.66
C TYR L 301 -40.02 -14.85 8.71
N MET L 302 -38.97 -14.47 7.98
CA MET L 302 -38.54 -15.25 6.82
C MET L 302 -38.07 -16.64 7.20
N THR L 303 -37.44 -16.81 8.37
CA THR L 303 -36.97 -18.13 8.75
C THR L 303 -37.98 -18.88 9.61
N ILE L 304 -38.34 -18.29 10.76
CA ILE L 304 -39.13 -19.02 11.74
C ILE L 304 -40.55 -19.23 11.24
N ILE L 305 -41.18 -18.20 10.69
CA ILE L 305 -42.63 -18.26 10.52
C ILE L 305 -43.01 -19.27 9.44
N PRO L 306 -42.21 -19.50 8.40
CA PRO L 306 -42.41 -20.75 7.63
C PRO L 306 -42.26 -22.01 8.46
N MET L 307 -41.30 -22.04 9.38
CA MET L 307 -41.07 -23.24 10.19
C MET L 307 -42.27 -23.55 11.07
N LEU L 308 -42.85 -22.52 11.70
CA LEU L 308 -44.07 -22.74 12.46
C LEU L 308 -45.30 -22.78 11.57
N ASN L 309 -45.20 -22.28 10.34
CA ASN L 309 -46.33 -22.35 9.42
C ASN L 309 -46.55 -23.78 8.96
N LYS L 310 -45.48 -24.56 8.79
CA LYS L 310 -45.65 -25.98 8.51
C LYS L 310 -46.41 -26.65 9.64
N LEU L 311 -46.02 -26.36 10.88
CA LEU L 311 -46.68 -26.94 12.05
C LEU L 311 -48.15 -26.53 12.11
N THR L 312 -48.44 -25.26 11.90
CA THR L 312 -49.81 -24.78 12.03
C THR L 312 -50.68 -25.24 10.86
N SER L 313 -50.10 -25.40 9.68
CA SER L 313 -50.84 -25.98 8.56
C SER L 313 -51.19 -27.43 8.86
N SER L 314 -50.25 -28.19 9.42
CA SER L 314 -50.57 -29.55 9.82
C SER L 314 -51.65 -29.55 10.90
N LEU L 315 -51.58 -28.61 11.83
CA LEU L 315 -52.60 -28.50 12.87
C LEU L 315 -53.98 -28.20 12.29
N THR L 316 -54.05 -27.28 11.33
CA THR L 316 -55.34 -26.91 10.76
C THR L 316 -55.88 -27.98 9.82
N PHE L 317 -55.00 -28.83 9.28
CA PHE L 317 -55.48 -30.01 8.56
C PHE L 317 -55.99 -31.06 9.52
N PHE L 318 -55.32 -31.23 10.67
CA PHE L 318 -55.69 -32.26 11.61
C PHE L 318 -56.98 -31.92 12.34
N PHE L 319 -57.13 -30.69 12.81
CA PHE L 319 -58.27 -30.29 13.63
C PHE L 319 -59.34 -29.56 12.84
N GLY L 320 -59.01 -28.96 11.71
CA GLY L 320 -59.97 -28.18 10.96
C GLY L 320 -60.12 -26.74 11.42
N TYR L 321 -59.43 -26.34 12.48
CA TYR L 321 -59.50 -24.99 13.00
C TYR L 321 -58.34 -24.18 12.43
N LYS L 322 -58.64 -22.99 11.92
CA LYS L 322 -57.60 -22.17 11.32
C LYS L 322 -56.61 -21.72 12.38
N ILE L 323 -55.44 -22.35 12.39
CA ILE L 323 -54.40 -22.06 13.37
C ILE L 323 -53.25 -21.40 12.63
N THR L 324 -52.83 -20.23 13.11
CA THR L 324 -51.75 -19.51 12.47
C THR L 324 -50.72 -19.08 13.52
N PRO L 325 -49.45 -19.01 13.16
CA PRO L 325 -48.46 -18.45 14.08
C PRO L 325 -48.66 -16.95 14.21
N ASN L 326 -49.21 -16.55 15.35
CA ASN L 326 -49.52 -15.15 15.61
C ASN L 326 -48.69 -14.74 16.81
N THR L 327 -47.59 -14.03 16.57
CA THR L 327 -46.66 -13.78 17.67
C THR L 327 -47.22 -12.70 18.58
N LYS L 328 -47.20 -11.46 18.12
CA LYS L 328 -47.93 -10.34 18.72
C LYS L 328 -47.52 -10.11 20.18
N GLU L 329 -46.70 -11.01 20.71
CA GLU L 329 -46.34 -11.02 22.11
C GLU L 329 -44.86 -11.32 22.35
N VAL L 330 -44.14 -11.81 21.35
CA VAL L 330 -42.72 -12.13 21.54
C VAL L 330 -41.96 -10.86 21.85
N ALA L 331 -40.97 -10.98 22.73
CA ALA L 331 -40.26 -9.79 23.21
C ALA L 331 -39.43 -9.15 22.12
N ALA L 332 -39.02 -9.92 21.10
CA ALA L 332 -38.14 -9.39 20.08
C ALA L 332 -38.85 -8.56 19.02
N LEU L 333 -40.16 -8.74 18.84
CA LEU L 333 -40.93 -7.92 17.91
C LEU L 333 -41.96 -7.05 18.63
N THR L 334 -41.61 -6.53 19.80
CA THR L 334 -42.47 -5.52 20.41
C THR L 334 -42.44 -4.28 19.53
N PRO L 335 -43.58 -3.84 19.00
CA PRO L 335 -43.57 -2.75 18.03
C PRO L 335 -43.10 -1.46 18.66
N ASP L 336 -42.49 -0.61 17.83
CA ASP L 336 -42.06 0.70 18.28
C ASP L 336 -43.26 1.44 18.87
N LYS L 337 -43.16 1.78 20.16
CA LYS L 337 -44.33 2.29 20.89
C LYS L 337 -44.84 3.59 20.26
N GLU L 338 -43.93 4.49 19.88
CA GLU L 338 -44.35 5.75 19.29
C GLU L 338 -45.10 5.53 17.98
N ALA L 339 -44.49 4.79 17.04
CA ALA L 339 -45.15 4.55 15.76
C ALA L 339 -46.42 3.74 15.91
N GLU L 340 -46.39 2.73 16.78
CA GLU L 340 -47.58 1.90 16.98
C GLU L 340 -48.73 2.74 17.51
N ALA L 341 -48.48 3.55 18.53
CA ALA L 341 -49.52 4.43 19.05
C ALA L 341 -49.98 5.40 17.99
N LYS L 342 -49.05 5.95 17.20
CA LYS L 342 -49.45 6.90 16.17
C LYS L 342 -50.43 6.29 15.18
N HIS L 343 -50.11 5.09 14.68
CA HIS L 343 -51.00 4.54 13.65
C HIS L 343 -52.31 4.07 14.26
N LEU L 344 -52.27 3.52 15.48
CA LEU L 344 -53.51 3.09 16.12
C LEU L 344 -54.44 4.26 16.38
N THR L 345 -53.92 5.36 16.92
CA THR L 345 -54.77 6.53 17.15
C THR L 345 -55.26 7.13 15.84
N SER L 346 -54.42 7.15 14.80
CA SER L 346 -54.89 7.66 13.52
C SER L 346 -56.03 6.82 12.98
N LEU L 347 -55.92 5.50 13.08
CA LEU L 347 -56.98 4.62 12.62
C LEU L 347 -58.26 4.81 13.43
N VAL L 348 -58.13 4.94 14.75
CA VAL L 348 -59.31 5.11 15.59
C VAL L 348 -60.00 6.44 15.30
N ASN L 349 -59.21 7.52 15.22
CA ASN L 349 -59.79 8.84 14.97
C ASN L 349 -60.46 8.91 13.61
N ASN L 350 -59.83 8.35 12.58
CA ASN L 350 -60.36 8.44 11.23
C ASN L 350 -61.47 7.44 10.95
N GLY L 351 -61.99 6.78 11.99
CA GLY L 351 -63.18 5.98 11.85
C GLY L 351 -63.01 4.63 11.18
N ILE L 352 -61.79 4.11 11.08
CA ILE L 352 -61.61 2.81 10.46
C ILE L 352 -61.70 1.70 11.50
N ILE L 353 -60.98 1.82 12.60
CA ILE L 353 -60.81 0.75 13.58
C ILE L 353 -61.51 1.15 14.87
N THR L 354 -62.27 0.21 15.44
CA THR L 354 -62.87 0.42 16.75
C THR L 354 -61.78 0.53 17.81
N GLY L 355 -62.11 1.21 18.91
CA GLY L 355 -61.16 1.35 19.99
C GLY L 355 -60.82 0.01 20.64
N ASN L 356 -61.80 -0.89 20.73
CA ASN L 356 -61.54 -2.22 21.29
C ASN L 356 -60.57 -3.01 20.44
N GLU L 357 -60.62 -2.86 19.12
CA GLU L 357 -59.64 -3.55 18.27
C GLU L 357 -58.25 -2.98 18.48
N ALA L 358 -58.15 -1.67 18.71
CA ALA L 358 -56.86 -1.08 19.06
C ALA L 358 -56.36 -1.61 20.39
N ARG L 359 -57.27 -1.78 21.35
CA ARG L 359 -56.90 -2.38 22.63
C ARG L 359 -56.37 -3.79 22.42
N SER L 360 -57.03 -4.57 21.57
CA SER L 360 -56.56 -5.93 21.29
C SER L 360 -55.19 -5.90 20.64
N GLU L 361 -54.97 -4.97 19.71
CA GLU L 361 -53.67 -4.88 19.04
C GLU L 361 -52.59 -4.41 20.01
N LEU L 362 -52.97 -3.73 21.09
CA LEU L 362 -52.04 -3.37 22.16
C LEU L 362 -51.87 -4.47 23.19
N ASN L 363 -52.57 -5.60 23.05
CA ASN L 363 -52.53 -6.74 23.96
C ASN L 363 -53.18 -6.42 25.31
N LEU L 364 -54.14 -5.50 25.35
CA LEU L 364 -54.90 -5.21 26.54
C LEU L 364 -56.23 -5.96 26.51
N GLU L 365 -57.05 -5.76 27.54
CA GLU L 365 -58.37 -6.36 27.63
C GLU L 365 -59.44 -5.36 27.23
N PRO L 366 -60.27 -5.69 26.24
CA PRO L 366 -61.32 -4.75 25.82
C PRO L 366 -62.27 -4.42 26.97
N LEU L 367 -62.71 -3.18 27.01
CA LEU L 367 -63.62 -2.69 28.04
C LEU L 367 -65.06 -2.83 27.56
N ASP L 368 -65.94 -3.29 28.45
CA ASP L 368 -67.36 -3.44 28.14
C ASP L 368 -68.06 -2.08 28.25
N ASP L 369 -67.64 -1.17 27.37
CA ASP L 369 -68.21 0.16 27.30
C ASP L 369 -69.11 0.28 26.09
N GLU L 370 -69.95 1.32 26.08
CA GLU L 370 -70.91 1.54 25.01
C GLU L 370 -70.34 2.40 23.89
N GLN L 371 -69.76 3.56 24.23
CA GLN L 371 -69.12 4.41 23.24
C GLN L 371 -67.84 3.80 22.69
N MET L 372 -67.26 2.83 23.40
CA MET L 372 -66.03 2.19 22.96
C MET L 372 -66.27 1.10 21.92
N ASN L 373 -67.42 0.43 21.95
CA ASN L 373 -67.68 -0.70 21.08
C ASN L 373 -68.06 -0.31 19.66
N LYS L 374 -68.26 0.98 19.38
CA LYS L 374 -68.70 1.43 18.08
C LYS L 374 -67.75 2.48 17.52
N ILE L 375 -67.60 2.47 16.19
CA ILE L 375 -66.66 3.36 15.52
C ILE L 375 -67.11 4.80 15.69
N ARG L 376 -66.14 5.69 15.92
CA ARG L 376 -66.46 7.05 16.37
C ARG L 376 -67.09 7.89 15.25
N ILE L 377 -66.71 7.63 13.99
CA ILE L 377 -67.25 8.38 12.85
C ILE L 377 -67.06 9.88 13.07
N PRO L 378 -65.85 10.41 12.88
CA PRO L 378 -65.61 11.83 13.19
C PRO L 378 -66.54 12.78 12.46
N ALA L 379 -66.87 12.48 11.20
CA ALA L 379 -67.79 13.29 10.39
C ALA L 379 -67.27 14.71 10.35
N ASN L 380 -67.89 15.67 11.02
CA ASN L 380 -67.41 17.06 11.04
C ASN L 380 -65.99 17.14 11.61
N MET M 1 31.32 -17.04 -53.84
CA MET M 1 31.97 -16.47 -55.02
C MET M 1 33.20 -17.27 -55.41
N GLN M 2 34.01 -16.70 -56.29
CA GLN M 2 35.27 -17.31 -56.72
C GLN M 2 36.37 -16.28 -56.42
N ILE M 3 36.89 -16.32 -55.19
CA ILE M 3 37.77 -15.28 -54.69
C ILE M 3 39.24 -15.62 -54.88
N ILE M 4 39.62 -16.88 -54.71
CA ILE M 4 41.04 -17.22 -54.61
C ILE M 4 41.58 -17.82 -55.89
N THR M 5 41.10 -19.02 -56.23
CA THR M 5 41.63 -19.84 -57.32
C THR M 5 43.10 -20.20 -57.14
N ALA M 6 43.57 -21.11 -57.99
CA ALA M 6 44.90 -21.66 -57.87
C ALA M 6 45.97 -20.59 -58.05
N GLU M 7 45.73 -19.64 -58.96
CA GLU M 7 46.73 -18.62 -59.23
C GLU M 7 47.02 -17.78 -57.99
N ASP M 8 45.96 -17.30 -57.32
CA ASP M 8 46.16 -16.47 -56.14
C ASP M 8 46.66 -17.30 -54.96
N TYR M 9 46.23 -18.55 -54.83
CA TYR M 9 46.80 -19.37 -53.76
C TYR M 9 48.29 -19.60 -53.98
N ARG M 10 48.71 -19.85 -55.21
CA ARG M 10 50.13 -20.02 -55.51
C ARG M 10 50.90 -18.74 -55.25
N LEU M 11 50.32 -17.59 -55.64
CA LEU M 11 50.97 -16.31 -55.39
C LEU M 11 51.11 -16.05 -53.89
N TYR M 12 50.17 -16.58 -53.10
CA TYR M 12 50.29 -16.46 -51.65
C TYR M 12 51.53 -17.19 -51.13
N GLY M 13 51.81 -18.36 -51.68
CA GLY M 13 52.98 -19.14 -51.32
C GLY M 13 54.10 -19.00 -52.33
N GLY M 14 54.96 -20.02 -52.37
CA GLY M 14 56.04 -20.06 -53.31
C GLY M 14 56.14 -21.43 -53.97
N LEU M 15 54.98 -22.05 -54.18
CA LEU M 15 54.92 -23.43 -54.63
C LEU M 15 55.60 -23.59 -55.99
N LYS M 16 56.63 -24.44 -56.03
CA LYS M 16 57.39 -24.64 -57.24
C LYS M 16 56.75 -25.64 -58.17
N ARG M 17 55.93 -26.54 -57.65
CA ARG M 17 55.29 -27.53 -58.50
C ARG M 17 54.22 -26.87 -59.37
N PRO M 18 54.28 -27.05 -60.69
CA PRO M 18 53.27 -26.42 -61.55
C PRO M 18 51.85 -26.87 -61.26
N GLU M 19 51.67 -28.13 -60.90
CA GLU M 19 50.35 -28.70 -60.69
C GLU M 19 50.07 -28.83 -59.19
N LEU M 20 48.91 -28.33 -58.76
CA LEU M 20 48.61 -28.26 -57.34
C LEU M 20 48.29 -29.64 -56.77
N GLU M 21 48.48 -29.76 -55.46
CA GLU M 21 48.24 -31.03 -54.77
C GLU M 21 46.77 -31.39 -54.83
N SER M 22 46.49 -32.67 -54.63
CA SER M 22 45.11 -33.16 -54.73
C SER M 22 44.22 -32.53 -53.67
N GLY M 23 44.72 -32.38 -52.44
CA GLY M 23 43.90 -31.86 -51.37
C GLY M 23 43.50 -30.42 -51.52
N VAL M 24 44.41 -29.57 -52.00
CA VAL M 24 44.14 -28.13 -52.03
C VAL M 24 43.15 -27.77 -53.12
N GLU M 25 43.04 -28.59 -54.17
CA GLU M 25 42.22 -28.22 -55.32
C GLU M 25 40.75 -28.09 -54.93
N VAL M 26 40.25 -29.01 -54.09
CA VAL M 26 38.88 -28.89 -53.61
C VAL M 26 38.83 -27.97 -52.38
N MET M 27 39.95 -27.86 -51.66
CA MET M 27 39.97 -27.06 -50.44
C MET M 27 39.80 -25.58 -50.75
N ILE M 28 40.34 -25.12 -51.88
CA ILE M 28 40.20 -23.72 -52.26
C ILE M 28 38.74 -23.34 -52.42
N THR M 29 37.99 -24.14 -53.20
CA THR M 29 36.58 -23.81 -53.42
C THR M 29 35.76 -24.07 -52.16
N ALA M 30 36.18 -25.02 -51.33
CA ALA M 30 35.50 -25.21 -50.05
C ALA M 30 35.63 -23.96 -49.17
N ALA M 31 36.84 -23.42 -49.06
CA ALA M 31 37.02 -22.19 -48.29
C ALA M 31 36.25 -21.04 -48.90
N ASN M 32 36.26 -20.95 -50.23
CA ASN M 32 35.52 -19.89 -50.91
C ASN M 32 34.04 -19.94 -50.56
N ALA M 33 33.43 -21.11 -50.69
CA ALA M 33 32.00 -21.24 -50.42
C ALA M 33 31.71 -21.02 -48.94
N LEU M 34 32.59 -21.50 -48.04
CA LEU M 34 32.35 -21.30 -46.62
C LEU M 34 32.36 -19.83 -46.27
N ILE M 35 33.30 -19.06 -46.81
CA ILE M 35 33.33 -17.64 -46.49
C ILE M 35 32.15 -16.92 -47.13
N THR M 36 31.82 -17.25 -48.39
CA THR M 36 30.72 -16.52 -49.04
C THR M 36 29.37 -16.85 -48.43
N SER M 37 29.24 -17.99 -47.75
CA SER M 37 28.04 -18.27 -46.98
C SER M 37 28.18 -17.90 -45.51
N LEU M 38 29.39 -17.52 -45.09
CA LEU M 38 29.62 -17.16 -43.69
C LEU M 38 29.46 -15.66 -43.46
N LEU M 39 29.87 -14.85 -44.44
CA LEU M 39 29.63 -13.41 -44.38
C LEU M 39 28.17 -13.06 -44.54
N GLY M 40 27.36 -13.97 -45.06
CA GLY M 40 25.94 -13.75 -45.22
C GLY M 40 25.43 -13.70 -46.65
N MET M 41 26.31 -13.73 -47.65
CA MET M 41 25.84 -13.66 -49.02
C MET M 41 25.22 -14.98 -49.45
N ASP M 42 24.32 -14.88 -50.42
CA ASP M 42 23.87 -16.04 -51.19
C ASP M 42 24.21 -15.72 -52.64
N ASP M 43 25.16 -16.45 -53.21
CA ASP M 43 25.61 -16.17 -54.56
C ASP M 43 24.46 -16.42 -55.55
N ALA M 44 23.88 -15.34 -56.05
CA ALA M 44 22.72 -15.43 -56.92
C ALA M 44 22.61 -14.16 -57.74
N ASP M 45 22.17 -14.30 -59.00
CA ASP M 45 22.03 -13.13 -59.87
C ASP M 45 20.95 -12.19 -59.34
N ALA M 46 19.83 -12.73 -58.86
CA ALA M 46 18.73 -11.93 -58.37
C ALA M 46 18.10 -12.61 -57.17
N VAL M 47 17.39 -11.82 -56.36
CA VAL M 47 16.78 -12.31 -55.13
C VAL M 47 15.36 -11.77 -55.03
N ASP M 48 14.44 -12.65 -54.65
CA ASP M 48 13.07 -12.27 -54.32
C ASP M 48 12.91 -12.26 -52.81
N GLN M 49 12.18 -11.28 -52.30
CA GLN M 49 12.12 -11.06 -50.86
C GLN M 49 10.72 -10.64 -50.45
N LEU M 50 10.21 -11.26 -49.38
CA LEU M 50 8.94 -10.87 -48.78
C LEU M 50 9.20 -9.92 -47.63
N ILE M 51 9.04 -8.63 -47.92
CA ILE M 51 9.17 -7.62 -46.88
C ILE M 51 7.78 -7.22 -46.39
N THR M 52 7.53 -7.41 -45.10
CA THR M 52 6.31 -6.91 -44.51
C THR M 52 6.32 -5.39 -44.53
N THR M 53 5.15 -4.80 -44.70
CA THR M 53 5.03 -3.35 -44.83
C THR M 53 3.96 -2.84 -43.86
N LYS M 54 4.23 -1.67 -43.29
CA LYS M 54 3.32 -0.98 -42.39
C LYS M 54 3.22 0.48 -42.79
N PRO M 55 2.08 1.12 -42.55
CA PRO M 55 1.99 2.57 -42.78
C PRO M 55 2.92 3.30 -41.83
N THR M 56 3.27 4.53 -42.24
CA THR M 56 4.27 5.36 -41.57
C THR M 56 5.67 4.74 -41.61
N ARG M 57 5.94 3.89 -42.60
CA ARG M 57 7.29 3.43 -42.90
C ARG M 57 7.63 3.86 -44.32
N LYS M 58 8.58 4.78 -44.46
CA LYS M 58 9.00 5.25 -45.77
C LYS M 58 10.33 4.65 -46.20
N LYS M 59 11.04 3.98 -45.31
CA LYS M 59 12.32 3.36 -45.63
C LYS M 59 12.24 1.88 -45.26
N TYR M 60 12.62 1.01 -46.20
CA TYR M 60 12.63 -0.42 -46.00
C TYR M 60 14.01 -0.97 -46.33
N PHE M 61 14.37 -2.07 -45.68
CA PHE M 61 15.70 -2.64 -45.78
C PHE M 61 15.65 -3.97 -46.52
N LEU M 62 16.40 -4.07 -47.62
CA LEU M 62 16.50 -5.33 -48.33
C LEU M 62 17.41 -6.30 -47.56
N SER M 63 17.32 -7.57 -47.94
CA SER M 63 18.08 -8.60 -47.23
C SER M 63 19.59 -8.40 -47.39
N SER M 64 20.03 -8.08 -48.60
CA SER M 64 21.45 -7.98 -48.88
C SER M 64 21.86 -6.53 -49.05
N PRO M 65 22.76 -5.99 -48.24
CA PRO M 65 23.18 -4.59 -48.39
C PRO M 65 23.95 -4.30 -49.66
N SER M 66 24.26 -5.31 -50.48
CA SER M 66 24.99 -5.14 -51.73
C SER M 66 24.04 -5.09 -52.91
N ALA M 67 22.84 -4.54 -52.69
CA ALA M 67 21.86 -4.44 -53.75
C ALA M 67 22.22 -3.32 -54.72
N THR M 68 22.16 -3.60 -56.01
CA THR M 68 22.47 -2.59 -57.02
C THR M 68 21.24 -1.78 -57.39
N SER M 69 20.17 -2.45 -57.82
CA SER M 69 18.93 -1.79 -58.16
C SER M 69 17.79 -2.77 -58.04
N VAL M 70 16.58 -2.24 -57.93
CA VAL M 70 15.37 -3.05 -57.81
C VAL M 70 14.73 -3.14 -59.19
N THR M 71 14.63 -4.36 -59.71
CA THR M 71 14.03 -4.55 -61.03
C THR M 71 12.55 -4.19 -61.02
N LYS M 72 11.82 -4.61 -60.00
CA LYS M 72 10.42 -4.26 -59.86
C LYS M 72 9.99 -4.47 -58.41
N MET M 73 9.02 -3.68 -57.98
CA MET M 73 8.49 -3.75 -56.63
C MET M 73 6.98 -3.95 -56.70
N THR M 74 6.47 -4.79 -55.79
CA THR M 74 5.08 -5.24 -55.86
C THR M 74 4.49 -5.24 -54.47
N ILE M 75 3.49 -4.40 -54.25
CA ILE M 75 2.76 -4.33 -52.97
C ILE M 75 1.35 -4.85 -53.22
N ASN M 76 1.01 -5.99 -52.62
CA ASN M 76 -0.32 -6.58 -52.74
C ASN M 76 -0.71 -6.77 -54.20
N ASP M 77 0.23 -7.27 -54.99
CA ASP M 77 0.02 -7.63 -56.40
C ASP M 77 -0.35 -6.42 -57.25
N LYS M 78 0.49 -5.38 -57.18
CA LYS M 78 0.40 -4.26 -58.11
C LYS M 78 1.74 -3.55 -58.13
N GLU M 79 2.36 -3.49 -59.31
CA GLU M 79 3.69 -2.89 -59.43
C GLU M 79 3.63 -1.38 -59.28
N ILE M 80 4.76 -0.80 -58.89
CA ILE M 80 4.89 0.64 -58.66
C ILE M 80 6.06 1.15 -59.48
N ASP M 81 5.88 2.30 -60.13
CA ASP M 81 6.88 2.82 -61.03
C ASP M 81 8.17 3.17 -60.29
N PRO M 82 9.32 3.08 -60.98
CA PRO M 82 10.61 3.37 -60.31
C PRO M 82 10.76 4.81 -59.86
N GLU M 83 9.93 5.73 -60.36
CA GLU M 83 10.08 7.14 -60.01
C GLU M 83 9.62 7.41 -58.59
N GLN M 84 8.81 6.54 -58.00
CA GLN M 84 8.18 6.80 -56.73
C GLN M 84 8.88 6.13 -55.56
N TYR M 85 9.90 5.30 -55.81
CA TYR M 85 10.75 4.74 -54.77
C TYR M 85 12.20 4.90 -55.17
N LYS M 86 13.09 5.01 -54.19
CA LYS M 86 14.51 5.22 -54.44
C LYS M 86 15.34 4.34 -53.52
N LEU M 87 16.40 3.75 -54.07
CA LEU M 87 17.31 2.88 -53.32
C LEU M 87 18.62 3.60 -53.11
N TYR M 88 19.09 3.65 -51.86
CA TYR M 88 20.31 4.36 -51.52
C TYR M 88 21.51 3.41 -51.49
N SER M 89 22.63 3.88 -50.95
CA SER M 89 23.89 3.16 -51.09
C SER M 89 23.84 1.78 -50.45
N ASP M 90 23.30 1.68 -49.24
CA ASP M 90 23.13 0.40 -48.59
C ASP M 90 21.89 -0.29 -49.14
N GLY M 91 21.48 -1.38 -48.49
CA GLY M 91 20.28 -2.06 -48.94
C GLY M 91 18.99 -1.32 -48.67
N VAL M 92 19.04 -0.20 -47.96
CA VAL M 92 17.82 0.53 -47.64
C VAL M 92 17.21 1.13 -48.90
N ILE M 93 15.88 1.07 -48.99
CA ILE M 93 15.13 1.69 -50.07
C ILE M 93 14.15 2.68 -49.46
N LEU M 94 14.12 3.88 -50.02
CA LEU M 94 13.27 4.96 -49.53
C LEU M 94 12.03 5.05 -50.39
N LEU M 95 10.87 5.13 -49.76
CA LEU M 95 9.59 5.26 -50.45
C LEU M 95 9.08 6.69 -50.33
N LYS M 96 8.71 7.27 -51.47
CA LYS M 96 8.19 8.63 -51.45
C LYS M 96 6.81 8.69 -50.82
N PHE M 97 6.03 7.62 -50.95
CA PHE M 97 4.65 7.59 -50.49
C PHE M 97 4.53 6.76 -49.21
N ASN M 98 3.33 6.72 -48.65
CA ASN M 98 3.06 5.87 -47.50
C ASN M 98 2.46 4.55 -48.00
N PRO M 99 3.10 3.42 -47.72
CA PRO M 99 2.64 2.16 -48.30
C PRO M 99 1.46 1.60 -47.52
N PRO M 100 0.44 1.11 -48.22
CA PRO M 100 -0.67 0.44 -47.54
C PRO M 100 -0.22 -0.87 -46.91
N GLU M 101 -0.92 -1.27 -45.86
CA GLU M 101 -0.54 -2.46 -45.12
C GLU M 101 -0.71 -3.71 -45.99
N GLY M 102 0.27 -4.61 -45.89
CA GLY M 102 0.27 -5.81 -46.70
C GLY M 102 1.64 -6.47 -46.77
N TYR M 103 2.07 -6.82 -47.98
CA TYR M 103 3.37 -7.44 -48.19
C TYR M 103 4.01 -6.85 -49.45
N MET M 104 5.33 -6.91 -49.49
CA MET M 104 6.10 -6.40 -50.62
C MET M 104 6.82 -7.54 -51.32
N ASP M 105 6.91 -7.44 -52.64
CA ASP M 105 7.70 -8.36 -53.46
C ASP M 105 8.70 -7.51 -54.24
N VAL M 106 9.97 -7.60 -53.86
CA VAL M 106 11.04 -6.85 -54.50
C VAL M 106 12.02 -7.82 -55.14
N GLU M 107 12.37 -7.57 -56.39
CA GLU M 107 13.38 -8.33 -57.11
C GLU M 107 14.54 -7.41 -57.42
N TYR M 108 15.66 -7.62 -56.72
CA TYR M 108 16.85 -6.79 -56.88
C TYR M 108 18.00 -7.66 -57.35
N THR M 109 19.01 -7.00 -57.91
CA THR M 109 20.19 -7.68 -58.44
C THR M 109 21.36 -7.42 -57.50
N GLN M 110 21.96 -8.50 -57.00
CA GLN M 110 23.08 -8.38 -56.08
C GLN M 110 24.38 -8.12 -56.84
N GLY M 111 25.13 -7.13 -56.37
CA GLY M 111 26.49 -6.94 -56.82
C GLY M 111 27.42 -7.00 -55.63
N GLY M 112 28.23 -8.05 -55.54
CA GLY M 112 29.06 -8.23 -54.36
C GLY M 112 30.54 -8.26 -54.65
N PHE M 113 31.25 -7.23 -54.19
CA PHE M 113 32.69 -7.13 -54.33
C PHE M 113 33.14 -7.24 -55.78
N ASN M 114 32.63 -6.32 -56.61
CA ASN M 114 33.18 -6.19 -57.96
C ASN M 114 34.67 -5.86 -57.91
N PRO M 115 35.15 -4.91 -57.09
CA PRO M 115 36.59 -4.87 -56.80
C PRO M 115 36.93 -5.88 -55.72
N MET M 116 37.79 -6.84 -56.04
CA MET M 116 38.04 -7.96 -55.14
C MET M 116 38.80 -7.50 -53.91
N PRO M 117 38.24 -7.63 -52.71
CA PRO M 117 38.96 -7.21 -51.51
C PRO M 117 40.09 -8.17 -51.18
N GLU M 118 41.25 -7.62 -50.85
CA GLU M 118 42.38 -8.46 -50.47
C GLU M 118 42.25 -9.00 -49.05
N ASP M 119 41.40 -8.40 -48.23
CA ASP M 119 41.16 -8.95 -46.89
C ASP M 119 40.57 -10.33 -46.98
N LEU M 120 39.50 -10.50 -47.76
CA LEU M 120 38.88 -11.80 -47.89
C LEU M 120 39.78 -12.76 -48.64
N LYS M 121 40.59 -12.26 -49.57
CA LYS M 121 41.56 -13.11 -50.24
C LYS M 121 42.54 -13.70 -49.24
N LEU M 122 43.08 -12.86 -48.35
CA LEU M 122 44.00 -13.36 -47.35
C LEU M 122 43.30 -14.29 -46.37
N ALA M 123 42.05 -13.97 -46.00
CA ALA M 123 41.31 -14.82 -45.07
C ALA M 123 41.09 -16.21 -45.66
N ALA M 124 40.72 -16.28 -46.94
CA ALA M 124 40.48 -17.58 -47.56
C ALA M 124 41.78 -18.34 -47.79
N CYS M 125 42.86 -17.62 -48.12
CA CYS M 125 44.16 -18.29 -48.23
C CYS M 125 44.59 -18.85 -46.89
N MET M 126 44.31 -18.11 -45.81
CA MET M 126 44.62 -18.59 -44.47
C MET M 126 43.73 -19.76 -44.06
N LEU M 127 42.46 -19.78 -44.51
CA LEU M 127 41.61 -20.94 -44.26
C LEU M 127 42.13 -22.18 -44.96
N VAL M 128 42.50 -22.05 -46.23
CA VAL M 128 42.96 -23.23 -46.95
C VAL M 128 44.32 -23.69 -46.43
N ASP M 129 45.17 -22.75 -45.97
CA ASP M 129 46.39 -23.16 -45.28
C ASP M 129 46.07 -23.83 -43.95
N HIS M 130 45.03 -23.34 -43.27
CA HIS M 130 44.60 -23.89 -41.98
C HIS M 130 44.11 -25.32 -42.14
N TRP M 131 43.52 -25.64 -43.30
CA TRP M 131 42.97 -26.97 -43.48
C TRP M 131 43.94 -27.92 -44.15
N HIS M 132 44.72 -27.42 -45.11
CA HIS M 132 45.71 -28.25 -45.80
C HIS M 132 46.74 -28.78 -44.83
N LYS M 133 47.52 -27.89 -44.23
CA LYS M 133 48.35 -28.27 -43.10
C LYS M 133 47.42 -28.54 -41.93
N GLN M 134 47.69 -29.59 -41.16
CA GLN M 134 46.68 -30.14 -40.28
C GLN M 134 46.50 -29.23 -39.05
N ASP M 135 46.20 -27.96 -39.28
CA ASP M 135 46.30 -26.93 -38.26
C ASP M 135 44.95 -26.60 -37.61
N TYR M 136 44.29 -27.58 -37.03
CA TYR M 136 43.09 -27.27 -36.24
C TYR M 136 43.06 -28.10 -34.96
N ARG M 137 44.19 -28.12 -34.26
CA ARG M 137 44.30 -28.78 -32.96
C ARG M 137 44.85 -27.78 -31.94
N GLN M 138 44.58 -28.07 -30.66
CA GLN M 138 44.96 -27.13 -29.60
C GLN M 138 46.48 -26.97 -29.53
N ALA M 139 47.22 -28.06 -29.73
CA ALA M 139 48.67 -27.99 -29.76
C ALA M 139 49.19 -29.20 -30.52
N ARG M 140 50.45 -29.13 -30.94
CA ARG M 140 51.05 -30.22 -31.69
C ARG M 140 52.55 -30.22 -31.44
N THR M 141 53.10 -31.41 -31.22
CA THR M 141 54.53 -31.57 -30.95
C THR M 141 55.13 -32.45 -32.03
N ILE M 142 56.22 -31.99 -32.62
CA ILE M 142 57.01 -32.80 -33.55
C ILE M 142 58.42 -32.92 -33.00
N GLY M 143 58.68 -33.98 -32.23
CA GLY M 143 59.97 -34.11 -31.59
C GLY M 143 60.17 -33.10 -30.49
N GLY M 144 61.03 -32.11 -30.74
CA GLY M 144 61.32 -31.10 -29.74
C GLY M 144 60.64 -29.77 -29.98
N GLU M 145 60.40 -29.43 -31.25
CA GLU M 145 59.79 -28.13 -31.60
C GLU M 145 58.28 -28.31 -31.70
N THR M 146 57.58 -27.85 -30.67
CA THR M 146 56.13 -27.93 -30.58
C THR M 146 55.50 -26.55 -30.72
N VAL M 147 54.22 -26.55 -31.07
CA VAL M 147 53.44 -25.31 -31.20
C VAL M 147 52.07 -25.53 -30.60
N THR M 148 51.61 -24.57 -29.81
CA THR M 148 50.24 -24.53 -29.34
C THR M 148 49.49 -23.47 -30.15
N PHE M 149 48.25 -23.77 -30.52
CA PHE M 149 47.58 -23.00 -31.54
C PHE M 149 46.69 -21.92 -30.94
N ASN M 150 46.12 -21.10 -31.80
CA ASN M 150 45.38 -19.92 -31.39
C ASN M 150 44.00 -20.31 -30.87
N ASN M 151 43.42 -19.40 -30.08
CA ASN M 151 42.06 -19.58 -29.63
C ASN M 151 41.10 -19.48 -30.82
N THR M 152 40.02 -20.25 -30.76
CA THR M 152 39.06 -20.32 -31.85
C THR M 152 37.71 -19.82 -31.37
N LYS M 153 37.13 -18.89 -32.14
CA LYS M 153 35.78 -18.39 -31.89
C LYS M 153 34.86 -18.97 -32.96
N SER M 154 33.81 -19.65 -32.52
CA SER M 154 32.87 -20.30 -33.43
C SER M 154 33.57 -21.22 -34.41
N GLY M 155 34.52 -22.00 -33.91
CA GLY M 155 35.24 -22.97 -34.74
C GLY M 155 36.37 -22.43 -35.57
N ILE M 156 36.12 -21.34 -36.29
CA ILE M 156 37.13 -20.74 -37.18
C ILE M 156 38.24 -20.12 -36.34
N PRO M 157 39.46 -19.98 -36.87
CA PRO M 157 40.55 -19.43 -36.07
C PRO M 157 40.34 -17.96 -35.72
N GLU M 158 41.29 -17.36 -35.02
CA GLU M 158 41.06 -16.02 -34.46
C GLU M 158 41.24 -14.93 -35.50
N HIS M 159 42.34 -14.96 -36.24
CA HIS M 159 42.62 -13.93 -37.23
C HIS M 159 41.63 -13.98 -38.39
N ILE M 160 41.34 -15.19 -38.89
CA ILE M 160 40.29 -15.32 -39.89
C ILE M 160 38.97 -14.83 -39.32
N ARG M 161 38.74 -15.06 -38.03
CA ARG M 161 37.53 -14.57 -37.40
C ARG M 161 37.45 -13.06 -37.44
N THR M 162 38.55 -12.37 -37.13
CA THR M 162 38.47 -10.91 -37.10
C THR M 162 38.30 -10.35 -38.51
N ILE M 163 38.94 -10.96 -39.51
CA ILE M 163 38.75 -10.48 -40.88
C ILE M 163 37.30 -10.68 -41.31
N ILE M 164 36.77 -11.89 -41.08
CA ILE M 164 35.38 -12.17 -41.43
C ILE M 164 34.45 -11.18 -40.74
N GLU M 165 34.60 -11.01 -39.43
CA GLU M 165 33.71 -10.13 -38.70
C GLU M 165 33.83 -8.69 -39.17
N VAL M 166 35.00 -8.29 -39.64
CA VAL M 166 35.12 -6.98 -40.28
C VAL M 166 34.27 -6.94 -41.55
N TYR M 167 34.15 -8.07 -42.26
CA TYR M 167 33.32 -8.07 -43.45
C TYR M 167 32.07 -8.96 -43.34
N ARG M 168 31.63 -9.30 -42.14
CA ARG M 168 30.53 -10.26 -41.98
C ARG M 168 29.18 -9.57 -41.88
N ARG M 169 28.92 -8.62 -42.79
CA ARG M 169 27.57 -8.10 -42.89
C ARG M 169 27.12 -7.83 -44.33
N VAL M 170 27.96 -8.00 -45.33
CA VAL M 170 27.56 -7.78 -46.71
C VAL M 170 26.73 -8.96 -47.21
N MET N 1 21.68 -37.15 -47.65
CA MET N 1 21.79 -37.32 -49.10
C MET N 1 23.05 -38.08 -49.47
N GLN N 2 23.57 -37.80 -50.66
CA GLN N 2 24.81 -38.41 -51.16
C GLN N 2 25.79 -37.27 -51.42
N ILE N 3 26.70 -37.04 -50.49
CA ILE N 3 27.57 -35.88 -50.56
C ILE N 3 28.97 -36.25 -51.05
N ILE N 4 29.55 -37.34 -50.55
CA ILE N 4 30.97 -37.56 -50.75
C ILE N 4 31.25 -38.67 -51.77
N THR N 5 30.88 -39.90 -51.41
CA THR N 5 31.26 -41.09 -52.16
C THR N 5 32.78 -41.29 -52.26
N ALA N 6 33.16 -42.46 -52.78
CA ALA N 6 34.56 -42.85 -52.79
C ALA N 6 35.41 -41.91 -53.64
N GLU N 7 34.88 -41.47 -54.78
CA GLU N 7 35.66 -40.63 -55.68
C GLU N 7 36.02 -39.31 -55.02
N ASP N 8 35.07 -38.66 -54.36
CA ASP N 8 35.36 -37.38 -53.73
C ASP N 8 36.23 -37.57 -52.48
N TYR N 9 36.04 -38.66 -51.74
CA TYR N 9 36.95 -38.89 -50.62
C TYR N 9 38.38 -39.11 -51.10
N ARG N 10 38.55 -39.85 -52.20
CA ARG N 10 39.89 -40.05 -52.75
C ARG N 10 40.47 -38.74 -53.26
N LEU N 11 39.65 -37.91 -53.90
CA LEU N 11 40.13 -36.62 -54.37
C LEU N 11 40.52 -35.70 -53.21
N TYR N 12 39.86 -35.85 -52.06
CA TYR N 12 40.24 -35.07 -50.89
C TYR N 12 41.66 -35.40 -50.45
N GLY N 13 42.02 -36.67 -50.47
CA GLY N 13 43.36 -37.10 -50.14
C GLY N 13 44.20 -37.37 -51.36
N GLY N 14 45.21 -38.23 -51.20
CA GLY N 14 46.05 -38.62 -52.30
C GLY N 14 46.22 -40.13 -52.35
N LEU N 15 45.15 -40.85 -52.01
CA LEU N 15 45.22 -42.29 -51.83
C LEU N 15 45.65 -42.98 -53.12
N LYS N 16 46.58 -43.92 -52.99
CA LYS N 16 47.16 -44.59 -54.15
C LYS N 16 46.57 -45.97 -54.38
N ARG N 17 46.08 -46.63 -53.34
CA ARG N 17 45.50 -47.95 -53.51
C ARG N 17 44.21 -47.87 -54.32
N PRO N 18 44.06 -48.72 -55.34
CA PRO N 18 42.83 -48.67 -56.15
C PRO N 18 41.57 -48.92 -55.35
N GLU N 19 41.63 -49.78 -54.33
CA GLU N 19 40.47 -50.11 -53.52
C GLU N 19 40.53 -49.37 -52.20
N LEU N 20 39.41 -48.78 -51.80
CA LEU N 20 39.32 -48.13 -50.50
C LEU N 20 39.43 -49.17 -49.38
N GLU N 21 39.88 -48.71 -48.22
CA GLU N 21 40.01 -49.60 -47.08
C GLU N 21 38.64 -50.07 -46.61
N SER N 22 38.64 -51.16 -45.84
CA SER N 22 37.39 -51.75 -45.39
C SER N 22 36.62 -50.80 -44.48
N GLY N 23 37.34 -50.09 -43.61
CA GLY N 23 36.68 -49.22 -42.64
C GLY N 23 36.10 -47.95 -43.21
N VAL N 24 36.60 -47.50 -44.36
CA VAL N 24 36.15 -46.22 -44.89
C VAL N 24 34.86 -46.35 -45.69
N GLU N 25 34.58 -47.53 -46.24
CA GLU N 25 33.43 -47.69 -47.12
C GLU N 25 32.13 -47.42 -46.38
N VAL N 26 31.95 -48.03 -45.20
CA VAL N 26 30.75 -47.76 -44.41
C VAL N 26 30.85 -46.39 -43.76
N MET N 27 32.07 -45.94 -43.48
CA MET N 27 32.27 -44.68 -42.79
C MET N 27 31.80 -43.50 -43.64
N ILE N 28 32.03 -43.56 -44.95
CA ILE N 28 31.55 -42.50 -45.84
C ILE N 28 30.03 -42.37 -45.73
N THR N 29 29.31 -43.49 -45.89
CA THR N 29 27.85 -43.45 -45.86
C THR N 29 27.34 -42.99 -44.51
N ALA N 30 28.00 -43.41 -43.43
CA ALA N 30 27.63 -42.91 -42.11
C ALA N 30 27.82 -41.40 -42.02
N ALA N 31 28.91 -40.89 -42.59
CA ALA N 31 29.12 -39.45 -42.60
C ALA N 31 28.04 -38.72 -43.37
N ASN N 32 27.66 -39.24 -44.54
CA ASN N 32 26.61 -38.60 -45.33
C ASN N 32 25.29 -38.59 -44.57
N ALA N 33 24.96 -39.70 -43.92
CA ALA N 33 23.72 -39.74 -43.15
C ALA N 33 23.77 -38.77 -41.96
N LEU N 34 24.90 -38.71 -41.27
CA LEU N 34 24.99 -37.85 -40.09
C LEU N 34 24.91 -36.37 -40.48
N ILE N 35 25.56 -35.99 -41.59
CA ILE N 35 25.46 -34.59 -42.03
C ILE N 35 24.02 -34.23 -42.36
N THR N 36 23.33 -35.08 -43.12
CA THR N 36 21.96 -34.74 -43.52
C THR N 36 21.00 -34.83 -42.36
N SER N 37 21.38 -35.51 -41.28
CA SER N 37 20.49 -35.54 -40.11
C SER N 37 20.79 -34.42 -39.13
N LEU N 38 22.03 -33.93 -39.09
CA LEU N 38 22.35 -32.78 -38.24
C LEU N 38 21.63 -31.53 -38.71
N LEU N 39 21.64 -31.28 -40.02
CA LEU N 39 21.08 -30.06 -40.57
C LEU N 39 19.56 -30.00 -40.45
N GLY N 40 18.92 -31.10 -40.08
CA GLY N 40 17.48 -31.15 -40.02
C GLY N 40 16.80 -31.70 -41.26
N MET N 41 17.54 -31.91 -42.33
CA MET N 41 16.96 -32.48 -43.54
C MET N 41 16.59 -33.94 -43.32
N ASP N 42 15.69 -34.43 -44.18
CA ASP N 42 15.40 -35.85 -44.25
C ASP N 42 15.23 -36.19 -45.73
N ASP N 43 16.06 -37.11 -46.22
CA ASP N 43 16.03 -37.46 -47.63
C ASP N 43 14.70 -38.11 -47.99
N ALA N 44 13.83 -37.38 -48.68
CA ALA N 44 12.50 -37.86 -49.00
C ALA N 44 11.99 -37.11 -50.22
N ASP N 45 11.31 -37.82 -51.12
CA ASP N 45 10.77 -37.19 -52.32
C ASP N 45 9.68 -36.17 -51.97
N ALA N 46 8.81 -36.50 -51.03
CA ALA N 46 7.71 -35.62 -50.65
C ALA N 46 7.46 -35.75 -49.16
N VAL N 47 6.84 -34.73 -48.59
CA VAL N 47 6.58 -34.66 -47.17
C VAL N 47 5.14 -34.21 -46.93
N ASP N 48 4.46 -34.88 -46.00
CA ASP N 48 3.14 -34.47 -45.53
C ASP N 48 3.28 -33.89 -44.14
N GLN N 49 2.57 -32.79 -43.88
CA GLN N 49 2.74 -32.08 -42.63
C GLN N 49 1.44 -31.43 -42.20
N LEU N 50 1.17 -31.48 -40.89
CA LEU N 50 -0.03 -30.90 -40.30
C LEU N 50 0.36 -29.57 -39.66
N ILE N 51 0.08 -28.49 -40.37
CA ILE N 51 0.32 -27.14 -39.86
C ILE N 51 -0.99 -26.63 -39.27
N THR N 52 -0.97 -26.23 -38.00
CA THR N 52 -2.13 -25.58 -37.41
C THR N 52 -2.33 -24.22 -38.07
N THR N 53 -3.59 -23.84 -38.25
CA THR N 53 -3.94 -22.60 -38.93
C THR N 53 -4.88 -21.78 -38.06
N LYS N 54 -4.64 -20.48 -38.02
CA LYS N 54 -5.46 -19.53 -37.29
C LYS N 54 -5.82 -18.37 -38.20
N PRO N 55 -7.00 -17.79 -38.05
CA PRO N 55 -7.36 -16.62 -38.86
C PRO N 55 -6.45 -15.44 -38.55
N THR N 56 -6.39 -14.51 -39.50
CA THR N 56 -5.47 -13.37 -39.47
C THR N 56 -4.01 -13.80 -39.49
N ARG N 57 -3.72 -14.98 -40.04
CA ARG N 57 -2.37 -15.44 -40.29
C ARG N 57 -2.30 -15.91 -41.73
N LYS N 58 -1.69 -15.11 -42.61
CA LYS N 58 -1.70 -15.39 -44.03
C LYS N 58 -0.35 -15.88 -44.55
N LYS N 59 0.55 -16.27 -43.64
CA LYS N 59 1.81 -16.91 -44.04
C LYS N 59 2.08 -18.07 -43.11
N TYR N 60 2.33 -19.25 -43.68
CA TYR N 60 2.68 -20.44 -42.93
C TYR N 60 4.02 -20.97 -43.42
N PHE N 61 4.82 -21.47 -42.48
CA PHE N 61 6.19 -21.89 -42.76
C PHE N 61 6.24 -23.42 -42.86
N LEU N 62 6.79 -23.91 -43.97
CA LEU N 62 6.99 -25.34 -44.14
C LEU N 62 8.21 -25.79 -43.34
N SER N 63 8.31 -27.11 -43.13
CA SER N 63 9.42 -27.65 -42.38
C SER N 63 10.74 -27.44 -43.10
N SER N 64 10.77 -27.73 -44.40
CA SER N 64 12.00 -27.69 -45.16
C SER N 64 12.11 -26.37 -45.90
N PRO N 65 13.09 -25.51 -45.60
CA PRO N 65 13.25 -24.27 -46.35
C PRO N 65 13.64 -24.47 -47.80
N SER N 66 13.93 -25.70 -48.21
CA SER N 66 14.28 -26.02 -49.59
C SER N 66 13.10 -26.67 -50.31
N ALA N 67 11.88 -26.21 -49.99
CA ALA N 67 10.68 -26.73 -50.62
C ALA N 67 10.55 -26.17 -52.03
N THR N 68 10.29 -27.06 -52.99
CA THR N 68 10.18 -26.64 -54.38
C THR N 68 8.79 -26.13 -54.71
N SER N 69 7.77 -26.98 -54.51
CA SER N 69 6.40 -26.59 -54.81
C SER N 69 5.46 -27.47 -53.98
N VAL N 70 4.22 -27.00 -53.88
CA VAL N 70 3.17 -27.70 -53.14
C VAL N 70 2.33 -28.49 -54.12
N THR N 71 2.28 -29.80 -53.94
CA THR N 71 1.48 -30.64 -54.84
C THR N 71 -0.01 -30.46 -54.58
N LYS N 72 -0.43 -30.43 -53.32
CA LYS N 72 -1.83 -30.21 -52.99
C LYS N 72 -1.91 -29.63 -51.59
N MET N 73 -2.98 -28.86 -51.35
CA MET N 73 -3.17 -28.14 -50.10
C MET N 73 -4.56 -28.43 -49.57
N THR N 74 -4.66 -28.65 -48.26
CA THR N 74 -5.91 -29.10 -47.65
C THR N 74 -6.13 -28.39 -46.32
N ILE N 75 -7.32 -27.83 -46.13
CA ILE N 75 -7.73 -27.22 -44.88
C ILE N 75 -9.06 -27.83 -44.47
N ASN N 76 -9.07 -28.61 -43.39
CA ASN N 76 -10.26 -29.33 -42.93
C ASN N 76 -10.89 -30.14 -44.05
N ASP N 77 -10.05 -30.86 -44.81
CA ASP N 77 -10.51 -31.80 -45.82
C ASP N 77 -11.28 -31.11 -46.95
N LYS N 78 -10.63 -30.12 -47.58
CA LYS N 78 -11.13 -29.56 -48.84
C LYS N 78 -9.96 -28.93 -49.56
N GLU N 79 -9.67 -29.43 -50.76
CA GLU N 79 -8.53 -28.96 -51.52
C GLU N 79 -8.75 -27.53 -52.01
N ILE N 80 -7.68 -26.74 -51.98
CA ILE N 80 -7.69 -25.36 -52.45
C ILE N 80 -6.86 -25.27 -53.72
N ASP N 81 -7.38 -24.58 -54.73
CA ASP N 81 -6.67 -24.45 -55.99
C ASP N 81 -5.36 -23.69 -55.79
N PRO N 82 -4.36 -23.92 -56.65
CA PRO N 82 -3.04 -23.29 -56.45
C PRO N 82 -3.04 -21.78 -56.63
N GLU N 83 -4.18 -21.17 -56.99
CA GLU N 83 -4.20 -19.73 -57.18
C GLU N 83 -4.22 -18.97 -55.86
N GLN N 84 -4.80 -19.56 -54.81
CA GLN N 84 -4.97 -18.84 -53.54
C GLN N 84 -3.70 -18.76 -52.72
N TYR N 85 -2.74 -19.67 -52.92
CA TYR N 85 -1.50 -19.67 -52.15
C TYR N 85 -0.31 -19.61 -53.09
N LYS N 86 0.75 -18.95 -52.63
CA LYS N 86 1.99 -18.83 -53.41
C LYS N 86 3.16 -19.12 -52.50
N LEU N 87 4.03 -20.03 -52.93
CA LEU N 87 5.20 -20.45 -52.16
C LEU N 87 6.40 -19.61 -52.59
N TYR N 88 7.05 -18.96 -51.63
CA TYR N 88 8.11 -18.02 -51.92
C TYR N 88 9.47 -18.71 -51.90
N SER N 89 10.55 -17.93 -51.88
CA SER N 89 11.89 -18.48 -52.05
C SER N 89 12.24 -19.47 -50.94
N ASP N 90 11.98 -19.08 -49.69
CA ASP N 90 12.19 -19.97 -48.57
C ASP N 90 10.98 -20.90 -48.43
N GLY N 91 10.89 -21.61 -47.31
CA GLY N 91 9.73 -22.44 -47.07
C GLY N 91 8.44 -21.67 -46.83
N VAL N 92 8.51 -20.34 -46.80
CA VAL N 92 7.31 -19.54 -46.55
C VAL N 92 6.30 -19.76 -47.66
N ILE N 93 5.05 -19.98 -47.28
CA ILE N 93 3.93 -19.98 -48.21
C ILE N 93 2.96 -18.90 -47.75
N LEU N 94 2.47 -18.10 -48.69
CA LEU N 94 1.57 -17.00 -48.39
C LEU N 94 0.21 -17.29 -49.00
N LEU N 95 -0.85 -17.06 -48.24
CA LEU N 95 -2.22 -17.32 -48.68
C LEU N 95 -2.86 -15.99 -49.06
N LYS N 96 -3.40 -15.92 -50.28
CA LYS N 96 -4.10 -14.71 -50.71
C LYS N 96 -5.34 -14.46 -49.86
N PHE N 97 -6.08 -15.51 -49.54
CA PHE N 97 -7.29 -15.38 -48.73
C PHE N 97 -6.97 -15.53 -47.26
N ASN N 98 -8.00 -15.49 -46.43
CA ASN N 98 -7.84 -15.62 -44.98
C ASN N 98 -8.26 -17.02 -44.57
N PRO N 99 -7.34 -17.88 -44.14
CA PRO N 99 -7.69 -19.28 -43.87
C PRO N 99 -8.62 -19.41 -42.67
N PRO N 100 -9.65 -20.25 -42.77
CA PRO N 100 -10.48 -20.53 -41.60
C PRO N 100 -9.73 -21.37 -40.60
N GLU N 101 -10.14 -21.24 -39.33
CA GLU N 101 -9.46 -21.95 -38.26
C GLU N 101 -9.68 -23.45 -38.38
N GLY N 102 -8.63 -24.22 -38.09
CA GLY N 102 -8.68 -25.66 -38.22
C GLY N 102 -7.30 -26.27 -38.36
N TYR N 103 -7.15 -27.23 -39.25
CA TYR N 103 -5.87 -27.90 -39.50
C TYR N 103 -5.57 -27.90 -40.98
N MET N 104 -4.30 -27.70 -41.30
CA MET N 104 -3.84 -27.57 -42.67
C MET N 104 -2.97 -28.77 -43.04
N ASP N 105 -3.19 -29.29 -44.25
CA ASP N 105 -2.44 -30.44 -44.75
C ASP N 105 -1.86 -30.09 -46.11
N VAL N 106 -0.54 -30.04 -46.21
CA VAL N 106 0.16 -29.73 -47.44
C VAL N 106 1.13 -30.86 -47.77
N GLU N 107 1.16 -31.26 -49.03
CA GLU N 107 2.11 -32.26 -49.52
C GLU N 107 3.01 -31.57 -50.54
N TYR N 108 4.26 -31.32 -50.15
CA TYR N 108 5.20 -30.61 -50.99
C TYR N 108 6.37 -31.52 -51.36
N THR N 109 7.12 -31.12 -52.38
CA THR N 109 8.27 -31.86 -52.86
C THR N 109 9.54 -31.20 -52.34
N GLN N 110 10.39 -31.99 -51.71
CA GLN N 110 11.63 -31.51 -51.11
C GLN N 110 12.78 -31.65 -52.10
N GLY N 111 13.42 -30.53 -52.41
CA GLY N 111 14.63 -30.56 -53.21
C GLY N 111 15.76 -29.85 -52.49
N GLY N 112 16.79 -30.59 -52.10
CA GLY N 112 17.83 -30.02 -51.26
C GLY N 112 19.22 -30.14 -51.82
N PHE N 113 19.85 -29.00 -52.08
CA PHE N 113 21.25 -28.93 -52.54
C PHE N 113 21.46 -29.74 -53.82
N ASN N 114 20.73 -29.37 -54.87
CA ASN N 114 21.00 -29.99 -56.17
C ASN N 114 22.40 -29.67 -56.66
N PRO N 115 22.87 -28.41 -56.66
CA PRO N 115 24.33 -28.16 -56.68
C PRO N 115 24.87 -28.31 -55.26
N MET N 116 25.63 -29.37 -55.04
CA MET N 116 26.06 -29.66 -53.68
C MET N 116 27.14 -28.67 -53.25
N PRO N 117 26.94 -27.96 -52.13
CA PRO N 117 27.97 -27.03 -51.66
C PRO N 117 29.23 -27.77 -51.27
N GLU N 118 30.37 -27.12 -51.51
CA GLU N 118 31.65 -27.72 -51.19
C GLU N 118 31.95 -27.69 -49.70
N ASP N 119 31.31 -26.80 -48.95
CA ASP N 119 31.51 -26.77 -47.51
C ASP N 119 31.05 -28.07 -46.86
N LEU N 120 29.88 -28.56 -47.26
CA LEU N 120 29.39 -29.81 -46.71
C LEU N 120 30.25 -30.99 -47.15
N LYS N 121 30.76 -30.94 -48.38
CA LYS N 121 31.68 -31.98 -48.82
C LYS N 121 32.92 -32.01 -47.94
N LEU N 122 33.49 -30.83 -47.66
CA LEU N 122 34.66 -30.78 -46.80
C LEU N 122 34.34 -31.22 -45.38
N ALA N 123 33.16 -30.84 -44.88
CA ALA N 123 32.79 -31.22 -43.51
C ALA N 123 32.64 -32.74 -43.39
N ALA N 124 31.98 -33.36 -44.36
CA ALA N 124 31.82 -34.82 -44.31
C ALA N 124 33.16 -35.52 -44.51
N CYS N 125 34.02 -34.98 -45.37
CA CYS N 125 35.36 -35.54 -45.51
C CYS N 125 36.14 -35.43 -44.21
N MET N 126 35.96 -34.32 -43.49
CA MET N 126 36.66 -34.16 -42.23
C MET N 126 36.10 -35.09 -41.16
N LEU N 127 34.79 -35.36 -41.18
CA LEU N 127 34.25 -36.35 -40.24
C LEU N 127 34.77 -37.74 -40.53
N VAL N 128 34.80 -38.13 -41.81
CA VAL N 128 35.29 -39.48 -42.10
C VAL N 128 36.78 -39.59 -41.84
N ASP N 129 37.55 -38.51 -42.04
CA ASP N 129 38.95 -38.53 -41.65
C ASP N 129 39.10 -38.54 -40.13
N HIS N 130 38.16 -37.90 -39.44
CA HIS N 130 38.16 -37.86 -37.98
C HIS N 130 37.87 -39.24 -37.40
N TRP N 131 37.10 -40.05 -38.12
CA TRP N 131 36.75 -41.37 -37.62
C TRP N 131 37.72 -42.45 -38.09
N HIS N 132 38.29 -42.29 -39.30
CA HIS N 132 39.20 -43.29 -39.84
C HIS N 132 40.42 -43.43 -38.96
N LYS N 133 41.25 -42.37 -38.89
CA LYS N 133 42.25 -42.31 -37.85
C LYS N 133 41.57 -41.86 -36.56
N GLN N 134 41.65 -42.68 -35.52
CA GLN N 134 40.70 -42.63 -34.42
C GLN N 134 40.93 -41.40 -33.56
N ASP N 135 40.72 -40.21 -34.14
CA ASP N 135 41.04 -38.96 -33.48
C ASP N 135 39.80 -38.29 -32.89
N TYR N 136 39.19 -38.95 -31.91
CA TYR N 136 38.13 -38.31 -31.14
C TYR N 136 38.56 -38.12 -29.69
N ARG N 137 39.85 -38.23 -29.41
CA ARG N 137 40.37 -38.18 -28.06
C ARG N 137 40.74 -36.75 -27.69
N GLN N 138 41.00 -36.52 -26.40
CA GLN N 138 41.43 -35.20 -25.97
C GLN N 138 42.87 -34.93 -26.36
N ALA N 139 43.72 -35.95 -26.30
CA ALA N 139 45.10 -35.84 -26.75
C ALA N 139 45.61 -37.23 -27.06
N ARG N 140 46.71 -37.29 -27.80
CA ARG N 140 47.31 -38.56 -28.16
C ARG N 140 48.80 -38.37 -28.35
N THR N 141 49.59 -39.27 -27.76
CA THR N 141 51.04 -39.22 -27.83
C THR N 141 51.55 -40.46 -28.54
N ILE N 142 52.45 -40.26 -29.51
CA ILE N 142 53.15 -41.37 -30.15
C ILE N 142 54.64 -41.17 -29.93
N GLY N 143 55.17 -41.79 -28.88
CA GLY N 143 56.57 -41.60 -28.55
C GLY N 143 56.87 -40.18 -28.11
N GLY N 144 57.56 -39.43 -28.96
CA GLY N 144 57.92 -38.06 -28.64
C GLY N 144 57.00 -37.03 -29.26
N GLU N 145 56.50 -37.29 -30.46
CA GLU N 145 55.65 -36.35 -31.17
C GLU N 145 54.19 -36.58 -30.76
N THR N 146 53.66 -35.69 -29.93
CA THR N 146 52.31 -35.80 -29.41
C THR N 146 51.41 -34.72 -29.97
N VAL N 147 50.10 -34.96 -29.88
CA VAL N 147 49.08 -34.02 -30.33
C VAL N 147 47.98 -33.96 -29.29
N THR N 148 47.52 -32.76 -28.98
CA THR N 148 46.31 -32.58 -28.19
C THR N 148 45.23 -32.03 -29.13
N PHE N 149 44.03 -32.61 -29.05
CA PHE N 149 43.02 -32.37 -30.07
C PHE N 149 42.11 -31.20 -29.68
N ASN N 150 41.32 -30.78 -30.67
CA ASN N 150 40.55 -29.56 -30.55
C ASN N 150 39.32 -29.77 -29.68
N ASN N 151 38.79 -28.66 -29.16
CA ASN N 151 37.59 -28.71 -28.35
C ASN N 151 36.41 -29.22 -29.16
N THR N 152 35.53 -29.96 -28.51
CA THR N 152 34.37 -30.56 -29.15
C THR N 152 33.10 -29.91 -28.65
N LYS N 153 32.24 -29.49 -29.57
CA LYS N 153 30.93 -28.94 -29.25
C LYS N 153 29.89 -29.94 -29.74
N SER N 154 29.05 -30.43 -28.82
CA SER N 154 28.06 -31.46 -29.11
C SER N 154 28.72 -32.67 -29.78
N GLY N 155 29.86 -33.06 -29.25
CA GLY N 155 30.59 -34.22 -29.77
C GLY N 155 31.47 -33.97 -30.98
N ILE N 156 30.91 -33.36 -32.02
CA ILE N 156 31.63 -33.10 -33.26
C ILE N 156 32.68 -32.01 -33.04
N PRO N 157 33.84 -32.09 -33.72
CA PRO N 157 34.89 -31.10 -33.49
C PRO N 157 34.50 -29.70 -33.95
N GLU N 158 35.38 -28.72 -33.73
CA GLU N 158 35.02 -27.32 -33.93
C GLU N 158 34.77 -27.00 -35.39
N HIS N 159 35.66 -27.45 -36.29
CA HIS N 159 35.58 -27.05 -37.69
C HIS N 159 34.34 -27.63 -38.37
N ILE N 160 34.12 -28.93 -38.22
CA ILE N 160 32.90 -29.54 -38.74
C ILE N 160 31.68 -28.89 -38.11
N ARG N 161 31.79 -28.54 -36.82
CA ARG N 161 30.68 -27.89 -36.14
C ARG N 161 30.34 -26.55 -36.78
N THR N 162 31.35 -25.76 -37.11
CA THR N 162 31.05 -24.44 -37.68
C THR N 162 30.51 -24.57 -39.09
N ILE N 163 31.00 -25.52 -39.88
CA ILE N 163 30.43 -25.73 -41.21
C ILE N 163 28.96 -26.15 -41.08
N ILE N 164 28.69 -27.12 -40.21
CA ILE N 164 27.32 -27.57 -40.02
C ILE N 164 26.44 -26.40 -39.59
N GLU N 165 26.87 -25.66 -38.58
CA GLU N 165 26.08 -24.54 -38.08
C GLU N 165 25.86 -23.47 -39.13
N VAL N 166 26.80 -23.29 -40.06
CA VAL N 166 26.54 -22.44 -41.20
C VAL N 166 25.41 -23.00 -42.05
N TYR N 167 25.32 -24.32 -42.17
CA TYR N 167 24.24 -24.90 -42.96
C TYR N 167 23.20 -25.67 -42.15
N ARG N 168 23.08 -25.42 -40.85
CA ARG N 168 22.24 -26.25 -39.99
C ARG N 168 20.82 -25.71 -39.85
N ARG N 169 20.15 -25.36 -40.95
CA ARG N 169 18.71 -25.13 -40.87
C ARG N 169 17.93 -25.60 -42.09
N VAL N 170 18.57 -26.22 -43.08
CA VAL N 170 17.87 -26.67 -44.27
C VAL N 170 17.10 -27.96 -43.96
N MET O 1 16.63 -53.76 -31.32
CA MET O 1 16.68 -54.25 -32.71
C MET O 1 17.93 -55.05 -32.97
N GLN O 2 18.26 -55.22 -34.25
CA GLN O 2 19.48 -55.91 -34.69
C GLN O 2 20.20 -54.93 -35.62
N ILE O 3 21.23 -54.29 -35.10
CA ILE O 3 21.86 -53.20 -35.84
C ILE O 3 23.12 -53.66 -36.57
N ILE O 4 23.99 -54.41 -35.90
CA ILE O 4 25.34 -54.60 -36.43
C ILE O 4 25.57 -56.01 -36.96
N THR O 5 25.55 -56.99 -36.06
CA THR O 5 25.95 -58.37 -36.34
C THR O 5 27.41 -58.49 -36.80
N ALA O 6 27.88 -59.74 -36.90
CA ALA O 6 29.28 -59.99 -37.18
C ALA O 6 29.68 -59.50 -38.56
N GLU O 7 28.77 -59.58 -39.53
CA GLU O 7 29.10 -59.14 -40.88
C GLU O 7 29.45 -57.66 -40.89
N ASP O 8 28.63 -56.83 -40.22
CA ASP O 8 28.89 -55.40 -40.22
C ASP O 8 30.08 -55.04 -39.34
N TYR O 9 30.30 -55.79 -38.25
CA TYR O 9 31.54 -55.56 -37.50
C TYR O 9 32.76 -55.86 -38.35
N ARG O 10 32.74 -56.98 -39.09
CA ARG O 10 33.91 -57.35 -39.88
C ARG O 10 34.12 -56.38 -41.05
N LEU O 11 33.03 -55.87 -41.62
CA LEU O 11 33.16 -54.83 -42.63
C LEU O 11 33.70 -53.54 -42.03
N TYR O 12 33.33 -53.22 -40.79
CA TYR O 12 33.84 -52.02 -40.15
C TYR O 12 35.36 -52.09 -39.95
N GLY O 13 35.86 -53.24 -39.55
CA GLY O 13 37.28 -53.45 -39.37
C GLY O 13 37.92 -54.18 -40.54
N GLY O 14 39.06 -54.79 -40.28
CA GLY O 14 39.75 -55.59 -41.27
C GLY O 14 40.13 -56.94 -40.68
N LEU O 15 39.26 -57.46 -39.82
CA LEU O 15 39.56 -58.66 -39.05
C LEU O 15 39.85 -59.84 -39.97
N LYS O 16 40.92 -60.56 -39.69
CA LYS O 16 41.37 -61.64 -40.55
C LYS O 16 40.94 -63.02 -40.06
N ARG O 17 40.77 -63.18 -38.74
CA ARG O 17 40.37 -64.48 -38.21
C ARG O 17 38.94 -64.80 -38.62
N PRO O 18 38.66 -66.04 -39.03
CA PRO O 18 37.28 -66.38 -39.41
C PRO O 18 36.31 -66.30 -38.24
N GLU O 19 36.63 -66.94 -37.12
CA GLU O 19 35.76 -66.91 -35.96
C GLU O 19 36.02 -65.65 -35.14
N LEU O 20 34.95 -64.97 -34.74
CA LEU O 20 35.08 -63.78 -33.91
C LEU O 20 35.54 -64.16 -32.50
N GLU O 21 36.09 -63.18 -31.80
CA GLU O 21 36.59 -63.43 -30.46
C GLU O 21 35.43 -63.71 -29.51
N SER O 22 35.76 -64.34 -28.38
CA SER O 22 34.73 -64.74 -27.42
C SER O 22 33.99 -63.55 -26.84
N GLY O 23 34.72 -62.47 -26.51
CA GLY O 23 34.09 -61.34 -25.87
C GLY O 23 33.23 -60.49 -26.79
N VAL O 24 33.62 -60.38 -28.06
CA VAL O 24 32.94 -59.48 -28.97
C VAL O 24 31.56 -60.01 -29.34
N GLU O 25 31.38 -61.33 -29.37
CA GLU O 25 30.15 -61.92 -29.89
C GLU O 25 28.94 -61.50 -29.07
N VAL O 26 29.04 -61.55 -27.74
CA VAL O 26 27.94 -61.11 -26.88
C VAL O 26 27.91 -59.60 -26.77
N MET O 27 29.09 -58.97 -26.86
CA MET O 27 29.18 -57.54 -26.70
C MET O 27 28.46 -56.81 -27.84
N ILE O 28 28.46 -57.38 -29.05
CA ILE O 28 27.77 -56.74 -30.16
C ILE O 28 26.27 -56.69 -29.92
N THR O 29 25.67 -57.82 -29.54
CA THR O 29 24.22 -57.84 -29.33
C THR O 29 23.86 -57.01 -28.11
N ALA O 30 24.74 -56.96 -27.11
CA ALA O 30 24.47 -56.10 -25.96
C ALA O 30 24.53 -54.62 -26.36
N ALA O 31 25.48 -54.24 -27.21
CA ALA O 31 25.50 -52.87 -27.72
C ALA O 31 24.25 -52.57 -28.53
N ASN O 32 23.80 -53.55 -29.30
CA ASN O 32 22.55 -53.39 -30.05
C ASN O 32 21.39 -53.09 -29.11
N ALA O 33 21.27 -53.88 -28.03
CA ALA O 33 20.19 -53.67 -27.07
C ALA O 33 20.31 -52.32 -26.38
N LEU O 34 21.53 -51.92 -26.00
CA LEU O 34 21.69 -50.63 -25.34
C LEU O 34 21.30 -49.48 -26.27
N ILE O 35 21.69 -49.57 -27.54
CA ILE O 35 21.31 -48.50 -28.47
C ILE O 35 19.80 -48.48 -28.67
N THR O 36 19.18 -49.65 -28.82
CA THR O 36 17.74 -49.66 -29.08
C THR O 36 16.91 -49.28 -27.86
N SER O 37 17.46 -49.45 -26.66
CA SER O 37 16.77 -48.98 -25.46
C SER O 37 17.20 -47.56 -25.07
N LEU O 38 18.23 -47.04 -25.73
CA LEU O 38 18.74 -45.72 -25.38
C LEU O 38 18.03 -44.64 -26.18
N LEU O 39 17.72 -44.92 -27.45
CA LEU O 39 17.00 -43.98 -28.30
C LEU O 39 15.55 -43.83 -27.91
N GLY O 40 15.02 -44.71 -27.06
CA GLY O 40 13.62 -44.73 -26.73
C GLY O 40 12.82 -45.85 -27.36
N MET O 41 13.39 -46.58 -28.32
CA MET O 41 12.71 -47.72 -28.90
C MET O 41 12.52 -48.83 -27.86
N ASP O 42 11.47 -49.62 -28.08
CA ASP O 42 11.27 -50.89 -27.38
C ASP O 42 10.82 -51.88 -28.43
N ASP O 43 11.69 -52.85 -28.75
CA ASP O 43 11.39 -53.80 -29.81
C ASP O 43 10.13 -54.62 -29.52
N ALA O 44 9.07 -54.33 -30.27
CA ALA O 44 7.77 -54.97 -30.04
C ALA O 44 6.94 -54.86 -31.30
N ASP O 45 6.22 -55.94 -31.61
CA ASP O 45 5.34 -55.95 -32.78
C ASP O 45 4.19 -54.95 -32.63
N ALA O 46 3.60 -54.89 -31.44
CA ALA O 46 2.46 -54.00 -31.19
C ALA O 46 2.59 -53.42 -29.80
N VAL O 47 1.94 -52.27 -29.59
CA VAL O 47 2.00 -51.55 -28.33
C VAL O 47 0.60 -51.14 -27.92
N ASP O 48 0.30 -51.33 -26.63
CA ASP O 48 -0.93 -50.84 -26.03
C ASP O 48 -0.62 -49.56 -25.27
N GLN O 49 -1.52 -48.58 -25.37
CA GLN O 49 -1.26 -47.25 -24.87
C GLN O 49 -2.48 -46.71 -24.13
N LEU O 50 -2.24 -46.13 -22.96
CA LEU O 50 -3.27 -45.40 -22.23
C LEU O 50 -3.08 -43.90 -22.45
N ILE O 51 -3.86 -43.35 -23.37
CA ILE O 51 -3.83 -41.92 -23.63
C ILE O 51 -5.02 -41.28 -22.92
N THR O 52 -4.75 -40.38 -21.99
CA THR O 52 -5.83 -39.58 -21.43
C THR O 52 -6.36 -38.63 -22.49
N THR O 53 -7.68 -38.43 -22.50
CA THR O 53 -8.32 -37.63 -23.53
C THR O 53 -9.21 -36.59 -22.87
N LYS O 54 -9.21 -35.38 -23.43
CA LYS O 54 -10.03 -34.28 -22.98
C LYS O 54 -10.76 -33.68 -24.18
N PRO O 55 -11.97 -33.17 -23.97
CA PRO O 55 -12.67 -32.50 -25.07
C PRO O 55 -11.91 -31.25 -25.51
N THR O 56 -12.20 -30.83 -26.75
CA THR O 56 -11.48 -29.77 -27.45
C THR O 56 -10.00 -30.12 -27.66
N ARG O 57 -9.69 -31.40 -27.80
CA ARG O 57 -8.37 -31.87 -28.21
C ARG O 57 -8.55 -32.91 -29.30
N LYS O 58 -8.19 -32.53 -30.54
CA LYS O 58 -8.45 -33.37 -31.70
C LYS O 58 -7.20 -34.08 -32.19
N LYS O 59 -6.07 -33.94 -31.51
CA LYS O 59 -4.83 -34.62 -31.90
C LYS O 59 -4.16 -35.18 -30.65
N TYR O 60 -3.74 -36.43 -30.72
CA TYR O 60 -3.04 -37.10 -29.63
C TYR O 60 -1.75 -37.70 -30.16
N PHE O 61 -0.73 -37.75 -29.32
CA PHE O 61 0.60 -38.21 -29.71
C PHE O 61 0.82 -39.62 -29.17
N LEU O 62 1.18 -40.54 -30.06
CA LEU O 62 1.51 -41.89 -29.64
C LEU O 62 2.89 -41.93 -29.00
N SER O 63 3.13 -42.99 -28.22
CA SER O 63 4.42 -43.11 -27.53
C SER O 63 5.57 -43.24 -28.52
N SER O 64 5.41 -44.05 -29.55
CA SER O 64 6.48 -44.30 -30.49
C SER O 64 6.22 -43.56 -31.79
N PRO O 65 7.05 -42.58 -32.15
CA PRO O 65 6.83 -41.85 -33.42
C PRO O 65 7.06 -42.68 -34.67
N SER O 66 7.45 -43.95 -34.52
CA SER O 66 7.67 -44.84 -35.65
C SER O 66 6.48 -45.78 -35.84
N ALA O 67 5.28 -45.27 -35.59
CA ALA O 67 4.05 -46.05 -35.72
C ALA O 67 3.55 -45.96 -37.15
N THR O 68 3.57 -47.09 -37.86
CA THR O 68 3.14 -47.11 -39.25
C THR O 68 1.63 -47.06 -39.40
N SER O 69 0.88 -47.65 -38.47
CA SER O 69 -0.57 -47.60 -38.48
C SER O 69 -1.08 -48.06 -37.12
N VAL O 70 -2.36 -47.82 -36.88
CA VAL O 70 -3.03 -48.21 -35.64
C VAL O 70 -4.07 -49.27 -35.96
N THR O 71 -4.11 -50.33 -35.16
CA THR O 71 -5.00 -51.46 -35.42
C THR O 71 -6.43 -51.16 -35.01
N LYS O 72 -6.65 -50.91 -33.72
CA LYS O 72 -7.98 -50.64 -33.22
C LYS O 72 -7.93 -49.51 -32.19
N MET O 73 -9.05 -48.83 -32.04
CA MET O 73 -9.17 -47.65 -31.20
C MET O 73 -10.30 -47.85 -30.20
N THR O 74 -10.09 -47.39 -28.97
CA THR O 74 -11.05 -47.59 -27.90
C THR O 74 -11.07 -46.37 -26.99
N ILE O 75 -12.25 -45.81 -26.77
CA ILE O 75 -12.47 -44.74 -25.81
C ILE O 75 -13.61 -45.17 -24.89
N ASN O 76 -13.32 -45.29 -23.60
CA ASN O 76 -14.32 -45.69 -22.60
C ASN O 76 -14.99 -47.01 -22.99
N ASP O 77 -14.18 -47.95 -23.49
CA ASP O 77 -14.65 -49.29 -23.86
C ASP O 77 -15.71 -49.24 -24.95
N LYS O 78 -15.41 -48.49 -26.02
CA LYS O 78 -16.23 -48.52 -27.23
C LYS O 78 -15.33 -48.27 -28.42
N GLU O 79 -15.45 -49.11 -29.44
CA GLU O 79 -14.55 -49.03 -30.59
C GLU O 79 -15.04 -47.96 -31.58
N ILE O 80 -14.07 -47.26 -32.18
CA ILE O 80 -14.35 -46.21 -33.15
C ILE O 80 -13.82 -46.67 -34.50
N ASP O 81 -14.64 -46.46 -35.54
CA ASP O 81 -14.26 -46.92 -36.88
C ASP O 81 -13.04 -46.15 -37.39
N PRO O 82 -12.25 -46.76 -38.28
CA PRO O 82 -11.04 -46.09 -38.76
C PRO O 82 -11.31 -44.81 -39.56
N GLU O 83 -12.54 -44.60 -40.01
CA GLU O 83 -12.82 -43.42 -40.83
C GLU O 83 -12.81 -42.13 -40.03
N GLN O 84 -13.03 -42.19 -38.72
CA GLN O 84 -13.15 -40.97 -37.93
C GLN O 84 -11.83 -40.46 -37.39
N TYR O 85 -10.73 -41.20 -37.54
CA TYR O 85 -9.43 -40.76 -37.10
C TYR O 85 -8.39 -41.06 -38.17
N LYS O 86 -7.37 -40.22 -38.24
CA LYS O 86 -6.30 -40.39 -39.22
C LYS O 86 -4.95 -40.23 -38.53
N LEU O 87 -4.04 -41.17 -38.80
CA LEU O 87 -2.71 -41.17 -38.21
C LEU O 87 -1.75 -40.57 -39.24
N TYR O 88 -1.04 -39.51 -38.84
CA TYR O 88 -0.22 -38.74 -39.77
C TYR O 88 1.20 -39.29 -39.81
N SER O 89 2.12 -38.52 -40.42
CA SER O 89 3.45 -39.02 -40.70
C SER O 89 4.19 -39.40 -39.41
N ASP O 90 4.13 -38.55 -38.40
CA ASP O 90 4.72 -38.86 -37.11
C ASP O 90 3.73 -39.71 -36.31
N GLY O 91 4.01 -39.90 -35.01
CA GLY O 91 3.08 -40.62 -34.17
C GLY O 91 1.75 -39.94 -33.93
N VAL O 92 1.54 -38.75 -34.51
CA VAL O 92 0.31 -38.01 -34.28
C VAL O 92 -0.86 -38.75 -34.88
N ILE O 93 -1.95 -38.85 -34.11
CA ILE O 93 -3.23 -39.31 -34.62
C ILE O 93 -4.21 -38.14 -34.50
N LEU O 94 -4.88 -37.81 -35.60
CA LEU O 94 -5.83 -36.72 -35.64
C LEU O 94 -7.24 -37.27 -35.57
N LEU O 95 -8.07 -36.69 -34.72
CA LEU O 95 -9.43 -37.13 -34.51
C LEU O 95 -10.38 -36.14 -35.15
N LYS O 96 -11.25 -36.63 -36.04
CA LYS O 96 -12.22 -35.75 -36.69
C LYS O 96 -13.23 -35.18 -35.71
N PHE O 97 -13.68 -35.99 -34.74
CA PHE O 97 -14.72 -35.59 -33.80
C PHE O 97 -14.09 -35.10 -32.50
N ASN O 98 -14.93 -34.61 -31.60
CA ASN O 98 -14.47 -34.18 -30.28
C ASN O 98 -14.61 -35.34 -29.30
N PRO O 99 -13.52 -35.84 -28.74
CA PRO O 99 -13.61 -37.03 -27.90
C PRO O 99 -14.31 -36.74 -26.59
N PRO O 100 -15.21 -37.62 -26.15
CA PRO O 100 -15.74 -37.50 -24.80
C PRO O 100 -14.66 -37.75 -23.78
N GLU O 101 -14.77 -37.06 -22.65
CA GLU O 101 -13.74 -37.14 -21.62
C GLU O 101 -13.68 -38.55 -21.03
N GLY O 102 -12.46 -39.06 -20.89
CA GLY O 102 -12.25 -40.41 -20.42
C GLY O 102 -10.84 -40.90 -20.69
N TYR O 103 -10.70 -42.18 -21.03
CA TYR O 103 -9.41 -42.77 -21.32
C TYR O 103 -9.44 -43.46 -22.68
N MET O 104 -8.27 -43.54 -23.31
CA MET O 104 -8.11 -44.13 -24.63
C MET O 104 -7.33 -45.43 -24.53
N ASP O 105 -7.62 -46.36 -25.44
CA ASP O 105 -6.88 -47.61 -25.56
C ASP O 105 -6.61 -47.84 -27.04
N VAL O 106 -5.39 -47.59 -27.48
CA VAL O 106 -5.01 -47.71 -28.89
C VAL O 106 -3.92 -48.76 -29.01
N GLU O 107 -4.10 -49.67 -29.97
CA GLU O 107 -3.10 -50.68 -30.29
C GLU O 107 -2.57 -50.39 -31.69
N TYR O 108 -1.27 -50.11 -31.79
CA TYR O 108 -0.65 -49.76 -33.05
C TYR O 108 0.57 -50.66 -33.28
N THR O 109 0.93 -50.83 -34.55
CA THR O 109 2.07 -51.65 -34.95
C THR O 109 3.27 -50.75 -35.19
N GLN O 110 4.39 -51.10 -34.57
CA GLN O 110 5.60 -50.30 -34.66
C GLN O 110 6.46 -50.74 -35.83
N GLY O 111 6.83 -49.79 -36.68
CA GLY O 111 7.82 -50.04 -37.70
C GLY O 111 8.98 -49.08 -37.56
N GLY O 112 10.14 -49.60 -37.16
CA GLY O 112 11.27 -48.74 -36.85
C GLY O 112 12.51 -49.03 -37.66
N PHE O 113 12.89 -48.07 -38.50
CA PHE O 113 14.14 -48.13 -39.26
C PHE O 113 14.22 -49.37 -40.14
N ASN O 114 13.20 -49.56 -40.98
CA ASN O 114 13.28 -50.64 -41.97
C ASN O 114 14.43 -50.42 -42.93
N PRO O 115 14.60 -49.24 -43.55
CA PRO O 115 15.93 -48.89 -44.07
C PRO O 115 16.81 -48.41 -42.93
N MET O 116 17.76 -49.22 -42.49
CA MET O 116 18.49 -48.88 -41.27
C MET O 116 19.52 -47.80 -41.54
N PRO O 117 19.46 -46.65 -40.86
CA PRO O 117 20.48 -45.61 -41.07
C PRO O 117 21.85 -46.10 -40.68
N GLU O 118 22.86 -45.67 -41.44
CA GLU O 118 24.23 -46.02 -41.13
C GLU O 118 24.79 -45.23 -39.96
N ASP O 119 24.10 -44.18 -39.53
CA ASP O 119 24.52 -43.47 -38.33
C ASP O 119 24.48 -44.39 -37.11
N LEU O 120 23.37 -45.09 -36.93
CA LEU O 120 23.28 -46.01 -35.79
C LEU O 120 24.25 -47.17 -35.96
N LYS O 121 24.48 -47.61 -37.19
CA LYS O 121 25.45 -48.68 -37.40
C LYS O 121 26.84 -48.25 -36.96
N LEU O 122 27.26 -47.06 -37.36
CA LEU O 122 28.57 -46.57 -36.93
C LEU O 122 28.60 -46.35 -35.43
N ALA O 123 27.52 -45.82 -34.85
CA ALA O 123 27.49 -45.58 -33.42
C ALA O 123 27.62 -46.88 -32.64
N ALA O 124 26.90 -47.92 -33.06
CA ALA O 124 26.97 -49.19 -32.34
C ALA O 124 28.31 -49.88 -32.55
N CYS O 125 28.87 -49.80 -33.76
CA CYS O 125 30.21 -50.34 -33.98
C CYS O 125 31.24 -49.63 -33.10
N MET O 126 31.13 -48.31 -33.01
CA MET O 126 32.06 -47.54 -32.20
C MET O 126 31.86 -47.80 -30.71
N LEU O 127 30.63 -48.08 -30.28
CA LEU O 127 30.39 -48.41 -28.88
C LEU O 127 30.93 -49.79 -28.53
N VAL O 128 30.71 -50.77 -29.41
CA VAL O 128 31.23 -52.11 -29.13
C VAL O 128 32.76 -52.13 -29.23
N ASP O 129 33.35 -51.29 -30.08
CA ASP O 129 34.80 -51.12 -30.07
C ASP O 129 35.25 -50.42 -28.80
N HIS O 130 34.45 -49.46 -28.32
CA HIS O 130 34.74 -48.76 -27.08
C HIS O 130 34.75 -49.71 -25.89
N TRP O 131 33.93 -50.76 -25.95
CA TRP O 131 33.87 -51.70 -24.84
C TRP O 131 34.88 -52.83 -25.00
N HIS O 132 35.16 -53.25 -26.24
CA HIS O 132 36.04 -54.39 -26.48
C HIS O 132 37.42 -54.17 -25.87
N LYS O 133 38.17 -53.21 -26.40
CA LYS O 133 39.34 -52.71 -25.70
C LYS O 133 38.88 -51.62 -24.75
N GLN O 134 39.36 -51.67 -23.51
CA GLN O 134 38.72 -50.94 -22.43
C GLN O 134 38.94 -49.44 -22.55
N ASP O 135 38.21 -48.81 -23.46
CA ASP O 135 38.33 -47.37 -23.70
C ASP O 135 37.31 -46.59 -22.87
N TYR O 136 37.26 -46.90 -21.58
CA TYR O 136 36.38 -46.17 -20.67
C TYR O 136 37.15 -45.71 -19.45
N ARG O 137 38.31 -45.11 -19.71
CA ARG O 137 39.16 -44.56 -18.67
C ARG O 137 39.57 -43.15 -19.07
N GLN O 138 39.84 -42.30 -18.07
CA GLN O 138 40.17 -40.90 -18.36
C GLN O 138 41.43 -40.77 -19.19
N ALA O 139 42.46 -41.56 -18.89
CA ALA O 139 43.67 -41.58 -19.70
C ALA O 139 44.32 -42.94 -19.53
N ARG O 140 45.16 -43.29 -20.51
CA ARG O 140 45.84 -44.57 -20.49
C ARG O 140 47.13 -44.45 -21.27
N THR O 141 48.19 -45.10 -20.79
CA THR O 141 49.47 -45.13 -21.49
C THR O 141 50.10 -46.49 -21.35
N ILE O 142 50.87 -46.89 -22.36
CA ILE O 142 51.66 -48.11 -22.33
C ILE O 142 53.08 -47.73 -22.73
N GLY O 143 53.91 -47.47 -21.71
CA GLY O 143 55.27 -47.02 -21.96
C GLY O 143 55.37 -45.52 -22.07
N GLY O 144 55.55 -45.02 -23.29
CA GLY O 144 55.70 -43.59 -23.52
C GLY O 144 54.54 -42.96 -24.26
N GLU O 145 53.85 -43.75 -25.09
CA GLU O 145 52.75 -43.24 -25.91
C GLU O 145 51.47 -43.17 -25.10
N THR O 146 51.18 -41.96 -24.62
CA THR O 146 50.02 -41.73 -23.76
C THR O 146 48.80 -41.36 -24.60
N VAL O 147 47.62 -41.62 -24.04
CA VAL O 147 46.36 -41.19 -24.62
C VAL O 147 45.47 -40.69 -23.50
N THR O 148 44.85 -39.53 -23.70
CA THR O 148 43.82 -39.01 -22.81
C THR O 148 42.49 -39.11 -23.53
N PHE O 149 41.52 -39.76 -22.90
CA PHE O 149 40.30 -40.11 -23.61
C PHE O 149 39.29 -38.97 -23.55
N ASN O 150 38.25 -39.10 -24.37
CA ASN O 150 37.32 -38.02 -24.60
C ASN O 150 36.38 -37.85 -23.40
N ASN O 151 35.77 -36.67 -23.32
CA ASN O 151 34.77 -36.41 -22.30
C ASN O 151 33.56 -37.30 -22.52
N THR O 152 32.91 -37.68 -21.43
CA THR O 152 31.78 -38.58 -21.46
C THR O 152 30.53 -37.85 -20.97
N LYS O 153 29.49 -37.83 -21.80
CA LYS O 153 28.20 -37.30 -21.41
C LYS O 153 27.25 -38.47 -21.19
N SER O 154 26.70 -38.55 -19.97
CA SER O 154 25.79 -39.63 -19.60
C SER O 154 26.42 -41.00 -19.83
N GLY O 155 27.69 -41.11 -19.47
CA GLY O 155 28.41 -42.37 -19.66
C GLY O 155 29.02 -42.59 -21.02
N ILE O 156 28.23 -42.47 -22.08
CA ILE O 156 28.68 -42.71 -23.45
C ILE O 156 29.54 -41.54 -23.91
N PRO O 157 30.59 -41.79 -24.71
CA PRO O 157 31.49 -40.71 -25.12
C PRO O 157 30.82 -39.74 -26.07
N GLU O 158 31.58 -38.69 -26.44
CA GLU O 158 31.00 -37.57 -27.18
C GLU O 158 30.44 -37.99 -28.53
N HIS O 159 31.18 -38.81 -29.29
CA HIS O 159 30.76 -39.17 -30.64
C HIS O 159 29.49 -40.03 -30.62
N ILE O 160 29.48 -41.09 -29.81
CA ILE O 160 28.28 -41.88 -29.64
C ILE O 160 27.16 -41.00 -29.11
N ARG O 161 27.52 -40.06 -28.23
CA ARG O 161 26.52 -39.17 -27.66
C ARG O 161 25.83 -38.35 -28.73
N THR O 162 26.61 -37.76 -29.66
CA THR O 162 25.99 -36.92 -30.66
C THR O 162 25.16 -37.73 -31.63
N ILE O 163 25.64 -38.92 -32.02
CA ILE O 163 24.83 -39.74 -32.93
C ILE O 163 23.51 -40.12 -32.26
N ILE O 164 23.58 -40.62 -31.02
CA ILE O 164 22.37 -41.02 -30.32
C ILE O 164 21.43 -39.84 -30.17
N GLU O 165 21.94 -38.70 -29.69
CA GLU O 165 21.08 -37.55 -29.45
C GLU O 165 20.44 -37.05 -30.75
N VAL O 166 21.15 -37.14 -31.87
CA VAL O 166 20.54 -36.81 -33.15
C VAL O 166 19.43 -37.79 -33.48
N TYR O 167 19.51 -39.02 -32.97
CA TYR O 167 18.43 -39.97 -33.22
C TYR O 167 17.71 -40.43 -31.95
N ARG O 168 17.79 -39.67 -30.86
CA ARG O 168 17.21 -40.10 -29.58
C ARG O 168 15.82 -39.52 -29.34
N ARG O 169 14.87 -39.76 -30.24
CA ARG O 169 13.48 -39.57 -29.84
C ARG O 169 12.52 -40.53 -30.53
N VAL O 170 13.02 -41.48 -31.31
CA VAL O 170 12.16 -42.40 -32.02
C VAL O 170 11.80 -43.59 -31.13
N MET P 1 17.98 -61.19 -9.20
CA MET P 1 17.75 -62.26 -10.16
C MET P 1 19.03 -63.07 -10.39
N GLN P 2 19.07 -63.76 -11.52
CA GLN P 2 20.24 -64.57 -11.91
C GLN P 2 20.53 -64.24 -13.37
N ILE P 3 21.46 -63.31 -13.58
CA ILE P 3 21.72 -62.77 -14.91
C ILE P 3 22.93 -63.42 -15.58
N ILE P 4 24.02 -63.60 -14.86
CA ILE P 4 25.29 -63.93 -15.52
C ILE P 4 25.65 -65.40 -15.36
N THR P 5 25.96 -65.81 -14.13
CA THR P 5 26.53 -67.11 -13.84
C THR P 5 27.88 -67.34 -14.52
N ALA P 6 28.52 -68.45 -14.13
CA ALA P 6 29.89 -68.72 -14.58
C ALA P 6 29.96 -68.88 -16.09
N GLU P 7 28.95 -69.47 -16.70
CA GLU P 7 28.99 -69.67 -18.15
C GLU P 7 29.04 -68.35 -18.89
N ASP P 8 28.21 -67.39 -18.49
CA ASP P 8 28.20 -66.11 -19.18
C ASP P 8 29.44 -65.29 -18.85
N TYR P 9 29.98 -65.41 -17.64
CA TYR P 9 31.27 -64.77 -17.39
C TYR P 9 32.37 -65.35 -18.26
N ARG P 10 32.43 -66.69 -18.39
CA ARG P 10 33.47 -67.30 -19.20
C ARG P 10 33.31 -66.92 -20.66
N LEU P 11 32.08 -66.87 -21.15
CA LEU P 11 31.84 -66.45 -22.53
C LEU P 11 32.18 -64.98 -22.74
N TYR P 12 32.02 -64.15 -21.69
CA TYR P 12 32.43 -62.75 -21.79
C TYR P 12 33.93 -62.62 -21.97
N GLY P 13 34.70 -63.43 -21.26
CA GLY P 13 36.14 -63.44 -21.37
C GLY P 13 36.64 -64.56 -22.24
N GLY P 14 37.88 -64.97 -22.00
CA GLY P 14 38.47 -66.07 -22.73
C GLY P 14 39.17 -67.02 -21.79
N LEU P 15 38.62 -67.16 -20.58
CA LEU P 15 39.25 -67.93 -19.51
C LEU P 15 39.44 -69.38 -19.92
N LYS P 16 40.65 -69.90 -19.72
CA LYS P 16 41.00 -71.24 -20.14
C LYS P 16 40.94 -72.26 -19.00
N ARG P 17 41.06 -71.80 -17.76
CA ARG P 17 41.01 -72.71 -16.63
C ARG P 17 39.60 -73.27 -16.47
N PRO P 18 39.46 -74.60 -16.34
CA PRO P 18 38.12 -75.17 -16.18
C PRO P 18 37.39 -74.67 -14.95
N GLU P 19 38.11 -74.40 -13.87
CA GLU P 19 37.52 -73.92 -12.63
C GLU P 19 37.75 -72.42 -12.48
N LEU P 20 36.69 -71.70 -12.13
CA LEU P 20 36.82 -70.27 -11.90
C LEU P 20 37.64 -69.99 -10.66
N GLU P 21 38.18 -68.78 -10.59
CA GLU P 21 38.96 -68.37 -9.43
C GLU P 21 38.06 -68.26 -8.21
N SER P 22 38.68 -68.31 -7.02
CA SER P 22 37.91 -68.26 -5.78
C SER P 22 37.16 -66.95 -5.62
N GLY P 23 37.78 -65.83 -5.99
CA GLY P 23 37.13 -64.54 -5.82
C GLY P 23 35.92 -64.32 -6.70
N VAL P 24 35.99 -64.76 -7.97
CA VAL P 24 34.92 -64.47 -8.91
C VAL P 24 33.64 -65.21 -8.56
N GLU P 25 33.74 -66.38 -7.94
CA GLU P 25 32.58 -67.24 -7.74
C GLU P 25 31.51 -66.55 -6.89
N VAL P 26 31.92 -65.88 -5.81
CA VAL P 26 30.97 -65.14 -5.00
C VAL P 26 30.74 -63.75 -5.58
N MET P 27 31.72 -63.25 -6.34
CA MET P 27 31.64 -61.90 -6.87
C MET P 27 30.56 -61.79 -7.93
N ILE P 28 30.33 -62.86 -8.69
CA ILE P 28 29.27 -62.87 -9.70
C ILE P 28 27.91 -62.65 -9.06
N THR P 29 27.60 -63.43 -8.03
CA THR P 29 26.30 -63.28 -7.38
C THR P 29 26.22 -61.98 -6.60
N ALA P 30 27.36 -61.47 -6.13
CA ALA P 30 27.36 -60.15 -5.51
C ALA P 30 26.95 -59.09 -6.51
N ALA P 31 27.54 -59.10 -7.71
CA ALA P 31 27.15 -58.14 -8.73
C ALA P 31 25.69 -58.31 -9.12
N ASN P 32 25.24 -59.58 -9.23
CA ASN P 32 23.85 -59.85 -9.56
C ASN P 32 22.91 -59.21 -8.54
N ALA P 33 23.16 -59.44 -7.26
CA ALA P 33 22.31 -58.88 -6.22
C ALA P 33 22.37 -57.35 -6.21
N LEU P 34 23.56 -56.79 -6.41
CA LEU P 34 23.69 -55.34 -6.40
C LEU P 34 22.87 -54.71 -7.52
N ILE P 35 22.92 -55.30 -8.72
CA ILE P 35 22.14 -54.73 -9.81
C ILE P 35 20.64 -54.96 -9.59
N THR P 36 20.24 -56.15 -9.15
CA THR P 36 18.81 -56.40 -9.00
C THR P 36 18.20 -55.60 -7.86
N SER P 37 19.00 -55.13 -6.90
CA SER P 37 18.50 -54.20 -5.90
C SER P 37 18.80 -52.76 -6.27
N LEU P 38 19.59 -52.52 -7.31
CA LEU P 38 19.96 -51.16 -7.69
C LEU P 38 18.96 -50.57 -8.66
N LEU P 39 18.40 -51.40 -9.54
CA LEU P 39 17.40 -50.98 -10.51
C LEU P 39 16.04 -50.72 -9.87
N GLY P 40 15.84 -51.15 -8.63
CA GLY P 40 14.54 -51.11 -8.00
C GLY P 40 13.81 -52.44 -7.95
N MET P 41 14.31 -53.46 -8.63
CA MET P 41 13.70 -54.77 -8.57
C MET P 41 13.82 -55.36 -7.16
N ASP P 42 12.87 -56.25 -6.85
CA ASP P 42 12.98 -57.09 -5.65
C ASP P 42 12.55 -58.48 -6.07
N ASP P 43 13.50 -59.42 -6.04
CA ASP P 43 13.20 -60.78 -6.46
C ASP P 43 12.18 -61.43 -5.52
N ALA P 44 10.95 -61.56 -5.99
CA ALA P 44 9.87 -62.08 -5.16
C ALA P 44 8.75 -62.59 -6.06
N ASP P 45 8.14 -63.69 -5.67
CA ASP P 45 7.05 -64.26 -6.45
C ASP P 45 5.82 -63.36 -6.44
N ALA P 46 5.48 -62.79 -5.28
CA ALA P 46 4.31 -61.94 -5.15
C ALA P 46 4.63 -60.79 -4.21
N VAL P 47 3.83 -59.72 -4.32
CA VAL P 47 4.04 -58.50 -3.55
C VAL P 47 2.72 -58.03 -2.97
N ASP P 48 2.76 -57.61 -1.71
CA ASP P 48 1.64 -56.95 -1.05
C ASP P 48 1.93 -55.45 -0.99
N GLN P 49 0.91 -54.65 -1.25
CA GLN P 49 1.15 -53.22 -1.44
C GLN P 49 -0.01 -52.42 -0.90
N LEU P 50 0.30 -51.34 -0.17
CA LEU P 50 -0.71 -50.48 0.44
C LEU P 50 -0.85 -49.20 -0.39
N ILE P 51 -1.88 -49.19 -1.24
CA ILE P 51 -2.17 -48.00 -2.04
C ILE P 51 -3.31 -47.24 -1.39
N THR P 52 -3.08 -45.96 -1.11
CA THR P 52 -4.15 -45.10 -0.61
C THR P 52 -5.12 -44.79 -1.75
N THR P 53 -6.39 -44.63 -1.41
CA THR P 53 -7.45 -44.45 -2.40
C THR P 53 -8.12 -43.10 -2.18
N LYS P 54 -8.25 -42.34 -3.23
CA LYS P 54 -9.06 -41.14 -3.21
C LYS P 54 -10.09 -41.20 -4.33
N PRO P 55 -11.33 -40.79 -4.07
CA PRO P 55 -12.33 -40.77 -5.14
C PRO P 55 -11.92 -39.80 -6.24
N THR P 56 -12.53 -40.00 -7.41
CA THR P 56 -12.17 -39.32 -8.65
C THR P 56 -10.73 -39.62 -9.07
N ARG P 57 -10.24 -40.81 -8.75
CA ARG P 57 -8.95 -41.30 -9.24
C ARG P 57 -9.16 -42.74 -9.69
N LYS P 58 -9.14 -42.96 -11.01
CA LYS P 58 -9.48 -44.26 -11.57
C LYS P 58 -8.26 -45.07 -11.99
N LYS P 59 -7.06 -44.57 -11.74
CA LYS P 59 -5.84 -45.29 -12.12
C LYS P 59 -4.88 -45.27 -10.93
N TYR P 60 -4.39 -46.45 -10.56
CA TYR P 60 -3.41 -46.61 -9.50
C TYR P 60 -2.15 -47.28 -10.04
N PHE P 61 -1.02 -46.93 -9.44
CA PHE P 61 0.29 -47.39 -9.90
C PHE P 61 0.85 -48.41 -8.93
N LEU P 62 1.18 -49.60 -9.44
CA LEU P 62 1.86 -50.60 -8.63
C LEU P 62 3.32 -50.23 -8.44
N SER P 63 3.92 -50.77 -7.38
CA SER P 63 5.32 -50.45 -7.08
C SER P 63 6.24 -50.95 -8.18
N SER P 64 5.98 -52.14 -8.71
CA SER P 64 6.86 -52.74 -9.70
C SER P 64 6.22 -52.65 -11.07
N PRO P 65 6.79 -51.89 -12.01
CA PRO P 65 6.21 -51.80 -13.36
C PRO P 65 6.28 -53.07 -14.17
N SER P 66 6.86 -54.15 -13.63
CA SER P 66 6.97 -55.42 -14.32
C SER P 66 5.94 -56.40 -13.79
N ALA P 67 4.77 -55.90 -13.44
CA ALA P 67 3.69 -56.73 -12.91
C ALA P 67 2.94 -57.41 -14.05
N THR P 68 2.82 -58.73 -13.96
CA THR P 68 2.10 -59.48 -14.99
C THR P 68 0.60 -59.36 -14.81
N SER P 69 0.10 -59.74 -13.64
CA SER P 69 -1.31 -59.59 -13.32
C SER P 69 -1.45 -59.56 -11.81
N VAL P 70 -2.59 -59.04 -11.35
CA VAL P 70 -2.90 -58.94 -9.93
C VAL P 70 -3.88 -60.05 -9.56
N THR P 71 -3.57 -60.78 -8.49
CA THR P 71 -4.39 -61.92 -8.11
C THR P 71 -5.70 -61.47 -7.49
N LYS P 72 -5.66 -60.50 -6.59
CA LYS P 72 -6.88 -60.05 -5.92
C LYS P 72 -6.70 -58.62 -5.43
N MET P 73 -7.81 -57.91 -5.32
CA MET P 73 -7.84 -56.52 -4.89
C MET P 73 -8.79 -56.39 -3.70
N THR P 74 -8.39 -55.59 -2.71
CA THR P 74 -9.15 -55.45 -1.47
C THR P 74 -9.15 -54.00 -1.03
N ILE P 75 -10.34 -53.39 -1.05
CA ILE P 75 -10.52 -52.02 -0.58
C ILE P 75 -11.33 -52.06 0.72
N ASN P 76 -10.72 -51.59 1.80
CA ASN P 76 -11.39 -51.54 3.11
C ASN P 76 -11.95 -52.90 3.50
N ASP P 77 -11.15 -53.95 3.26
CA ASP P 77 -11.49 -55.32 3.63
C ASP P 77 -12.74 -55.82 2.90
N LYS P 78 -12.71 -55.73 1.56
CA LYS P 78 -13.71 -56.38 0.73
C LYS P 78 -13.11 -56.61 -0.65
N GLU P 79 -13.23 -57.84 -1.15
CA GLU P 79 -12.67 -58.17 -2.46
C GLU P 79 -13.50 -57.56 -3.57
N ILE P 80 -12.83 -57.24 -4.68
CA ILE P 80 -13.47 -56.67 -5.86
C ILE P 80 -13.31 -57.63 -7.03
N ASP P 81 -14.38 -57.81 -7.78
CA ASP P 81 -14.38 -58.74 -8.89
C ASP P 81 -13.40 -58.28 -9.98
N PRO P 82 -12.78 -59.22 -10.70
CA PRO P 82 -11.81 -58.84 -11.74
C PRO P 82 -12.41 -58.04 -12.88
N GLU P 83 -13.73 -58.08 -13.06
CA GLU P 83 -14.36 -57.33 -14.14
C GLU P 83 -14.37 -55.83 -13.89
N GLN P 84 -14.10 -55.39 -12.65
CA GLN P 84 -14.19 -53.98 -12.31
C GLN P 84 -12.87 -53.23 -12.50
N TYR P 85 -11.78 -53.93 -12.79
CA TYR P 85 -10.48 -53.30 -12.97
C TYR P 85 -9.72 -54.02 -14.07
N LYS P 86 -8.78 -53.32 -14.69
CA LYS P 86 -7.93 -53.89 -15.72
C LYS P 86 -6.51 -53.37 -15.57
N LEU P 87 -5.53 -54.26 -15.72
CA LEU P 87 -4.12 -53.93 -15.56
C LEU P 87 -3.48 -53.82 -16.94
N TYR P 88 -2.86 -52.67 -17.21
CA TYR P 88 -2.30 -52.40 -18.53
C TYR P 88 -0.84 -52.82 -18.59
N SER P 89 -0.14 -52.40 -19.65
CA SER P 89 1.20 -52.91 -19.93
C SER P 89 2.17 -52.58 -18.80
N ASP P 90 2.14 -51.36 -18.31
CA ASP P 90 2.98 -50.95 -17.20
C ASP P 90 2.30 -51.39 -15.88
N GLY P 91 2.82 -50.90 -14.77
CA GLY P 91 2.22 -51.24 -13.49
C GLY P 91 0.89 -50.58 -13.21
N VAL P 92 0.39 -49.76 -14.13
CA VAL P 92 -0.86 -49.06 -13.88
C VAL P 92 -2.01 -50.06 -13.84
N ILE P 93 -2.94 -49.84 -12.91
CA ILE P 93 -4.21 -50.55 -12.88
C ILE P 93 -5.31 -49.51 -12.94
N LEU P 94 -6.26 -49.71 -13.85
CA LEU P 94 -7.36 -48.79 -14.06
C LEU P 94 -8.64 -49.39 -13.51
N LEU P 95 -9.36 -48.62 -12.68
CA LEU P 95 -10.59 -49.06 -12.07
C LEU P 95 -11.77 -48.52 -12.88
N LYS P 96 -12.72 -49.40 -13.20
CA LYS P 96 -13.91 -48.96 -13.92
C LYS P 96 -14.75 -47.99 -13.08
N PHE P 97 -14.84 -48.24 -11.79
CA PHE P 97 -15.68 -47.46 -10.89
C PHE P 97 -14.86 -46.41 -10.16
N ASN P 98 -15.50 -45.72 -9.21
CA ASN P 98 -14.80 -44.77 -8.36
C ASN P 98 -14.57 -45.42 -7.00
N PRO P 99 -13.34 -45.70 -6.62
CA PRO P 99 -13.08 -46.39 -5.35
C PRO P 99 -13.42 -45.50 -4.17
N PRO P 100 -14.11 -46.05 -3.17
CA PRO P 100 -14.35 -45.28 -1.94
C PRO P 100 -13.04 -45.03 -1.21
N GLU P 101 -13.01 -43.92 -0.47
CA GLU P 101 -11.80 -43.52 0.21
C GLU P 101 -11.40 -44.55 1.25
N GLY P 102 -10.11 -44.89 1.26
CA GLY P 102 -9.59 -45.93 2.11
C GLY P 102 -8.26 -46.47 1.62
N TYR P 103 -8.00 -47.76 1.85
CA TYR P 103 -6.74 -48.38 1.50
C TYR P 103 -6.99 -49.60 0.63
N MET P 104 -6.01 -49.92 -0.22
CA MET P 104 -6.09 -51.09 -1.07
C MET P 104 -5.09 -52.15 -0.61
N ASP P 105 -5.44 -53.41 -0.84
CA ASP P 105 -4.57 -54.54 -0.57
C ASP P 105 -4.52 -55.39 -1.83
N VAL P 106 -3.48 -55.21 -2.64
CA VAL P 106 -3.37 -55.87 -3.94
C VAL P 106 -2.21 -56.84 -3.89
N GLU P 107 -2.40 -58.02 -4.47
CA GLU P 107 -1.38 -59.05 -4.57
C GLU P 107 -1.17 -59.37 -6.04
N TYR P 108 -0.03 -58.97 -6.59
CA TYR P 108 0.29 -59.19 -7.99
C TYR P 108 1.54 -60.05 -8.10
N THR P 109 1.69 -60.68 -9.26
CA THR P 109 2.81 -61.57 -9.54
C THR P 109 3.84 -60.84 -10.37
N GLN P 110 5.06 -60.74 -9.86
CA GLN P 110 6.13 -60.04 -10.56
C GLN P 110 6.74 -60.93 -11.63
N GLY P 111 6.81 -60.40 -12.85
CA GLY P 111 7.59 -61.02 -13.90
C GLY P 111 8.64 -60.05 -14.40
N GLY P 112 9.91 -60.31 -14.10
CA GLY P 112 10.95 -59.36 -14.42
C GLY P 112 12.00 -59.89 -15.37
N PHE P 113 12.04 -59.34 -16.58
CA PHE P 113 13.05 -59.67 -17.58
C PHE P 113 13.07 -61.18 -17.87
N ASN P 114 11.94 -61.69 -18.32
CA ASN P 114 11.91 -63.09 -18.77
C ASN P 114 12.89 -63.32 -19.91
N PRO P 115 12.94 -62.49 -20.96
CA PRO P 115 14.13 -62.49 -21.81
C PRO P 115 15.19 -61.59 -21.21
N MET P 116 16.31 -62.14 -20.77
CA MET P 116 17.31 -61.35 -20.07
C MET P 116 17.97 -60.38 -21.04
N PRO P 117 17.86 -59.08 -20.82
CA PRO P 117 18.58 -58.14 -21.69
C PRO P 117 20.09 -58.29 -21.54
N GLU P 118 20.78 -58.15 -22.66
CA GLU P 118 22.24 -58.25 -22.65
C GLU P 118 22.89 -56.98 -22.11
N ASP P 119 22.15 -55.87 -22.04
CA ASP P 119 22.68 -54.65 -21.43
C ASP P 119 23.04 -54.90 -19.97
N LEU P 120 22.11 -55.45 -19.21
CA LEU P 120 22.40 -55.78 -17.82
C LEU P 120 23.43 -56.89 -17.73
N LYS P 121 23.53 -57.74 -18.76
CA LYS P 121 24.57 -58.76 -18.78
C LYS P 121 25.95 -58.13 -18.80
N LEU P 122 26.17 -57.15 -19.69
CA LEU P 122 27.46 -56.45 -19.62
C LEU P 122 27.57 -55.61 -18.36
N ALA P 123 26.46 -55.08 -17.84
CA ALA P 123 26.54 -54.31 -16.61
C ALA P 123 27.12 -55.15 -15.49
N ALA P 124 26.60 -56.36 -15.31
CA ALA P 124 27.08 -57.24 -14.25
C ALA P 124 28.47 -57.78 -14.56
N CYS P 125 28.75 -58.12 -15.82
CA CYS P 125 30.08 -58.60 -16.18
C CYS P 125 31.13 -57.52 -15.94
N MET P 126 30.80 -56.27 -16.25
CA MET P 126 31.74 -55.18 -16.05
C MET P 126 31.85 -54.81 -14.57
N LEU P 127 30.78 -55.01 -13.79
CA LEU P 127 30.90 -54.86 -12.35
C LEU P 127 31.85 -55.88 -11.75
N VAL P 128 31.70 -57.15 -12.11
CA VAL P 128 32.54 -58.19 -11.54
C VAL P 128 33.98 -58.07 -12.06
N ASP P 129 34.14 -57.58 -13.30
CA ASP P 129 35.50 -57.26 -13.78
C ASP P 129 36.07 -56.06 -13.03
N HIS P 130 35.20 -55.13 -12.65
CA HIS P 130 35.61 -53.94 -11.91
C HIS P 130 36.07 -54.31 -10.51
N TRP P 131 35.48 -55.37 -9.94
CA TRP P 131 35.81 -55.74 -8.57
C TRP P 131 36.93 -56.77 -8.50
N HIS P 132 37.05 -57.61 -9.49
CA HIS P 132 38.07 -58.60 -9.45
C HIS P 132 39.36 -57.88 -9.66
N LYS P 133 39.40 -56.85 -10.49
CA LYS P 133 40.68 -56.24 -10.82
C LYS P 133 40.96 -55.00 -10.08
N GLN P 134 40.28 -54.83 -8.99
CA GLN P 134 40.54 -53.69 -8.17
C GLN P 134 40.58 -52.46 -8.98
N ASP P 135 39.61 -52.30 -9.82
CA ASP P 135 39.48 -51.08 -10.61
C ASP P 135 38.58 -50.06 -9.93
N TYR P 136 38.84 -49.73 -8.67
CA TYR P 136 38.05 -48.71 -7.97
C TYR P 136 38.97 -47.72 -7.29
N ARG P 137 39.94 -47.21 -8.05
CA ARG P 137 40.85 -46.18 -7.59
C ARG P 137 40.91 -45.08 -8.64
N GLN P 138 41.26 -43.87 -8.20
CA GLN P 138 41.32 -42.74 -9.11
C GLN P 138 42.37 -42.95 -10.20
N ALA P 139 43.53 -43.49 -9.83
CA ALA P 139 44.54 -43.83 -10.82
C ALA P 139 45.39 -44.96 -10.26
N ARG P 140 46.03 -45.70 -11.16
CA ARG P 140 46.89 -46.80 -10.76
C ARG P 140 48.04 -46.90 -11.75
N THR P 141 49.25 -47.04 -11.22
CA THR P 141 50.45 -47.12 -12.05
C THR P 141 51.23 -48.39 -11.68
N ILE P 142 51.72 -49.07 -12.70
CA ILE P 142 52.62 -50.21 -12.51
C ILE P 142 53.83 -49.96 -13.41
N GLY P 143 54.87 -49.35 -12.84
CA GLY P 143 56.05 -49.03 -13.61
C GLY P 143 55.87 -47.76 -14.43
N GLY P 144 55.67 -47.92 -15.74
CA GLY P 144 55.49 -46.78 -16.62
C GLY P 144 54.11 -46.66 -17.22
N GLU P 145 53.43 -47.79 -17.40
CA GLU P 145 52.11 -47.81 -18.03
C GLU P 145 51.04 -47.46 -16.99
N THR P 146 50.82 -46.16 -16.83
CA THR P 146 49.85 -45.65 -15.87
C THR P 146 48.46 -45.60 -16.51
N VAL P 147 47.43 -45.69 -15.66
CA VAL P 147 46.05 -45.55 -16.11
C VAL P 147 45.31 -44.70 -15.09
N THR P 148 44.54 -43.73 -15.58
CA THR P 148 43.63 -42.94 -14.74
C THR P 148 42.22 -43.41 -15.03
N PHE P 149 41.46 -43.70 -13.98
CA PHE P 149 40.21 -44.41 -14.13
C PHE P 149 39.05 -43.43 -14.33
N ASN P 150 37.90 -43.99 -14.72
CA ASN P 150 36.77 -43.18 -15.15
C ASN P 150 36.11 -42.52 -13.94
N ASN P 151 35.41 -41.43 -14.21
CA ASN P 151 34.64 -40.76 -13.17
C ASN P 151 33.54 -41.68 -12.66
N THR P 152 33.30 -41.62 -11.35
CA THR P 152 32.34 -42.48 -10.69
C THR P 152 31.13 -41.68 -10.23
N LYS P 153 29.95 -42.12 -10.64
CA LYS P 153 28.69 -41.49 -10.24
C LYS P 153 27.99 -42.43 -9.26
N SER P 154 27.72 -41.93 -8.05
CA SER P 154 27.09 -42.72 -7.00
C SER P 154 27.86 -44.00 -6.72
N GLY P 155 29.19 -43.90 -6.74
CA GLY P 155 30.04 -45.04 -6.44
C GLY P 155 30.34 -45.92 -7.63
N ILE P 156 29.30 -46.34 -8.34
CA ILE P 156 29.44 -47.25 -9.47
C ILE P 156 30.12 -46.53 -10.63
N PRO P 157 30.83 -47.23 -11.51
CA PRO P 157 31.55 -46.55 -12.60
C PRO P 157 30.63 -45.89 -13.59
N GLU P 158 31.19 -45.26 -14.62
CA GLU P 158 30.40 -44.41 -15.51
C GLU P 158 29.56 -45.25 -16.48
N HIS P 159 30.19 -46.21 -17.16
CA HIS P 159 29.49 -47.04 -18.13
C HIS P 159 28.43 -47.91 -17.45
N ILE P 160 28.79 -48.55 -16.35
CA ILE P 160 27.81 -49.30 -15.58
C ILE P 160 26.69 -48.38 -15.15
N ARG P 161 27.03 -47.13 -14.81
CA ARG P 161 26.02 -46.17 -14.39
C ARG P 161 25.03 -45.88 -15.51
N THR P 162 25.52 -45.66 -16.73
CA THR P 162 24.60 -45.33 -17.81
C THR P 162 23.71 -46.52 -18.15
N ILE P 163 24.26 -47.73 -18.12
CA ILE P 163 23.43 -48.91 -18.39
C ILE P 163 22.34 -49.05 -17.32
N ILE P 164 22.75 -48.97 -16.05
CA ILE P 164 21.79 -49.07 -14.96
C ILE P 164 20.70 -48.03 -15.11
N GLU P 165 21.10 -46.77 -15.36
CA GLU P 165 20.11 -45.70 -15.48
C GLU P 165 19.19 -45.92 -16.67
N VAL P 166 19.68 -46.54 -17.74
CA VAL P 166 18.80 -46.90 -18.84
C VAL P 166 17.75 -47.89 -18.35
N TYR P 167 18.10 -48.78 -17.41
CA TYR P 167 17.10 -49.70 -16.87
C TYR P 167 16.78 -49.46 -15.39
N ARG P 168 16.92 -48.24 -14.89
CA ARG P 168 16.77 -47.97 -13.46
C ARG P 168 15.35 -47.53 -13.08
N ARG P 169 14.31 -48.25 -13.49
CA ARG P 169 13.03 -48.05 -12.82
C ARG P 169 12.19 -49.31 -12.71
N VAL P 170 12.67 -50.46 -13.17
CA VAL P 170 11.89 -51.69 -13.09
C VAL P 170 11.85 -52.18 -11.64
N MET Q 1 24.63 -58.00 12.74
CA MET Q 1 24.48 -59.43 12.49
C MET Q 1 25.84 -60.09 12.28
N GLN Q 2 25.83 -61.29 11.72
CA GLN Q 2 27.04 -62.03 11.39
C GLN Q 2 27.02 -62.25 9.88
N ILE Q 3 27.86 -61.50 9.17
CA ILE Q 3 27.80 -61.47 7.71
C ILE Q 3 28.93 -62.29 7.09
N ILE Q 4 30.15 -62.18 7.59
CA ILE Q 4 31.29 -62.71 6.82
C ILE Q 4 31.88 -63.96 7.45
N THR Q 5 32.49 -63.81 8.62
CA THR Q 5 33.28 -64.85 9.26
C THR Q 5 34.47 -65.32 8.41
N ALA Q 6 35.28 -66.18 9.03
CA ALA Q 6 36.55 -66.58 8.43
C ALA Q 6 36.36 -67.34 7.13
N GLU Q 7 35.34 -68.20 7.07
CA GLU Q 7 35.13 -68.99 5.86
C GLU Q 7 34.81 -68.11 4.67
N ASP Q 8 33.96 -67.10 4.86
CA ASP Q 8 33.62 -66.23 3.74
C ASP Q 8 34.79 -65.34 3.36
N TYR Q 9 35.57 -64.88 4.34
CA TYR Q 9 36.80 -64.18 3.96
C TYR Q 9 37.74 -65.07 3.17
N ARG Q 10 37.91 -66.32 3.58
CA ARG Q 10 38.86 -67.20 2.91
C ARG Q 10 38.40 -67.53 1.50
N LEU Q 11 37.11 -67.76 1.30
CA LEU Q 11 36.62 -68.05 -0.04
C LEU Q 11 36.56 -66.79 -0.89
N TYR Q 12 36.52 -65.61 -0.25
CA TYR Q 12 36.60 -64.37 -1.00
C TYR Q 12 37.95 -64.22 -1.69
N GLY Q 13 39.02 -64.56 -0.99
CA GLY Q 13 40.36 -64.55 -1.54
C GLY Q 13 40.85 -65.94 -1.88
N GLY Q 14 42.16 -66.10 -1.86
CA GLY Q 14 42.78 -67.39 -2.12
C GLY Q 14 43.78 -67.74 -1.05
N LEU Q 15 43.46 -67.37 0.20
CA LEU Q 15 44.39 -67.52 1.30
C LEU Q 15 44.77 -68.98 1.50
N LYS Q 16 46.07 -69.23 1.66
CA LYS Q 16 46.59 -70.58 1.76
C LYS Q 16 46.92 -70.99 3.19
N ARG Q 17 47.23 -70.02 4.05
CA ARG Q 17 47.54 -70.35 5.43
C ARG Q 17 46.29 -70.85 6.15
N PRO Q 18 46.38 -71.98 6.85
CA PRO Q 18 45.18 -72.48 7.56
C PRO Q 18 44.64 -71.51 8.59
N GLU Q 19 45.52 -70.77 9.28
CA GLU Q 19 45.08 -69.83 10.30
C GLU Q 19 45.05 -68.42 9.75
N LEU Q 20 43.97 -67.70 10.03
CA LEU Q 20 43.89 -66.30 9.63
C LEU Q 20 44.91 -65.47 10.39
N GLU Q 21 45.27 -64.33 9.82
CA GLU Q 21 46.24 -63.44 10.45
C GLU Q 21 45.67 -62.83 11.72
N SER Q 22 46.56 -62.34 12.58
CA SER Q 22 46.13 -61.79 13.85
C SER Q 22 45.27 -60.55 13.66
N GLY Q 23 45.63 -59.69 12.70
CA GLY Q 23 44.90 -58.45 12.50
C GLY Q 23 43.54 -58.63 11.87
N VAL Q 24 43.33 -59.73 11.15
CA VAL Q 24 42.06 -59.91 10.44
C VAL Q 24 40.97 -60.41 11.38
N GLU Q 25 41.35 -61.13 12.44
CA GLU Q 25 40.34 -61.76 13.31
C GLU Q 25 39.41 -60.74 13.94
N VAL Q 26 39.98 -59.69 14.54
CA VAL Q 26 39.15 -58.66 15.16
C VAL Q 26 38.55 -57.75 14.09
N MET Q 27 39.27 -57.59 12.98
CA MET Q 27 38.83 -56.66 11.93
C MET Q 27 37.57 -57.17 11.24
N ILE Q 28 37.42 -58.49 11.10
CA ILE Q 28 36.21 -59.04 10.49
C ILE Q 28 34.98 -58.64 11.31
N THR Q 29 35.01 -58.91 12.61
CA THR Q 29 33.83 -58.61 13.43
C THR Q 29 33.65 -57.11 13.59
N ALA Q 30 34.74 -56.34 13.53
CA ALA Q 30 34.60 -54.89 13.50
C ALA Q 30 33.83 -54.45 12.25
N ALA Q 31 34.16 -55.03 11.10
CA ALA Q 31 33.42 -54.72 9.89
C ALA Q 31 31.96 -55.15 9.99
N ASN Q 32 31.72 -56.33 10.57
CA ASN Q 32 30.35 -56.82 10.72
C ASN Q 32 29.52 -55.86 11.57
N ALA Q 33 30.08 -55.39 12.68
CA ALA Q 33 29.34 -54.47 13.54
C ALA Q 33 29.19 -53.10 12.89
N LEU Q 34 30.21 -52.64 12.17
CA LEU Q 34 30.09 -51.33 11.52
C LEU Q 34 29.03 -51.35 10.44
N ILE Q 35 28.95 -52.43 9.67
CA ILE Q 35 27.91 -52.51 8.64
C ILE Q 35 26.53 -52.48 9.27
N THR Q 36 26.31 -53.30 10.30
CA THR Q 36 24.99 -53.36 10.92
C THR Q 36 24.64 -52.04 11.60
N SER Q 37 25.65 -51.26 12.02
CA SER Q 37 25.33 -49.98 12.62
C SER Q 37 25.15 -48.86 11.58
N LEU Q 38 25.74 -49.01 10.39
CA LEU Q 38 25.53 -48.02 9.33
C LEU Q 38 24.11 -48.08 8.81
N LEU Q 39 23.62 -49.28 8.51
CA LEU Q 39 22.29 -49.47 7.94
C LEU Q 39 21.18 -49.06 8.89
N GLY Q 40 21.46 -48.86 10.17
CA GLY Q 40 20.44 -48.59 11.15
C GLY Q 40 19.93 -49.80 11.89
N MET Q 41 20.56 -50.95 11.71
CA MET Q 41 20.14 -52.16 12.41
C MET Q 41 20.39 -52.02 13.91
N ASP Q 42 19.68 -52.84 14.66
CA ASP Q 42 20.04 -53.12 16.05
C ASP Q 42 19.82 -54.61 16.27
N ASP Q 43 20.90 -55.37 16.34
CA ASP Q 43 20.79 -56.80 16.53
C ASP Q 43 20.17 -57.09 17.89
N ALA Q 44 18.89 -57.48 17.89
CA ALA Q 44 18.14 -57.68 19.12
C ALA Q 44 16.93 -58.54 18.81
N ASP Q 45 16.59 -59.42 19.76
CA ASP Q 45 15.44 -60.30 19.58
C ASP Q 45 14.14 -59.50 19.49
N ALA Q 46 13.98 -58.50 20.35
CA ALA Q 46 12.77 -57.70 20.38
C ALA Q 46 13.15 -56.25 20.68
N VAL Q 47 12.27 -55.33 20.29
CA VAL Q 47 12.51 -53.90 20.45
C VAL Q 47 11.24 -53.24 20.99
N ASP Q 48 11.41 -52.32 21.93
CA ASP Q 48 10.34 -51.53 22.50
C ASP Q 48 10.37 -50.14 21.88
N GLN Q 49 9.18 -49.59 21.60
CA GLN Q 49 9.10 -48.31 20.91
C GLN Q 49 7.95 -47.48 21.46
N LEU Q 50 8.19 -46.18 21.56
CA LEU Q 50 7.17 -45.21 21.97
C LEU Q 50 6.73 -44.46 20.72
N ILE Q 51 5.59 -44.88 20.16
CA ILE Q 51 5.04 -44.21 18.99
C ILE Q 51 4.01 -43.18 19.47
N THR Q 52 4.22 -41.92 19.11
CA THR Q 52 3.19 -40.92 19.35
C THR Q 52 2.01 -41.21 18.42
N THR Q 53 0.80 -41.03 18.93
CA THR Q 53 -0.42 -41.35 18.19
C THR Q 53 -1.36 -40.15 18.21
N LYS Q 54 -1.96 -39.87 17.06
CA LYS Q 54 -2.93 -38.81 16.89
C LYS Q 54 -4.16 -39.36 16.19
N PRO Q 55 -5.35 -38.88 16.53
CA PRO Q 55 -6.55 -39.34 15.83
C PRO Q 55 -6.51 -38.95 14.36
N THR Q 56 -7.28 -39.68 13.56
CA THR Q 56 -7.29 -39.59 12.10
C THR Q 56 -5.95 -39.98 11.49
N ARG Q 57 -5.17 -40.79 12.20
CA ARG Q 57 -3.96 -41.40 11.66
C ARG Q 57 -4.04 -42.89 11.95
N LYS Q 58 -4.32 -43.67 10.90
CA LYS Q 58 -4.57 -45.10 11.05
C LYS Q 58 -3.43 -45.96 10.53
N LYS Q 59 -2.25 -45.38 10.31
CA LYS Q 59 -1.07 -46.15 9.95
C LYS Q 59 0.13 -45.56 10.67
N TYR Q 60 0.85 -46.40 11.41
CA TYR Q 60 2.06 -46.01 12.11
C TYR Q 60 3.23 -46.86 11.64
N PHE Q 61 4.41 -46.27 11.62
CA PHE Q 61 5.60 -46.90 11.08
C PHE Q 61 6.51 -47.34 12.23
N LEU Q 62 6.87 -48.61 12.24
CA LEU Q 62 7.81 -49.13 13.21
C LEU Q 62 9.23 -48.69 12.86
N SER Q 63 10.13 -48.80 13.84
CA SER Q 63 11.50 -48.36 13.64
C SER Q 63 12.21 -49.20 12.58
N SER Q 64 12.06 -50.53 12.65
CA SER Q 64 12.78 -51.41 11.75
C SER Q 64 11.86 -51.91 10.67
N PRO Q 65 12.11 -51.58 9.39
CA PRO Q 65 11.27 -52.09 8.30
C PRO Q 65 11.30 -53.60 8.14
N SER Q 66 12.14 -54.31 8.88
CA SER Q 66 12.21 -55.76 8.83
C SER Q 66 11.49 -56.38 10.02
N ALA Q 67 10.40 -55.75 10.45
CA ALA Q 67 9.61 -56.24 11.56
C ALA Q 67 8.79 -57.45 11.14
N THR Q 68 8.87 -58.52 11.93
CA THR Q 68 8.15 -59.74 11.59
C THR Q 68 6.71 -59.70 12.08
N SER Q 69 6.51 -59.47 13.37
CA SER Q 69 5.18 -59.40 13.94
C SER Q 69 5.23 -58.61 15.24
N VAL Q 70 4.08 -58.12 15.66
CA VAL Q 70 3.95 -57.37 16.90
C VAL Q 70 3.48 -58.33 17.99
N THR Q 71 4.28 -58.46 19.05
CA THR Q 71 3.90 -59.33 20.16
C THR Q 71 2.72 -58.75 20.94
N LYS Q 72 2.76 -57.45 21.24
CA LYS Q 72 1.68 -56.80 21.96
C LYS Q 72 1.74 -55.31 21.70
N MET Q 73 0.57 -54.67 21.78
CA MET Q 73 0.45 -53.24 21.59
C MET Q 73 -0.22 -52.62 22.80
N THR Q 74 0.23 -51.43 23.19
CA THR Q 74 -0.29 -50.77 24.37
C THR Q 74 -0.44 -49.27 24.06
N ILE Q 75 -1.67 -48.79 24.08
CA ILE Q 75 -1.98 -47.38 23.88
C ILE Q 75 -2.58 -46.84 25.18
N ASN Q 76 -1.86 -45.95 25.84
CA ASN Q 76 -2.32 -45.35 27.09
C ASN Q 76 -2.65 -46.42 28.14
N ASP Q 77 -1.80 -47.44 28.20
CA ASP Q 77 -1.91 -48.51 29.20
C ASP Q 77 -3.21 -49.29 29.08
N LYS Q 78 -3.44 -49.86 27.89
CA LYS Q 78 -4.51 -50.84 27.70
C LYS Q 78 -4.21 -51.64 26.43
N GLU Q 79 -4.04 -52.94 26.59
CA GLU Q 79 -3.66 -53.80 25.47
C GLU Q 79 -4.80 -53.90 24.46
N ILE Q 80 -4.45 -53.94 23.19
CA ILE Q 80 -5.41 -54.08 22.10
C ILE Q 80 -5.21 -55.44 21.46
N ASP Q 81 -6.32 -56.15 21.22
CA ASP Q 81 -6.25 -57.48 20.66
C ASP Q 81 -5.69 -57.46 19.23
N PRO Q 82 -5.10 -58.57 18.78
CA PRO Q 82 -4.49 -58.57 17.44
C PRO Q 82 -5.46 -58.32 16.29
N GLU Q 83 -6.76 -58.43 16.52
CA GLU Q 83 -7.71 -58.32 15.41
C GLU Q 83 -7.84 -56.89 14.93
N GLN Q 84 -7.57 -55.90 15.78
CA GLN Q 84 -7.79 -54.51 15.41
C GLN Q 84 -6.64 -53.89 14.62
N TYR Q 85 -5.51 -54.58 14.51
CA TYR Q 85 -4.37 -54.05 13.78
C TYR Q 85 -3.79 -55.13 12.86
N LYS Q 86 -3.07 -54.70 11.84
CA LYS Q 86 -2.45 -55.63 10.91
C LYS Q 86 -1.13 -55.05 10.43
N LEU Q 87 -0.04 -55.77 10.67
CA LEU Q 87 1.30 -55.34 10.27
C LEU Q 87 1.55 -55.80 8.84
N TYR Q 88 1.99 -54.87 7.99
CA TYR Q 88 2.12 -55.14 6.57
C TYR Q 88 3.55 -55.53 6.20
N SER Q 89 3.84 -55.56 4.90
CA SER Q 89 5.12 -56.10 4.42
C SER Q 89 6.30 -55.29 4.96
N ASP Q 90 6.20 -53.97 4.89
CA ASP Q 90 7.22 -53.10 5.46
C ASP Q 90 6.94 -52.92 6.95
N GLY Q 91 7.62 -51.96 7.58
CA GLY Q 91 7.35 -51.70 8.97
C GLY Q 91 6.00 -51.07 9.26
N VAL Q 92 5.20 -50.82 8.22
CA VAL Q 92 3.90 -50.20 8.42
C VAL Q 92 3.00 -51.14 9.22
N ILE Q 93 2.34 -50.59 10.23
CA ILE Q 93 1.25 -51.29 10.93
C ILE Q 93 0.00 -50.44 10.73
N LEU Q 94 -1.08 -51.09 10.31
CA LEU Q 94 -2.34 -50.42 10.01
C LEU Q 94 -3.35 -50.77 11.09
N LEU Q 95 -4.08 -49.77 11.57
CA LEU Q 95 -5.06 -49.94 12.62
C LEU Q 95 -6.44 -49.88 12.01
N LYS Q 96 -7.25 -50.93 12.25
CA LYS Q 96 -8.62 -50.93 11.76
C LYS Q 96 -9.44 -49.81 12.38
N PHE Q 97 -9.27 -49.57 13.68
CA PHE Q 97 -10.04 -48.56 14.38
C PHE Q 97 -9.31 -47.22 14.35
N ASN Q 98 -9.89 -46.23 15.04
CA ASN Q 98 -9.32 -44.90 15.11
C ASN Q 98 -8.64 -44.73 16.46
N PRO Q 99 -7.32 -44.61 16.52
CA PRO Q 99 -6.63 -44.61 17.81
C PRO Q 99 -6.86 -43.31 18.56
N PRO Q 100 -7.11 -43.38 19.86
CA PRO Q 100 -7.24 -42.16 20.65
C PRO Q 100 -5.88 -41.52 20.88
N GLU Q 101 -5.90 -40.21 21.12
CA GLU Q 101 -4.66 -39.47 21.30
C GLU Q 101 -3.97 -39.88 22.59
N GLY Q 102 -2.65 -39.99 22.53
CA GLY Q 102 -1.86 -40.43 23.66
C GLY Q 102 -0.51 -40.97 23.23
N TYR Q 103 -0.08 -42.08 23.82
CA TYR Q 103 1.19 -42.70 23.49
C TYR Q 103 0.97 -44.20 23.24
N MET Q 104 1.77 -44.73 22.32
CA MET Q 104 1.67 -46.12 21.92
C MET Q 104 2.92 -46.87 22.38
N ASP Q 105 2.74 -48.16 22.69
CA ASP Q 105 3.83 -49.01 23.17
C ASP Q 105 3.72 -50.35 22.46
N VAL Q 106 4.60 -50.57 21.49
CA VAL Q 106 4.59 -51.79 20.68
C VAL Q 106 5.89 -52.55 20.92
N GLU Q 107 5.77 -53.87 21.11
CA GLU Q 107 6.91 -54.75 21.26
C GLU Q 107 6.89 -55.74 20.10
N TYR Q 108 7.83 -55.59 19.17
CA TYR Q 108 7.88 -56.41 17.97
C TYR Q 108 9.20 -57.16 17.90
N THR Q 109 9.22 -58.19 17.07
CA THR Q 109 10.42 -59.00 16.85
C THR Q 109 11.00 -58.67 15.49
N GLN Q 110 12.30 -58.35 15.47
CA GLN Q 110 12.99 -57.98 14.25
C GLN Q 110 13.62 -59.21 13.62
N GLY Q 111 13.30 -59.45 12.35
CA GLY Q 111 14.01 -60.45 11.57
C GLY Q 111 14.68 -59.80 10.37
N GLY Q 112 16.00 -59.74 10.38
CA GLY Q 112 16.71 -58.97 9.38
C GLY Q 112 17.71 -59.77 8.58
N PHE Q 113 17.45 -59.89 7.28
CA PHE Q 113 18.35 -60.54 6.34
C PHE Q 113 18.66 -61.98 6.76
N ASN Q 114 17.60 -62.75 7.01
CA ASN Q 114 17.80 -64.17 7.28
C ASN Q 114 18.43 -64.87 6.08
N PRO Q 115 17.95 -64.68 4.84
CA PRO Q 115 18.81 -64.94 3.67
C PRO Q 115 19.73 -63.74 3.47
N MET Q 116 21.01 -63.92 3.78
CA MET Q 116 21.92 -62.78 3.76
C MET Q 116 22.22 -62.39 2.31
N PRO Q 117 21.95 -61.14 1.92
CA PRO Q 117 22.31 -60.71 0.57
C PRO Q 117 23.82 -60.75 0.37
N GLU Q 118 24.24 -61.12 -0.83
CA GLU Q 118 25.66 -61.17 -1.13
C GLU Q 118 26.27 -59.79 -1.29
N ASP Q 119 25.44 -58.76 -1.49
CA ASP Q 119 25.96 -57.40 -1.57
C ASP Q 119 26.62 -56.98 -0.27
N LEU Q 120 25.95 -57.24 0.86
CA LEU Q 120 26.52 -56.86 2.15
C LEU Q 120 27.74 -57.71 2.47
N LYS Q 121 27.73 -58.98 2.04
CA LYS Q 121 28.92 -59.81 2.22
C LYS Q 121 30.10 -59.22 1.48
N LEU Q 122 29.89 -58.82 0.22
CA LEU Q 122 30.98 -58.23 -0.54
C LEU Q 122 31.42 -56.89 0.05
N ALA Q 123 30.46 -56.09 0.52
CA ALA Q 123 30.81 -54.79 1.09
C ALA Q 123 31.62 -54.94 2.36
N ALA Q 124 31.24 -55.87 3.24
CA ALA Q 124 32.01 -56.07 4.46
C ALA Q 124 33.37 -56.68 4.16
N CYS Q 125 33.45 -57.59 3.20
CA CYS Q 125 34.74 -58.11 2.78
C CYS Q 125 35.63 -57.00 2.23
N MET Q 126 35.02 -56.05 1.51
CA MET Q 126 35.80 -54.97 0.94
C MET Q 126 36.25 -53.99 2.01
N LEU Q 127 35.44 -53.76 3.04
CA LEU Q 127 35.90 -52.95 4.17
C LEU Q 127 37.05 -53.62 4.92
N VAL Q 128 36.94 -54.92 5.19
CA VAL Q 128 38.01 -55.56 5.94
C VAL Q 128 39.27 -55.66 5.08
N ASP Q 129 39.14 -55.76 3.76
CA ASP Q 129 40.31 -55.65 2.89
C ASP Q 129 40.84 -54.21 2.87
N HIS Q 130 39.93 -53.25 2.98
CA HIS Q 130 40.30 -51.84 3.02
C HIS Q 130 41.09 -51.50 4.28
N TRP Q 131 40.84 -52.25 5.35
CA TRP Q 131 41.50 -51.96 6.62
C TRP Q 131 42.75 -52.81 6.82
N HIS Q 132 42.80 -54.01 6.30
CA HIS Q 132 43.97 -54.79 6.53
C HIS Q 132 45.03 -54.14 5.73
N LYS Q 133 44.74 -53.69 4.52
CA LYS Q 133 45.82 -53.20 3.68
C LYS Q 133 46.07 -51.76 3.85
N GLN Q 134 45.45 -51.15 4.81
CA GLN Q 134 45.74 -49.78 5.10
C GLN Q 134 45.59 -48.96 3.88
N ASP Q 135 44.49 -49.12 3.21
CA ASP Q 135 44.25 -48.37 2.05
C ASP Q 135 43.29 -47.35 2.39
N TYR Q 136 43.56 -46.57 3.39
CA TYR Q 136 42.65 -45.46 3.68
C TYR Q 136 43.34 -44.11 3.51
N ARG Q 137 44.33 -44.05 2.62
CA ARG Q 137 45.06 -42.83 2.33
C ARG Q 137 44.59 -42.25 1.01
N GLN Q 138 45.01 -41.02 0.71
CA GLN Q 138 44.65 -40.42 -0.57
C GLN Q 138 45.44 -41.04 -1.72
N ALA Q 139 46.71 -41.37 -1.49
CA ALA Q 139 47.51 -42.08 -2.46
C ALA Q 139 48.65 -42.76 -1.73
N ARG Q 140 49.25 -43.75 -2.38
CA ARG Q 140 50.32 -44.50 -1.77
C ARG Q 140 51.25 -45.00 -2.86
N THR Q 141 52.56 -44.91 -2.64
CA THR Q 141 53.54 -45.29 -3.63
C THR Q 141 54.51 -46.28 -3.01
N ILE Q 142 54.91 -47.27 -3.78
CA ILE Q 142 55.96 -48.21 -3.40
C ILE Q 142 56.95 -48.25 -4.55
N GLY Q 143 57.97 -47.40 -4.47
CA GLY Q 143 58.94 -47.34 -5.54
C GLY Q 143 58.44 -46.57 -6.74
N GLY Q 144 58.05 -47.27 -7.79
CA GLY Q 144 57.55 -46.64 -8.99
C GLY Q 144 56.09 -46.90 -9.27
N GLU Q 145 55.56 -48.03 -8.81
CA GLU Q 145 54.17 -48.39 -9.05
C GLU Q 145 53.26 -47.70 -8.03
N THR Q 146 52.92 -46.46 -8.34
CA THR Q 146 52.09 -45.65 -7.45
C THR Q 146 50.61 -45.96 -7.66
N VAL Q 147 49.80 -45.62 -6.65
CA VAL Q 147 48.35 -45.74 -6.72
C VAL Q 147 47.74 -44.48 -6.13
N THR Q 148 46.76 -43.91 -6.82
CA THR Q 148 45.97 -42.80 -6.30
C THR Q 148 44.60 -43.32 -5.92
N PHE Q 149 44.21 -43.11 -4.66
CA PHE Q 149 43.08 -43.83 -4.12
C PHE Q 149 41.77 -43.10 -4.40
N ASN Q 150 40.68 -43.82 -4.21
CA ASN Q 150 39.37 -43.37 -4.64
C ASN Q 150 38.78 -42.42 -3.61
N ASN Q 151 37.83 -41.60 -4.06
CA ASN Q 151 37.21 -40.60 -3.19
C ASN Q 151 36.40 -41.25 -2.08
N THR Q 152 36.35 -40.58 -0.93
CA THR Q 152 35.65 -41.09 0.23
C THR Q 152 34.45 -40.22 0.55
N LYS Q 153 33.29 -40.85 0.71
CA LYS Q 153 32.08 -40.18 1.19
C LYS Q 153 31.82 -40.66 2.61
N SER Q 154 31.81 -39.73 3.55
CA SER Q 154 31.64 -40.07 4.97
C SER Q 154 32.67 -41.09 5.40
N GLY Q 155 33.91 -40.91 4.97
CA GLY Q 155 34.99 -41.82 5.31
C GLY Q 155 35.10 -43.08 4.48
N ILE Q 156 34.00 -43.81 4.34
CA ILE Q 156 33.98 -45.07 3.60
C ILE Q 156 34.13 -44.81 2.10
N PRO Q 157 34.85 -45.66 1.36
CA PRO Q 157 35.06 -45.41 -0.07
C PRO Q 157 33.79 -45.51 -0.89
N GLU Q 158 33.89 -45.24 -2.19
CA GLU Q 158 32.68 -45.13 -3.03
C GLU Q 158 31.94 -46.45 -3.14
N HIS Q 159 32.66 -47.56 -3.38
CA HIS Q 159 31.98 -48.83 -3.65
C HIS Q 159 31.22 -49.34 -2.43
N ILE Q 160 31.90 -49.38 -1.28
CA ILE Q 160 31.23 -49.77 -0.05
C ILE Q 160 30.08 -48.82 0.25
N ARG Q 161 30.27 -47.53 -0.04
CA ARG Q 161 29.23 -46.54 0.20
C ARG Q 161 27.99 -46.84 -0.63
N THR Q 162 28.18 -47.15 -1.92
CA THR Q 162 27.00 -47.37 -2.76
C THR Q 162 26.29 -48.65 -2.34
N ILE Q 163 27.03 -49.71 -2.01
CA ILE Q 163 26.35 -50.92 -1.55
C ILE Q 163 25.56 -50.64 -0.27
N ILE Q 164 26.22 -50.02 0.70
CA ILE Q 164 25.58 -49.77 1.98
C ILE Q 164 24.31 -48.96 1.78
N GLU Q 165 24.39 -47.85 1.05
CA GLU Q 165 23.20 -47.02 0.95
C GLU Q 165 22.17 -47.55 -0.03
N VAL Q 166 22.52 -48.55 -0.85
CA VAL Q 166 21.46 -49.34 -1.47
C VAL Q 166 20.72 -50.14 -0.40
N TYR Q 167 21.41 -50.59 0.65
CA TYR Q 167 20.71 -51.28 1.72
C TYR Q 167 20.66 -50.52 3.04
N ARG Q 168 20.86 -49.19 3.04
CA ARG Q 168 20.98 -48.46 4.30
C ARG Q 168 19.64 -47.91 4.78
N ARG Q 169 18.57 -48.71 4.78
CA ARG Q 169 17.39 -48.30 5.52
C ARG Q 169 16.67 -49.45 6.21
N VAL Q 170 17.09 -50.70 6.04
CA VAL Q 170 16.34 -51.83 6.55
C VAL Q 170 16.42 -51.86 8.08
N MET R 1 35.94 -44.78 29.23
CA MET R 1 35.81 -46.20 29.50
C MET R 1 37.14 -46.93 29.34
N GLN R 2 37.07 -48.24 29.17
CA GLN R 2 38.25 -49.08 28.94
C GLN R 2 37.92 -49.95 27.73
N ILE R 3 38.38 -49.52 26.56
CA ILE R 3 38.01 -50.17 25.30
C ILE R 3 39.08 -51.16 24.84
N ILE R 4 40.35 -50.78 24.90
CA ILE R 4 41.36 -51.53 24.17
C ILE R 4 42.24 -52.37 25.08
N THR R 5 43.03 -51.71 25.92
CA THR R 5 44.07 -52.34 26.72
C THR R 5 45.12 -53.06 25.87
N ALA R 6 46.18 -53.52 26.54
CA ALA R 6 47.33 -54.08 25.86
C ALA R 6 46.96 -55.36 25.10
N GLU R 7 46.09 -56.18 25.68
CA GLU R 7 45.73 -57.44 25.04
C GLU R 7 45.08 -57.20 23.68
N ASP R 8 44.13 -56.27 23.62
CA ASP R 8 43.44 -56.02 22.36
C ASP R 8 44.34 -55.27 21.38
N TYR R 9 45.21 -54.39 21.86
CA TYR R 9 46.16 -53.79 20.94
C TYR R 9 47.09 -54.84 20.33
N ARG R 10 47.58 -55.77 21.15
CA ARG R 10 48.46 -56.81 20.64
C ARG R 10 47.73 -57.74 19.67
N LEU R 11 46.46 -58.03 19.96
CA LEU R 11 45.67 -58.85 19.06
C LEU R 11 45.42 -58.12 17.74
N TYR R 12 45.31 -56.79 17.78
CA TYR R 12 45.12 -56.03 16.55
C TYR R 12 46.34 -56.15 15.65
N GLY R 13 47.53 -56.11 16.21
CA GLY R 13 48.76 -56.27 15.45
C GLY R 13 49.32 -57.66 15.55
N GLY R 14 50.62 -57.77 15.31
CA GLY R 14 51.33 -59.03 15.43
C GLY R 14 52.58 -58.87 16.26
N LEU R 15 52.50 -58.00 17.26
CA LEU R 15 53.68 -57.61 18.03
C LEU R 15 54.32 -58.81 18.70
N LYS R 16 55.65 -58.89 18.59
CA LYS R 16 56.39 -60.04 19.09
C LYS R 16 57.04 -59.79 20.44
N ARG R 17 57.41 -58.55 20.73
CA ARG R 17 58.03 -58.24 22.00
C ARG R 17 57.02 -58.41 23.14
N PRO R 18 57.42 -59.02 24.26
CA PRO R 18 56.47 -59.19 25.37
C PRO R 18 56.02 -57.86 25.96
N GLU R 19 56.94 -56.99 26.32
CA GLU R 19 56.60 -55.69 26.88
C GLU R 19 56.29 -54.70 25.76
N LEU R 20 55.21 -53.94 25.92
CA LEU R 20 54.89 -52.91 24.95
C LEU R 20 55.91 -51.77 25.02
N GLU R 21 55.96 -50.99 23.94
CA GLU R 21 56.87 -49.85 23.91
C GLU R 21 56.44 -48.79 24.91
N SER R 22 57.37 -47.90 25.24
CA SER R 22 57.09 -46.87 26.24
C SER R 22 55.98 -45.93 25.79
N GLY R 23 55.97 -45.54 24.52
CA GLY R 23 54.98 -44.59 24.05
C GLY R 23 53.58 -45.13 23.94
N VAL R 24 53.44 -46.39 23.50
CA VAL R 24 52.12 -46.95 23.21
C VAL R 24 51.29 -47.11 24.48
N GLU R 25 51.95 -47.38 25.61
CA GLU R 25 51.22 -47.67 26.84
C GLU R 25 50.37 -46.48 27.29
N VAL R 26 50.89 -45.26 27.15
CA VAL R 26 50.11 -44.09 27.50
C VAL R 26 49.13 -43.73 26.38
N MET R 27 49.55 -43.93 25.13
CA MET R 27 48.70 -43.56 24.01
C MET R 27 47.42 -44.39 23.98
N ILE R 28 47.47 -45.65 24.40
CA ILE R 28 46.27 -46.47 24.39
C ILE R 28 45.21 -45.88 25.32
N THR R 29 45.59 -45.61 26.58
CA THR R 29 44.61 -45.09 27.52
C THR R 29 44.18 -43.67 27.15
N ALA R 30 45.08 -42.90 26.54
CA ALA R 30 44.68 -41.58 26.06
C ALA R 30 43.67 -41.67 24.92
N ALA R 31 43.87 -42.62 24.01
CA ALA R 31 42.88 -42.85 22.96
C ALA R 31 41.55 -43.28 23.56
N ASN R 32 41.60 -44.15 24.59
CA ASN R 32 40.37 -44.54 25.27
C ASN R 32 39.63 -43.33 25.81
N ALA R 33 40.35 -42.44 26.49
CA ALA R 33 39.72 -41.25 27.06
C ALA R 33 39.18 -40.33 25.97
N LEU R 34 39.93 -40.14 24.89
CA LEU R 34 39.46 -39.26 23.82
C LEU R 34 38.20 -39.82 23.17
N ILE R 35 38.16 -41.14 22.95
CA ILE R 35 36.97 -41.73 22.34
C ILE R 35 35.78 -41.62 23.28
N THR R 36 35.98 -41.90 24.58
CA THR R 36 34.84 -41.87 25.49
C THR R 36 34.35 -40.47 25.79
N SER R 37 35.21 -39.45 25.64
CA SER R 37 34.75 -38.08 25.76
C SER R 37 34.35 -37.49 24.42
N LEU R 38 34.59 -38.21 23.33
CA LEU R 38 34.26 -37.72 22.01
C LEU R 38 32.86 -38.13 21.61
N LEU R 39 32.45 -39.34 22.01
CA LEU R 39 31.10 -39.84 21.74
C LEU R 39 30.04 -39.14 22.57
N GLY R 40 30.43 -38.40 23.60
CA GLY R 40 29.49 -37.82 24.53
C GLY R 40 29.39 -38.51 25.87
N MET R 41 29.99 -39.70 26.02
CA MET R 41 30.02 -40.35 27.32
C MET R 41 30.86 -39.54 28.32
N ASP R 42 30.51 -39.71 29.59
CA ASP R 42 31.36 -39.28 30.71
C ASP R 42 31.31 -40.42 31.72
N ASP R 43 32.43 -41.11 31.89
CA ASP R 43 32.47 -42.28 32.76
C ASP R 43 32.11 -41.94 34.20
N ALA R 44 30.93 -42.39 34.63
CA ALA R 44 30.40 -42.05 35.95
C ALA R 44 29.35 -43.07 36.34
N ASP R 45 29.37 -43.46 37.61
CA ASP R 45 28.38 -44.40 38.12
C ASP R 45 26.97 -43.81 38.10
N ALA R 46 26.82 -42.56 38.52
CA ALA R 46 25.52 -41.90 38.57
C ALA R 46 25.68 -40.45 38.15
N VAL R 47 24.59 -39.87 37.68
CA VAL R 47 24.58 -38.50 37.15
C VAL R 47 23.38 -37.76 37.71
N ASP R 48 23.60 -36.51 38.10
CA ASP R 48 22.54 -35.59 38.50
C ASP R 48 22.22 -34.67 37.33
N GLN R 49 20.94 -34.36 37.17
CA GLN R 49 20.48 -33.64 35.99
C GLN R 49 19.45 -32.59 36.39
N LEU R 50 19.61 -31.38 35.85
CA LEU R 50 18.63 -30.31 35.99
C LEU R 50 17.82 -30.20 34.70
N ILE R 51 16.66 -30.84 34.72
CA ILE R 51 15.75 -30.78 33.58
C ILE R 51 14.71 -29.71 33.88
N THR R 52 14.60 -28.70 33.01
CA THR R 52 13.49 -27.78 33.12
C THR R 52 12.21 -28.49 32.72
N THR R 53 11.12 -28.20 33.42
CA THR R 53 9.85 -28.89 33.21
C THR R 53 8.74 -27.88 33.00
N LYS R 54 7.85 -28.19 32.05
CA LYS R 54 6.69 -27.38 31.74
C LYS R 54 5.46 -28.26 31.70
N PRO R 55 4.30 -27.74 32.08
CA PRO R 55 3.06 -28.52 31.98
C PRO R 55 2.76 -28.83 30.52
N THR R 56 1.93 -29.86 30.33
CA THR R 56 1.62 -30.43 29.02
C THR R 56 2.85 -31.01 28.33
N ARG R 57 3.82 -31.47 29.12
CA ARG R 57 4.97 -32.22 28.61
C ARG R 57 5.15 -33.46 29.47
N LYS R 58 4.81 -34.62 28.91
CA LYS R 58 4.78 -35.87 29.66
C LYS R 58 6.00 -36.74 29.40
N LYS R 59 6.97 -36.26 28.62
CA LYS R 59 8.19 -37.02 28.35
C LYS R 59 9.38 -36.06 28.38
N TYR R 60 10.43 -36.48 29.09
CA TYR R 60 11.67 -35.72 29.18
C TYR R 60 12.85 -36.61 28.81
N PHE R 61 13.88 -36.01 28.23
CA PHE R 61 15.02 -36.74 27.72
C PHE R 61 16.20 -36.57 28.65
N LEU R 62 16.80 -37.68 29.07
CA LEU R 62 17.98 -37.67 29.91
C LEU R 62 19.22 -37.35 29.07
N SER R 63 20.28 -36.93 29.76
CA SER R 63 21.51 -36.55 29.07
C SER R 63 22.14 -37.75 28.37
N SER R 64 22.21 -38.89 29.07
CA SER R 64 22.88 -40.06 28.51
C SER R 64 21.83 -41.07 28.05
N PRO R 65 21.75 -41.36 26.75
CA PRO R 65 20.79 -42.37 26.27
C PRO R 65 21.11 -43.78 26.72
N SER R 66 22.20 -43.99 27.44
CA SER R 66 22.57 -45.31 27.96
C SER R 66 22.22 -45.44 29.43
N ALA R 67 21.11 -44.81 29.83
CA ALA R 67 20.65 -44.86 31.22
C ALA R 67 19.81 -46.10 31.42
N THR R 68 20.32 -47.04 32.22
CA THR R 68 19.60 -48.29 32.46
C THR R 68 18.44 -48.14 33.43
N SER R 69 18.53 -47.19 34.38
CA SER R 69 17.45 -46.96 35.32
C SER R 69 17.69 -45.63 36.02
N VAL R 70 16.65 -45.14 36.68
CA VAL R 70 16.69 -43.90 37.44
C VAL R 70 16.47 -44.22 38.91
N THR R 71 17.31 -43.64 39.78
CA THR R 71 17.26 -43.95 41.20
C THR R 71 16.16 -43.17 41.92
N LYS R 72 16.24 -41.84 41.91
CA LYS R 72 15.25 -41.02 42.58
C LYS R 72 14.90 -39.84 41.70
N MET R 73 13.69 -39.33 41.89
CA MET R 73 13.11 -38.30 41.05
C MET R 73 12.60 -37.16 41.93
N THR R 74 12.84 -35.93 41.52
CA THR R 74 12.53 -34.76 42.35
C THR R 74 12.04 -33.62 41.47
N ILE R 75 10.88 -33.07 41.81
CA ILE R 75 10.35 -31.87 41.18
C ILE R 75 10.03 -30.87 42.28
N ASN R 76 10.71 -29.73 42.26
CA ASN R 76 10.51 -28.67 43.26
C ASN R 76 10.68 -29.21 44.67
N ASP R 77 11.70 -30.05 44.86
CA ASP R 77 12.05 -30.61 46.17
C ASP R 77 10.90 -31.45 46.75
N LYS R 78 10.41 -32.39 45.96
CA LYS R 78 9.47 -33.39 46.45
C LYS R 78 9.64 -34.65 45.62
N GLU R 79 9.73 -35.80 46.30
CA GLU R 79 10.00 -37.05 45.61
C GLU R 79 8.71 -37.63 45.03
N ILE R 80 8.83 -38.23 43.84
CA ILE R 80 7.73 -38.91 43.17
C ILE R 80 8.01 -40.40 43.15
N ASP R 81 7.00 -41.20 43.49
CA ASP R 81 7.19 -42.65 43.57
C ASP R 81 7.50 -43.23 42.19
N PRO R 82 8.24 -44.34 42.14
CA PRO R 82 8.61 -44.93 40.84
C PRO R 82 7.42 -45.40 40.02
N GLU R 83 6.26 -45.63 40.65
CA GLU R 83 5.11 -46.13 39.92
C GLU R 83 4.51 -45.09 38.98
N GLN R 84 4.83 -43.80 39.19
CA GLN R 84 4.18 -42.74 38.44
C GLN R 84 4.99 -42.29 37.22
N TYR R 85 6.23 -42.75 37.07
CA TYR R 85 7.04 -42.45 35.89
C TYR R 85 7.66 -43.73 35.37
N LYS R 86 7.91 -43.76 34.06
CA LYS R 86 8.48 -44.94 33.42
C LYS R 86 9.57 -44.52 32.45
N LEU R 87 10.73 -45.16 32.54
CA LEU R 87 11.88 -44.88 31.71
C LEU R 87 11.94 -45.90 30.58
N TYR R 88 11.97 -45.43 29.35
CA TYR R 88 11.87 -46.31 28.18
C TYR R 88 13.26 -46.75 27.70
N SER R 89 13.31 -47.33 26.50
CA SER R 89 14.54 -47.97 26.04
C SER R 89 15.68 -46.96 25.92
N ASP R 90 15.42 -45.80 25.35
CA ASP R 90 16.41 -44.73 25.28
C ASP R 90 16.39 -43.97 26.59
N GLY R 91 17.08 -42.82 26.63
CA GLY R 91 17.06 -42.00 27.82
C GLY R 91 15.72 -41.37 28.15
N VAL R 92 14.68 -41.66 27.35
CA VAL R 92 13.39 -41.03 27.58
C VAL R 92 12.79 -41.53 28.88
N ILE R 93 12.27 -40.59 29.68
CA ILE R 93 11.46 -40.91 30.85
C ILE R 93 10.08 -40.34 30.60
N LEU R 94 9.05 -41.16 30.78
CA LEU R 94 7.67 -40.79 30.51
C LEU R 94 6.96 -40.49 31.83
N LEU R 95 6.25 -39.36 31.86
CA LEU R 95 5.50 -38.95 33.03
C LEU R 95 4.02 -39.28 32.82
N LYS R 96 3.46 -40.07 33.73
CA LYS R 96 2.04 -40.37 33.67
C LYS R 96 1.18 -39.14 33.91
N PHE R 97 1.58 -38.28 34.84
CA PHE R 97 0.83 -37.09 35.19
C PHE R 97 1.44 -35.88 34.50
N ASN R 98 0.85 -34.70 34.71
CA ASN R 98 1.38 -33.46 34.14
C ASN R 98 2.25 -32.79 35.18
N PRO R 99 3.56 -32.66 34.94
CA PRO R 99 4.44 -32.08 35.96
C PRO R 99 4.12 -30.61 36.19
N PRO R 100 4.08 -30.17 37.45
CA PRO R 100 3.95 -28.74 37.72
C PRO R 100 5.20 -27.99 37.27
N GLU R 101 4.99 -26.75 36.88
CA GLU R 101 6.09 -25.95 36.36
C GLU R 101 7.13 -25.70 37.45
N GLY R 102 8.40 -25.85 37.07
CA GLY R 102 9.49 -25.71 38.02
C GLY R 102 10.78 -26.32 37.51
N TYR R 103 11.50 -27.00 38.38
CA TYR R 103 12.76 -27.65 38.02
C TYR R 103 12.77 -29.10 38.48
N MET R 104 13.54 -29.92 37.79
CA MET R 104 13.56 -31.35 38.00
C MET R 104 14.95 -31.78 38.45
N ASP R 105 15.00 -32.81 39.29
CA ASP R 105 16.26 -33.36 39.79
C ASP R 105 16.18 -34.87 39.75
N VAL R 106 16.84 -35.49 38.76
CA VAL R 106 16.81 -36.93 38.58
C VAL R 106 18.23 -37.46 38.69
N GLU R 107 18.39 -38.54 39.46
CA GLU R 107 19.66 -39.25 39.57
C GLU R 107 19.48 -40.62 38.94
N TYR R 108 20.29 -40.92 37.93
CA TYR R 108 20.19 -42.17 37.19
C TYR R 108 21.57 -42.79 37.06
N THR R 109 21.59 -44.11 36.87
CA THR R 109 22.82 -44.87 36.70
C THR R 109 22.99 -45.23 35.23
N GLN R 110 24.17 -44.93 34.70
CA GLN R 110 24.45 -45.17 33.28
C GLN R 110 25.09 -46.53 33.08
N GLY R 111 24.54 -47.28 32.13
CA GLY R 111 25.19 -48.49 31.66
C GLY R 111 25.58 -48.35 30.22
N GLY R 112 26.88 -48.24 29.95
CA GLY R 112 27.34 -47.93 28.62
C GLY R 112 28.22 -49.00 27.99
N PHE R 113 27.69 -49.66 26.96
CA PHE R 113 28.44 -50.63 26.17
C PHE R 113 28.99 -51.76 27.05
N ASN R 114 28.10 -52.41 27.80
CA ASN R 114 28.50 -53.61 28.52
C ASN R 114 28.93 -54.71 27.55
N PRO R 115 28.17 -55.04 26.50
CA PRO R 115 28.80 -55.69 25.34
C PRO R 115 29.52 -54.65 24.51
N MET R 116 30.85 -54.63 24.55
CA MET R 116 31.57 -53.52 23.94
C MET R 116 31.60 -53.70 22.42
N PRO R 117 31.05 -52.75 21.65
CA PRO R 117 31.07 -52.88 20.20
C PRO R 117 32.49 -52.93 19.66
N GLU R 118 32.68 -53.76 18.62
CA GLU R 118 33.99 -53.89 18.02
C GLU R 118 34.35 -52.72 17.11
N ASP R 119 33.36 -51.93 16.68
CA ASP R 119 33.65 -50.72 15.93
C ASP R 119 34.48 -49.75 16.77
N LEU R 120 34.11 -49.55 18.03
CA LEU R 120 34.89 -48.67 18.89
C LEU R 120 36.28 -49.25 19.14
N LYS R 121 36.36 -50.58 19.29
CA LYS R 121 37.67 -51.20 19.50
C LYS R 121 38.58 -50.96 18.31
N LEU R 122 38.06 -51.17 17.11
CA LEU R 122 38.89 -50.95 15.91
C LEU R 122 39.22 -49.47 15.75
N ALA R 123 38.26 -48.58 16.05
CA ALA R 123 38.52 -47.15 15.92
C ALA R 123 39.61 -46.71 16.88
N ALA R 124 39.55 -47.17 18.13
CA ALA R 124 40.56 -46.76 19.10
C ALA R 124 41.92 -47.38 18.79
N CYS R 125 41.94 -48.63 18.31
CA CYS R 125 43.21 -49.22 17.88
C CYS R 125 43.81 -48.43 16.73
N MET R 126 42.97 -48.04 15.76
CA MET R 126 43.46 -47.28 14.62
C MET R 126 43.89 -45.88 15.04
N LEU R 127 43.24 -45.29 16.04
CA LEU R 127 43.65 -43.98 16.52
C LEU R 127 44.99 -44.04 17.25
N VAL R 128 45.18 -45.06 18.11
CA VAL R 128 46.45 -45.16 18.81
C VAL R 128 47.57 -45.55 17.85
N ASP R 129 47.26 -46.32 16.80
CA ASP R 129 48.25 -46.54 15.75
C ASP R 129 48.55 -45.25 15.00
N HIS R 130 47.51 -44.45 14.76
CA HIS R 130 47.65 -43.16 14.12
C HIS R 130 48.57 -42.24 14.91
N TRP R 131 48.54 -42.36 16.24
CA TRP R 131 49.36 -41.49 17.08
C TRP R 131 50.75 -42.05 17.28
N HIS R 132 50.89 -43.38 17.31
CA HIS R 132 52.18 -43.99 17.63
C HIS R 132 53.24 -43.59 16.62
N LYS R 133 53.09 -44.01 15.37
CA LYS R 133 53.90 -43.44 14.30
C LYS R 133 53.20 -42.21 13.75
N GLN R 134 53.94 -41.16 13.64
CA GLN R 134 53.36 -39.91 13.28
C GLN R 134 52.62 -39.94 12.00
N ASP R 135 51.40 -40.31 12.07
CA ASP R 135 50.52 -40.32 10.90
C ASP R 135 49.47 -39.20 10.99
N TYR R 136 49.94 -37.99 11.26
CA TYR R 136 49.03 -36.85 11.22
C TYR R 136 49.63 -35.71 10.42
N ARG R 137 50.16 -36.03 9.23
CA ARG R 137 50.70 -35.05 8.32
C ARG R 137 50.04 -35.22 6.96
N GLN R 138 50.03 -34.14 6.17
CA GLN R 138 49.35 -34.18 4.88
C GLN R 138 49.97 -35.18 3.93
N ALA R 139 51.30 -35.27 3.90
CA ALA R 139 51.97 -36.27 3.10
C ALA R 139 53.34 -36.53 3.72
N ARG R 140 53.91 -37.68 3.37
CA ARG R 140 55.21 -38.05 3.92
C ARG R 140 55.89 -39.01 2.95
N THR R 141 57.20 -38.89 2.82
CA THR R 141 57.99 -39.80 2.01
C THR R 141 59.30 -40.12 2.72
N ILE R 142 59.82 -41.31 2.47
CA ILE R 142 61.15 -41.70 2.92
C ILE R 142 61.89 -42.25 1.70
N GLY R 143 62.64 -41.37 1.04
CA GLY R 143 63.32 -41.75 -0.18
C GLY R 143 62.46 -41.63 -1.42
N GLY R 144 61.93 -42.75 -1.89
CA GLY R 144 61.14 -42.76 -3.11
C GLY R 144 59.67 -43.09 -2.93
N GLU R 145 59.35 -43.94 -1.95
CA GLU R 145 57.97 -44.38 -1.73
C GLU R 145 57.27 -43.40 -0.79
N THR R 146 56.44 -42.55 -1.39
CA THR R 146 55.71 -41.52 -0.66
C THR R 146 54.28 -41.94 -0.39
N VAL R 147 53.65 -41.26 0.57
CA VAL R 147 52.25 -41.47 0.91
C VAL R 147 51.62 -40.11 1.15
N THR R 148 50.42 -39.91 0.60
CA THR R 148 49.61 -38.73 0.90
C THR R 148 48.44 -39.19 1.78
N PHE R 149 48.23 -38.47 2.88
CA PHE R 149 47.34 -38.99 3.90
C PHE R 149 45.91 -38.53 3.67
N ASN R 150 45.00 -39.10 4.44
CA ASN R 150 43.58 -38.90 4.24
C ASN R 150 43.14 -37.53 4.74
N ASN R 151 41.98 -37.10 4.26
CA ASN R 151 41.38 -35.86 4.74
C ASN R 151 40.99 -36.01 6.21
N THR R 152 41.11 -34.93 6.96
CA THR R 152 40.82 -34.92 8.38
C THR R 152 39.58 -34.07 8.64
N LYS R 153 38.54 -34.69 9.18
CA LYS R 153 37.34 -33.98 9.60
C LYS R 153 37.39 -33.79 11.11
N SER R 154 37.35 -32.54 11.56
CA SER R 154 37.39 -32.21 12.98
C SER R 154 38.61 -32.82 13.66
N GLY R 155 39.74 -32.78 12.98
CA GLY R 155 40.97 -33.35 13.53
C GLY R 155 41.22 -34.81 13.28
N ILE R 156 40.26 -35.66 13.65
CA ILE R 156 40.39 -37.11 13.49
C ILE R 156 40.20 -37.48 12.03
N PRO R 157 40.91 -38.50 11.52
CA PRO R 157 40.82 -38.84 10.09
C PRO R 157 39.47 -39.41 9.69
N GLU R 158 39.32 -39.71 8.39
CA GLU R 158 38.00 -40.06 7.86
C GLU R 158 37.43 -41.33 8.48
N HIS R 159 38.25 -42.38 8.60
CA HIS R 159 37.76 -43.67 9.10
C HIS R 159 37.33 -43.58 10.56
N ILE R 160 38.20 -43.03 11.41
CA ILE R 160 37.83 -42.80 12.80
C ILE R 160 36.63 -41.88 12.87
N ARG R 161 36.57 -40.91 11.96
CA ARG R 161 35.45 -39.97 11.94
C ARG R 161 34.14 -40.70 11.69
N THR R 162 34.12 -41.61 10.71
CA THR R 162 32.87 -42.29 10.39
C THR R 162 32.46 -43.23 11.52
N ILE R 163 33.42 -43.94 12.13
CA ILE R 163 33.04 -44.82 13.23
C ILE R 163 32.48 -44.02 14.39
N ILE R 164 33.19 -42.95 14.78
CA ILE R 164 32.74 -42.12 15.89
C ILE R 164 31.37 -41.55 15.60
N GLU R 165 31.20 -40.95 14.42
CA GLU R 165 29.94 -40.30 14.08
C GLU R 165 28.79 -41.30 14.05
N VAL R 166 29.05 -42.53 13.62
CA VAL R 166 28.02 -43.56 13.69
C VAL R 166 27.69 -43.88 15.13
N TYR R 167 28.64 -43.70 16.05
CA TYR R 167 28.34 -43.94 17.46
C TYR R 167 28.43 -42.68 18.33
N ARG R 168 28.31 -41.50 17.75
CA ARG R 168 28.50 -40.25 18.49
C ARG R 168 27.18 -39.65 18.99
N ARG R 169 26.38 -40.40 19.74
CA ARG R 169 25.37 -39.74 20.54
C ARG R 169 25.10 -40.44 21.87
N VAL R 170 25.87 -41.48 22.19
CA VAL R 170 25.74 -42.18 23.46
C VAL R 170 26.35 -41.35 24.57
N MET S 1 47.65 -25.55 35.00
CA MET S 1 47.91 -26.59 35.99
C MET S 1 49.29 -27.20 35.79
N GLN S 2 49.44 -28.43 36.28
CA GLN S 2 50.70 -29.18 36.12
C GLN S 2 50.32 -30.57 35.59
N ILE S 3 50.35 -30.72 34.27
CA ILE S 3 49.82 -31.92 33.64
C ILE S 3 50.92 -32.93 33.33
N ILE S 4 52.06 -32.49 32.80
CA ILE S 4 52.99 -33.45 32.21
C ILE S 4 54.21 -33.70 33.09
N THR S 5 55.04 -32.68 33.28
CA THR S 5 56.33 -32.80 33.94
C THR S 5 57.28 -33.76 33.21
N ALA S 6 58.53 -33.78 33.67
CA ALA S 6 59.58 -34.52 32.98
C ALA S 6 59.28 -36.01 32.98
N GLU S 7 58.69 -36.54 34.04
CA GLU S 7 58.42 -37.97 34.10
C GLU S 7 57.44 -38.40 33.02
N ASP S 8 56.36 -37.63 32.83
CA ASP S 8 55.39 -37.99 31.80
C ASP S 8 55.95 -37.76 30.40
N TYR S 9 56.77 -36.72 30.22
CA TYR S 9 57.43 -36.59 28.92
C TYR S 9 58.34 -37.78 28.63
N ARG S 10 59.12 -38.21 29.62
CA ARG S 10 60.04 -39.32 29.39
C ARG S 10 59.28 -40.62 29.13
N LEU S 11 58.18 -40.84 29.86
CA LEU S 11 57.37 -42.02 29.62
C LEU S 11 56.68 -41.96 28.27
N TYR S 12 56.37 -40.76 27.78
CA TYR S 12 55.81 -40.61 26.44
C TYR S 12 56.80 -41.07 25.38
N GLY S 13 58.07 -40.72 25.54
CA GLY S 13 59.10 -41.12 24.61
C GLY S 13 59.91 -42.30 25.13
N GLY S 14 61.14 -42.40 24.63
CA GLY S 14 62.04 -43.44 25.08
C GLY S 14 63.40 -42.86 25.40
N LEU S 15 63.41 -41.63 25.91
CA LEU S 15 64.63 -40.89 26.16
C LEU S 15 65.54 -41.63 27.13
N LYS S 16 66.82 -41.77 26.76
CA LYS S 16 67.77 -42.53 27.55
C LYS S 16 68.66 -41.64 28.41
N ARG S 17 68.83 -40.38 28.03
CA ARG S 17 69.66 -39.47 28.82
C ARG S 17 68.98 -39.17 30.16
N PRO S 18 69.71 -39.30 31.27
CA PRO S 18 69.08 -39.01 32.57
C PRO S 18 68.58 -37.60 32.71
N GLU S 19 69.26 -36.64 32.09
CA GLU S 19 68.88 -35.23 32.16
C GLU S 19 68.18 -34.81 30.87
N LEU S 20 67.06 -34.12 31.01
CA LEU S 20 66.36 -33.59 29.84
C LEU S 20 67.18 -32.50 29.17
N GLU S 21 66.90 -32.28 27.89
CA GLU S 21 67.59 -31.24 27.15
C GLU S 21 67.19 -29.86 27.66
N SER S 22 68.02 -28.87 27.35
CA SER S 22 67.77 -27.51 27.84
C SER S 22 66.47 -26.94 27.31
N GLY S 23 66.17 -27.18 26.03
CA GLY S 23 64.97 -26.61 25.44
C GLY S 23 63.68 -27.15 26.00
N VAL S 24 63.61 -28.46 26.27
CA VAL S 24 62.35 -29.07 26.66
C VAL S 24 61.95 -28.66 28.08
N GLU S 25 62.93 -28.34 28.93
CA GLU S 25 62.62 -28.13 30.34
C GLU S 25 61.66 -26.96 30.55
N VAL S 26 61.88 -25.85 29.85
CA VAL S 26 60.96 -24.72 29.95
C VAL S 26 59.77 -24.92 29.01
N MET S 27 59.97 -25.68 27.95
CA MET S 27 58.91 -25.88 26.96
C MET S 27 57.76 -26.70 27.53
N ILE S 28 58.05 -27.62 28.46
CA ILE S 28 56.98 -28.40 29.09
C ILE S 28 56.02 -27.48 29.84
N THR S 29 56.55 -26.62 30.70
CA THR S 29 55.68 -25.74 31.47
C THR S 29 55.05 -24.68 30.58
N ALA S 30 55.72 -24.30 29.50
CA ALA S 30 55.10 -23.39 28.55
C ALA S 30 53.88 -24.03 27.90
N ALA S 31 54.00 -25.27 27.47
CA ALA S 31 52.84 -25.97 26.91
C ALA S 31 51.74 -26.14 27.95
N ASN S 32 52.14 -26.44 29.19
CA ASN S 32 51.16 -26.56 30.27
C ASN S 32 50.36 -25.28 30.44
N ALA S 33 51.05 -24.15 30.53
CA ALA S 33 50.36 -22.87 30.69
C ALA S 33 49.50 -22.54 29.49
N LEU S 34 50.00 -22.82 28.28
CA LEU S 34 49.23 -22.52 27.08
C LEU S 34 47.92 -23.31 27.05
N ILE S 35 47.97 -24.59 27.42
CA ILE S 35 46.74 -25.36 27.42
C ILE S 35 45.82 -24.92 28.55
N THR S 36 46.35 -24.69 29.75
CA THR S 36 45.47 -24.35 30.86
C THR S 36 44.83 -22.97 30.68
N SER S 37 45.44 -22.10 29.87
CA SER S 37 44.76 -20.87 29.50
C SER S 37 44.03 -20.99 28.16
N LEU S 38 44.22 -22.10 27.46
CA LEU S 38 43.59 -22.28 26.16
C LEU S 38 42.20 -22.89 26.32
N LEU S 39 42.04 -23.79 27.29
CA LEU S 39 40.75 -24.40 27.60
C LEU S 39 39.83 -23.45 28.34
N GLY S 40 40.35 -22.35 28.89
CA GLY S 40 39.55 -21.40 29.62
C GLY S 40 39.82 -21.34 31.11
N MET S 41 40.67 -22.21 31.65
CA MET S 41 40.95 -22.17 33.08
C MET S 41 41.78 -20.95 33.44
N ASP S 42 41.69 -20.58 34.71
CA ASP S 42 42.68 -19.69 35.33
C ASP S 42 43.05 -20.36 36.65
N ASP S 43 44.28 -20.86 36.74
CA ASP S 43 44.70 -21.61 37.91
C ASP S 43 44.69 -20.72 39.15
N ALA S 44 43.70 -20.92 40.01
CA ALA S 44 43.51 -20.09 41.18
C ALA S 44 42.68 -20.85 42.20
N ASP S 45 42.99 -20.65 43.48
CA ASP S 45 42.26 -21.32 44.54
C ASP S 45 40.80 -20.88 44.59
N ALA S 46 40.54 -19.58 44.44
CA ALA S 46 39.19 -19.05 44.54
C ALA S 46 39.00 -17.96 43.50
N VAL S 47 37.74 -17.70 43.16
CA VAL S 47 37.39 -16.73 42.14
C VAL S 47 36.23 -15.86 42.64
N ASP S 48 36.33 -14.56 42.36
CA ASP S 48 35.26 -13.60 42.59
C ASP S 48 34.60 -13.26 41.27
N GLN S 49 33.29 -13.04 41.30
CA GLN S 49 32.53 -12.87 40.06
C GLN S 49 31.39 -11.89 40.27
N LEU S 50 31.09 -11.11 39.22
CA LEU S 50 29.93 -10.23 39.17
C LEU S 50 28.88 -10.84 38.24
N ILE S 51 27.90 -11.52 38.85
CA ILE S 51 26.76 -12.01 38.10
C ILE S 51 25.60 -11.04 38.27
N THR S 52 25.07 -10.54 37.15
CA THR S 52 23.95 -9.61 37.21
C THR S 52 22.68 -10.38 37.57
N THR S 53 21.78 -9.72 38.28
CA THR S 53 20.57 -10.36 38.78
C THR S 53 19.35 -9.71 38.15
N LYS S 54 18.52 -10.52 37.55
CA LYS S 54 17.21 -10.08 37.13
C LYS S 54 16.15 -10.97 37.77
N PRO S 55 15.06 -10.40 38.28
CA PRO S 55 14.00 -11.22 38.87
C PRO S 55 13.46 -12.21 37.84
N THR S 56 12.80 -13.25 38.36
CA THR S 56 12.33 -14.40 37.59
C THR S 56 13.49 -15.15 36.92
N ARG S 57 14.66 -15.17 37.56
CA ARG S 57 15.77 -16.02 37.15
C ARG S 57 16.30 -16.73 38.37
N LYS S 58 16.01 -18.02 38.48
CA LYS S 58 16.37 -18.81 39.66
C LYS S 58 17.62 -19.65 39.45
N LYS S 59 18.26 -19.54 38.29
CA LYS S 59 19.49 -20.28 38.02
C LYS S 59 20.52 -19.31 37.44
N TYR S 60 21.72 -19.33 38.01
CA TYR S 60 22.83 -18.50 37.56
C TYR S 60 24.03 -19.37 37.25
N PHE S 61 24.86 -18.91 36.32
CA PHE S 61 25.97 -19.68 35.80
C PHE S 61 27.28 -19.10 36.30
N LEU S 62 28.07 -19.92 36.97
CA LEU S 62 29.40 -19.50 37.39
C LEU S 62 30.36 -19.53 36.19
N SER S 63 31.50 -18.85 36.37
CA SER S 63 32.45 -18.73 35.27
C SER S 63 33.05 -20.09 34.91
N SER S 64 33.53 -20.84 35.91
CA SER S 64 34.20 -22.10 35.67
C SER S 64 33.27 -23.26 35.96
N PRO S 65 32.96 -24.11 34.98
CA PRO S 65 32.09 -25.26 35.24
C PRO S 65 32.69 -26.29 36.19
N SER S 66 33.95 -26.13 36.58
CA SER S 66 34.63 -27.06 37.49
C SER S 66 34.60 -26.52 38.92
N ALA S 67 33.52 -25.83 39.27
CA ALA S 67 33.37 -25.28 40.61
C ALA S 67 32.92 -26.36 41.58
N THR S 68 33.65 -26.52 42.68
CA THR S 68 33.28 -27.51 43.67
C THR S 68 32.13 -27.02 44.55
N SER S 69 32.32 -25.89 45.20
CA SER S 69 31.26 -25.27 45.99
C SER S 69 31.55 -23.79 46.13
N VAL S 70 30.52 -23.03 46.47
CA VAL S 70 30.64 -21.59 46.67
C VAL S 70 30.71 -21.29 48.16
N THR S 71 31.72 -20.53 48.56
CA THR S 71 31.93 -20.27 49.99
C THR S 71 30.89 -19.31 50.55
N LYS S 72 30.60 -18.22 49.83
CA LYS S 72 29.66 -17.24 50.32
C LYS S 72 29.05 -16.49 49.14
N MET S 73 27.80 -16.04 49.32
CA MET S 73 27.06 -15.33 48.31
C MET S 73 26.66 -13.96 48.84
N THR S 74 26.76 -12.94 47.98
CA THR S 74 26.46 -11.58 48.39
C THR S 74 25.67 -10.89 47.28
N ILE S 75 24.42 -10.56 47.55
CA ILE S 75 23.56 -9.84 46.62
C ILE S 75 23.28 -8.47 47.20
N ASN S 76 23.74 -7.42 46.51
CA ASN S 76 23.52 -6.03 46.95
C ASN S 76 24.01 -5.81 48.37
N ASP S 77 25.17 -6.39 48.67
CA ASP S 77 25.83 -6.24 49.96
C ASP S 77 24.98 -6.81 51.11
N LYS S 78 24.60 -8.08 50.98
CA LYS S 78 24.00 -8.82 52.07
C LYS S 78 24.20 -10.31 51.82
N GLU S 79 24.74 -11.01 52.81
CA GLU S 79 25.02 -12.43 52.65
C GLU S 79 23.74 -13.25 52.72
N ILE S 80 23.75 -14.39 52.04
CA ILE S 80 22.64 -15.33 52.04
C ILE S 80 23.14 -16.66 52.54
N ASP S 81 22.40 -17.25 53.48
CA ASP S 81 22.79 -18.54 54.04
C ASP S 81 22.72 -19.63 52.97
N PRO S 82 23.50 -20.70 53.12
CA PRO S 82 23.52 -21.74 52.07
C PRO S 82 22.20 -22.48 51.90
N GLU S 83 21.28 -22.39 52.87
CA GLU S 83 20.02 -23.12 52.77
C GLU S 83 19.12 -22.56 51.67
N GLN S 84 19.40 -21.37 51.14
CA GLN S 84 18.53 -20.76 50.15
C GLN S 84 18.95 -21.04 48.71
N TYR S 85 20.11 -21.66 48.50
CA TYR S 85 20.60 -21.95 47.15
C TYR S 85 21.30 -23.29 47.13
N LYS S 86 21.44 -23.86 45.93
CA LYS S 86 22.12 -25.13 45.75
C LYS S 86 22.90 -25.09 44.45
N LEU S 87 24.13 -25.61 44.47
CA LEU S 87 25.00 -25.66 43.31
C LEU S 87 25.02 -27.09 42.77
N TYR S 88 24.69 -27.24 41.49
CA TYR S 88 24.58 -28.56 40.89
C TYR S 88 25.91 -28.98 40.27
N SER S 89 25.89 -30.05 39.47
CA SER S 89 27.12 -30.68 39.01
C SER S 89 27.98 -29.73 38.18
N ASP S 90 27.37 -29.00 37.26
CA ASP S 90 28.08 -28.03 36.45
C ASP S 90 28.24 -26.74 37.24
N GLY S 91 28.65 -25.67 36.57
CA GLY S 91 28.80 -24.40 37.24
C GLY S 91 27.50 -23.73 37.62
N VAL S 92 26.35 -24.33 37.28
CA VAL S 92 25.07 -23.70 37.58
C VAL S 92 24.87 -23.62 39.09
N ILE S 93 24.26 -22.53 39.54
CA ILE S 93 23.77 -22.40 40.91
C ILE S 93 22.29 -22.04 40.83
N LEU S 94 21.47 -22.74 41.59
CA LEU S 94 20.03 -22.52 41.58
C LEU S 94 19.63 -21.86 42.89
N LEU S 95 18.83 -20.79 42.79
CA LEU S 95 18.35 -20.06 43.94
C LEU S 95 16.91 -20.43 44.20
N LYS S 96 16.58 -20.75 45.45
CA LYS S 96 15.21 -21.10 45.80
C LYS S 96 14.27 -19.92 45.66
N PHE S 97 14.73 -18.71 45.97
CA PHE S 97 13.89 -17.53 45.98
C PHE S 97 14.09 -16.75 44.68
N ASN S 98 13.47 -15.57 44.59
CA ASN S 98 13.66 -14.70 43.44
C ASN S 98 14.66 -13.61 43.79
N PRO S 99 15.82 -13.56 43.14
CA PRO S 99 16.84 -12.57 43.50
C PRO S 99 16.35 -11.16 43.20
N PRO S 100 16.47 -10.24 44.15
CA PRO S 100 16.22 -8.84 43.85
C PRO S 100 17.23 -8.30 42.86
N GLU S 101 16.79 -7.35 42.04
CA GLU S 101 17.65 -6.83 40.99
C GLU S 101 18.86 -6.11 41.58
N GLY S 102 20.02 -6.44 41.04
CA GLY S 102 21.28 -5.92 41.57
C GLY S 102 22.48 -6.70 41.08
N TYR S 103 23.48 -6.85 41.94
CA TYR S 103 24.73 -7.52 41.57
C TYR S 103 25.06 -8.59 42.62
N MET S 104 25.86 -9.57 42.21
CA MET S 104 26.28 -10.65 43.09
C MET S 104 27.79 -10.65 43.29
N ASP S 105 28.21 -11.15 44.44
CA ASP S 105 29.61 -11.35 44.76
C ASP S 105 29.75 -12.76 45.33
N VAL S 106 30.14 -13.71 44.49
CA VAL S 106 30.23 -15.11 44.88
C VAL S 106 31.71 -15.51 44.90
N GLU S 107 32.10 -16.24 45.94
CA GLU S 107 33.44 -16.78 46.07
C GLU S 107 33.35 -18.29 46.11
N TYR S 108 33.82 -18.94 45.03
CA TYR S 108 33.76 -20.38 44.92
C TYR S 108 35.17 -20.93 44.78
N THR S 109 35.33 -22.21 45.09
CA THR S 109 36.63 -22.89 45.04
C THR S 109 36.68 -23.74 43.78
N GLN S 110 37.67 -23.49 42.93
CA GLN S 110 37.81 -24.21 41.68
C GLN S 110 38.55 -25.52 41.88
N GLY S 111 37.93 -26.61 41.45
CA GLY S 111 38.63 -27.88 41.36
C GLY S 111 38.62 -28.40 39.95
N GLY S 112 39.80 -28.42 39.31
CA GLY S 112 39.87 -28.78 37.91
C GLY S 112 40.74 -29.98 37.62
N PHE S 113 40.11 -31.06 37.15
CA PHE S 113 40.80 -32.28 36.77
C PHE S 113 41.66 -32.83 37.90
N ASN S 114 41.00 -33.18 39.01
CA ASN S 114 41.71 -33.90 40.07
C ASN S 114 42.23 -35.24 39.56
N PRO S 115 41.43 -36.07 38.85
CA PRO S 115 42.05 -37.07 37.97
C PRO S 115 42.47 -36.41 36.66
N MET S 116 43.76 -36.35 36.38
CA MET S 116 44.23 -35.71 35.16
C MET S 116 43.86 -36.58 33.96
N PRO S 117 43.05 -36.09 33.02
CA PRO S 117 42.76 -36.88 31.82
C PRO S 117 44.01 -37.07 30.98
N GLU S 118 44.10 -38.24 30.37
CA GLU S 118 45.24 -38.54 29.50
C GLU S 118 45.11 -37.86 28.15
N ASP S 119 43.92 -37.40 27.78
CA ASP S 119 43.76 -36.65 26.54
C ASP S 119 44.59 -35.38 26.56
N LEU S 120 44.45 -34.59 27.63
CA LEU S 120 45.25 -33.38 27.76
C LEU S 120 46.73 -33.71 27.94
N LYS S 121 47.02 -34.88 28.51
CA LYS S 121 48.41 -35.30 28.62
C LYS S 121 49.03 -35.48 27.24
N LEU S 122 48.33 -36.18 26.34
CA LEU S 122 48.84 -36.28 24.97
C LEU S 122 48.83 -34.93 24.28
N ALA S 123 47.84 -34.09 24.57
CA ALA S 123 47.80 -32.77 23.94
C ALA S 123 49.06 -31.98 24.28
N ALA S 124 49.43 -31.95 25.56
CA ALA S 124 50.61 -31.20 25.97
C ALA S 124 51.90 -31.86 25.50
N CYS S 125 51.96 -33.20 25.54
CA CYS S 125 53.14 -33.89 25.05
C CYS S 125 53.34 -33.64 23.56
N MET S 126 52.25 -33.63 22.79
CA MET S 126 52.33 -33.36 21.36
C MET S 126 52.62 -31.89 21.09
N LEU S 127 52.17 -30.97 21.95
CA LEU S 127 52.58 -29.57 21.81
C LEU S 127 54.08 -29.39 22.02
N VAL S 128 54.61 -30.00 23.08
CA VAL S 128 56.04 -29.83 23.35
C VAL S 128 56.88 -30.57 22.33
N ASP S 129 56.37 -31.68 21.79
CA ASP S 129 57.04 -32.32 20.65
C ASP S 129 56.96 -31.46 19.41
N HIS S 130 55.85 -30.74 19.26
CA HIS S 130 55.64 -29.86 18.12
C HIS S 130 56.60 -28.68 18.16
N TRP S 131 56.96 -28.24 19.36
CA TRP S 131 57.83 -27.07 19.47
C TRP S 131 59.31 -27.47 19.56
N HIS S 132 59.62 -28.62 20.10
CA HIS S 132 60.99 -29.00 20.18
C HIS S 132 61.39 -29.27 18.76
N LYS S 133 60.70 -30.16 18.08
CA LYS S 133 61.17 -30.56 16.76
C LYS S 133 61.20 -29.47 15.76
N GLN S 134 60.27 -28.55 15.83
CA GLN S 134 60.18 -27.44 14.91
C GLN S 134 59.25 -27.88 13.87
N ASP S 135 58.16 -28.38 14.31
CA ASP S 135 57.08 -28.84 13.45
C ASP S 135 56.00 -27.78 13.26
N TYR S 136 56.38 -26.56 12.93
CA TYR S 136 55.41 -25.49 12.70
C TYR S 136 55.70 -24.79 11.39
N ARG S 137 55.94 -25.59 10.35
CA ARG S 137 56.12 -25.09 9.00
C ARG S 137 55.22 -25.88 8.05
N GLN S 138 54.89 -25.26 6.92
CA GLN S 138 53.99 -25.90 5.96
C GLN S 138 54.59 -27.20 5.41
N ALA S 139 55.88 -27.19 5.11
CA ALA S 139 56.55 -28.39 4.63
C ALA S 139 58.03 -28.28 4.97
N ARG S 140 58.69 -29.43 4.99
CA ARG S 140 60.11 -29.48 5.28
C ARG S 140 60.70 -30.75 4.69
N THR S 141 61.92 -30.66 4.16
CA THR S 141 62.62 -31.82 3.64
C THR S 141 64.09 -31.77 4.04
N ILE S 142 64.69 -32.94 4.16
CA ILE S 142 66.13 -33.08 4.35
C ILE S 142 66.63 -34.06 3.30
N GLY S 143 67.06 -33.53 2.15
CA GLY S 143 67.45 -34.37 1.05
C GLY S 143 66.28 -34.78 0.18
N GLY S 144 65.79 -36.00 0.36
CA GLY S 144 64.70 -36.50 -0.44
C GLY S 144 63.42 -36.79 0.33
N GLU S 145 63.55 -37.10 1.62
CA GLU S 145 62.39 -37.48 2.44
C GLU S 145 61.70 -36.22 2.97
N THR S 146 60.83 -35.65 2.14
CA THR S 146 60.05 -34.49 2.51
C THR S 146 58.82 -34.89 3.30
N VAL S 147 58.30 -33.95 4.09
CA VAL S 147 57.05 -34.11 4.82
C VAL S 147 56.27 -32.82 4.69
N THR S 148 54.97 -32.93 4.37
CA THR S 148 54.07 -31.78 4.37
C THR S 148 53.23 -31.88 5.64
N PHE S 149 53.23 -30.80 6.42
CA PHE S 149 52.69 -30.85 7.77
C PHE S 149 51.19 -30.57 7.77
N ASN S 150 50.56 -30.89 8.89
CA ASN S 150 49.11 -30.88 8.97
C ASN S 150 48.56 -29.46 8.93
N ASN S 151 47.30 -29.34 8.54
CA ASN S 151 46.63 -28.06 8.53
C ASN S 151 46.51 -27.53 9.96
N THR S 152 46.68 -26.22 10.10
CA THR S 152 46.66 -25.57 11.40
C THR S 152 45.44 -24.66 11.51
N LYS S 153 44.65 -24.87 12.56
CA LYS S 153 43.52 -24.01 12.87
C LYS S 153 43.85 -23.26 14.15
N SER S 154 43.71 -21.93 14.10
CA SER S 154 44.03 -21.07 15.25
C SER S 154 45.46 -21.29 15.71
N GLY S 155 46.37 -21.49 14.76
CA GLY S 155 47.78 -21.66 15.08
C GLY S 155 48.15 -23.06 15.48
N ILE S 156 47.42 -23.63 16.44
CA ILE S 156 47.72 -24.95 16.97
C ILE S 156 47.44 -26.01 15.91
N PRO S 157 48.12 -27.16 15.94
CA PRO S 157 47.92 -28.17 14.90
C PRO S 157 46.54 -28.80 14.94
N GLU S 158 46.28 -29.76 14.06
CA GLU S 158 44.95 -30.31 13.88
C GLU S 158 44.56 -31.25 15.02
N HIS S 159 45.40 -32.26 15.28
CA HIS S 159 45.13 -33.22 16.36
C HIS S 159 45.08 -32.54 17.73
N ILE S 160 46.05 -31.66 17.99
CA ILE S 160 46.01 -30.90 19.22
C ILE S 160 44.74 -30.07 19.29
N ARG S 161 44.31 -29.54 18.16
CA ARG S 161 43.08 -28.74 18.13
C ARG S 161 41.87 -29.58 18.51
N THR S 162 41.75 -30.79 17.97
CA THR S 162 40.57 -31.59 18.27
C THR S 162 40.57 -32.01 19.74
N ILE S 163 41.73 -32.34 20.30
CA ILE S 163 41.78 -32.70 21.72
C ILE S 163 41.37 -31.50 22.57
N ILE S 164 41.96 -30.34 22.28
CA ILE S 164 41.64 -29.13 23.04
C ILE S 164 40.14 -28.86 22.97
N GLU S 165 39.58 -28.88 21.76
CA GLU S 165 38.16 -28.59 21.61
C GLU S 165 37.29 -29.62 22.33
N VAL S 166 37.74 -30.87 22.41
CA VAL S 166 37.01 -31.84 23.22
C VAL S 166 37.00 -31.41 24.68
N TYR S 167 38.07 -30.75 25.15
CA TYR S 167 38.05 -30.24 26.51
C TYR S 167 38.13 -28.71 26.62
N ARG S 168 37.72 -27.98 25.59
CA ARG S 168 37.86 -26.52 25.64
C ARG S 168 36.62 -25.81 26.19
N ARG S 169 36.07 -26.30 27.31
CA ARG S 169 35.03 -25.51 27.98
C ARG S 169 35.08 -25.61 29.50
N VAL S 170 36.03 -26.34 30.07
CA VAL S 170 36.17 -26.43 31.51
C VAL S 170 36.89 -25.21 32.06
N MET T 1 57.14 -5.19 28.89
CA MET T 1 57.77 -5.60 30.13
C MET T 1 59.15 -6.20 29.87
N GLN T 2 59.66 -6.93 30.85
CA GLN T 2 60.91 -7.68 30.71
C GLN T 2 60.54 -9.16 30.80
N ILE T 3 60.52 -9.83 29.65
CA ILE T 3 60.04 -11.21 29.59
C ILE T 3 61.18 -12.21 29.51
N ILE T 4 62.16 -11.97 28.65
CA ILE T 4 63.12 -13.03 28.34
C ILE T 4 64.48 -12.77 28.98
N THR T 5 65.16 -11.73 28.51
CA THR T 5 66.57 -11.47 28.83
C THR T 5 67.49 -12.61 28.39
N ALA T 6 68.79 -12.36 28.54
CA ALA T 6 69.81 -13.26 28.00
C ALA T 6 69.75 -14.63 28.65
N GLU T 7 69.51 -14.68 29.97
CA GLU T 7 69.51 -15.96 30.65
C GLU T 7 68.38 -16.86 30.14
N ASP T 8 67.19 -16.31 29.96
CA ASP T 8 66.07 -17.13 29.48
C ASP T 8 66.26 -17.51 28.02
N TYR T 9 66.81 -16.61 27.20
CA TYR T 9 67.13 -17.03 25.83
C TYR T 9 68.16 -18.14 25.81
N ARG T 10 69.18 -18.06 26.67
CA ARG T 10 70.23 -19.07 26.67
C ARG T 10 69.70 -20.42 27.15
N LEU T 11 68.86 -20.42 28.19
CA LEU T 11 68.32 -21.68 28.66
C LEU T 11 67.24 -22.21 27.72
N TYR T 12 66.68 -21.35 26.88
CA TYR T 12 65.77 -21.82 25.83
C TYR T 12 66.50 -22.72 24.84
N GLY T 13 67.71 -22.34 24.45
CA GLY T 13 68.54 -23.13 23.57
C GLY T 13 69.64 -23.85 24.33
N GLY T 14 70.72 -24.14 23.61
CA GLY T 14 71.88 -24.76 24.21
C GLY T 14 73.14 -24.01 23.89
N LEU T 15 73.03 -22.68 23.82
CA LEU T 15 74.14 -21.84 23.38
C LEU T 15 75.35 -22.02 24.29
N LYS T 16 76.52 -22.18 23.67
CA LYS T 16 77.74 -22.49 24.41
C LYS T 16 78.64 -21.27 24.57
N ARG T 17 78.54 -20.29 23.67
CA ARG T 17 79.38 -19.12 23.77
C ARG T 17 78.98 -18.28 24.98
N PRO T 18 79.94 -17.86 25.82
CA PRO T 18 79.58 -17.06 27.00
C PRO T 18 78.89 -15.75 26.66
N GLU T 19 79.24 -15.13 25.54
CA GLU T 19 78.67 -13.86 25.15
C GLU T 19 77.64 -14.07 24.04
N LEU T 20 76.49 -13.44 24.18
CA LEU T 20 75.47 -13.50 23.13
C LEU T 20 75.95 -12.75 21.90
N GLU T 21 75.38 -13.10 20.75
CA GLU T 21 75.76 -12.44 19.51
C GLU T 21 75.27 -11.00 19.50
N SER T 22 75.85 -10.20 18.61
CA SER T 22 75.49 -8.79 18.53
C SER T 22 74.03 -8.61 18.13
N GLY T 23 73.56 -9.42 17.19
CA GLY T 23 72.20 -9.27 16.69
C GLY T 23 71.13 -9.69 17.67
N VAL T 24 71.45 -10.57 18.61
CA VAL T 24 70.43 -11.08 19.52
C VAL T 24 70.16 -10.10 20.66
N GLU T 25 71.17 -9.33 21.08
CA GLU T 25 71.03 -8.48 22.25
C GLU T 25 69.93 -7.43 22.06
N VAL T 26 69.96 -6.73 20.92
CA VAL T 26 68.91 -5.75 20.62
C VAL T 26 67.60 -6.46 20.35
N MET T 27 67.67 -7.62 19.69
CA MET T 27 66.46 -8.29 19.22
C MET T 27 65.63 -8.82 20.39
N ILE T 28 66.28 -9.23 21.47
CA ILE T 28 65.54 -9.70 22.64
C ILE T 28 64.64 -8.62 23.20
N THR T 29 65.20 -7.42 23.45
CA THR T 29 64.38 -6.35 23.99
C THR T 29 63.39 -5.83 22.95
N ALA T 30 63.73 -5.93 21.67
CA ALA T 30 62.78 -5.57 20.64
C ALA T 30 61.55 -6.48 20.69
N ALA T 31 61.77 -7.79 20.83
CA ALA T 31 60.65 -8.72 20.98
C ALA T 31 59.87 -8.43 22.27
N ASN T 32 60.59 -8.14 23.35
CA ASN T 32 59.94 -7.86 24.63
C ASN T 32 59.00 -6.68 24.50
N ALA T 33 59.45 -5.60 23.87
CA ALA T 33 58.58 -4.43 23.72
C ALA T 33 57.47 -4.68 22.71
N LEU T 34 57.76 -5.40 21.63
CA LEU T 34 56.74 -5.64 20.62
C LEU T 34 55.59 -6.46 21.18
N ILE T 35 55.89 -7.49 21.96
CA ILE T 35 54.81 -8.29 22.53
C ILE T 35 53.99 -7.49 23.53
N THR T 36 54.66 -6.75 24.42
CA THR T 36 53.91 -6.00 25.43
C THR T 36 53.10 -4.86 24.81
N SER T 37 53.48 -4.40 23.62
CA SER T 37 52.62 -3.46 22.91
C SER T 37 51.58 -4.17 22.05
N LEU T 38 51.83 -5.44 21.71
CA LEU T 38 50.88 -6.21 20.91
C LEU T 38 49.63 -6.54 21.72
N LEU T 39 49.81 -6.98 22.96
CA LEU T 39 48.71 -7.42 23.80
C LEU T 39 47.82 -6.28 24.27
N GLY T 40 48.24 -5.03 24.05
CA GLY T 40 47.54 -3.88 24.56
C GLY T 40 48.10 -3.31 25.83
N MET T 41 49.03 -3.99 26.48
CA MET T 41 49.66 -3.48 27.69
C MET T 41 50.53 -2.27 27.37
N ASP T 42 50.74 -1.44 28.39
CA ASP T 42 51.70 -0.35 28.30
C ASP T 42 52.42 -0.27 29.64
N ASP T 43 53.73 -0.48 29.63
CA ASP T 43 54.51 -0.47 30.85
C ASP T 43 54.49 0.92 31.49
N ALA T 44 53.73 1.07 32.57
CA ALA T 44 53.58 2.35 33.24
C ALA T 44 53.13 2.11 34.67
N ASP T 45 53.65 2.92 35.60
CA ASP T 45 53.28 2.77 37.00
C ASP T 45 51.83 3.19 37.24
N ALA T 46 51.40 4.30 36.66
CA ALA T 46 50.05 4.82 36.85
C ALA T 46 49.50 5.30 35.53
N VAL T 47 48.17 5.32 35.42
CA VAL T 47 47.49 5.73 34.20
C VAL T 47 46.32 6.64 34.55
N ASP T 48 46.18 7.72 33.78
CA ASP T 48 45.05 8.61 33.86
C ASP T 48 44.11 8.31 32.71
N GLN T 49 42.80 8.30 32.99
CA GLN T 49 41.81 7.89 32.01
C GLN T 49 40.55 8.72 32.13
N LEU T 50 40.02 9.14 30.97
CA LEU T 50 38.71 9.78 30.90
C LEU T 50 37.64 8.76 30.50
N ILE T 51 36.99 8.21 31.53
CA ILE T 51 35.84 7.35 31.32
C ILE T 51 34.61 8.24 31.21
N THR T 52 33.85 8.11 30.13
CA THR T 52 32.59 8.82 30.03
C THR T 52 31.61 8.22 31.03
N THR T 53 30.78 9.06 31.64
CA THR T 53 29.85 8.62 32.67
C THR T 53 28.44 9.07 32.32
N LYS T 54 27.48 8.19 32.56
CA LYS T 54 26.08 8.44 32.37
C LYS T 54 25.30 7.90 33.55
N PRO T 55 24.20 8.54 33.94
CA PRO T 55 23.39 8.00 35.03
C PRO T 55 22.79 6.65 34.65
N THR T 56 22.45 5.89 35.68
CA THR T 56 22.01 4.49 35.56
C THR T 56 23.11 3.58 35.01
N ARG T 57 24.37 3.98 35.16
CA ARG T 57 25.51 3.11 34.88
C ARG T 57 26.37 3.06 36.14
N LYS T 58 26.37 1.91 36.80
CA LYS T 58 27.08 1.75 38.07
C LYS T 58 28.29 0.84 37.96
N LYS T 59 28.73 0.54 36.75
CA LYS T 59 29.99 -0.18 36.53
C LYS T 59 30.70 0.44 35.34
N TYR T 60 31.97 0.79 35.53
CA TYR T 60 32.82 1.32 34.47
C TYR T 60 34.07 0.47 34.35
N PHE T 61 34.57 0.33 33.12
CA PHE T 61 35.67 -0.56 32.82
C PHE T 61 36.95 0.26 32.63
N LEU T 62 38.00 -0.15 33.31
CA LEU T 62 39.29 0.51 33.16
C LEU T 62 40.01 -0.01 31.91
N SER T 63 41.01 0.76 31.46
CA SER T 63 41.73 0.40 30.24
C SER T 63 42.49 -0.92 30.41
N SER T 64 43.19 -1.09 31.53
CA SER T 64 44.00 -2.26 31.74
C SER T 64 43.30 -3.22 32.69
N PRO T 65 42.96 -4.43 32.25
CA PRO T 65 42.28 -5.38 33.15
C PRO T 65 43.13 -5.87 34.29
N SER T 66 44.42 -5.54 34.32
CA SER T 66 45.32 -5.92 35.40
C SER T 66 45.49 -4.78 36.39
N ALA T 67 44.44 -4.00 36.58
CA ALA T 67 44.48 -2.87 37.51
C ALA T 67 44.49 -3.38 38.94
N THR T 68 45.40 -2.84 39.75
CA THR T 68 45.51 -3.27 41.14
C THR T 68 44.54 -2.51 42.05
N SER T 69 44.63 -1.18 42.03
CA SER T 69 43.74 -0.37 42.85
C SER T 69 43.68 1.03 42.26
N VAL T 70 42.66 1.78 42.68
CA VAL T 70 42.46 3.15 42.24
C VAL T 70 43.07 4.08 43.28
N THR T 71 44.05 4.88 42.87
CA THR T 71 44.68 5.82 43.80
C THR T 71 43.73 6.96 44.16
N LYS T 72 43.01 7.49 43.17
CA LYS T 72 42.03 8.54 43.44
C LYS T 72 40.99 8.55 42.32
N MET T 73 39.83 9.10 42.65
CA MET T 73 38.70 9.16 41.73
C MET T 73 38.19 10.59 41.64
N THR T 74 37.77 10.99 40.44
CA THR T 74 37.34 12.36 40.19
C THR T 74 36.22 12.36 39.17
N ILE T 75 35.08 12.95 39.53
CA ILE T 75 33.97 13.16 38.61
C ILE T 75 33.61 14.64 38.66
N ASN T 76 33.80 15.33 37.54
CA ASN T 76 33.53 16.77 37.45
C ASN T 76 34.26 17.54 38.55
N ASP T 77 35.52 17.16 38.78
CA ASP T 77 36.41 17.85 39.73
C ASP T 77 35.86 17.82 41.16
N LYS T 78 35.68 16.62 41.69
CA LYS T 78 35.42 16.43 43.12
C LYS T 78 35.75 14.99 43.48
N GLU T 79 36.71 14.82 44.39
CA GLU T 79 37.18 13.50 44.76
C GLU T 79 36.11 12.73 45.52
N ILE T 80 36.03 11.43 45.25
CA ILE T 80 35.07 10.54 45.92
C ILE T 80 35.86 9.57 46.80
N ASP T 81 35.40 9.40 48.04
CA ASP T 81 36.10 8.53 48.97
C ASP T 81 36.06 7.08 48.49
N PRO T 82 37.04 6.26 48.91
CA PRO T 82 37.10 4.87 48.42
C PRO T 82 35.91 4.01 48.82
N GLU T 83 35.06 4.52 49.71
CA GLU T 83 33.93 3.73 50.18
C GLU T 83 32.85 3.58 49.12
N GLN T 84 32.68 4.58 48.26
CA GLN T 84 31.58 4.57 47.30
C GLN T 84 31.84 3.68 46.10
N TYR T 85 33.09 3.32 45.82
CA TYR T 85 33.43 2.49 44.67
C TYR T 85 34.29 1.32 45.12
N LYS T 86 34.16 0.20 44.41
CA LYS T 86 34.96 -0.99 44.71
C LYS T 86 35.43 -1.60 43.41
N LEU T 87 36.75 -1.80 43.29
CA LEU T 87 37.36 -2.35 42.08
C LEU T 87 37.45 -3.86 42.21
N TYR T 88 36.90 -4.58 41.23
CA TYR T 88 36.82 -6.04 41.31
C TYR T 88 38.02 -6.69 40.62
N SER T 89 37.92 -8.00 40.39
CA SER T 89 39.09 -8.77 39.95
C SER T 89 39.60 -8.29 38.61
N ASP T 90 38.71 -8.07 37.65
CA ASP T 90 39.10 -7.55 36.35
C ASP T 90 39.20 -6.03 36.43
N GLY T 91 39.31 -5.36 35.29
CA GLY T 91 39.31 -3.92 35.30
C GLY T 91 37.99 -3.29 35.72
N VAL T 92 36.95 -4.09 35.92
CA VAL T 92 35.65 -3.55 36.29
C VAL T 92 35.74 -2.85 37.63
N ILE T 93 35.19 -1.63 37.70
CA ILE T 93 34.98 -0.94 38.96
C ILE T 93 33.49 -0.67 39.08
N LEU T 94 32.94 -0.91 40.26
CA LEU T 94 31.51 -0.77 40.52
C LEU T 94 31.30 0.36 41.50
N LEU T 95 30.29 1.18 41.24
CA LEU T 95 29.96 2.33 42.07
C LEU T 95 28.72 2.01 42.90
N LYS T 96 28.82 2.19 44.21
CA LYS T 96 27.68 2.01 45.08
C LYS T 96 26.58 3.02 44.75
N PHE T 97 26.95 4.26 44.50
CA PHE T 97 25.98 5.31 44.25
C PHE T 97 25.69 5.41 42.75
N ASN T 98 24.89 6.41 42.38
CA ASN T 98 24.52 6.64 41.00
C ASN T 98 25.28 7.86 40.48
N PRO T 99 26.22 7.70 39.56
CA PRO T 99 27.10 8.81 39.19
C PRO T 99 26.36 9.85 38.37
N PRO T 100 26.59 11.13 38.65
CA PRO T 100 26.01 12.19 37.83
C PRO T 100 26.70 12.28 36.47
N GLU T 101 25.95 12.78 35.50
CA GLU T 101 26.47 12.88 34.15
C GLU T 101 27.60 13.92 34.09
N GLY T 102 28.60 13.61 33.28
CA GLY T 102 29.77 14.47 33.17
C GLY T 102 30.99 13.71 32.69
N TYR T 103 32.14 13.97 33.30
CA TYR T 103 33.38 13.29 32.95
C TYR T 103 34.05 12.75 34.19
N MET T 104 34.79 11.65 34.00
CA MET T 104 35.34 10.86 35.09
C MET T 104 36.85 10.78 34.95
N ASP T 105 37.56 10.91 36.07
CA ASP T 105 39.02 10.89 36.09
C ASP T 105 39.46 9.93 37.17
N VAL T 106 40.15 8.85 36.77
CA VAL T 106 40.66 7.84 37.70
C VAL T 106 42.14 7.65 37.44
N GLU T 107 42.91 7.56 38.52
CA GLU T 107 44.34 7.27 38.46
C GLU T 107 44.56 5.94 39.18
N TYR T 108 44.88 4.90 38.42
CA TYR T 108 45.07 3.56 38.97
C TYR T 108 46.49 3.09 38.69
N THR T 109 46.90 2.05 39.40
CA THR T 109 48.22 1.46 39.27
C THR T 109 48.09 0.09 38.63
N GLN T 110 48.85 -0.15 37.57
CA GLN T 110 48.80 -1.40 36.83
C GLN T 110 49.80 -2.40 37.37
N GLY T 111 49.33 -3.61 37.67
CA GLY T 111 50.23 -4.70 37.98
C GLY T 111 50.00 -5.85 37.01
N GLY T 112 50.96 -6.08 36.12
CA GLY T 112 50.74 -7.02 35.04
C GLY T 112 51.76 -8.15 34.98
N PHE T 113 51.27 -9.37 35.15
CA PHE T 113 52.08 -10.59 35.02
C PHE T 113 53.29 -10.56 35.96
N ASN T 114 53.03 -10.23 37.22
CA ASN T 114 54.11 -10.30 38.21
C ASN T 114 54.64 -11.73 38.34
N PRO T 115 53.80 -12.77 38.47
CA PRO T 115 54.25 -14.11 38.09
C PRO T 115 54.22 -14.23 36.57
N MET T 116 55.40 -14.21 35.97
CA MET T 116 55.44 -14.07 34.51
C MET T 116 55.01 -15.39 33.86
N PRO T 117 53.97 -15.37 33.02
CA PRO T 117 53.54 -16.62 32.38
C PRO T 117 54.62 -17.16 31.45
N GLU T 118 54.75 -18.48 31.42
CA GLU T 118 55.72 -19.10 30.54
C GLU T 118 55.29 -19.07 29.09
N ASP T 119 54.00 -18.83 28.83
CA ASP T 119 53.53 -18.75 27.45
C ASP T 119 54.18 -17.58 26.72
N LEU T 120 54.19 -16.40 27.34
CA LEU T 120 54.85 -15.27 26.70
C LEU T 120 56.35 -15.48 26.62
N LYS T 121 56.93 -16.19 27.59
CA LYS T 121 58.36 -16.50 27.51
C LYS T 121 58.65 -17.32 26.25
N LEU T 122 57.88 -18.39 26.03
CA LEU T 122 58.10 -19.19 24.84
C LEU T 122 57.76 -18.41 23.57
N ALA T 123 56.72 -17.59 23.62
CA ALA T 123 56.34 -16.82 22.43
C ALA T 123 57.42 -15.83 22.04
N ALA T 124 58.01 -15.14 23.01
CA ALA T 124 59.08 -14.20 22.71
C ALA T 124 60.36 -14.92 22.31
N CYS T 125 60.64 -16.08 22.91
CA CYS T 125 61.79 -16.85 22.47
C CYS T 125 61.63 -17.28 21.02
N MET T 126 60.44 -17.74 20.64
CA MET T 126 60.22 -18.11 19.24
C MET T 126 60.22 -16.89 18.33
N LEU T 127 59.76 -15.73 18.82
CA LEU T 127 59.80 -14.52 18.00
C LEU T 127 61.24 -14.09 17.72
N VAL T 128 62.09 -14.09 18.75
CA VAL T 128 63.47 -13.69 18.55
C VAL T 128 64.24 -14.74 17.76
N ASP T 129 63.87 -16.02 17.88
CA ASP T 129 64.43 -17.03 17.00
C ASP T 129 63.96 -16.83 15.56
N HIS T 130 62.71 -16.39 15.40
CA HIS T 130 62.14 -16.09 14.09
C HIS T 130 62.87 -14.93 13.42
N TRP T 131 63.27 -13.94 14.20
CA TRP T 131 63.95 -12.78 13.63
C TRP T 131 65.45 -13.00 13.46
N HIS T 132 66.08 -13.78 14.36
CA HIS T 132 67.53 -13.89 14.36
C HIS T 132 68.04 -14.47 13.05
N LYS T 133 67.72 -15.73 12.77
CA LYS T 133 67.90 -16.26 11.44
C LYS T 133 66.71 -15.87 10.57
N GLN T 134 66.96 -15.72 9.28
CA GLN T 134 66.02 -15.01 8.41
C GLN T 134 64.80 -15.89 8.15
N ASP T 135 64.11 -16.31 9.20
CA ASP T 135 63.00 -17.25 9.08
C ASP T 135 61.66 -16.52 9.02
N TYR T 136 61.59 -15.52 8.14
CA TYR T 136 60.37 -14.76 7.92
C TYR T 136 60.13 -14.55 6.43
N ARG T 137 60.34 -15.61 5.66
CA ARG T 137 60.02 -15.64 4.24
C ARG T 137 58.93 -16.67 3.99
N GLN T 138 58.46 -16.73 2.74
CA GLN T 138 57.46 -17.75 2.40
C GLN T 138 58.09 -19.13 2.32
N ALA T 139 59.31 -19.20 1.79
CA ALA T 139 60.06 -20.45 1.76
C ALA T 139 61.53 -20.10 1.64
N ARG T 140 62.38 -21.06 1.99
CA ARG T 140 63.82 -20.85 1.92
C ARG T 140 64.49 -22.19 1.65
N THR T 141 65.44 -22.20 0.73
CA THR T 141 66.10 -23.43 0.31
C THR T 141 67.61 -23.27 0.42
N ILE T 142 68.28 -24.29 0.92
CA ILE T 142 69.73 -24.34 0.97
C ILE T 142 70.15 -25.68 0.37
N GLY T 143 70.40 -25.69 -0.93
CA GLY T 143 70.79 -26.91 -1.60
C GLY T 143 69.62 -27.81 -1.89
N GLY T 144 69.49 -28.89 -1.13
CA GLY T 144 68.41 -29.84 -1.32
C GLY T 144 67.39 -29.85 -0.21
N GLU T 145 67.81 -29.54 1.01
CA GLU T 145 66.91 -29.55 2.17
C GLU T 145 66.13 -28.24 2.21
N THR T 146 65.08 -28.19 1.39
CA THR T 146 64.23 -27.01 1.30
C THR T 146 63.25 -26.97 2.46
N VAL T 147 62.71 -25.78 2.73
CA VAL T 147 61.69 -25.60 3.75
C VAL T 147 60.63 -24.64 3.21
N THR T 148 59.36 -24.99 3.39
CA THR T 148 58.24 -24.10 3.10
C THR T 148 57.70 -23.61 4.43
N PHE T 149 57.54 -22.29 4.56
CA PHE T 149 57.34 -21.72 5.88
C PHE T 149 55.85 -21.59 6.22
N ASN T 150 55.61 -21.32 7.50
CA ASN T 150 54.26 -21.33 8.04
C ASN T 150 53.47 -20.11 7.58
N ASN T 151 52.16 -20.24 7.61
CA ASN T 151 51.28 -19.13 7.26
C ASN T 151 51.41 -18.02 8.31
N THR T 152 51.30 -16.78 7.85
CA THR T 152 51.45 -15.62 8.71
C THR T 152 50.13 -14.87 8.82
N LYS T 153 49.74 -14.57 10.06
CA LYS T 153 48.57 -13.74 10.33
C LYS T 153 49.04 -12.43 10.92
N SER T 154 48.70 -11.32 10.26
CA SER T 154 49.14 -9.99 10.68
C SER T 154 50.65 -9.94 10.84
N GLY T 155 51.36 -10.54 9.91
CA GLY T 155 52.82 -10.57 9.95
C GLY T 155 53.44 -11.64 10.81
N ILE T 156 53.01 -11.75 12.06
CA ILE T 156 53.56 -12.71 13.00
C ILE T 156 53.11 -14.12 12.63
N PRO T 157 53.95 -15.14 12.81
CA PRO T 157 53.58 -16.50 12.41
C PRO T 157 52.44 -17.06 13.23
N GLU T 158 51.99 -18.28 12.89
CA GLU T 158 50.79 -18.83 13.49
C GLU T 158 50.94 -19.10 14.99
N HIS T 159 52.06 -19.70 15.39
CA HIS T 159 52.22 -20.11 16.79
C HIS T 159 52.32 -18.91 17.72
N ILE T 160 53.19 -17.96 17.39
CA ILE T 160 53.28 -16.74 18.18
C ILE T 160 51.94 -16.01 18.17
N ARG T 161 51.24 -16.06 17.04
CA ARG T 161 49.93 -15.42 16.95
C ARG T 161 48.95 -16.05 17.93
N THR T 162 48.92 -17.38 18.00
CA THR T 162 47.94 -18.01 18.87
C THR T 162 48.27 -17.75 20.34
N ILE T 163 49.55 -17.77 20.71
CA ILE T 163 49.89 -17.44 22.10
C ILE T 163 49.49 -16.00 22.42
N ILE T 164 49.88 -15.07 21.55
CA ILE T 164 49.58 -13.66 21.78
C ILE T 164 48.09 -13.47 21.95
N GLU T 165 47.28 -14.04 21.05
CA GLU T 165 45.86 -13.77 21.12
C GLU T 165 45.15 -14.61 22.16
N VAL T 166 45.78 -15.64 22.70
CA VAL T 166 45.31 -16.21 23.96
C VAL T 166 45.49 -15.20 25.09
N TYR T 167 46.54 -14.38 25.02
CA TYR T 167 46.72 -13.36 26.04
C TYR T 167 46.57 -11.92 25.55
N ARG T 168 45.81 -11.69 24.48
CA ARG T 168 45.76 -10.37 23.85
C ARG T 168 44.60 -9.52 24.34
N ARG T 169 44.47 -9.29 25.64
CA ARG T 169 43.64 -8.18 26.07
C ARG T 169 44.12 -7.50 27.34
N VAL T 170 45.24 -7.91 27.92
CA VAL T 170 45.74 -7.30 29.15
C VAL T 170 46.34 -5.93 28.85
N MET U 1 62.13 11.34 12.61
CA MET U 1 63.05 11.44 13.73
C MET U 1 64.40 10.82 13.38
N GLN U 2 65.15 10.46 14.42
CA GLN U 2 66.46 9.82 14.28
C GLN U 2 66.37 8.52 15.09
N ILE U 3 66.11 7.41 14.40
CA ILE U 3 65.83 6.15 15.08
C ILE U 3 67.07 5.27 15.17
N ILE U 4 67.83 5.14 14.09
CA ILE U 4 68.84 4.07 14.03
C ILE U 4 70.25 4.61 14.15
N THR U 5 70.69 5.37 13.14
CA THR U 5 72.09 5.78 12.97
C THR U 5 73.05 4.60 12.83
N ALA U 6 74.30 4.93 12.52
CA ALA U 6 75.30 3.92 12.20
C ALA U 6 75.58 3.02 13.40
N GLU U 7 75.59 3.58 14.60
CA GLU U 7 75.89 2.78 15.78
C GLU U 7 74.87 1.66 15.96
N ASP U 8 73.58 1.99 15.85
CA ASP U 8 72.56 0.97 16.05
C ASP U 8 72.49 0.00 14.88
N TYR U 9 72.76 0.47 13.65
CA TYR U 9 72.85 -0.48 12.54
C TYR U 9 73.99 -1.47 12.75
N ARG U 10 75.16 -0.97 13.18
CA ARG U 10 76.30 -1.85 13.40
C ARG U 10 76.04 -2.82 14.54
N LEU U 11 75.38 -2.35 15.60
CA LEU U 11 75.04 -3.23 16.72
C LEU U 11 74.00 -4.27 16.29
N TYR U 12 73.13 -3.93 15.35
CA TYR U 12 72.17 -4.90 14.83
C TYR U 12 72.87 -6.04 14.12
N GLY U 13 73.90 -5.74 13.35
CA GLY U 13 74.67 -6.73 12.65
C GLY U 13 75.97 -7.05 13.36
N GLY U 14 76.93 -7.56 12.59
CA GLY U 14 78.25 -7.86 13.10
C GLY U 14 79.31 -7.27 12.20
N LEU U 15 79.01 -6.10 11.63
CA LEU U 15 79.86 -5.51 10.60
C LEU U 15 81.26 -5.26 11.13
N LYS U 16 82.27 -5.63 10.34
CA LYS U 16 83.66 -5.54 10.77
C LYS U 16 84.37 -4.33 10.21
N ARG U 17 83.98 -3.86 9.02
CA ARG U 17 84.62 -2.69 8.45
C ARG U 17 84.31 -1.44 9.28
N PRO U 18 85.31 -0.61 9.56
CA PRO U 18 85.03 0.60 10.34
C PRO U 18 84.07 1.56 9.66
N GLU U 19 84.30 1.84 8.38
CA GLU U 19 83.44 2.75 7.64
C GLU U 19 82.27 2.00 7.04
N LEU U 20 81.07 2.56 7.16
CA LEU U 20 79.90 1.97 6.54
C LEU U 20 79.98 2.06 5.02
N GLU U 21 79.24 1.20 4.34
CA GLU U 21 79.21 1.20 2.90
C GLU U 21 78.54 2.47 2.38
N SER U 22 78.80 2.79 1.12
CA SER U 22 78.27 4.02 0.54
C SER U 22 76.76 4.03 0.48
N GLY U 23 76.14 2.90 0.11
CA GLY U 23 74.70 2.86 -0.01
C GLY U 23 73.96 2.91 1.30
N VAL U 24 74.50 2.29 2.34
CA VAL U 24 73.77 2.17 3.61
C VAL U 24 73.67 3.51 4.31
N GLU U 25 74.65 4.40 4.13
CA GLU U 25 74.70 5.62 4.93
C GLU U 25 73.49 6.51 4.68
N VAL U 26 73.08 6.66 3.41
CA VAL U 26 71.90 7.46 3.11
C VAL U 26 70.63 6.62 3.30
N MET U 27 70.75 5.32 3.09
CA MET U 27 69.59 4.45 3.20
C MET U 27 69.05 4.41 4.63
N ILE U 28 69.94 4.50 5.63
CA ILE U 28 69.50 4.48 7.02
C ILE U 28 68.64 5.70 7.34
N THR U 29 69.12 6.90 6.98
CA THR U 29 68.35 8.09 7.30
C THR U 29 67.07 8.15 6.47
N ALA U 30 67.11 7.62 5.25
CA ALA U 30 65.89 7.55 4.47
C ALA U 30 64.87 6.59 5.10
N ALA U 31 65.34 5.46 5.62
CA ALA U 31 64.45 4.56 6.33
C ALA U 31 63.86 5.24 7.56
N ASN U 32 64.69 6.02 8.27
CA ASN U 32 64.20 6.77 9.41
C ASN U 32 63.08 7.71 9.01
N ALA U 33 63.28 8.44 7.91
CA ALA U 33 62.25 9.37 7.44
C ALA U 33 60.99 8.64 7.00
N LEU U 34 61.14 7.50 6.31
CA LEU U 34 59.96 6.75 5.89
C LEU U 34 59.17 6.24 7.08
N ILE U 35 59.87 5.76 8.12
CA ILE U 35 59.16 5.29 9.31
C ILE U 35 58.47 6.46 10.00
N THR U 36 59.15 7.59 10.16
CA THR U 36 58.52 8.69 10.90
C THR U 36 57.40 9.36 10.14
N SER U 37 57.38 9.24 8.80
CA SER U 37 56.24 9.75 8.04
C SER U 37 55.21 8.66 7.76
N LEU U 38 55.54 7.41 8.07
CA LEU U 38 54.62 6.31 7.81
C LEU U 38 53.70 6.10 9.00
N LEU U 39 54.21 6.30 10.21
CA LEU U 39 53.43 6.16 11.43
C LEU U 39 52.46 7.31 11.65
N GLY U 40 52.63 8.42 10.92
CA GLY U 40 51.81 9.59 11.11
C GLY U 40 52.50 10.78 11.73
N MET U 41 53.73 10.63 12.21
CA MET U 41 54.42 11.78 12.78
C MET U 41 54.80 12.78 11.69
N ASP U 42 55.05 14.00 12.12
CA ASP U 42 55.74 14.99 11.29
C ASP U 42 56.70 15.72 12.23
N ASP U 43 57.99 15.49 12.05
CA ASP U 43 58.98 16.03 12.98
C ASP U 43 58.96 17.56 13.01
N ALA U 44 58.50 18.11 14.13
CA ALA U 44 58.32 19.55 14.28
C ALA U 44 58.27 19.89 15.76
N ASP U 45 58.92 20.99 16.15
CA ASP U 45 58.89 21.42 17.53
C ASP U 45 57.48 21.78 17.98
N ALA U 46 56.74 22.49 17.12
CA ALA U 46 55.39 22.93 17.44
C ALA U 46 54.52 22.81 16.20
N VAL U 47 53.21 22.70 16.42
CA VAL U 47 52.23 22.49 15.37
C VAL U 47 51.05 23.42 15.61
N ASP U 48 50.55 24.03 14.53
CA ASP U 48 49.34 24.82 14.55
C ASP U 48 48.20 24.01 13.95
N GLN U 49 47.01 24.10 14.57
CA GLN U 49 45.90 23.25 14.20
C GLN U 49 44.63 24.07 14.06
N LEU U 50 43.86 23.78 13.01
CA LEU U 50 42.54 24.36 12.82
C LEU U 50 41.51 23.31 13.25
N ILE U 51 41.02 23.46 14.47
CA ILE U 51 40.00 22.54 14.98
C ILE U 51 38.65 23.23 14.91
N THR U 52 37.73 22.64 14.13
CA THR U 52 36.37 23.15 14.13
C THR U 52 35.71 22.84 15.48
N THR U 53 34.92 23.78 15.96
CA THR U 53 34.32 23.66 17.29
C THR U 53 32.81 23.90 17.21
N LYS U 54 32.07 23.10 17.96
CA LYS U 54 30.62 23.22 18.05
C LYS U 54 30.22 23.22 19.52
N PRO U 55 29.16 23.93 19.88
CA PRO U 55 28.67 23.91 21.27
C PRO U 55 28.21 22.51 21.64
N THR U 56 28.16 22.26 22.94
CA THR U 56 27.89 20.95 23.53
C THR U 56 28.96 19.94 23.16
N ARG U 57 30.20 20.39 22.93
CA ARG U 57 31.34 19.52 22.74
C ARG U 57 32.47 20.05 23.61
N LYS U 58 32.79 19.31 24.68
CA LYS U 58 33.74 19.77 25.68
C LYS U 58 35.10 19.10 25.56
N LYS U 59 35.30 18.24 24.56
CA LYS U 59 36.58 17.57 24.36
C LYS U 59 36.91 17.58 22.86
N TYR U 60 38.14 17.96 22.54
CA TYR U 60 38.62 18.00 21.17
C TYR U 60 39.93 17.21 21.08
N PHE U 61 40.15 16.57 19.94
CA PHE U 61 41.29 15.70 19.73
C PHE U 61 42.34 16.42 18.89
N LEU U 62 43.57 16.45 19.38
CA LEU U 62 44.67 17.05 18.65
C LEU U 62 45.16 16.08 17.56
N SER U 63 45.94 16.61 16.61
CA SER U 63 46.43 15.79 15.53
C SER U 63 47.39 14.72 16.03
N SER U 64 48.38 15.10 16.82
CA SER U 64 49.39 14.16 17.29
C SER U 64 49.08 13.74 18.71
N PRO U 65 48.83 12.46 18.97
CA PRO U 65 48.59 12.00 20.34
C PRO U 65 49.82 12.09 21.23
N SER U 66 50.97 12.49 20.71
CA SER U 66 52.19 12.65 21.48
C SER U 66 52.42 14.11 21.86
N ALA U 67 51.33 14.83 22.09
CA ALA U 67 51.40 16.23 22.48
C ALA U 67 51.58 16.32 23.99
N THR U 68 52.75 16.79 24.42
CA THR U 68 53.04 16.89 25.84
C THR U 68 52.36 18.07 26.50
N SER U 69 52.16 19.16 25.77
CA SER U 69 51.49 20.33 26.33
C SER U 69 51.05 21.25 25.20
N VAL U 70 50.15 22.17 25.51
CA VAL U 70 49.64 23.15 24.57
C VAL U 70 50.12 24.53 25.02
N THR U 71 50.62 25.31 24.07
CA THR U 71 51.21 26.61 24.38
C THR U 71 50.14 27.70 24.54
N LYS U 72 49.37 27.96 23.49
CA LYS U 72 48.35 28.98 23.53
C LYS U 72 47.10 28.48 22.81
N MET U 73 45.96 29.04 23.20
CA MET U 73 44.65 28.63 22.72
C MET U 73 43.91 29.83 22.16
N THR U 74 43.19 29.63 21.06
CA THR U 74 42.48 30.72 20.39
C THR U 74 41.18 30.19 19.82
N ILE U 75 40.06 30.79 20.21
CA ILE U 75 38.75 30.52 19.64
C ILE U 75 38.19 31.84 19.13
N ASN U 76 37.98 31.92 17.81
CA ASN U 76 37.45 33.13 17.19
C ASN U 76 38.26 34.36 17.55
N ASP U 77 39.58 34.21 17.55
CA ASP U 77 40.53 35.30 17.81
C ASP U 77 40.36 35.87 19.22
N LYS U 78 40.44 34.99 20.21
CA LYS U 78 40.49 35.42 21.61
C LYS U 78 41.17 34.34 22.43
N GLU U 79 42.13 34.73 23.25
CA GLU U 79 42.91 33.76 24.01
C GLU U 79 42.15 33.32 25.26
N ILE U 80 42.28 32.04 25.60
CA ILE U 80 41.65 31.46 26.78
C ILE U 80 42.74 31.06 27.76
N ASP U 81 42.55 31.43 29.03
CA ASP U 81 43.55 31.12 30.05
C ASP U 81 43.70 29.62 30.25
N PRO U 82 44.89 29.15 30.64
CA PRO U 82 45.09 27.70 30.81
C PRO U 82 44.29 27.10 31.94
N GLU U 83 43.75 27.90 32.85
CA GLU U 83 42.95 27.36 33.94
C GLU U 83 41.64 26.76 33.46
N GLN U 84 41.18 27.10 32.25
CA GLN U 84 39.87 26.70 31.78
C GLN U 84 39.91 25.45 30.92
N TYR U 85 41.08 24.95 30.56
CA TYR U 85 41.23 23.73 29.78
C TYR U 85 42.48 23.00 30.23
N LYS U 86 42.50 21.69 30.04
CA LYS U 86 43.70 20.92 30.38
C LYS U 86 43.84 19.74 29.44
N LEU U 87 45.08 19.45 29.04
CA LEU U 87 45.39 18.43 28.04
C LEU U 87 45.72 17.13 28.75
N TYR U 88 45.14 16.03 28.26
CA TYR U 88 45.22 14.76 28.96
C TYR U 88 46.40 13.92 28.45
N SER U 89 46.40 12.62 28.80
CA SER U 89 47.52 11.76 28.45
C SER U 89 47.66 11.64 26.94
N ASP U 90 46.56 11.42 26.24
CA ASP U 90 46.56 11.41 24.78
C ASP U 90 46.46 12.85 24.28
N GLY U 91 46.20 13.01 22.99
CA GLY U 91 46.01 14.34 22.44
C GLY U 91 44.74 15.02 22.85
N VAL U 92 43.90 14.37 23.66
CA VAL U 92 42.62 14.95 24.05
C VAL U 92 42.85 16.20 24.88
N ILE U 93 42.12 17.26 24.55
CA ILE U 93 42.04 18.46 25.39
C ILE U 93 40.60 18.59 25.86
N LEU U 94 40.41 18.74 27.16
CA LEU U 94 39.09 18.84 27.77
C LEU U 94 38.80 20.30 28.09
N LEU U 95 37.62 20.76 27.72
CA LEU U 95 37.23 22.14 27.91
C LEU U 95 36.17 22.23 29.00
N LYS U 96 36.44 23.03 30.03
CA LYS U 96 35.48 23.20 31.12
C LYS U 96 34.19 23.86 30.64
N PHE U 97 34.29 24.86 29.77
CA PHE U 97 33.14 25.64 29.34
C PHE U 97 32.62 25.10 28.01
N ASN U 98 31.49 25.64 27.54
CA ASN U 98 30.95 25.28 26.24
C ASN U 98 31.47 26.25 25.20
N PRO U 99 32.24 25.80 24.22
CA PRO U 99 32.85 26.73 23.26
C PRO U 99 31.80 27.38 22.37
N PRO U 100 31.93 28.67 22.10
CA PRO U 100 31.09 29.29 21.08
C PRO U 100 31.43 28.74 19.70
N GLU U 101 30.42 28.67 18.84
CA GLU U 101 30.62 28.09 17.52
C GLU U 101 31.57 28.95 16.70
N GLY U 102 32.50 28.28 16.02
CA GLY U 102 33.52 28.97 15.24
C GLY U 102 34.70 28.08 14.91
N TYR U 103 35.90 28.63 14.98
CA TYR U 103 37.12 27.88 14.70
C TYR U 103 38.11 28.04 15.83
N MET U 104 38.98 27.05 15.99
CA MET U 104 39.98 27.02 17.05
C MET U 104 41.38 27.09 16.45
N ASP U 105 42.29 27.73 17.18
CA ASP U 105 43.69 27.81 16.80
C ASP U 105 44.53 27.46 18.03
N VAL U 106 45.11 26.26 18.03
CA VAL U 106 45.90 25.78 19.14
C VAL U 106 47.31 25.46 18.67
N GLU U 107 48.31 25.93 19.42
CA GLU U 107 49.70 25.59 19.16
C GLU U 107 50.20 24.74 20.31
N TYR U 108 50.69 23.54 19.99
CA TYR U 108 51.15 22.60 20.99
C TYR U 108 52.52 22.08 20.61
N THR U 109 53.27 21.65 21.62
CA THR U 109 54.60 21.09 21.42
C THR U 109 54.51 19.57 21.50
N GLN U 110 55.07 18.90 20.50
CA GLN U 110 55.01 17.45 20.41
C GLN U 110 56.25 16.81 21.02
N GLY U 111 56.03 15.85 21.90
CA GLY U 111 57.11 15.01 22.38
C GLY U 111 56.88 13.57 21.98
N GLY U 112 57.70 13.07 21.05
CA GLY U 112 57.48 11.74 20.52
C GLY U 112 58.63 10.78 20.74
N PHE U 113 58.39 9.76 21.56
CA PHE U 113 59.34 8.69 21.81
C PHE U 113 60.68 9.23 22.34
N ASN U 114 60.61 9.98 23.44
CA ASN U 114 61.84 10.33 24.13
C ASN U 114 62.55 9.09 24.66
N PRO U 115 61.87 8.15 25.36
CA PRO U 115 62.40 6.78 25.42
C PRO U 115 62.05 6.05 24.14
N MET U 116 63.02 5.82 23.27
CA MET U 116 62.71 5.30 21.94
C MET U 116 62.37 3.82 22.02
N PRO U 117 61.19 3.39 21.56
CA PRO U 117 60.86 1.96 21.58
C PRO U 117 61.82 1.17 20.70
N GLU U 118 62.15 -0.04 21.16
CA GLU U 118 63.04 -0.89 20.38
C GLU U 118 62.32 -1.58 19.23
N ASP U 119 60.98 -1.60 19.25
CA ASP U 119 60.24 -2.14 18.11
C ASP U 119 60.50 -1.32 16.85
N LEU U 120 60.47 0.00 16.97
CA LEU U 120 60.75 0.84 15.80
C LEU U 120 62.20 0.70 15.37
N LYS U 121 63.11 0.56 16.34
CA LYS U 121 64.52 0.37 15.99
C LYS U 121 64.71 -0.91 15.18
N LEU U 122 64.10 -2.01 15.63
CA LEU U 122 64.22 -3.26 14.90
C LEU U 122 63.54 -3.16 13.55
N ALA U 123 62.38 -2.50 13.48
CA ALA U 123 61.68 -2.37 12.21
C ALA U 123 62.49 -1.57 11.20
N ALA U 124 63.09 -0.47 11.64
CA ALA U 124 63.89 0.34 10.73
C ALA U 124 65.17 -0.38 10.33
N CYS U 125 65.79 -1.12 11.25
CA CYS U 125 66.95 -1.91 10.89
C CYS U 125 66.60 -2.98 9.86
N MET U 126 65.46 -3.65 10.06
CA MET U 126 65.03 -4.65 9.11
C MET U 126 64.67 -4.05 7.77
N LEU U 127 64.11 -2.83 7.77
CA LEU U 127 63.76 -2.19 6.50
C LEU U 127 65.00 -1.74 5.74
N VAL U 128 65.99 -1.18 6.44
CA VAL U 128 67.22 -0.78 5.75
C VAL U 128 68.01 -2.00 5.28
N ASP U 129 67.95 -3.11 6.03
CA ASP U 129 68.51 -4.35 5.52
C ASP U 129 67.73 -4.83 4.30
N HIS U 130 66.41 -4.67 4.34
CA HIS U 130 65.54 -5.05 3.24
C HIS U 130 65.88 -4.28 1.97
N TRP U 131 66.28 -3.02 2.12
CA TRP U 131 66.60 -2.22 0.93
C TRP U 131 68.04 -2.40 0.50
N HIS U 132 68.95 -2.69 1.44
CA HIS U 132 70.37 -2.75 1.12
C HIS U 132 70.64 -3.82 0.06
N LYS U 133 70.42 -5.09 0.42
CA LYS U 133 70.39 -6.13 -0.59
C LYS U 133 68.96 -6.26 -1.12
N GLN U 134 68.85 -6.35 -2.40
CA GLN U 134 67.55 -6.30 -2.99
C GLN U 134 66.62 -7.36 -2.54
N ASP U 135 66.02 -7.16 -1.43
CA ASP U 135 65.00 -8.06 -0.87
C ASP U 135 63.61 -7.50 -1.09
N TYR U 136 63.31 -7.12 -2.33
CA TYR U 136 61.96 -6.70 -2.68
C TYR U 136 61.53 -7.34 -3.99
N ARG U 137 61.75 -8.63 -4.11
CA ARG U 137 61.31 -9.41 -5.26
C ARG U 137 60.53 -10.63 -4.75
N GLN U 138 59.64 -11.16 -5.60
CA GLN U 138 58.78 -12.25 -5.16
C GLN U 138 59.59 -13.51 -4.84
N ALA U 139 60.65 -13.78 -5.58
CA ALA U 139 61.54 -14.89 -5.28
C ALA U 139 62.89 -14.62 -5.93
N ARG U 140 63.91 -15.32 -5.46
CA ARG U 140 65.25 -15.12 -5.96
C ARG U 140 66.08 -16.37 -5.68
N THR U 141 66.97 -16.71 -6.60
CA THR U 141 67.87 -17.83 -6.42
C THR U 141 69.26 -17.49 -6.93
N ILE U 142 70.27 -18.11 -6.34
CA ILE U 142 71.64 -18.06 -6.84
C ILE U 142 72.13 -19.49 -6.95
N GLY U 143 71.98 -20.07 -8.15
CA GLY U 143 72.33 -21.46 -8.37
C GLY U 143 71.19 -22.39 -8.04
N GLY U 144 71.26 -23.04 -6.88
CA GLY U 144 70.24 -23.99 -6.47
C GLY U 144 69.44 -23.54 -5.26
N GLU U 145 70.06 -22.74 -4.40
CA GLU U 145 69.43 -22.29 -3.16
C GLU U 145 68.55 -21.07 -3.43
N THR U 146 67.25 -21.33 -3.57
CA THR U 146 66.29 -20.28 -3.85
C THR U 146 65.56 -19.84 -2.58
N VAL U 147 65.00 -18.65 -2.63
CA VAL U 147 64.19 -18.12 -1.54
C VAL U 147 62.94 -17.48 -2.16
N THR U 148 61.78 -17.78 -1.59
CA THR U 148 60.53 -17.15 -1.97
C THR U 148 60.17 -16.15 -0.89
N PHE U 149 60.07 -14.87 -1.26
CA PHE U 149 59.97 -13.82 -0.27
C PHE U 149 58.55 -13.69 0.26
N ASN U 150 58.41 -12.93 1.34
CA ASN U 150 57.16 -12.87 2.07
C ASN U 150 56.17 -11.96 1.36
N ASN U 151 54.90 -12.12 1.71
CA ASN U 151 53.86 -11.25 1.17
C ASN U 151 54.07 -9.82 1.65
N THR U 152 53.69 -8.87 0.82
CA THR U 152 53.88 -7.45 1.10
C THR U 152 52.52 -6.77 1.23
N LYS U 153 52.29 -6.12 2.36
CA LYS U 153 51.10 -5.31 2.58
C LYS U 153 51.49 -3.84 2.48
N SER U 154 50.87 -3.11 1.55
CA SER U 154 51.18 -1.73 1.33
C SER U 154 52.62 -1.58 1.16
N GLY U 155 53.20 -2.32 0.27
CA GLY U 155 54.62 -2.20 -0.05
C GLY U 155 55.58 -2.82 0.93
N ILE U 156 55.48 -2.44 2.20
CA ILE U 156 56.37 -2.93 3.25
C ILE U 156 56.04 -4.38 3.58
N PRO U 157 57.03 -5.22 3.87
CA PRO U 157 56.76 -6.64 4.13
C PRO U 157 56.01 -6.85 5.44
N GLU U 158 55.70 -8.11 5.72
CA GLU U 158 54.80 -8.44 6.82
C GLU U 158 55.34 -8.01 8.17
N HIS U 159 56.62 -8.27 8.46
CA HIS U 159 57.17 -7.98 9.78
C HIS U 159 57.19 -6.48 10.04
N ILE U 160 57.76 -5.72 9.11
CA ILE U 160 57.72 -4.26 9.19
C ILE U 160 56.29 -3.79 9.26
N ARG U 161 55.40 -4.45 8.51
CA ARG U 161 54.00 -4.05 8.51
C ARG U 161 53.40 -4.17 9.90
N THR U 162 53.64 -5.30 10.58
CA THR U 162 53.03 -5.50 11.89
C THR U 162 53.60 -4.52 12.91
N ILE U 163 54.92 -4.27 12.86
CA ILE U 163 55.49 -3.32 13.81
C ILE U 163 54.92 -1.93 13.58
N ILE U 164 54.92 -1.48 12.32
CA ILE U 164 54.40 -0.15 11.99
C ILE U 164 52.96 -0.04 12.43
N GLU U 165 52.14 -1.05 12.11
CA GLU U 165 50.72 -0.99 12.44
C GLU U 165 50.50 -0.97 13.95
N VAL U 166 51.33 -1.69 14.71
CA VAL U 166 51.23 -1.61 16.16
C VAL U 166 51.52 -0.19 16.64
N TYR U 167 52.41 0.52 15.95
CA TYR U 167 52.74 1.88 16.34
C TYR U 167 52.30 2.93 15.33
N ARG U 168 51.18 2.72 14.66
CA ARG U 168 50.81 3.47 13.46
C ARG U 168 49.94 4.70 13.75
N ARG U 169 49.78 5.11 15.01
CA ARG U 169 48.88 6.22 15.23
C ARG U 169 49.43 7.28 16.18
N VAL U 170 50.63 7.08 16.73
CA VAL U 170 51.26 8.08 17.57
C VAL U 170 51.59 9.34 16.78
N MET V 1 60.82 18.90 -9.70
CA MET V 1 61.91 19.46 -8.91
C MET V 1 63.24 18.85 -9.32
N GLN V 2 64.23 18.96 -8.43
CA GLN V 2 65.56 18.40 -8.65
C GLN V 2 65.94 17.66 -7.37
N ILE V 3 65.72 16.35 -7.35
CA ILE V 3 65.86 15.58 -6.12
C ILE V 3 67.22 14.89 -6.02
N ILE V 4 67.68 14.26 -7.10
CA ILE V 4 68.82 13.34 -6.96
C ILE V 4 70.13 13.93 -7.45
N THR V 5 70.21 14.19 -8.75
CA THR V 5 71.46 14.54 -9.43
C THR V 5 72.54 13.47 -9.31
N ALA V 6 73.61 13.66 -10.08
CA ALA V 6 74.64 12.63 -10.22
C ALA V 6 75.34 12.36 -8.90
N GLU V 7 75.52 13.39 -8.08
CA GLU V 7 76.22 13.20 -6.81
C GLU V 7 75.44 12.25 -5.89
N ASP V 8 74.12 12.43 -5.82
CA ASP V 8 73.33 11.57 -4.95
C ASP V 8 73.18 10.17 -5.55
N TYR V 9 73.13 10.06 -6.89
CA TYR V 9 73.21 8.72 -7.47
C TYR V 9 74.51 8.01 -7.12
N ARG V 10 75.64 8.72 -7.25
CA ARG V 10 76.92 8.10 -6.96
C ARG V 10 77.05 7.72 -5.49
N LEU V 11 76.54 8.56 -4.60
CA LEU V 11 76.57 8.24 -3.18
C LEU V 11 75.62 7.09 -2.87
N TYR V 12 74.54 6.95 -3.63
CA TYR V 12 73.63 5.81 -3.44
C TYR V 12 74.33 4.50 -3.78
N GLY V 13 75.12 4.48 -4.84
CA GLY V 13 75.86 3.30 -5.24
C GLY V 13 77.32 3.37 -4.83
N GLY V 14 78.15 2.63 -5.57
CA GLY V 14 79.58 2.66 -5.34
C GLY V 14 80.33 2.82 -6.64
N LEU V 15 79.73 3.56 -7.57
CA LEU V 15 80.26 3.72 -8.92
C LEU V 15 81.67 4.29 -8.90
N LYS V 16 82.60 3.61 -9.57
CA LYS V 16 84.00 4.02 -9.56
C LYS V 16 84.36 4.87 -10.76
N ARG V 17 83.62 4.77 -11.86
CA ARG V 17 83.91 5.57 -13.03
C ARG V 17 83.62 7.05 -12.74
N PRO V 18 84.54 7.95 -13.08
CA PRO V 18 84.29 9.38 -12.80
C PRO V 18 83.06 9.93 -13.49
N GLU V 19 82.75 9.44 -14.69
CA GLU V 19 81.61 9.94 -15.45
C GLU V 19 80.49 8.90 -15.44
N LEU V 20 79.25 9.39 -15.34
CA LEU V 20 78.10 8.50 -15.38
C LEU V 20 77.90 7.93 -16.78
N GLU V 21 77.16 6.82 -16.85
CA GLU V 21 76.89 6.20 -18.13
C GLU V 21 75.95 7.06 -18.96
N SER V 22 75.86 6.74 -20.25
CA SER V 22 75.04 7.54 -21.16
C SER V 22 73.57 7.47 -20.81
N GLY V 23 73.08 6.29 -20.45
CA GLY V 23 71.66 6.13 -20.17
C GLY V 23 71.20 6.75 -18.87
N VAL V 24 72.03 6.68 -17.83
CA VAL V 24 71.62 7.12 -16.50
C VAL V 24 71.45 8.63 -16.44
N GLU V 25 72.22 9.38 -17.23
CA GLU V 25 72.25 10.83 -17.11
C GLU V 25 70.88 11.44 -17.38
N VAL V 26 70.19 10.98 -18.42
CA VAL V 26 68.83 11.46 -18.68
C VAL V 26 67.83 10.70 -17.82
N MET V 27 68.18 9.49 -17.42
CA MET V 27 67.25 8.66 -16.65
C MET V 27 66.98 9.26 -15.29
N ILE V 28 67.99 9.87 -14.66
CA ILE V 28 67.81 10.46 -13.34
C ILE V 28 66.81 11.61 -13.41
N THR V 29 66.99 12.52 -14.37
CA THR V 29 66.07 13.65 -14.48
C THR V 29 64.69 13.20 -14.91
N ALA V 30 64.61 12.11 -15.68
CA ALA V 30 63.31 11.53 -15.99
C ALA V 30 62.62 11.04 -14.74
N ALA V 31 63.35 10.36 -13.86
CA ALA V 31 62.75 9.91 -12.60
C ALA V 31 62.33 11.09 -11.74
N ASN V 32 63.15 12.14 -11.70
CA ASN V 32 62.78 13.33 -10.93
C ASN V 32 61.47 13.92 -11.45
N ALA V 33 61.35 14.09 -12.76
CA ALA V 33 60.13 14.65 -13.32
C ALA V 33 58.94 13.74 -13.07
N LEU V 34 59.13 12.42 -13.18
CA LEU V 34 58.01 11.51 -12.98
C LEU V 34 57.50 11.58 -11.54
N ILE V 35 58.41 11.66 -10.57
CA ILE V 35 57.95 11.78 -9.19
C ILE V 35 57.29 13.13 -8.95
N THR V 36 57.91 14.22 -9.43
CA THR V 36 57.35 15.53 -9.13
C THR V 36 56.00 15.73 -9.79
N SER V 37 55.71 15.01 -10.87
CA SER V 37 54.37 15.05 -11.44
C SER V 37 53.48 13.92 -10.93
N LEU V 38 54.05 12.95 -10.20
CA LEU V 38 53.26 11.84 -9.69
C LEU V 38 52.64 12.16 -8.34
N LEU V 39 53.36 12.90 -7.50
CA LEU V 39 52.87 13.29 -6.19
C LEU V 39 51.80 14.37 -6.26
N GLY V 40 51.61 14.98 -7.42
CA GLY V 40 50.71 16.10 -7.57
C GLY V 40 51.39 17.45 -7.65
N MET V 41 52.69 17.51 -7.37
CA MET V 41 53.42 18.77 -7.47
C MET V 41 53.50 19.25 -8.92
N ASP V 42 53.65 20.57 -9.07
CA ASP V 42 54.03 21.18 -10.33
C ASP V 42 55.11 22.20 -10.01
N ASP V 43 56.31 21.99 -10.56
CA ASP V 43 57.40 22.92 -10.32
C ASP V 43 57.07 24.28 -10.93
N ALA V 44 56.72 25.24 -10.08
CA ALA V 44 56.27 26.55 -10.55
C ALA V 44 56.45 27.56 -9.43
N ASP V 45 56.92 28.76 -9.78
CA ASP V 45 57.13 29.80 -8.80
C ASP V 45 55.81 30.27 -8.19
N ALA V 46 54.78 30.44 -9.03
CA ALA V 46 53.49 30.91 -8.57
C ALA V 46 52.39 30.17 -9.33
N VAL V 47 51.19 30.15 -8.74
CA VAL V 47 50.06 29.43 -9.30
C VAL V 47 48.82 30.30 -9.22
N ASP V 48 48.04 30.29 -10.29
CA ASP V 48 46.73 30.91 -10.32
C ASP V 48 45.66 29.83 -10.21
N GLN V 49 44.57 30.14 -9.51
CA GLN V 49 43.55 29.14 -9.25
C GLN V 49 42.18 29.79 -9.22
N LEU V 50 41.20 29.12 -9.82
CA LEU V 50 39.82 29.60 -9.87
C LEU V 50 38.98 28.76 -8.92
N ILE V 51 38.79 29.28 -7.71
CA ILE V 51 38.00 28.60 -6.70
C ILE V 51 36.62 29.25 -6.60
N THR V 52 35.57 28.42 -6.69
CA THR V 52 34.21 28.93 -6.57
C THR V 52 33.93 29.28 -5.11
N THR V 53 33.10 30.30 -4.90
CA THR V 53 32.78 30.81 -3.57
C THR V 53 31.29 30.65 -3.32
N LYS V 54 30.96 30.11 -2.17
CA LYS V 54 29.59 30.08 -1.71
C LYS V 54 29.50 30.70 -0.32
N PRO V 55 28.49 31.52 -0.05
CA PRO V 55 28.33 32.09 1.29
C PRO V 55 28.20 30.99 2.34
N THR V 56 28.44 31.38 3.58
CA THR V 56 28.51 30.47 4.74
C THR V 56 29.61 29.44 4.60
N ARG V 57 30.69 29.80 3.90
CA ARG V 57 31.89 28.96 3.80
C ARG V 57 33.09 29.88 4.01
N LYS V 58 33.76 29.83 5.13
CA LYS V 58 34.83 30.75 5.34
C LYS V 58 36.16 30.10 5.30
N LYS V 59 36.27 28.87 4.87
CA LYS V 59 37.58 28.24 4.68
C LYS V 59 37.65 27.67 3.27
N TYR V 60 38.73 27.99 2.56
CA TYR V 60 38.96 27.57 1.19
C TYR V 60 40.28 26.86 1.08
N PHE V 61 40.35 25.89 0.17
CA PHE V 61 41.51 25.03 0.02
C PHE V 61 42.25 25.39 -1.26
N LEU V 62 43.53 25.73 -1.13
CA LEU V 62 44.36 25.98 -2.29
C LEU V 62 44.73 24.66 -2.96
N SER V 63 45.13 24.76 -4.23
CA SER V 63 45.41 23.56 -5.00
C SER V 63 46.61 22.80 -4.43
N SER V 64 47.68 23.51 -4.06
CA SER V 64 48.89 22.88 -3.59
C SER V 64 49.02 23.06 -2.10
N PRO V 65 49.04 21.98 -1.30
CA PRO V 65 49.15 22.13 0.16
C PRO V 65 50.49 22.69 0.63
N SER V 66 51.47 22.84 -0.26
CA SER V 66 52.79 23.34 0.09
C SER V 66 52.88 24.83 -0.20
N ALA V 67 51.75 25.54 -0.06
CA ALA V 67 51.71 26.97 -0.33
C ALA V 67 52.30 27.73 0.86
N THR V 68 53.27 28.60 0.58
CA THR V 68 53.87 29.41 1.63
C THR V 68 52.96 30.56 2.02
N SER V 69 52.63 31.44 1.07
CA SER V 69 51.69 32.51 1.31
C SER V 69 51.09 32.92 -0.02
N VAL V 70 49.95 33.59 0.05
CA VAL V 70 49.24 34.07 -1.13
C VAL V 70 49.52 35.55 -1.32
N THR V 71 49.97 35.92 -2.52
CA THR V 71 50.39 37.29 -2.80
C THR V 71 49.20 38.24 -2.91
N LYS V 72 48.16 37.84 -3.64
CA LYS V 72 47.00 38.69 -3.83
C LYS V 72 45.75 37.84 -3.94
N MET V 73 44.63 38.42 -3.53
CA MET V 73 43.34 37.74 -3.56
C MET V 73 42.32 38.63 -4.23
N THR V 74 41.47 38.03 -5.06
CA THR V 74 40.50 38.79 -5.85
C THR V 74 39.20 38.01 -5.92
N ILE V 75 38.12 38.60 -5.41
CA ILE V 75 36.78 38.02 -5.48
C ILE V 75 35.95 38.90 -6.39
N ASN V 76 35.46 38.33 -7.49
CA ASN V 76 34.60 39.06 -8.43
C ASN V 76 35.24 40.36 -8.88
N ASP V 77 36.54 40.30 -9.16
CA ASP V 77 37.31 41.43 -9.68
C ASP V 77 37.36 42.59 -8.68
N LYS V 78 37.78 42.29 -7.46
CA LYS V 78 38.10 43.32 -6.48
C LYS V 78 39.07 42.75 -5.46
N GLU V 79 40.15 43.48 -5.19
CA GLU V 79 41.17 43.00 -4.26
C GLU V 79 40.68 43.08 -2.83
N ILE V 80 41.21 42.18 -1.99
CA ILE V 80 40.93 42.16 -0.57
C ILE V 80 42.25 42.25 0.19
N ASP V 81 42.31 43.13 1.19
CA ASP V 81 43.51 43.29 1.98
C ASP V 81 43.80 42.03 2.78
N PRO V 82 45.07 41.79 3.14
CA PRO V 82 45.40 40.54 3.84
C PRO V 82 44.86 40.46 5.25
N GLU V 83 44.24 41.53 5.76
CA GLU V 83 43.68 41.47 7.11
C GLU V 83 42.41 40.64 7.17
N GLN V 84 41.74 40.44 6.03
CA GLN V 84 40.46 39.74 6.03
C GLN V 84 40.59 38.24 5.83
N TYR V 85 41.77 37.74 5.50
CA TYR V 85 41.98 36.30 5.33
C TYR V 85 43.31 35.90 5.94
N LYS V 86 43.41 34.64 6.35
CA LYS V 86 44.63 34.11 6.93
C LYS V 86 44.85 32.69 6.42
N LEU V 87 46.09 32.40 6.02
CA LEU V 87 46.46 31.10 5.47
C LEU V 87 47.16 30.28 6.55
N TYR V 88 46.67 29.08 6.80
CA TYR V 88 47.20 28.24 7.87
C TYR V 88 48.28 27.31 7.33
N SER V 89 48.67 26.32 8.14
CA SER V 89 49.85 25.51 7.84
C SER V 89 49.68 24.75 6.53
N ASP V 90 48.53 24.14 6.32
CA ASP V 90 48.25 23.44 5.08
C ASP V 90 47.82 24.44 4.02
N GLY V 91 47.30 23.95 2.91
CA GLY V 91 46.83 24.83 1.87
C GLY V 91 45.56 25.59 2.19
N VAL V 92 44.96 25.35 3.36
CA VAL V 92 43.71 26.00 3.69
C VAL V 92 43.92 27.49 3.88
N ILE V 93 42.94 28.28 3.47
CA ILE V 93 42.89 29.71 3.77
C ILE V 93 41.53 30.00 4.39
N LEU V 94 41.53 30.69 5.53
CA LEU V 94 40.31 31.03 6.24
C LEU V 94 40.01 32.50 6.04
N LEU V 95 38.76 32.80 5.67
CA LEU V 95 38.32 34.17 5.46
C LEU V 95 37.56 34.66 6.67
N LYS V 96 37.95 35.84 7.17
CA LYS V 96 37.29 36.39 8.36
C LYS V 96 35.84 36.74 8.08
N PHE V 97 35.56 37.26 6.88
CA PHE V 97 34.22 37.73 6.54
C PHE V 97 33.47 36.64 5.77
N ASN V 98 32.31 37.00 5.22
CA ASN V 98 31.51 36.07 4.43
C ASN V 98 31.72 36.36 2.96
N PRO V 99 32.31 35.45 2.19
CA PRO V 99 32.57 35.72 0.78
C PRO V 99 31.27 35.84 0.00
N PRO V 100 31.12 36.90 -0.79
CA PRO V 100 29.98 36.97 -1.70
C PRO V 100 30.11 35.93 -2.79
N GLU V 101 28.96 35.45 -3.28
CA GLU V 101 28.96 34.36 -4.23
C GLU V 101 29.60 34.79 -5.55
N GLY V 102 30.48 33.95 -6.07
CA GLY V 102 31.25 34.29 -7.25
C GLY V 102 32.52 33.46 -7.36
N TYR V 103 33.54 34.05 -7.99
CA TYR V 103 34.78 33.34 -8.28
C TYR V 103 35.96 34.12 -7.71
N MET V 104 37.06 33.40 -7.46
CA MET V 104 38.28 34.01 -6.96
C MET V 104 39.43 33.84 -7.93
N ASP V 105 40.41 34.74 -7.81
CA ASP V 105 41.68 34.66 -8.51
C ASP V 105 42.77 34.87 -7.46
N VAL V 106 43.39 33.79 -7.01
CA VAL V 106 44.40 33.83 -5.96
C VAL V 106 45.75 33.47 -6.57
N GLU V 107 46.79 34.21 -6.16
CA GLU V 107 48.15 33.94 -6.60
C GLU V 107 49.01 33.69 -5.36
N TYR V 108 49.42 32.45 -5.18
CA TYR V 108 50.25 32.05 -4.05
C TYR V 108 51.59 31.54 -4.55
N THR V 109 52.57 31.54 -3.66
CA THR V 109 53.93 31.11 -3.98
C THR V 109 54.14 29.71 -3.42
N GLN V 110 54.48 28.77 -4.29
CA GLN V 110 54.68 27.39 -3.88
C GLN V 110 56.08 27.18 -3.32
N GLY V 111 56.15 26.56 -2.14
CA GLY V 111 57.41 26.09 -1.63
C GLY V 111 57.32 24.61 -1.31
N GLY V 112 58.04 23.79 -2.07
CA GLY V 112 57.90 22.36 -1.94
C GLY V 112 59.17 21.65 -1.53
N PHE V 113 59.16 21.08 -0.33
CA PHE V 113 60.27 20.29 0.19
C PHE V 113 61.58 21.09 0.17
N ASN V 114 61.58 22.22 0.88
CA ASN V 114 62.83 22.96 1.04
C ASN V 114 63.89 22.12 1.72
N PRO V 115 63.63 21.40 2.82
CA PRO V 115 64.51 20.29 3.19
C PRO V 115 64.10 19.04 2.43
N MET V 116 64.95 18.55 1.53
CA MET V 116 64.57 17.44 0.66
C MET V 116 64.44 16.16 1.49
N PRO V 117 63.27 15.55 1.55
CA PRO V 117 63.15 14.26 2.26
C PRO V 117 63.95 13.19 1.55
N GLU V 118 64.56 12.31 2.35
CA GLU V 118 65.34 11.21 1.79
C GLU V 118 64.45 10.08 1.26
N ASP V 119 63.19 10.04 1.68
CA ASP V 119 62.26 9.03 1.16
C ASP V 119 62.10 9.16 -0.35
N LEU V 120 61.79 10.38 -0.81
CA LEU V 120 61.69 10.61 -2.24
C LEU V 120 63.03 10.45 -2.91
N LYS V 121 64.13 10.68 -2.17
CA LYS V 121 65.45 10.45 -2.75
C LYS V 121 65.64 8.98 -3.11
N LEU V 122 65.31 8.07 -2.19
CA LEU V 122 65.38 6.66 -2.58
C LEU V 122 64.30 6.29 -3.59
N ALA V 123 63.15 6.96 -3.55
CA ALA V 123 62.13 6.67 -4.55
C ALA V 123 62.67 6.92 -5.96
N ALA V 124 63.30 8.07 -6.16
CA ALA V 124 63.86 8.38 -7.47
C ALA V 124 65.07 7.51 -7.78
N CYS V 125 65.90 7.22 -6.76
CA CYS V 125 67.04 6.34 -6.99
C CYS V 125 66.59 4.95 -7.42
N MET V 126 65.52 4.45 -6.82
CA MET V 126 65.01 3.13 -7.20
C MET V 126 64.31 3.17 -8.55
N LEU V 127 63.66 4.28 -8.92
CA LEU V 127 63.16 4.38 -10.28
C LEU V 127 64.28 4.33 -11.30
N VAL V 128 65.34 5.11 -11.09
CA VAL V 128 66.41 5.14 -12.08
C VAL V 128 67.18 3.83 -12.09
N ASP V 129 67.31 3.16 -10.94
CA ASP V 129 67.90 1.82 -10.92
C ASP V 129 66.97 0.81 -11.58
N HIS V 130 65.67 1.02 -11.45
CA HIS V 130 64.66 0.14 -12.03
C HIS V 130 64.64 0.23 -13.54
N TRP V 131 64.98 1.41 -14.07
CA TRP V 131 64.96 1.60 -15.51
C TRP V 131 66.33 1.33 -16.14
N HIS V 132 67.39 1.54 -15.42
CA HIS V 132 68.68 1.27 -15.97
C HIS V 132 68.73 -0.22 -16.06
N LYS V 133 68.54 -0.92 -14.95
CA LYS V 133 68.74 -2.36 -14.98
C LYS V 133 67.83 -3.10 -15.87
N GLN V 134 66.60 -2.67 -16.00
CA GLN V 134 65.60 -3.31 -16.83
C GLN V 134 64.88 -4.22 -15.94
N ASP V 135 64.49 -3.70 -14.84
CA ASP V 135 63.71 -4.42 -13.84
C ASP V 135 62.22 -4.15 -13.97
N TYR V 136 61.67 -4.26 -15.18
CA TYR V 136 60.25 -4.06 -15.39
C TYR V 136 59.67 -5.23 -16.17
N ARG V 137 60.02 -6.44 -15.74
CA ARG V 137 59.47 -7.67 -16.29
C ARG V 137 59.00 -8.55 -15.13
N GLN V 138 58.06 -9.45 -15.44
CA GLN V 138 57.52 -10.31 -14.40
C GLN V 138 58.58 -11.23 -13.82
N ALA V 139 59.44 -11.78 -14.66
CA ALA V 139 60.55 -12.60 -14.18
C ALA V 139 61.68 -12.54 -15.20
N ARG V 140 62.88 -12.87 -14.74
CA ARG V 140 64.03 -12.86 -15.63
C ARG V 140 65.03 -13.90 -15.14
N THR V 141 65.57 -14.69 -16.06
CA THR V 141 66.56 -15.71 -15.74
C THR V 141 67.80 -15.49 -16.59
N ILE V 142 68.97 -15.68 -15.98
CA ILE V 142 70.24 -15.68 -16.69
C ILE V 142 70.96 -16.98 -16.30
N GLY V 143 70.78 -18.02 -17.11
CA GLY V 143 71.34 -19.30 -16.78
C GLY V 143 70.48 -20.07 -15.80
N GLY V 144 70.91 -20.13 -14.55
CA GLY V 144 70.18 -20.85 -13.53
C GLY V 144 69.61 -19.97 -12.43
N GLU V 145 70.25 -18.82 -12.17
CA GLU V 145 69.84 -17.94 -11.08
C GLU V 145 68.71 -17.02 -11.57
N THR V 146 67.50 -17.56 -11.54
CA THR V 146 66.30 -16.81 -11.88
C THR V 146 65.90 -15.85 -10.77
N VAL V 147 65.22 -14.77 -11.16
CA VAL V 147 64.56 -13.86 -10.23
C VAL V 147 63.19 -13.53 -10.79
N THR V 148 62.16 -13.64 -9.98
CA THR V 148 60.84 -13.16 -10.33
C THR V 148 60.59 -11.86 -9.57
N PHE V 149 60.00 -10.89 -10.24
CA PHE V 149 60.04 -9.52 -9.75
C PHE V 149 58.78 -9.16 -8.98
N ASN V 150 58.84 -8.01 -8.31
CA ASN V 150 57.81 -7.62 -7.37
C ASN V 150 56.53 -7.24 -8.10
N ASN V 151 55.41 -7.37 -7.39
CA ASN V 151 54.12 -6.96 -7.93
C ASN V 151 54.11 -5.45 -8.15
N THR V 152 53.54 -5.04 -9.28
CA THR V 152 53.52 -3.65 -9.68
C THR V 152 52.10 -3.11 -9.58
N LYS V 153 51.96 -2.03 -8.81
CA LYS V 153 50.68 -1.33 -8.68
C LYS V 153 50.80 0.00 -9.41
N SER V 154 49.84 0.30 -10.28
CA SER V 154 49.83 1.54 -11.04
C SER V 154 51.10 1.69 -11.88
N GLY V 155 51.60 0.56 -12.39
CA GLY V 155 52.79 0.57 -13.22
C GLY V 155 54.08 0.58 -12.43
N ILE V 156 54.21 1.51 -11.50
CA ILE V 156 55.42 1.67 -10.70
C ILE V 156 55.59 0.49 -9.75
N PRO V 157 56.81 0.16 -9.33
CA PRO V 157 57.01 -1.00 -8.45
C PRO V 157 56.40 -0.80 -7.08
N GLU V 158 56.55 -1.80 -6.21
CA GLU V 158 55.81 -1.82 -4.94
C GLU V 158 56.40 -0.88 -3.91
N HIS V 159 57.71 -0.97 -3.65
CA HIS V 159 58.34 -0.12 -2.66
C HIS V 159 58.26 1.35 -3.07
N ILE V 160 58.54 1.64 -4.34
CA ILE V 160 58.38 2.97 -4.86
C ILE V 160 56.93 3.42 -4.69
N ARG V 161 55.99 2.49 -4.89
CA ARG V 161 54.58 2.82 -4.73
C ARG V 161 54.26 3.25 -3.31
N THR V 162 54.76 2.52 -2.32
CA THR V 162 54.43 2.86 -0.94
C THR V 162 55.09 4.18 -0.54
N ILE V 163 56.31 4.43 -1.00
CA ILE V 163 56.95 5.71 -0.70
C ILE V 163 56.16 6.87 -1.32
N ILE V 164 55.79 6.71 -2.59
CA ILE V 164 55.00 7.74 -3.26
C ILE V 164 53.72 7.99 -2.48
N GLU V 165 52.98 6.92 -2.16
CA GLU V 165 51.73 7.08 -1.40
C GLU V 165 51.96 7.75 -0.06
N VAL V 166 53.11 7.51 0.57
CA VAL V 166 53.43 8.26 1.78
C VAL V 166 53.52 9.75 1.48
N TYR V 167 54.00 10.12 0.30
CA TYR V 167 54.07 11.54 -0.04
C TYR V 167 53.24 11.94 -1.27
N ARG V 168 52.18 11.19 -1.60
CA ARG V 168 51.43 11.48 -2.83
C ARG V 168 50.25 12.41 -2.59
N ARG V 169 50.45 13.52 -1.87
CA ARG V 169 49.41 14.54 -1.83
C ARG V 169 49.93 15.97 -1.87
N VAL V 170 51.23 16.20 -1.88
CA VAL V 170 51.76 17.56 -1.92
C VAL V 170 51.57 18.14 -3.31
N MET W 1 53.84 15.53 -31.34
CA MET W 1 54.94 16.49 -31.33
C MET W 1 56.25 15.83 -31.72
N GLN W 2 57.35 16.56 -31.54
CA GLN W 2 58.70 16.04 -31.77
C GLN W 2 59.37 15.91 -30.41
N ILE W 3 59.46 14.69 -29.90
CA ILE W 3 59.94 14.46 -28.55
C ILE W 3 61.36 13.91 -28.54
N ILE W 4 61.68 12.94 -29.40
CA ILE W 4 62.94 12.23 -29.26
C ILE W 4 63.96 12.61 -30.32
N THR W 5 63.67 12.26 -31.56
CA THR W 5 64.65 12.32 -32.65
C THR W 5 65.88 11.45 -32.39
N ALA W 6 66.73 11.34 -33.41
CA ALA W 6 67.85 10.40 -33.37
C ALA W 6 68.83 10.77 -32.26
N GLU W 7 69.07 12.05 -32.04
CA GLU W 7 70.05 12.45 -31.03
C GLU W 7 69.61 12.01 -29.64
N ASP W 8 68.34 12.21 -29.29
CA ASP W 8 67.90 11.82 -27.95
C ASP W 8 67.80 10.31 -27.82
N TYR W 9 67.41 9.61 -28.90
CA TYR W 9 67.44 8.15 -28.81
C TYR W 9 68.86 7.63 -28.62
N ARG W 10 69.83 8.22 -29.31
CA ARG W 10 71.22 7.79 -29.15
C ARG W 10 71.72 8.11 -27.74
N LEU W 11 71.34 9.27 -27.21
CA LEU W 11 71.74 9.62 -25.84
C LEU W 11 71.09 8.68 -24.83
N TYR W 12 69.90 8.16 -25.12
CA TYR W 12 69.27 7.18 -24.24
C TYR W 12 70.12 5.91 -24.13
N GLY W 13 70.67 5.45 -25.23
CA GLY W 13 71.53 4.29 -25.26
C GLY W 13 72.99 4.68 -25.32
N GLY W 14 73.80 3.77 -25.86
CA GLY W 14 75.21 4.02 -26.04
C GLY W 14 75.66 3.59 -27.42
N LEU W 15 74.78 3.77 -28.39
CA LEU W 15 75.02 3.27 -29.75
C LEU W 15 76.28 3.87 -30.34
N LYS W 16 77.09 3.03 -30.96
CA LYS W 16 78.39 3.44 -31.49
C LYS W 16 78.38 3.68 -32.98
N ARG W 17 77.45 3.06 -33.70
CA ARG W 17 77.38 3.25 -35.15
C ARG W 17 76.94 4.67 -35.47
N PRO W 18 77.64 5.37 -36.37
CA PRO W 18 77.24 6.75 -36.68
C PRO W 18 75.84 6.85 -37.25
N GLU W 19 75.40 5.85 -38.02
CA GLU W 19 74.08 5.85 -38.63
C GLU W 19 73.15 4.94 -37.83
N LEU W 20 71.95 5.42 -37.54
CA LEU W 20 70.96 4.60 -36.88
C LEU W 20 70.50 3.47 -37.81
N GLU W 21 69.96 2.41 -37.20
CA GLU W 21 69.50 1.27 -37.98
C GLU W 21 68.30 1.67 -38.82
N SER W 22 68.03 0.85 -39.85
CA SER W 22 66.92 1.13 -40.75
C SER W 22 65.58 1.10 -40.03
N GLY W 23 65.43 0.16 -39.09
CA GLY W 23 64.15 -0.01 -38.43
C GLY W 23 63.81 1.07 -37.42
N VAL W 24 64.80 1.79 -36.93
CA VAL W 24 64.53 2.76 -35.87
C VAL W 24 64.10 4.11 -36.44
N GLU W 25 64.45 4.40 -37.69
CA GLU W 25 64.13 5.70 -38.28
C GLU W 25 62.64 5.95 -38.30
N VAL W 26 61.87 5.01 -38.85
CA VAL W 26 60.41 5.14 -38.84
C VAL W 26 59.88 4.96 -37.43
N MET W 27 60.55 4.13 -36.64
CA MET W 27 60.00 3.71 -35.36
C MET W 27 59.98 4.86 -34.36
N ILE W 28 61.00 5.71 -34.40
CA ILE W 28 61.04 6.87 -33.50
C ILE W 28 59.84 7.78 -33.74
N THR W 29 59.63 8.18 -35.00
CA THR W 29 58.54 9.09 -35.29
C THR W 29 57.18 8.43 -35.09
N ALA W 30 57.12 7.10 -35.27
CA ALA W 30 55.90 6.38 -34.92
C ALA W 30 55.61 6.48 -33.43
N ALA W 31 56.62 6.32 -32.59
CA ALA W 31 56.43 6.49 -31.15
C ALA W 31 56.01 7.91 -30.82
N ASN W 32 56.63 8.90 -31.47
CA ASN W 32 56.26 10.29 -31.22
C ASN W 32 54.80 10.54 -31.55
N ALA W 33 54.34 10.04 -32.70
CA ALA W 33 52.93 10.22 -33.05
C ALA W 33 52.01 9.46 -32.10
N LEU W 34 52.38 8.24 -31.73
CA LEU W 34 51.51 7.45 -30.88
C LEU W 34 51.32 8.11 -29.52
N ILE W 35 52.39 8.60 -28.90
CA ILE W 35 52.23 9.24 -27.60
C ILE W 35 51.40 10.51 -27.71
N THR W 36 51.70 11.36 -28.71
CA THR W 36 50.96 12.61 -28.81
C THR W 36 49.50 12.36 -29.17
N SER W 37 49.18 11.16 -29.67
CA SER W 37 47.77 10.84 -29.88
C SER W 37 47.14 10.16 -28.67
N LEU W 38 47.94 9.47 -27.84
CA LEU W 38 47.40 8.86 -26.62
C LEU W 38 46.94 9.92 -25.63
N LEU W 39 47.75 10.96 -25.42
CA LEU W 39 47.46 11.96 -24.41
C LEU W 39 46.28 12.84 -24.77
N GLY W 40 45.77 12.75 -25.99
CA GLY W 40 44.73 13.63 -26.46
C GLY W 40 45.23 14.83 -27.24
N MET W 41 46.54 15.03 -27.30
CA MET W 41 47.10 16.12 -28.10
C MET W 41 46.82 15.90 -29.58
N ASP W 42 46.77 17.01 -30.30
CA ASP W 42 46.75 16.97 -31.77
C ASP W 42 47.62 18.13 -32.24
N ASP W 43 48.73 17.81 -32.91
CA ASP W 43 49.66 18.83 -33.33
C ASP W 43 49.03 19.77 -34.36
N ALA W 44 48.69 20.97 -33.92
CA ALA W 44 48.02 21.94 -34.76
C ALA W 44 48.26 23.34 -34.21
N ASP W 45 48.51 24.30 -35.11
CA ASP W 45 48.76 25.66 -34.68
C ASP W 45 47.52 26.28 -34.04
N ALA W 46 46.34 26.05 -34.62
CA ALA W 46 45.10 26.58 -34.09
C ALA W 46 44.00 25.55 -34.28
N VAL W 47 42.96 25.66 -33.46
CA VAL W 47 41.85 24.72 -33.45
C VAL W 47 40.53 25.49 -33.35
N ASP W 48 39.54 25.04 -34.12
CA ASP W 48 38.19 25.57 -34.08
C ASP W 48 37.32 24.60 -33.30
N GLN W 49 36.50 25.12 -32.39
CA GLN W 49 35.73 24.28 -31.49
C GLN W 49 34.30 24.79 -31.39
N LEU W 50 33.34 23.86 -31.39
CA LEU W 50 31.94 24.17 -31.18
C LEU W 50 31.60 23.81 -29.74
N ILE W 51 31.44 24.83 -28.91
CA ILE W 51 31.06 24.63 -27.52
C ILE W 51 29.58 24.98 -27.38
N THR W 52 28.79 24.06 -26.84
CA THR W 52 27.41 24.39 -26.53
C THR W 52 27.38 25.39 -25.38
N THR W 53 26.43 26.32 -25.43
CA THR W 53 26.33 27.37 -24.43
C THR W 53 24.92 27.41 -23.86
N LYS W 54 24.83 27.59 -22.56
CA LYS W 54 23.58 27.72 -21.85
C LYS W 54 23.67 28.89 -20.88
N PRO W 55 22.58 29.61 -20.64
CA PRO W 55 22.61 30.70 -19.66
C PRO W 55 22.88 30.15 -18.27
N THR W 56 23.37 31.05 -17.40
CA THR W 56 23.83 30.73 -16.06
C THR W 56 25.05 29.81 -16.07
N ARG W 57 25.78 29.77 -17.19
CA ARG W 57 27.08 29.10 -17.25
C ARG W 57 28.10 30.12 -17.71
N LYS W 58 28.96 30.56 -16.78
CA LYS W 58 29.93 31.61 -17.05
C LYS W 58 31.35 31.08 -17.16
N LYS W 59 31.53 29.77 -17.22
CA LYS W 59 32.84 29.17 -17.47
C LYS W 59 32.66 28.01 -18.44
N TYR W 60 33.41 28.05 -19.54
CA TYR W 60 33.44 26.97 -20.51
C TYR W 60 34.85 26.42 -20.64
N PHE W 61 34.94 25.12 -20.92
CA PHE W 61 36.20 24.41 -20.96
C PHE W 61 36.60 24.20 -22.42
N LEU W 62 37.79 24.66 -22.78
CA LEU W 62 38.30 24.43 -24.12
C LEU W 62 38.71 22.97 -24.29
N SER W 63 38.80 22.53 -25.54
CA SER W 63 39.12 21.14 -25.81
C SER W 63 40.53 20.79 -25.35
N SER W 64 41.49 21.70 -25.57
CA SER W 64 42.87 21.43 -25.20
C SER W 64 43.25 22.21 -23.95
N PRO W 65 43.60 21.54 -22.85
CA PRO W 65 43.98 22.26 -21.62
C PRO W 65 45.27 23.07 -21.76
N SER W 66 45.99 22.96 -22.86
CA SER W 66 47.22 23.71 -23.08
C SER W 66 46.98 24.90 -24.02
N ALA W 67 45.82 25.52 -23.91
CA ALA W 67 45.45 26.66 -24.73
C ALA W 67 46.22 27.90 -24.26
N THR W 68 46.84 28.60 -25.22
CA THR W 68 47.61 29.79 -24.89
C THR W 68 46.72 31.03 -24.82
N SER W 69 45.98 31.29 -25.89
CA SER W 69 45.09 32.45 -25.93
C SER W 69 44.01 32.19 -26.96
N VAL W 70 42.94 32.97 -26.87
CA VAL W 70 41.80 32.88 -27.79
C VAL W 70 41.98 33.96 -28.85
N THR W 71 42.06 33.53 -30.11
CA THR W 71 42.21 34.49 -31.20
C THR W 71 40.92 35.25 -31.45
N LYS W 72 39.78 34.56 -31.45
CA LYS W 72 38.50 35.21 -31.61
C LYS W 72 37.41 34.34 -31.00
N MET W 73 36.29 34.98 -30.67
CA MET W 73 35.16 34.32 -30.04
C MET W 73 33.89 34.67 -30.80
N THR W 74 32.99 33.70 -30.91
CA THR W 74 31.78 33.87 -31.70
C THR W 74 30.64 33.09 -31.05
N ILE W 75 29.54 33.78 -30.75
CA ILE W 75 28.33 33.17 -30.24
C ILE W 75 27.18 33.60 -31.15
N ASN W 76 26.58 32.63 -31.84
CA ASN W 76 25.48 32.91 -32.76
C ASN W 76 25.87 33.96 -33.80
N ASP W 77 27.10 33.87 -34.29
CA ASP W 77 27.60 34.74 -35.36
C ASP W 77 27.63 36.21 -34.96
N LYS W 78 28.33 36.49 -33.86
CA LYS W 78 28.67 37.87 -33.50
C LYS W 78 29.89 37.85 -32.59
N GLU W 79 30.97 38.50 -33.03
CA GLU W 79 32.22 38.46 -32.29
C GLU W 79 32.09 39.25 -30.98
N ILE W 80 32.74 38.74 -29.94
CA ILE W 80 32.77 39.38 -28.62
C ILE W 80 34.18 39.87 -28.37
N ASP W 81 34.30 41.11 -27.89
CA ASP W 81 35.61 41.69 -27.66
C ASP W 81 36.34 40.93 -26.55
N PRO W 82 37.68 40.98 -26.55
CA PRO W 82 38.45 40.19 -25.56
C PRO W 82 38.26 40.65 -24.12
N GLU W 83 37.48 41.71 -23.87
CA GLU W 83 37.30 42.18 -22.50
C GLU W 83 36.30 41.32 -21.73
N GLN W 84 35.32 40.73 -22.41
CA GLN W 84 34.26 40.02 -21.72
C GLN W 84 34.65 38.62 -21.25
N TYR W 85 35.71 38.04 -21.81
CA TYR W 85 36.14 36.70 -21.45
C TYR W 85 37.61 36.72 -21.07
N LYS W 86 38.00 35.81 -20.17
CA LYS W 86 39.39 35.71 -19.72
C LYS W 86 39.77 34.25 -19.64
N LEU W 87 40.84 33.88 -20.33
CA LEU W 87 41.34 32.50 -20.34
C LEU W 87 42.28 32.31 -19.15
N TYR W 88 42.03 31.25 -18.37
CA TYR W 88 42.78 31.00 -17.15
C TYR W 88 43.91 30.00 -17.41
N SER W 89 44.54 29.54 -16.32
CA SER W 89 45.75 28.73 -16.43
C SER W 89 45.49 27.44 -17.20
N ASP W 90 44.39 26.75 -16.89
CA ASP W 90 43.99 25.57 -17.63
C ASP W 90 43.19 25.99 -18.86
N GLY W 91 42.55 25.05 -19.52
CA GLY W 91 41.71 25.39 -20.65
C GLY W 91 40.46 26.17 -20.29
N VAL W 92 40.24 26.44 -19.01
CA VAL W 92 39.05 27.17 -18.59
C VAL W 92 39.08 28.57 -19.14
N ILE W 93 37.99 29.00 -19.76
CA ILE W 93 37.77 30.40 -20.12
C ILE W 93 36.54 30.88 -19.38
N LEU W 94 36.66 31.99 -18.68
CA LEU W 94 35.60 32.53 -17.86
C LEU W 94 34.99 33.73 -18.57
N LEU W 95 33.67 33.85 -18.51
CA LEU W 95 32.94 34.93 -19.17
C LEU W 95 32.42 35.89 -18.11
N LYS W 96 32.79 37.17 -18.26
CA LYS W 96 32.28 38.18 -17.33
C LYS W 96 30.77 38.32 -17.43
N PHE W 97 30.23 38.29 -18.65
CA PHE W 97 28.81 38.47 -18.85
C PHE W 97 28.10 37.12 -18.83
N ASN W 98 26.79 37.15 -19.09
CA ASN W 98 25.97 35.95 -19.10
C ASN W 98 25.66 35.59 -20.54
N PRO W 99 26.19 34.47 -21.07
CA PRO W 99 26.05 34.20 -22.49
C PRO W 99 24.65 33.75 -22.85
N PRO W 100 24.08 34.27 -23.93
CA PRO W 100 22.78 33.80 -24.39
C PRO W 100 22.87 32.39 -24.97
N GLU W 101 21.75 31.69 -24.91
CA GLU W 101 21.72 30.32 -25.38
C GLU W 101 21.89 30.27 -26.90
N GLY W 102 22.60 29.23 -27.34
CA GLY W 102 22.92 29.07 -28.75
C GLY W 102 24.15 28.21 -28.97
N TYR W 103 25.02 28.60 -29.89
CA TYR W 103 26.25 27.87 -30.15
C TYR W 103 27.43 28.82 -30.13
N MET W 104 28.58 28.30 -29.71
CA MET W 104 29.79 29.07 -29.47
C MET W 104 30.88 28.62 -30.43
N ASP W 105 31.63 29.58 -30.95
CA ASP W 105 32.73 29.31 -31.87
C ASP W 105 33.96 30.07 -31.39
N VAL W 106 34.99 29.34 -30.98
CA VAL W 106 36.24 29.95 -30.53
C VAL W 106 37.40 29.32 -31.28
N GLU W 107 38.33 30.15 -31.73
CA GLU W 107 39.58 29.70 -32.35
C GLU W 107 40.72 30.09 -31.44
N TYR W 108 41.40 29.10 -30.88
CA TYR W 108 42.51 29.32 -29.96
C TYR W 108 43.78 28.68 -30.51
N THR W 109 44.92 29.10 -29.99
CA THR W 109 46.22 28.57 -30.37
C THR W 109 46.72 27.63 -29.28
N GLN W 110 47.06 26.41 -29.67
CA GLN W 110 47.54 25.41 -28.73
C GLN W 110 49.05 25.50 -28.60
N GLY W 111 49.53 25.61 -27.36
CA GLY W 111 50.95 25.50 -27.10
C GLY W 111 51.19 24.38 -26.11
N GLY W 112 51.82 23.31 -26.57
CA GLY W 112 51.93 22.11 -25.75
C GLY W 112 53.35 21.65 -25.50
N PHE W 113 53.76 21.70 -24.24
CA PHE W 113 55.06 21.20 -23.81
C PHE W 113 56.20 21.87 -24.57
N ASN W 114 56.24 23.20 -24.49
CA ASN W 114 57.37 23.92 -25.08
C ASN W 114 58.68 23.54 -24.40
N PRO W 115 58.78 23.52 -23.05
CA PRO W 115 59.82 22.70 -22.41
C PRO W 115 59.35 21.25 -22.35
N MET W 116 59.98 20.40 -23.14
CA MET W 116 59.52 19.02 -23.22
C MET W 116 59.85 18.28 -21.93
N PRO W 117 58.87 17.70 -21.25
CA PRO W 117 59.17 16.93 -20.05
C PRO W 117 60.01 15.70 -20.37
N GLU W 118 60.90 15.35 -19.45
CA GLU W 118 61.76 14.19 -19.65
C GLU W 118 61.01 12.88 -19.49
N ASP W 119 59.85 12.92 -18.80
CA ASP W 119 59.05 11.70 -18.65
C ASP W 119 58.59 11.19 -20.00
N LEU W 120 58.08 12.07 -20.86
CA LEU W 120 57.62 11.64 -22.17
C LEU W 120 58.79 11.21 -23.04
N LYS W 121 59.95 11.85 -22.87
CA LYS W 121 61.13 11.42 -23.60
C LYS W 121 61.49 9.98 -23.22
N LEU W 122 61.49 9.68 -21.93
CA LEU W 122 61.80 8.32 -21.50
C LEU W 122 60.73 7.34 -21.96
N ALA W 123 59.46 7.76 -21.93
CA ALA W 123 58.39 6.87 -22.36
C ALA W 123 58.52 6.53 -23.84
N ALA W 124 58.84 7.52 -24.67
CA ALA W 124 59.03 7.24 -26.10
C ALA W 124 60.27 6.41 -26.34
N CYS W 125 61.34 6.65 -25.59
CA CYS W 125 62.53 5.81 -25.72
C CYS W 125 62.21 4.37 -25.35
N MET W 126 61.39 4.16 -24.33
CA MET W 126 61.04 2.80 -23.95
C MET W 126 60.07 2.17 -24.94
N LEU W 127 59.18 2.94 -25.57
CA LEU W 127 58.35 2.38 -26.64
C LEU W 127 59.20 1.95 -27.83
N VAL W 128 60.16 2.79 -28.25
CA VAL W 128 60.94 2.42 -29.41
C VAL W 128 61.89 1.26 -29.07
N ASP W 129 62.33 1.15 -27.82
CA ASP W 129 63.07 -0.05 -27.41
C ASP W 129 62.14 -1.27 -27.34
N HIS W 130 60.87 -1.04 -26.99
CA HIS W 130 59.86 -2.08 -26.94
C HIS W 130 59.58 -2.63 -28.32
N TRP W 131 59.73 -1.80 -29.35
CA TRP W 131 59.37 -2.22 -30.70
C TRP W 131 60.57 -2.66 -31.52
N HIS W 132 61.74 -2.13 -31.26
CA HIS W 132 62.86 -2.56 -32.00
C HIS W 132 63.15 -3.94 -31.53
N LYS W 133 62.98 -4.23 -30.25
CA LYS W 133 63.40 -5.54 -29.77
C LYS W 133 62.33 -6.53 -29.66
N GLN W 134 61.23 -6.29 -30.32
CA GLN W 134 60.17 -7.25 -30.34
C GLN W 134 59.92 -7.67 -28.94
N ASP W 135 59.97 -6.73 -28.07
CA ASP W 135 59.70 -6.95 -26.65
C ASP W 135 58.21 -6.86 -26.36
N TYR W 136 57.37 -7.55 -27.12
CA TYR W 136 55.92 -7.43 -26.99
C TYR W 136 55.25 -8.80 -26.99
N ARG W 137 55.86 -9.75 -26.30
CA ARG W 137 55.32 -11.09 -26.12
C ARG W 137 55.08 -11.33 -24.63
N GLN W 138 54.40 -12.44 -24.32
CA GLN W 138 54.18 -12.78 -22.92
C GLN W 138 55.46 -13.27 -22.26
N ALA W 139 56.27 -14.05 -22.98
CA ALA W 139 57.57 -14.48 -22.49
C ALA W 139 58.41 -14.86 -23.69
N ARG W 140 59.72 -14.92 -23.47
CA ARG W 140 60.66 -15.21 -24.56
C ARG W 140 61.94 -15.74 -23.96
N THR W 141 62.56 -16.72 -24.62
CA THR W 141 63.83 -17.26 -24.19
C THR W 141 64.73 -17.52 -25.38
N ILE W 142 66.03 -17.44 -25.16
CA ILE W 142 67.04 -17.86 -26.14
C ILE W 142 67.99 -18.81 -25.41
N GLY W 143 67.72 -20.11 -25.53
CA GLY W 143 68.50 -21.11 -24.84
C GLY W 143 67.99 -21.41 -23.44
N GLY W 144 68.69 -20.93 -22.42
CA GLY W 144 68.31 -21.21 -21.05
C GLY W 144 67.87 -19.99 -20.26
N GLU W 145 68.37 -18.82 -20.65
CA GLU W 145 68.06 -17.57 -19.96
C GLU W 145 66.72 -17.01 -20.45
N THR W 146 65.65 -17.45 -19.80
CA THR W 146 64.30 -17.05 -20.18
C THR W 146 63.99 -15.67 -19.62
N VAL W 147 62.98 -15.02 -20.20
CA VAL W 147 62.43 -13.77 -19.68
C VAL W 147 60.92 -13.85 -19.77
N THR W 148 60.24 -13.48 -18.69
CA THR W 148 58.79 -13.38 -18.67
C THR W 148 58.43 -11.89 -18.62
N PHE W 149 57.63 -11.45 -19.59
CA PHE W 149 57.46 -10.02 -19.81
C PHE W 149 56.38 -9.44 -18.94
N ASN W 150 56.38 -8.11 -18.86
CA ASN W 150 55.52 -7.39 -17.94
C ASN W 150 54.07 -7.43 -18.44
N ASN W 151 53.15 -7.24 -17.48
CA ASN W 151 51.74 -7.17 -17.82
C ASN W 151 51.48 -5.92 -18.66
N THR W 152 50.50 -6.02 -19.56
CA THR W 152 50.18 -4.94 -20.48
C THR W 152 48.77 -4.42 -20.22
N LYS W 153 48.64 -3.10 -20.13
CA LYS W 153 47.35 -2.43 -20.03
C LYS W 153 47.10 -1.71 -21.34
N SER W 154 46.01 -2.07 -22.02
CA SER W 154 45.67 -1.49 -23.32
C SER W 154 46.84 -1.60 -24.29
N GLY W 155 47.47 -2.76 -24.32
CA GLY W 155 48.59 -3.01 -25.20
C GLY W 155 49.95 -2.54 -24.71
N ILE W 156 50.05 -1.28 -24.32
CA ILE W 156 51.31 -0.70 -23.85
C ILE W 156 51.66 -1.26 -22.49
N PRO W 157 52.95 -1.48 -22.20
CA PRO W 157 53.33 -2.07 -20.91
C PRO W 157 53.07 -1.15 -19.73
N GLU W 158 53.39 -1.62 -18.51
CA GLU W 158 52.99 -0.89 -17.31
C GLU W 158 53.71 0.44 -17.17
N HIS W 159 55.03 0.46 -17.41
CA HIS W 159 55.80 1.67 -17.18
C HIS W 159 55.39 2.79 -18.13
N ILE W 160 55.33 2.48 -19.42
CA ILE W 160 54.85 3.46 -20.39
C ILE W 160 53.42 3.86 -20.06
N ARG W 161 52.62 2.91 -19.58
CA ARG W 161 51.23 3.23 -19.22
C ARG W 161 51.17 4.25 -18.10
N THR W 162 51.99 4.07 -17.05
CA THR W 162 51.92 4.99 -15.93
C THR W 162 52.44 6.37 -16.32
N ILE W 163 53.50 6.44 -17.13
CA ILE W 163 53.95 7.76 -17.60
C ILE W 163 52.86 8.43 -18.42
N ILE W 164 52.27 7.68 -19.34
CA ILE W 164 51.24 8.25 -20.22
C ILE W 164 50.10 8.80 -19.39
N GLU W 165 49.55 7.99 -18.47
CA GLU W 165 48.40 8.49 -17.73
C GLU W 165 48.80 9.46 -16.63
N VAL W 166 50.09 9.63 -16.34
CA VAL W 166 50.51 10.83 -15.62
C VAL W 166 50.31 12.05 -16.50
N TYR W 167 50.54 11.92 -17.81
CA TYR W 167 50.31 13.06 -18.70
C TYR W 167 49.21 12.84 -19.74
N ARG W 168 48.24 11.97 -19.47
CA ARG W 168 47.25 11.62 -20.50
C ARG W 168 45.99 12.47 -20.41
N ARG W 169 46.09 13.80 -20.31
CA ARG W 169 44.88 14.60 -20.50
C ARG W 169 45.14 15.91 -21.21
N VAL W 170 46.37 16.20 -21.63
CA VAL W 170 46.66 17.45 -22.33
C VAL W 170 46.13 17.38 -23.75
N MET X 1 42.95 2.49 -47.93
CA MET X 1 43.89 3.42 -48.54
C MET X 1 45.17 2.72 -48.94
N GLN X 2 46.24 3.50 -49.09
CA GLN X 2 47.57 2.98 -49.43
C GLN X 2 48.51 3.49 -48.34
N ILE X 3 48.81 2.62 -47.38
CA ILE X 3 49.55 3.03 -46.19
C ILE X 3 51.04 2.69 -46.32
N ILE X 4 51.37 1.49 -46.78
CA ILE X 4 52.72 0.99 -46.59
C ILE X 4 53.52 0.94 -47.89
N THR X 5 53.10 0.06 -48.80
CA THR X 5 53.86 -0.29 -50.00
C THR X 5 55.23 -0.89 -49.69
N ALA X 6 55.86 -1.43 -50.74
CA ALA X 6 57.11 -2.15 -50.58
C ALA X 6 58.23 -1.25 -50.08
N GLU X 7 58.22 0.02 -50.49
CA GLU X 7 59.26 0.94 -50.05
C GLU X 7 59.25 1.10 -48.53
N ASP X 8 58.06 1.28 -47.96
CA ASP X 8 58.00 1.47 -46.51
C ASP X 8 58.21 0.15 -45.77
N TYR X 9 57.81 -0.97 -46.37
CA TYR X 9 58.20 -2.25 -45.76
C TYR X 9 59.71 -2.42 -45.73
N ARG X 10 60.40 -2.12 -46.84
CA ARG X 10 61.84 -2.31 -46.87
C ARG X 10 62.54 -1.33 -45.95
N LEU X 11 62.01 -0.11 -45.83
CA LEU X 11 62.58 0.84 -44.86
C LEU X 11 62.33 0.40 -43.43
N TYR X 12 61.20 -0.27 -43.17
CA TYR X 12 60.93 -0.79 -41.84
C TYR X 12 61.94 -1.86 -41.45
N GLY X 13 62.28 -2.73 -42.38
CA GLY X 13 63.24 -3.79 -42.14
C GLY X 13 64.61 -3.44 -42.70
N GLY X 14 65.38 -4.48 -42.98
CA GLY X 14 66.69 -4.33 -43.58
C GLY X 14 66.87 -5.30 -44.72
N LEU X 15 65.77 -5.58 -45.42
CA LEU X 15 65.75 -6.61 -46.46
C LEU X 15 66.77 -6.30 -47.54
N LYS X 16 67.53 -7.32 -47.93
CA LYS X 16 68.63 -7.15 -48.86
C LYS X 16 68.28 -7.56 -50.29
N ARG X 17 67.36 -8.51 -50.46
CA ARG X 17 66.98 -8.94 -51.79
C ARG X 17 66.24 -7.83 -52.53
N PRO X 18 66.55 -7.60 -53.80
CA PRO X 18 65.84 -6.54 -54.54
C PRO X 18 64.36 -6.82 -54.69
N GLU X 19 64.00 -8.00 -55.18
CA GLU X 19 62.59 -8.36 -55.35
C GLU X 19 62.01 -8.85 -54.03
N LEU X 20 60.82 -8.35 -53.69
CA LEU X 20 60.15 -8.79 -52.47
C LEU X 20 59.69 -10.23 -52.62
N GLU X 21 59.48 -10.89 -51.48
CA GLU X 21 59.05 -12.28 -51.50
C GLU X 21 57.62 -12.38 -52.02
N SER X 22 57.27 -13.58 -52.50
CA SER X 22 55.96 -13.79 -53.08
C SER X 22 54.84 -13.59 -52.06
N GLY X 23 55.03 -14.08 -50.83
CA GLY X 23 54.00 -13.96 -49.82
C GLY X 23 53.75 -12.55 -49.35
N VAL X 24 54.82 -11.77 -49.17
CA VAL X 24 54.67 -10.43 -48.59
C VAL X 24 53.92 -9.50 -49.53
N GLU X 25 54.05 -9.70 -50.85
CA GLU X 25 53.50 -8.75 -51.81
C GLU X 25 51.99 -8.65 -51.66
N VAL X 26 51.31 -9.77 -51.45
CA VAL X 26 49.86 -9.75 -51.27
C VAL X 26 49.50 -9.36 -49.85
N MET X 27 50.31 -9.79 -48.88
CA MET X 27 50.01 -9.49 -47.48
C MET X 27 50.07 -7.99 -47.20
N ILE X 28 50.92 -7.25 -47.92
CA ILE X 28 50.96 -5.80 -47.73
C ILE X 28 49.61 -5.17 -48.00
N THR X 29 49.06 -5.41 -49.20
CA THR X 29 47.78 -4.79 -49.55
C THR X 29 46.64 -5.39 -48.73
N ALA X 30 46.78 -6.64 -48.31
CA ALA X 30 45.78 -7.22 -47.41
C ALA X 30 45.75 -6.49 -46.09
N ALA X 31 46.93 -6.21 -45.52
CA ALA X 31 47.00 -5.44 -44.29
C ALA X 31 46.46 -4.03 -44.50
N ASN X 32 46.77 -3.43 -45.64
CA ASN X 32 46.25 -2.10 -45.95
C ASN X 32 44.72 -2.09 -45.92
N ALA X 33 44.10 -3.05 -46.60
CA ALA X 33 42.65 -3.11 -46.64
C ALA X 33 42.06 -3.40 -45.27
N LEU X 34 42.68 -4.31 -44.51
CA LEU X 34 42.17 -4.61 -43.18
C LEU X 34 42.23 -3.41 -42.26
N ILE X 35 43.32 -2.64 -42.33
CA ILE X 35 43.43 -1.46 -41.48
C ILE X 35 42.42 -0.41 -41.92
N THR X 36 42.28 -0.17 -43.23
CA THR X 36 41.38 0.90 -43.66
C THR X 36 39.92 0.53 -43.48
N SER X 37 39.57 -0.76 -43.43
CA SER X 37 38.20 -1.15 -43.09
C SER X 37 38.03 -1.40 -41.60
N LEU X 38 39.13 -1.42 -40.85
CA LEU X 38 39.05 -1.69 -39.43
C LEU X 38 38.81 -0.41 -38.64
N LEU X 39 39.42 0.70 -39.08
CA LEU X 39 39.26 2.00 -38.45
C LEU X 39 37.86 2.57 -38.62
N GLY X 40 37.08 2.03 -39.55
CA GLY X 40 35.82 2.64 -39.94
C GLY X 40 35.87 3.39 -41.25
N MET X 41 37.06 3.62 -41.81
CA MET X 41 37.18 4.27 -43.11
C MET X 41 36.61 3.40 -44.21
N ASP X 42 36.21 4.05 -45.30
CA ASP X 42 35.85 3.37 -46.53
C ASP X 42 36.36 4.22 -47.68
N ASP X 43 37.36 3.72 -48.40
CA ASP X 43 37.97 4.49 -49.48
C ASP X 43 36.98 4.83 -50.59
N ALA X 44 36.64 6.12 -50.69
CA ALA X 44 35.66 6.60 -51.65
C ALA X 44 35.83 8.09 -51.85
N ASP X 45 35.73 8.53 -53.10
CA ASP X 45 35.83 9.96 -53.38
C ASP X 45 34.69 10.74 -52.76
N ALA X 46 33.47 10.22 -52.86
CA ALA X 46 32.29 10.88 -52.33
C ALA X 46 31.37 9.84 -51.72
N VAL X 47 30.54 10.30 -50.78
CA VAL X 47 29.64 9.42 -50.03
C VAL X 47 28.26 10.08 -49.95
N ASP X 48 27.23 9.27 -50.15
CA ASP X 48 25.84 9.70 -49.96
C ASP X 48 25.32 9.11 -48.66
N GLN X 49 24.61 9.92 -47.90
CA GLN X 49 24.15 9.52 -46.57
C GLN X 49 22.70 9.93 -46.36
N LEU X 50 21.92 9.03 -45.77
CA LEU X 50 20.54 9.31 -45.38
C LEU X 50 20.55 9.67 -43.89
N ILE X 51 20.44 10.96 -43.62
CA ILE X 51 20.39 11.44 -42.24
C ILE X 51 18.94 11.77 -41.90
N THR X 52 18.40 11.07 -40.91
CA THR X 52 17.07 11.42 -40.43
C THR X 52 17.14 12.76 -39.70
N THR X 53 16.12 13.60 -39.89
CA THR X 53 16.13 14.95 -39.37
C THR X 53 14.86 15.21 -38.58
N LYS X 54 15.00 15.91 -37.46
CA LYS X 54 13.89 16.31 -36.62
C LYS X 54 14.01 17.79 -36.32
N PRO X 55 12.90 18.50 -36.17
CA PRO X 55 12.97 19.92 -35.79
C PRO X 55 13.57 20.06 -34.41
N THR X 56 14.06 21.28 -34.13
CA THR X 56 14.84 21.61 -32.93
C THR X 56 16.13 20.82 -32.86
N ARG X 57 16.70 20.46 -34.01
CA ARG X 57 18.03 19.86 -34.09
C ARG X 57 18.80 20.59 -35.17
N LYS X 58 19.83 21.33 -34.76
CA LYS X 58 20.57 22.20 -35.68
C LYS X 58 21.96 21.65 -36.00
N LYS X 59 22.30 20.47 -35.48
CA LYS X 59 23.60 19.86 -35.77
C LYS X 59 23.35 18.39 -36.14
N TYR X 60 23.91 17.97 -37.27
CA TYR X 60 23.88 16.58 -37.70
C TYR X 60 25.30 16.09 -37.93
N PHE X 61 25.55 14.84 -37.60
CA PHE X 61 26.88 14.26 -37.67
C PHE X 61 26.99 13.40 -38.93
N LEU X 62 28.00 13.68 -39.73
CA LEU X 62 28.26 12.90 -40.93
C LEU X 62 28.88 11.56 -40.56
N SER X 63 28.88 10.63 -41.51
CA SER X 63 29.38 9.30 -41.25
C SER X 63 30.88 9.31 -40.98
N SER X 64 31.64 10.00 -41.83
CA SER X 64 33.09 10.02 -41.70
C SER X 64 33.56 11.34 -41.14
N PRO X 65 34.21 11.36 -39.97
CA PRO X 65 34.71 12.63 -39.41
C PRO X 65 35.79 13.30 -40.23
N SER X 66 36.24 12.67 -41.32
CA SER X 66 37.27 13.24 -42.19
C SER X 66 36.65 13.87 -43.44
N ALA X 67 35.46 14.45 -43.27
CA ALA X 67 34.75 15.07 -44.38
C ALA X 67 35.33 16.46 -44.64
N THR X 68 35.98 16.63 -45.80
CA THR X 68 36.55 17.92 -46.13
C THR X 68 35.47 18.97 -46.37
N SER X 69 34.47 18.62 -47.18
CA SER X 69 33.37 19.54 -47.47
C SER X 69 32.21 18.73 -48.02
N VAL X 70 31.04 19.36 -48.02
CA VAL X 70 29.80 18.76 -48.54
C VAL X 70 29.46 19.45 -49.84
N THR X 71 29.14 18.66 -50.87
CA THR X 71 28.88 19.20 -52.20
C THR X 71 27.46 19.76 -52.33
N LYS X 72 26.46 18.91 -52.13
CA LYS X 72 25.07 19.35 -52.26
C LYS X 72 24.27 18.80 -51.09
N MET X 73 23.21 19.53 -50.76
CA MET X 73 22.36 19.23 -49.60
C MET X 73 20.91 19.10 -50.06
N THR X 74 20.21 18.14 -49.48
CA THR X 74 18.83 17.86 -49.90
C THR X 74 18.01 17.44 -48.69
N ILE X 75 16.90 18.13 -48.48
CA ILE X 75 15.90 17.75 -47.47
C ILE X 75 14.55 17.66 -48.17
N ASN X 76 13.97 16.46 -48.17
CA ASN X 76 12.68 16.22 -48.82
C ASN X 76 12.69 16.69 -50.27
N ASP X 77 13.79 16.40 -50.97
CA ASP X 77 13.95 16.69 -52.39
C ASP X 77 13.87 18.20 -52.66
N LYS X 78 14.69 18.97 -51.94
CA LYS X 78 14.85 20.38 -52.24
C LYS X 78 16.25 20.79 -51.79
N GLU X 79 16.96 21.52 -52.64
CA GLU X 79 18.34 21.89 -52.36
C GLU X 79 18.40 23.14 -51.47
N ILE X 80 19.37 23.16 -50.57
CA ILE X 80 19.60 24.28 -49.67
C ILE X 80 20.94 24.92 -50.03
N ASP X 81 20.94 26.25 -50.13
CA ASP X 81 22.16 26.95 -50.49
C ASP X 81 23.24 26.79 -49.41
N PRO X 82 24.52 26.82 -49.79
CA PRO X 82 25.59 26.61 -48.79
C PRO X 82 25.68 27.73 -47.77
N GLU X 83 25.09 28.89 -48.03
CA GLU X 83 25.15 29.99 -47.08
C GLU X 83 24.35 29.70 -45.80
N GLN X 84 23.47 28.70 -45.83
CA GLN X 84 22.57 28.45 -44.72
C GLN X 84 23.07 27.36 -43.78
N TYR X 85 24.06 26.56 -44.19
CA TYR X 85 24.62 25.52 -43.35
C TYR X 85 26.15 25.60 -43.42
N LYS X 86 26.79 25.18 -42.32
CA LYS X 86 28.25 25.23 -42.24
C LYS X 86 28.78 23.94 -41.65
N LEU X 87 29.83 23.41 -42.24
CA LEU X 87 30.46 22.17 -41.81
C LEU X 87 31.71 22.50 -40.99
N TYR X 88 31.76 21.98 -39.77
CA TYR X 88 32.83 22.33 -38.85
C TYR X 88 34.01 21.37 -38.98
N SER X 89 34.93 21.42 -38.02
CA SER X 89 36.19 20.70 -38.15
C SER X 89 35.98 19.19 -38.25
N ASP X 90 35.11 18.63 -37.40
CA ASP X 90 34.77 17.23 -37.47
C ASP X 90 33.68 17.04 -38.52
N GLY X 91 33.08 15.85 -38.57
CA GLY X 91 31.98 15.62 -39.47
C GLY X 91 30.72 16.39 -39.16
N VAL X 92 30.73 17.23 -38.14
CA VAL X 92 29.53 17.95 -37.74
C VAL X 92 29.16 18.97 -38.81
N ILE X 93 27.88 19.01 -39.18
CA ILE X 93 27.32 20.09 -39.98
C ILE X 93 26.29 20.81 -39.13
N LEU X 94 26.41 22.12 -39.05
CA LEU X 94 25.51 22.95 -38.25
C LEU X 94 24.55 23.66 -39.19
N LEU X 95 23.26 23.61 -38.86
CA LEU X 95 22.23 24.20 -39.68
C LEU X 95 21.72 25.48 -39.02
N LYS X 96 21.73 26.58 -39.76
CA LYS X 96 21.26 27.85 -39.21
C LYS X 96 19.77 27.81 -38.91
N PHE X 97 18.97 27.18 -39.77
CA PHE X 97 17.53 27.16 -39.64
C PHE X 97 17.08 25.87 -38.95
N ASN X 98 15.78 25.75 -38.67
CA ASN X 98 15.23 24.53 -38.10
C ASN X 98 14.74 23.64 -39.22
N PRO X 99 15.31 22.45 -39.40
CA PRO X 99 14.94 21.61 -40.54
C PRO X 99 13.51 21.10 -40.41
N PRO X 100 12.74 21.11 -41.48
CA PRO X 100 11.45 20.43 -41.47
C PRO X 100 11.63 18.92 -41.34
N GLU X 101 10.68 18.28 -40.67
CA GLU X 101 10.79 16.86 -40.41
C GLU X 101 10.74 16.06 -41.70
N GLY X 102 11.64 15.09 -41.82
CA GLY X 102 11.74 14.30 -43.03
C GLY X 102 13.06 13.55 -43.11
N TYR X 103 13.64 13.50 -44.31
CA TYR X 103 14.92 12.82 -44.53
C TYR X 103 15.88 13.76 -45.24
N MET X 104 17.17 13.52 -45.03
CA MET X 104 18.23 14.34 -45.58
C MET X 104 19.07 13.53 -46.55
N ASP X 105 19.58 14.20 -47.58
CA ASP X 105 20.48 13.59 -48.56
C ASP X 105 21.67 14.52 -48.73
N VAL X 106 22.84 14.11 -48.25
CA VAL X 106 24.04 14.93 -48.30
C VAL X 106 25.12 14.16 -49.05
N GLU X 107 25.81 14.85 -49.95
CA GLU X 107 26.94 14.29 -50.69
C GLU X 107 28.18 15.08 -50.32
N TYR X 108 29.14 14.41 -49.67
CA TYR X 108 30.35 15.05 -49.19
C TYR X 108 31.56 14.30 -49.71
N THR X 109 32.69 15.00 -49.77
CA THR X 109 33.95 14.44 -50.22
C THR X 109 34.86 14.22 -49.02
N GLN X 110 35.36 13.00 -48.88
CA GLN X 110 36.17 12.62 -47.74
C GLN X 110 37.65 12.78 -48.06
N GLY X 111 38.38 13.39 -47.15
CA GLY X 111 39.83 13.40 -47.22
C GLY X 111 40.44 12.72 -46.01
N GLY X 112 41.05 11.56 -46.22
CA GLY X 112 41.52 10.77 -45.11
C GLY X 112 43.03 10.67 -44.99
N PHE X 113 43.58 11.34 -43.98
CA PHE X 113 45.00 11.25 -43.65
C PHE X 113 45.89 11.62 -44.84
N ASN X 114 45.69 12.83 -45.35
CA ASN X 114 46.58 13.31 -46.40
C ASN X 114 48.02 13.44 -45.90
N PRO X 115 48.31 14.06 -44.74
CA PRO X 115 49.55 13.75 -44.05
C PRO X 115 49.40 12.43 -43.31
N MET X 116 49.99 11.37 -43.83
CA MET X 116 49.68 10.05 -43.30
C MET X 116 50.36 9.83 -41.95
N PRO X 117 49.63 9.54 -40.88
CA PRO X 117 50.26 9.30 -39.60
C PRO X 117 51.17 8.08 -39.64
N GLU X 118 52.30 8.20 -38.94
CA GLU X 118 53.23 7.08 -38.86
C GLU X 118 52.74 5.99 -37.92
N ASP X 119 51.76 6.29 -37.07
CA ASP X 119 51.17 5.25 -36.23
C ASP X 119 50.53 4.15 -37.07
N LEU X 120 49.73 4.54 -38.07
CA LEU X 120 49.11 3.52 -38.92
C LEU X 120 50.16 2.81 -39.75
N LYS X 121 51.20 3.51 -40.17
CA LYS X 121 52.27 2.86 -40.92
C LYS X 121 52.94 1.78 -40.09
N LEU X 122 53.28 2.10 -38.84
CA LEU X 122 53.87 1.08 -37.98
C LEU X 122 52.91 -0.05 -37.69
N ALA X 123 51.62 0.28 -37.47
CA ALA X 123 50.64 -0.75 -37.19
C ALA X 123 50.49 -1.72 -38.35
N ALA X 124 50.42 -1.18 -39.58
CA ALA X 124 50.26 -2.05 -40.74
C ALA X 124 51.53 -2.84 -41.02
N CYS X 125 52.71 -2.24 -40.83
CA CYS X 125 53.95 -3.00 -40.98
C CYS X 125 54.02 -4.12 -39.96
N MET X 126 53.63 -3.84 -38.72
CA MET X 126 53.66 -4.86 -37.68
C MET X 126 52.62 -5.94 -37.92
N LEU X 127 51.47 -5.59 -38.49
CA LEU X 127 50.46 -6.61 -38.80
C LEU X 127 50.92 -7.50 -39.96
N VAL X 128 51.49 -6.91 -41.00
CA VAL X 128 51.95 -7.72 -42.12
C VAL X 128 53.18 -8.55 -41.73
N ASP X 129 53.98 -8.07 -40.78
CA ASP X 129 55.05 -8.91 -40.23
C ASP X 129 54.46 -10.02 -39.35
N HIS X 130 53.40 -9.70 -38.61
CA HIS X 130 52.68 -10.68 -37.81
C HIS X 130 52.12 -11.79 -38.69
N TRP X 131 51.82 -11.47 -39.94
CA TRP X 131 51.27 -12.47 -40.85
C TRP X 131 52.36 -13.21 -41.61
N HIS X 132 53.43 -12.56 -42.01
CA HIS X 132 54.42 -13.24 -42.80
C HIS X 132 55.02 -14.29 -41.95
N LYS X 133 55.15 -14.07 -40.65
CA LYS X 133 55.88 -15.02 -39.83
C LYS X 133 55.05 -15.96 -39.07
N GLN X 134 53.85 -16.18 -39.50
CA GLN X 134 53.01 -17.13 -38.86
C GLN X 134 53.05 -16.95 -37.39
N ASP X 135 53.09 -15.73 -36.96
CA ASP X 135 53.00 -15.43 -35.54
C ASP X 135 51.56 -15.09 -35.13
N TYR X 136 50.68 -16.07 -35.26
CA TYR X 136 49.33 -15.91 -34.71
C TYR X 136 48.99 -17.04 -33.76
N ARG X 137 49.99 -17.76 -33.26
CA ARG X 137 49.79 -18.88 -32.37
C ARG X 137 50.03 -18.45 -30.92
N GLN X 138 49.55 -19.25 -29.98
CA GLN X 138 49.70 -18.90 -28.57
C GLN X 138 51.13 -19.02 -28.11
N ALA X 139 51.86 -20.02 -28.59
CA ALA X 139 53.28 -20.16 -28.28
C ALA X 139 53.94 -21.00 -29.36
N ARG X 140 55.26 -20.92 -29.43
CA ARG X 140 56.02 -21.66 -30.42
C ARG X 140 57.44 -21.86 -29.91
N THR X 141 58.01 -23.03 -30.14
CA THR X 141 59.39 -23.31 -29.80
C THR X 141 60.08 -23.98 -30.98
N ILE X 142 61.36 -23.69 -31.15
CA ILE X 142 62.21 -24.37 -32.12
C ILE X 142 63.45 -24.86 -31.37
N GLY X 143 63.39 -26.11 -30.92
CA GLY X 143 64.47 -26.64 -30.09
C GLY X 143 64.28 -26.30 -28.63
N GLY X 144 65.01 -25.30 -28.14
CA GLY X 144 64.93 -24.90 -26.76
C GLY X 144 64.38 -23.50 -26.56
N GLU X 145 64.57 -22.64 -27.56
CA GLU X 145 64.18 -21.22 -27.46
C GLU X 145 62.71 -21.08 -27.84
N THR X 146 61.85 -21.01 -26.83
CA THR X 146 60.42 -20.87 -27.02
C THR X 146 60.00 -19.42 -26.87
N VAL X 147 58.84 -19.10 -27.44
CA VAL X 147 58.21 -17.79 -27.32
C VAL X 147 56.72 -17.99 -27.06
N THR X 148 56.19 -17.26 -26.10
CA THR X 148 54.74 -17.26 -25.84
C THR X 148 54.20 -15.91 -26.29
N PHE X 149 53.23 -15.94 -27.19
CA PHE X 149 52.74 -14.71 -27.79
C PHE X 149 51.68 -14.06 -26.91
N ASN X 150 51.56 -12.73 -27.05
CA ASN X 150 50.74 -11.95 -26.16
C ASN X 150 49.25 -12.17 -26.44
N ASN X 151 48.42 -11.62 -25.56
CA ASN X 151 46.98 -11.75 -25.70
C ASN X 151 46.50 -11.04 -26.95
N THR X 152 45.43 -11.59 -27.55
CA THR X 152 44.85 -11.04 -28.76
C THR X 152 43.46 -10.51 -28.43
N LYS X 153 43.24 -9.23 -28.70
CA LYS X 153 41.94 -8.59 -28.50
C LYS X 153 41.28 -8.46 -29.87
N SER X 154 40.13 -9.10 -30.03
CA SER X 154 39.38 -9.07 -31.29
C SER X 154 40.24 -9.51 -32.45
N GLY X 155 41.02 -10.56 -32.25
CA GLY X 155 41.90 -11.10 -33.29
C GLY X 155 43.27 -10.47 -33.38
N ILE X 156 43.32 -9.16 -33.55
CA ILE X 156 44.58 -8.44 -33.69
C ILE X 156 45.29 -8.36 -32.35
N PRO X 157 46.62 -8.48 -32.31
CA PRO X 157 47.34 -8.51 -31.03
C PRO X 157 47.31 -7.19 -30.28
N GLU X 158 47.92 -7.15 -29.09
CA GLU X 158 47.81 -6.00 -28.20
C GLU X 158 48.30 -4.71 -28.84
N HIS X 159 49.50 -4.73 -29.41
CA HIS X 159 50.11 -3.51 -29.94
C HIS X 159 49.32 -2.94 -31.12
N ILE X 160 49.01 -3.79 -32.10
CA ILE X 160 48.17 -3.36 -33.20
C ILE X 160 46.82 -2.90 -32.68
N ARG X 161 46.32 -3.59 -31.66
CA ARG X 161 45.02 -3.23 -31.11
C ARG X 161 45.04 -1.82 -30.53
N THR X 162 46.08 -1.48 -29.78
CA THR X 162 46.12 -0.16 -29.17
C THR X 162 46.29 0.92 -30.23
N ILE X 163 47.13 0.68 -31.24
CA ILE X 163 47.30 1.69 -32.29
C ILE X 163 45.99 1.91 -33.02
N ILE X 164 45.35 0.81 -33.44
CA ILE X 164 44.06 0.92 -34.13
C ILE X 164 43.06 1.67 -33.27
N GLU X 165 42.80 1.17 -32.06
CA GLU X 165 41.80 1.78 -31.19
C GLU X 165 42.09 3.25 -30.93
N VAL X 166 43.36 3.66 -30.89
CA VAL X 166 43.66 5.08 -30.82
C VAL X 166 43.20 5.80 -32.08
N TYR X 167 43.30 5.15 -33.24
CA TYR X 167 42.84 5.79 -34.47
C TYR X 167 41.60 5.13 -35.08
N ARG X 168 40.85 4.35 -34.30
CA ARG X 168 39.72 3.58 -34.84
C ARG X 168 38.38 4.31 -34.73
N ARG X 169 38.28 5.56 -35.18
CA ARG X 169 36.96 6.13 -35.33
C ARG X 169 36.83 7.05 -36.55
N VAL X 170 37.88 7.18 -37.35
CA VAL X 170 37.82 7.99 -38.56
C VAL X 170 37.01 7.26 -39.62
#